data_1O5P
#
_entry.id   1O5P
#
loop_
_entity.id
_entity.type
_entity.pdbx_description
1 polymer Neocarzinostatin
2 non-polymer NEOCARZINOSTATIN-CHROMOPHORE
#
_entity_poly.entity_id   1
_entity_poly.type   'polypeptide(L)'
_entity_poly.pdbx_seq_one_letter_code
;AAPTATVTPSSGLSDGTVVKVAGAGLQAGTAYDVGQCAWVDTGVLACNPADFSSVTADANGSASTSLTVRRSFEGFLFDG
TRWGTVDCTTAACQVGLSDAAGNGPEGVAISFN
;
_entity_poly.pdbx_strand_id   A
#
loop_
_chem_comp.id
_chem_comp.type
_chem_comp.name
_chem_comp.formula
CHR non-polymer NEOCARZINOSTATIN-CHROMOPHORE 'C35 H33 N O12'
#
# COMPACT_ATOMS: atom_id res chain seq x y z
N ALA A 1 18.55 -5.18 -12.42
CA ALA A 1 17.52 -5.63 -11.45
C ALA A 1 16.18 -5.00 -11.80
N ALA A 2 15.14 -5.79 -11.93
CA ALA A 2 13.81 -5.23 -12.27
C ALA A 2 13.08 -4.81 -10.99
N PRO A 3 12.10 -3.96 -11.16
CA PRO A 3 11.30 -3.46 -10.02
C PRO A 3 10.60 -4.61 -9.30
N THR A 4 10.26 -4.40 -8.07
CA THR A 4 9.55 -5.45 -7.28
C THR A 4 9.26 -4.89 -5.89
N ALA A 5 8.83 -5.70 -4.97
CA ALA A 5 8.53 -5.18 -3.61
C ALA A 5 8.39 -6.31 -2.63
N THR A 6 9.07 -6.18 -1.54
CA THR A 6 8.98 -7.24 -0.50
C THR A 6 8.26 -6.69 0.72
N VAL A 7 7.09 -7.16 0.88
CA VAL A 7 6.23 -6.73 2.02
C VAL A 7 5.98 -7.90 2.97
N THR A 8 5.99 -7.67 4.26
CA THR A 8 5.76 -8.76 5.23
C THR A 8 5.72 -8.16 6.65
N PRO A 9 4.97 -8.78 7.52
CA PRO A 9 4.16 -9.96 7.19
C PRO A 9 2.94 -9.55 6.40
N SER A 10 2.44 -10.42 5.58
CA SER A 10 1.24 -10.09 4.76
C SER A 10 -0.02 -10.50 5.53
N SER A 11 0.11 -11.43 6.43
CA SER A 11 -1.08 -11.88 7.21
C SER A 11 -0.68 -12.05 8.68
N GLY A 12 -1.65 -12.15 9.56
CA GLY A 12 -1.33 -12.31 11.01
C GLY A 12 -0.91 -10.95 11.56
N LEU A 13 -1.55 -9.92 11.11
CA LEU A 13 -1.22 -8.55 11.54
C LEU A 13 -2.05 -8.13 12.71
N SER A 14 -3.27 -8.44 12.61
CA SER A 14 -4.24 -8.11 13.67
C SER A 14 -4.42 -6.59 13.77
N ASP A 15 -5.61 -6.19 14.08
CA ASP A 15 -5.92 -4.74 14.17
C ASP A 15 -4.93 -4.01 15.07
N GLY A 16 -4.06 -3.24 14.47
CA GLY A 16 -3.11 -2.46 15.30
C GLY A 16 -1.64 -2.91 15.12
N THR A 17 -1.29 -3.67 14.11
CA THR A 17 0.12 -4.04 14.01
C THR A 17 0.78 -3.23 12.91
N VAL A 18 1.97 -3.57 12.62
CA VAL A 18 2.74 -2.84 11.57
C VAL A 18 3.32 -3.81 10.54
N VAL A 19 3.22 -3.48 9.28
CA VAL A 19 3.79 -4.37 8.23
C VAL A 19 4.98 -3.65 7.58
N LYS A 20 5.89 -4.38 7.02
CA LYS A 20 7.06 -3.74 6.37
C LYS A 20 6.98 -3.97 4.87
N VAL A 21 6.71 -2.93 4.12
CA VAL A 21 6.62 -3.07 2.64
C VAL A 21 7.90 -2.51 2.03
N ALA A 22 8.42 -3.13 1.02
CA ALA A 22 9.65 -2.59 0.40
C ALA A 22 9.54 -2.62 -1.11
N GLY A 23 10.33 -1.83 -1.77
CA GLY A 23 10.31 -1.77 -3.23
C GLY A 23 11.74 -1.92 -3.73
N ALA A 24 11.94 -2.57 -4.84
CA ALA A 24 13.33 -2.70 -5.35
C ALA A 24 13.31 -2.70 -6.87
N GLY A 25 14.04 -1.82 -7.53
CA GLY A 25 14.02 -1.80 -9.01
C GLY A 25 12.90 -0.89 -9.50
N LEU A 26 12.52 0.10 -8.73
CA LEU A 26 11.44 1.00 -9.18
C LEU A 26 12.06 2.14 -9.99
N GLN A 27 11.25 2.99 -10.57
CA GLN A 27 11.82 4.10 -11.36
C GLN A 27 12.94 4.78 -10.59
N ALA A 28 14.14 4.43 -10.91
CA ALA A 28 15.33 5.00 -10.23
C ALA A 28 15.31 6.53 -10.33
N GLY A 29 14.51 7.16 -9.53
CA GLY A 29 14.44 8.66 -9.56
C GLY A 29 12.98 9.09 -9.55
N THR A 30 12.12 8.37 -8.88
CA THR A 30 10.70 8.75 -8.85
C THR A 30 10.09 8.52 -7.47
N ALA A 31 9.84 9.59 -6.77
CA ALA A 31 9.19 9.52 -5.42
C ALA A 31 7.94 8.63 -5.48
N TYR A 32 7.99 7.48 -4.88
CA TYR A 32 6.80 6.57 -4.91
C TYR A 32 6.15 6.58 -3.52
N ASP A 33 4.87 6.31 -3.43
CA ASP A 33 4.22 6.29 -2.10
C ASP A 33 4.12 4.83 -1.65
N VAL A 34 3.89 4.60 -0.38
CA VAL A 34 3.85 3.20 0.11
C VAL A 34 2.75 3.07 1.20
N GLY A 35 1.70 2.29 0.98
CA GLY A 35 0.66 2.20 2.05
C GLY A 35 -0.30 1.03 1.81
N GLN A 36 -1.31 0.93 2.65
CA GLN A 36 -2.30 -0.15 2.55
C GLN A 36 -3.58 0.40 1.89
N CYS A 37 -3.83 0.00 0.69
CA CYS A 37 -5.05 0.49 -0.02
C CYS A 37 -5.83 -0.70 -0.59
N ALA A 38 -7.13 -0.58 -0.69
CA ALA A 38 -7.95 -1.71 -1.22
C ALA A 38 -8.81 -1.26 -2.40
N TRP A 39 -8.93 -2.07 -3.43
CA TRP A 39 -9.80 -1.69 -4.59
C TRP A 39 -11.16 -2.34 -4.37
N VAL A 40 -12.19 -1.56 -4.18
CA VAL A 40 -13.54 -2.15 -3.94
C VAL A 40 -14.42 -2.01 -5.19
N ASP A 41 -13.83 -1.71 -6.31
CA ASP A 41 -14.66 -1.58 -7.55
C ASP A 41 -13.79 -1.11 -8.71
N THR A 42 -14.41 -0.85 -9.84
CA THR A 42 -13.63 -0.39 -11.03
C THR A 42 -13.16 1.05 -10.81
N GLY A 43 -11.94 1.21 -10.37
CA GLY A 43 -11.39 2.59 -10.16
C GLY A 43 -11.78 3.13 -8.78
N VAL A 44 -11.98 2.28 -7.81
CA VAL A 44 -12.32 2.78 -6.45
C VAL A 44 -11.18 2.37 -5.51
N LEU A 45 -10.33 3.29 -5.08
CA LEU A 45 -9.19 2.89 -4.21
C LEU A 45 -9.34 3.53 -2.83
N ALA A 46 -9.73 2.79 -1.82
CA ALA A 46 -9.87 3.37 -0.47
C ALA A 46 -8.59 3.03 0.32
N CYS A 47 -7.76 3.98 0.59
CA CYS A 47 -6.49 3.69 1.33
C CYS A 47 -6.57 4.21 2.76
N ASN A 48 -5.67 3.79 3.60
CA ASN A 48 -5.69 4.25 5.03
C ASN A 48 -4.46 5.14 5.29
N PRO A 49 -4.69 6.31 5.87
CA PRO A 49 -3.59 7.26 6.18
C PRO A 49 -2.71 6.78 7.35
N ALA A 50 -2.71 5.51 7.66
CA ALA A 50 -1.84 5.02 8.78
C ALA A 50 -0.68 4.21 8.20
N ASP A 51 -0.60 4.13 6.90
CA ASP A 51 0.49 3.38 6.25
C ASP A 51 0.97 4.20 5.07
N PHE A 52 0.64 5.46 5.06
CA PHE A 52 1.03 6.31 3.91
C PHE A 52 2.48 6.79 4.06
N SER A 53 3.42 6.02 3.58
CA SER A 53 4.85 6.45 3.65
C SER A 53 5.27 6.92 2.26
N SER A 54 6.53 7.08 2.01
CA SER A 54 6.93 7.55 0.65
C SER A 54 8.45 7.70 0.55
N VAL A 55 9.01 7.26 -0.55
CA VAL A 55 10.47 7.40 -0.79
C VAL A 55 10.69 7.38 -2.31
N THR A 56 11.77 7.92 -2.78
CA THR A 56 12.01 7.92 -4.26
C THR A 56 12.93 6.78 -4.63
N ALA A 57 12.66 6.17 -5.75
CA ALA A 57 13.54 5.06 -6.20
C ALA A 57 14.93 5.61 -6.47
N ASP A 58 15.83 5.29 -5.60
CA ASP A 58 17.25 5.75 -5.72
C ASP A 58 17.88 5.23 -7.02
N ALA A 59 19.11 4.81 -6.96
CA ALA A 59 19.83 4.31 -8.18
C ALA A 59 19.00 3.26 -8.90
N ASN A 60 18.55 2.29 -8.19
CA ASN A 60 17.69 1.23 -8.81
C ASN A 60 16.27 1.54 -8.38
N GLY A 61 16.15 2.05 -7.19
CA GLY A 61 14.84 2.44 -6.65
C GLY A 61 14.41 1.47 -5.55
N SER A 62 15.13 1.44 -4.46
CA SER A 62 14.75 0.55 -3.34
C SER A 62 14.07 1.37 -2.26
N ALA A 63 12.92 0.95 -1.84
CA ALA A 63 12.20 1.73 -0.80
C ALA A 63 11.60 0.77 0.23
N SER A 64 12.14 0.74 1.42
CA SER A 64 11.59 -0.16 2.46
C SER A 64 11.16 0.66 3.67
N THR A 65 9.90 0.60 4.00
CA THR A 65 9.40 1.37 5.17
C THR A 65 8.30 0.57 5.88
N SER A 66 8.23 0.68 7.17
CA SER A 66 7.19 -0.07 7.92
C SER A 66 6.01 0.85 8.24
N LEU A 67 4.82 0.31 8.27
CA LEU A 67 3.63 1.15 8.56
C LEU A 67 2.60 0.32 9.33
N THR A 68 1.61 0.95 9.89
CA THR A 68 0.57 0.18 10.66
C THR A 68 -0.63 -0.12 9.75
N VAL A 69 -1.01 -1.37 9.61
CA VAL A 69 -2.17 -1.69 8.73
C VAL A 69 -3.06 -2.75 9.41
N ARG A 70 -4.36 -2.66 9.26
CA ARG A 70 -5.22 -3.67 9.92
C ARG A 70 -6.40 -4.04 9.00
N ARG A 71 -7.41 -4.68 9.55
CA ARG A 71 -8.58 -5.08 8.71
C ARG A 71 -9.39 -3.83 8.36
N SER A 72 -10.19 -3.31 9.26
CA SER A 72 -10.95 -2.09 8.91
C SER A 72 -9.96 -0.96 8.79
N PHE A 73 -10.09 -0.13 7.80
CA PHE A 73 -9.10 0.94 7.66
C PHE A 73 -9.66 2.07 6.78
N GLU A 74 -9.51 3.29 7.23
CA GLU A 74 -10.04 4.47 6.49
C GLU A 74 -10.04 4.20 4.98
N GLY A 75 -11.20 4.29 4.37
CA GLY A 75 -11.30 4.04 2.91
C GLY A 75 -11.07 5.33 2.11
N PHE A 76 -10.07 6.10 2.45
CA PHE A 76 -9.81 7.38 1.69
C PHE A 76 -10.05 7.16 0.18
N LEU A 77 -11.05 7.81 -0.38
CA LEU A 77 -11.34 7.63 -1.85
C LEU A 77 -10.50 8.65 -2.65
N PHE A 78 -9.75 8.21 -3.64
CA PHE A 78 -8.93 9.17 -4.45
C PHE A 78 -9.84 10.13 -5.21
N ASP A 79 -10.67 10.86 -4.53
CA ASP A 79 -11.58 11.82 -5.22
C ASP A 79 -12.08 12.87 -4.24
N GLY A 80 -11.40 13.04 -3.12
CA GLY A 80 -11.85 14.06 -2.14
C GLY A 80 -12.91 13.46 -1.20
N THR A 81 -13.63 12.47 -1.66
CA THR A 81 -14.68 11.87 -0.80
C THR A 81 -14.12 10.65 -0.05
N ARG A 82 -14.76 10.29 1.03
CA ARG A 82 -14.31 9.12 1.82
C ARG A 82 -15.27 7.95 1.57
N TRP A 83 -14.77 6.77 1.32
CA TRP A 83 -15.66 5.62 1.04
C TRP A 83 -16.20 5.03 2.35
N GLY A 84 -15.55 5.31 3.44
CA GLY A 84 -15.99 4.77 4.75
C GLY A 84 -14.94 3.79 5.27
N THR A 85 -15.11 3.31 6.46
CA THR A 85 -14.13 2.33 7.00
C THR A 85 -14.16 1.10 6.11
N VAL A 86 -13.13 0.87 5.35
CA VAL A 86 -13.10 -0.29 4.45
C VAL A 86 -12.70 -1.53 5.25
N ASP A 87 -13.64 -2.37 5.56
CA ASP A 87 -13.34 -3.59 6.36
C ASP A 87 -12.47 -4.54 5.53
N CYS A 88 -11.22 -4.73 5.89
CA CYS A 88 -10.38 -5.68 5.09
C CYS A 88 -10.97 -7.09 5.15
N THR A 89 -11.98 -7.31 5.97
CA THR A 89 -12.58 -8.67 6.05
C THR A 89 -13.60 -8.83 4.91
N THR A 90 -13.79 -7.81 4.12
CA THR A 90 -14.76 -7.90 3.01
C THR A 90 -14.01 -7.82 1.68
N ALA A 91 -13.14 -6.86 1.54
CA ALA A 91 -12.37 -6.74 0.26
C ALA A 91 -10.93 -7.19 0.50
N ALA A 92 -10.12 -7.11 -0.51
CA ALA A 92 -8.69 -7.53 -0.37
C ALA A 92 -7.80 -6.28 -0.32
N CYS A 93 -7.15 -6.04 0.80
CA CYS A 93 -6.28 -4.83 0.90
C CYS A 93 -4.83 -5.20 0.59
N GLN A 94 -4.24 -4.55 -0.38
CA GLN A 94 -2.85 -4.87 -0.73
C GLN A 94 -1.90 -3.80 -0.21
N VAL A 95 -0.74 -4.23 0.14
CA VAL A 95 0.30 -3.30 0.60
C VAL A 95 1.25 -3.08 -0.55
N GLY A 96 1.26 -1.93 -1.13
CA GLY A 96 2.15 -1.73 -2.30
C GLY A 96 2.64 -0.28 -2.40
N LEU A 97 3.28 0.03 -3.50
CA LEU A 97 3.80 1.41 -3.69
C LEU A 97 3.20 2.00 -4.96
N SER A 98 3.53 3.24 -5.23
CA SER A 98 3.00 3.90 -6.45
C SER A 98 3.62 5.29 -6.58
N ASP A 99 3.32 6.00 -7.63
CA ASP A 99 3.89 7.36 -7.79
C ASP A 99 2.75 8.38 -7.96
N ALA A 100 3.01 9.52 -8.55
CA ALA A 100 1.93 10.52 -8.71
C ALA A 100 1.68 10.75 -10.20
N ALA A 101 1.80 9.72 -11.00
CA ALA A 101 1.58 9.88 -12.46
C ALA A 101 0.30 9.16 -12.87
N GLY A 102 -0.04 8.08 -12.22
CA GLY A 102 -1.27 7.35 -12.59
C GLY A 102 -1.20 5.97 -11.94
N ASN A 103 -0.02 5.41 -11.88
CA ASN A 103 0.12 4.08 -11.26
C ASN A 103 1.60 3.79 -11.00
N GLY A 104 1.86 2.63 -10.50
CA GLY A 104 3.26 2.23 -10.19
C GLY A 104 3.29 0.71 -9.93
N PRO A 105 4.33 0.20 -9.28
CA PRO A 105 4.38 -1.24 -8.98
C PRO A 105 3.03 -1.71 -8.41
N GLU A 106 2.90 -2.99 -8.15
CA GLU A 106 1.61 -3.51 -7.61
C GLU A 106 1.66 -3.57 -6.07
N GLY A 107 0.70 -4.20 -5.48
CA GLY A 107 0.68 -4.30 -3.99
C GLY A 107 0.61 -5.77 -3.56
N VAL A 108 0.93 -6.05 -2.34
CA VAL A 108 0.90 -7.42 -1.84
C VAL A 108 -0.40 -7.67 -1.08
N ALA A 109 -1.07 -8.72 -1.42
CA ALA A 109 -2.36 -9.05 -0.74
C ALA A 109 -2.09 -9.55 0.67
N ILE A 110 -2.65 -8.90 1.66
CA ILE A 110 -2.42 -9.34 3.06
C ILE A 110 -3.61 -10.20 3.51
N SER A 111 -3.49 -10.84 4.64
CA SER A 111 -4.62 -11.68 5.14
C SER A 111 -4.86 -11.43 6.62
N PHE A 112 -6.05 -11.66 7.10
CA PHE A 112 -6.35 -11.43 8.53
C PHE A 112 -7.03 -12.66 9.12
N ASN A 113 -6.35 -13.39 9.95
CA ASN A 113 -6.97 -14.60 10.56
C ASN A 113 -7.75 -14.20 11.81
C1 CHR B . -3.47 7.72 -4.01
C2 CHR B . -3.90 8.57 -2.93
C3 CHR B . -4.50 9.14 -2.09
C4 CHR B . -5.51 9.66 -1.15
O2 CHR B . -6.02 8.77 -0.11
C5 CHR B . -6.82 8.88 -1.33
C6 CHR B . -6.65 7.84 -2.37
C7 CHR B . -6.28 7.10 -3.22
C8 CHR B . -5.58 6.36 -4.25
C9 CHR B . -4.35 6.77 -4.66
C10 CHR B . -3.69 6.23 -5.91
O1 CHR B . -4.23 6.84 -7.08
C11 CHR B . -2.22 6.63 -5.71
O6 CHR B . -1.48 5.51 -5.29
C12 CHR B . -2.28 7.68 -4.60
C13 CHR B . -4.02 6.23 -8.35
O3 CHR B . -4.82 5.06 -8.44
C14 CHR B . -4.42 7.21 -9.46
N1 CHR B . -3.68 8.49 -9.27
C19 CHR B . -2.34 8.67 -9.87
C15 CHR B . -5.93 7.47 -9.39
O4 CHR B . -6.30 8.35 -10.44
C16 CHR B . -6.69 6.14 -9.54
O5 CHR B . -6.40 5.57 -10.81
C17 CHR B . -6.23 5.17 -8.44
C18 CHR B . -6.85 3.79 -8.69
C20 CHR B . -1.27 4.72 -6.33
O7 CHR B . -0.92 5.16 -7.41
C21 CHR B . -1.48 3.28 -6.09
C22 CHR B . -2.06 2.51 -7.10
O9 CHR B . -2.36 3.08 -8.33
C23 CHR B . -2.35 1.15 -6.87
C24 CHR B . -2.05 0.58 -5.63
C25 CHR B . -1.45 1.35 -4.62
C26 CHR B . -1.16 2.71 -4.85
C27 CHR B . -0.56 3.47 -3.84
C28 CHR B . -0.26 2.88 -2.60
O8 CHR B . 0.32 3.64 -1.59
C31 CHR B . -0.22 4.94 -1.39
C29 CHR B . -0.57 1.54 -2.37
C30 CHR B . -1.16 0.77 -3.38
C32 CHR B . -1.49 -0.69 -3.13
C33 CHR B . -5.58 11.16 -0.92
O10 CHR B . -6.72 11.49 -0.15
C34 CHR B . -7.45 12.29 -0.92
O11 CHR B . -8.51 12.73 -0.52
O12 CHR B . -7.00 12.58 -2.13
C35 CHR B . -5.76 11.89 -2.25
H5 CHR B . -7.76 9.42 -1.30
H8 CHR B . -6.02 5.48 -4.68
H10 CHR B . -3.78 5.15 -5.97
H11 CHR B . -1.80 7.07 -6.61
H12 CHR B . -1.45 8.29 -4.32
H13 CHR B . -2.97 5.97 -8.46
H14 CHR B . -4.18 6.79 -10.42
H191 CHR B . -2.37 9.44 -10.63
H192 CHR B . -2.01 7.75 -10.31
H193 CHR B . -1.64 8.96 -9.09
H15 CHR B . -6.17 7.91 -8.44
HO4 CHR B . -6.19 7.88 -11.27
H16 CHR B . -7.74 6.31 -9.44
HO5 CHR B . -5.69 6.06 -11.21
H17 CHR B . -6.56 5.54 -7.48
H181 CHR B . -6.13 3.02 -8.42
H182 CHR B . -7.74 3.68 -8.09
H183 CHR B . -7.10 3.70 -9.73
HO9 CHR B . -3.32 3.05 -8.47
H23 CHR B . -2.81 0.56 -7.64
H24 CHR B . -2.27 -0.46 -5.45
H27 CHR B . -0.29 4.49 -4.02
H311 CHR B . -0.42 5.40 -2.35
H312 CHR B . -1.14 4.86 -0.85
H313 CHR B . 0.48 5.54 -0.85
H29 CHR B . -0.35 1.09 -1.41
H321 CHR B . -2.53 -0.86 -3.35
H322 CHR B . -1.28 -0.93 -2.11
H323 CHR B . -0.88 -1.31 -3.78
H33 CHR B . -4.68 11.50 -0.42
H351 CHR B . -5.80 11.18 -3.06
H352 CHR B . -4.95 12.59 -2.40
N ALA A 1 18.99 -5.18 -12.38
CA ALA A 1 17.85 -5.82 -11.67
C ALA A 1 16.54 -5.14 -12.07
N ALA A 2 15.43 -5.76 -11.80
CA ALA A 2 14.13 -5.14 -12.17
C ALA A 2 13.37 -4.74 -10.89
N PRO A 3 12.37 -3.92 -11.07
CA PRO A 3 11.55 -3.44 -9.94
C PRO A 3 10.88 -4.60 -9.23
N THR A 4 10.49 -4.39 -8.01
CA THR A 4 9.82 -5.47 -7.22
C THR A 4 9.49 -4.90 -5.84
N ALA A 5 9.08 -5.73 -4.92
CA ALA A 5 8.73 -5.21 -3.57
C ALA A 5 8.62 -6.33 -2.58
N THR A 6 9.27 -6.16 -1.47
CA THR A 6 9.20 -7.21 -0.43
C THR A 6 8.41 -6.68 0.75
N VAL A 7 7.26 -7.20 0.90
CA VAL A 7 6.36 -6.78 2.00
C VAL A 7 6.08 -7.96 2.94
N THR A 8 6.04 -7.72 4.22
CA THR A 8 5.79 -8.82 5.19
C THR A 8 5.74 -8.24 6.61
N PRO A 9 4.96 -8.86 7.46
CA PRO A 9 4.16 -10.04 7.11
C PRO A 9 2.91 -9.59 6.38
N SER A 10 2.40 -10.41 5.51
CA SER A 10 1.18 -10.05 4.76
C SER A 10 -0.05 -10.51 5.54
N SER A 11 0.11 -11.52 6.36
CA SER A 11 -1.04 -12.02 7.16
C SER A 11 -0.61 -12.20 8.62
N GLY A 12 -1.56 -12.31 9.52
CA GLY A 12 -1.21 -12.47 10.96
C GLY A 12 -0.79 -11.11 11.52
N LEU A 13 -1.46 -10.08 11.08
CA LEU A 13 -1.13 -8.72 11.51
C LEU A 13 -1.97 -8.32 12.69
N SER A 14 -3.18 -8.64 12.58
CA SER A 14 -4.16 -8.34 13.64
C SER A 14 -4.36 -6.82 13.74
N ASP A 15 -5.56 -6.41 14.04
CA ASP A 15 -5.87 -4.97 14.13
C ASP A 15 -4.88 -4.23 15.03
N GLY A 16 -4.04 -3.43 14.45
CA GLY A 16 -3.09 -2.65 15.28
C GLY A 16 -1.64 -3.07 15.09
N THR A 17 -1.28 -3.85 14.10
CA THR A 17 0.14 -4.20 13.99
C THR A 17 0.78 -3.37 12.89
N VAL A 18 2.00 -3.69 12.61
CA VAL A 18 2.76 -2.95 11.57
C VAL A 18 3.34 -3.91 10.53
N VAL A 19 3.23 -3.58 9.27
CA VAL A 19 3.80 -4.46 8.22
C VAL A 19 4.99 -3.73 7.58
N LYS A 20 5.90 -4.46 7.02
CA LYS A 20 7.08 -3.81 6.39
C LYS A 20 7.02 -4.02 4.89
N VAL A 21 6.76 -2.98 4.15
CA VAL A 21 6.68 -3.12 2.66
C VAL A 21 7.94 -2.51 2.06
N ALA A 22 8.48 -3.11 1.04
CA ALA A 22 9.72 -2.53 0.44
C ALA A 22 9.62 -2.57 -1.08
N GLY A 23 10.41 -1.77 -1.73
CA GLY A 23 10.40 -1.74 -3.19
C GLY A 23 11.85 -1.83 -3.67
N ALA A 24 12.09 -2.48 -4.76
CA ALA A 24 13.50 -2.57 -5.25
C ALA A 24 13.49 -2.59 -6.79
N GLY A 25 14.20 -1.69 -7.43
CA GLY A 25 14.20 -1.69 -8.92
C GLY A 25 13.05 -0.81 -9.43
N LEU A 26 12.64 0.16 -8.67
CA LEU A 26 11.54 1.03 -9.14
C LEU A 26 12.13 2.16 -9.97
N GLN A 27 11.31 2.99 -10.56
CA GLN A 27 11.85 4.09 -11.39
C GLN A 27 12.98 4.79 -10.64
N ALA A 28 14.17 4.42 -10.96
CA ALA A 28 15.36 4.99 -10.30
C ALA A 28 15.37 6.52 -10.43
N GLY A 29 14.57 7.19 -9.65
CA GLY A 29 14.52 8.67 -9.72
C GLY A 29 13.07 9.13 -9.76
N THR A 30 12.19 8.45 -9.08
CA THR A 30 10.77 8.88 -9.10
C THR A 30 10.09 8.59 -7.74
N ALA A 31 9.75 9.64 -7.06
CA ALA A 31 9.05 9.53 -5.75
C ALA A 31 7.92 8.49 -5.85
N TYR A 32 7.90 7.54 -4.98
CA TYR A 32 6.83 6.50 -4.99
C TYR A 32 6.06 6.56 -3.67
N ASP A 33 4.81 6.18 -3.65
CA ASP A 33 4.05 6.20 -2.37
C ASP A 33 4.01 4.78 -1.83
N VAL A 34 3.71 4.60 -0.57
CA VAL A 34 3.71 3.23 0.01
C VAL A 34 2.62 3.12 1.10
N GLY A 35 1.61 2.27 0.94
CA GLY A 35 0.58 2.19 2.02
C GLY A 35 -0.39 1.02 1.80
N GLN A 36 -1.38 0.91 2.67
CA GLN A 36 -2.38 -0.16 2.58
C GLN A 36 -3.64 0.40 1.92
N CYS A 37 -3.91 -0.01 0.72
CA CYS A 37 -5.12 0.49 0.02
C CYS A 37 -5.90 -0.70 -0.58
N ALA A 38 -7.20 -0.57 -0.66
CA ALA A 38 -8.02 -1.70 -1.20
C ALA A 38 -8.87 -1.23 -2.40
N TRP A 39 -8.99 -2.02 -3.43
CA TRP A 39 -9.84 -1.62 -4.59
C TRP A 39 -11.21 -2.25 -4.39
N VAL A 40 -12.23 -1.45 -4.20
CA VAL A 40 -13.58 -2.03 -3.97
C VAL A 40 -14.44 -1.86 -5.23
N ASP A 41 -13.85 -1.58 -6.34
CA ASP A 41 -14.66 -1.43 -7.59
C ASP A 41 -13.77 -0.95 -8.74
N THR A 42 -14.35 -0.68 -9.88
CA THR A 42 -13.55 -0.22 -11.04
C THR A 42 -13.09 1.22 -10.80
N GLY A 43 -11.88 1.39 -10.38
CA GLY A 43 -11.35 2.77 -10.14
C GLY A 43 -11.75 3.29 -8.75
N VAL A 44 -11.95 2.42 -7.78
CA VAL A 44 -12.30 2.90 -6.43
C VAL A 44 -11.16 2.46 -5.49
N LEU A 45 -10.30 3.37 -5.04
CA LEU A 45 -9.17 2.94 -4.17
C LEU A 45 -9.30 3.60 -2.78
N ALA A 46 -9.72 2.86 -1.77
CA ALA A 46 -9.83 3.46 -0.43
C ALA A 46 -8.57 3.09 0.37
N CYS A 47 -7.71 4.03 0.64
CA CYS A 47 -6.46 3.71 1.38
C CYS A 47 -6.55 4.23 2.82
N ASN A 48 -5.66 3.80 3.68
CA ASN A 48 -5.71 4.26 5.11
C ASN A 48 -4.54 5.22 5.39
N PRO A 49 -4.82 6.29 6.10
CA PRO A 49 -3.79 7.30 6.45
C PRO A 49 -2.85 6.80 7.56
N ALA A 50 -2.70 5.51 7.74
CA ALA A 50 -1.79 5.02 8.82
C ALA A 50 -0.65 4.22 8.19
N ASP A 51 -0.62 4.16 6.88
CA ASP A 51 0.46 3.42 6.20
C ASP A 51 0.88 4.26 5.00
N PHE A 52 0.53 5.51 5.01
CA PHE A 52 0.88 6.37 3.85
C PHE A 52 2.32 6.89 3.97
N SER A 53 3.27 6.17 3.42
CA SER A 53 4.68 6.64 3.47
C SER A 53 5.09 7.02 2.05
N SER A 54 6.35 7.26 1.80
CA SER A 54 6.75 7.64 0.43
C SER A 54 8.26 7.91 0.34
N VAL A 55 8.88 7.38 -0.68
CA VAL A 55 10.33 7.60 -0.90
C VAL A 55 10.58 7.55 -2.42
N THR A 56 11.65 8.12 -2.90
CA THR A 56 11.89 8.07 -4.36
C THR A 56 12.85 6.94 -4.70
N ALA A 57 12.63 6.33 -5.82
CA ALA A 57 13.54 5.24 -6.24
C ALA A 57 14.94 5.80 -6.50
N ASP A 58 15.83 5.50 -5.61
CA ASP A 58 17.24 5.97 -5.73
C ASP A 58 17.89 5.44 -7.02
N ALA A 59 19.14 5.04 -6.95
CA ALA A 59 19.87 4.54 -8.16
C ALA A 59 19.05 3.45 -8.85
N ASN A 60 18.62 2.49 -8.11
CA ASN A 60 17.79 1.40 -8.69
C ASN A 60 16.35 1.69 -8.28
N GLY A 61 16.21 2.22 -7.11
CA GLY A 61 14.88 2.60 -6.58
C GLY A 61 14.45 1.64 -5.48
N SER A 62 15.16 1.64 -4.37
CA SER A 62 14.79 0.75 -3.25
C SER A 62 14.05 1.55 -2.19
N ALA A 63 12.91 1.10 -1.79
CA ALA A 63 12.15 1.85 -0.76
C ALA A 63 11.56 0.89 0.27
N SER A 64 12.07 0.89 1.47
CA SER A 64 11.53 -0.03 2.51
C SER A 64 11.05 0.78 3.71
N THR A 65 9.79 0.69 4.01
CA THR A 65 9.25 1.45 5.17
C THR A 65 8.19 0.60 5.89
N SER A 66 8.14 0.69 7.19
CA SER A 66 7.13 -0.10 7.96
C SER A 66 5.95 0.80 8.31
N LEU A 67 4.76 0.25 8.32
CA LEU A 67 3.57 1.07 8.65
C LEU A 67 2.55 0.21 9.40
N THR A 68 1.51 0.82 9.93
CA THR A 68 0.49 0.03 10.68
C THR A 68 -0.72 -0.24 9.77
N VAL A 69 -1.11 -1.48 9.61
CA VAL A 69 -2.27 -1.79 8.72
C VAL A 69 -3.17 -2.84 9.39
N ARG A 70 -4.47 -2.75 9.23
CA ARG A 70 -5.35 -3.77 9.87
C ARG A 70 -6.61 -4.01 9.04
N ARG A 71 -7.54 -4.76 9.59
CA ARG A 71 -8.80 -5.09 8.86
C ARG A 71 -9.49 -3.79 8.46
N SER A 72 -10.50 -3.37 9.16
CA SER A 72 -11.19 -2.11 8.78
C SER A 72 -10.16 -1.00 8.77
N PHE A 73 -10.24 -0.12 7.82
CA PHE A 73 -9.23 0.95 7.76
C PHE A 73 -9.74 2.09 6.88
N GLU A 74 -9.54 3.31 7.34
CA GLU A 74 -10.02 4.50 6.60
C GLU A 74 -10.00 4.25 5.08
N GLY A 75 -11.13 4.35 4.44
CA GLY A 75 -11.19 4.10 2.97
C GLY A 75 -10.99 5.40 2.17
N PHE A 76 -9.98 6.18 2.51
CA PHE A 76 -9.73 7.45 1.75
C PHE A 76 -9.98 7.24 0.25
N LEU A 77 -11.00 7.87 -0.30
CA LEU A 77 -11.30 7.70 -1.76
C LEU A 77 -10.44 8.69 -2.59
N PHE A 78 -9.71 8.22 -3.57
CA PHE A 78 -8.86 9.16 -4.39
C PHE A 78 -9.76 10.14 -5.14
N ASP A 79 -10.54 10.91 -4.45
CA ASP A 79 -11.42 11.90 -5.14
C ASP A 79 -11.90 12.96 -4.14
N GLY A 80 -11.21 13.11 -3.04
CA GLY A 80 -11.63 14.13 -2.04
C GLY A 80 -12.70 13.55 -1.11
N THR A 81 -13.46 12.59 -1.57
CA THR A 81 -14.52 12.00 -0.71
C THR A 81 -13.98 10.78 0.04
N ARG A 82 -14.64 10.42 1.10
CA ARG A 82 -14.20 9.24 1.90
C ARG A 82 -15.19 8.08 1.65
N TRP A 83 -14.70 6.90 1.42
CA TRP A 83 -15.61 5.75 1.14
C TRP A 83 -16.14 5.16 2.44
N GLY A 84 -15.49 5.42 3.54
CA GLY A 84 -15.93 4.88 4.85
C GLY A 84 -14.89 3.88 5.35
N THR A 85 -15.06 3.39 6.55
CA THR A 85 -14.09 2.39 7.07
C THR A 85 -14.16 1.15 6.20
N VAL A 86 -13.17 0.93 5.39
CA VAL A 86 -13.17 -0.23 4.49
C VAL A 86 -12.80 -1.49 5.28
N ASP A 87 -13.76 -2.32 5.57
CA ASP A 87 -13.47 -3.57 6.36
C ASP A 87 -12.57 -4.49 5.54
N CYS A 88 -11.33 -4.68 5.94
CA CYS A 88 -10.45 -5.60 5.13
C CYS A 88 -11.05 -7.02 5.15
N THR A 89 -12.07 -7.26 5.92
CA THR A 89 -12.67 -8.63 5.95
C THR A 89 -13.69 -8.76 4.82
N THR A 90 -13.92 -7.70 4.09
CA THR A 90 -14.89 -7.76 2.96
C THR A 90 -14.12 -7.69 1.64
N ALA A 91 -13.26 -6.73 1.51
CA ALA A 91 -12.47 -6.59 0.25
C ALA A 91 -11.04 -7.07 0.50
N ALA A 92 -10.22 -7.01 -0.51
CA ALA A 92 -8.80 -7.46 -0.34
C ALA A 92 -7.89 -6.23 -0.27
N CYS A 93 -7.24 -6.01 0.84
CA CYS A 93 -6.36 -4.80 0.96
C CYS A 93 -4.91 -5.20 0.65
N GLN A 94 -4.31 -4.54 -0.31
CA GLN A 94 -2.93 -4.87 -0.68
C GLN A 94 -1.97 -3.81 -0.17
N VAL A 95 -0.81 -4.25 0.19
CA VAL A 95 0.23 -3.31 0.66
C VAL A 95 1.20 -3.13 -0.49
N GLY A 96 1.23 -1.98 -1.09
CA GLY A 96 2.14 -1.81 -2.25
C GLY A 96 2.64 -0.39 -2.38
N LEU A 97 3.31 -0.11 -3.47
CA LEU A 97 3.85 1.25 -3.69
C LEU A 97 3.15 1.89 -4.89
N SER A 98 3.53 3.08 -5.24
CA SER A 98 2.87 3.76 -6.40
C SER A 98 3.60 5.05 -6.72
N ASP A 99 3.31 5.66 -7.84
CA ASP A 99 4.00 6.94 -8.18
C ASP A 99 2.96 8.07 -8.26
N ALA A 100 3.25 9.15 -8.94
CA ALA A 100 2.26 10.25 -9.04
C ALA A 100 1.85 10.45 -10.50
N ALA A 101 1.75 9.37 -11.23
CA ALA A 101 1.37 9.48 -12.67
C ALA A 101 0.03 8.78 -12.91
N GLY A 102 -0.25 7.72 -12.20
CA GLY A 102 -1.52 7.00 -12.41
C GLY A 102 -1.39 5.63 -11.79
N ASN A 103 -0.21 5.06 -11.84
CA ASN A 103 -0.01 3.73 -11.25
C ASN A 103 1.47 3.53 -10.96
N GLY A 104 1.80 2.39 -10.46
CA GLY A 104 3.21 2.07 -10.12
C GLY A 104 3.32 0.55 -9.87
N PRO A 105 4.38 0.09 -9.19
CA PRO A 105 4.52 -1.35 -8.92
C PRO A 105 3.20 -1.92 -8.37
N GLU A 106 3.16 -3.19 -8.11
CA GLU A 106 1.89 -3.80 -7.60
C GLU A 106 1.88 -3.83 -6.07
N GLY A 107 0.84 -4.35 -5.49
CA GLY A 107 0.75 -4.40 -4.01
C GLY A 107 0.70 -5.86 -3.54
N VAL A 108 0.91 -6.09 -2.28
CA VAL A 108 0.90 -7.46 -1.75
C VAL A 108 -0.43 -7.70 -1.02
N ALA A 109 -1.10 -8.75 -1.36
CA ALA A 109 -2.39 -9.07 -0.70
C ALA A 109 -2.13 -9.56 0.72
N ILE A 110 -2.71 -8.92 1.70
CA ILE A 110 -2.48 -9.36 3.10
C ILE A 110 -3.65 -10.25 3.55
N SER A 111 -3.52 -10.87 4.69
CA SER A 111 -4.62 -11.76 5.17
C SER A 111 -4.83 -11.53 6.67
N PHE A 112 -6.01 -11.78 7.17
CA PHE A 112 -6.29 -11.57 8.61
C PHE A 112 -6.97 -12.82 9.19
N ASN A 113 -6.23 -13.66 9.86
CA ASN A 113 -6.85 -14.88 10.44
C ASN A 113 -8.14 -14.51 11.17
C1 CHR B . -3.57 7.73 -3.93
C2 CHR B . -3.97 8.63 -2.88
C3 CHR B . -4.53 9.26 -2.06
C4 CHR B . -5.52 9.85 -1.13
O2 CHR B . -6.01 9.05 -0.03
C5 CHR B . -6.83 9.08 -1.23
C6 CHR B . -6.70 7.97 -2.21
C7 CHR B . -6.34 7.17 -3.01
C8 CHR B . -5.68 6.35 -4.00
C9 CHR B . -4.47 6.73 -4.48
C10 CHR B . -3.87 6.13 -5.72
O1 CHR B . -4.47 6.64 -6.90
C11 CHR B . -2.40 6.58 -5.62
O6 CHR B . -1.59 5.48 -5.21
C12 CHR B . -2.40 7.65 -4.56
C13 CHR B . -4.25 5.99 -8.15
O3 CHR B . -5.12 4.89 -8.27
C14 CHR B . -4.51 6.98 -9.28
N1 CHR B . -3.70 8.21 -9.08
C19 CHR B . -2.35 8.31 -9.70
C15 CHR B . -6.01 7.34 -9.29
O4 CHR B . -6.26 8.25 -10.35
C16 CHR B . -6.83 6.08 -9.48
O5 CHR B . -6.52 5.49 -10.73
C17 CHR B . -6.52 5.08 -8.36
C18 CHR B . -7.21 3.75 -8.66
C20 CHR B . -1.30 4.74 -6.26
O7 CHR B . -0.95 5.23 -7.32
C21 CHR B . -1.42 3.28 -6.08
C22 CHR B . -1.89 2.50 -7.15
O9 CHR B . -2.13 3.08 -8.38
C23 CHR B . -2.09 1.13 -6.97
C24 CHR B . -1.83 0.53 -5.73
C25 CHR B . -1.37 1.31 -4.66
C26 CHR B . -1.16 2.69 -4.83
C27 CHR B . -0.68 3.46 -3.77
C28 CHR B . -0.43 2.86 -2.53
O8 CHR B . 0.04 3.62 -1.46
C31 CHR B . -0.36 4.99 -1.45
C29 CHR B . -0.65 1.49 -2.35
C30 CHR B . -1.12 0.71 -3.42
C32 CHR B . -1.37 -0.77 -3.23
C33 CHR B . -5.57 11.36 -1.00
O10 CHR B . -6.68 11.76 -0.21
C34 CHR B . -7.43 12.52 -1.01
O11 CHR B . -8.46 13.01 -0.60
O12 CHR B . -7.01 12.72 -2.25
C35 CHR B . -5.79 12.01 -2.37
H5 CHR B . -7.78 9.63 -1.20
H8 CHR B . -6.12 5.43 -4.33
H10 CHR B . -3.94 5.05 -5.69
H11 CHR B . -2.05 6.97 -6.57
H12 CHR B . -1.56 8.27 -4.34
H13 CHR B . -3.22 5.66 -8.20
H14 CHR B . -4.26 6.52 -10.23
H191 CHR B . -2.36 9.03 -10.49
H192 CHR B . -2.06 7.34 -10.09
H193 CHR B . -1.63 8.63 -8.95
H15 CHR B . -6.26 7.81 -8.35
HO4 CHR B . -7.22 8.29 -10.47
H16 CHR B . -7.89 6.33 -9.45
HO5 CHR B . -7.30 5.52 -11.28
H17 CHR B . -6.89 5.46 -7.42
H181 CHR B . -6.45 2.99 -8.86
H182 CHR B . -7.80 3.44 -7.80
H183 CHR B . -7.85 3.85 -9.52
HO9 CHR B . -1.67 2.59 -9.07
H23 CHR B . -2.44 0.52 -7.80
H24 CHR B . -1.99 -0.52 -5.60
H27 CHR B . -0.47 4.51 -3.90
H311 CHR B . 0.08 5.48 -0.60
H312 CHR B . -1.43 5.05 -1.40
H313 CHR B . -0.01 5.47 -2.35
H29 CHR B . -0.47 1.02 -1.39
H321 CHR B . -1.24 -1.03 -2.20
H322 CHR B . -0.67 -1.33 -3.84
H323 CHR B . -2.37 -1.01 -3.55
H33 CHR B . -4.65 11.74 -0.56
H351 CHR B . -5.87 11.25 -3.13
H352 CHR B . -4.98 12.69 -2.59
N ALA A 1 15.58 -5.95 -16.13
CA ALA A 1 15.58 -5.55 -14.69
C ALA A 1 14.27 -4.84 -14.35
N ALA A 2 13.47 -5.43 -13.50
CA ALA A 2 12.18 -4.79 -13.14
C ALA A 2 12.13 -4.56 -11.63
N PRO A 3 11.34 -3.61 -11.22
CA PRO A 3 11.18 -3.27 -9.79
C PRO A 3 10.62 -4.47 -9.01
N THR A 4 10.89 -4.50 -7.76
CA THR A 4 10.41 -5.60 -6.88
C THR A 4 9.95 -5.00 -5.56
N ALA A 5 9.18 -5.70 -4.80
CA ALA A 5 8.72 -5.12 -3.50
C ALA A 5 8.56 -6.21 -2.47
N THR A 6 9.16 -5.97 -1.34
CA THR A 6 9.07 -6.97 -0.25
C THR A 6 8.13 -6.48 0.83
N VAL A 7 6.98 -7.06 0.85
CA VAL A 7 5.98 -6.66 1.88
C VAL A 7 5.64 -7.87 2.76
N THR A 8 5.92 -7.77 4.03
CA THR A 8 5.64 -8.88 4.98
C THR A 8 5.66 -8.32 6.41
N PRO A 9 4.87 -8.91 7.28
CA PRO A 9 4.00 -10.04 6.93
C PRO A 9 2.76 -9.53 6.19
N SER A 10 2.20 -10.35 5.37
CA SER A 10 0.99 -9.94 4.61
C SER A 10 -0.25 -10.38 5.39
N SER A 11 -0.12 -11.38 6.20
CA SER A 11 -1.28 -11.86 7.00
C SER A 11 -0.84 -12.07 8.46
N GLY A 12 -1.78 -12.14 9.37
CA GLY A 12 -1.41 -12.33 10.81
C GLY A 12 -0.93 -11.00 11.36
N LEU A 13 -1.54 -9.93 10.93
CA LEU A 13 -1.15 -8.58 11.36
C LEU A 13 -1.93 -8.17 12.57
N SER A 14 -3.15 -8.47 12.50
CA SER A 14 -4.09 -8.14 13.60
C SER A 14 -4.27 -6.63 13.69
N ASP A 15 -5.46 -6.21 14.02
CA ASP A 15 -5.75 -4.77 14.11
C ASP A 15 -4.74 -4.04 14.99
N GLY A 16 -3.86 -3.28 14.38
CA GLY A 16 -2.89 -2.51 15.18
C GLY A 16 -1.44 -2.95 14.96
N THR A 17 -1.12 -3.72 13.94
CA THR A 17 0.31 -4.08 13.80
C THR A 17 0.92 -3.29 12.66
N VAL A 18 2.12 -3.64 12.35
CA VAL A 18 2.85 -2.91 11.28
C VAL A 18 3.47 -3.90 10.28
N VAL A 19 3.40 -3.58 9.01
CA VAL A 19 4.01 -4.49 7.99
C VAL A 19 5.17 -3.75 7.31
N LYS A 20 6.12 -4.48 6.78
CA LYS A 20 7.26 -3.81 6.11
C LYS A 20 7.16 -4.01 4.60
N VAL A 21 6.86 -2.97 3.88
CA VAL A 21 6.75 -3.08 2.39
C VAL A 21 7.98 -2.44 1.76
N ALA A 22 8.72 -3.17 0.96
CA ALA A 22 9.92 -2.56 0.34
C ALA A 22 9.70 -2.49 -1.18
N GLY A 23 10.51 -1.72 -1.86
CA GLY A 23 10.36 -1.61 -3.32
C GLY A 23 11.76 -1.50 -3.94
N ALA A 24 12.24 -2.50 -4.60
CA ALA A 24 13.61 -2.39 -5.21
C ALA A 24 13.53 -2.48 -6.73
N GLY A 25 14.28 -1.68 -7.44
CA GLY A 25 14.22 -1.77 -8.92
C GLY A 25 13.10 -0.88 -9.44
N LEU A 26 12.77 0.17 -8.73
CA LEU A 26 11.69 1.05 -9.20
C LEU A 26 12.31 2.21 -9.99
N GLN A 27 11.52 3.05 -10.59
CA GLN A 27 12.09 4.17 -11.37
C GLN A 27 13.18 4.86 -10.56
N ALA A 28 14.39 4.54 -10.88
CA ALA A 28 15.55 5.12 -10.15
C ALA A 28 15.52 6.65 -10.25
N GLY A 29 14.68 7.27 -9.47
CA GLY A 29 14.60 8.75 -9.50
C GLY A 29 13.12 9.17 -9.52
N THR A 30 12.27 8.43 -8.87
CA THR A 30 10.84 8.80 -8.87
C THR A 30 10.19 8.54 -7.50
N ALA A 31 9.89 9.59 -6.81
CA ALA A 31 9.22 9.49 -5.47
C ALA A 31 8.03 8.52 -5.55
N TYR A 32 8.16 7.38 -4.94
CA TYR A 32 7.03 6.38 -4.97
C TYR A 32 6.24 6.49 -3.65
N ASP A 33 4.98 6.14 -3.66
CA ASP A 33 4.20 6.20 -2.39
C ASP A 33 4.08 4.77 -1.85
N VAL A 34 3.82 4.61 -0.58
CA VAL A 34 3.72 3.23 -0.01
C VAL A 34 2.59 3.18 1.03
N GLY A 35 1.56 2.35 0.84
CA GLY A 35 0.47 2.33 1.87
C GLY A 35 -0.47 1.14 1.67
N GLN A 36 -1.46 1.04 2.54
CA GLN A 36 -2.45 -0.05 2.49
C GLN A 36 -3.74 0.49 1.85
N CYS A 37 -4.01 0.08 0.65
CA CYS A 37 -5.25 0.56 -0.02
C CYS A 37 -6.04 -0.62 -0.59
N ALA A 38 -7.35 -0.53 -0.60
CA ALA A 38 -8.17 -1.67 -1.11
C ALA A 38 -9.01 -1.23 -2.32
N TRP A 39 -9.09 -2.04 -3.34
CA TRP A 39 -9.93 -1.68 -4.52
C TRP A 39 -11.30 -2.33 -4.34
N VAL A 40 -12.33 -1.56 -4.17
CA VAL A 40 -13.68 -2.15 -3.96
C VAL A 40 -14.53 -2.00 -5.22
N ASP A 41 -13.95 -1.68 -6.33
CA ASP A 41 -14.75 -1.53 -7.57
C ASP A 41 -13.88 -1.02 -8.71
N THR A 42 -14.47 -0.76 -9.85
CA THR A 42 -13.70 -0.26 -11.01
C THR A 42 -13.23 1.17 -10.76
N GLY A 43 -12.02 1.33 -10.33
CA GLY A 43 -11.48 2.70 -10.08
C GLY A 43 -11.86 3.20 -8.68
N VAL A 44 -12.07 2.33 -7.72
CA VAL A 44 -12.41 2.80 -6.36
C VAL A 44 -11.26 2.37 -5.43
N LEU A 45 -10.41 3.28 -5.00
CA LEU A 45 -9.26 2.87 -4.13
C LEU A 45 -9.37 3.55 -2.76
N ALA A 46 -9.77 2.83 -1.72
CA ALA A 46 -9.87 3.45 -0.38
C ALA A 46 -8.60 3.12 0.40
N CYS A 47 -7.75 4.08 0.64
CA CYS A 47 -6.48 3.78 1.38
C CYS A 47 -6.57 4.32 2.81
N ASN A 48 -5.68 3.87 3.66
CA ASN A 48 -5.72 4.34 5.09
C ASN A 48 -4.52 5.27 5.38
N PRO A 49 -4.78 6.35 6.08
CA PRO A 49 -3.72 7.33 6.43
C PRO A 49 -2.78 6.81 7.54
N ALA A 50 -2.66 5.51 7.72
CA ALA A 50 -1.76 4.99 8.79
C ALA A 50 -0.64 4.18 8.14
N ASP A 51 -0.62 4.14 6.84
CA ASP A 51 0.45 3.39 6.14
C ASP A 51 0.92 4.26 4.98
N PHE A 52 0.56 5.50 4.99
CA PHE A 52 0.95 6.40 3.88
C PHE A 52 2.40 6.87 4.03
N SER A 53 3.33 6.15 3.46
CA SER A 53 4.75 6.57 3.53
C SER A 53 5.20 6.96 2.13
N SER A 54 6.47 7.16 1.90
CA SER A 54 6.90 7.56 0.54
C SER A 54 8.42 7.77 0.47
N VAL A 55 9.02 7.28 -0.58
CA VAL A 55 10.49 7.46 -0.78
C VAL A 55 10.74 7.43 -2.28
N THR A 56 11.81 7.99 -2.76
CA THR A 56 12.06 7.98 -4.23
C THR A 56 13.01 6.85 -4.57
N ALA A 57 12.79 6.24 -5.71
CA ALA A 57 13.70 5.16 -6.14
C ALA A 57 15.09 5.74 -6.39
N ASP A 58 15.98 5.44 -5.49
CA ASP A 58 17.38 5.93 -5.59
C ASP A 58 18.05 5.42 -6.89
N ALA A 59 19.30 5.02 -6.80
CA ALA A 59 20.04 4.55 -8.01
C ALA A 59 19.25 3.49 -8.75
N ASN A 60 18.80 2.50 -8.05
CA ASN A 60 17.98 1.44 -8.69
C ASN A 60 16.54 1.71 -8.28
N GLY A 61 16.40 2.21 -7.09
CA GLY A 61 15.06 2.56 -6.55
C GLY A 61 14.63 1.58 -5.47
N SER A 62 15.34 1.57 -4.36
CA SER A 62 14.97 0.67 -3.24
C SER A 62 14.26 1.48 -2.17
N ALA A 63 13.09 1.07 -1.80
CA ALA A 63 12.34 1.83 -0.77
C ALA A 63 11.76 0.86 0.27
N SER A 64 12.29 0.86 1.46
CA SER A 64 11.76 -0.06 2.50
C SER A 64 11.21 0.75 3.66
N THR A 65 9.94 0.64 3.91
CA THR A 65 9.33 1.42 5.03
C THR A 65 8.26 0.57 5.71
N SER A 66 8.20 0.62 7.01
CA SER A 66 7.18 -0.18 7.76
C SER A 66 6.00 0.72 8.13
N LEU A 67 4.81 0.24 7.91
CA LEU A 67 3.60 1.06 8.24
C LEU A 67 2.61 0.20 9.03
N THR A 68 1.63 0.82 9.65
CA THR A 68 0.64 0.04 10.44
C THR A 68 -0.60 -0.21 9.58
N VAL A 69 -1.01 -1.45 9.42
CA VAL A 69 -2.20 -1.75 8.57
C VAL A 69 -3.11 -2.77 9.27
N ARG A 70 -4.41 -2.64 9.17
CA ARG A 70 -5.28 -3.64 9.85
C ARG A 70 -6.56 -3.90 9.05
N ARG A 71 -7.45 -4.68 9.61
CA ARG A 71 -8.73 -5.01 8.91
C ARG A 71 -9.42 -3.71 8.51
N SER A 72 -10.42 -3.28 9.24
CA SER A 72 -11.10 -2.01 8.87
C SER A 72 -10.06 -0.91 8.82
N PHE A 73 -10.18 -0.02 7.89
CA PHE A 73 -9.16 1.03 7.78
C PHE A 73 -9.67 2.17 6.91
N GLU A 74 -9.45 3.39 7.35
CA GLU A 74 -9.95 4.57 6.59
C GLU A 74 -9.91 4.29 5.09
N GLY A 75 -11.04 4.39 4.43
CA GLY A 75 -11.09 4.11 2.97
C GLY A 75 -10.94 5.42 2.15
N PHE A 76 -9.96 6.23 2.43
CA PHE A 76 -9.78 7.49 1.64
C PHE A 76 -10.07 7.22 0.15
N LEU A 77 -11.12 7.80 -0.40
CA LEU A 77 -11.44 7.56 -1.84
C LEU A 77 -10.65 8.55 -2.73
N PHE A 78 -9.92 8.07 -3.72
CA PHE A 78 -9.14 9.00 -4.60
C PHE A 78 -10.12 9.88 -5.40
N ASP A 79 -10.96 10.63 -4.73
CA ASP A 79 -11.92 11.50 -5.45
C ASP A 79 -12.40 12.62 -4.52
N GLY A 80 -11.68 12.87 -3.45
CA GLY A 80 -12.09 13.95 -2.51
C GLY A 80 -13.10 13.39 -1.49
N THR A 81 -13.82 12.36 -1.85
CA THR A 81 -14.82 11.80 -0.89
C THR A 81 -14.20 10.63 -0.10
N ARG A 82 -14.78 10.31 1.01
CA ARG A 82 -14.28 9.19 1.84
C ARG A 82 -15.24 8.01 1.69
N TRP A 83 -14.73 6.81 1.53
CA TRP A 83 -15.63 5.64 1.33
C TRP A 83 -16.10 5.09 2.70
N GLY A 84 -15.44 5.46 3.75
CA GLY A 84 -15.84 4.97 5.10
C GLY A 84 -14.80 3.96 5.57
N THR A 85 -14.95 3.48 6.77
CA THR A 85 -13.97 2.48 7.28
C THR A 85 -14.09 1.22 6.40
N VAL A 86 -13.16 1.02 5.52
CA VAL A 86 -13.21 -0.16 4.63
C VAL A 86 -12.81 -1.41 5.42
N ASP A 87 -13.76 -2.26 5.72
CA ASP A 87 -13.45 -3.49 6.50
C ASP A 87 -12.56 -4.43 5.67
N CYS A 88 -11.32 -4.62 6.05
CA CYS A 88 -10.47 -5.55 5.23
C CYS A 88 -11.05 -6.97 5.30
N THR A 89 -12.07 -7.20 6.09
CA THR A 89 -12.65 -8.57 6.17
C THR A 89 -13.70 -8.74 5.06
N THR A 90 -13.94 -7.70 4.29
CA THR A 90 -14.94 -7.79 3.21
C THR A 90 -14.22 -7.74 1.86
N ALA A 91 -13.35 -6.79 1.69
CA ALA A 91 -12.61 -6.68 0.41
C ALA A 91 -11.15 -7.10 0.62
N ALA A 92 -10.36 -7.09 -0.41
CA ALA A 92 -8.93 -7.48 -0.26
C ALA A 92 -8.06 -6.21 -0.23
N CYS A 93 -7.38 -5.95 0.86
CA CYS A 93 -6.53 -4.72 0.92
C CYS A 93 -5.09 -5.09 0.59
N GLN A 94 -4.53 -4.46 -0.40
CA GLN A 94 -3.15 -4.78 -0.79
C GLN A 94 -2.17 -3.74 -0.26
N VAL A 95 -1.01 -4.20 0.06
CA VAL A 95 0.05 -3.28 0.54
C VAL A 95 1.01 -3.10 -0.62
N GLY A 96 1.04 -1.95 -1.21
CA GLY A 96 1.94 -1.79 -2.37
C GLY A 96 2.50 -0.37 -2.46
N LEU A 97 3.19 -0.09 -3.54
CA LEU A 97 3.79 1.24 -3.72
C LEU A 97 3.14 1.93 -4.92
N SER A 98 3.59 3.09 -5.27
CA SER A 98 2.98 3.81 -6.42
C SER A 98 3.83 5.05 -6.73
N ASP A 99 3.59 5.69 -7.84
CA ASP A 99 4.41 6.90 -8.18
C ASP A 99 3.56 8.15 -7.95
N ALA A 100 2.29 7.98 -7.71
CA ALA A 100 1.41 9.15 -7.47
C ALA A 100 1.16 9.87 -8.80
N ALA A 101 0.99 9.12 -9.86
CA ALA A 101 0.76 9.73 -11.18
C ALA A 101 -0.31 8.96 -11.97
N GLY A 102 -0.37 7.65 -11.81
CA GLY A 102 -1.39 6.86 -12.55
C GLY A 102 -1.19 5.40 -12.19
N ASN A 103 0.05 4.97 -12.10
CA ASN A 103 0.30 3.57 -11.72
C ASN A 103 1.71 3.45 -11.15
N GLY A 104 2.07 2.27 -10.80
CA GLY A 104 3.42 2.03 -10.21
C GLY A 104 3.58 0.51 -9.97
N PRO A 105 4.59 0.09 -9.21
CA PRO A 105 4.77 -1.35 -8.95
C PRO A 105 3.44 -1.98 -8.49
N GLU A 106 3.45 -3.25 -8.16
CA GLU A 106 2.19 -3.91 -7.74
C GLU A 106 2.05 -3.88 -6.21
N GLY A 107 0.97 -4.42 -5.69
CA GLY A 107 0.77 -4.44 -4.22
C GLY A 107 0.70 -5.88 -3.73
N VAL A 108 0.79 -6.09 -2.45
CA VAL A 108 0.75 -7.44 -1.89
C VAL A 108 -0.58 -7.65 -1.18
N ALA A 109 -1.25 -8.72 -1.50
CA ALA A 109 -2.56 -9.00 -0.84
C ALA A 109 -2.31 -9.46 0.60
N ILE A 110 -2.84 -8.74 1.55
CA ILE A 110 -2.63 -9.14 2.97
C ILE A 110 -3.86 -9.91 3.45
N SER A 111 -3.78 -10.52 4.60
CA SER A 111 -4.96 -11.30 5.11
C SER A 111 -5.10 -11.09 6.62
N PHE A 112 -6.28 -11.30 7.14
CA PHE A 112 -6.49 -11.12 8.61
C PHE A 112 -7.27 -12.32 9.16
N ASN A 113 -6.59 -13.38 9.50
CA ASN A 113 -7.29 -14.57 10.05
C ASN A 113 -8.17 -14.15 11.22
C1 CHR B . -3.65 7.73 -4.12
C2 CHR B . -4.09 8.63 -3.08
C3 CHR B . -4.70 9.25 -2.27
C4 CHR B . -5.72 9.82 -1.37
O2 CHR B . -6.21 9.00 -0.28
C5 CHR B . -7.01 9.01 -1.49
C6 CHR B . -6.82 7.90 -2.45
C7 CHR B . -6.44 7.11 -3.26
C8 CHR B . -5.72 6.30 -4.23
C9 CHR B . -4.52 6.71 -4.69
C10 CHR B . -3.87 6.14 -5.93
O1 CHR B . -4.46 6.66 -7.10
C11 CHR B . -2.41 6.60 -5.78
O6 CHR B . -1.61 5.52 -5.35
C12 CHR B . -2.47 7.68 -4.72
C13 CHR B . -4.29 6.00 -8.35
O3 CHR B . -5.12 4.85 -8.38
C14 CHR B . -4.69 6.93 -9.50
N1 CHR B . -3.91 8.20 -9.38
C19 CHR B . -2.80 8.47 -10.33
C15 CHR B . -6.18 7.23 -9.41
O4 CHR B . -6.56 8.08 -10.48
C16 CHR B . -6.97 5.92 -9.49
O5 CHR B . -6.72 5.31 -10.74
C17 CHR B . -6.53 4.98 -8.37
C18 CHR B . -7.18 3.61 -8.56
C20 CHR B . -1.27 4.79 -6.39
O7 CHR B . -0.88 5.29 -7.43
C21 CHR B . -1.35 3.33 -6.22
C22 CHR B . -1.77 2.53 -7.29
O9 CHR B . -2.00 3.11 -8.54
C23 CHR B . -1.95 1.16 -7.12
C24 CHR B . -1.72 0.57 -5.87
C25 CHR B . -1.30 1.36 -4.80
C26 CHR B . -1.11 2.74 -4.96
C27 CHR B . -0.68 3.52 -3.87
C28 CHR B . -0.45 2.92 -2.63
O8 CHR B . -0.02 3.70 -1.56
C31 CHR B . -0.49 5.04 -1.53
C29 CHR B . -0.64 1.55 -2.47
C30 CHR B . -1.06 0.77 -3.55
C32 CHR B . -1.29 -0.73 -3.37
C33 CHR B . -5.80 11.34 -1.25
O10 CHR B . -6.87 11.69 -0.39
C34 CHR B . -7.70 12.42 -1.14
O11 CHR B . -8.73 12.87 -0.68
O12 CHR B . -7.37 12.62 -2.42
C35 CHR B . -6.13 11.96 -2.60
H5 CHR B . -7.96 9.54 -1.50
H8 CHR B . -6.14 5.39 -4.59
H10 CHR B . -3.94 5.05 -5.91
H11 CHR B . -2.05 7.01 -6.72
H12 CHR B . -1.65 8.32 -4.49
H13 CHR B . -3.26 5.70 -8.46
H14 CHR B . -4.47 6.46 -10.43
H191 CHR B . -2.13 7.62 -10.37
H192 CHR B . -3.20 8.66 -11.32
H193 CHR B . -2.24 9.34 -10.00
H15 CHR B . -6.40 7.72 -8.46
HO4 CHR B . -6.25 8.97 -10.27
H16 CHR B . -8.02 6.13 -9.40
HO5 CHR B . -7.47 5.47 -11.32
H17 CHR B . -6.84 5.39 -7.42
H181 CHR B . -6.43 2.84 -8.50
H182 CHR B . -7.66 3.57 -9.53
H183 CHR B . -7.93 3.45 -7.80
HO9 CHR B . -2.68 3.79 -8.46
H23 CHR B . -2.27 0.55 -7.95
H24 CHR B . -1.87 -0.49 -5.74
H27 CHR B . -0.49 4.57 -4.00
H311 CHR B . -1.25 5.17 -2.29
H312 CHR B . -0.90 5.26 -0.56
H313 CHR B . 0.33 5.72 -1.73
H29 CHR B . -0.48 1.09 -1.50
H321 CHR B . -2.34 -0.94 -3.42
H322 CHR B . -0.77 -1.26 -4.15
H323 CHR B . -0.90 -1.04 -2.41
H33 CHR B . -4.87 11.73 -0.87
H351 CHR B . -6.23 11.19 -3.34
H352 CHR B . -5.37 12.66 -2.88
N ALA A 1 18.24 -6.30 -13.60
CA ALA A 1 17.52 -6.00 -12.34
C ALA A 1 16.14 -5.40 -12.67
N ALA A 2 15.10 -5.92 -12.08
CA ALA A 2 13.75 -5.39 -12.37
C ALA A 2 13.07 -4.96 -11.06
N PRO A 3 12.15 -4.03 -11.18
CA PRO A 3 11.41 -3.51 -10.01
C PRO A 3 10.65 -4.63 -9.31
N THR A 4 10.32 -4.42 -8.07
CA THR A 4 9.56 -5.45 -7.30
C THR A 4 9.30 -4.88 -5.90
N ALA A 5 8.83 -5.70 -4.99
CA ALA A 5 8.55 -5.17 -3.62
C ALA A 5 8.41 -6.31 -2.64
N THR A 6 9.10 -6.17 -1.55
CA THR A 6 9.02 -7.22 -0.50
C THR A 6 8.28 -6.67 0.69
N VAL A 7 7.12 -7.17 0.85
CA VAL A 7 6.25 -6.73 1.99
C VAL A 7 5.97 -7.91 2.93
N THR A 8 6.00 -7.67 4.22
CA THR A 8 5.75 -8.77 5.19
C THR A 8 5.71 -8.17 6.61
N PRO A 9 4.93 -8.78 7.47
CA PRO A 9 4.13 -9.95 7.13
C PRO A 9 2.90 -9.53 6.33
N SER A 10 2.41 -10.39 5.51
CA SER A 10 1.22 -10.05 4.68
C SER A 10 -0.05 -10.44 5.44
N SER A 11 0.06 -11.38 6.33
CA SER A 11 -1.14 -11.81 7.11
C SER A 11 -0.75 -12.00 8.58
N GLY A 12 -1.72 -12.09 9.45
CA GLY A 12 -1.41 -12.27 10.90
C GLY A 12 -0.98 -10.93 11.48
N LEU A 13 -1.60 -9.89 11.04
CA LEU A 13 -1.25 -8.53 11.48
C LEU A 13 -2.09 -8.11 12.65
N SER A 14 -3.32 -8.40 12.52
CA SER A 14 -4.30 -8.07 13.57
C SER A 14 -4.45 -6.55 13.69
N ASP A 15 -5.64 -6.12 13.99
CA ASP A 15 -5.92 -4.67 14.11
C ASP A 15 -4.91 -3.98 15.03
N GLY A 16 -4.02 -3.21 14.47
CA GLY A 16 -3.05 -2.47 15.32
C GLY A 16 -1.61 -2.93 15.12
N THR A 17 -1.27 -3.69 14.10
CA THR A 17 0.15 -4.08 13.99
C THR A 17 0.83 -3.25 12.91
N VAL A 18 2.04 -3.60 12.65
CA VAL A 18 2.84 -2.86 11.63
C VAL A 18 3.38 -3.83 10.58
N VAL A 19 3.30 -3.44 9.33
CA VAL A 19 3.83 -4.32 8.26
C VAL A 19 5.02 -3.62 7.60
N LYS A 20 5.91 -4.38 7.01
CA LYS A 20 7.09 -3.75 6.36
C LYS A 20 6.99 -3.97 4.85
N VAL A 21 6.72 -2.92 4.11
CA VAL A 21 6.62 -3.06 2.63
C VAL A 21 7.89 -2.49 2.01
N ALA A 22 8.41 -3.10 0.98
CA ALA A 22 9.63 -2.55 0.38
C ALA A 22 9.54 -2.59 -1.14
N GLY A 23 10.34 -1.81 -1.80
CA GLY A 23 10.33 -1.78 -3.27
C GLY A 23 11.77 -1.97 -3.74
N ALA A 24 11.99 -2.64 -4.83
CA ALA A 24 13.39 -2.80 -5.31
C ALA A 24 13.40 -2.81 -6.84
N GLY A 25 14.17 -1.97 -7.48
CA GLY A 25 14.19 -1.97 -8.96
C GLY A 25 13.11 -1.01 -9.49
N LEU A 26 12.75 -0.02 -8.73
CA LEU A 26 11.73 0.93 -9.22
C LEU A 26 12.42 2.06 -9.99
N GLN A 27 11.68 2.89 -10.65
CA GLN A 27 12.32 3.99 -11.42
C GLN A 27 13.38 4.67 -10.57
N ALA A 28 14.61 4.31 -10.83
CA ALA A 28 15.75 4.89 -10.08
C ALA A 28 15.73 6.41 -10.18
N GLY A 29 14.89 7.05 -9.42
CA GLY A 29 14.81 8.53 -9.45
C GLY A 29 13.34 8.95 -9.51
N THR A 30 12.48 8.22 -8.87
CA THR A 30 11.04 8.58 -8.91
C THR A 30 10.38 8.39 -7.55
N ALA A 31 10.13 9.49 -6.88
CA ALA A 31 9.45 9.46 -5.55
C ALA A 31 8.17 8.63 -5.63
N TYR A 32 8.15 7.49 -4.99
CA TYR A 32 6.93 6.63 -5.04
C TYR A 32 6.23 6.67 -3.66
N ASP A 33 4.96 6.37 -3.61
CA ASP A 33 4.26 6.38 -2.28
C ASP A 33 4.14 4.93 -1.82
N VAL A 34 3.87 4.71 -0.56
CA VAL A 34 3.77 3.32 -0.04
C VAL A 34 2.67 3.21 1.02
N GLY A 35 1.63 2.41 0.83
CA GLY A 35 0.58 2.35 1.89
C GLY A 35 -0.37 1.16 1.69
N GLN A 36 -1.35 1.05 2.55
CA GLN A 36 -2.34 -0.05 2.48
C GLN A 36 -3.64 0.50 1.87
N CYS A 37 -3.92 0.10 0.66
CA CYS A 37 -5.17 0.58 0.01
C CYS A 37 -5.93 -0.62 -0.59
N ALA A 38 -7.23 -0.53 -0.65
CA ALA A 38 -8.03 -1.67 -1.19
C ALA A 38 -8.90 -1.20 -2.37
N TRP A 39 -8.99 -1.99 -3.41
CA TRP A 39 -9.86 -1.61 -4.57
C TRP A 39 -11.22 -2.29 -4.38
N VAL A 40 -12.25 -1.54 -4.18
CA VAL A 40 -13.58 -2.17 -3.96
C VAL A 40 -14.45 -2.03 -5.21
N ASP A 41 -13.87 -1.70 -6.33
CA ASP A 41 -14.69 -1.56 -7.57
C ASP A 41 -13.82 -1.01 -8.70
N THR A 42 -14.42 -0.76 -9.83
CA THR A 42 -13.66 -0.24 -10.99
C THR A 42 -13.25 1.22 -10.74
N GLY A 43 -12.05 1.43 -10.31
CA GLY A 43 -11.57 2.82 -10.06
C GLY A 43 -11.97 3.30 -8.64
N VAL A 44 -12.12 2.41 -7.70
CA VAL A 44 -12.48 2.84 -6.34
C VAL A 44 -11.32 2.43 -5.40
N LEU A 45 -10.49 3.36 -4.95
CA LEU A 45 -9.35 2.96 -4.10
C LEU A 45 -9.48 3.61 -2.71
N ALA A 46 -9.87 2.84 -1.70
CA ALA A 46 -9.99 3.42 -0.33
C ALA A 46 -8.71 3.08 0.43
N CYS A 47 -7.87 4.06 0.69
CA CYS A 47 -6.60 3.76 1.41
C CYS A 47 -6.68 4.29 2.85
N ASN A 48 -5.80 3.80 3.70
CA ASN A 48 -5.82 4.27 5.13
C ASN A 48 -4.65 5.22 5.38
N PRO A 49 -4.92 6.34 6.06
CA PRO A 49 -3.88 7.35 6.35
C PRO A 49 -2.90 6.88 7.44
N ALA A 50 -2.74 5.60 7.66
CA ALA A 50 -1.78 5.14 8.70
C ALA A 50 -0.68 4.31 8.04
N ASP A 51 -0.65 4.31 6.73
CA ASP A 51 0.39 3.55 6.01
C ASP A 51 0.89 4.42 4.87
N PHE A 52 0.58 5.68 4.92
CA PHE A 52 1.01 6.58 3.81
C PHE A 52 2.47 6.98 3.96
N SER A 53 3.38 6.21 3.42
CA SER A 53 4.82 6.58 3.49
C SER A 53 5.27 7.00 2.10
N SER A 54 6.55 7.13 1.85
CA SER A 54 6.99 7.56 0.50
C SER A 54 8.50 7.68 0.42
N VAL A 55 9.07 7.23 -0.66
CA VAL A 55 10.54 7.32 -0.87
C VAL A 55 10.81 7.29 -2.38
N THR A 56 11.91 7.81 -2.83
CA THR A 56 12.19 7.79 -4.28
C THR A 56 13.11 6.64 -4.63
N ALA A 57 12.87 6.02 -5.75
CA ALA A 57 13.75 4.91 -6.17
C ALA A 57 15.18 5.45 -6.36
N ASP A 58 16.03 5.11 -5.45
CA ASP A 58 17.45 5.56 -5.50
C ASP A 58 18.15 5.05 -6.77
N ALA A 59 19.37 4.60 -6.64
CA ALA A 59 20.15 4.11 -7.83
C ALA A 59 19.34 3.09 -8.62
N ASN A 60 18.84 2.11 -7.95
CA ASN A 60 18.00 1.08 -8.63
C ASN A 60 16.56 1.41 -8.28
N GLY A 61 16.39 1.88 -7.08
CA GLY A 61 15.06 2.28 -6.60
C GLY A 61 14.58 1.33 -5.51
N SER A 62 15.29 1.28 -4.41
CA SER A 62 14.87 0.39 -3.30
C SER A 62 14.22 1.24 -2.24
N ALA A 63 13.03 0.88 -1.84
CA ALA A 63 12.33 1.68 -0.81
C ALA A 63 11.67 0.76 0.21
N SER A 64 12.19 0.72 1.40
CA SER A 64 11.59 -0.17 2.45
C SER A 64 11.16 0.67 3.64
N THR A 65 9.89 0.63 3.96
CA THR A 65 9.39 1.41 5.11
C THR A 65 8.33 0.59 5.85
N SER A 66 8.29 0.71 7.15
CA SER A 66 7.28 -0.07 7.94
C SER A 66 6.14 0.86 8.34
N LEU A 67 4.94 0.37 8.35
CA LEU A 67 3.77 1.22 8.73
C LEU A 67 2.73 0.36 9.46
N THR A 68 1.62 0.95 9.85
CA THR A 68 0.58 0.16 10.59
C THR A 68 -0.61 -0.16 9.67
N VAL A 69 -0.97 -1.41 9.55
CA VAL A 69 -2.13 -1.76 8.66
C VAL A 69 -3.06 -2.75 9.38
N ARG A 70 -4.35 -2.66 9.19
CA ARG A 70 -5.24 -3.63 9.88
C ARG A 70 -6.49 -3.92 9.05
N ARG A 71 -7.36 -4.75 9.58
CA ARG A 71 -8.60 -5.13 8.86
C ARG A 71 -9.34 -3.86 8.44
N SER A 72 -10.36 -3.46 9.17
CA SER A 72 -11.08 -2.22 8.79
C SER A 72 -10.08 -1.09 8.77
N PHE A 73 -10.17 -0.21 7.82
CA PHE A 73 -9.18 0.87 7.75
C PHE A 73 -9.72 2.00 6.88
N GLU A 74 -9.55 3.22 7.33
CA GLU A 74 -10.06 4.40 6.59
C GLU A 74 -9.99 4.15 5.08
N GLY A 75 -11.11 4.21 4.41
CA GLY A 75 -11.11 3.97 2.94
C GLY A 75 -11.02 5.29 2.16
N PHE A 76 -10.07 6.13 2.47
CA PHE A 76 -9.93 7.43 1.72
C PHE A 76 -10.21 7.21 0.22
N LEU A 77 -11.26 7.83 -0.31
CA LEU A 77 -11.58 7.64 -1.76
C LEU A 77 -10.79 8.68 -2.60
N PHE A 78 -10.04 8.25 -3.59
CA PHE A 78 -9.27 9.23 -4.42
C PHE A 78 -10.23 10.14 -5.19
N ASP A 79 -11.08 10.86 -4.50
CA ASP A 79 -12.04 11.75 -5.20
C ASP A 79 -12.55 12.81 -4.21
N GLY A 80 -11.84 13.05 -3.14
CA GLY A 80 -12.28 14.07 -2.16
C GLY A 80 -13.25 13.45 -1.15
N THR A 81 -13.98 12.44 -1.55
CA THR A 81 -14.96 11.82 -0.62
C THR A 81 -14.34 10.59 0.06
N ARG A 82 -14.91 10.20 1.16
CA ARG A 82 -14.39 9.01 1.91
C ARG A 82 -15.35 7.83 1.67
N TRP A 83 -14.83 6.65 1.47
CA TRP A 83 -15.73 5.48 1.21
C TRP A 83 -16.24 4.89 2.54
N GLY A 84 -15.57 5.18 3.62
CA GLY A 84 -15.99 4.63 4.94
C GLY A 84 -14.91 3.67 5.43
N THR A 85 -15.07 3.15 6.61
CA THR A 85 -14.07 2.19 7.14
C THR A 85 -14.13 0.93 6.26
N VAL A 86 -13.17 0.75 5.41
CA VAL A 86 -13.17 -0.42 4.51
C VAL A 86 -12.73 -1.65 5.30
N ASP A 87 -13.66 -2.52 5.60
CA ASP A 87 -13.33 -3.75 6.37
C ASP A 87 -12.41 -4.65 5.56
N CYS A 88 -11.16 -4.81 5.94
CA CYS A 88 -10.28 -5.70 5.13
C CYS A 88 -10.81 -7.14 5.16
N THR A 89 -11.83 -7.41 5.94
CA THR A 89 -12.38 -8.79 5.97
C THR A 89 -13.42 -8.96 4.86
N THR A 90 -13.66 -7.92 4.11
CA THR A 90 -14.65 -8.00 3.01
C THR A 90 -13.92 -7.90 1.68
N ALA A 91 -13.08 -6.91 1.53
CA ALA A 91 -12.33 -6.75 0.26
C ALA A 91 -10.88 -7.17 0.48
N ALA A 92 -10.07 -7.07 -0.54
CA ALA A 92 -8.63 -7.46 -0.39
C ALA A 92 -7.78 -6.19 -0.32
N CYS A 93 -7.12 -5.95 0.79
CA CYS A 93 -6.28 -4.72 0.91
C CYS A 93 -4.83 -5.06 0.58
N GLN A 94 -4.27 -4.41 -0.41
CA GLN A 94 -2.88 -4.70 -0.78
C GLN A 94 -1.94 -3.64 -0.26
N VAL A 95 -0.76 -4.07 0.07
CA VAL A 95 0.27 -3.12 0.54
C VAL A 95 1.25 -2.94 -0.60
N GLY A 96 1.27 -1.80 -1.22
CA GLY A 96 2.19 -1.64 -2.38
C GLY A 96 2.68 -0.20 -2.50
N LEU A 97 3.33 0.10 -3.60
CA LEU A 97 3.86 1.47 -3.81
C LEU A 97 3.10 2.11 -4.96
N SER A 98 3.44 3.32 -5.29
CA SER A 98 2.72 4.03 -6.39
C SER A 98 3.35 5.40 -6.60
N ASP A 99 2.98 6.10 -7.64
CA ASP A 99 3.56 7.45 -7.88
C ASP A 99 2.42 8.47 -8.04
N ALA A 100 2.67 9.58 -8.67
CA ALA A 100 1.60 10.60 -8.85
C ALA A 100 1.31 10.77 -10.34
N ALA A 101 1.38 9.71 -11.09
CA ALA A 101 1.12 9.80 -12.55
C ALA A 101 -0.15 9.02 -12.91
N GLY A 102 -0.41 7.93 -12.23
CA GLY A 102 -1.61 7.14 -12.54
C GLY A 102 -1.47 5.78 -11.89
N ASN A 103 -0.27 5.27 -11.84
CA ASN A 103 -0.05 3.97 -11.21
C ASN A 103 1.44 3.76 -10.95
N GLY A 104 1.78 2.63 -10.43
CA GLY A 104 3.20 2.30 -10.10
C GLY A 104 3.31 0.78 -9.89
N PRO A 105 4.37 0.31 -9.25
CA PRO A 105 4.50 -1.14 -9.00
C PRO A 105 3.19 -1.71 -8.45
N GLU A 106 3.14 -2.99 -8.20
CA GLU A 106 1.88 -3.60 -7.69
C GLU A 106 1.89 -3.62 -6.16
N GLY A 107 0.86 -4.17 -5.57
CA GLY A 107 0.79 -4.22 -4.08
C GLY A 107 0.72 -5.68 -3.62
N VAL A 108 0.98 -5.92 -2.36
CA VAL A 108 0.95 -7.29 -1.84
C VAL A 108 -0.38 -7.52 -1.11
N ALA A 109 -1.04 -8.58 -1.44
CA ALA A 109 -2.35 -8.90 -0.79
C ALA A 109 -2.10 -9.41 0.63
N ILE A 110 -2.66 -8.76 1.61
CA ILE A 110 -2.44 -9.23 3.01
C ILE A 110 -3.65 -10.07 3.44
N SER A 111 -3.55 -10.73 4.56
CA SER A 111 -4.69 -11.56 5.03
C SER A 111 -4.91 -11.34 6.53
N PHE A 112 -6.11 -11.57 7.01
CA PHE A 112 -6.39 -11.36 8.44
C PHE A 112 -6.99 -12.65 9.03
N ASN A 113 -6.25 -13.34 9.86
CA ASN A 113 -6.79 -14.59 10.46
C ASN A 113 -7.93 -14.26 11.43
C1 CHR B . -3.77 7.92 -3.93
C2 CHR B . -4.22 8.77 -2.86
C3 CHR B . -4.83 9.37 -2.04
C4 CHR B . -5.84 9.91 -1.13
O2 CHR B . -6.36 9.05 -0.07
C5 CHR B . -7.15 9.13 -1.29
C6 CHR B . -6.97 8.06 -2.31
C7 CHR B . -6.58 7.29 -3.14
C8 CHR B . -5.86 6.52 -4.13
C9 CHR B . -4.65 6.93 -4.56
C10 CHR B . -3.98 6.37 -5.78
O1 CHR B . -4.55 6.93 -6.97
C11 CHR B . -2.52 6.84 -5.61
O6 CHR B . -1.73 5.73 -5.21
C12 CHR B . -2.59 7.87 -4.51
C13 CHR B . -4.35 6.28 -8.22
O3 CHR B . -5.17 5.13 -8.29
C14 CHR B . -4.73 7.24 -9.35
N1 CHR B . -3.96 8.50 -9.21
C19 CHR B . -2.59 8.61 -9.80
C15 CHR B . -6.23 7.53 -9.28
O4 CHR B . -6.59 8.40 -10.34
C16 CHR B . -7.01 6.22 -9.40
O5 CHR B . -6.74 5.63 -10.66
C17 CHR B . -6.59 5.27 -8.28
C18 CHR B . -7.23 3.89 -8.51
C20 CHR B . -1.42 5.00 -6.27
O7 CHR B . -1.06 5.52 -7.31
C21 CHR B . -1.55 3.55 -6.11
C22 CHR B . -2.02 2.78 -7.19
O9 CHR B . -2.30 3.40 -8.40
C23 CHR B . -2.22 1.41 -7.03
C24 CHR B . -1.94 0.79 -5.81
C25 CHR B . -1.45 1.55 -4.73
C26 CHR B . -1.25 2.92 -4.88
C27 CHR B . -0.75 3.69 -3.81
C28 CHR B . -0.48 3.05 -2.58
O8 CHR B . 0.03 3.79 -1.51
C31 CHR B . -0.31 5.17 -1.49
C29 CHR B . -0.68 1.68 -2.44
C30 CHR B . -1.17 0.93 -3.52
C32 CHR B . -1.40 -0.57 -3.36
C33 CHR B . -5.92 11.42 -0.93
O10 CHR B . -6.99 11.75 -0.07
C34 CHR B . -7.81 12.52 -0.79
O11 CHR B . -8.83 12.95 -0.33
O12 CHR B . -7.47 12.77 -2.05
C35 CHR B . -6.22 12.10 -2.26
H5 CHR B . -8.09 9.66 -1.28
H8 CHR B . -6.29 5.62 -4.53
H10 CHR B . -4.04 5.30 -5.81
H11 CHR B . -2.13 7.27 -6.52
H12 CHR B . -1.76 8.50 -4.23
H13 CHR B . -3.31 5.99 -8.32
H14 CHR B . -4.50 6.77 -10.30
H191 CHR B . -1.97 9.24 -9.17
H192 CHR B . -2.15 7.63 -9.87
H193 CHR B . -2.66 9.05 -10.78
H15 CHR B . -6.45 8.01 -8.34
HO4 CHR B . -6.23 8.03 -11.16
H16 CHR B . -8.06 6.42 -9.31
HO5 CHR B . -7.39 5.94 -11.29
H17 CHR B . -6.91 5.66 -7.33
H181 CHR B . -7.76 3.90 -9.45
H182 CHR B . -6.46 3.14 -8.54
H183 CHR B . -7.92 3.69 -7.71
HO9 CHR B . -1.85 4.25 -8.44
H23 CHR B . -2.58 0.82 -7.87
H24 CHR B . -2.08 -0.28 -5.69
H27 CHR B . -0.56 4.73 -3.92
H311 CHR B . 0.33 5.71 -2.19
H312 CHR B . -0.16 5.57 -0.51
H313 CHR B . -1.33 5.30 -1.78
H29 CHR B . -0.47 1.19 -1.50
H321 CHR B . -0.76 -1.11 -4.04
H322 CHR B . -1.17 -0.86 -2.34
H323 CHR B . -2.44 -0.79 -3.58
H33 CHR B . -4.98 11.78 -0.53
H351 CHR B . -6.33 11.36 -3.04
H352 CHR B . -5.45 12.81 -2.51
N ALA A 1 17.93 -5.80 -14.15
CA ALA A 1 17.20 -5.73 -12.85
C ALA A 1 15.81 -5.14 -13.07
N ALA A 2 14.81 -5.70 -12.44
CA ALA A 2 13.43 -5.18 -12.61
C ALA A 2 12.84 -4.79 -11.25
N PRO A 3 11.93 -3.87 -11.26
CA PRO A 3 11.26 -3.39 -10.04
C PRO A 3 10.53 -4.53 -9.34
N THR A 4 10.26 -4.38 -8.08
CA THR A 4 9.54 -5.43 -7.31
C THR A 4 9.25 -4.88 -5.91
N ALA A 5 8.81 -5.70 -5.01
CA ALA A 5 8.50 -5.19 -3.64
C ALA A 5 8.36 -6.32 -2.66
N THR A 6 9.03 -6.19 -1.57
CA THR A 6 8.94 -7.25 -0.53
C THR A 6 8.23 -6.69 0.68
N VAL A 7 7.06 -7.15 0.86
CA VAL A 7 6.21 -6.70 2.00
C VAL A 7 5.95 -7.87 2.96
N THR A 8 5.99 -7.62 4.25
CA THR A 8 5.75 -8.71 5.23
C THR A 8 5.72 -8.09 6.64
N PRO A 9 4.94 -8.70 7.51
CA PRO A 9 4.14 -9.88 7.19
C PRO A 9 2.90 -9.44 6.41
N SER A 10 2.40 -10.30 5.58
CA SER A 10 1.19 -9.96 4.78
C SER A 10 -0.07 -10.35 5.55
N SER A 11 0.05 -11.30 6.44
CA SER A 11 -1.14 -11.74 7.22
C SER A 11 -0.74 -11.91 8.71
N GLY A 12 -1.72 -11.99 9.57
CA GLY A 12 -1.42 -12.15 11.03
C GLY A 12 -0.96 -10.80 11.58
N LEU A 13 -1.59 -9.76 11.13
CA LEU A 13 -1.24 -8.40 11.56
C LEU A 13 -2.06 -7.98 12.75
N SER A 14 -3.27 -8.27 12.64
CA SER A 14 -4.24 -7.94 13.72
C SER A 14 -4.41 -6.42 13.83
N ASP A 15 -5.59 -6.00 14.16
CA ASP A 15 -5.89 -4.55 14.28
C ASP A 15 -4.87 -3.85 15.17
N GLY A 16 -4.01 -3.07 14.58
CA GLY A 16 -3.04 -2.32 15.40
C GLY A 16 -1.58 -2.77 15.19
N THR A 17 -1.25 -3.52 14.15
CA THR A 17 0.16 -3.89 14.02
C THR A 17 0.80 -3.09 12.90
N VAL A 18 1.99 -3.42 12.60
CA VAL A 18 2.72 -2.70 11.53
C VAL A 18 3.32 -3.68 10.52
N VAL A 19 3.20 -3.38 9.24
CA VAL A 19 3.78 -4.28 8.22
C VAL A 19 4.97 -3.58 7.56
N LYS A 20 5.88 -4.33 7.00
CA LYS A 20 7.05 -3.70 6.34
C LYS A 20 6.96 -3.92 4.84
N VAL A 21 6.70 -2.89 4.10
CA VAL A 21 6.60 -3.05 2.62
C VAL A 21 7.87 -2.49 1.99
N ALA A 22 8.39 -3.13 0.98
CA ALA A 22 9.64 -2.59 0.37
C ALA A 22 9.52 -2.62 -1.15
N GLY A 23 10.32 -1.84 -1.80
CA GLY A 23 10.30 -1.79 -3.26
C GLY A 23 11.73 -1.95 -3.76
N ALA A 24 11.94 -2.61 -4.86
CA ALA A 24 13.33 -2.76 -5.36
C ALA A 24 13.33 -2.75 -6.88
N GLY A 25 14.09 -1.89 -7.52
CA GLY A 25 14.08 -1.88 -9.01
C GLY A 25 13.00 -0.92 -9.51
N LEU A 26 12.63 0.06 -8.73
CA LEU A 26 11.59 1.00 -9.20
C LEU A 26 12.27 2.15 -9.96
N GLN A 27 11.51 2.96 -10.62
CA GLN A 27 12.12 4.08 -11.39
C GLN A 27 13.19 4.76 -10.55
N ALA A 28 14.42 4.42 -10.82
CA ALA A 28 15.56 5.01 -10.07
C ALA A 28 15.52 6.53 -10.15
N GLY A 29 14.68 7.15 -9.39
CA GLY A 29 14.58 8.63 -9.42
C GLY A 29 13.10 9.04 -9.45
N THR A 30 12.25 8.29 -8.81
CA THR A 30 10.81 8.63 -8.83
C THR A 30 10.18 8.43 -7.45
N ALA A 31 9.92 9.51 -6.77
CA ALA A 31 9.26 9.46 -5.42
C ALA A 31 7.99 8.61 -5.51
N TYR A 32 7.98 7.46 -4.89
CA TYR A 32 6.77 6.60 -4.93
C TYR A 32 6.12 6.59 -3.53
N ASP A 33 4.84 6.31 -3.45
CA ASP A 33 4.17 6.28 -2.12
C ASP A 33 4.09 4.82 -1.67
N VAL A 34 3.81 4.58 -0.41
CA VAL A 34 3.76 3.17 0.07
C VAL A 34 2.66 3.04 1.16
N GLY A 35 1.61 2.27 0.94
CA GLY A 35 0.57 2.17 2.01
C GLY A 35 -0.40 1.00 1.77
N GLN A 36 -1.40 0.91 2.63
CA GLN A 36 -2.40 -0.17 2.53
C GLN A 36 -3.67 0.38 1.87
N CYS A 37 -3.94 -0.02 0.67
CA CYS A 37 -5.15 0.48 -0.03
C CYS A 37 -5.93 -0.70 -0.60
N ALA A 38 -7.24 -0.59 -0.68
CA ALA A 38 -8.05 -1.71 -1.22
C ALA A 38 -8.92 -1.25 -2.40
N TRP A 39 -9.02 -2.04 -3.44
CA TRP A 39 -9.88 -1.65 -4.59
C TRP A 39 -11.24 -2.33 -4.40
N VAL A 40 -12.28 -1.58 -4.21
CA VAL A 40 -13.61 -2.18 -3.98
C VAL A 40 -14.48 -2.05 -5.23
N ASP A 41 -13.91 -1.73 -6.35
CA ASP A 41 -14.72 -1.58 -7.59
C ASP A 41 -13.85 -1.08 -8.74
N THR A 42 -14.45 -0.81 -9.87
CA THR A 42 -13.67 -0.31 -11.02
C THR A 42 -13.28 1.15 -10.79
N GLY A 43 -12.08 1.36 -10.35
CA GLY A 43 -11.60 2.76 -10.11
C GLY A 43 -11.98 3.25 -8.71
N VAL A 44 -12.13 2.37 -7.75
CA VAL A 44 -12.48 2.82 -6.38
C VAL A 44 -11.32 2.39 -5.46
N LEU A 45 -10.49 3.31 -5.00
CA LEU A 45 -9.33 2.91 -4.15
C LEU A 45 -9.46 3.56 -2.77
N ALA A 46 -9.84 2.80 -1.76
CA ALA A 46 -9.95 3.40 -0.40
C ALA A 46 -8.67 3.05 0.37
N CYS A 47 -7.82 4.01 0.62
CA CYS A 47 -6.55 3.71 1.34
C CYS A 47 -6.60 4.27 2.76
N ASN A 48 -5.73 3.79 3.61
CA ASN A 48 -5.72 4.29 5.03
C ASN A 48 -4.49 5.17 5.26
N PRO A 49 -4.70 6.36 5.80
CA PRO A 49 -3.60 7.30 6.08
C PRO A 49 -2.72 6.83 7.25
N ALA A 50 -2.74 5.57 7.61
CA ALA A 50 -1.90 5.09 8.73
C ALA A 50 -0.75 4.25 8.17
N ASP A 51 -0.67 4.17 6.87
CA ASP A 51 0.42 3.39 6.23
C ASP A 51 0.89 4.19 5.03
N PHE A 52 0.58 5.46 5.00
CA PHE A 52 0.98 6.30 3.85
C PHE A 52 2.42 6.77 3.99
N SER A 53 3.35 5.98 3.53
CA SER A 53 4.78 6.42 3.61
C SER A 53 5.21 6.87 2.21
N SER A 54 6.49 7.02 1.95
CA SER A 54 6.89 7.48 0.60
C SER A 54 8.42 7.63 0.51
N VAL A 55 8.97 7.18 -0.58
CA VAL A 55 10.44 7.29 -0.80
C VAL A 55 10.69 7.28 -2.31
N THR A 56 11.78 7.82 -2.76
CA THR A 56 12.04 7.83 -4.23
C THR A 56 12.98 6.69 -4.59
N ALA A 57 12.73 6.07 -5.70
CA ALA A 57 13.63 4.98 -6.14
C ALA A 57 15.03 5.52 -6.36
N ASP A 58 15.91 5.19 -5.47
CA ASP A 58 17.32 5.66 -5.56
C ASP A 58 18.01 5.13 -6.83
N ALA A 59 19.24 4.70 -6.71
CA ALA A 59 20.00 4.20 -7.90
C ALA A 59 19.18 3.17 -8.67
N ASN A 60 18.69 2.19 -8.00
CA ASN A 60 17.85 1.16 -8.67
C ASN A 60 16.42 1.46 -8.29
N GLY A 61 16.26 1.97 -7.11
CA GLY A 61 14.94 2.36 -6.60
C GLY A 61 14.48 1.39 -5.52
N SER A 62 15.21 1.33 -4.43
CA SER A 62 14.81 0.42 -3.32
C SER A 62 14.15 1.27 -2.24
N ALA A 63 12.98 0.88 -1.84
CA ALA A 63 12.27 1.67 -0.80
C ALA A 63 11.64 0.73 0.22
N SER A 64 12.16 0.69 1.41
CA SER A 64 11.58 -0.20 2.45
C SER A 64 11.16 0.63 3.66
N THR A 65 9.89 0.59 3.98
CA THR A 65 9.40 1.38 5.14
C THR A 65 8.29 0.60 5.85
N SER A 66 8.21 0.70 7.14
CA SER A 66 7.16 -0.03 7.88
C SER A 66 5.98 0.91 8.18
N LEU A 67 4.78 0.39 8.14
CA LEU A 67 3.59 1.24 8.40
C LEU A 67 2.56 0.43 9.20
N THR A 68 1.62 1.08 9.82
CA THR A 68 0.60 0.34 10.62
C THR A 68 -0.62 0.02 9.73
N VAL A 69 -0.99 -1.23 9.61
CA VAL A 69 -2.16 -1.57 8.76
C VAL A 69 -3.03 -2.62 9.47
N ARG A 70 -4.33 -2.57 9.33
CA ARG A 70 -5.17 -3.60 10.03
C ARG A 70 -6.30 -4.07 9.12
N ARG A 71 -7.24 -4.79 9.68
CA ARG A 71 -8.38 -5.30 8.87
C ARG A 71 -9.21 -4.11 8.37
N SER A 72 -9.97 -3.49 9.25
CA SER A 72 -10.75 -2.30 8.81
C SER A 72 -9.79 -1.15 8.73
N PHE A 73 -9.96 -0.26 7.80
CA PHE A 73 -8.98 0.81 7.70
C PHE A 73 -9.51 1.95 6.84
N GLU A 74 -9.26 3.17 7.26
CA GLU A 74 -9.76 4.36 6.53
C GLU A 74 -9.73 4.09 5.02
N GLY A 75 -10.86 4.19 4.39
CA GLY A 75 -10.93 3.93 2.91
C GLY A 75 -10.86 5.25 2.12
N PHE A 76 -9.88 6.08 2.39
CA PHE A 76 -9.77 7.39 1.64
C PHE A 76 -10.10 7.15 0.14
N LEU A 77 -11.17 7.72 -0.36
CA LEU A 77 -11.54 7.52 -1.80
C LEU A 77 -10.78 8.55 -2.67
N PHE A 78 -10.05 8.10 -3.68
CA PHE A 78 -9.32 9.08 -4.56
C PHE A 78 -10.34 9.93 -5.32
N ASP A 79 -11.19 10.64 -4.62
CA ASP A 79 -12.20 11.49 -5.32
C ASP A 79 -12.63 12.63 -4.39
N GLY A 80 -11.87 12.88 -3.35
CA GLY A 80 -12.23 13.99 -2.42
C GLY A 80 -13.12 13.46 -1.29
N THR A 81 -13.86 12.40 -1.53
CA THR A 81 -14.75 11.87 -0.47
C THR A 81 -14.13 10.62 0.18
N ARG A 82 -14.65 10.24 1.30
CA ARG A 82 -14.12 9.05 2.02
C ARG A 82 -15.12 7.89 1.83
N TRP A 83 -14.64 6.70 1.56
CA TRP A 83 -15.57 5.55 1.35
C TRP A 83 -16.05 4.99 2.70
N GLY A 84 -15.33 5.26 3.75
CA GLY A 84 -15.71 4.74 5.09
C GLY A 84 -14.65 3.74 5.54
N THR A 85 -14.78 3.23 6.74
CA THR A 85 -13.78 2.24 7.22
C THR A 85 -13.90 1.00 6.34
N VAL A 86 -12.96 0.79 5.47
CA VAL A 86 -13.01 -0.38 4.57
C VAL A 86 -12.59 -1.63 5.33
N ASP A 87 -13.53 -2.49 5.64
CA ASP A 87 -13.21 -3.73 6.40
C ASP A 87 -12.38 -4.67 5.52
N CYS A 88 -11.13 -4.91 5.87
CA CYS A 88 -10.32 -5.84 5.02
C CYS A 88 -10.99 -7.22 4.94
N THR A 89 -12.03 -7.47 5.69
CA THR A 89 -12.69 -8.81 5.63
C THR A 89 -13.73 -8.82 4.49
N THR A 90 -13.95 -7.70 3.87
CA THR A 90 -14.94 -7.64 2.77
C THR A 90 -14.20 -7.62 1.44
N ALA A 91 -13.21 -6.78 1.33
CA ALA A 91 -12.43 -6.70 0.06
C ALA A 91 -10.99 -7.16 0.32
N ALA A 92 -10.16 -7.11 -0.69
CA ALA A 92 -8.75 -7.54 -0.51
C ALA A 92 -7.86 -6.29 -0.39
N CYS A 93 -7.20 -6.10 0.74
CA CYS A 93 -6.35 -4.89 0.90
C CYS A 93 -4.90 -5.24 0.56
N GLN A 94 -4.33 -4.56 -0.40
CA GLN A 94 -2.94 -4.84 -0.79
C GLN A 94 -1.99 -3.78 -0.27
N VAL A 95 -0.82 -4.21 0.06
CA VAL A 95 0.22 -3.25 0.54
C VAL A 95 1.18 -3.05 -0.62
N GLY A 96 1.18 -1.89 -1.21
CA GLY A 96 2.09 -1.71 -2.38
C GLY A 96 2.59 -0.27 -2.47
N LEU A 97 3.25 0.05 -3.55
CA LEU A 97 3.80 1.42 -3.73
C LEU A 97 3.12 2.07 -4.93
N SER A 98 3.47 3.30 -5.20
CA SER A 98 2.84 4.01 -6.35
C SER A 98 3.57 5.33 -6.58
N ASP A 99 3.32 5.99 -7.68
CA ASP A 99 4.00 7.29 -7.94
C ASP A 99 2.95 8.40 -8.05
N ALA A 100 3.25 9.49 -8.69
CA ALA A 100 2.25 10.59 -8.82
C ALA A 100 1.93 10.80 -10.30
N ALA A 101 1.90 9.74 -11.07
CA ALA A 101 1.60 9.89 -12.52
C ALA A 101 0.28 9.19 -12.86
N GLY A 102 -0.06 8.13 -12.17
CA GLY A 102 -1.33 7.42 -12.47
C GLY A 102 -1.25 6.04 -11.83
N ASN A 103 -0.08 5.46 -11.83
CA ASN A 103 0.07 4.14 -11.21
C ASN A 103 1.54 3.87 -10.93
N GLY A 104 1.82 2.71 -10.43
CA GLY A 104 3.23 2.34 -10.09
C GLY A 104 3.28 0.81 -9.88
N PRO A 105 4.33 0.29 -9.23
CA PRO A 105 4.42 -1.15 -9.00
C PRO A 105 3.09 -1.69 -8.45
N GLU A 106 2.99 -2.98 -8.21
CA GLU A 106 1.72 -3.55 -7.70
C GLU A 106 1.73 -3.59 -6.18
N GLY A 107 0.73 -4.20 -5.59
CA GLY A 107 0.66 -4.29 -4.10
C GLY A 107 0.63 -5.75 -3.66
N VAL A 108 0.91 -6.00 -2.41
CA VAL A 108 0.92 -7.38 -1.90
C VAL A 108 -0.41 -7.64 -1.17
N ALA A 109 -1.03 -8.73 -1.47
CA ALA A 109 -2.31 -9.07 -0.81
C ALA A 109 -2.05 -9.53 0.61
N ILE A 110 -2.62 -8.86 1.58
CA ILE A 110 -2.40 -9.27 3.00
C ILE A 110 -3.60 -10.11 3.45
N SER A 111 -3.51 -10.71 4.61
CA SER A 111 -4.65 -11.54 5.11
C SER A 111 -4.89 -11.26 6.58
N PHE A 112 -6.09 -11.45 7.05
CA PHE A 112 -6.40 -11.17 8.48
C PHE A 112 -7.12 -12.37 9.10
N ASN A 113 -6.38 -13.26 9.73
CA ASN A 113 -7.03 -14.44 10.35
C ASN A 113 -8.03 -13.98 11.42
C1 CHR B . -3.74 7.82 -4.02
C2 CHR B . -4.19 8.69 -2.98
C3 CHR B . -4.82 9.30 -2.16
C4 CHR B . -5.86 9.84 -1.28
O2 CHR B . -6.39 8.99 -0.22
C5 CHR B . -7.15 9.06 -1.47
C6 CHR B . -6.96 7.99 -2.48
C7 CHR B . -6.56 7.23 -3.30
C8 CHR B . -5.83 6.45 -4.27
C9 CHR B . -4.60 6.84 -4.67
C10 CHR B . -3.90 6.28 -5.88
O1 CHR B . -4.43 6.84 -7.08
C11 CHR B . -2.44 6.72 -5.67
O6 CHR B . -1.68 5.60 -5.24
C12 CHR B . -2.53 7.76 -4.57
C13 CHR B . -4.18 6.20 -8.33
O3 CHR B . -4.99 5.04 -8.42
C14 CHR B . -4.54 7.16 -9.46
N1 CHR B . -3.78 8.43 -9.30
C19 CHR B . -2.37 8.52 -9.80
C15 CHR B . -6.03 7.45 -9.43
O4 CHR B . -6.37 8.32 -10.50
C16 CHR B . -6.81 6.13 -9.58
O5 CHR B . -6.51 5.55 -10.84
C17 CHR B . -6.41 5.16 -8.46
C18 CHR B . -7.03 3.78 -8.74
C20 CHR B . -1.36 4.86 -6.28
O7 CHR B . -0.96 5.35 -7.32
C21 CHR B . -1.51 3.41 -6.10
C22 CHR B . -1.99 2.63 -7.17
O9 CHR B . -2.24 3.24 -8.40
C23 CHR B . -2.21 1.27 -7.00
C24 CHR B . -1.95 0.66 -5.77
C25 CHR B . -1.47 1.43 -4.70
C26 CHR B . -1.24 2.80 -4.86
C27 CHR B . -0.75 3.56 -3.79
C28 CHR B . -0.49 2.94 -2.56
O8 CHR B . 0.00 3.70 -1.49
C31 CHR B . -0.35 5.07 -1.48
C29 CHR B . -0.73 1.57 -2.39
C30 CHR B . -1.22 0.81 -3.47
C32 CHR B . -1.49 -0.67 -3.29
C33 CHR B . -5.92 11.35 -1.09
O10 CHR B . -7.04 11.70 -0.29
C34 CHR B . -7.80 12.48 -1.06
O11 CHR B . -8.83 12.94 -0.64
O12 CHR B . -7.38 12.73 -2.29
C35 CHR B . -6.16 12.03 -2.43
H5 CHR B . -8.10 9.60 -1.47
H8 CHR B . -6.25 5.55 -4.68
H10 CHR B . -3.99 5.20 -5.90
H11 CHR B . -2.02 7.13 -6.57
H12 CHR B . -1.71 8.38 -4.29
H13 CHR B . -3.14 5.92 -8.39
H14 CHR B . -4.28 6.70 -10.41
H191 CHR B . -1.71 8.78 -8.97
H192 CHR B . -2.31 9.28 -10.56
H193 CHR B . -2.06 7.57 -10.21
H15 CHR B . -6.29 7.91 -8.48
HO4 CHR B . -7.28 8.15 -10.74
H16 CHR B . -7.86 6.33 -9.52
HO5 CHR B . -7.31 5.57 -11.37
H17 CHR B . -6.76 5.54 -7.52
H181 CHR B . -7.82 3.61 -8.03
H182 CHR B . -7.43 3.78 -9.73
H183 CHR B . -6.27 3.03 -8.64
HO9 CHR B . -1.60 2.93 -9.04
H23 CHR B . -2.58 0.68 -7.83
H24 CHR B . -2.13 -0.40 -5.64
H27 CHR B . -0.54 4.61 -3.91
H311 CHR B . -1.41 5.17 -1.64
H312 CHR B . -0.09 5.50 -0.52
H313 CHR B . 0.18 5.58 -2.26
H29 CHR B . -0.54 1.10 -1.44
H321 CHR B . -1.09 -0.99 -2.34
H322 CHR B . -1.00 -1.22 -4.08
H323 CHR B . -2.55 -0.84 -3.32
H33 CHR B . -5.01 11.71 -0.64
H351 CHR B . -6.23 11.30 -3.22
H352 CHR B . -5.36 12.73 -2.64
N ALA A 1 17.10 -3.39 -14.69
CA ALA A 1 16.59 -3.29 -13.29
C ALA A 1 15.29 -4.09 -13.18
N ALA A 2 15.05 -4.71 -12.05
CA ALA A 2 13.81 -5.50 -11.89
C ALA A 2 13.07 -5.01 -10.63
N PRO A 3 12.10 -4.17 -10.82
CA PRO A 3 11.30 -3.61 -9.71
C PRO A 3 10.63 -4.74 -8.93
N THR A 4 10.29 -4.48 -7.71
CA THR A 4 9.63 -5.50 -6.86
C THR A 4 9.36 -4.88 -5.49
N ALA A 5 8.98 -5.66 -4.52
CA ALA A 5 8.69 -5.08 -3.18
C ALA A 5 8.59 -6.15 -2.13
N THR A 6 9.24 -5.92 -1.03
CA THR A 6 9.19 -6.92 0.06
C THR A 6 8.23 -6.47 1.13
N VAL A 7 7.10 -7.09 1.15
CA VAL A 7 6.07 -6.73 2.16
C VAL A 7 5.76 -7.93 3.05
N THR A 8 6.01 -7.80 4.33
CA THR A 8 5.74 -8.91 5.28
C THR A 8 5.70 -8.33 6.70
N PRO A 9 4.90 -8.92 7.54
CA PRO A 9 4.04 -10.06 7.18
C PRO A 9 2.85 -9.58 6.37
N SER A 10 2.34 -10.42 5.53
CA SER A 10 1.16 -10.03 4.71
C SER A 10 -0.11 -10.42 5.46
N SER A 11 -0.02 -11.39 6.33
CA SER A 11 -1.21 -11.83 7.11
C SER A 11 -0.81 -12.03 8.58
N GLY A 12 -1.76 -12.14 9.46
CA GLY A 12 -1.42 -12.33 10.90
C GLY A 12 -0.97 -10.99 11.47
N LEU A 13 -1.59 -9.94 11.04
CA LEU A 13 -1.23 -8.58 11.48
C LEU A 13 -2.05 -8.18 12.67
N SER A 14 -3.27 -8.49 12.57
CA SER A 14 -4.24 -8.17 13.64
C SER A 14 -4.45 -6.65 13.71
N ASP A 15 -5.65 -6.26 14.00
CA ASP A 15 -5.99 -4.82 14.07
C ASP A 15 -5.01 -4.06 14.96
N GLY A 16 -4.13 -3.29 14.36
CA GLY A 16 -3.20 -2.48 15.18
C GLY A 16 -1.74 -2.93 15.04
N THR A 17 -1.36 -3.71 14.05
CA THR A 17 0.06 -4.07 13.98
C THR A 17 0.74 -3.27 12.88
N VAL A 18 1.94 -3.64 12.62
CA VAL A 18 2.74 -2.92 11.57
C VAL A 18 3.37 -3.90 10.59
N VAL A 19 3.35 -3.57 9.32
CA VAL A 19 3.97 -4.48 8.32
C VAL A 19 5.11 -3.73 7.63
N LYS A 20 6.07 -4.45 7.10
CA LYS A 20 7.21 -3.76 6.42
C LYS A 20 7.11 -4.00 4.92
N VAL A 21 6.80 -2.97 4.18
CA VAL A 21 6.69 -3.11 2.69
C VAL A 21 7.91 -2.45 2.07
N ALA A 22 8.67 -3.15 1.26
CA ALA A 22 9.85 -2.51 0.64
C ALA A 22 9.69 -2.49 -0.87
N GLY A 23 10.51 -1.74 -1.53
CA GLY A 23 10.44 -1.66 -3.00
C GLY A 23 11.85 -1.82 -3.54
N ALA A 24 12.04 -2.50 -4.61
CA ALA A 24 13.42 -2.63 -5.14
C ALA A 24 13.37 -2.68 -6.67
N GLY A 25 14.06 -1.82 -7.35
CA GLY A 25 14.00 -1.85 -8.84
C GLY A 25 12.86 -0.98 -9.34
N LEU A 26 12.48 0.03 -8.60
CA LEU A 26 11.38 0.89 -9.07
C LEU A 26 11.97 2.01 -9.94
N GLN A 27 11.14 2.81 -10.54
CA GLN A 27 11.67 3.90 -11.38
C GLN A 27 12.81 4.62 -10.67
N ALA A 28 14.00 4.23 -11.01
CA ALA A 28 15.21 4.82 -10.37
C ALA A 28 15.21 6.33 -10.54
N GLY A 29 14.44 7.02 -9.77
CA GLY A 29 14.40 8.50 -9.86
C GLY A 29 12.96 9.00 -9.85
N THR A 30 12.09 8.33 -9.13
CA THR A 30 10.68 8.77 -9.10
C THR A 30 10.04 8.53 -7.74
N ALA A 31 9.75 9.60 -7.05
CA ALA A 31 9.09 9.53 -5.71
C ALA A 31 7.87 8.60 -5.78
N TYR A 32 7.90 7.51 -5.05
CA TYR A 32 6.75 6.57 -5.05
C TYR A 32 6.08 6.60 -3.68
N ASP A 33 4.81 6.28 -3.60
CA ASP A 33 4.14 6.29 -2.26
C ASP A 33 4.09 4.85 -1.76
N VAL A 34 3.82 4.65 -0.49
CA VAL A 34 3.80 3.27 0.05
C VAL A 34 2.71 3.15 1.14
N GLY A 35 1.69 2.33 0.95
CA GLY A 35 0.64 2.23 2.02
C GLY A 35 -0.32 1.06 1.78
N GLN A 36 -1.32 0.96 2.63
CA GLN A 36 -2.31 -0.11 2.53
C GLN A 36 -3.57 0.45 1.87
N CYS A 37 -3.87 -0.03 0.71
CA CYS A 37 -5.08 0.46 -0.02
C CYS A 37 -5.88 -0.74 -0.53
N ALA A 38 -7.16 -0.55 -0.70
CA ALA A 38 -8.00 -1.67 -1.20
C ALA A 38 -8.87 -1.22 -2.38
N TRP A 39 -8.98 -2.01 -3.41
CA TRP A 39 -9.83 -1.62 -4.57
C TRP A 39 -11.20 -2.27 -4.35
N VAL A 40 -12.23 -1.49 -4.14
CA VAL A 40 -13.57 -2.07 -3.89
C VAL A 40 -14.46 -1.92 -5.12
N ASP A 41 -13.91 -1.61 -6.26
CA ASP A 41 -14.75 -1.45 -7.48
C ASP A 41 -13.90 -0.96 -8.65
N THR A 42 -14.54 -0.67 -9.76
CA THR A 42 -13.78 -0.20 -10.95
C THR A 42 -13.29 1.24 -10.70
N GLY A 43 -12.07 1.38 -10.28
CA GLY A 43 -11.50 2.73 -10.05
C GLY A 43 -11.84 3.25 -8.64
N VAL A 44 -12.04 2.38 -7.68
CA VAL A 44 -12.34 2.87 -6.31
C VAL A 44 -11.17 2.43 -5.40
N LEU A 45 -10.32 3.35 -4.98
CA LEU A 45 -9.15 2.95 -4.15
C LEU A 45 -9.26 3.60 -2.76
N ALA A 46 -9.59 2.83 -1.73
CA ALA A 46 -9.70 3.41 -0.36
C ALA A 46 -8.38 3.16 0.38
N CYS A 47 -7.65 4.20 0.67
CA CYS A 47 -6.32 4.04 1.36
C CYS A 47 -6.44 4.45 2.84
N ASN A 48 -5.70 3.82 3.72
CA ASN A 48 -5.76 4.22 5.18
C ASN A 48 -4.59 5.17 5.48
N PRO A 49 -4.87 6.24 6.20
CA PRO A 49 -3.85 7.24 6.56
C PRO A 49 -2.88 6.74 7.65
N ALA A 50 -2.68 5.46 7.80
CA ALA A 50 -1.75 4.98 8.86
C ALA A 50 -0.62 4.18 8.22
N ASP A 51 -0.57 4.16 6.92
CA ASP A 51 0.52 3.42 6.22
C ASP A 51 0.93 4.26 5.02
N PHE A 52 0.59 5.51 5.04
CA PHE A 52 0.95 6.38 3.89
C PHE A 52 2.38 6.92 4.01
N SER A 53 3.33 6.20 3.47
CA SER A 53 4.74 6.68 3.52
C SER A 53 5.14 7.07 2.10
N SER A 54 6.41 7.28 1.84
CA SER A 54 6.81 7.67 0.46
C SER A 54 8.31 7.90 0.34
N VAL A 55 8.90 7.39 -0.70
CA VAL A 55 10.36 7.60 -0.94
C VAL A 55 10.59 7.53 -2.46
N THR A 56 11.67 8.07 -2.94
CA THR A 56 11.91 8.01 -4.41
C THR A 56 12.83 6.86 -4.76
N ALA A 57 12.60 6.25 -5.88
CA ALA A 57 13.48 5.14 -6.29
C ALA A 57 14.88 5.69 -6.60
N ASP A 58 15.79 5.41 -5.73
CA ASP A 58 17.19 5.88 -5.90
C ASP A 58 17.82 5.29 -7.18
N ALA A 59 19.07 4.89 -7.11
CA ALA A 59 19.78 4.33 -8.31
C ALA A 59 18.93 3.26 -8.98
N ASN A 60 18.49 2.31 -8.24
CA ASN A 60 17.62 1.24 -8.81
C ASN A 60 16.20 1.55 -8.36
N GLY A 61 16.11 2.11 -7.19
CA GLY A 61 14.80 2.50 -6.62
C GLY A 61 14.42 1.57 -5.48
N SER A 62 15.13 1.62 -4.39
CA SER A 62 14.79 0.74 -3.24
C SER A 62 14.09 1.57 -2.18
N ALA A 63 12.96 1.10 -1.73
CA ALA A 63 12.21 1.86 -0.69
C ALA A 63 11.71 0.89 0.39
N SER A 64 12.29 0.96 1.57
CA SER A 64 11.84 0.04 2.65
C SER A 64 11.28 0.85 3.80
N THR A 65 10.02 0.67 4.09
CA THR A 65 9.40 1.44 5.20
C THR A 65 8.34 0.59 5.89
N SER A 66 8.25 0.71 7.20
CA SER A 66 7.24 -0.08 7.96
C SER A 66 6.05 0.82 8.30
N LEU A 67 4.86 0.28 8.23
CA LEU A 67 3.66 1.10 8.55
C LEU A 67 2.64 0.25 9.31
N THR A 68 1.64 0.87 9.89
CA THR A 68 0.62 0.09 10.64
C THR A 68 -0.59 -0.19 9.74
N VAL A 69 -0.98 -1.43 9.58
CA VAL A 69 -2.14 -1.73 8.69
C VAL A 69 -3.02 -2.81 9.34
N ARG A 70 -4.33 -2.71 9.21
CA ARG A 70 -5.20 -3.75 9.83
C ARG A 70 -6.33 -4.12 8.88
N ARG A 71 -7.36 -4.78 9.37
CA ARG A 71 -8.48 -5.16 8.48
C ARG A 71 -9.30 -3.91 8.16
N SER A 72 -10.21 -3.50 9.01
CA SER A 72 -10.97 -2.26 8.71
C SER A 72 -9.98 -1.13 8.67
N PHE A 73 -10.10 -0.27 7.71
CA PHE A 73 -9.11 0.81 7.63
C PHE A 73 -9.63 1.96 6.77
N GLU A 74 -9.48 3.18 7.27
CA GLU A 74 -9.98 4.37 6.53
C GLU A 74 -9.88 4.16 5.02
N GLY A 75 -10.99 4.22 4.34
CA GLY A 75 -10.98 4.00 2.87
C GLY A 75 -10.85 5.32 2.10
N PHE A 76 -9.89 6.15 2.44
CA PHE A 76 -9.72 7.46 1.71
C PHE A 76 -10.01 7.27 0.21
N LEU A 77 -11.03 7.93 -0.32
CA LEU A 77 -11.36 7.78 -1.77
C LEU A 77 -10.52 8.77 -2.59
N PHE A 78 -9.80 8.32 -3.59
CA PHE A 78 -8.98 9.26 -4.43
C PHE A 78 -9.90 10.24 -5.18
N ASP A 79 -10.69 10.99 -4.47
CA ASP A 79 -11.61 11.97 -5.14
C ASP A 79 -12.06 13.02 -4.13
N GLY A 80 -11.35 13.19 -3.06
CA GLY A 80 -11.75 14.22 -2.04
C GLY A 80 -12.75 13.62 -1.05
N THR A 81 -13.53 12.65 -1.49
CA THR A 81 -14.53 12.04 -0.57
C THR A 81 -13.95 10.77 0.07
N ARG A 82 -14.57 10.32 1.12
CA ARG A 82 -14.08 9.09 1.81
C ARG A 82 -15.08 7.95 1.56
N TRP A 83 -14.61 6.75 1.33
CA TRP A 83 -15.55 5.63 1.05
C TRP A 83 -16.10 5.05 2.36
N GLY A 84 -15.41 5.27 3.45
CA GLY A 84 -15.87 4.75 4.75
C GLY A 84 -14.84 3.74 5.26
N THR A 85 -15.02 3.23 6.43
CA THR A 85 -14.06 2.23 6.96
C THR A 85 -14.12 1.00 6.06
N VAL A 86 -13.10 0.76 5.30
CA VAL A 86 -13.09 -0.39 4.38
C VAL A 86 -12.71 -1.65 5.17
N ASP A 87 -13.68 -2.46 5.49
CA ASP A 87 -13.39 -3.70 6.28
C ASP A 87 -12.52 -4.64 5.44
N CYS A 88 -11.27 -4.85 5.80
CA CYS A 88 -10.44 -5.78 4.99
C CYS A 88 -11.00 -7.21 5.08
N THR A 89 -12.01 -7.43 5.89
CA THR A 89 -12.60 -8.79 5.98
C THR A 89 -13.64 -8.96 4.88
N THR A 90 -13.78 -7.98 4.03
CA THR A 90 -14.76 -8.07 2.92
C THR A 90 -14.04 -7.96 1.59
N ALA A 91 -13.19 -6.98 1.45
CA ALA A 91 -12.45 -6.81 0.17
C ALA A 91 -10.99 -7.26 0.37
N ALA A 92 -10.19 -7.14 -0.65
CA ALA A 92 -8.76 -7.56 -0.52
C ALA A 92 -7.88 -6.30 -0.45
N CYS A 93 -7.22 -6.07 0.66
CA CYS A 93 -6.36 -4.86 0.78
C CYS A 93 -4.91 -5.21 0.48
N GLN A 94 -4.32 -4.58 -0.49
CA GLN A 94 -2.92 -4.89 -0.83
C GLN A 94 -1.98 -3.84 -0.29
N VAL A 95 -0.82 -4.27 0.06
CA VAL A 95 0.22 -3.33 0.57
C VAL A 95 1.21 -3.12 -0.56
N GLY A 96 1.25 -1.95 -1.13
CA GLY A 96 2.18 -1.76 -2.27
C GLY A 96 2.66 -0.32 -2.38
N LEU A 97 3.33 -0.01 -3.47
CA LEU A 97 3.84 1.37 -3.67
C LEU A 97 3.16 1.98 -4.89
N SER A 98 3.50 3.17 -5.23
CA SER A 98 2.86 3.84 -6.40
C SER A 98 3.59 5.15 -6.69
N ASP A 99 3.34 5.75 -7.83
CA ASP A 99 4.03 7.03 -8.15
C ASP A 99 2.99 8.16 -8.18
N ALA A 100 3.28 9.27 -8.82
CA ALA A 100 2.29 10.38 -8.85
C ALA A 100 1.91 10.65 -10.30
N ALA A 101 1.81 9.63 -11.10
CA ALA A 101 1.45 9.83 -12.53
C ALA A 101 0.14 9.11 -12.84
N GLY A 102 -0.13 8.00 -12.22
CA GLY A 102 -1.39 7.27 -12.50
C GLY A 102 -1.29 5.90 -11.87
N ASN A 103 -0.12 5.32 -11.90
CA ASN A 103 0.05 4.00 -11.29
C ASN A 103 1.53 3.76 -10.99
N GLY A 104 1.83 2.61 -10.49
CA GLY A 104 3.23 2.24 -10.14
C GLY A 104 3.31 0.73 -9.91
N PRO A 105 4.33 0.23 -9.24
CA PRO A 105 4.43 -1.22 -8.97
C PRO A 105 3.10 -1.75 -8.44
N GLU A 106 3.02 -3.03 -8.16
CA GLU A 106 1.74 -3.61 -7.67
C GLU A 106 1.74 -3.63 -6.13
N GLY A 107 0.76 -4.29 -5.55
CA GLY A 107 0.69 -4.36 -4.07
C GLY A 107 0.65 -5.82 -3.62
N VAL A 108 0.93 -6.08 -2.38
CA VAL A 108 0.92 -7.45 -1.86
C VAL A 108 -0.41 -7.70 -1.13
N ALA A 109 -1.05 -8.76 -1.48
CA ALA A 109 -2.36 -9.10 -0.83
C ALA A 109 -2.11 -9.56 0.61
N ILE A 110 -2.66 -8.87 1.56
CA ILE A 110 -2.46 -9.28 2.98
C ILE A 110 -3.67 -10.09 3.45
N SER A 111 -3.60 -10.68 4.61
CA SER A 111 -4.75 -11.49 5.11
C SER A 111 -4.97 -11.22 6.60
N PHE A 112 -6.15 -11.45 7.09
CA PHE A 112 -6.42 -11.22 8.53
C PHE A 112 -7.12 -12.43 9.14
N ASN A 113 -6.45 -13.17 9.98
CA ASN A 113 -7.08 -14.36 10.59
C ASN A 113 -8.47 -14.00 11.13
C1 CHR B . -3.55 7.79 -4.01
C2 CHR B . -3.95 8.67 -2.95
C3 CHR B . -4.54 9.27 -2.12
C4 CHR B . -5.54 9.84 -1.18
O2 CHR B . -6.05 8.99 -0.12
C5 CHR B . -6.85 9.08 -1.33
C6 CHR B . -6.71 8.00 -2.34
C7 CHR B . -6.35 7.22 -3.17
C8 CHR B . -5.66 6.42 -4.15
C9 CHR B . -4.45 6.82 -4.61
C10 CHR B . -3.82 6.24 -5.86
O1 CHR B . -4.39 6.82 -7.02
C11 CHR B . -2.34 6.66 -5.70
O6 CHR B . -1.58 5.55 -5.30
C12 CHR B . -2.37 7.72 -4.62
C13 CHR B . -4.21 6.19 -8.28
O3 CHR B . -5.08 5.07 -8.37
C14 CHR B . -4.54 7.17 -9.40
N1 CHR B . -3.71 8.41 -9.24
C19 CHR B . -2.35 8.47 -9.84
C15 CHR B . -6.03 7.53 -9.34
O4 CHR B . -6.35 8.43 -10.39
C16 CHR B . -6.86 6.26 -9.48
O5 CHR B . -6.62 5.68 -10.75
C17 CHR B . -6.49 5.26 -8.38
C18 CHR B . -7.17 3.92 -8.65
C20 CHR B . -1.32 4.79 -6.35
O7 CHR B . -0.97 5.27 -7.41
C21 CHR B . -1.48 3.34 -6.16
C22 CHR B . -1.97 2.56 -7.20
O9 CHR B . -2.24 3.15 -8.43
C23 CHR B . -2.20 1.19 -7.02
C24 CHR B . -1.92 0.59 -5.79
C25 CHR B . -1.43 1.37 -4.73
C26 CHR B . -1.20 2.74 -4.91
C27 CHR B . -0.70 3.50 -3.84
C28 CHR B . -0.43 2.89 -2.61
O8 CHR B . 0.07 3.65 -1.55
C31 CHR B . -0.31 5.02 -1.53
C29 CHR B . -0.66 1.52 -2.43
C30 CHR B . -1.16 0.76 -3.50
C32 CHR B . -1.42 -0.72 -3.31
C33 CHR B . -5.57 11.35 -1.00
O10 CHR B . -6.64 11.71 -0.13
C34 CHR B . -7.44 12.49 -0.85
O11 CHR B . -8.45 12.97 -0.37
O12 CHR B . -7.09 12.74 -2.11
C35 CHR B . -5.88 12.04 -2.32
H5 CHR B . -7.80 9.63 -1.31
H8 CHR B . -6.08 5.51 -4.51
H10 CHR B . -3.91 5.16 -5.87
H11 CHR B . -1.96 7.07 -6.63
H12 CHR B . -1.54 8.34 -4.37
H13 CHR B . -3.19 5.86 -8.38
H14 CHR B . -4.33 6.72 -10.36
H191 CHR B . -2.34 9.20 -10.64
H192 CHR B . -2.08 7.50 -10.22
H193 CHR B . -1.64 8.76 -9.08
H15 CHR B . -6.24 8.00 -8.39
HO4 CHR B . -7.27 8.30 -10.62
H16 CHR B . -7.91 6.51 -9.40
HO5 CHR B . -6.87 6.31 -11.43
H17 CHR B . -6.80 5.64 -7.43
H181 CHR B . -8.09 3.87 -8.07
H182 CHR B . -6.52 3.11 -8.35
H183 CHR B . -7.41 3.84 -9.70
HO9 CHR B . -1.55 2.91 -9.06
H23 CHR B . -2.57 0.60 -7.84
H24 CHR B . -2.10 -0.46 -5.65
H27 CHR B . -0.49 4.54 -3.97
H311 CHR B . -0.01 5.46 -0.59
H312 CHR B . -1.39 5.10 -1.65
H313 CHR B . 0.18 5.53 -2.34
H29 CHR B . -0.47 1.05 -1.49
H321 CHR B . -2.34 -0.99 -3.83
H322 CHR B . -1.53 -0.94 -2.26
H323 CHR B . -0.60 -1.29 -3.72
H33 CHR B . -4.63 11.70 -0.61
H351 CHR B . -5.08 12.72 -2.58
H352 CHR B . -6.00 11.30 -3.10
N ALA A 1 18.46 -4.45 -12.94
CA ALA A 1 17.57 -4.99 -11.86
C ALA A 1 16.11 -4.66 -12.20
N ALA A 2 15.21 -5.55 -11.90
CA ALA A 2 13.77 -5.28 -12.19
C ALA A 2 13.06 -4.85 -10.91
N PRO A 3 12.07 -4.00 -11.06
CA PRO A 3 11.29 -3.49 -9.92
C PRO A 3 10.59 -4.64 -9.19
N THR A 4 10.26 -4.41 -7.96
CA THR A 4 9.56 -5.46 -7.17
C THR A 4 9.27 -4.89 -5.78
N ALA A 5 8.86 -5.70 -4.85
CA ALA A 5 8.55 -5.17 -3.49
C ALA A 5 8.43 -6.29 -2.49
N THR A 6 9.13 -6.16 -1.41
CA THR A 6 9.06 -7.20 -0.37
C THR A 6 8.33 -6.65 0.84
N VAL A 7 7.16 -7.14 1.01
CA VAL A 7 6.30 -6.70 2.15
C VAL A 7 6.02 -7.89 3.08
N THR A 8 6.10 -7.68 4.37
CA THR A 8 5.86 -8.77 5.33
C THR A 8 5.81 -8.20 6.76
N PRO A 9 5.02 -8.82 7.60
CA PRO A 9 4.21 -9.98 7.23
C PRO A 9 2.95 -9.52 6.49
N SER A 10 2.48 -10.32 5.60
CA SER A 10 1.25 -9.94 4.84
C SER A 10 0.02 -10.42 5.60
N SER A 11 0.18 -11.43 6.41
CA SER A 11 -0.98 -11.95 7.20
C SER A 11 -0.58 -12.13 8.67
N GLY A 12 -1.53 -12.22 9.55
CA GLY A 12 -1.20 -12.38 11.00
C GLY A 12 -0.80 -11.02 11.57
N LEU A 13 -1.45 -9.98 11.11
CA LEU A 13 -1.13 -8.61 11.55
C LEU A 13 -1.99 -8.23 12.71
N SER A 14 -3.19 -8.55 12.60
CA SER A 14 -4.19 -8.24 13.64
C SER A 14 -4.40 -6.72 13.72
N ASP A 15 -5.60 -6.33 14.01
CA ASP A 15 -5.94 -4.89 14.10
C ASP A 15 -4.97 -4.14 15.01
N GLY A 16 -4.11 -3.36 14.42
CA GLY A 16 -3.18 -2.56 15.26
C GLY A 16 -1.72 -2.99 15.11
N THR A 17 -1.33 -3.75 14.12
CA THR A 17 0.09 -4.09 14.04
C THR A 17 0.77 -3.28 12.96
N VAL A 18 1.98 -3.62 12.69
CA VAL A 18 2.76 -2.89 11.65
C VAL A 18 3.37 -3.86 10.65
N VAL A 19 3.31 -3.53 9.38
CA VAL A 19 3.92 -4.42 8.35
C VAL A 19 5.10 -3.69 7.70
N LYS A 20 6.04 -4.43 7.18
CA LYS A 20 7.21 -3.79 6.54
C LYS A 20 7.10 -3.98 5.03
N VAL A 21 6.82 -2.93 4.30
CA VAL A 21 6.72 -3.05 2.82
C VAL A 21 7.98 -2.49 2.18
N ALA A 22 8.47 -3.09 1.14
CA ALA A 22 9.69 -2.54 0.51
C ALA A 22 9.57 -2.58 -1.00
N GLY A 23 10.35 -1.79 -1.66
CA GLY A 23 10.32 -1.75 -3.13
C GLY A 23 11.74 -1.89 -3.64
N ALA A 24 11.95 -2.55 -4.74
CA ALA A 24 13.34 -2.69 -5.26
C ALA A 24 13.31 -2.69 -6.79
N GLY A 25 14.04 -1.82 -7.44
CA GLY A 25 14.01 -1.82 -8.93
C GLY A 25 12.88 -0.92 -9.43
N LEU A 26 12.50 0.08 -8.66
CA LEU A 26 11.40 0.96 -9.12
C LEU A 26 12.01 2.08 -9.97
N GLN A 27 11.18 2.92 -10.55
CA GLN A 27 11.73 4.01 -11.39
C GLN A 27 12.86 4.71 -10.64
N ALA A 28 14.05 4.35 -10.98
CA ALA A 28 15.26 4.94 -10.32
C ALA A 28 15.24 6.45 -10.44
N GLY A 29 14.45 7.11 -9.63
CA GLY A 29 14.38 8.60 -9.68
C GLY A 29 12.92 9.03 -9.67
N THR A 30 12.07 8.32 -8.98
CA THR A 30 10.64 8.72 -8.96
C THR A 30 10.04 8.50 -7.57
N ALA A 31 9.77 9.58 -6.89
CA ALA A 31 9.14 9.54 -5.54
C ALA A 31 7.88 8.64 -5.60
N TYR A 32 7.94 7.49 -4.98
CA TYR A 32 6.75 6.59 -5.00
C TYR A 32 6.09 6.61 -3.61
N ASP A 33 4.81 6.30 -3.53
CA ASP A 33 4.15 6.29 -2.20
C ASP A 33 4.07 4.84 -1.72
N VAL A 34 3.80 4.62 -0.46
CA VAL A 34 3.77 3.21 0.05
C VAL A 34 2.69 3.09 1.14
N GLY A 35 1.63 2.31 0.94
CA GLY A 35 0.60 2.21 2.02
C GLY A 35 -0.36 1.03 1.77
N GLN A 36 -1.35 0.91 2.63
CA GLN A 36 -2.34 -0.18 2.52
C GLN A 36 -3.60 0.38 1.88
N CYS A 37 -3.88 -0.02 0.67
CA CYS A 37 -5.10 0.47 -0.02
C CYS A 37 -5.89 -0.71 -0.60
N ALA A 38 -7.19 -0.58 -0.70
CA ALA A 38 -8.01 -1.71 -1.24
C ALA A 38 -8.89 -1.24 -2.40
N TRP A 39 -9.02 -2.04 -3.43
CA TRP A 39 -9.90 -1.65 -4.58
C TRP A 39 -11.28 -2.29 -4.34
N VAL A 40 -12.29 -1.49 -4.14
CA VAL A 40 -13.64 -2.06 -3.88
C VAL A 40 -14.53 -1.92 -5.12
N ASP A 41 -13.96 -1.63 -6.25
CA ASP A 41 -14.79 -1.50 -7.47
C ASP A 41 -13.93 -1.03 -8.65
N THR A 42 -14.55 -0.79 -9.78
CA THR A 42 -13.77 -0.35 -10.97
C THR A 42 -13.29 1.09 -10.76
N GLY A 43 -12.07 1.24 -10.35
CA GLY A 43 -11.51 2.62 -10.15
C GLY A 43 -11.87 3.17 -8.76
N VAL A 44 -12.08 2.33 -7.78
CA VAL A 44 -12.40 2.84 -6.43
C VAL A 44 -11.25 2.41 -5.49
N LEU A 45 -10.40 3.33 -5.08
CA LEU A 45 -9.26 2.92 -4.21
C LEU A 45 -9.38 3.57 -2.83
N ALA A 46 -9.77 2.82 -1.82
CA ALA A 46 -9.88 3.41 -0.45
C ALA A 46 -8.61 3.05 0.31
N CYS A 47 -7.76 4.01 0.59
CA CYS A 47 -6.49 3.69 1.31
C CYS A 47 -6.56 4.21 2.75
N ASN A 48 -5.66 3.77 3.59
CA ASN A 48 -5.68 4.24 5.02
C ASN A 48 -4.45 5.12 5.30
N PRO A 49 -4.67 6.28 5.87
CA PRO A 49 -3.58 7.23 6.20
C PRO A 49 -2.70 6.74 7.38
N ALA A 50 -2.68 5.46 7.66
CA ALA A 50 -1.83 4.97 8.79
C ALA A 50 -0.66 4.17 8.21
N ASP A 51 -0.57 4.10 6.92
CA ASP A 51 0.54 3.36 6.28
C ASP A 51 0.99 4.18 5.08
N PHE A 52 0.65 5.44 5.06
CA PHE A 52 1.03 6.29 3.91
C PHE A 52 2.46 6.79 4.04
N SER A 53 3.41 6.06 3.52
CA SER A 53 4.82 6.52 3.57
C SER A 53 5.23 6.96 2.17
N SER A 54 6.49 7.16 1.90
CA SER A 54 6.87 7.60 0.54
C SER A 54 8.38 7.80 0.42
N VAL A 55 8.95 7.34 -0.66
CA VAL A 55 10.41 7.51 -0.90
C VAL A 55 10.63 7.46 -2.41
N THR A 56 11.72 8.00 -2.90
CA THR A 56 11.96 7.96 -4.37
C THR A 56 12.89 6.81 -4.72
N ALA A 57 12.63 6.18 -5.82
CA ALA A 57 13.51 5.08 -6.25
C ALA A 57 14.91 5.64 -6.53
N ASP A 58 15.81 5.34 -5.66
CA ASP A 58 17.22 5.81 -5.80
C ASP A 58 17.83 5.31 -7.11
N ALA A 59 19.08 4.88 -7.07
CA ALA A 59 19.77 4.39 -8.31
C ALA A 59 18.95 3.29 -8.96
N ASN A 60 18.56 2.33 -8.20
CA ASN A 60 17.72 1.24 -8.74
C ASN A 60 16.30 1.55 -8.34
N GLY A 61 16.16 2.05 -7.15
CA GLY A 61 14.84 2.45 -6.62
C GLY A 61 14.41 1.49 -5.51
N SER A 62 15.12 1.50 -4.41
CA SER A 62 14.74 0.62 -3.28
C SER A 62 14.05 1.45 -2.21
N ALA A 63 12.91 1.01 -1.78
CA ALA A 63 12.17 1.79 -0.74
C ALA A 63 11.59 0.84 0.30
N SER A 64 12.13 0.83 1.49
CA SER A 64 11.58 -0.07 2.53
C SER A 64 11.19 0.73 3.77
N THR A 65 9.95 0.66 4.15
CA THR A 65 9.48 1.42 5.35
C THR A 65 8.40 0.60 6.05
N SER A 66 8.29 0.74 7.35
CA SER A 66 7.26 -0.03 8.10
C SER A 66 6.05 0.87 8.39
N LEU A 67 4.88 0.32 8.39
CA LEU A 67 3.66 1.14 8.66
C LEU A 67 2.63 0.29 9.41
N THR A 68 1.63 0.91 9.98
CA THR A 68 0.60 0.13 10.73
C THR A 68 -0.60 -0.15 9.82
N VAL A 69 -0.98 -1.39 9.65
CA VAL A 69 -2.14 -1.71 8.76
C VAL A 69 -3.02 -2.79 9.40
N ARG A 70 -4.32 -2.71 9.26
CA ARG A 70 -5.19 -3.75 9.87
C ARG A 70 -6.34 -4.11 8.92
N ARG A 71 -7.36 -4.75 9.41
CA ARG A 71 -8.49 -5.13 8.52
C ARG A 71 -9.31 -3.87 8.21
N SER A 72 -10.21 -3.46 9.07
CA SER A 72 -10.99 -2.23 8.78
C SER A 72 -10.01 -1.09 8.71
N PHE A 73 -10.15 -0.21 7.77
CA PHE A 73 -9.17 0.87 7.68
C PHE A 73 -9.69 2.00 6.80
N GLU A 74 -9.55 3.22 7.27
CA GLU A 74 -10.06 4.41 6.53
C GLU A 74 -9.99 4.17 5.02
N GLY A 75 -11.11 4.25 4.36
CA GLY A 75 -11.14 4.03 2.88
C GLY A 75 -10.95 5.34 2.11
N PHE A 76 -9.96 6.13 2.43
CA PHE A 76 -9.72 7.41 1.68
C PHE A 76 -10.01 7.22 0.18
N LEU A 77 -11.02 7.88 -0.36
CA LEU A 77 -11.34 7.71 -1.82
C LEU A 77 -10.50 8.70 -2.66
N PHE A 78 -9.77 8.23 -3.64
CA PHE A 78 -8.95 9.15 -4.48
C PHE A 78 -9.87 10.10 -5.26
N ASP A 79 -10.69 10.84 -4.59
CA ASP A 79 -11.61 11.79 -5.29
C ASP A 79 -12.05 12.90 -4.34
N GLY A 80 -11.33 13.10 -3.27
CA GLY A 80 -11.71 14.17 -2.31
C GLY A 80 -12.72 13.63 -1.29
N THR A 81 -13.48 12.64 -1.66
CA THR A 81 -14.49 12.09 -0.72
C THR A 81 -13.94 10.82 -0.05
N ARG A 82 -14.57 10.41 1.01
CA ARG A 82 -14.12 9.20 1.75
C ARG A 82 -15.13 8.06 1.49
N TRP A 83 -14.66 6.85 1.31
CA TRP A 83 -15.60 5.72 1.03
C TRP A 83 -16.16 5.16 2.34
N GLY A 84 -15.48 5.36 3.42
CA GLY A 84 -15.95 4.83 4.73
C GLY A 84 -14.93 3.82 5.25
N THR A 85 -15.12 3.31 6.43
CA THR A 85 -14.17 2.31 6.96
C THR A 85 -14.23 1.08 6.07
N VAL A 86 -13.18 0.82 5.35
CA VAL A 86 -13.17 -0.35 4.44
C VAL A 86 -12.78 -1.60 5.23
N ASP A 87 -13.74 -2.43 5.54
CA ASP A 87 -13.43 -3.66 6.33
C ASP A 87 -12.56 -4.60 5.50
N CYS A 88 -11.31 -4.81 5.86
CA CYS A 88 -10.48 -5.74 5.04
C CYS A 88 -11.06 -7.16 5.12
N THR A 89 -12.07 -7.39 5.92
CA THR A 89 -12.66 -8.75 6.00
C THR A 89 -13.68 -8.91 4.87
N THR A 90 -13.84 -7.89 4.06
CA THR A 90 -14.82 -7.98 2.95
C THR A 90 -14.06 -7.88 1.62
N ALA A 91 -13.22 -6.88 1.49
CA ALA A 91 -12.44 -6.72 0.23
C ALA A 91 -11.01 -7.20 0.45
N ALA A 92 -10.19 -7.09 -0.55
CA ALA A 92 -8.77 -7.53 -0.42
C ALA A 92 -7.86 -6.29 -0.34
N CYS A 93 -7.20 -6.07 0.76
CA CYS A 93 -6.33 -4.87 0.88
C CYS A 93 -4.88 -5.24 0.57
N GLN A 94 -4.28 -4.58 -0.40
CA GLN A 94 -2.90 -4.90 -0.75
C GLN A 94 -1.95 -3.83 -0.23
N VAL A 95 -0.77 -4.25 0.09
CA VAL A 95 0.26 -3.31 0.56
C VAL A 95 1.21 -3.09 -0.60
N GLY A 96 1.21 -1.93 -1.18
CA GLY A 96 2.10 -1.72 -2.35
C GLY A 96 2.58 -0.28 -2.44
N LEU A 97 3.26 0.02 -3.52
CA LEU A 97 3.80 1.40 -3.71
C LEU A 97 3.09 2.04 -4.90
N SER A 98 3.44 3.25 -5.20
CA SER A 98 2.80 3.96 -6.34
C SER A 98 3.59 5.22 -6.66
N ASP A 99 3.40 5.78 -7.83
CA ASP A 99 4.14 7.02 -8.18
C ASP A 99 3.16 8.20 -8.18
N ALA A 100 3.49 9.29 -8.84
CA ALA A 100 2.55 10.45 -8.85
C ALA A 100 2.14 10.75 -10.30
N ALA A 101 1.98 9.72 -11.10
CA ALA A 101 1.58 9.94 -12.51
C ALA A 101 0.24 9.26 -12.81
N GLY A 102 -0.05 8.16 -12.16
CA GLY A 102 -1.34 7.48 -12.43
C GLY A 102 -1.26 6.10 -11.79
N ASN A 103 -0.10 5.49 -11.84
CA ASN A 103 0.04 4.16 -11.23
C ASN A 103 1.51 3.88 -10.93
N GLY A 104 1.78 2.72 -10.43
CA GLY A 104 3.19 2.34 -10.07
C GLY A 104 3.23 0.83 -9.86
N PRO A 105 4.27 0.30 -9.23
CA PRO A 105 4.35 -1.15 -8.98
C PRO A 105 3.03 -1.66 -8.40
N GLU A 106 2.92 -2.94 -8.16
CA GLU A 106 1.64 -3.50 -7.63
C GLU A 106 1.72 -3.61 -6.10
N GLY A 107 0.70 -4.14 -5.49
CA GLY A 107 0.71 -4.29 -4.01
C GLY A 107 0.62 -5.76 -3.62
N VAL A 108 0.94 -6.07 -2.39
CA VAL A 108 0.90 -7.46 -1.93
C VAL A 108 -0.39 -7.69 -1.15
N ALA A 109 -1.07 -8.75 -1.44
CA ALA A 109 -2.34 -9.06 -0.74
C ALA A 109 -2.04 -9.55 0.68
N ILE A 110 -2.62 -8.92 1.67
CA ILE A 110 -2.37 -9.35 3.07
C ILE A 110 -3.51 -10.26 3.52
N SER A 111 -3.39 -10.87 4.67
CA SER A 111 -4.47 -11.77 5.16
C SER A 111 -4.73 -11.51 6.65
N PHE A 112 -5.91 -11.83 7.13
CA PHE A 112 -6.22 -11.59 8.56
C PHE A 112 -6.75 -12.87 9.19
N ASN A 113 -5.93 -13.88 9.29
CA ASN A 113 -6.40 -15.16 9.89
C ASN A 113 -6.56 -14.99 11.40
C1 CHR B . -3.56 7.73 -4.08
C2 CHR B . -3.96 8.61 -3.02
C3 CHR B . -4.54 9.23 -2.19
C4 CHR B . -5.53 9.79 -1.26
O2 CHR B . -6.01 8.95 -0.16
C5 CHR B . -6.83 9.01 -1.36
C6 CHR B . -6.69 7.91 -2.36
C7 CHR B . -6.34 7.13 -3.19
C8 CHR B . -5.67 6.35 -4.21
C9 CHR B . -4.46 6.74 -4.67
C10 CHR B . -3.83 6.14 -5.91
O1 CHR B . -4.40 6.70 -7.09
C11 CHR B . -2.36 6.59 -5.78
O6 CHR B . -1.59 5.48 -5.36
C12 CHR B . -2.38 7.65 -4.70
C13 CHR B . -4.13 6.09 -8.35
O3 CHR B . -4.94 4.93 -8.50
C14 CHR B . -4.44 7.08 -9.47
N1 CHR B . -3.68 8.34 -9.23
C19 CHR B . -2.27 8.46 -9.69
C15 CHR B . -5.93 7.37 -9.48
O4 CHR B . -6.24 8.27 -10.54
C16 CHR B . -6.71 6.06 -9.71
O5 CHR B . -6.35 5.51 -10.97
C17 CHR B . -6.35 5.07 -8.59
C18 CHR B . -6.97 3.71 -8.92
C20 CHR B . -1.38 4.69 -6.40
O7 CHR B . -1.07 5.13 -7.48
C21 CHR B . -1.55 3.25 -6.16
C22 CHR B . -2.08 2.45 -7.16
O9 CHR B . -2.37 3.00 -8.41
C23 CHR B . -2.33 1.09 -6.93
C24 CHR B . -2.04 0.53 -5.68
C25 CHR B . -1.51 1.33 -4.67
C26 CHR B . -1.24 2.68 -4.90
C27 CHR B . -0.69 3.47 -3.87
C28 CHR B . -0.41 2.90 -2.63
O8 CHR B . 0.13 3.69 -1.61
C31 CHR B . -0.34 5.02 -1.55
C29 CHR B . -0.67 1.54 -2.40
C30 CHR B . -1.22 0.76 -3.42
C32 CHR B . -1.52 -0.71 -3.17
C33 CHR B . -5.59 11.30 -1.10
O10 CHR B . -6.77 11.67 -0.40
C34 CHR B . -7.45 12.44 -1.25
O11 CHR B . -8.52 12.92 -0.93
O12 CHR B . -6.93 12.67 -2.45
C35 CHR B . -5.69 11.96 -2.47
H5 CHR B . -7.78 9.54 -1.34
H8 CHR B . -6.12 5.45 -4.59
H10 CHR B . -3.92 5.07 -5.90
H11 CHR B . -1.99 6.99 -6.71
H12 CHR B . -1.55 8.27 -4.46
H13 CHR B . -3.09 5.80 -8.39
H14 CHR B . -4.14 6.65 -10.41
H191 CHR B . -1.92 7.50 -10.03
H192 CHR B . -1.66 8.80 -8.87
H193 CHR B . -2.20 9.17 -10.50
H15 CHR B . -6.23 7.80 -8.55
HO4 CHR B . -7.16 8.51 -10.47
H16 CHR B . -7.77 6.26 -9.68
HO5 CHR B . -5.42 5.26 -10.93
H17 CHR B . -6.74 5.43 -7.66
H181 CHR B . -6.25 2.92 -8.73
H182 CHR B . -7.84 3.55 -8.29
H183 CHR B . -7.26 3.68 -9.96
HO9 CHR B . -1.84 2.57 -9.08
H23 CHR B . -2.75 0.47 -7.72
H24 CHR B . -2.24 -0.52 -5.50
H27 CHR B . -0.47 4.51 -4.05
H311 CHR B . 0.00 5.48 -0.63
H312 CHR B . 0.05 5.58 -2.40
H313 CHR B . -1.42 5.04 -1.58
H29 CHR B . -0.45 1.11 -1.44
H321 CHR B . -1.33 -0.94 -2.13
H322 CHR B . -2.55 -0.91 -3.39
H323 CHR B . -0.89 -1.32 -3.80
H33 CHR B . -4.72 11.66 -0.58
H351 CHR B . -5.70 11.21 -3.25
H352 CHR B . -4.87 12.65 -2.62
N ALA A 1 18.82 -6.37 -12.46
CA ALA A 1 17.77 -6.43 -11.40
C ALA A 1 16.54 -5.63 -11.86
N ALA A 2 15.37 -6.03 -11.44
CA ALA A 2 14.14 -5.30 -11.85
C ALA A 2 13.37 -4.87 -10.61
N PRO A 3 12.33 -4.11 -10.82
CA PRO A 3 11.48 -3.60 -9.72
C PRO A 3 10.85 -4.75 -8.94
N THR A 4 10.49 -4.50 -7.73
CA THR A 4 9.85 -5.54 -6.88
C THR A 4 9.53 -4.91 -5.51
N ALA A 5 9.16 -5.70 -4.54
CA ALA A 5 8.85 -5.10 -3.21
C ALA A 5 8.72 -6.17 -2.15
N THR A 6 9.35 -5.93 -1.04
CA THR A 6 9.30 -6.92 0.05
C THR A 6 8.29 -6.48 1.09
N VAL A 7 7.17 -7.10 1.08
CA VAL A 7 6.12 -6.75 2.06
C VAL A 7 5.77 -7.96 2.93
N THR A 8 5.99 -7.85 4.22
CA THR A 8 5.70 -8.97 5.15
C THR A 8 5.70 -8.40 6.58
N PRO A 9 4.90 -8.99 7.44
CA PRO A 9 4.03 -10.12 7.08
C PRO A 9 2.84 -9.62 6.28
N SER A 10 2.30 -10.47 5.46
CA SER A 10 1.12 -10.08 4.64
C SER A 10 -0.16 -10.44 5.41
N SER A 11 -0.06 -11.40 6.28
CA SER A 11 -1.26 -11.81 7.07
C SER A 11 -0.84 -12.05 8.54
N GLY A 12 -1.79 -12.12 9.43
CA GLY A 12 -1.44 -12.34 10.87
C GLY A 12 -0.95 -11.01 11.46
N LEU A 13 -1.55 -9.94 11.04
CA LEU A 13 -1.15 -8.60 11.49
C LEU A 13 -1.96 -8.19 12.70
N SER A 14 -3.18 -8.48 12.60
CA SER A 14 -4.13 -8.16 13.68
C SER A 14 -4.34 -6.64 13.75
N ASP A 15 -5.54 -6.25 14.03
CA ASP A 15 -5.88 -4.80 14.09
C ASP A 15 -4.90 -4.04 14.98
N GLY A 16 -4.01 -3.30 14.38
CA GLY A 16 -3.07 -2.49 15.20
C GLY A 16 -1.61 -2.92 15.02
N THR A 17 -1.24 -3.70 14.04
CA THR A 17 0.19 -4.03 13.94
C THR A 17 0.83 -3.27 12.79
N VAL A 18 2.04 -3.61 12.53
CA VAL A 18 2.79 -2.92 11.45
C VAL A 18 3.42 -3.93 10.48
N VAL A 19 3.38 -3.64 9.21
CA VAL A 19 4.00 -4.56 8.22
C VAL A 19 5.16 -3.84 7.54
N LYS A 20 6.11 -4.56 7.03
CA LYS A 20 7.27 -3.90 6.36
C LYS A 20 7.17 -4.10 4.86
N VAL A 21 6.87 -3.05 4.13
CA VAL A 21 6.76 -3.15 2.65
C VAL A 21 7.99 -2.46 2.04
N ALA A 22 8.76 -3.15 1.24
CA ALA A 22 9.94 -2.49 0.64
C ALA A 22 9.79 -2.48 -0.87
N GLY A 23 10.62 -1.73 -1.53
CA GLY A 23 10.56 -1.66 -2.99
C GLY A 23 11.98 -1.80 -3.53
N ALA A 24 12.16 -2.48 -4.62
CA ALA A 24 13.55 -2.60 -5.16
C ALA A 24 13.48 -2.65 -6.68
N GLY A 25 14.16 -1.77 -7.37
CA GLY A 25 14.10 -1.79 -8.86
C GLY A 25 12.94 -0.93 -9.34
N LEU A 26 12.55 0.08 -8.60
CA LEU A 26 11.44 0.93 -9.05
C LEU A 26 12.01 2.05 -9.92
N GLN A 27 11.16 2.86 -10.50
CA GLN A 27 11.67 3.96 -11.36
C GLN A 27 12.82 4.66 -10.66
N ALA A 28 14.00 4.27 -11.02
CA ALA A 28 15.23 4.84 -10.41
C ALA A 28 15.24 6.36 -10.57
N GLY A 29 14.48 7.04 -9.77
CA GLY A 29 14.46 8.53 -9.85
C GLY A 29 13.01 9.03 -9.82
N THR A 30 12.14 8.37 -9.11
CA THR A 30 10.74 8.84 -9.07
C THR A 30 10.09 8.55 -7.71
N ALA A 31 9.77 9.59 -7.00
CA ALA A 31 9.10 9.48 -5.68
C ALA A 31 7.98 8.45 -5.75
N TYR A 32 7.98 7.49 -4.87
CA TYR A 32 6.91 6.45 -4.88
C TYR A 32 6.11 6.55 -3.57
N ASP A 33 4.84 6.24 -3.59
CA ASP A 33 4.04 6.32 -2.32
C ASP A 33 3.89 4.89 -1.78
N VAL A 34 3.80 4.75 -0.48
CA VAL A 34 3.71 3.39 0.12
C VAL A 34 2.48 3.33 1.06
N GLY A 35 1.57 2.38 0.91
CA GLY A 35 0.41 2.37 1.85
C GLY A 35 -0.50 1.15 1.65
N GLN A 36 -1.49 1.03 2.52
CA GLN A 36 -2.45 -0.09 2.46
C GLN A 36 -3.75 0.43 1.82
N CYS A 37 -4.02 0.02 0.62
CA CYS A 37 -5.25 0.49 -0.05
C CYS A 37 -6.01 -0.70 -0.65
N ALA A 38 -7.32 -0.61 -0.69
CA ALA A 38 -8.13 -1.75 -1.23
C ALA A 38 -8.97 -1.27 -2.43
N TRP A 39 -9.07 -2.08 -3.47
CA TRP A 39 -9.92 -1.68 -4.64
C TRP A 39 -11.29 -2.32 -4.44
N VAL A 40 -12.32 -1.54 -4.26
CA VAL A 40 -13.67 -2.13 -4.05
C VAL A 40 -14.53 -1.96 -5.30
N ASP A 41 -13.94 -1.63 -6.42
CA ASP A 41 -14.76 -1.46 -7.66
C ASP A 41 -13.88 -0.95 -8.80
N THR A 42 -14.47 -0.65 -9.92
CA THR A 42 -13.69 -0.17 -11.08
C THR A 42 -13.18 1.25 -10.82
N GLY A 43 -11.97 1.38 -10.35
CA GLY A 43 -11.40 2.73 -10.10
C GLY A 43 -11.79 3.24 -8.70
N VAL A 44 -12.02 2.37 -7.75
CA VAL A 44 -12.36 2.84 -6.39
C VAL A 44 -11.22 2.41 -5.46
N LEU A 45 -10.37 3.31 -5.00
CA LEU A 45 -9.24 2.88 -4.13
C LEU A 45 -9.36 3.54 -2.75
N ALA A 46 -9.76 2.80 -1.74
CA ALA A 46 -9.88 3.39 -0.38
C ALA A 46 -8.60 3.04 0.40
N CYS A 47 -7.75 4.01 0.66
CA CYS A 47 -6.50 3.70 1.40
C CYS A 47 -6.59 4.22 2.83
N ASN A 48 -5.72 3.76 3.71
CA ASN A 48 -5.78 4.22 5.13
C ASN A 48 -4.60 5.17 5.41
N PRO A 49 -4.86 6.23 6.16
CA PRO A 49 -3.85 7.25 6.50
C PRO A 49 -2.88 6.74 7.59
N ALA A 50 -2.65 5.47 7.72
CA ALA A 50 -1.70 4.99 8.78
C ALA A 50 -0.60 4.15 8.15
N ASP A 51 -0.53 4.16 6.86
CA ASP A 51 0.52 3.37 6.16
C ASP A 51 1.04 4.23 5.02
N PHE A 52 0.75 5.49 5.05
CA PHE A 52 1.19 6.39 3.94
C PHE A 52 2.66 6.74 4.08
N SER A 53 3.53 5.92 3.55
CA SER A 53 4.99 6.23 3.59
C SER A 53 5.38 6.84 2.25
N SER A 54 6.64 7.01 1.97
CA SER A 54 7.03 7.62 0.66
C SER A 54 8.55 7.76 0.53
N VAL A 55 9.07 7.39 -0.60
CA VAL A 55 10.53 7.51 -0.86
C VAL A 55 10.72 7.47 -2.39
N THR A 56 11.77 8.04 -2.90
CA THR A 56 11.97 8.01 -4.37
C THR A 56 12.91 6.88 -4.73
N ALA A 57 12.67 6.26 -5.86
CA ALA A 57 13.55 5.17 -6.28
C ALA A 57 14.94 5.72 -6.59
N ASP A 58 15.86 5.45 -5.72
CA ASP A 58 17.27 5.93 -5.89
C ASP A 58 17.88 5.40 -7.19
N ALA A 59 19.13 4.99 -7.14
CA ALA A 59 19.82 4.49 -8.36
C ALA A 59 18.98 3.41 -9.04
N ASN A 60 18.55 2.46 -8.31
CA ASN A 60 17.70 1.38 -8.89
C ASN A 60 16.29 1.66 -8.41
N GLY A 61 16.20 2.17 -7.21
CA GLY A 61 14.89 2.54 -6.63
C GLY A 61 14.52 1.59 -5.49
N SER A 62 15.24 1.64 -4.40
CA SER A 62 14.91 0.76 -3.25
C SER A 62 14.21 1.58 -2.20
N ALA A 63 13.09 1.11 -1.73
CA ALA A 63 12.34 1.88 -0.70
C ALA A 63 11.84 0.93 0.40
N SER A 64 12.42 1.02 1.57
CA SER A 64 11.98 0.14 2.69
C SER A 64 11.27 1.00 3.73
N THR A 65 10.02 0.72 3.97
CA THR A 65 9.26 1.52 4.97
C THR A 65 8.28 0.63 5.73
N SER A 66 8.17 0.84 7.00
CA SER A 66 7.22 0.02 7.81
C SER A 66 5.98 0.86 8.12
N LEU A 67 4.82 0.26 8.08
CA LEU A 67 3.57 1.03 8.35
C LEU A 67 2.57 0.17 9.14
N THR A 68 1.58 0.78 9.72
CA THR A 68 0.58 -0.01 10.51
C THR A 68 -0.65 -0.26 9.62
N VAL A 69 -1.05 -1.50 9.47
CA VAL A 69 -2.23 -1.80 8.60
C VAL A 69 -3.14 -2.81 9.29
N ARG A 70 -4.44 -2.71 9.15
CA ARG A 70 -5.32 -3.70 9.82
C ARG A 70 -6.59 -3.97 9.00
N ARG A 71 -7.47 -4.78 9.53
CA ARG A 71 -8.72 -5.12 8.82
C ARG A 71 -9.44 -3.84 8.42
N SER A 72 -10.45 -3.42 9.14
CA SER A 72 -11.15 -2.16 8.78
C SER A 72 -10.12 -1.05 8.76
N PHE A 73 -10.23 -0.17 7.81
CA PHE A 73 -9.22 0.90 7.73
C PHE A 73 -9.74 2.04 6.88
N GLU A 74 -9.53 3.25 7.32
CA GLU A 74 -10.04 4.45 6.58
C GLU A 74 -9.99 4.19 5.07
N GLY A 75 -11.12 4.28 4.42
CA GLY A 75 -11.16 4.03 2.95
C GLY A 75 -10.98 5.34 2.16
N PHE A 76 -9.98 6.14 2.49
CA PHE A 76 -9.75 7.42 1.73
C PHE A 76 -10.04 7.21 0.23
N LEU A 77 -11.04 7.86 -0.32
CA LEU A 77 -11.35 7.69 -1.77
C LEU A 77 -10.50 8.68 -2.59
N PHE A 78 -9.74 8.23 -3.57
CA PHE A 78 -8.92 9.17 -4.39
C PHE A 78 -9.83 10.13 -5.17
N ASP A 79 -10.66 10.88 -4.49
CA ASP A 79 -11.56 11.82 -5.20
C ASP A 79 -12.06 12.90 -4.23
N GLY A 80 -11.37 13.09 -3.14
CA GLY A 80 -11.81 14.12 -2.15
C GLY A 80 -12.85 13.52 -1.20
N THR A 81 -13.59 12.54 -1.63
CA THR A 81 -14.62 11.92 -0.74
C THR A 81 -14.04 10.70 -0.02
N ARG A 82 -14.66 10.33 1.06
CA ARG A 82 -14.19 9.16 1.84
C ARG A 82 -15.18 8.00 1.62
N TRP A 83 -14.70 6.80 1.43
CA TRP A 83 -15.62 5.66 1.18
C TRP A 83 -16.15 5.08 2.50
N GLY A 84 -15.50 5.37 3.59
CA GLY A 84 -15.94 4.84 4.90
C GLY A 84 -14.90 3.83 5.40
N THR A 85 -15.07 3.33 6.59
CA THR A 85 -14.10 2.34 7.12
C THR A 85 -14.19 1.09 6.23
N VAL A 86 -13.21 0.87 5.41
CA VAL A 86 -13.23 -0.30 4.51
C VAL A 86 -12.83 -1.55 5.30
N ASP A 87 -13.77 -2.39 5.60
CA ASP A 87 -13.46 -3.64 6.37
C ASP A 87 -12.56 -4.56 5.55
N CYS A 88 -11.31 -4.74 5.93
CA CYS A 88 -10.45 -5.66 5.12
C CYS A 88 -11.01 -7.09 5.19
N THR A 89 -12.03 -7.34 5.97
CA THR A 89 -12.59 -8.71 6.05
C THR A 89 -13.62 -8.89 4.92
N THR A 90 -13.84 -7.87 4.13
CA THR A 90 -14.83 -7.98 3.03
C THR A 90 -14.09 -7.91 1.70
N ALA A 91 -13.25 -6.93 1.54
CA ALA A 91 -12.49 -6.79 0.27
C ALA A 91 -11.04 -7.21 0.48
N ALA A 92 -10.23 -7.14 -0.54
CA ALA A 92 -8.81 -7.52 -0.39
C ALA A 92 -7.93 -6.25 -0.33
N CYS A 93 -7.28 -6.00 0.78
CA CYS A 93 -6.44 -4.77 0.87
C CYS A 93 -4.98 -5.12 0.55
N GLN A 94 -4.42 -4.49 -0.46
CA GLN A 94 -3.03 -4.80 -0.83
C GLN A 94 -2.08 -3.75 -0.29
N VAL A 95 -0.92 -4.19 0.07
CA VAL A 95 0.12 -3.26 0.57
C VAL A 95 1.14 -3.09 -0.54
N GLY A 96 1.24 -1.93 -1.11
CA GLY A 96 2.20 -1.78 -2.23
C GLY A 96 2.70 -0.34 -2.35
N LEU A 97 3.39 -0.05 -3.42
CA LEU A 97 3.93 1.31 -3.62
C LEU A 97 3.22 1.95 -4.82
N SER A 98 3.56 3.15 -5.16
CA SER A 98 2.89 3.82 -6.31
C SER A 98 3.61 5.13 -6.65
N ASP A 99 3.31 5.72 -7.77
CA ASP A 99 3.99 6.99 -8.14
C ASP A 99 2.93 8.12 -8.15
N ALA A 100 3.21 9.22 -8.83
CA ALA A 100 2.20 10.33 -8.84
C ALA A 100 1.79 10.61 -10.29
N ALA A 101 1.70 9.58 -11.09
CA ALA A 101 1.30 9.77 -12.51
C ALA A 101 -0.01 9.03 -12.81
N GLY A 102 -0.24 7.90 -12.17
CA GLY A 102 -1.48 7.15 -12.44
C GLY A 102 -1.35 5.81 -11.74
N ASN A 103 -0.18 5.23 -11.77
CA ASN A 103 0.02 3.94 -11.11
C ASN A 103 1.51 3.71 -10.87
N GLY A 104 1.83 2.59 -10.33
CA GLY A 104 3.25 2.25 -10.03
C GLY A 104 3.36 0.72 -9.84
N PRO A 105 4.40 0.25 -9.16
CA PRO A 105 4.54 -1.21 -8.93
C PRO A 105 3.21 -1.79 -8.41
N GLU A 106 3.17 -3.06 -8.15
CA GLU A 106 1.91 -3.68 -7.67
C GLU A 106 1.86 -3.70 -6.14
N GLY A 107 0.81 -4.26 -5.59
CA GLY A 107 0.69 -4.32 -4.10
C GLY A 107 0.62 -5.78 -3.65
N VAL A 108 0.85 -6.03 -2.39
CA VAL A 108 0.81 -7.40 -1.87
C VAL A 108 -0.52 -7.64 -1.14
N ALA A 109 -1.17 -8.69 -1.49
CA ALA A 109 -2.48 -9.00 -0.84
C ALA A 109 -2.23 -9.48 0.59
N ILE A 110 -2.75 -8.78 1.55
CA ILE A 110 -2.53 -9.20 2.97
C ILE A 110 -3.76 -9.99 3.45
N SER A 111 -3.68 -10.58 4.60
CA SER A 111 -4.84 -11.37 5.11
C SER A 111 -5.03 -11.11 6.60
N PHE A 112 -6.21 -11.38 7.12
CA PHE A 112 -6.46 -11.15 8.56
C PHE A 112 -7.21 -12.34 9.15
N ASN A 113 -6.52 -13.18 9.88
CA ASN A 113 -7.19 -14.37 10.48
C ASN A 113 -8.03 -13.92 11.67
C1 CHR B . -3.55 7.72 -3.95
C2 CHR B . -3.95 8.60 -2.89
C3 CHR B . -4.54 9.21 -2.06
C4 CHR B . -5.53 9.78 -1.13
O2 CHR B . -6.03 8.95 -0.04
C5 CHR B . -6.84 9.00 -1.24
C6 CHR B . -6.69 7.90 -2.24
C7 CHR B . -6.34 7.12 -3.06
C8 CHR B . -5.65 6.32 -4.06
C9 CHR B . -4.45 6.72 -4.52
C10 CHR B . -3.82 6.13 -5.77
O1 CHR B . -4.41 6.67 -6.94
C11 CHR B . -2.35 6.58 -5.65
O6 CHR B . -1.57 5.49 -5.22
C12 CHR B . -2.38 7.66 -4.58
C13 CHR B . -4.21 6.03 -8.19
O3 CHR B . -5.06 4.90 -8.28
C14 CHR B . -4.55 7.01 -9.33
N1 CHR B . -3.76 8.25 -9.15
C19 CHR B . -2.43 8.41 -9.82
C15 CHR B . -6.04 7.33 -9.30
O4 CHR B . -6.36 8.21 -10.37
C16 CHR B . -6.84 6.04 -9.44
O5 CHR B . -6.55 5.44 -10.70
C17 CHR B . -6.47 5.07 -8.31
C18 CHR B . -7.14 3.71 -8.57
C20 CHR B . -1.29 4.72 -6.25
O7 CHR B . -0.94 5.18 -7.32
C21 CHR B . -1.41 3.27 -6.03
C22 CHR B . -1.87 2.46 -7.07
O9 CHR B . -2.11 3.02 -8.32
C23 CHR B . -2.07 1.09 -6.86
C24 CHR B . -1.83 0.54 -5.60
C25 CHR B . -1.37 1.34 -4.55
C26 CHR B . -1.15 2.71 -4.76
C27 CHR B . -0.69 3.51 -3.70
C28 CHR B . -0.44 2.94 -2.45
O8 CHR B . 0.02 3.74 -1.40
C31 CHR B . -0.49 5.06 -1.36
C29 CHR B . -0.65 1.57 -2.24
C30 CHR B . -1.12 0.78 -3.30
C32 CHR B . -1.36 -0.70 -3.07
C33 CHR B . -5.58 11.28 -0.97
O10 CHR B . -6.56 11.65 -0.02
C34 CHR B . -7.44 12.41 -0.67
O11 CHR B . -8.40 12.89 -0.11
O12 CHR B . -7.21 12.63 -1.96
C35 CHR B . -6.01 11.94 -2.27
H5 CHR B . -7.78 9.54 -1.22
H8 CHR B . -6.09 5.40 -4.42
H10 CHR B . -3.89 5.05 -5.77
H11 CHR B . -1.99 6.98 -6.58
H12 CHR B . -1.56 8.30 -4.36
H13 CHR B . -3.18 5.72 -8.29
H14 CHR B . -4.29 6.56 -10.28
H191 CHR B . -2.52 9.09 -10.65
H192 CHR B . -1.72 8.79 -9.11
H193 CHR B . -2.10 7.44 -10.18
H15 CHR B . -6.29 7.80 -8.35
HO4 CHR B . -5.78 8.97 -10.30
H16 CHR B . -7.90 6.26 -9.39
HO5 CHR B . -5.61 5.29 -10.75
H17 CHR B . -6.81 5.47 -7.38
H181 CHR B . -7.57 3.70 -9.55
H182 CHR B . -6.41 2.93 -8.48
H183 CHR B . -7.92 3.56 -7.83
HO9 CHR B . -2.85 3.64 -8.26
H23 CHR B . -2.42 0.47 -7.67
H24 CHR B . -1.98 -0.52 -5.45
H27 CHR B . -0.48 4.56 -3.86
H311 CHR B . -1.57 5.03 -1.25
H312 CHR B . -0.23 5.57 -2.27
H313 CHR B . -0.06 5.58 -0.52
H29 CHR B . -0.46 1.13 -1.27
H321 CHR B . -1.14 -0.96 -2.05
H322 CHR B . -0.72 -1.27 -3.74
H323 CHR B . -2.39 -0.93 -3.29
H33 CHR B . -4.61 11.66 -0.66
H351 CHR B . -6.21 11.19 -3.03
H352 CHR B . -5.26 12.63 -2.61
N ALA A 1 18.13 -6.04 -13.31
CA ALA A 1 17.49 -5.44 -12.11
C ALA A 1 16.09 -4.96 -12.48
N ALA A 2 15.08 -5.59 -11.93
CA ALA A 2 13.69 -5.17 -12.25
C ALA A 2 12.97 -4.75 -10.96
N PRO A 3 12.01 -3.87 -11.10
CA PRO A 3 11.24 -3.36 -9.96
C PRO A 3 10.51 -4.51 -9.25
N THR A 4 10.17 -4.30 -8.03
CA THR A 4 9.44 -5.33 -7.25
C THR A 4 9.17 -4.78 -5.84
N ALA A 5 8.72 -5.59 -4.94
CA ALA A 5 8.44 -5.08 -3.57
C ALA A 5 8.30 -6.22 -2.61
N THR A 6 9.00 -6.13 -1.52
CA THR A 6 8.91 -7.20 -0.50
C THR A 6 8.19 -6.68 0.72
N VAL A 7 7.02 -7.16 0.87
CA VAL A 7 6.15 -6.75 2.02
C VAL A 7 5.88 -7.97 2.93
N THR A 8 5.96 -7.79 4.22
CA THR A 8 5.71 -8.92 5.15
C THR A 8 5.70 -8.38 6.59
N PRO A 9 4.93 -9.01 7.44
CA PRO A 9 4.09 -10.16 7.06
C PRO A 9 2.86 -9.67 6.33
N SER A 10 2.34 -10.47 5.46
CA SER A 10 1.12 -10.06 4.70
C SER A 10 -0.12 -10.41 5.51
N SER A 11 -0.03 -11.41 6.35
CA SER A 11 -1.20 -11.82 7.17
C SER A 11 -0.75 -12.03 8.62
N GLY A 12 -1.68 -12.16 9.53
CA GLY A 12 -1.31 -12.37 10.96
C GLY A 12 -0.85 -11.03 11.53
N LEU A 13 -1.51 -9.99 11.14
CA LEU A 13 -1.14 -8.63 11.59
C LEU A 13 -1.97 -8.23 12.78
N SER A 14 -3.18 -8.54 12.68
CA SER A 14 -4.16 -8.22 13.75
C SER A 14 -4.37 -6.70 13.82
N ASP A 15 -5.58 -6.33 14.09
CA ASP A 15 -5.93 -4.88 14.16
C ASP A 15 -4.96 -4.12 15.04
N GLY A 16 -4.07 -3.36 14.44
CA GLY A 16 -3.14 -2.54 15.25
C GLY A 16 -1.67 -2.95 15.08
N THR A 17 -1.29 -3.73 14.10
CA THR A 17 0.15 -4.06 14.02
C THR A 17 0.78 -3.30 12.87
N VAL A 18 2.00 -3.63 12.61
CA VAL A 18 2.76 -2.95 11.52
C VAL A 18 3.38 -3.96 10.57
N VAL A 19 3.30 -3.71 9.28
CA VAL A 19 3.91 -4.63 8.30
C VAL A 19 5.10 -3.92 7.65
N LYS A 20 6.03 -4.66 7.11
CA LYS A 20 7.20 -4.02 6.48
C LYS A 20 7.07 -4.15 4.96
N VAL A 21 6.81 -3.07 4.28
CA VAL A 21 6.68 -3.13 2.80
C VAL A 21 7.95 -2.56 2.18
N ALA A 22 8.43 -3.13 1.11
CA ALA A 22 9.66 -2.58 0.50
C ALA A 22 9.53 -2.57 -1.02
N GLY A 23 10.35 -1.80 -1.65
CA GLY A 23 10.32 -1.71 -3.12
C GLY A 23 11.74 -1.88 -3.64
N ALA A 24 11.93 -2.53 -4.75
CA ALA A 24 13.32 -2.68 -5.27
C ALA A 24 13.28 -2.66 -6.81
N GLY A 25 14.03 -1.79 -7.45
CA GLY A 25 14.00 -1.76 -8.93
C GLY A 25 12.88 -0.84 -9.42
N LEU A 26 12.49 0.13 -8.64
CA LEU A 26 11.40 1.03 -9.09
C LEU A 26 12.02 2.15 -9.92
N GLN A 27 11.22 2.98 -10.53
CA GLN A 27 11.78 4.07 -11.35
C GLN A 27 12.90 4.76 -10.59
N ALA A 28 14.11 4.41 -10.92
CA ALA A 28 15.30 4.99 -10.24
C ALA A 28 15.27 6.52 -10.34
N GLY A 29 14.46 7.16 -9.54
CA GLY A 29 14.40 8.64 -9.58
C GLY A 29 12.94 9.08 -9.58
N THR A 30 12.09 8.35 -8.90
CA THR A 30 10.66 8.74 -8.88
C THR A 30 10.04 8.52 -7.48
N ALA A 31 9.78 9.60 -6.81
CA ALA A 31 9.15 9.54 -5.46
C ALA A 31 7.89 8.66 -5.52
N TYR A 32 7.90 7.52 -4.89
CA TYR A 32 6.71 6.64 -4.92
C TYR A 32 6.03 6.66 -3.55
N ASP A 33 4.75 6.36 -3.49
CA ASP A 33 4.08 6.36 -2.16
C ASP A 33 4.00 4.91 -1.67
N VAL A 34 3.81 4.73 -0.40
CA VAL A 34 3.78 3.34 0.15
C VAL A 34 2.69 3.21 1.22
N GLY A 35 1.68 2.36 1.05
CA GLY A 35 0.64 2.27 2.12
C GLY A 35 -0.32 1.10 1.87
N GLN A 36 -1.32 0.98 2.73
CA GLN A 36 -2.32 -0.11 2.62
C GLN A 36 -3.57 0.45 1.94
N CYS A 37 -3.82 0.05 0.73
CA CYS A 37 -5.02 0.53 0.01
C CYS A 37 -5.81 -0.66 -0.57
N ALA A 38 -7.11 -0.52 -0.67
CA ALA A 38 -7.93 -1.65 -1.20
C ALA A 38 -8.79 -1.19 -2.39
N TRP A 39 -8.89 -2.00 -3.42
CA TRP A 39 -9.74 -1.63 -4.59
C TRP A 39 -11.11 -2.27 -4.38
N VAL A 40 -12.14 -1.49 -4.21
CA VAL A 40 -13.49 -2.06 -3.98
C VAL A 40 -14.35 -1.93 -5.24
N ASP A 41 -13.76 -1.64 -6.37
CA ASP A 41 -14.57 -1.50 -7.60
C ASP A 41 -13.68 -1.05 -8.77
N THR A 42 -14.27 -0.79 -9.90
CA THR A 42 -13.48 -0.34 -11.07
C THR A 42 -13.01 1.10 -10.87
N GLY A 43 -11.81 1.26 -10.42
CA GLY A 43 -11.27 2.64 -10.20
C GLY A 43 -11.67 3.19 -8.82
N VAL A 44 -11.87 2.34 -7.85
CA VAL A 44 -12.24 2.85 -6.50
C VAL A 44 -11.10 2.43 -5.54
N LEU A 45 -10.25 3.34 -5.10
CA LEU A 45 -9.13 2.94 -4.22
C LEU A 45 -9.27 3.61 -2.84
N ALA A 46 -9.68 2.86 -1.84
CA ALA A 46 -9.80 3.46 -0.48
C ALA A 46 -8.54 3.11 0.31
N CYS A 47 -7.69 4.07 0.58
CA CYS A 47 -6.44 3.75 1.33
C CYS A 47 -6.51 4.31 2.75
N ASN A 48 -5.66 3.82 3.62
CA ASN A 48 -5.67 4.30 5.03
C ASN A 48 -4.42 5.16 5.29
N PRO A 49 -4.61 6.33 5.86
CA PRO A 49 -3.49 7.24 6.17
C PRO A 49 -2.63 6.73 7.35
N ALA A 50 -2.66 5.45 7.65
CA ALA A 50 -1.83 4.94 8.78
C ALA A 50 -0.56 4.30 8.21
N ASP A 51 -0.47 4.24 6.91
CA ASP A 51 0.72 3.64 6.29
C ASP A 51 1.17 4.54 5.15
N PHE A 52 0.60 5.70 5.05
CA PHE A 52 0.97 6.61 3.93
C PHE A 52 2.41 7.09 4.06
N SER A 53 3.35 6.34 3.55
CA SER A 53 4.77 6.77 3.62
C SER A 53 5.19 7.16 2.19
N SER A 54 6.46 7.33 1.94
CA SER A 54 6.86 7.72 0.55
C SER A 54 8.38 7.90 0.44
N VAL A 55 8.95 7.36 -0.59
CA VAL A 55 10.41 7.51 -0.83
C VAL A 55 10.64 7.46 -2.34
N THR A 56 11.73 7.98 -2.82
CA THR A 56 11.96 7.95 -4.30
C THR A 56 12.90 6.81 -4.65
N ALA A 57 12.63 6.18 -5.75
CA ALA A 57 13.52 5.08 -6.19
C ALA A 57 14.92 5.63 -6.47
N ASP A 58 15.81 5.33 -5.59
CA ASP A 58 17.23 5.80 -5.72
C ASP A 58 17.86 5.29 -7.03
N ALA A 59 19.09 4.87 -6.97
CA ALA A 59 19.80 4.39 -8.20
C ALA A 59 18.97 3.32 -8.91
N ASN A 60 18.55 2.36 -8.18
CA ASN A 60 17.71 1.28 -8.78
C ASN A 60 16.27 1.57 -8.34
N GLY A 61 16.15 2.08 -7.15
CA GLY A 61 14.84 2.46 -6.59
C GLY A 61 14.42 1.48 -5.49
N SER A 62 15.13 1.49 -4.40
CA SER A 62 14.77 0.58 -3.28
C SER A 62 14.11 1.39 -2.19
N ALA A 63 12.97 0.96 -1.74
CA ALA A 63 12.25 1.74 -0.69
C ALA A 63 11.74 0.78 0.39
N SER A 64 12.33 0.82 1.56
CA SER A 64 11.88 -0.09 2.64
C SER A 64 11.36 0.74 3.81
N THR A 65 10.10 0.58 4.14
CA THR A 65 9.52 1.35 5.26
C THR A 65 8.45 0.50 5.95
N SER A 66 8.23 0.73 7.21
CA SER A 66 7.21 -0.06 7.95
C SER A 66 5.93 0.76 8.05
N LEU A 67 4.81 0.10 8.17
CA LEU A 67 3.51 0.85 8.25
C LEU A 67 2.53 0.06 9.12
N THR A 68 1.51 0.71 9.64
CA THR A 68 0.52 -0.02 10.49
C THR A 68 -0.71 -0.32 9.62
N VAL A 69 -1.09 -1.57 9.51
CA VAL A 69 -2.28 -1.89 8.65
C VAL A 69 -3.19 -2.90 9.36
N ARG A 70 -4.49 -2.78 9.22
CA ARG A 70 -5.37 -3.77 9.89
C ARG A 70 -6.63 -4.02 9.05
N ARG A 71 -7.53 -4.80 9.60
CA ARG A 71 -8.79 -5.13 8.86
C ARG A 71 -9.45 -3.83 8.42
N SER A 72 -10.48 -3.38 9.11
CA SER A 72 -11.13 -2.12 8.71
C SER A 72 -10.09 -1.03 8.67
N PHE A 73 -10.14 -0.16 7.71
CA PHE A 73 -9.11 0.88 7.65
C PHE A 73 -9.60 2.03 6.77
N GLU A 74 -9.34 3.25 7.21
CA GLU A 74 -9.80 4.44 6.46
C GLU A 74 -9.74 4.20 4.95
N GLY A 75 -10.86 4.30 4.29
CA GLY A 75 -10.92 4.06 2.82
C GLY A 75 -10.76 5.37 2.02
N PHE A 76 -9.77 6.17 2.32
CA PHE A 76 -9.59 7.46 1.56
C PHE A 76 -9.89 7.24 0.07
N LEU A 77 -10.93 7.87 -0.46
CA LEU A 77 -11.27 7.68 -1.91
C LEU A 77 -10.48 8.69 -2.75
N PHE A 78 -9.72 8.25 -3.73
CA PHE A 78 -8.94 9.21 -4.57
C PHE A 78 -9.87 10.13 -5.37
N ASP A 79 -10.75 10.83 -4.70
CA ASP A 79 -11.67 11.74 -5.41
C ASP A 79 -12.13 12.86 -4.48
N GLY A 80 -11.44 13.05 -3.40
CA GLY A 80 -11.83 14.14 -2.45
C GLY A 80 -12.79 13.59 -1.39
N THR A 81 -13.53 12.56 -1.70
CA THR A 81 -14.47 12.01 -0.70
C THR A 81 -13.89 10.75 -0.05
N ARG A 82 -14.42 10.39 1.09
CA ARG A 82 -13.93 9.17 1.79
C ARG A 82 -14.95 8.04 1.58
N TRP A 83 -14.49 6.83 1.35
CA TRP A 83 -15.43 5.71 1.09
C TRP A 83 -15.96 5.13 2.41
N GLY A 84 -15.28 5.39 3.49
CA GLY A 84 -15.72 4.86 4.80
C GLY A 84 -14.68 3.86 5.31
N THR A 85 -14.85 3.35 6.50
CA THR A 85 -13.87 2.36 7.02
C THR A 85 -13.98 1.10 6.16
N VAL A 86 -13.03 0.88 5.29
CA VAL A 86 -13.07 -0.30 4.42
C VAL A 86 -12.71 -1.55 5.21
N ASP A 87 -13.67 -2.38 5.50
CA ASP A 87 -13.39 -3.62 6.28
C ASP A 87 -12.48 -4.56 5.47
N CYS A 88 -11.25 -4.74 5.89
CA CYS A 88 -10.37 -5.66 5.10
C CYS A 88 -10.93 -7.09 5.16
N THR A 89 -11.96 -7.32 5.93
CA THR A 89 -12.54 -8.69 6.00
C THR A 89 -13.55 -8.88 4.87
N THR A 90 -13.74 -7.86 4.07
CA THR A 90 -14.71 -7.97 2.95
C THR A 90 -13.97 -7.88 1.62
N ALA A 91 -13.14 -6.87 1.47
CA ALA A 91 -12.37 -6.71 0.21
C ALA A 91 -10.92 -7.16 0.44
N ALA A 92 -10.10 -7.07 -0.56
CA ALA A 92 -8.68 -7.47 -0.40
C ALA A 92 -7.80 -6.22 -0.33
N CYS A 93 -7.15 -5.98 0.79
CA CYS A 93 -6.30 -4.76 0.90
C CYS A 93 -4.85 -5.13 0.61
N GLN A 94 -4.25 -4.49 -0.36
CA GLN A 94 -2.85 -4.81 -0.69
C GLN A 94 -1.90 -3.76 -0.15
N VAL A 95 -0.76 -4.21 0.22
CA VAL A 95 0.28 -3.28 0.73
C VAL A 95 1.27 -3.07 -0.41
N GLY A 96 1.29 -1.91 -0.98
CA GLY A 96 2.22 -1.73 -2.13
C GLY A 96 2.66 -0.28 -2.28
N LEU A 97 3.31 0.02 -3.37
CA LEU A 97 3.81 1.40 -3.61
C LEU A 97 3.17 1.94 -4.88
N SER A 98 3.45 3.16 -5.20
CA SER A 98 2.88 3.76 -6.44
C SER A 98 3.36 5.20 -6.58
N ASP A 99 3.09 5.85 -7.68
CA ASP A 99 3.55 7.25 -7.85
C ASP A 99 2.32 8.17 -7.96
N ALA A 100 2.47 9.35 -8.50
CA ALA A 100 1.29 10.26 -8.61
C ALA A 100 1.04 10.55 -10.09
N ALA A 101 1.24 9.58 -10.94
CA ALA A 101 1.02 9.80 -12.40
C ALA A 101 -0.18 8.98 -12.87
N GLY A 102 -0.42 7.83 -12.28
CA GLY A 102 -1.56 7.01 -12.71
C GLY A 102 -1.44 5.64 -12.05
N ASN A 103 -0.24 5.14 -11.94
CA ASN A 103 -0.04 3.84 -11.30
C ASN A 103 1.45 3.63 -11.02
N GLY A 104 1.77 2.48 -10.52
CA GLY A 104 3.18 2.15 -10.19
C GLY A 104 3.28 0.64 -9.89
N PRO A 105 4.32 0.18 -9.21
CA PRO A 105 4.43 -1.26 -8.90
C PRO A 105 3.11 -1.79 -8.34
N GLU A 106 3.05 -3.06 -8.03
CA GLU A 106 1.78 -3.64 -7.51
C GLU A 106 1.80 -3.68 -5.97
N GLY A 107 0.80 -4.24 -5.37
CA GLY A 107 0.75 -4.32 -3.89
C GLY A 107 0.70 -5.78 -3.45
N VAL A 108 0.98 -6.04 -2.20
CA VAL A 108 0.95 -7.41 -1.69
C VAL A 108 -0.36 -7.65 -0.96
N ALA A 109 -1.04 -8.69 -1.33
CA ALA A 109 -2.35 -9.02 -0.70
C ALA A 109 -2.10 -9.49 0.74
N ILE A 110 -2.67 -8.81 1.69
CA ILE A 110 -2.48 -9.23 3.11
C ILE A 110 -3.68 -10.05 3.56
N SER A 111 -3.60 -10.66 4.72
CA SER A 111 -4.75 -11.49 5.20
C SER A 111 -4.95 -11.28 6.70
N PHE A 112 -6.13 -11.54 7.20
CA PHE A 112 -6.39 -11.35 8.64
C PHE A 112 -7.14 -12.56 9.19
N ASN A 113 -6.51 -13.32 10.06
CA ASN A 113 -7.19 -14.52 10.63
C ASN A 113 -8.44 -14.08 11.40
C1 CHR B . -3.48 7.81 -4.03
C2 CHR B . -3.92 8.69 -2.98
C3 CHR B . -4.52 9.31 -2.17
C4 CHR B . -5.54 9.89 -1.28
O2 CHR B . -6.07 9.06 -0.21
C5 CHR B . -6.84 9.11 -1.43
C6 CHR B . -6.67 8.02 -2.41
C7 CHR B . -6.29 7.22 -3.23
C8 CHR B . -5.58 6.43 -4.20
C9 CHR B . -4.37 6.82 -4.64
C10 CHR B . -3.72 6.25 -5.87
O1 CHR B . -4.26 6.82 -7.05
C11 CHR B . -2.24 6.68 -5.69
O6 CHR B . -1.48 5.56 -5.26
C12 CHR B . -2.28 7.73 -4.61
C13 CHR B . -4.08 6.18 -8.31
O3 CHR B . -4.84 4.98 -8.33
C14 CHR B . -4.53 7.11 -9.43
N1 CHR B . -3.84 8.42 -9.31
C19 CHR B . -2.72 8.75 -10.25
C15 CHR B . -6.05 7.31 -9.33
O4 CHR B . -6.47 8.14 -10.40
C16 CHR B . -6.74 5.96 -9.43
O5 CHR B . -6.47 5.36 -10.69
C17 CHR B . -6.25 5.05 -8.30
C18 CHR B . -6.83 3.64 -8.49
C20 CHR B . -1.25 4.78 -6.29
O7 CHR B . -0.93 5.22 -7.38
C21 CHR B . -1.41 3.34 -6.06
C22 CHR B . -1.95 2.54 -7.06
O9 CHR B . -2.24 3.09 -8.31
C23 CHR B . -2.19 1.18 -6.83
C24 CHR B . -1.91 0.62 -5.59
C25 CHR B . -1.35 1.40 -4.57
C26 CHR B . -1.10 2.77 -4.80
C27 CHR B . -0.54 3.56 -3.77
C28 CHR B . -0.27 2.98 -2.52
O8 CHR B . 0.27 3.76 -1.50
C31 CHR B . -0.34 5.02 -1.29
C29 CHR B . -0.53 1.62 -2.30
C30 CHR B . -1.07 0.84 -3.32
C32 CHR B . -1.36 -0.64 -3.08
C33 CHR B . -5.59 11.40 -1.13
O10 CHR B . -6.68 11.77 -0.31
C34 CHR B . -7.47 12.52 -1.07
O11 CHR B . -8.50 13.00 -0.65
O12 CHR B . -7.08 12.75 -2.32
C35 CHR B . -5.85 12.05 -2.48
H5 CHR B . -7.79 9.67 -1.44
H8 CHR B . -6.01 5.52 -4.58
H10 CHR B . -3.80 5.17 -5.89
H11 CHR B . -1.84 7.09 -6.61
H12 CHR B . -1.46 8.36 -4.35
H13 CHR B . -3.03 5.94 -8.43
H14 CHR B . -4.29 6.65 -10.38
H191 CHR B . -2.04 7.91 -10.32
H192 CHR B . -2.19 9.61 -9.87
H193 CHR B . -3.12 8.97 -11.22
H15 CHR B . -6.29 7.78 -8.39
HO4 CHR B . -6.64 9.02 -10.04
H16 CHR B . -7.82 6.09 -9.33
HO5 CHR B . -6.61 6.01 -11.37
H17 CHR B . -6.57 5.44 -7.35
H181 CHR B . -6.09 2.90 -8.24
H182 CHR B . -7.70 3.52 -7.86
H183 CHR B . -7.12 3.50 -9.53
HO9 CHR B . -3.13 3.47 -8.29
H23 CHR B . -2.62 0.57 -7.62
H24 CHR B . -2.10 -0.43 -5.41
H27 CHR B . -0.31 4.59 -3.95
H311 CHR B . -1.41 4.94 -1.46
H312 CHR B . -0.17 5.35 -0.29
H313 CHR B . 0.07 5.74 -1.99
H29 CHR B . -0.33 1.18 -1.33
H321 CHR B . -2.36 -0.86 -3.41
H322 CHR B . -1.27 -0.85 -2.03
H323 CHR B . -0.66 -1.23 -3.63
H33 CHR B . -4.67 11.77 -0.70
H351 CHR B . -5.06 12.74 -2.72
H352 CHR B . -5.94 11.30 -3.24
N ALA A 1 18.18 -6.33 -13.31
CA ALA A 1 17.54 -5.74 -12.10
C ALA A 1 16.19 -5.15 -12.48
N ALA A 2 15.12 -5.72 -11.99
CA ALA A 2 13.77 -5.19 -12.32
C ALA A 2 13.05 -4.78 -11.03
N PRO A 3 12.08 -3.91 -11.18
CA PRO A 3 11.29 -3.41 -10.03
C PRO A 3 10.60 -4.57 -9.32
N THR A 4 10.24 -4.37 -8.09
CA THR A 4 9.54 -5.43 -7.31
C THR A 4 9.25 -4.87 -5.92
N ALA A 5 8.83 -5.69 -5.01
CA ALA A 5 8.52 -5.18 -3.64
C ALA A 5 8.38 -6.31 -2.66
N THR A 6 9.07 -6.17 -1.56
CA THR A 6 8.98 -7.24 -0.52
C THR A 6 8.25 -6.68 0.68
N VAL A 7 7.08 -7.15 0.85
CA VAL A 7 6.22 -6.71 1.99
C VAL A 7 5.96 -7.89 2.94
N THR A 8 5.96 -7.63 4.23
CA THR A 8 5.72 -8.71 5.21
C THR A 8 5.67 -8.10 6.63
N PRO A 9 4.89 -8.71 7.49
CA PRO A 9 4.09 -9.89 7.16
C PRO A 9 2.84 -9.45 6.40
N SER A 10 2.35 -10.29 5.56
CA SER A 10 1.12 -9.93 4.78
C SER A 10 -0.11 -10.37 5.56
N SER A 11 0.03 -11.33 6.42
CA SER A 11 -1.15 -11.81 7.21
C SER A 11 -0.75 -11.99 8.67
N GLY A 12 -1.72 -12.06 9.55
CA GLY A 12 -1.40 -12.22 11.01
C GLY A 12 -0.97 -10.87 11.56
N LEU A 13 -1.61 -9.83 11.11
CA LEU A 13 -1.25 -8.46 11.54
C LEU A 13 -2.10 -8.05 12.71
N SER A 14 -3.31 -8.35 12.58
CA SER A 14 -4.30 -8.02 13.62
C SER A 14 -4.45 -6.49 13.76
N ASP A 15 -5.64 -6.06 14.02
CA ASP A 15 -5.92 -4.61 14.14
C ASP A 15 -4.93 -3.93 15.08
N GLY A 16 -4.04 -3.15 14.52
CA GLY A 16 -3.07 -2.42 15.38
C GLY A 16 -1.62 -2.86 15.17
N THR A 17 -1.28 -3.60 14.14
CA THR A 17 0.14 -3.96 14.01
C THR A 17 0.78 -3.15 12.90
N VAL A 18 1.98 -3.48 12.60
CA VAL A 18 2.72 -2.74 11.54
C VAL A 18 3.28 -3.71 10.51
N VAL A 19 3.14 -3.39 9.25
CA VAL A 19 3.68 -4.28 8.19
C VAL A 19 4.90 -3.58 7.55
N LYS A 20 5.79 -4.33 6.97
CA LYS A 20 6.98 -3.71 6.34
C LYS A 20 6.91 -3.94 4.83
N VAL A 21 6.67 -2.90 4.08
CA VAL A 21 6.59 -3.04 2.61
C VAL A 21 7.87 -2.49 1.99
N ALA A 22 8.40 -3.12 0.98
CA ALA A 22 9.64 -2.58 0.39
C ALA A 22 9.53 -2.60 -1.13
N GLY A 23 10.33 -1.82 -1.79
CA GLY A 23 10.30 -1.76 -3.26
C GLY A 23 11.74 -1.91 -3.75
N ALA A 24 11.94 -2.55 -4.86
CA ALA A 24 13.34 -2.69 -5.37
C ALA A 24 13.31 -2.67 -6.90
N GLY A 25 14.03 -1.79 -7.55
CA GLY A 25 14.00 -1.77 -9.03
C GLY A 25 12.89 -0.84 -9.52
N LEU A 26 12.52 0.14 -8.74
CA LEU A 26 11.44 1.06 -9.17
C LEU A 26 12.07 2.18 -10.00
N GLN A 27 11.28 3.05 -10.54
CA GLN A 27 11.85 4.16 -11.36
C GLN A 27 13.00 4.80 -10.60
N ALA A 28 14.19 4.40 -10.94
CA ALA A 28 15.40 4.92 -10.26
C ALA A 28 15.45 6.44 -10.37
N GLY A 29 14.68 7.12 -9.56
CA GLY A 29 14.69 8.60 -9.60
C GLY A 29 13.25 9.12 -9.62
N THR A 30 12.35 8.45 -8.94
CA THR A 30 10.95 8.92 -8.94
C THR A 30 10.27 8.63 -7.60
N ALA A 31 9.97 9.66 -6.87
CA ALA A 31 9.28 9.54 -5.56
C ALA A 31 8.12 8.54 -5.68
N TYR A 32 8.08 7.58 -4.82
CA TYR A 32 6.98 6.56 -4.86
C TYR A 32 6.19 6.64 -3.54
N ASP A 33 4.91 6.31 -3.57
CA ASP A 33 4.13 6.35 -2.30
C ASP A 33 4.01 4.92 -1.79
N VAL A 34 3.86 4.72 -0.51
CA VAL A 34 3.78 3.33 0.03
C VAL A 34 2.67 3.23 1.09
N GLY A 35 1.65 2.40 0.91
CA GLY A 35 0.59 2.33 1.95
C GLY A 35 -0.36 1.14 1.73
N GLN A 36 -1.34 1.02 2.60
CA GLN A 36 -2.32 -0.07 2.52
C GLN A 36 -3.60 0.47 1.86
N CYS A 37 -3.86 0.07 0.66
CA CYS A 37 -5.09 0.55 -0.03
C CYS A 37 -5.86 -0.63 -0.61
N ALA A 38 -7.16 -0.52 -0.69
CA ALA A 38 -7.98 -1.65 -1.23
C ALA A 38 -8.82 -1.19 -2.43
N TRP A 39 -8.90 -1.99 -3.47
CA TRP A 39 -9.74 -1.60 -4.65
C TRP A 39 -11.10 -2.29 -4.47
N VAL A 40 -12.15 -1.53 -4.29
CA VAL A 40 -13.48 -2.15 -4.09
C VAL A 40 -14.34 -2.00 -5.34
N ASP A 41 -13.75 -1.66 -6.46
CA ASP A 41 -14.57 -1.51 -7.69
C ASP A 41 -13.69 -0.97 -8.83
N THR A 42 -14.29 -0.70 -9.96
CA THR A 42 -13.51 -0.18 -11.12
C THR A 42 -13.10 1.27 -10.85
N GLY A 43 -11.90 1.46 -10.41
CA GLY A 43 -11.41 2.85 -10.15
C GLY A 43 -11.81 3.32 -8.75
N VAL A 44 -11.98 2.43 -7.81
CA VAL A 44 -12.33 2.87 -6.44
C VAL A 44 -11.18 2.44 -5.50
N LEU A 45 -10.35 3.36 -5.05
CA LEU A 45 -9.20 2.95 -4.19
C LEU A 45 -9.32 3.61 -2.80
N ALA A 46 -9.72 2.87 -1.79
CA ALA A 46 -9.83 3.47 -0.43
C ALA A 46 -8.56 3.11 0.35
N CYS A 47 -7.71 4.07 0.61
CA CYS A 47 -6.45 3.76 1.35
C CYS A 47 -6.53 4.28 2.79
N ASN A 48 -5.63 3.85 3.63
CA ASN A 48 -5.67 4.31 5.06
C ASN A 48 -4.49 5.26 5.32
N PRO A 49 -4.77 6.38 5.98
CA PRO A 49 -3.73 7.38 6.30
C PRO A 49 -2.80 6.92 7.45
N ALA A 50 -2.66 5.64 7.67
CA ALA A 50 -1.76 5.17 8.76
C ALA A 50 -0.62 4.35 8.17
N ASP A 51 -0.56 4.27 6.87
CA ASP A 51 0.52 3.51 6.20
C ASP A 51 0.98 4.34 5.01
N PHE A 52 0.65 5.60 5.00
CA PHE A 52 1.03 6.45 3.85
C PHE A 52 2.48 6.94 3.99
N SER A 53 3.43 6.18 3.53
CA SER A 53 4.85 6.62 3.61
C SER A 53 5.28 7.06 2.21
N SER A 54 6.56 7.21 1.97
CA SER A 54 6.98 7.65 0.61
C SER A 54 8.50 7.81 0.51
N VAL A 55 9.07 7.33 -0.55
CA VAL A 55 10.54 7.46 -0.77
C VAL A 55 10.77 7.44 -2.28
N THR A 56 11.85 7.98 -2.76
CA THR A 56 12.07 7.97 -4.24
C THR A 56 12.98 6.81 -4.61
N ALA A 57 12.74 6.24 -5.75
CA ALA A 57 13.61 5.13 -6.20
C ALA A 57 15.02 5.66 -6.44
N ASP A 58 15.91 5.30 -5.57
CA ASP A 58 17.33 5.73 -5.67
C ASP A 58 17.96 5.21 -6.98
N ALA A 59 19.19 4.76 -6.91
CA ALA A 59 19.91 4.27 -8.14
C ALA A 59 19.05 3.25 -8.88
N ASN A 60 18.57 2.28 -8.18
CA ASN A 60 17.70 1.26 -8.81
C ASN A 60 16.28 1.57 -8.38
N GLY A 61 16.17 2.06 -7.19
CA GLY A 61 14.86 2.47 -6.63
C GLY A 61 14.42 1.50 -5.54
N SER A 62 15.15 1.46 -4.45
CA SER A 62 14.76 0.55 -3.35
C SER A 62 14.07 1.37 -2.26
N ALA A 63 12.92 0.94 -1.85
CA ALA A 63 12.20 1.73 -0.80
C ALA A 63 11.59 0.78 0.22
N SER A 64 12.12 0.75 1.41
CA SER A 64 11.58 -0.16 2.46
C SER A 64 11.12 0.68 3.66
N THR A 65 9.87 0.62 3.98
CA THR A 65 9.36 1.39 5.14
C THR A 65 8.26 0.59 5.84
N SER A 66 8.20 0.68 7.14
CA SER A 66 7.15 -0.07 7.90
C SER A 66 6.00 0.88 8.24
N LEU A 67 4.80 0.36 8.27
CA LEU A 67 3.63 1.23 8.57
C LEU A 67 2.58 0.41 9.33
N THR A 68 1.58 1.04 9.89
CA THR A 68 0.54 0.29 10.64
C THR A 68 -0.65 -0.01 9.72
N VAL A 69 -1.02 -1.27 9.59
CA VAL A 69 -2.18 -1.62 8.70
C VAL A 69 -3.08 -2.63 9.41
N ARG A 70 -4.38 -2.58 9.22
CA ARG A 70 -5.24 -3.57 9.92
C ARG A 70 -6.48 -3.93 9.08
N ARG A 71 -7.32 -4.77 9.63
CA ARG A 71 -8.55 -5.20 8.90
C ARG A 71 -9.30 -3.96 8.40
N SER A 72 -10.30 -3.51 9.10
CA SER A 72 -11.02 -2.30 8.65
C SER A 72 -10.05 -1.15 8.70
N PHE A 73 -10.18 -0.22 7.81
CA PHE A 73 -9.20 0.87 7.81
C PHE A 73 -9.70 2.03 6.94
N GLU A 74 -9.45 3.23 7.36
CA GLU A 74 -9.92 4.43 6.60
C GLU A 74 -9.83 4.16 5.10
N GLY A 75 -10.95 4.25 4.42
CA GLY A 75 -10.96 3.99 2.96
C GLY A 75 -10.85 5.31 2.15
N PHE A 76 -9.87 6.13 2.47
CA PHE A 76 -9.71 7.43 1.71
C PHE A 76 -10.01 7.21 0.22
N LEU A 77 -11.06 7.80 -0.31
CA LEU A 77 -11.39 7.61 -1.76
C LEU A 77 -10.60 8.64 -2.60
N PHE A 78 -9.85 8.22 -3.59
CA PHE A 78 -9.08 9.18 -4.43
C PHE A 78 -10.04 10.11 -5.18
N ASP A 79 -10.88 10.83 -4.49
CA ASP A 79 -11.82 11.76 -5.17
C ASP A 79 -12.33 12.80 -4.18
N GLY A 80 -11.62 13.01 -3.11
CA GLY A 80 -12.06 14.03 -2.11
C GLY A 80 -13.05 13.41 -1.13
N THR A 81 -13.78 12.40 -1.54
CA THR A 81 -14.77 11.77 -0.64
C THR A 81 -14.15 10.57 0.08
N ARG A 82 -14.71 10.20 1.20
CA ARG A 82 -14.19 9.04 1.97
C ARG A 82 -15.16 7.87 1.76
N TRP A 83 -14.65 6.67 1.52
CA TRP A 83 -15.55 5.51 1.28
C TRP A 83 -16.05 4.93 2.62
N GLY A 84 -15.39 5.25 3.70
CA GLY A 84 -15.79 4.70 5.02
C GLY A 84 -14.73 3.72 5.49
N THR A 85 -14.87 3.20 6.68
CA THR A 85 -13.87 2.22 7.17
C THR A 85 -13.97 0.98 6.29
N VAL A 86 -13.03 0.81 5.40
CA VAL A 86 -13.05 -0.34 4.49
C VAL A 86 -12.65 -1.61 5.25
N ASP A 87 -13.60 -2.48 5.52
CA ASP A 87 -13.30 -3.73 6.28
C ASP A 87 -12.41 -4.64 5.42
N CYS A 88 -11.17 -4.86 5.80
CA CYS A 88 -10.33 -5.76 4.95
C CYS A 88 -10.93 -7.17 4.89
N THR A 89 -11.99 -7.44 5.63
CA THR A 89 -12.60 -8.80 5.58
C THR A 89 -13.63 -8.86 4.46
N THR A 90 -13.88 -7.75 3.81
CA THR A 90 -14.87 -7.74 2.70
C THR A 90 -14.12 -7.70 1.37
N ALA A 91 -13.18 -6.83 1.26
CA ALA A 91 -12.39 -6.72 0.00
C ALA A 91 -10.95 -7.16 0.26
N ALA A 92 -10.12 -7.09 -0.73
CA ALA A 92 -8.70 -7.51 -0.54
C ALA A 92 -7.82 -6.24 -0.41
N CYS A 93 -7.18 -6.05 0.72
CA CYS A 93 -6.33 -4.83 0.89
C CYS A 93 -4.88 -5.18 0.57
N GLN A 94 -4.28 -4.49 -0.38
CA GLN A 94 -2.89 -4.79 -0.73
C GLN A 94 -1.94 -3.73 -0.24
N VAL A 95 -0.78 -4.16 0.13
CA VAL A 95 0.26 -3.23 0.58
C VAL A 95 1.21 -3.02 -0.59
N GLY A 96 1.19 -1.88 -1.18
CA GLY A 96 2.08 -1.69 -2.36
C GLY A 96 2.61 -0.26 -2.46
N LEU A 97 3.25 0.04 -3.54
CA LEU A 97 3.83 1.40 -3.73
C LEU A 97 3.16 2.06 -4.93
N SER A 98 3.55 3.26 -5.25
CA SER A 98 2.94 3.98 -6.39
C SER A 98 3.81 5.18 -6.75
N ASP A 99 3.62 5.75 -7.91
CA ASP A 99 4.44 6.94 -8.30
C ASP A 99 3.63 8.21 -8.08
N ALA A 100 2.36 8.08 -7.81
CA ALA A 100 1.51 9.28 -7.58
C ALA A 100 1.24 9.95 -8.92
N ALA A 101 1.05 9.17 -9.96
CA ALA A 101 0.79 9.75 -11.30
C ALA A 101 -0.34 9.00 -12.01
N GLY A 102 -0.46 7.71 -11.80
CA GLY A 102 -1.53 6.94 -12.48
C GLY A 102 -1.38 5.49 -12.07
N ASN A 103 -0.16 5.01 -12.02
CA ASN A 103 0.07 3.62 -11.62
C ASN A 103 1.48 3.46 -11.08
N GLY A 104 1.83 2.27 -10.71
CA GLY A 104 3.19 2.01 -10.16
C GLY A 104 3.34 0.50 -9.94
N PRO A 105 4.35 0.05 -9.19
CA PRO A 105 4.52 -1.39 -8.95
C PRO A 105 3.20 -2.02 -8.49
N GLU A 106 3.22 -3.28 -8.13
CA GLU A 106 1.97 -3.95 -7.68
C GLU A 106 1.83 -3.88 -6.16
N GLY A 107 0.78 -4.45 -5.63
CA GLY A 107 0.59 -4.41 -4.15
C GLY A 107 0.61 -5.85 -3.61
N VAL A 108 0.87 -6.01 -2.34
CA VAL A 108 0.93 -7.34 -1.74
C VAL A 108 -0.40 -7.61 -1.03
N ALA A 109 -1.03 -8.68 -1.38
CA ALA A 109 -2.33 -9.04 -0.74
C ALA A 109 -2.09 -9.51 0.69
N ILE A 110 -2.68 -8.85 1.65
CA ILE A 110 -2.48 -9.28 3.07
C ILE A 110 -3.66 -10.14 3.51
N SER A 111 -3.57 -10.77 4.64
CA SER A 111 -4.69 -11.62 5.13
C SER A 111 -4.92 -11.36 6.62
N PHE A 112 -6.10 -11.60 7.09
CA PHE A 112 -6.39 -11.36 8.53
C PHE A 112 -6.92 -12.64 9.17
N ASN A 113 -6.14 -13.26 10.02
CA ASN A 113 -6.59 -14.52 10.67
C ASN A 113 -8.03 -14.33 11.17
C1 CHR B . -3.69 7.84 -4.00
C2 CHR B . -4.10 8.74 -2.96
C3 CHR B . -4.69 9.36 -2.13
C4 CHR B . -5.68 9.92 -1.20
O2 CHR B . -6.17 9.11 -0.11
C5 CHR B . -6.99 9.14 -1.31
C6 CHR B . -6.84 8.04 -2.29
C7 CHR B . -6.47 7.25 -3.11
C8 CHR B . -5.79 6.45 -4.10
C9 CHR B . -4.59 6.84 -4.57
C10 CHR B . -3.97 6.26 -5.81
O1 CHR B . -4.56 6.78 -6.98
C11 CHR B . -2.49 6.71 -5.69
O6 CHR B . -1.70 5.61 -5.29
C12 CHR B . -2.52 7.77 -4.61
C13 CHR B . -4.34 6.14 -8.24
O3 CHR B . -5.17 5.00 -8.34
C14 CHR B . -4.67 7.11 -9.37
N1 CHR B . -3.91 8.38 -9.19
C19 CHR B . -2.76 8.68 -10.08
C15 CHR B . -6.17 7.42 -9.35
O4 CHR B . -6.50 8.31 -10.42
C16 CHR B . -6.96 6.11 -9.51
O5 CHR B . -6.64 5.53 -10.76
C17 CHR B . -6.58 5.14 -8.39
C18 CHR B . -7.23 3.79 -8.65
C20 CHR B . -1.29 4.94 -6.34
O7 CHR B . -0.89 5.50 -7.35
C21 CHR B . -1.37 3.48 -6.25
C22 CHR B . -1.75 2.73 -7.38
O9 CHR B . -1.97 3.37 -8.58
C23 CHR B . -1.91 1.34 -7.28
C24 CHR B . -1.69 0.70 -6.06
C25 CHR B . -1.31 1.44 -4.92
C26 CHR B . -1.14 2.83 -5.02
C27 CHR B . -0.74 3.56 -3.89
C28 CHR B . -0.53 2.90 -2.67
O8 CHR B . -0.13 3.63 -1.55
C31 CHR B . -0.51 4.99 -1.52
C29 CHR B . -0.70 1.52 -2.57
C30 CHR B . -1.09 0.78 -3.71
C32 CHR B . -1.29 -0.72 -3.61
C33 CHR B . -5.75 11.44 -1.06
O10 CHR B . -6.66 11.80 -0.04
C34 CHR B . -7.59 12.53 -0.63
O11 CHR B . -8.53 13.00 -0.01
O12 CHR B . -7.48 12.75 -1.94
C35 CHR B . -6.29 12.07 -2.33
H5 CHR B . -7.94 9.69 -1.29
H8 CHR B . -6.23 5.54 -4.46
H10 CHR B . -4.03 5.17 -5.79
H11 CHR B . -2.14 7.12 -6.63
H12 CHR B . -1.68 8.40 -4.38
H13 CHR B . -3.30 5.84 -8.31
H14 CHR B . -4.42 6.66 -10.32
H191 CHR B . -2.07 9.35 -9.58
H192 CHR B . -3.11 9.13 -10.99
H193 CHR B . -2.23 7.76 -10.33
H15 CHR B . -6.44 7.88 -8.41
HO4 CHR B . -6.35 9.20 -10.11
H16 CHR B . -8.02 6.32 -9.47
HO5 CHR B . -7.47 5.27 -11.18
H17 CHR B . -6.94 5.54 -7.45
H181 CHR B . -7.80 3.83 -9.58
H182 CHR B . -6.46 3.04 -8.72
H183 CHR B . -7.90 3.54 -7.84
HO9 CHR B . -1.22 3.95 -8.78
H23 CHR B . -2.20 0.77 -8.14
H24 CHR B . -1.82 -0.37 -5.98
H27 CHR B . -0.57 4.62 -3.96
H311 CHR B . -1.54 5.09 -1.84
H312 CHR B . 0.12 5.57 -2.17
H313 CHR B . -0.42 5.38 -0.51
H29 CHR B . -0.56 1.02 -1.64
H321 CHR B . -2.32 -0.96 -3.81
H322 CHR B . -1.04 -1.05 -2.60
H323 CHR B . -0.65 -1.22 -4.32
H33 CHR B . -4.76 11.83 -0.83
H351 CHR B . -5.57 12.77 -2.73
H352 CHR B . -6.52 11.31 -3.06
N ALA A 1 16.32 -5.87 -15.48
CA ALA A 1 16.19 -5.39 -14.07
C ALA A 1 14.77 -4.83 -13.86
N ALA A 2 13.98 -5.48 -13.06
CA ALA A 2 12.60 -4.97 -12.81
C ALA A 2 12.43 -4.68 -11.31
N PRO A 3 11.53 -3.78 -11.02
CA PRO A 3 11.24 -3.39 -9.63
C PRO A 3 10.73 -4.58 -8.83
N THR A 4 10.91 -4.51 -7.54
CA THR A 4 10.47 -5.61 -6.65
C THR A 4 10.01 -4.99 -5.33
N ALA A 5 9.24 -5.70 -4.56
CA ALA A 5 8.77 -5.12 -3.28
C ALA A 5 8.64 -6.19 -2.23
N THR A 6 9.25 -5.94 -1.12
CA THR A 6 9.19 -6.93 -0.02
C THR A 6 8.22 -6.46 1.06
N VAL A 7 7.10 -7.07 1.07
CA VAL A 7 6.07 -6.69 2.08
C VAL A 7 5.73 -7.91 2.95
N THR A 8 6.04 -7.82 4.22
CA THR A 8 5.75 -8.94 5.16
C THR A 8 5.75 -8.38 6.59
N PRO A 9 4.95 -8.98 7.44
CA PRO A 9 4.09 -10.12 7.09
C PRO A 9 2.85 -9.61 6.33
N SER A 10 2.33 -10.41 5.48
CA SER A 10 1.12 -10.00 4.71
C SER A 10 -0.13 -10.41 5.50
N SER A 11 -0.01 -11.42 6.31
CA SER A 11 -1.18 -11.87 7.12
C SER A 11 -0.74 -12.08 8.58
N GLY A 12 -1.68 -12.19 9.47
CA GLY A 12 -1.32 -12.39 10.91
C GLY A 12 -0.85 -11.04 11.48
N LEU A 13 -1.49 -9.99 11.05
CA LEU A 13 -1.12 -8.63 11.49
C LEU A 13 -1.92 -8.23 12.69
N SER A 14 -3.14 -8.55 12.60
CA SER A 14 -4.09 -8.22 13.68
C SER A 14 -4.30 -6.71 13.76
N ASP A 15 -5.50 -6.31 14.05
CA ASP A 15 -5.83 -4.86 14.14
C ASP A 15 -4.83 -4.11 15.00
N GLY A 16 -3.97 -3.34 14.39
CA GLY A 16 -3.02 -2.53 15.19
C GLY A 16 -1.56 -2.96 15.01
N THR A 17 -1.20 -3.75 14.02
CA THR A 17 0.23 -4.09 13.91
C THR A 17 0.86 -3.32 12.78
N VAL A 18 2.07 -3.65 12.49
CA VAL A 18 2.83 -2.95 11.42
C VAL A 18 3.47 -3.95 10.47
N VAL A 19 3.45 -3.65 9.19
CA VAL A 19 4.09 -4.56 8.20
C VAL A 19 5.23 -3.83 7.52
N LYS A 20 6.20 -4.53 7.00
CA LYS A 20 7.34 -3.85 6.33
C LYS A 20 7.23 -4.04 4.82
N VAL A 21 6.91 -2.99 4.10
CA VAL A 21 6.80 -3.11 2.62
C VAL A 21 8.00 -2.42 1.97
N ALA A 22 8.77 -3.13 1.19
CA ALA A 22 9.94 -2.49 0.55
C ALA A 22 9.72 -2.44 -0.96
N GLY A 23 10.50 -1.66 -1.65
CA GLY A 23 10.34 -1.56 -3.12
C GLY A 23 11.73 -1.42 -3.75
N ALA A 24 12.22 -2.43 -4.41
CA ALA A 24 13.59 -2.30 -5.02
C ALA A 24 13.50 -2.40 -6.55
N GLY A 25 14.25 -1.60 -7.27
CA GLY A 25 14.18 -1.69 -8.76
C GLY A 25 13.00 -0.86 -9.27
N LEU A 26 12.65 0.19 -8.59
CA LEU A 26 11.52 1.01 -9.05
C LEU A 26 12.08 2.15 -9.91
N GLN A 27 11.24 2.93 -10.51
CA GLN A 27 11.75 4.05 -11.35
C GLN A 27 12.85 4.77 -10.61
N ALA A 28 14.06 4.44 -10.94
CA ALA A 28 15.24 5.07 -10.28
C ALA A 28 15.19 6.59 -10.43
N GLY A 29 14.37 7.24 -9.67
CA GLY A 29 14.27 8.72 -9.75
C GLY A 29 12.80 9.13 -9.75
N THR A 30 11.96 8.42 -9.06
CA THR A 30 10.52 8.79 -9.04
C THR A 30 9.90 8.52 -7.67
N ALA A 31 9.56 9.59 -7.00
CA ALA A 31 8.89 9.49 -5.66
C ALA A 31 7.75 8.48 -5.72
N TYR A 32 7.87 7.37 -5.03
CA TYR A 32 6.79 6.34 -5.03
C TYR A 32 6.04 6.42 -3.68
N ASP A 33 4.77 6.10 -3.66
CA ASP A 33 4.03 6.12 -2.36
C ASP A 33 3.96 4.70 -1.84
N VAL A 34 3.75 4.52 -0.57
CA VAL A 34 3.73 3.13 -0.01
C VAL A 34 2.63 3.03 1.08
N GLY A 35 1.60 2.21 0.89
CA GLY A 35 0.57 2.13 1.97
C GLY A 35 -0.41 0.96 1.73
N GLN A 36 -1.40 0.86 2.58
CA GLN A 36 -2.40 -0.21 2.48
C GLN A 36 -3.67 0.35 1.84
N CYS A 37 -3.93 -0.04 0.63
CA CYS A 37 -5.15 0.47 -0.06
C CYS A 37 -5.95 -0.71 -0.63
N ALA A 38 -7.25 -0.56 -0.69
CA ALA A 38 -8.10 -1.67 -1.23
C ALA A 38 -8.95 -1.19 -2.41
N TRP A 39 -9.07 -1.99 -3.45
CA TRP A 39 -9.91 -1.59 -4.61
C TRP A 39 -11.30 -2.20 -4.40
N VAL A 40 -12.30 -1.41 -4.21
CA VAL A 40 -13.67 -1.97 -3.98
C VAL A 40 -14.54 -1.78 -5.22
N ASP A 41 -13.96 -1.47 -6.34
CA ASP A 41 -14.78 -1.30 -7.57
C ASP A 41 -13.91 -0.80 -8.73
N THR A 42 -14.51 -0.52 -9.85
CA THR A 42 -13.72 -0.06 -11.03
C THR A 42 -13.21 1.37 -10.78
N GLY A 43 -11.99 1.47 -10.35
CA GLY A 43 -11.40 2.83 -10.11
C GLY A 43 -11.76 3.35 -8.71
N VAL A 44 -12.00 2.49 -7.75
CA VAL A 44 -12.32 2.97 -6.39
C VAL A 44 -11.19 2.52 -5.46
N LEU A 45 -10.31 3.41 -5.03
CA LEU A 45 -9.19 2.97 -4.16
C LEU A 45 -9.30 3.62 -2.77
N ALA A 46 -9.71 2.88 -1.77
CA ALA A 46 -9.82 3.47 -0.41
C ALA A 46 -8.55 3.09 0.37
N CYS A 47 -7.68 4.03 0.63
CA CYS A 47 -6.43 3.70 1.37
C CYS A 47 -6.52 4.22 2.80
N ASN A 48 -5.68 3.73 3.68
CA ASN A 48 -5.74 4.19 5.11
C ASN A 48 -4.56 5.13 5.40
N PRO A 49 -4.84 6.22 6.11
CA PRO A 49 -3.81 7.22 6.47
C PRO A 49 -2.85 6.72 7.57
N ALA A 50 -2.68 5.44 7.74
CA ALA A 50 -1.76 4.95 8.80
C ALA A 50 -0.64 4.12 8.16
N ASP A 51 -0.63 4.06 6.85
CA ASP A 51 0.42 3.30 6.14
C ASP A 51 0.87 4.14 4.95
N PHE A 52 0.52 5.40 4.95
CA PHE A 52 0.89 6.26 3.81
C PHE A 52 2.32 6.76 3.95
N SER A 53 3.28 6.03 3.44
CA SER A 53 4.69 6.51 3.51
C SER A 53 5.10 6.94 2.10
N SER A 54 6.36 7.19 1.85
CA SER A 54 6.74 7.62 0.49
C SER A 54 8.24 7.89 0.39
N VAL A 55 8.84 7.42 -0.66
CA VAL A 55 10.29 7.66 -0.90
C VAL A 55 10.52 7.59 -2.41
N THR A 56 11.58 8.18 -2.91
CA THR A 56 11.80 8.12 -4.38
C THR A 56 12.78 7.01 -4.71
N ALA A 57 12.55 6.36 -5.81
CA ALA A 57 13.48 5.27 -6.21
C ALA A 57 14.86 5.87 -6.52
N ASP A 58 15.77 5.64 -5.65
CA ASP A 58 17.16 6.16 -5.82
C ASP A 58 17.81 5.58 -7.09
N ALA A 59 19.06 5.24 -7.02
CA ALA A 59 19.79 4.70 -8.21
C ALA A 59 18.99 3.58 -8.86
N ASN A 60 18.60 2.62 -8.10
CA ASN A 60 17.78 1.50 -8.64
C ASN A 60 16.35 1.76 -8.20
N GLY A 61 16.23 2.33 -7.05
CA GLY A 61 14.90 2.68 -6.49
C GLY A 61 14.51 1.72 -5.37
N SER A 62 15.20 1.78 -4.26
CA SER A 62 14.87 0.89 -3.12
C SER A 62 14.13 1.70 -2.06
N ALA A 63 12.98 1.23 -1.67
CA ALA A 63 12.20 1.98 -0.65
C ALA A 63 11.67 1.00 0.41
N SER A 64 12.21 1.05 1.60
CA SER A 64 11.73 0.12 2.67
C SER A 64 11.13 0.93 3.81
N THR A 65 9.86 0.77 4.05
CA THR A 65 9.21 1.53 5.15
C THR A 65 8.20 0.63 5.87
N SER A 66 8.15 0.72 7.16
CA SER A 66 7.18 -0.12 7.94
C SER A 66 5.96 0.74 8.29
N LEU A 67 4.79 0.22 8.08
CA LEU A 67 3.56 0.99 8.38
C LEU A 67 2.56 0.12 9.16
N THR A 68 1.57 0.72 9.75
CA THR A 68 0.57 -0.08 10.52
C THR A 68 -0.67 -0.33 9.65
N VAL A 69 -1.05 -1.57 9.48
CA VAL A 69 -2.24 -1.87 8.62
C VAL A 69 -3.14 -2.89 9.31
N ARG A 70 -4.45 -2.78 9.18
CA ARG A 70 -5.33 -3.77 9.85
C ARG A 70 -6.58 -4.04 9.02
N ARG A 71 -7.49 -4.79 9.58
CA ARG A 71 -8.75 -5.13 8.85
C ARG A 71 -9.47 -3.84 8.45
N SER A 72 -10.45 -3.39 9.18
CA SER A 72 -11.14 -2.13 8.79
C SER A 72 -10.10 -1.03 8.75
N PHE A 73 -10.16 -0.17 7.80
CA PHE A 73 -9.15 0.88 7.71
C PHE A 73 -9.65 2.03 6.85
N GLU A 74 -9.45 3.24 7.31
CA GLU A 74 -9.94 4.44 6.57
C GLU A 74 -9.84 4.20 5.07
N GLY A 75 -10.95 4.28 4.37
CA GLY A 75 -10.94 4.04 2.90
C GLY A 75 -10.76 5.36 2.13
N PHE A 76 -9.76 6.14 2.48
CA PHE A 76 -9.54 7.45 1.75
C PHE A 76 -9.84 7.27 0.24
N LEU A 77 -10.83 7.97 -0.28
CA LEU A 77 -11.16 7.84 -1.73
C LEU A 77 -10.29 8.82 -2.54
N PHE A 78 -9.57 8.36 -3.54
CA PHE A 78 -8.72 9.29 -4.34
C PHE A 78 -9.60 10.30 -5.08
N ASP A 79 -10.39 11.06 -4.38
CA ASP A 79 -11.27 12.05 -5.05
C ASP A 79 -11.71 13.12 -4.04
N GLY A 80 -11.00 13.26 -2.96
CA GLY A 80 -11.38 14.28 -1.94
C GLY A 80 -12.41 13.70 -0.97
N THR A 81 -13.21 12.77 -1.41
CA THR A 81 -14.23 12.18 -0.50
C THR A 81 -13.70 10.90 0.14
N ARG A 82 -14.34 10.47 1.19
CA ARG A 82 -13.91 9.23 1.88
C ARG A 82 -14.94 8.11 1.61
N TRP A 83 -14.49 6.90 1.36
CA TRP A 83 -15.45 5.80 1.06
C TRP A 83 -16.02 5.22 2.36
N GLY A 84 -15.35 5.43 3.46
CA GLY A 84 -15.84 4.90 4.75
C GLY A 84 -14.81 3.89 5.29
N THR A 85 -15.01 3.38 6.47
CA THR A 85 -14.07 2.39 7.02
C THR A 85 -14.15 1.14 6.14
N VAL A 86 -13.14 0.89 5.35
CA VAL A 86 -13.16 -0.28 4.46
C VAL A 86 -12.79 -1.52 5.27
N ASP A 87 -13.75 -2.35 5.57
CA ASP A 87 -13.47 -3.59 6.36
C ASP A 87 -12.58 -4.53 5.54
N CYS A 88 -11.34 -4.74 5.95
CA CYS A 88 -10.49 -5.67 5.15
C CYS A 88 -11.08 -7.09 5.19
N THR A 89 -12.12 -7.31 5.96
CA THR A 89 -12.72 -8.68 6.01
C THR A 89 -13.77 -8.80 4.90
N THR A 90 -13.94 -7.77 4.12
CA THR A 90 -14.95 -7.83 3.02
C THR A 90 -14.21 -7.75 1.68
N ALA A 91 -13.35 -6.78 1.53
CA ALA A 91 -12.60 -6.64 0.26
C ALA A 91 -11.15 -7.11 0.47
N ALA A 92 -10.35 -7.07 -0.56
CA ALA A 92 -8.93 -7.50 -0.42
C ALA A 92 -8.03 -6.26 -0.34
N CYS A 93 -7.37 -6.06 0.77
CA CYS A 93 -6.50 -4.85 0.89
C CYS A 93 -5.05 -5.23 0.57
N GLN A 94 -4.46 -4.59 -0.40
CA GLN A 94 -3.08 -4.92 -0.76
C GLN A 94 -2.10 -3.90 -0.23
N VAL A 95 -0.95 -4.36 0.11
CA VAL A 95 0.11 -3.44 0.60
C VAL A 95 1.08 -3.27 -0.54
N GLY A 96 1.12 -2.11 -1.12
CA GLY A 96 2.04 -1.94 -2.28
C GLY A 96 2.52 -0.50 -2.40
N LEU A 97 3.17 -0.21 -3.51
CA LEU A 97 3.70 1.16 -3.73
C LEU A 97 3.12 1.71 -5.02
N SER A 98 3.48 2.91 -5.36
CA SER A 98 2.94 3.52 -6.62
C SER A 98 3.49 4.94 -6.76
N ASP A 99 3.19 5.61 -7.85
CA ASP A 99 3.71 6.98 -8.03
C ASP A 99 2.53 7.95 -8.18
N ALA A 100 2.74 9.11 -8.76
CA ALA A 100 1.62 10.07 -8.93
C ALA A 100 1.36 10.29 -10.42
N ALA A 101 1.50 9.26 -11.21
CA ALA A 101 1.27 9.41 -12.67
C ALA A 101 0.03 8.61 -13.08
N GLY A 102 -0.24 7.50 -12.43
CA GLY A 102 -1.43 6.70 -12.80
C GLY A 102 -1.27 5.33 -12.19
N ASN A 103 -0.06 4.84 -12.12
CA ASN A 103 0.18 3.52 -11.54
C ASN A 103 1.65 3.35 -11.20
N GLY A 104 1.99 2.20 -10.72
CA GLY A 104 3.41 1.92 -10.33
C GLY A 104 3.52 0.43 -9.98
N PRO A 105 4.56 0.01 -9.27
CA PRO A 105 4.69 -1.41 -8.90
C PRO A 105 3.35 -1.94 -8.38
N GLU A 106 3.26 -3.22 -8.13
CA GLU A 106 1.96 -3.80 -7.65
C GLU A 106 1.94 -3.86 -6.12
N GLY A 107 0.89 -4.38 -5.57
CA GLY A 107 0.79 -4.48 -4.08
C GLY A 107 0.69 -5.95 -3.67
N VAL A 108 0.85 -6.22 -2.41
CA VAL A 108 0.79 -7.60 -1.92
C VAL A 108 -0.51 -7.81 -1.15
N ALA A 109 -1.23 -8.83 -1.49
CA ALA A 109 -2.51 -9.11 -0.79
C ALA A 109 -2.22 -9.57 0.64
N ILE A 110 -2.78 -8.90 1.61
CA ILE A 110 -2.52 -9.31 3.02
C ILE A 110 -3.68 -10.17 3.51
N SER A 111 -3.59 -10.73 4.68
CA SER A 111 -4.68 -11.59 5.19
C SER A 111 -4.92 -11.29 6.69
N PHE A 112 -6.08 -11.64 7.19
CA PHE A 112 -6.37 -11.36 8.62
C PHE A 112 -7.08 -12.57 9.24
N ASN A 113 -6.32 -13.58 9.62
CA ASN A 113 -6.95 -14.78 10.22
C ASN A 113 -7.91 -14.35 11.34
C1 CHR B . -3.33 7.65 -4.05
C2 CHR B . -3.71 8.50 -2.95
C3 CHR B . -4.26 9.09 -2.09
C4 CHR B . -5.23 9.64 -1.13
O2 CHR B . -5.73 8.76 -0.06
C5 CHR B . -6.56 8.88 -1.26
C6 CHR B . -6.45 7.84 -2.30
C7 CHR B . -6.11 7.09 -3.17
C8 CHR B . -5.47 6.33 -4.21
C9 CHR B . -4.25 6.71 -4.66
C10 CHR B . -3.64 6.15 -5.93
O1 CHR B . -4.20 6.76 -7.08
C11 CHR B . -2.15 6.54 -5.78
O6 CHR B . -1.40 5.41 -5.39
C12 CHR B . -2.15 7.57 -4.67
C13 CHR B . -4.12 6.10 -8.34
O3 CHR B . -5.01 4.99 -8.35
C14 CHR B . -4.51 7.07 -9.45
N1 CHR B . -3.67 8.30 -9.37
C19 CHR B . -2.49 8.45 -10.27
C15 CHR B . -5.98 7.44 -9.30
O4 CHR B . -6.35 8.34 -10.34
C16 CHR B . -6.84 6.18 -9.37
O5 CHR B . -6.68 5.56 -10.64
C17 CHR B . -6.40 5.21 -8.28
C18 CHR B . -7.14 3.87 -8.46
C20 CHR B . -1.16 4.66 -6.45
O7 CHR B . -0.83 5.14 -7.51
C21 CHR B . -1.35 3.21 -6.27
C22 CHR B . -1.88 2.45 -7.32
O9 CHR B . -2.14 3.05 -8.54
C23 CHR B . -2.15 1.09 -7.14
C24 CHR B . -1.90 0.48 -5.91
C25 CHR B . -1.35 1.24 -4.85
C26 CHR B . -1.07 2.60 -5.03
C27 CHR B . -0.52 3.33 -3.97
C28 CHR B . -0.28 2.72 -2.73
O8 CHR B . 0.25 3.46 -1.68
C31 CHR B . -0.32 4.74 -1.48
C29 CHR B . -0.57 1.37 -2.56
C30 CHR B . -1.11 0.62 -3.62
C32 CHR B . -1.42 -0.85 -3.43
C33 CHR B . -5.25 11.14 -0.90
O10 CHR B . -6.19 11.47 0.11
C34 CHR B . -7.08 12.27 -0.47
O11 CHR B . -8.02 12.72 0.14
O12 CHR B . -6.91 12.54 -1.76
C35 CHR B . -5.73 11.85 -2.15
H5 CHR B . -7.49 9.45 -1.19
H8 CHR B . -5.95 5.47 -4.64
H10 CHR B . -3.75 5.07 -5.96
H11 CHR B . -1.77 6.97 -6.69
H12 CHR B . -1.30 8.18 -4.41
H13 CHR B . -3.10 5.76 -8.51
H14 CHR B . -4.36 6.59 -10.41
H191 CHR B . -1.96 7.51 -10.35
H192 CHR B . -2.83 8.76 -11.25
H193 CHR B . -1.83 9.20 -9.87
H15 CHR B . -6.13 7.93 -8.35
HO4 CHR B . -5.69 9.02 -10.40
H16 CHR B . -7.88 6.44 -9.24
HO5 CHR B . -7.46 5.73 -11.16
H17 CHR B . -6.66 5.62 -7.31
H181 CHR B . -7.96 3.81 -7.77
H182 CHR B . -7.51 3.80 -9.47
H183 CHR B . -6.45 3.06 -8.29
HO9 CHR B . -2.89 2.63 -8.97
H23 CHR B . -2.56 0.51 -7.95
H24 CHR B . -2.12 -0.56 -5.77
H27 CHR B . -0.26 4.37 -4.11
H311 CHR B . 0.15 5.21 -0.63
H312 CHR B . -1.38 4.64 -1.29
H313 CHR B . -0.17 5.35 -2.37
H29 CHR B . -0.40 0.89 -1.60
H321 CHR B . -2.49 -0.99 -3.41
H322 CHR B . -1.00 -1.42 -4.25
H323 CHR B . -1.00 -1.20 -2.50
H33 CHR B . -4.26 11.49 -0.62
H351 CHR B . -4.98 12.55 -2.49
H352 CHR B . -5.96 11.14 -2.93
N ALA A 1 15.55 -5.96 -16.07
CA ALA A 1 15.52 -5.67 -14.61
C ALA A 1 14.31 -4.79 -14.29
N ALA A 2 13.38 -5.31 -13.54
CA ALA A 2 12.18 -4.51 -13.18
C ALA A 2 12.09 -4.35 -11.66
N PRO A 3 11.30 -3.41 -11.23
CA PRO A 3 11.11 -3.13 -9.79
C PRO A 3 10.58 -4.37 -9.07
N THR A 4 10.79 -4.41 -7.79
CA THR A 4 10.32 -5.54 -6.97
C THR A 4 9.81 -5.00 -5.64
N ALA A 5 9.02 -5.74 -4.95
CA ALA A 5 8.49 -5.23 -3.66
C ALA A 5 8.28 -6.36 -2.68
N THR A 6 8.92 -6.24 -1.56
CA THR A 6 8.76 -7.31 -0.54
C THR A 6 8.09 -6.74 0.69
N VAL A 7 6.90 -7.15 0.88
CA VAL A 7 6.10 -6.69 2.05
C VAL A 7 5.78 -7.88 2.95
N THR A 8 5.97 -7.72 4.23
CA THR A 8 5.70 -8.85 5.17
C THR A 8 5.71 -8.32 6.62
N PRO A 9 4.96 -8.95 7.47
CA PRO A 9 4.10 -10.09 7.12
C PRO A 9 2.85 -9.59 6.42
N SER A 10 2.31 -10.38 5.54
CA SER A 10 1.07 -9.97 4.82
C SER A 10 -0.15 -10.44 5.62
N SER A 11 0.00 -11.46 6.41
CA SER A 11 -1.14 -11.98 7.22
C SER A 11 -0.71 -12.16 8.67
N GLY A 12 -1.65 -12.24 9.58
CA GLY A 12 -1.30 -12.41 11.02
C GLY A 12 -0.86 -11.06 11.56
N LEU A 13 -1.51 -10.01 11.13
CA LEU A 13 -1.15 -8.65 11.56
C LEU A 13 -1.97 -8.23 12.75
N SER A 14 -3.18 -8.54 12.65
CA SER A 14 -4.15 -8.20 13.72
C SER A 14 -4.35 -6.67 13.79
N ASP A 15 -5.54 -6.26 14.09
CA ASP A 15 -5.87 -4.82 14.16
C ASP A 15 -4.88 -4.07 15.02
N GLY A 16 -4.00 -3.31 14.40
CA GLY A 16 -3.05 -2.49 15.20
C GLY A 16 -1.59 -2.94 15.02
N THR A 17 -1.23 -3.73 14.03
CA THR A 17 0.18 -4.10 13.95
C THR A 17 0.85 -3.34 12.81
N VAL A 18 2.06 -3.67 12.58
CA VAL A 18 2.84 -2.98 11.52
C VAL A 18 3.45 -3.99 10.54
N VAL A 19 3.40 -3.67 9.27
CA VAL A 19 4.00 -4.58 8.25
C VAL A 19 5.19 -3.87 7.61
N LYS A 20 6.12 -4.60 7.09
CA LYS A 20 7.29 -3.95 6.44
C LYS A 20 7.18 -4.10 4.94
N VAL A 21 6.92 -3.03 4.24
CA VAL A 21 6.80 -3.10 2.76
C VAL A 21 8.09 -2.59 2.14
N ALA A 22 8.55 -3.21 1.08
CA ALA A 22 9.80 -2.71 0.44
C ALA A 22 9.64 -2.67 -1.06
N GLY A 23 10.49 -1.94 -1.72
CA GLY A 23 10.44 -1.84 -3.19
C GLY A 23 11.87 -1.89 -3.73
N ALA A 24 12.11 -2.57 -4.81
CA ALA A 24 13.50 -2.60 -5.32
C ALA A 24 13.48 -2.56 -6.86
N GLY A 25 14.16 -1.62 -7.48
CA GLY A 25 14.12 -1.59 -8.97
C GLY A 25 12.95 -0.73 -9.44
N LEU A 26 12.57 0.25 -8.67
CA LEU A 26 11.44 1.12 -9.09
C LEU A 26 11.99 2.29 -9.90
N GLN A 27 11.14 3.11 -10.44
CA GLN A 27 11.64 4.25 -11.26
C GLN A 27 12.79 4.92 -10.54
N ALA A 28 13.97 4.56 -10.92
CA ALA A 28 15.20 5.12 -10.29
C ALA A 28 15.21 6.64 -10.44
N GLY A 29 14.41 7.32 -9.68
CA GLY A 29 14.38 8.81 -9.76
C GLY A 29 12.93 9.29 -9.69
N THR A 30 12.09 8.61 -8.95
CA THR A 30 10.69 9.07 -8.87
C THR A 30 10.06 8.72 -7.51
N ALA A 31 9.73 9.73 -6.77
CA ALA A 31 9.08 9.56 -5.43
C ALA A 31 7.90 8.59 -5.53
N TYR A 32 8.01 7.43 -4.95
CA TYR A 32 6.89 6.45 -5.00
C TYR A 32 6.16 6.49 -3.64
N ASP A 33 4.88 6.17 -3.59
CA ASP A 33 4.17 6.19 -2.29
C ASP A 33 4.09 4.77 -1.75
N VAL A 34 3.78 4.61 -0.50
CA VAL A 34 3.74 3.24 0.09
C VAL A 34 2.60 3.15 1.14
N GLY A 35 1.61 2.30 0.98
CA GLY A 35 0.53 2.25 2.01
C GLY A 35 -0.41 1.06 1.80
N GLN A 36 -1.41 0.96 2.65
CA GLN A 36 -2.40 -0.14 2.57
C GLN A 36 -3.66 0.39 1.89
N CYS A 37 -3.92 -0.01 0.69
CA CYS A 37 -5.13 0.47 0.00
C CYS A 37 -5.91 -0.71 -0.59
N ALA A 38 -7.22 -0.60 -0.67
CA ALA A 38 -8.03 -1.73 -1.21
C ALA A 38 -8.88 -1.25 -2.40
N TRP A 39 -8.98 -2.06 -3.44
CA TRP A 39 -9.83 -1.66 -4.61
C TRP A 39 -11.19 -2.30 -4.43
N VAL A 40 -12.22 -1.52 -4.25
CA VAL A 40 -13.58 -2.10 -4.03
C VAL A 40 -14.42 -1.96 -5.30
N ASP A 41 -13.81 -1.67 -6.41
CA ASP A 41 -14.61 -1.52 -7.67
C ASP A 41 -13.71 -1.04 -8.81
N THR A 42 -14.29 -0.77 -9.94
CA THR A 42 -13.50 -0.28 -11.10
C THR A 42 -13.05 1.16 -10.86
N GLY A 43 -11.84 1.32 -10.41
CA GLY A 43 -11.32 2.70 -10.17
C GLY A 43 -11.73 3.22 -8.78
N VAL A 44 -11.93 2.36 -7.82
CA VAL A 44 -12.30 2.83 -6.48
C VAL A 44 -11.17 2.41 -5.52
N LEU A 45 -10.33 3.32 -5.06
CA LEU A 45 -9.20 2.92 -4.19
C LEU A 45 -9.34 3.58 -2.81
N ALA A 46 -9.76 2.84 -1.79
CA ALA A 46 -9.89 3.44 -0.45
C ALA A 46 -8.62 3.07 0.34
N CYS A 47 -7.78 4.03 0.61
CA CYS A 47 -6.52 3.70 1.34
C CYS A 47 -6.58 4.23 2.78
N ASN A 48 -5.68 3.77 3.62
CA ASN A 48 -5.67 4.23 5.05
C ASN A 48 -4.41 5.07 5.30
N PRO A 49 -4.58 6.26 5.85
CA PRO A 49 -3.45 7.15 6.14
C PRO A 49 -2.58 6.66 7.32
N ALA A 50 -2.63 5.38 7.65
CA ALA A 50 -1.79 4.88 8.78
C ALA A 50 -0.51 4.26 8.21
N ASP A 51 -0.43 4.17 6.91
CA ASP A 51 0.77 3.58 6.28
C ASP A 51 1.17 4.46 5.11
N PHE A 52 0.58 5.61 5.00
CA PHE A 52 0.90 6.50 3.86
C PHE A 52 2.35 7.00 3.95
N SER A 53 3.28 6.21 3.49
CA SER A 53 4.71 6.65 3.52
C SER A 53 5.13 6.94 2.08
N SER A 54 6.39 7.18 1.83
CA SER A 54 6.80 7.48 0.43
C SER A 54 8.30 7.77 0.34
N VAL A 55 8.95 7.19 -0.62
CA VAL A 55 10.40 7.45 -0.83
C VAL A 55 10.64 7.46 -2.33
N THR A 56 11.72 8.05 -2.79
CA THR A 56 11.96 8.06 -4.26
C THR A 56 12.90 6.93 -4.64
N ALA A 57 12.68 6.35 -5.77
CA ALA A 57 13.56 5.26 -6.23
C ALA A 57 14.93 5.82 -6.61
N ASP A 58 15.90 5.54 -5.80
CA ASP A 58 17.29 6.02 -6.05
C ASP A 58 17.86 5.40 -7.33
N ALA A 59 19.11 5.02 -7.32
CA ALA A 59 19.75 4.42 -8.53
C ALA A 59 18.90 3.30 -9.09
N ASN A 60 18.53 2.37 -8.28
CA ASN A 60 17.67 1.25 -8.74
C ASN A 60 16.25 1.57 -8.27
N GLY A 61 16.19 2.22 -7.15
CA GLY A 61 14.89 2.63 -6.58
C GLY A 61 14.46 1.67 -5.47
N SER A 62 15.15 1.68 -4.36
CA SER A 62 14.77 0.78 -3.24
C SER A 62 13.95 1.56 -2.22
N ALA A 63 12.85 1.01 -1.79
CA ALA A 63 12.01 1.76 -0.80
C ALA A 63 11.61 0.81 0.32
N SER A 64 12.15 0.98 1.49
CA SER A 64 11.80 0.08 2.62
C SER A 64 11.24 0.91 3.78
N THR A 65 10.00 0.71 4.11
CA THR A 65 9.40 1.49 5.23
C THR A 65 8.37 0.62 5.95
N SER A 66 8.29 0.75 7.26
CA SER A 66 7.31 -0.06 8.03
C SER A 66 6.06 0.79 8.32
N LEU A 67 4.90 0.21 8.27
CA LEU A 67 3.66 1.00 8.52
C LEU A 67 2.63 0.12 9.27
N THR A 68 1.56 0.71 9.74
CA THR A 68 0.54 -0.10 10.50
C THR A 68 -0.69 -0.38 9.62
N VAL A 69 -1.06 -1.63 9.45
CA VAL A 69 -2.25 -1.93 8.59
C VAL A 69 -3.17 -2.93 9.32
N ARG A 70 -4.47 -2.80 9.20
CA ARG A 70 -5.37 -3.77 9.89
C ARG A 70 -6.61 -4.04 9.05
N ARG A 71 -7.55 -4.76 9.61
CA ARG A 71 -8.81 -5.09 8.88
C ARG A 71 -9.51 -3.79 8.46
N SER A 72 -10.50 -3.33 9.20
CA SER A 72 -11.17 -2.07 8.80
C SER A 72 -10.13 -0.97 8.75
N PHE A 73 -10.22 -0.11 7.78
CA PHE A 73 -9.21 0.95 7.68
C PHE A 73 -9.73 2.09 6.81
N GLU A 74 -9.52 3.30 7.25
CA GLU A 74 -10.03 4.49 6.50
C GLU A 74 -10.02 4.23 5.00
N GLY A 75 -11.16 4.33 4.38
CA GLY A 75 -11.25 4.08 2.91
C GLY A 75 -11.04 5.38 2.12
N PHE A 76 -10.04 6.16 2.47
CA PHE A 76 -9.77 7.44 1.72
C PHE A 76 -10.03 7.23 0.21
N LEU A 77 -11.04 7.89 -0.34
CA LEU A 77 -11.33 7.73 -1.81
C LEU A 77 -10.47 8.72 -2.61
N PHE A 78 -9.74 8.25 -3.59
CA PHE A 78 -8.89 9.19 -4.41
C PHE A 78 -9.76 10.18 -5.17
N ASP A 79 -10.57 10.94 -4.49
CA ASP A 79 -11.44 11.92 -5.19
C ASP A 79 -11.92 12.99 -4.20
N GLY A 80 -11.25 13.14 -3.09
CA GLY A 80 -11.67 14.15 -2.09
C GLY A 80 -12.73 13.56 -1.15
N THR A 81 -13.49 12.61 -1.63
CA THR A 81 -14.55 12.01 -0.77
C THR A 81 -14.01 10.76 -0.06
N ARG A 82 -14.65 10.38 1.01
CA ARG A 82 -14.19 9.19 1.77
C ARG A 82 -15.20 8.04 1.51
N TRP A 83 -14.72 6.83 1.33
CA TRP A 83 -15.64 5.69 1.05
C TRP A 83 -16.18 5.11 2.37
N GLY A 84 -15.53 5.38 3.46
CA GLY A 84 -15.99 4.83 4.76
C GLY A 84 -14.94 3.85 5.29
N THR A 85 -15.11 3.36 6.48
CA THR A 85 -14.12 2.40 7.03
C THR A 85 -14.18 1.14 6.16
N VAL A 86 -13.20 0.93 5.34
CA VAL A 86 -13.19 -0.25 4.46
C VAL A 86 -12.81 -1.49 5.27
N ASP A 87 -13.76 -2.33 5.55
CA ASP A 87 -13.47 -3.57 6.34
C ASP A 87 -12.57 -4.50 5.53
N CYS A 88 -11.34 -4.69 5.93
CA CYS A 88 -10.46 -5.61 5.13
C CYS A 88 -11.04 -7.04 5.17
N THR A 89 -12.07 -7.27 5.94
CA THR A 89 -12.66 -8.64 6.00
C THR A 89 -13.67 -8.80 4.87
N THR A 90 -13.88 -7.77 4.10
CA THR A 90 -14.86 -7.84 2.98
C THR A 90 -14.11 -7.79 1.66
N ALA A 91 -13.25 -6.82 1.51
CA ALA A 91 -12.48 -6.69 0.25
C ALA A 91 -11.04 -7.15 0.48
N ALA A 92 -10.21 -7.08 -0.52
CA ALA A 92 -8.79 -7.51 -0.36
C ALA A 92 -7.90 -6.25 -0.29
N CYS A 93 -7.25 -6.02 0.82
CA CYS A 93 -6.39 -4.80 0.93
C CYS A 93 -4.94 -5.18 0.63
N GLN A 94 -4.33 -4.54 -0.34
CA GLN A 94 -2.94 -4.86 -0.68
C GLN A 94 -1.99 -3.80 -0.15
N VAL A 95 -0.84 -4.24 0.21
CA VAL A 95 0.21 -3.31 0.69
C VAL A 95 1.19 -3.13 -0.44
N GLY A 96 1.24 -1.98 -1.04
CA GLY A 96 2.17 -1.82 -2.19
C GLY A 96 2.67 -0.39 -2.32
N LEU A 97 3.33 -0.11 -3.41
CA LEU A 97 3.89 1.26 -3.62
C LEU A 97 3.19 1.89 -4.83
N SER A 98 3.56 3.08 -5.17
CA SER A 98 2.91 3.76 -6.33
C SER A 98 3.66 5.04 -6.66
N ASP A 99 3.39 5.64 -7.79
CA ASP A 99 4.09 6.89 -8.16
C ASP A 99 3.07 8.04 -8.19
N ALA A 100 3.35 9.11 -8.90
CA ALA A 100 2.38 10.24 -8.94
C ALA A 100 1.96 10.49 -10.40
N ALA A 101 1.83 9.44 -11.16
CA ALA A 101 1.44 9.60 -12.60
C ALA A 101 0.11 8.89 -12.86
N GLY A 102 -0.14 7.79 -12.20
CA GLY A 102 -1.41 7.05 -12.43
C GLY A 102 -1.30 5.70 -11.74
N ASN A 103 -0.13 5.12 -11.78
CA ASN A 103 0.06 3.82 -11.12
C ASN A 103 1.53 3.58 -10.87
N GLY A 104 1.84 2.45 -10.33
CA GLY A 104 3.26 2.10 -10.02
C GLY A 104 3.34 0.58 -9.77
N PRO A 105 4.39 0.10 -9.12
CA PRO A 105 4.49 -1.35 -8.84
C PRO A 105 3.17 -1.88 -8.28
N GLU A 106 3.08 -3.16 -8.03
CA GLU A 106 1.80 -3.73 -7.52
C GLU A 106 1.83 -3.78 -5.98
N GLY A 107 0.79 -4.30 -5.40
CA GLY A 107 0.73 -4.38 -3.90
C GLY A 107 0.66 -5.85 -3.47
N VAL A 108 0.91 -6.11 -2.23
CA VAL A 108 0.87 -7.48 -1.71
C VAL A 108 -0.45 -7.71 -0.97
N ALA A 109 -1.13 -8.75 -1.31
CA ALA A 109 -2.43 -9.05 -0.65
C ALA A 109 -2.18 -9.53 0.78
N ILE A 110 -2.75 -8.88 1.74
CA ILE A 110 -2.54 -9.31 3.15
C ILE A 110 -3.72 -10.17 3.60
N SER A 111 -3.61 -10.80 4.74
CA SER A 111 -4.72 -11.66 5.23
C SER A 111 -4.94 -11.44 6.73
N PHE A 112 -6.10 -11.73 7.23
CA PHE A 112 -6.37 -11.54 8.68
C PHE A 112 -7.07 -12.77 9.25
N ASN A 113 -6.61 -13.27 10.36
CA ASN A 113 -7.25 -14.48 10.96
C ASN A 113 -8.76 -14.24 11.09
C1 CHR B . -3.52 7.72 -3.90
C2 CHR B . -3.94 8.58 -2.84
C3 CHR B . -4.52 9.20 -2.01
C4 CHR B . -5.54 9.76 -1.10
O2 CHR B . -6.06 8.92 -0.03
C5 CHR B . -6.85 9.00 -1.26
C6 CHR B . -6.70 7.91 -2.26
C7 CHR B . -6.32 7.12 -3.08
C8 CHR B . -5.63 6.33 -4.07
C9 CHR B . -4.42 6.73 -4.51
C10 CHR B . -3.77 6.15 -5.75
O1 CHR B . -4.34 6.70 -6.92
C11 CHR B . -2.31 6.59 -5.59
O6 CHR B . -1.52 5.48 -5.18
C12 CHR B . -2.35 7.65 -4.51
C13 CHR B . -4.17 6.05 -8.18
O3 CHR B . -5.05 4.93 -8.25
C14 CHR B . -4.49 7.02 -9.31
N1 CHR B . -3.66 8.25 -9.17
C19 CHR B . -2.31 8.32 -9.80
C15 CHR B . -5.97 7.39 -9.26
O4 CHR B . -6.27 8.28 -10.32
C16 CHR B . -6.81 6.11 -9.40
O5 CHR B . -6.56 5.51 -10.65
C17 CHR B . -6.45 5.14 -8.27
C18 CHR B . -7.16 3.81 -8.53
C20 CHR B . -1.25 4.73 -6.23
O7 CHR B . -0.90 5.20 -7.29
C21 CHR B . -1.39 3.28 -6.03
C22 CHR B . -1.85 2.49 -7.08
O9 CHR B . -2.09 3.06 -8.33
C23 CHR B . -2.06 1.12 -6.89
C24 CHR B . -1.82 0.54 -5.64
C25 CHR B . -1.36 1.33 -4.58
C26 CHR B . -1.14 2.70 -4.77
C27 CHR B . -0.66 3.48 -3.69
C28 CHR B . -0.42 2.89 -2.45
O8 CHR B . 0.04 3.67 -1.39
C31 CHR B . -0.41 5.01 -1.36
C29 CHR B . -0.65 1.52 -2.27
C30 CHR B . -1.12 0.74 -3.34
C32 CHR B . -1.39 -0.74 -3.13
C33 CHR B . -5.57 11.27 -0.93
O10 CHR B . -6.64 11.64 -0.07
C34 CHR B . -7.44 12.42 -0.80
O11 CHR B . -8.45 12.90 -0.32
O12 CHR B . -7.09 12.65 -2.06
C35 CHR B . -5.87 11.94 -2.26
H5 CHR B . -7.79 9.55 -1.24
H8 CHR B . -6.07 5.44 -4.44
H10 CHR B . -3.86 5.08 -5.75
H11 CHR B . -1.93 7.00 -6.52
H12 CHR B . -1.51 8.27 -4.25
H13 CHR B . -3.15 5.71 -8.27
H14 CHR B . -4.26 6.55 -10.26
H191 CHR B . -2.04 7.34 -10.16
H192 CHR B . -1.58 8.64 -9.06
H193 CHR B . -2.33 9.02 -10.61
H15 CHR B . -6.19 7.86 -8.31
HO4 CHR B . -7.22 8.24 -10.49
H16 CHR B . -7.86 6.37 -9.32
HO5 CHR B . -6.98 6.05 -11.33
H17 CHR B . -6.78 5.54 -7.33
H181 CHR B . -6.43 3.00 -8.44
H182 CHR B . -7.94 3.67 -7.78
H183 CHR B . -7.58 3.80 -9.51
HO9 CHR B . -3.01 2.95 -8.56
H23 CHR B . -2.42 0.51 -7.71
H24 CHR B . -2.00 -0.52 -5.49
H27 CHR B . -0.45 4.53 -3.84
H311 CHR B . 0.03 5.56 -2.17
H312 CHR B . -0.13 5.46 -0.42
H313 CHR B . -1.49 5.02 -1.45
H29 CHR B . -0.47 1.06 -1.30
H321 CHR B . -1.44 -0.95 -2.07
H322 CHR B . -2.32 -1.00 -3.61
H323 CHR B . -0.58 -1.31 -3.57
H33 CHR B . -4.64 11.63 -0.53
H351 CHR B . -6.00 11.20 -3.03
H352 CHR B . -5.08 12.63 -2.52
N ALA A 1 17.32 -4.39 -14.85
CA ALA A 1 16.64 -5.11 -13.72
C ALA A 1 15.19 -4.63 -13.61
N ALA A 2 14.34 -5.41 -13.01
CA ALA A 2 12.92 -5.01 -12.88
C ALA A 2 12.62 -4.68 -11.42
N PRO A 3 11.65 -3.82 -11.21
CA PRO A 3 11.25 -3.40 -9.85
C PRO A 3 10.75 -4.60 -9.06
N THR A 4 10.80 -4.50 -7.76
CA THR A 4 10.36 -5.58 -6.87
C THR A 4 9.92 -4.99 -5.55
N ALA A 5 9.16 -5.71 -4.77
CA ALA A 5 8.71 -5.14 -3.49
C ALA A 5 8.56 -6.22 -2.45
N THR A 6 9.16 -6.00 -1.33
CA THR A 6 9.09 -7.01 -0.24
C THR A 6 8.16 -6.53 0.85
N VAL A 7 7.01 -7.11 0.88
CA VAL A 7 6.02 -6.73 1.91
C VAL A 7 5.68 -7.92 2.80
N THR A 8 5.96 -7.81 4.08
CA THR A 8 5.67 -8.91 5.03
C THR A 8 5.70 -8.34 6.45
N PRO A 9 4.92 -8.92 7.33
CA PRO A 9 4.05 -10.05 7.00
C PRO A 9 2.81 -9.55 6.26
N SER A 10 2.24 -10.37 5.44
CA SER A 10 1.03 -9.95 4.69
C SER A 10 -0.21 -10.35 5.48
N SER A 11 -0.10 -11.34 6.31
CA SER A 11 -1.27 -11.78 7.13
C SER A 11 -0.84 -11.97 8.59
N GLY A 12 -1.79 -12.07 9.48
CA GLY A 12 -1.44 -12.24 10.92
C GLY A 12 -0.95 -10.90 11.47
N LEU A 13 -1.58 -9.85 11.04
CA LEU A 13 -1.19 -8.48 11.44
C LEU A 13 -1.97 -8.06 12.66
N SER A 14 -3.20 -8.33 12.59
CA SER A 14 -4.13 -7.97 13.68
C SER A 14 -4.26 -6.45 13.77
N ASP A 15 -5.43 -6.01 14.11
CA ASP A 15 -5.70 -4.56 14.20
C ASP A 15 -4.66 -3.85 15.07
N GLY A 16 -3.80 -3.08 14.46
CA GLY A 16 -2.80 -2.33 15.25
C GLY A 16 -1.36 -2.82 15.03
N THR A 17 -1.08 -3.60 14.01
CA THR A 17 0.34 -4.00 13.86
C THR A 17 0.97 -3.22 12.73
N VAL A 18 2.16 -3.59 12.41
CA VAL A 18 2.90 -2.89 11.33
C VAL A 18 3.51 -3.88 10.34
N VAL A 19 3.43 -3.56 9.06
CA VAL A 19 4.03 -4.47 8.04
C VAL A 19 5.20 -3.77 7.37
N LYS A 20 6.13 -4.51 6.84
CA LYS A 20 7.29 -3.87 6.16
C LYS A 20 7.19 -4.07 4.65
N VAL A 21 6.89 -3.03 3.92
CA VAL A 21 6.78 -3.14 2.44
C VAL A 21 8.00 -2.49 1.80
N ALA A 22 8.75 -3.22 1.01
CA ALA A 22 9.94 -2.60 0.37
C ALA A 22 9.71 -2.51 -1.13
N GLY A 23 10.51 -1.75 -1.82
CA GLY A 23 10.35 -1.62 -3.28
C GLY A 23 11.74 -1.50 -3.92
N ALA A 24 12.21 -2.51 -4.60
CA ALA A 24 13.57 -2.40 -5.21
C ALA A 24 13.47 -2.47 -6.73
N GLY A 25 14.25 -1.69 -7.45
CA GLY A 25 14.16 -1.75 -8.93
C GLY A 25 13.03 -0.85 -9.42
N LEU A 26 12.72 0.19 -8.70
CA LEU A 26 11.64 1.08 -9.14
C LEU A 26 12.26 2.24 -9.93
N GLN A 27 11.44 3.09 -10.50
CA GLN A 27 12.00 4.22 -11.29
C GLN A 27 13.14 4.86 -10.51
N ALA A 28 14.33 4.48 -10.85
CA ALA A 28 15.55 5.00 -10.16
C ALA A 28 15.58 6.53 -10.25
N GLY A 29 14.78 7.18 -9.45
CA GLY A 29 14.77 8.67 -9.47
C GLY A 29 13.33 9.18 -9.49
N THR A 30 12.43 8.49 -8.84
CA THR A 30 11.02 8.95 -8.85
C THR A 30 10.32 8.62 -7.52
N ALA A 31 9.98 9.64 -6.80
CA ALA A 31 9.26 9.49 -5.50
C ALA A 31 8.11 8.49 -5.65
N TYR A 32 8.08 7.49 -4.81
CA TYR A 32 6.99 6.48 -4.88
C TYR A 32 6.21 6.51 -3.55
N ASP A 33 4.95 6.18 -3.55
CA ASP A 33 4.18 6.18 -2.27
C ASP A 33 4.06 4.74 -1.79
N VAL A 34 3.85 4.54 -0.52
CA VAL A 34 3.76 3.15 0.02
C VAL A 34 2.65 3.06 1.07
N GLY A 35 1.58 2.30 0.83
CA GLY A 35 0.51 2.24 1.87
C GLY A 35 -0.43 1.04 1.65
N GLN A 36 -1.42 0.93 2.50
CA GLN A 36 -2.41 -0.16 2.42
C GLN A 36 -3.69 0.38 1.78
N CYS A 37 -3.97 -0.02 0.59
CA CYS A 37 -5.21 0.46 -0.08
C CYS A 37 -6.00 -0.72 -0.65
N ALA A 38 -7.30 -0.60 -0.71
CA ALA A 38 -8.13 -1.73 -1.24
C ALA A 38 -9.00 -1.25 -2.41
N TRP A 39 -9.12 -2.05 -3.45
CA TRP A 39 -9.99 -1.66 -4.60
C TRP A 39 -11.35 -2.31 -4.39
N VAL A 40 -12.37 -1.54 -4.18
CA VAL A 40 -13.72 -2.13 -3.95
C VAL A 40 -14.60 -1.96 -5.18
N ASP A 41 -14.04 -1.65 -6.30
CA ASP A 41 -14.88 -1.49 -7.53
C ASP A 41 -14.02 -0.99 -8.69
N THR A 42 -14.64 -0.73 -9.81
CA THR A 42 -13.87 -0.25 -11.00
C THR A 42 -13.40 1.18 -10.76
N GLY A 43 -12.18 1.34 -10.35
CA GLY A 43 -11.64 2.72 -10.12
C GLY A 43 -12.00 3.24 -8.73
N VAL A 44 -12.21 2.37 -7.76
CA VAL A 44 -12.53 2.85 -6.40
C VAL A 44 -11.38 2.41 -5.47
N LEU A 45 -10.53 3.32 -5.04
CA LEU A 45 -9.39 2.90 -4.19
C LEU A 45 -9.50 3.56 -2.80
N ALA A 46 -9.90 2.82 -1.79
CA ALA A 46 -10.00 3.41 -0.44
C ALA A 46 -8.73 3.05 0.33
N CYS A 47 -7.86 3.99 0.57
CA CYS A 47 -6.60 3.67 1.29
C CYS A 47 -6.66 4.17 2.73
N ASN A 48 -5.74 3.72 3.56
CA ASN A 48 -5.75 4.16 4.99
C ASN A 48 -4.52 5.04 5.26
N PRO A 49 -4.74 6.19 5.89
CA PRO A 49 -3.64 7.12 6.22
C PRO A 49 -2.77 6.60 7.38
N ALA A 50 -2.75 5.30 7.63
CA ALA A 50 -1.91 4.78 8.74
C ALA A 50 -0.74 4.00 8.16
N ASP A 51 -0.64 3.96 6.85
CA ASP A 51 0.46 3.22 6.20
C ASP A 51 0.95 4.08 5.04
N PHE A 52 0.58 5.33 5.04
CA PHE A 52 0.99 6.22 3.92
C PHE A 52 2.43 6.69 4.10
N SER A 53 3.37 5.99 3.52
CA SER A 53 4.79 6.43 3.62
C SER A 53 5.24 6.86 2.22
N SER A 54 6.51 7.07 2.00
CA SER A 54 6.93 7.50 0.64
C SER A 54 8.45 7.71 0.57
N VAL A 55 9.04 7.24 -0.50
CA VAL A 55 10.51 7.42 -0.71
C VAL A 55 10.75 7.40 -2.22
N THR A 56 11.83 7.96 -2.68
CA THR A 56 12.08 7.96 -4.15
C THR A 56 13.01 6.82 -4.51
N ALA A 57 12.81 6.25 -5.66
CA ALA A 57 13.70 5.16 -6.09
C ALA A 57 15.11 5.72 -6.33
N ASP A 58 16.00 5.40 -5.44
CA ASP A 58 17.40 5.87 -5.55
C ASP A 58 18.07 5.37 -6.84
N ALA A 59 19.31 4.97 -6.75
CA ALA A 59 20.04 4.48 -7.97
C ALA A 59 19.23 3.44 -8.72
N ASN A 60 18.77 2.46 -8.03
CA ASN A 60 17.93 1.41 -8.69
C ASN A 60 16.50 1.67 -8.26
N GLY A 61 16.37 2.18 -7.06
CA GLY A 61 15.04 2.54 -6.51
C GLY A 61 14.63 1.53 -5.44
N SER A 62 15.35 1.49 -4.34
CA SER A 62 15.00 0.58 -3.24
C SER A 62 14.32 1.39 -2.14
N ALA A 63 13.15 0.99 -1.75
CA ALA A 63 12.44 1.76 -0.70
C ALA A 63 11.84 0.79 0.31
N SER A 64 12.38 0.76 1.50
CA SER A 64 11.85 -0.16 2.54
C SER A 64 11.28 0.65 3.70
N THR A 65 10.00 0.57 3.93
CA THR A 65 9.39 1.35 5.04
C THR A 65 8.33 0.50 5.73
N SER A 66 8.28 0.56 7.04
CA SER A 66 7.27 -0.23 7.78
C SER A 66 6.09 0.68 8.16
N LEU A 67 4.89 0.23 7.93
CA LEU A 67 3.70 1.06 8.25
C LEU A 67 2.70 0.24 9.06
N THR A 68 1.76 0.87 9.70
CA THR A 68 0.75 0.11 10.50
C THR A 68 -0.49 -0.16 9.63
N VAL A 69 -0.88 -1.39 9.49
CA VAL A 69 -2.07 -1.70 8.63
C VAL A 69 -2.99 -2.70 9.35
N ARG A 70 -4.28 -2.58 9.22
CA ARG A 70 -5.18 -3.55 9.91
C ARG A 70 -6.43 -3.84 9.08
N ARG A 71 -7.37 -4.53 9.67
CA ARG A 71 -8.63 -4.89 8.95
C ARG A 71 -9.39 -3.62 8.54
N SER A 72 -10.42 -3.25 9.25
CA SER A 72 -11.17 -2.02 8.87
C SER A 72 -10.21 -0.85 8.90
N PHE A 73 -10.30 0.01 7.93
CA PHE A 73 -9.38 1.15 7.90
C PHE A 73 -9.98 2.29 7.09
N GLU A 74 -9.57 3.50 7.37
CA GLU A 74 -10.14 4.65 6.63
C GLU A 74 -10.12 4.36 5.13
N GLY A 75 -11.27 4.39 4.50
CA GLY A 75 -11.34 4.11 3.04
C GLY A 75 -11.15 5.39 2.22
N PHE A 76 -10.12 6.16 2.51
CA PHE A 76 -9.88 7.43 1.73
C PHE A 76 -10.16 7.20 0.23
N LEU A 77 -11.19 7.82 -0.32
CA LEU A 77 -11.51 7.63 -1.77
C LEU A 77 -10.69 8.64 -2.61
N PHE A 78 -9.95 8.20 -3.61
CA PHE A 78 -9.14 9.14 -4.44
C PHE A 78 -10.08 10.10 -5.20
N ASP A 79 -10.89 10.84 -4.49
CA ASP A 79 -11.82 11.79 -5.18
C ASP A 79 -12.30 12.85 -4.19
N GLY A 80 -11.61 13.02 -3.10
CA GLY A 80 -12.04 14.05 -2.10
C GLY A 80 -13.08 13.46 -1.15
N THR A 81 -13.81 12.46 -1.59
CA THR A 81 -14.85 11.87 -0.70
C THR A 81 -14.28 10.67 0.05
N ARG A 82 -14.90 10.33 1.14
CA ARG A 82 -14.43 9.19 1.96
C ARG A 82 -15.39 8.00 1.72
N TRP A 83 -14.87 6.83 1.47
CA TRP A 83 -15.76 5.66 1.20
C TRP A 83 -16.28 5.06 2.52
N GLY A 84 -15.63 5.36 3.61
CA GLY A 84 -16.06 4.83 4.92
C GLY A 84 -15.00 3.84 5.42
N THR A 85 -15.15 3.36 6.62
CA THR A 85 -14.15 2.39 7.15
C THR A 85 -14.21 1.15 6.27
N VAL A 86 -13.20 0.94 5.46
CA VAL A 86 -13.19 -0.23 4.57
C VAL A 86 -12.75 -1.47 5.35
N ASP A 87 -13.69 -2.33 5.66
CA ASP A 87 -13.37 -3.55 6.45
C ASP A 87 -12.46 -4.47 5.65
N CYS A 88 -11.20 -4.60 6.02
CA CYS A 88 -10.31 -5.52 5.23
C CYS A 88 -10.85 -6.97 5.29
N THR A 89 -11.88 -7.22 6.05
CA THR A 89 -12.42 -8.62 6.12
C THR A 89 -13.50 -8.81 5.06
N THR A 90 -13.69 -7.82 4.22
CA THR A 90 -14.73 -7.93 3.16
C THR A 90 -14.06 -7.86 1.80
N ALA A 91 -13.22 -6.87 1.60
CA ALA A 91 -12.52 -6.74 0.29
C ALA A 91 -11.06 -7.18 0.45
N ALA A 92 -10.31 -7.15 -0.62
CA ALA A 92 -8.88 -7.56 -0.54
C ALA A 92 -8.01 -6.30 -0.48
N CYS A 93 -7.36 -6.07 0.64
CA CYS A 93 -6.51 -4.85 0.77
C CYS A 93 -5.05 -5.21 0.47
N GLN A 94 -4.46 -4.57 -0.50
CA GLN A 94 -3.07 -4.90 -0.85
C GLN A 94 -2.11 -3.86 -0.30
N VAL A 95 -0.95 -4.29 0.03
CA VAL A 95 0.10 -3.37 0.52
C VAL A 95 1.08 -3.18 -0.63
N GLY A 96 1.09 -2.03 -1.22
CA GLY A 96 2.00 -1.84 -2.38
C GLY A 96 2.51 -0.41 -2.47
N LEU A 97 3.17 -0.11 -3.55
CA LEU A 97 3.73 1.25 -3.74
C LEU A 97 3.04 1.91 -4.93
N SER A 98 3.44 3.10 -5.27
CA SER A 98 2.78 3.81 -6.41
C SER A 98 3.45 5.16 -6.61
N ASP A 99 3.16 5.83 -7.70
CA ASP A 99 3.78 7.15 -7.94
C ASP A 99 2.67 8.21 -8.11
N ALA A 100 2.94 9.32 -8.74
CA ALA A 100 1.89 10.36 -8.91
C ALA A 100 1.59 10.53 -10.40
N ALA A 101 1.63 9.45 -11.15
CA ALA A 101 1.37 9.55 -12.61
C ALA A 101 0.08 8.79 -12.96
N GLY A 102 -0.20 7.72 -12.27
CA GLY A 102 -1.43 6.95 -12.58
C GLY A 102 -1.29 5.58 -11.94
N ASN A 103 -0.09 5.07 -11.92
CA ASN A 103 0.12 3.74 -11.31
C ASN A 103 1.61 3.56 -10.99
N GLY A 104 1.94 2.41 -10.49
CA GLY A 104 3.35 2.12 -10.11
C GLY A 104 3.48 0.61 -9.84
N PRO A 105 4.52 0.16 -9.16
CA PRO A 105 4.67 -1.28 -8.88
C PRO A 105 3.34 -1.85 -8.36
N GLU A 106 3.28 -3.14 -8.16
CA GLU A 106 1.99 -3.76 -7.68
C GLU A 106 1.96 -3.80 -6.16
N GLY A 107 0.90 -4.34 -5.60
CA GLY A 107 0.78 -4.42 -4.13
C GLY A 107 0.69 -5.89 -3.70
N VAL A 108 0.85 -6.16 -2.44
CA VAL A 108 0.80 -7.53 -1.93
C VAL A 108 -0.52 -7.74 -1.19
N ALA A 109 -1.19 -8.80 -1.51
CA ALA A 109 -2.49 -9.10 -0.83
C ALA A 109 -2.23 -9.55 0.62
N ILE A 110 -2.79 -8.85 1.56
CA ILE A 110 -2.57 -9.23 2.98
C ILE A 110 -3.78 -10.06 3.46
N SER A 111 -3.70 -10.60 4.65
CA SER A 111 -4.83 -11.43 5.16
C SER A 111 -5.05 -11.17 6.65
N PHE A 112 -6.21 -11.47 7.16
CA PHE A 112 -6.48 -11.24 8.61
C PHE A 112 -7.20 -12.46 9.19
N ASN A 113 -6.48 -13.33 9.84
CA ASN A 113 -7.13 -14.53 10.44
C ASN A 113 -7.83 -14.14 11.74
C1 CHR B . -3.70 7.73 -4.03
C2 CHR B . -4.12 8.59 -2.97
C3 CHR B . -4.72 9.19 -2.13
C4 CHR B . -5.72 9.74 -1.20
O2 CHR B . -6.22 8.89 -0.13
C5 CHR B . -7.02 8.96 -1.35
C6 CHR B . -6.86 7.90 -2.36
C7 CHR B . -6.50 7.13 -3.21
C8 CHR B . -5.81 6.35 -4.22
C9 CHR B . -4.59 6.75 -4.65
C10 CHR B . -3.94 6.17 -5.89
O1 CHR B . -4.51 6.72 -7.06
C11 CHR B . -2.48 6.61 -5.72
O6 CHR B . -1.69 5.51 -5.32
C12 CHR B . -2.51 7.66 -4.63
C13 CHR B . -4.31 6.07 -8.31
O3 CHR B . -5.16 4.94 -8.40
C14 CHR B . -4.63 7.04 -9.45
N1 CHR B . -3.82 8.29 -9.30
C19 CHR B . -2.44 8.35 -9.84
C15 CHR B . -6.12 7.38 -9.41
O4 CHR B . -6.43 8.27 -10.48
C16 CHR B . -6.94 6.09 -9.55
O5 CHR B . -6.67 5.50 -10.81
C17 CHR B . -6.56 5.11 -8.43
C18 CHR B . -7.23 3.76 -8.69
C20 CHR B . -1.38 4.78 -6.38
O7 CHR B . -1.00 5.30 -7.42
C21 CHR B . -1.51 3.33 -6.24
C22 CHR B . -1.97 2.57 -7.32
O9 CHR B . -2.22 3.19 -8.54
C23 CHR B . -2.19 1.19 -7.17
C24 CHR B . -1.94 0.58 -5.94
C25 CHR B . -1.47 1.32 -4.86
C26 CHR B . -1.25 2.70 -5.01
C27 CHR B . -0.78 3.45 -3.91
C28 CHR B . -0.52 2.82 -2.68
O8 CHR B . -0.04 3.56 -1.61
C31 CHR B . -0.35 4.95 -1.60
C29 CHR B . -0.75 1.45 -2.55
C30 CHR B . -1.22 0.70 -3.63
C32 CHR B . -1.47 -0.79 -3.48
C33 CHR B . -5.77 11.25 -1.00
O10 CHR B . -6.90 11.61 -0.23
C34 CHR B . -7.63 12.39 -1.01
O11 CHR B . -8.68 12.87 -0.62
O12 CHR B . -7.18 12.65 -2.23
C35 CHR B . -5.95 11.94 -2.34
H5 CHR B . -7.96 9.52 -1.31
H8 CHR B . -6.26 5.47 -4.61
H10 CHR B . -4.02 5.10 -5.89
H11 CHR B . -2.09 7.05 -6.65
H12 CHR B . -1.68 8.27 -4.37
H13 CHR B . -3.28 5.76 -8.39
H14 CHR B . -4.39 6.57 -10.39
H191 CHR B . -2.38 9.12 -10.59
H192 CHR B . -2.18 7.39 -10.29
H193 CHR B . -1.74 8.56 -9.05
H15 CHR B . -6.36 7.85 -8.47
HO4 CHR B . -6.62 9.13 -10.09
H16 CHR B . -7.99 6.33 -9.48
HO5 CHR B . -5.84 5.02 -10.74
H17 CHR B . -6.89 5.51 -7.48
H181 CHR B . -7.93 3.87 -9.51
H182 CHR B . -7.76 3.45 -7.81
H183 CHR B . -6.48 3.03 -8.94
HO9 CHR B . -1.76 4.03 -8.57
H23 CHR B . -2.54 0.61 -8.01
H24 CHR B . -2.11 -0.48 -5.83
H27 CHR B . -0.57 4.50 -4.01
H311 CHR B . -0.05 5.38 -0.66
H312 CHR B . 0.18 5.43 -2.41
H313 CHR B . -1.42 5.08 -1.73
H29 CHR B . -0.56 0.97 -1.60
H321 CHR B . -1.44 -1.05 -2.43
H322 CHR B . -0.73 -1.34 -4.01
H323 CHR B . -2.45 -1.03 -3.87
H33 CHR B . -4.86 11.59 -0.53
H351 CHR B . -5.14 12.64 -2.53
H352 CHR B . -6.01 11.22 -3.15
N ALA A 1 19.16 -5.82 -11.66
CA ALA A 1 17.98 -6.20 -10.85
C ALA A 1 16.77 -5.36 -11.28
N ALA A 2 15.68 -6.00 -11.62
CA ALA A 2 14.47 -5.24 -12.05
C ALA A 2 13.67 -4.82 -10.82
N PRO A 3 12.65 -4.02 -11.05
CA PRO A 3 11.78 -3.53 -9.97
C PRO A 3 11.10 -4.70 -9.25
N THR A 4 10.68 -4.47 -8.05
CA THR A 4 9.99 -5.54 -7.27
C THR A 4 9.61 -4.96 -5.90
N ALA A 5 9.17 -5.77 -4.98
CA ALA A 5 8.78 -5.24 -3.65
C ALA A 5 8.64 -6.35 -2.66
N THR A 6 9.27 -6.16 -1.53
CA THR A 6 9.18 -7.20 -0.47
C THR A 6 8.37 -6.65 0.69
N VAL A 7 7.22 -7.16 0.82
CA VAL A 7 6.30 -6.74 1.90
C VAL A 7 5.99 -7.92 2.83
N THR A 8 6.00 -7.69 4.12
CA THR A 8 5.72 -8.80 5.08
C THR A 8 5.72 -8.23 6.51
N PRO A 9 4.95 -8.84 7.37
CA PRO A 9 4.11 -10.00 7.03
C PRO A 9 2.84 -9.52 6.33
N SER A 10 2.31 -10.33 5.47
CA SER A 10 1.07 -9.93 4.75
C SER A 10 -0.15 -10.43 5.53
N SER A 11 0.02 -11.44 6.34
CA SER A 11 -1.13 -11.98 7.13
C SER A 11 -0.72 -12.15 8.59
N GLY A 12 -1.68 -12.24 9.47
CA GLY A 12 -1.35 -12.39 10.92
C GLY A 12 -0.93 -11.04 11.48
N LEU A 13 -1.58 -10.00 11.03
CA LEU A 13 -1.24 -8.63 11.45
C LEU A 13 -2.08 -8.24 12.63
N SER A 14 -3.30 -8.54 12.51
CA SER A 14 -4.28 -8.21 13.57
C SER A 14 -4.44 -6.70 13.70
N ASP A 15 -5.62 -6.27 14.02
CA ASP A 15 -5.91 -4.82 14.13
C ASP A 15 -4.90 -4.11 15.03
N GLY A 16 -4.05 -3.32 14.43
CA GLY A 16 -3.08 -2.55 15.26
C GLY A 16 -1.63 -3.03 15.08
N THR A 17 -1.28 -3.80 14.07
CA THR A 17 0.13 -4.20 13.98
C THR A 17 0.82 -3.37 12.92
N VAL A 18 2.02 -3.74 12.64
CA VAL A 18 2.84 -3.01 11.64
C VAL A 18 3.37 -3.96 10.56
N VAL A 19 3.33 -3.55 9.32
CA VAL A 19 3.85 -4.41 8.24
C VAL A 19 5.03 -3.71 7.58
N LYS A 20 5.92 -4.45 6.97
CA LYS A 20 7.09 -3.82 6.32
C LYS A 20 7.01 -4.01 4.81
N VAL A 21 6.75 -2.96 4.09
CA VAL A 21 6.65 -3.08 2.61
C VAL A 21 7.91 -2.49 1.99
N ALA A 22 8.44 -3.08 0.96
CA ALA A 22 9.67 -2.51 0.35
C ALA A 22 9.59 -2.58 -1.16
N GLY A 23 10.38 -1.77 -1.80
CA GLY A 23 10.41 -1.74 -3.27
C GLY A 23 11.86 -1.85 -3.72
N ALA A 24 12.15 -2.52 -4.79
CA ALA A 24 13.56 -2.60 -5.24
C ALA A 24 13.60 -2.64 -6.77
N GLY A 25 14.34 -1.75 -7.40
CA GLY A 25 14.37 -1.77 -8.89
C GLY A 25 13.25 -0.88 -9.44
N LEU A 26 12.83 0.11 -8.70
CA LEU A 26 11.75 0.98 -9.20
C LEU A 26 12.38 2.13 -10.01
N GLN A 27 11.59 2.95 -10.62
CA GLN A 27 12.17 4.06 -11.42
C GLN A 27 13.23 4.78 -10.60
N ALA A 28 14.45 4.46 -10.87
CA ALA A 28 15.59 5.08 -10.14
C ALA A 28 15.54 6.60 -10.27
N GLY A 29 14.69 7.23 -9.50
CA GLY A 29 14.58 8.71 -9.57
C GLY A 29 13.11 9.10 -9.63
N THR A 30 12.25 8.36 -8.97
CA THR A 30 10.81 8.71 -9.01
C THR A 30 10.15 8.48 -7.65
N ALA A 31 9.84 9.56 -6.99
CA ALA A 31 9.16 9.49 -5.65
C ALA A 31 7.97 8.52 -5.72
N TYR A 32 8.07 7.39 -5.08
CA TYR A 32 6.95 6.41 -5.09
C TYR A 32 6.21 6.51 -3.76
N ASP A 33 4.94 6.17 -3.73
CA ASP A 33 4.20 6.23 -2.44
C ASP A 33 4.09 4.80 -1.90
N VAL A 34 3.82 4.65 -0.63
CA VAL A 34 3.74 3.28 -0.04
C VAL A 34 2.58 3.22 0.98
N GLY A 35 1.54 2.43 0.74
CA GLY A 35 0.43 2.41 1.74
C GLY A 35 -0.48 1.19 1.57
N GLN A 36 -1.40 1.05 2.50
CA GLN A 36 -2.37 -0.07 2.48
C GLN A 36 -3.67 0.45 1.88
N CYS A 37 -3.98 0.03 0.70
CA CYS A 37 -5.22 0.50 0.04
C CYS A 37 -6.01 -0.68 -0.54
N ALA A 38 -7.31 -0.57 -0.62
CA ALA A 38 -8.12 -1.71 -1.15
C ALA A 38 -9.00 -1.24 -2.32
N TRP A 39 -9.13 -2.05 -3.35
CA TRP A 39 -10.00 -1.65 -4.50
C TRP A 39 -11.37 -2.29 -4.28
N VAL A 40 -12.39 -1.51 -4.07
CA VAL A 40 -13.73 -2.09 -3.81
C VAL A 40 -14.63 -1.94 -5.05
N ASP A 41 -14.07 -1.64 -6.18
CA ASP A 41 -14.91 -1.49 -7.40
C ASP A 41 -14.05 -1.00 -8.57
N THR A 42 -14.68 -0.73 -9.69
CA THR A 42 -13.92 -0.26 -10.87
C THR A 42 -13.44 1.17 -10.65
N GLY A 43 -12.22 1.32 -10.24
CA GLY A 43 -11.65 2.68 -10.02
C GLY A 43 -11.99 3.21 -8.62
N VAL A 44 -12.20 2.36 -7.66
CA VAL A 44 -12.51 2.84 -6.29
C VAL A 44 -11.34 2.41 -5.37
N LEU A 45 -10.48 3.32 -4.95
CA LEU A 45 -9.32 2.90 -4.11
C LEU A 45 -9.43 3.56 -2.73
N ALA A 46 -9.82 2.82 -1.70
CA ALA A 46 -9.91 3.42 -0.35
C ALA A 46 -8.63 3.08 0.42
N CYS A 47 -7.78 4.04 0.67
CA CYS A 47 -6.51 3.74 1.40
C CYS A 47 -6.58 4.26 2.83
N ASN A 48 -5.68 3.82 3.67
CA ASN A 48 -5.72 4.28 5.10
C ASN A 48 -4.53 5.23 5.38
N PRO A 49 -4.81 6.31 6.09
CA PRO A 49 -3.77 7.30 6.44
C PRO A 49 -2.83 6.80 7.56
N ALA A 50 -2.69 5.50 7.74
CA ALA A 50 -1.77 5.01 8.81
C ALA A 50 -0.63 4.22 8.16
N ASP A 51 -0.62 4.16 6.86
CA ASP A 51 0.46 3.41 6.16
C ASP A 51 0.89 4.27 4.97
N PHE A 52 0.48 5.51 4.95
CA PHE A 52 0.83 6.39 3.80
C PHE A 52 2.26 6.91 3.95
N SER A 53 3.21 6.24 3.35
CA SER A 53 4.62 6.73 3.42
C SER A 53 5.07 7.11 2.00
N SER A 54 6.34 7.30 1.77
CA SER A 54 6.77 7.69 0.41
C SER A 54 8.29 7.89 0.34
N VAL A 55 8.90 7.37 -0.68
CA VAL A 55 10.36 7.53 -0.89
C VAL A 55 10.64 7.47 -2.39
N THR A 56 11.71 8.03 -2.86
CA THR A 56 11.98 7.99 -4.33
C THR A 56 12.93 6.86 -4.65
N ALA A 57 12.72 6.24 -5.78
CA ALA A 57 13.64 5.15 -6.18
C ALA A 57 15.05 5.72 -6.40
N ASP A 58 15.91 5.43 -5.50
CA ASP A 58 17.32 5.91 -5.57
C ASP A 58 18.01 5.41 -6.84
N ALA A 59 19.26 5.01 -6.73
CA ALA A 59 20.02 4.52 -7.92
C ALA A 59 19.25 3.44 -8.67
N ASN A 60 18.79 2.48 -7.96
CA ASN A 60 17.99 1.39 -8.59
C ASN A 60 16.54 1.66 -8.22
N GLY A 61 16.36 2.18 -7.04
CA GLY A 61 15.02 2.55 -6.56
C GLY A 61 14.56 1.57 -5.46
N SER A 62 15.24 1.58 -4.35
CA SER A 62 14.85 0.67 -3.23
C SER A 62 14.14 1.49 -2.17
N ALA A 63 12.98 1.06 -1.80
CA ALA A 63 12.22 1.82 -0.76
C ALA A 63 11.60 0.85 0.23
N SER A 64 12.11 0.81 1.44
CA SER A 64 11.55 -0.12 2.45
C SER A 64 11.14 0.65 3.70
N THR A 65 9.89 0.56 4.06
CA THR A 65 9.41 1.28 5.27
C THR A 65 8.33 0.46 5.97
N SER A 66 8.33 0.46 7.27
CA SER A 66 7.31 -0.33 8.02
C SER A 66 6.19 0.61 8.46
N LEU A 67 4.96 0.19 8.31
CA LEU A 67 3.81 1.07 8.70
C LEU A 67 2.78 0.24 9.47
N THR A 68 1.69 0.85 9.87
CA THR A 68 0.65 0.09 10.63
C THR A 68 -0.55 -0.21 9.72
N VAL A 69 -0.95 -1.45 9.61
CA VAL A 69 -2.10 -1.77 8.72
C VAL A 69 -3.01 -2.83 9.40
N ARG A 70 -4.31 -2.73 9.23
CA ARG A 70 -5.19 -3.75 9.88
C ARG A 70 -6.36 -4.11 8.95
N ARG A 71 -7.41 -4.67 9.48
CA ARG A 71 -8.57 -5.05 8.61
C ARG A 71 -9.38 -3.80 8.29
N SER A 72 -10.33 -3.42 9.13
CA SER A 72 -11.10 -2.18 8.83
C SER A 72 -10.11 -1.05 8.80
N PHE A 73 -10.24 -0.15 7.88
CA PHE A 73 -9.25 0.93 7.82
C PHE A 73 -9.75 2.07 6.93
N GLU A 74 -9.56 3.28 7.39
CA GLU A 74 -10.03 4.47 6.62
C GLU A 74 -9.93 4.21 5.11
N GLY A 75 -11.04 4.29 4.42
CA GLY A 75 -11.04 4.03 2.96
C GLY A 75 -10.91 5.34 2.15
N PHE A 76 -9.94 6.16 2.45
CA PHE A 76 -9.77 7.45 1.67
C PHE A 76 -10.06 7.21 0.18
N LEU A 77 -11.09 7.84 -0.36
CA LEU A 77 -11.43 7.64 -1.81
C LEU A 77 -10.60 8.63 -2.67
N PHE A 78 -9.87 8.14 -3.66
CA PHE A 78 -9.07 9.06 -4.53
C PHE A 78 -10.01 9.99 -5.31
N ASP A 79 -10.82 10.75 -4.63
CA ASP A 79 -11.75 11.67 -5.35
C ASP A 79 -12.20 12.79 -4.40
N GLY A 80 -11.47 13.02 -3.35
CA GLY A 80 -11.85 14.10 -2.39
C GLY A 80 -12.83 13.54 -1.35
N THR A 81 -13.59 12.55 -1.70
CA THR A 81 -14.57 12.00 -0.72
C THR A 81 -13.99 10.75 -0.04
N ARG A 82 -14.58 10.37 1.06
CA ARG A 82 -14.09 9.18 1.80
C ARG A 82 -15.12 8.04 1.62
N TRP A 83 -14.66 6.82 1.45
CA TRP A 83 -15.61 5.70 1.23
C TRP A 83 -16.14 5.16 2.57
N GLY A 84 -15.45 5.44 3.64
CA GLY A 84 -15.88 4.96 4.98
C GLY A 84 -14.87 3.92 5.47
N THR A 85 -15.06 3.41 6.65
CA THR A 85 -14.11 2.39 7.16
C THR A 85 -14.22 1.16 6.26
N VAL A 86 -13.21 0.90 5.47
CA VAL A 86 -13.24 -0.25 4.57
C VAL A 86 -12.85 -1.51 5.34
N ASP A 87 -13.80 -2.35 5.64
CA ASP A 87 -13.49 -3.60 6.41
C ASP A 87 -12.61 -4.53 5.57
N CYS A 88 -11.37 -4.74 5.94
CA CYS A 88 -10.53 -5.66 5.11
C CYS A 88 -11.10 -7.08 5.19
N THR A 89 -12.10 -7.31 6.00
CA THR A 89 -12.68 -8.67 6.09
C THR A 89 -13.71 -8.85 4.97
N THR A 90 -13.91 -7.83 4.18
CA THR A 90 -14.89 -7.93 3.07
C THR A 90 -14.13 -7.86 1.73
N ALA A 91 -13.29 -6.86 1.60
CA ALA A 91 -12.52 -6.73 0.33
C ALA A 91 -11.08 -7.17 0.56
N ALA A 92 -10.25 -7.07 -0.45
CA ALA A 92 -8.82 -7.48 -0.30
C ALA A 92 -7.94 -6.23 -0.25
N CYS A 93 -7.27 -5.98 0.85
CA CYS A 93 -6.41 -4.76 0.94
C CYS A 93 -4.96 -5.13 0.62
N GLN A 94 -4.39 -4.50 -0.35
CA GLN A 94 -3.00 -4.81 -0.72
C GLN A 94 -2.04 -3.76 -0.21
N VAL A 95 -0.88 -4.19 0.14
CA VAL A 95 0.16 -3.25 0.61
C VAL A 95 1.15 -3.08 -0.53
N GLY A 96 1.17 -1.94 -1.15
CA GLY A 96 2.10 -1.79 -2.31
C GLY A 96 2.61 -0.37 -2.43
N LEU A 97 3.30 -0.10 -3.51
CA LEU A 97 3.86 1.25 -3.74
C LEU A 97 3.16 1.88 -4.93
N SER A 98 3.53 3.06 -5.30
CA SER A 98 2.86 3.74 -6.45
C SER A 98 3.55 5.08 -6.73
N ASP A 99 3.19 5.74 -7.80
CA ASP A 99 3.83 7.04 -8.09
C ASP A 99 2.74 8.14 -8.15
N ALA A 100 3.01 9.27 -8.75
CA ALA A 100 1.97 10.34 -8.81
C ALA A 100 1.62 10.60 -10.27
N ALA A 101 1.60 9.59 -11.08
CA ALA A 101 1.28 9.78 -12.52
C ALA A 101 0.00 9.00 -12.89
N GLY A 102 -0.24 7.88 -12.27
CA GLY A 102 -1.45 7.10 -12.60
C GLY A 102 -1.31 5.73 -11.97
N ASN A 103 -0.12 5.19 -11.96
CA ASN A 103 0.09 3.88 -11.35
C ASN A 103 1.57 3.67 -11.05
N GLY A 104 1.89 2.52 -10.55
CA GLY A 104 3.30 2.20 -10.19
C GLY A 104 3.40 0.69 -9.90
N PRO A 105 4.45 0.22 -9.25
CA PRO A 105 4.56 -1.22 -8.94
C PRO A 105 3.24 -1.72 -8.35
N GLU A 106 3.12 -3.01 -8.15
CA GLU A 106 1.84 -3.56 -7.61
C GLU A 106 1.90 -3.63 -6.08
N GLY A 107 0.90 -4.22 -5.49
CA GLY A 107 0.87 -4.33 -4.00
C GLY A 107 0.77 -5.80 -3.58
N VAL A 108 0.91 -6.08 -2.32
CA VAL A 108 0.85 -7.46 -1.83
C VAL A 108 -0.48 -7.65 -1.08
N ALA A 109 -1.16 -8.71 -1.37
CA ALA A 109 -2.46 -8.99 -0.71
C ALA A 109 -2.20 -9.49 0.72
N ILE A 110 -2.76 -8.84 1.69
CA ILE A 110 -2.56 -9.28 3.09
C ILE A 110 -3.74 -10.14 3.54
N SER A 111 -3.63 -10.80 4.65
CA SER A 111 -4.76 -11.66 5.12
C SER A 111 -4.96 -11.46 6.63
N PHE A 112 -6.15 -11.69 7.11
CA PHE A 112 -6.41 -11.51 8.57
C PHE A 112 -7.08 -12.77 9.12
N ASN A 113 -6.34 -13.60 9.79
CA ASN A 113 -6.94 -14.85 10.36
C ASN A 113 -7.64 -14.52 11.68
C1 CHR B . -3.62 7.74 -4.13
C2 CHR B . -4.04 8.63 -3.09
C3 CHR B . -4.63 9.24 -2.26
C4 CHR B . -5.63 9.80 -1.33
O2 CHR B . -6.11 8.97 -0.23
C5 CHR B . -6.92 9.00 -1.44
C6 CHR B . -6.77 7.90 -2.42
C7 CHR B . -6.40 7.11 -3.24
C8 CHR B . -5.72 6.34 -4.24
C9 CHR B . -4.51 6.73 -4.71
C10 CHR B . -3.87 6.14 -5.94
O1 CHR B . -4.46 6.68 -7.12
C11 CHR B . -2.41 6.59 -5.81
O6 CHR B . -1.62 5.50 -5.39
C12 CHR B . -2.44 7.66 -4.75
C13 CHR B . -4.26 6.03 -8.37
O3 CHR B . -5.08 4.88 -8.44
C14 CHR B . -4.61 6.98 -9.50
N1 CHR B . -3.85 8.26 -9.36
C19 CHR B . -2.46 8.36 -9.90
C15 CHR B . -6.11 7.28 -9.47
O4 CHR B . -6.45 8.15 -10.54
C16 CHR B . -6.90 5.97 -9.61
O5 CHR B . -6.60 5.37 -10.86
C17 CHR B . -6.49 5.01 -8.48
C18 CHR B . -7.13 3.65 -8.72
C20 CHR B . -1.32 4.75 -6.44
O7 CHR B . -0.95 5.24 -7.49
C21 CHR B . -1.45 3.30 -6.25
C22 CHR B . -1.92 2.51 -7.30
O9 CHR B . -2.18 3.10 -8.54
C23 CHR B . -2.14 1.14 -7.12
C24 CHR B . -1.89 0.56 -5.87
C25 CHR B . -1.41 1.34 -4.82
C26 CHR B . -1.18 2.71 -5.00
C27 CHR B . -0.70 3.48 -3.93
C28 CHR B . -0.44 2.88 -2.69
O8 CHR B . 0.05 3.65 -1.63
C31 CHR B . -0.27 5.03 -1.66
C29 CHR B . -0.68 1.52 -2.51
C30 CHR B . -1.16 0.74 -3.58
C32 CHR B . -1.42 -0.74 -3.38
C33 CHR B . -5.71 11.32 -1.18
O10 CHR B . -6.87 11.68 -0.46
C34 CHR B . -7.58 12.44 -1.29
O11 CHR B . -8.64 12.91 -0.94
O12 CHR B . -7.09 12.66 -2.50
C35 CHR B . -5.86 11.97 -2.56
H5 CHR B . -7.88 9.53 -1.41
H8 CHR B . -6.15 5.43 -4.62
H10 CHR B . -3.94 5.07 -5.93
H11 CHR B . -2.04 7.00 -6.75
H12 CHR B . -1.62 8.30 -4.51
H13 CHR B . -3.22 5.74 -8.45
H14 CHR B . -4.36 6.53 -10.46
H191 CHR B . -2.11 7.38 -10.19
H192 CHR B . -1.80 8.76 -9.14
H193 CHR B . -2.46 9.01 -10.76
H15 CHR B . -6.36 7.75 -8.53
HO4 CHR B . -6.08 7.78 -11.35
H16 CHR B . -7.95 6.18 -9.55
HO5 CHR B . -7.37 4.89 -11.15
H17 CHR B . -6.84 5.41 -7.53
H181 CHR B . -8.04 3.57 -8.13
H182 CHR B . -6.45 2.88 -8.43
H183 CHR B . -7.37 3.54 -9.77
HO9 CHR B . -1.59 2.72 -9.20
H23 CHR B . -2.50 0.54 -7.95
H24 CHR B . -2.06 -0.50 -5.74
H27 CHR B . -0.49 4.53 -4.07
H311 CHR B . 0.03 5.49 -0.72
H312 CHR B . 0.24 5.51 -2.48
H313 CHR B . -1.34 5.16 -1.78
H29 CHR B . -0.49 1.05 -1.56
H321 CHR B . -0.97 -1.06 -2.46
H322 CHR B . -1.01 -1.29 -4.21
H323 CHR B . -2.49 -0.91 -3.34
H33 CHR B . -4.82 11.69 -0.69
H351 CHR B . -5.05 12.66 -2.73
H352 CHR B . -5.89 11.22 -3.33
N ALA A 1 18.64 -5.05 -11.16
CA ALA A 1 17.51 -5.96 -11.51
C ALA A 1 16.23 -5.15 -11.67
N ALA A 2 15.21 -5.73 -12.23
CA ALA A 2 13.93 -4.99 -12.42
C ALA A 2 13.34 -4.66 -11.04
N PRO A 3 12.27 -3.91 -11.05
CA PRO A 3 11.54 -3.46 -9.85
C PRO A 3 11.08 -4.66 -9.03
N THR A 4 10.89 -4.45 -7.76
CA THR A 4 10.47 -5.55 -6.86
C THR A 4 9.98 -4.95 -5.55
N ALA A 5 9.23 -5.70 -4.79
CA ALA A 5 8.74 -5.14 -3.50
C ALA A 5 8.57 -6.24 -2.48
N THR A 6 9.14 -6.03 -1.35
CA THR A 6 9.04 -7.05 -0.28
C THR A 6 8.14 -6.57 0.83
N VAL A 7 6.98 -7.09 0.85
CA VAL A 7 6.01 -6.70 1.91
C VAL A 7 5.67 -7.89 2.80
N THR A 8 6.11 -7.87 4.02
CA THR A 8 5.83 -8.97 4.97
C THR A 8 5.85 -8.40 6.39
N PRO A 9 5.02 -8.96 7.24
CA PRO A 9 4.09 -10.08 6.95
C PRO A 9 2.84 -9.53 6.27
N SER A 10 2.26 -10.29 5.39
CA SER A 10 1.03 -9.83 4.70
C SER A 10 -0.19 -10.30 5.48
N SER A 11 -0.03 -11.33 6.25
CA SER A 11 -1.18 -11.85 7.06
C SER A 11 -0.74 -12.06 8.51
N GLY A 12 -1.66 -12.14 9.43
CA GLY A 12 -1.28 -12.34 10.86
C GLY A 12 -0.80 -11.01 11.43
N LEU A 13 -1.42 -9.95 11.00
CA LEU A 13 -1.04 -8.60 11.44
C LEU A 13 -1.82 -8.19 12.66
N SER A 14 -3.03 -8.51 12.60
CA SER A 14 -3.98 -8.19 13.69
C SER A 14 -4.20 -6.68 13.76
N ASP A 15 -5.40 -6.29 14.06
CA ASP A 15 -5.75 -4.86 14.13
C ASP A 15 -4.75 -4.09 14.99
N GLY A 16 -3.89 -3.33 14.36
CA GLY A 16 -2.95 -2.51 15.16
C GLY A 16 -1.48 -2.92 14.96
N THR A 17 -1.12 -3.70 13.96
CA THR A 17 0.31 -4.02 13.85
C THR A 17 0.91 -3.26 12.68
N VAL A 18 2.12 -3.57 12.40
CA VAL A 18 2.85 -2.89 11.28
C VAL A 18 3.48 -3.90 10.33
N VAL A 19 3.42 -3.61 9.05
CA VAL A 19 4.03 -4.53 8.06
C VAL A 19 5.19 -3.81 7.38
N LYS A 20 6.14 -4.54 6.84
CA LYS A 20 7.29 -3.87 6.18
C LYS A 20 7.20 -4.08 4.67
N VAL A 21 6.92 -3.03 3.94
CA VAL A 21 6.81 -3.14 2.46
C VAL A 21 8.06 -2.52 1.82
N ALA A 22 8.79 -3.27 1.02
CA ALA A 22 9.99 -2.68 0.39
C ALA A 22 9.75 -2.56 -1.11
N GLY A 23 10.58 -1.82 -1.79
CA GLY A 23 10.41 -1.65 -3.25
C GLY A 23 11.79 -1.54 -3.88
N ALA A 24 12.26 -2.53 -4.59
CA ALA A 24 13.62 -2.41 -5.19
C ALA A 24 13.54 -2.43 -6.71
N GLY A 25 14.28 -1.58 -7.39
CA GLY A 25 14.22 -1.61 -8.88
C GLY A 25 13.06 -0.74 -9.37
N LEU A 26 12.70 0.27 -8.62
CA LEU A 26 11.59 1.13 -9.07
C LEU A 26 12.15 2.27 -9.90
N GLN A 27 11.32 3.10 -10.46
CA GLN A 27 11.85 4.21 -11.29
C GLN A 27 13.00 4.90 -10.56
N ALA A 28 14.18 4.52 -10.92
CA ALA A 28 15.40 5.09 -10.27
C ALA A 28 15.40 6.62 -10.40
N GLY A 29 14.62 7.28 -9.61
CA GLY A 29 14.59 8.76 -9.67
C GLY A 29 13.13 9.25 -9.65
N THR A 30 12.27 8.55 -8.95
CA THR A 30 10.86 8.99 -8.93
C THR A 30 10.19 8.66 -7.58
N ALA A 31 9.86 9.69 -6.86
CA ALA A 31 9.16 9.52 -5.55
C ALA A 31 8.04 8.49 -5.68
N TYR A 32 8.05 7.50 -4.83
CA TYR A 32 6.98 6.45 -4.89
C TYR A 32 6.18 6.49 -3.58
N ASP A 33 4.91 6.15 -3.61
CA ASP A 33 4.13 6.16 -2.34
C ASP A 33 4.05 4.72 -1.83
N VAL A 34 3.70 4.52 -0.59
CA VAL A 34 3.66 3.14 -0.03
C VAL A 34 2.58 3.05 1.05
N GLY A 35 1.51 2.28 0.85
CA GLY A 35 0.47 2.20 1.92
C GLY A 35 -0.50 1.03 1.71
N GLN A 36 -1.50 0.95 2.56
CA GLN A 36 -2.51 -0.12 2.47
C GLN A 36 -3.77 0.44 1.82
N CYS A 37 -4.05 0.03 0.63
CA CYS A 37 -5.26 0.52 -0.06
C CYS A 37 -6.05 -0.67 -0.64
N ALA A 38 -7.36 -0.57 -0.67
CA ALA A 38 -8.18 -1.69 -1.19
C ALA A 38 -9.02 -1.24 -2.39
N TRP A 39 -9.12 -2.06 -3.42
CA TRP A 39 -9.96 -1.67 -4.59
C TRP A 39 -11.33 -2.32 -4.41
N VAL A 40 -12.36 -1.54 -4.23
CA VAL A 40 -13.70 -2.12 -4.01
C VAL A 40 -14.57 -1.95 -5.27
N ASP A 41 -13.98 -1.64 -6.38
CA ASP A 41 -14.80 -1.48 -7.62
C ASP A 41 -13.92 -0.98 -8.78
N THR A 42 -14.52 -0.69 -9.89
CA THR A 42 -13.75 -0.20 -11.06
C THR A 42 -13.26 1.23 -10.80
N GLY A 43 -12.04 1.36 -10.37
CA GLY A 43 -11.48 2.72 -10.12
C GLY A 43 -11.85 3.24 -8.71
N VAL A 44 -12.09 2.36 -7.77
CA VAL A 44 -12.41 2.83 -6.41
C VAL A 44 -11.27 2.39 -5.48
N LEU A 45 -10.41 3.29 -5.04
CA LEU A 45 -9.27 2.87 -4.18
C LEU A 45 -9.38 3.55 -2.80
N ALA A 46 -9.77 2.83 -1.78
CA ALA A 46 -9.87 3.45 -0.43
C ALA A 46 -8.61 3.09 0.35
N CYS A 47 -7.75 4.05 0.60
CA CYS A 47 -6.49 3.74 1.34
C CYS A 47 -6.57 4.29 2.77
N ASN A 48 -5.69 3.84 3.63
CA ASN A 48 -5.72 4.31 5.05
C ASN A 48 -4.52 5.23 5.32
N PRO A 49 -4.76 6.28 6.07
CA PRO A 49 -3.75 7.31 6.46
C PRO A 49 -2.83 6.79 7.58
N ALA A 50 -2.68 5.50 7.72
CA ALA A 50 -1.78 4.97 8.79
C ALA A 50 -0.67 4.14 8.14
N ASP A 51 -0.66 4.10 6.84
CA ASP A 51 0.39 3.32 6.13
C ASP A 51 0.85 4.18 4.95
N PHE A 52 0.52 5.44 4.97
CA PHE A 52 0.92 6.31 3.84
C PHE A 52 2.37 6.77 3.98
N SER A 53 3.29 6.05 3.42
CA SER A 53 4.71 6.45 3.49
C SER A 53 5.16 6.81 2.07
N SER A 54 6.42 7.08 1.85
CA SER A 54 6.84 7.44 0.47
C SER A 54 8.34 7.75 0.40
N VAL A 55 8.99 7.22 -0.58
CA VAL A 55 10.44 7.49 -0.78
C VAL A 55 10.70 7.48 -2.28
N THR A 56 11.77 8.08 -2.75
CA THR A 56 12.02 8.07 -4.21
C THR A 56 12.98 6.96 -4.58
N ALA A 57 12.77 6.39 -5.73
CA ALA A 57 13.68 5.31 -6.17
C ALA A 57 15.07 5.88 -6.48
N ASP A 58 16.00 5.56 -5.64
CA ASP A 58 17.40 6.04 -5.80
C ASP A 58 18.01 5.49 -7.10
N ALA A 59 19.26 5.09 -7.05
CA ALA A 59 19.95 4.56 -8.28
C ALA A 59 19.11 3.46 -8.92
N ASN A 60 18.71 2.50 -8.15
CA ASN A 60 17.86 1.40 -8.69
C ASN A 60 16.44 1.71 -8.25
N GLY A 61 16.33 2.28 -7.09
CA GLY A 61 15.01 2.68 -6.54
C GLY A 61 14.59 1.74 -5.43
N SER A 62 15.25 1.80 -4.29
CA SER A 62 14.88 0.92 -3.16
C SER A 62 14.02 1.72 -2.17
N ALA A 63 12.93 1.16 -1.77
CA ALA A 63 12.04 1.87 -0.81
C ALA A 63 11.60 0.90 0.28
N SER A 64 12.10 1.05 1.47
CA SER A 64 11.71 0.12 2.56
C SER A 64 11.10 0.92 3.71
N THR A 65 9.86 0.70 4.01
CA THR A 65 9.21 1.44 5.12
C THR A 65 8.18 0.55 5.81
N SER A 66 8.12 0.61 7.11
CA SER A 66 7.13 -0.23 7.85
C SER A 66 5.93 0.64 8.22
N LEU A 67 4.74 0.19 7.90
CA LEU A 67 3.53 0.99 8.22
C LEU A 67 2.54 0.14 9.02
N THR A 68 1.57 0.76 9.64
CA THR A 68 0.58 -0.02 10.44
C THR A 68 -0.67 -0.26 9.58
N VAL A 69 -1.08 -1.50 9.42
CA VAL A 69 -2.27 -1.77 8.58
C VAL A 69 -3.17 -2.81 9.27
N ARG A 70 -4.47 -2.69 9.18
CA ARG A 70 -5.35 -3.69 9.85
C ARG A 70 -6.62 -3.92 9.05
N ARG A 71 -7.53 -4.70 9.61
CA ARG A 71 -8.81 -5.00 8.91
C ARG A 71 -9.49 -3.71 8.50
N SER A 72 -10.49 -3.26 9.22
CA SER A 72 -11.16 -1.99 8.84
C SER A 72 -10.11 -0.90 8.78
N PHE A 73 -10.20 -0.03 7.82
CA PHE A 73 -9.18 1.01 7.72
C PHE A 73 -9.68 2.15 6.84
N GLU A 74 -9.46 3.36 7.28
CA GLU A 74 -9.94 4.56 6.52
C GLU A 74 -9.95 4.28 5.01
N GLY A 75 -11.09 4.39 4.40
CA GLY A 75 -11.19 4.13 2.93
C GLY A 75 -10.98 5.42 2.12
N PHE A 76 -9.98 6.20 2.43
CA PHE A 76 -9.74 7.47 1.66
C PHE A 76 -10.02 7.24 0.15
N LEU A 77 -11.04 7.87 -0.38
CA LEU A 77 -11.37 7.69 -1.84
C LEU A 77 -10.53 8.68 -2.67
N PHE A 78 -9.81 8.20 -3.68
CA PHE A 78 -8.99 9.14 -4.53
C PHE A 78 -9.91 10.11 -5.28
N ASP A 79 -10.70 10.87 -4.58
CA ASP A 79 -11.61 11.84 -5.25
C ASP A 79 -12.07 12.91 -4.25
N GLY A 80 -11.36 13.08 -3.17
CA GLY A 80 -11.76 14.11 -2.18
C GLY A 80 -12.80 13.53 -1.21
N THR A 81 -13.57 12.56 -1.63
CA THR A 81 -14.59 11.98 -0.74
C THR A 81 -14.03 10.76 -0.01
N ARG A 82 -14.62 10.42 1.10
CA ARG A 82 -14.15 9.25 1.89
C ARG A 82 -15.15 8.09 1.68
N TRP A 83 -14.68 6.90 1.44
CA TRP A 83 -15.61 5.76 1.20
C TRP A 83 -16.12 5.21 2.54
N GLY A 84 -15.46 5.50 3.61
CA GLY A 84 -15.88 5.00 4.94
C GLY A 84 -14.84 3.99 5.43
N THR A 85 -14.99 3.52 6.64
CA THR A 85 -14.02 2.52 7.16
C THR A 85 -14.13 1.26 6.29
N VAL A 86 -13.18 1.03 5.45
CA VAL A 86 -13.22 -0.15 4.57
C VAL A 86 -12.83 -1.40 5.36
N ASP A 87 -13.79 -2.23 5.67
CA ASP A 87 -13.50 -3.47 6.46
C ASP A 87 -12.61 -4.41 5.63
N CYS A 88 -11.36 -4.61 6.02
CA CYS A 88 -10.52 -5.55 5.21
C CYS A 88 -11.10 -6.96 5.28
N THR A 89 -12.12 -7.18 6.06
CA THR A 89 -12.72 -8.54 6.14
C THR A 89 -13.76 -8.71 5.02
N THR A 90 -13.98 -7.68 4.25
CA THR A 90 -14.98 -7.77 3.15
C THR A 90 -14.25 -7.72 1.81
N ALA A 91 -13.37 -6.78 1.65
CA ALA A 91 -12.61 -6.67 0.36
C ALA A 91 -11.16 -7.10 0.59
N ALA A 92 -10.37 -7.08 -0.44
CA ALA A 92 -8.94 -7.49 -0.29
C ALA A 92 -8.07 -6.24 -0.26
N CYS A 93 -7.39 -5.98 0.85
CA CYS A 93 -6.54 -4.75 0.92
C CYS A 93 -5.09 -5.13 0.61
N GLN A 94 -4.52 -4.50 -0.39
CA GLN A 94 -3.13 -4.82 -0.77
C GLN A 94 -2.16 -3.78 -0.24
N VAL A 95 -0.99 -4.22 0.07
CA VAL A 95 0.06 -3.29 0.55
C VAL A 95 1.04 -3.12 -0.60
N GLY A 96 1.06 -1.96 -1.20
CA GLY A 96 1.97 -1.80 -2.36
C GLY A 96 2.51 -0.37 -2.46
N LEU A 97 3.22 -0.10 -3.53
CA LEU A 97 3.81 1.24 -3.72
C LEU A 97 3.16 1.90 -4.94
N SER A 98 3.59 3.08 -5.28
CA SER A 98 3.00 3.78 -6.44
C SER A 98 3.82 5.04 -6.74
N ASP A 99 3.60 5.67 -7.86
CA ASP A 99 4.38 6.90 -8.18
C ASP A 99 3.50 8.13 -7.97
N ALA A 100 2.22 7.92 -7.76
CA ALA A 100 1.30 9.06 -7.55
C ALA A 100 1.06 9.78 -8.88
N ALA A 101 0.94 9.02 -9.93
CA ALA A 101 0.71 9.63 -11.27
C ALA A 101 -0.33 8.84 -12.07
N GLY A 102 -0.38 7.54 -11.91
CA GLY A 102 -1.38 6.73 -12.66
C GLY A 102 -1.21 5.28 -12.21
N ASN A 103 0.02 4.84 -12.12
CA ASN A 103 0.25 3.46 -11.68
C ASN A 103 1.68 3.32 -11.15
N GLY A 104 2.03 2.14 -10.76
CA GLY A 104 3.39 1.90 -10.20
C GLY A 104 3.55 0.40 -9.93
N PRO A 105 4.57 -0.01 -9.19
CA PRO A 105 4.82 -1.43 -8.85
C PRO A 105 3.50 -2.10 -8.40
N GLU A 106 3.54 -3.36 -8.08
CA GLU A 106 2.28 -4.06 -7.67
C GLU A 106 2.11 -4.02 -6.15
N GLY A 107 1.01 -4.50 -5.66
CA GLY A 107 0.77 -4.50 -4.18
C GLY A 107 0.71 -5.94 -3.68
N VAL A 108 0.84 -6.13 -2.39
CA VAL A 108 0.81 -7.48 -1.82
C VAL A 108 -0.52 -7.68 -1.08
N ALA A 109 -1.21 -8.73 -1.41
CA ALA A 109 -2.51 -9.02 -0.73
C ALA A 109 -2.25 -9.45 0.70
N ILE A 110 -2.80 -8.76 1.66
CA ILE A 110 -2.58 -9.15 3.07
C ILE A 110 -3.78 -9.97 3.56
N SER A 111 -3.68 -10.56 4.71
CA SER A 111 -4.81 -11.39 5.23
C SER A 111 -4.98 -11.17 6.73
N PHE A 112 -6.15 -11.40 7.25
CA PHE A 112 -6.38 -11.20 8.71
C PHE A 112 -7.13 -12.40 9.29
N ASN A 113 -6.51 -13.14 10.15
CA ASN A 113 -7.18 -14.33 10.76
C ASN A 113 -8.61 -13.95 11.15
C1 CHR B . -3.57 7.69 -4.21
C2 CHR B . -3.98 8.58 -3.15
C3 CHR B . -4.55 9.18 -2.31
C4 CHR B . -5.54 9.73 -1.36
O2 CHR B . -6.00 8.89 -0.27
C5 CHR B . -6.84 8.93 -1.46
C6 CHR B . -6.70 7.85 -2.46
C7 CHR B . -6.34 7.07 -3.30
C8 CHR B . -5.67 6.29 -4.31
C9 CHR B . -4.47 6.68 -4.78
C10 CHR B . -3.84 6.09 -6.02
O1 CHR B . -4.42 6.64 -7.18
C11 CHR B . -2.37 6.53 -5.88
O6 CHR B . -1.58 5.44 -5.44
C12 CHR B . -2.40 7.62 -4.83
C13 CHR B . -4.29 5.96 -8.43
O3 CHR B . -5.14 4.83 -8.44
C14 CHR B . -4.68 6.91 -9.57
N1 CHR B . -3.88 8.15 -9.48
C19 CHR B . -2.80 8.41 -10.49
C15 CHR B . -6.17 7.24 -9.44
O4 CHR B . -6.55 8.11 -10.49
C16 CHR B . -6.98 5.95 -9.52
O5 CHR B . -6.77 5.33 -10.78
C17 CHR B . -6.55 5.00 -8.41
C18 CHR B . -7.23 3.64 -8.61
C20 CHR B . -1.21 4.71 -6.47
O7 CHR B . -0.80 5.21 -7.50
C21 CHR B . -1.32 3.25 -6.29
C22 CHR B . -1.71 2.45 -7.36
O9 CHR B . -1.92 3.03 -8.62
C23 CHR B . -1.91 1.08 -7.19
C24 CHR B . -1.71 0.50 -5.94
C25 CHR B . -1.31 1.29 -4.85
C26 CHR B . -1.10 2.67 -5.03
C27 CHR B . -0.68 3.45 -3.94
C28 CHR B . -0.49 2.86 -2.68
O8 CHR B . -0.08 3.64 -1.60
C31 CHR B . -0.55 4.98 -1.59
C29 CHR B . -0.70 1.48 -2.51
C30 CHR B . -1.11 0.70 -3.60
C32 CHR B . -1.34 -0.79 -3.42
C33 CHR B . -5.62 11.24 -1.20
O10 CHR B . -6.68 11.60 -0.34
C34 CHR B . -7.50 12.34 -1.07
O11 CHR B . -8.52 12.80 -0.60
O12 CHR B . -7.17 12.57 -2.34
C35 CHR B . -5.94 11.90 -2.54
H5 CHR B . -7.79 9.47 -1.42
H8 CHR B . -6.11 5.39 -4.68
H10 CHR B . -3.92 5.01 -6.01
H11 CHR B . -1.99 6.92 -6.82
H12 CHR B . -1.58 8.27 -4.62
H13 CHR B . -3.26 5.64 -8.56
H14 CHR B . -4.51 6.42 -10.52
H191 CHR B . -2.20 9.24 -10.16
H192 CHR B . -2.18 7.53 -10.58
H193 CHR B . -3.25 8.65 -11.44
H15 CHR B . -6.35 7.72 -8.50
HO4 CHR B . -6.17 7.78 -11.31
H16 CHR B . -8.04 6.18 -9.41
HO5 CHR B . -7.25 5.84 -11.45
H17 CHR B . -6.83 5.40 -7.45
H181 CHR B . -7.73 3.63 -9.56
H182 CHR B . -6.50 2.86 -8.58
H183 CHR B . -7.95 3.48 -7.82
HO9 CHR B . -1.82 2.36 -9.30
H23 CHR B . -2.22 0.48 -8.03
H24 CHR B . -1.87 -0.56 -5.80
H27 CHR B . -0.48 4.50 -4.07
H311 CHR B . -0.10 5.53 -2.40
H312 CHR B . -1.62 4.99 -1.71
H313 CHR B . -0.29 5.44 -0.65
H29 CHR B . -0.56 1.03 -1.54
H321 CHR B . -0.81 -1.34 -4.18
H322 CHR B . -0.98 -1.09 -2.45
H323 CHR B . -2.40 -1.00 -3.49
H33 CHR B . -4.68 11.62 -0.82
H351 CHR B . -5.17 12.59 -2.81
H352 CHR B . -6.06 11.14 -3.31
N ALA A 1 18.99 -4.56 -13.39
CA ALA A 1 18.19 -4.74 -12.14
C ALA A 1 16.74 -4.32 -12.42
N ALA A 2 15.80 -5.18 -12.14
CA ALA A 2 14.38 -4.83 -12.39
C ALA A 2 13.69 -4.52 -11.05
N PRO A 3 12.57 -3.86 -11.15
CA PRO A 3 11.73 -3.44 -9.99
C PRO A 3 11.29 -4.66 -9.19
N THR A 4 11.01 -4.46 -7.93
CA THR A 4 10.60 -5.57 -7.06
C THR A 4 10.02 -5.00 -5.76
N ALA A 5 9.26 -5.78 -5.06
CA ALA A 5 8.67 -5.27 -3.80
C ALA A 5 8.48 -6.39 -2.81
N THR A 6 9.09 -6.24 -1.68
CA THR A 6 8.96 -7.28 -0.64
C THR A 6 8.23 -6.73 0.56
N VAL A 7 7.05 -7.21 0.71
CA VAL A 7 6.18 -6.76 1.84
C VAL A 7 5.88 -7.95 2.76
N THR A 8 6.07 -7.78 4.05
CA THR A 8 5.81 -8.90 4.99
C THR A 8 5.83 -8.34 6.43
N PRO A 9 5.05 -8.94 7.28
CA PRO A 9 4.15 -10.09 6.99
C PRO A 9 2.87 -9.56 6.34
N SER A 10 2.30 -10.32 5.46
CA SER A 10 1.05 -9.89 4.79
C SER A 10 -0.16 -10.38 5.60
N SER A 11 0.01 -11.42 6.37
CA SER A 11 -1.12 -11.95 7.18
C SER A 11 -0.67 -12.13 8.62
N GLY A 12 -1.59 -12.24 9.54
CA GLY A 12 -1.22 -12.41 10.98
C GLY A 12 -0.77 -11.06 11.53
N LEU A 13 -1.43 -10.02 11.11
CA LEU A 13 -1.08 -8.65 11.52
C LEU A 13 -1.88 -8.25 12.73
N SER A 14 -3.10 -8.56 12.66
CA SER A 14 -4.04 -8.24 13.74
C SER A 14 -4.25 -6.72 13.81
N ASP A 15 -5.45 -6.32 14.11
CA ASP A 15 -5.79 -4.87 14.17
C ASP A 15 -4.79 -4.11 15.03
N GLY A 16 -3.94 -3.34 14.41
CA GLY A 16 -2.98 -2.52 15.20
C GLY A 16 -1.53 -2.95 15.01
N THR A 17 -1.17 -3.75 14.03
CA THR A 17 0.26 -4.10 13.93
C THR A 17 0.89 -3.32 12.80
N VAL A 18 2.09 -3.66 12.51
CA VAL A 18 2.85 -2.97 11.43
C VAL A 18 3.43 -3.97 10.43
N VAL A 19 3.36 -3.66 9.17
CA VAL A 19 3.93 -4.57 8.14
C VAL A 19 5.13 -3.88 7.49
N LYS A 20 6.03 -4.63 6.94
CA LYS A 20 7.21 -4.00 6.29
C LYS A 20 7.11 -4.14 4.78
N VAL A 21 6.85 -3.07 4.10
CA VAL A 21 6.74 -3.12 2.61
C VAL A 21 8.02 -2.57 2.00
N ALA A 22 8.50 -3.15 0.94
CA ALA A 22 9.74 -2.60 0.34
C ALA A 22 9.64 -2.61 -1.18
N GLY A 23 10.45 -1.84 -1.83
CA GLY A 23 10.44 -1.78 -3.30
C GLY A 23 11.88 -1.81 -3.78
N ALA A 24 12.19 -2.51 -4.84
CA ALA A 24 13.60 -2.53 -5.30
C ALA A 24 13.63 -2.50 -6.83
N GLY A 25 14.34 -1.58 -7.44
CA GLY A 25 14.36 -1.57 -8.93
C GLY A 25 13.20 -0.70 -9.45
N LEU A 26 12.78 0.27 -8.69
CA LEU A 26 11.66 1.12 -9.15
C LEU A 26 12.24 2.27 -9.97
N GLN A 27 11.41 3.09 -10.55
CA GLN A 27 11.94 4.21 -11.36
C GLN A 27 13.05 4.91 -10.60
N ALA A 28 14.25 4.55 -10.93
CA ALA A 28 15.44 5.13 -10.25
C ALA A 28 15.43 6.66 -10.37
N GLY A 29 14.64 7.32 -9.58
CA GLY A 29 14.58 8.79 -9.63
C GLY A 29 13.12 9.25 -9.66
N THR A 30 12.25 8.55 -8.99
CA THR A 30 10.82 8.97 -9.01
C THR A 30 10.14 8.67 -7.67
N ALA A 31 9.80 9.71 -6.97
CA ALA A 31 9.09 9.57 -5.66
C ALA A 31 7.98 8.53 -5.79
N TYR A 32 7.97 7.57 -4.92
CA TYR A 32 6.90 6.52 -4.97
C TYR A 32 6.09 6.58 -3.66
N ASP A 33 4.84 6.18 -3.68
CA ASP A 33 4.04 6.21 -2.42
C ASP A 33 3.99 4.78 -1.88
N VAL A 34 3.65 4.62 -0.63
CA VAL A 34 3.63 3.24 -0.05
C VAL A 34 2.55 3.13 1.04
N GLY A 35 1.54 2.29 0.89
CA GLY A 35 0.51 2.22 1.97
C GLY A 35 -0.46 1.04 1.75
N GLN A 36 -1.44 0.94 2.62
CA GLN A 36 -2.45 -0.13 2.54
C GLN A 36 -3.72 0.43 1.88
N CYS A 37 -3.98 0.02 0.68
CA CYS A 37 -5.20 0.52 -0.02
C CYS A 37 -5.98 -0.67 -0.60
N ALA A 38 -7.28 -0.54 -0.67
CA ALA A 38 -8.11 -1.67 -1.20
C ALA A 38 -8.97 -1.20 -2.39
N TRP A 39 -9.09 -2.01 -3.42
CA TRP A 39 -9.96 -1.61 -4.58
C TRP A 39 -11.33 -2.25 -4.36
N VAL A 40 -12.34 -1.45 -4.17
CA VAL A 40 -13.70 -2.02 -3.92
C VAL A 40 -14.59 -1.84 -5.16
N ASP A 41 -14.02 -1.53 -6.29
CA ASP A 41 -14.87 -1.36 -7.50
C ASP A 41 -14.02 -0.90 -8.68
N THR A 42 -14.63 -0.62 -9.79
CA THR A 42 -13.87 -0.18 -10.99
C THR A 42 -13.33 1.24 -10.76
N GLY A 43 -12.11 1.35 -10.35
CA GLY A 43 -11.52 2.71 -10.13
C GLY A 43 -11.85 3.26 -8.74
N VAL A 44 -12.09 2.41 -7.77
CA VAL A 44 -12.41 2.91 -6.41
C VAL A 44 -11.25 2.46 -5.48
N LEU A 45 -10.38 3.36 -5.07
CA LEU A 45 -9.24 2.93 -4.20
C LEU A 45 -9.37 3.59 -2.82
N ALA A 46 -9.77 2.86 -1.81
CA ALA A 46 -9.89 3.46 -0.45
C ALA A 46 -8.62 3.10 0.34
N CYS A 47 -7.77 4.06 0.60
CA CYS A 47 -6.52 3.74 1.34
C CYS A 47 -6.59 4.30 2.77
N ASN A 48 -5.73 3.84 3.64
CA ASN A 48 -5.77 4.33 5.06
C ASN A 48 -4.54 5.19 5.34
N PRO A 49 -4.75 6.28 6.06
CA PRO A 49 -3.71 7.28 6.46
C PRO A 49 -2.80 6.73 7.58
N ALA A 50 -2.69 5.43 7.73
CA ALA A 50 -1.81 4.89 8.81
C ALA A 50 -0.66 4.10 8.17
N ASP A 51 -0.64 4.05 6.87
CA ASP A 51 0.45 3.33 6.16
C ASP A 51 0.88 4.18 4.98
N PHE A 52 0.51 5.44 5.00
CA PHE A 52 0.86 6.33 3.87
C PHE A 52 2.31 6.82 3.99
N SER A 53 3.24 6.10 3.42
CA SER A 53 4.66 6.55 3.48
C SER A 53 5.08 6.93 2.07
N SER A 54 6.35 7.17 1.83
CA SER A 54 6.75 7.56 0.45
C SER A 54 8.26 7.82 0.39
N VAL A 55 8.88 7.32 -0.64
CA VAL A 55 10.35 7.54 -0.85
C VAL A 55 10.61 7.52 -2.35
N THR A 56 11.67 8.11 -2.82
CA THR A 56 11.92 8.11 -4.28
C THR A 56 12.89 6.99 -4.63
N ALA A 57 12.69 6.40 -5.77
CA ALA A 57 13.61 5.32 -6.19
C ALA A 57 15.00 5.89 -6.44
N ASP A 58 15.90 5.60 -5.56
CA ASP A 58 17.29 6.09 -5.66
C ASP A 58 17.95 5.59 -6.96
N ALA A 59 19.20 5.19 -6.88
CA ALA A 59 19.93 4.71 -8.11
C ALA A 59 19.14 3.62 -8.80
N ASN A 60 18.72 2.65 -8.06
CA ASN A 60 17.90 1.55 -8.64
C ASN A 60 16.46 1.83 -8.25
N GLY A 61 16.31 2.34 -7.06
CA GLY A 61 14.97 2.70 -6.55
C GLY A 61 14.54 1.72 -5.46
N SER A 62 15.22 1.74 -4.33
CA SER A 62 14.83 0.84 -3.22
C SER A 62 14.05 1.62 -2.18
N ALA A 63 12.92 1.11 -1.79
CA ALA A 63 12.09 1.84 -0.79
C ALA A 63 11.55 0.86 0.23
N SER A 64 12.03 0.89 1.44
CA SER A 64 11.54 -0.06 2.48
C SER A 64 11.08 0.72 3.70
N THR A 65 9.84 0.60 4.05
CA THR A 65 9.32 1.33 5.25
C THR A 65 8.26 0.48 5.95
N SER A 66 8.21 0.54 7.25
CA SER A 66 7.21 -0.26 7.99
C SER A 66 6.01 0.62 8.35
N LEU A 67 4.82 0.16 8.10
CA LEU A 67 3.61 0.98 8.42
C LEU A 67 2.61 0.13 9.21
N THR A 68 1.61 0.75 9.77
CA THR A 68 0.60 -0.03 10.55
C THR A 68 -0.64 -0.26 9.67
N VAL A 69 -1.06 -1.49 9.52
CA VAL A 69 -2.26 -1.77 8.66
C VAL A 69 -3.16 -2.81 9.34
N ARG A 70 -4.47 -2.69 9.23
CA ARG A 70 -5.34 -3.70 9.88
C ARG A 70 -6.61 -3.94 9.05
N ARG A 71 -7.54 -4.67 9.62
CA ARG A 71 -8.81 -4.98 8.91
C ARG A 71 -9.49 -3.68 8.48
N SER A 72 -10.49 -3.24 9.18
CA SER A 72 -11.16 -1.97 8.79
C SER A 72 -10.11 -0.88 8.73
N PHE A 73 -10.20 -0.01 7.78
CA PHE A 73 -9.18 1.04 7.68
C PHE A 73 -9.70 2.17 6.80
N GLU A 74 -9.47 3.39 7.21
CA GLU A 74 -9.97 4.57 6.46
C GLU A 74 -9.98 4.30 4.96
N GLY A 75 -11.13 4.41 4.35
CA GLY A 75 -11.25 4.15 2.88
C GLY A 75 -11.01 5.44 2.08
N PHE A 76 -10.01 6.21 2.41
CA PHE A 76 -9.72 7.48 1.65
C PHE A 76 -10.00 7.26 0.15
N LEU A 77 -11.02 7.90 -0.40
CA LEU A 77 -11.32 7.73 -1.86
C LEU A 77 -10.48 8.71 -2.69
N PHE A 78 -9.75 8.24 -3.68
CA PHE A 78 -8.91 9.17 -4.51
C PHE A 78 -9.80 10.15 -5.27
N ASP A 79 -10.60 10.92 -4.58
CA ASP A 79 -11.48 11.89 -5.28
C ASP A 79 -11.97 12.96 -4.28
N GLY A 80 -11.28 13.12 -3.18
CA GLY A 80 -11.69 14.14 -2.18
C GLY A 80 -12.76 13.56 -1.24
N THR A 81 -13.52 12.59 -1.70
CA THR A 81 -14.57 12.00 -0.83
C THR A 81 -14.02 10.78 -0.08
N ARG A 82 -14.65 10.46 1.02
CA ARG A 82 -14.20 9.29 1.83
C ARG A 82 -15.18 8.14 1.58
N TRP A 83 -14.70 6.94 1.34
CA TRP A 83 -15.62 5.81 1.08
C TRP A 83 -16.14 5.23 2.40
N GLY A 84 -15.47 5.50 3.49
CA GLY A 84 -15.91 4.97 4.80
C GLY A 84 -14.87 3.98 5.31
N THR A 85 -15.03 3.51 6.52
CA THR A 85 -14.04 2.53 7.06
C THR A 85 -14.14 1.26 6.20
N VAL A 86 -13.16 1.03 5.38
CA VAL A 86 -13.19 -0.16 4.50
C VAL A 86 -12.80 -1.39 5.30
N ASP A 87 -13.76 -2.23 5.61
CA ASP A 87 -13.47 -3.47 6.41
C ASP A 87 -12.58 -4.40 5.60
N CYS A 88 -11.34 -4.59 5.99
CA CYS A 88 -10.47 -5.52 5.19
C CYS A 88 -11.05 -6.95 5.23
N THR A 89 -12.09 -7.17 6.00
CA THR A 89 -12.68 -8.54 6.05
C THR A 89 -13.72 -8.69 4.93
N THR A 90 -13.93 -7.64 4.17
CA THR A 90 -14.93 -7.72 3.07
C THR A 90 -14.18 -7.68 1.73
N ALA A 91 -13.30 -6.73 1.57
CA ALA A 91 -12.53 -6.62 0.30
C ALA A 91 -11.09 -7.08 0.55
N ALA A 92 -10.28 -7.03 -0.48
CA ALA A 92 -8.86 -7.45 -0.33
C ALA A 92 -7.97 -6.20 -0.26
N CYS A 93 -7.31 -5.96 0.85
CA CYS A 93 -6.44 -4.75 0.95
C CYS A 93 -5.00 -5.13 0.65
N GLN A 94 -4.41 -4.50 -0.34
CA GLN A 94 -3.02 -4.82 -0.68
C GLN A 94 -2.07 -3.77 -0.18
N VAL A 95 -0.89 -4.21 0.16
CA VAL A 95 0.16 -3.27 0.62
C VAL A 95 1.12 -3.10 -0.53
N GLY A 96 1.17 -1.95 -1.13
CA GLY A 96 2.08 -1.80 -2.29
C GLY A 96 2.61 -0.37 -2.41
N LEU A 97 3.31 -0.11 -3.50
CA LEU A 97 3.89 1.23 -3.71
C LEU A 97 3.21 1.88 -4.92
N SER A 98 3.61 3.06 -5.27
CA SER A 98 2.98 3.75 -6.43
C SER A 98 3.79 5.00 -6.76
N ASP A 99 3.56 5.60 -7.89
CA ASP A 99 4.33 6.84 -8.25
C ASP A 99 3.45 8.07 -8.01
N ALA A 100 2.18 7.87 -7.82
CA ALA A 100 1.26 9.00 -7.58
C ALA A 100 0.99 9.72 -8.90
N ALA A 101 0.90 8.98 -9.96
CA ALA A 101 0.66 9.61 -11.30
C ALA A 101 -0.40 8.82 -12.08
N GLY A 102 -0.47 7.51 -11.91
CA GLY A 102 -1.47 6.72 -12.64
C GLY A 102 -1.31 5.26 -12.22
N ASN A 103 -0.08 4.81 -12.10
CA ASN A 103 0.15 3.43 -11.67
C ASN A 103 1.58 3.30 -11.15
N GLY A 104 1.93 2.12 -10.75
CA GLY A 104 3.30 1.87 -10.22
C GLY A 104 3.45 0.37 -9.95
N PRO A 105 4.49 -0.04 -9.22
CA PRO A 105 4.74 -1.47 -8.87
C PRO A 105 3.43 -2.11 -8.40
N GLU A 106 3.47 -3.38 -8.06
CA GLU A 106 2.22 -4.06 -7.62
C GLU A 106 2.09 -4.02 -6.09
N GLY A 107 1.00 -4.49 -5.57
CA GLY A 107 0.79 -4.49 -4.09
C GLY A 107 0.72 -5.93 -3.59
N VAL A 108 0.88 -6.14 -2.31
CA VAL A 108 0.84 -7.48 -1.74
C VAL A 108 -0.50 -7.68 -1.01
N ALA A 109 -1.16 -8.75 -1.31
CA ALA A 109 -2.46 -9.02 -0.64
C ALA A 109 -2.21 -9.49 0.80
N ILE A 110 -2.78 -8.80 1.76
CA ILE A 110 -2.56 -9.21 3.18
C ILE A 110 -3.76 -10.05 3.64
N SER A 111 -3.65 -10.66 4.78
CA SER A 111 -4.78 -11.50 5.30
C SER A 111 -4.93 -11.29 6.81
N PHE A 112 -6.11 -11.53 7.33
CA PHE A 112 -6.32 -11.33 8.79
C PHE A 112 -7.03 -12.56 9.36
N ASN A 113 -6.29 -13.54 9.78
CA ASN A 113 -6.93 -14.76 10.35
C ASN A 113 -7.87 -14.35 11.49
C1 CHR B . -3.51 7.71 -4.08
C2 CHR B . -3.91 8.58 -3.01
C3 CHR B . -4.50 9.19 -2.19
C4 CHR B . -5.50 9.74 -1.25
O2 CHR B . -6.01 8.90 -0.18
C5 CHR B . -6.81 8.97 -1.39
C6 CHR B . -6.66 7.89 -2.40
C7 CHR B . -6.29 7.11 -3.23
C8 CHR B . -5.61 6.32 -4.23
C9 CHR B . -4.41 6.72 -4.68
C10 CHR B . -3.77 6.15 -5.93
O1 CHR B . -4.33 6.72 -7.09
C11 CHR B . -2.29 6.58 -5.76
O6 CHR B . -1.52 5.47 -5.33
C12 CHR B . -2.33 7.64 -4.69
C13 CHR B . -4.20 6.06 -8.34
O3 CHR B . -5.07 4.93 -8.36
C14 CHR B . -4.58 7.01 -9.47
N1 CHR B . -3.78 8.26 -9.37
C19 CHR B . -2.79 8.59 -10.43
C15 CHR B . -6.08 7.35 -9.37
O4 CHR B . -6.44 8.21 -10.44
C16 CHR B . -6.89 6.06 -9.46
O5 CHR B . -6.67 5.44 -10.71
C17 CHR B . -6.48 5.11 -8.33
C18 CHR B . -7.17 3.77 -8.51
C20 CHR B . -1.20 4.72 -6.37
O7 CHR B . -0.81 5.21 -7.41
C21 CHR B . -1.33 3.27 -6.18
C22 CHR B . -1.78 2.48 -7.25
O9 CHR B . -2.00 3.06 -8.50
C23 CHR B . -2.01 1.12 -7.08
C24 CHR B . -1.79 0.53 -5.82
C25 CHR B . -1.34 1.31 -4.76
C26 CHR B . -1.11 2.68 -4.93
C27 CHR B . -0.65 3.46 -3.85
C28 CHR B . -0.43 2.86 -2.60
O8 CHR B . 0.01 3.63 -1.53
C31 CHR B . -0.47 4.97 -1.47
C29 CHR B . -0.68 1.49 -2.42
C30 CHR B . -1.13 0.71 -3.50
C32 CHR B . -1.40 -0.76 -3.31
C33 CHR B . -5.55 11.25 -1.08
O10 CHR B . -6.62 11.61 -0.21
C34 CHR B . -7.44 12.37 -0.93
O11 CHR B . -8.45 12.83 -0.46
O12 CHR B . -7.10 12.62 -2.19
C35 CHR B . -5.87 11.93 -2.40
H5 CHR B . -7.76 9.51 -1.37
H8 CHR B . -6.05 5.42 -4.60
H10 CHR B . -3.86 5.08 -5.94
H11 CHR B . -1.90 6.98 -6.69
H12 CHR B . -1.50 8.27 -4.45
H13 CHR B . -3.18 5.73 -8.48
H14 CHR B . -4.39 6.53 -10.42
H191 CHR B . -2.48 9.63 -10.32
H192 CHR B . -3.23 8.44 -11.40
H193 CHR B . -1.92 7.95 -10.32
H15 CHR B . -6.27 7.83 -8.43
HO4 CHR B . -6.05 9.07 -10.27
H16 CHR B . -7.95 6.29 -9.35
HO5 CHR B . -6.85 6.08 -11.40
H17 CHR B . -6.77 5.53 -7.38
H181 CHR B . -6.46 2.97 -8.32
H182 CHR B . -7.54 3.68 -9.53
H183 CHR B . -8.00 3.69 -7.83
HO9 CHR B . -2.24 2.38 -9.14
H23 CHR B . -2.35 0.51 -7.90
H24 CHR B . -1.97 -0.53 -5.68
H27 CHR B . -0.43 4.50 -3.99
H311 CHR B . -1.51 4.98 -1.76
H312 CHR B . 0.10 5.58 -2.15
H313 CHR B . -0.37 5.34 -0.47
H29 CHR B . -0.52 1.04 -1.46
H321 CHR B . -2.29 -1.05 -3.86
H322 CHR B . -0.56 -1.34 -3.67
H323 CHR B . -1.55 -0.97 -2.27
H33 CHR B . -4.62 11.62 -0.69
H351 CHR B . -5.99 11.19 -3.19
H352 CHR B . -5.10 12.62 -2.66
N ALA A 1 18.38 -6.93 -12.66
CA ALA A 1 17.69 -6.45 -11.43
C ALA A 1 16.46 -5.61 -11.82
N ALA A 2 15.29 -6.10 -11.53
CA ALA A 2 14.07 -5.33 -11.89
C ALA A 2 13.34 -4.89 -10.61
N PRO A 3 12.34 -4.07 -10.78
CA PRO A 3 11.54 -3.56 -9.65
C PRO A 3 10.88 -4.71 -8.89
N THR A 4 10.55 -4.47 -7.66
CA THR A 4 9.88 -5.51 -6.84
C THR A 4 9.53 -4.89 -5.48
N ALA A 5 9.13 -5.68 -4.53
CA ALA A 5 8.76 -5.10 -3.21
C ALA A 5 8.66 -6.19 -2.17
N THR A 6 9.25 -5.95 -1.04
CA THR A 6 9.19 -6.97 0.03
C THR A 6 8.26 -6.50 1.13
N VAL A 7 7.12 -7.09 1.16
CA VAL A 7 6.12 -6.73 2.20
C VAL A 7 5.81 -7.94 3.08
N THR A 8 6.03 -7.81 4.35
CA THR A 8 5.77 -8.92 5.30
C THR A 8 5.77 -8.36 6.73
N PRO A 9 4.97 -8.95 7.58
CA PRO A 9 4.11 -10.09 7.23
C PRO A 9 2.90 -9.59 6.44
N SER A 10 2.36 -10.45 5.63
CA SER A 10 1.17 -10.07 4.82
C SER A 10 -0.08 -10.56 5.53
N SER A 11 0.07 -11.53 6.38
CA SER A 11 -1.11 -12.07 7.12
C SER A 11 -0.75 -12.24 8.60
N GLY A 12 -1.73 -12.29 9.46
CA GLY A 12 -1.44 -12.45 10.92
C GLY A 12 -1.00 -11.10 11.47
N LEU A 13 -1.60 -10.05 10.98
CA LEU A 13 -1.25 -8.69 11.42
C LEU A 13 -2.07 -8.28 12.60
N SER A 14 -3.29 -8.58 12.50
CA SER A 14 -4.26 -8.25 13.56
C SER A 14 -4.44 -6.74 13.65
N ASP A 15 -5.64 -6.33 13.95
CA ASP A 15 -5.94 -4.87 14.04
C ASP A 15 -4.95 -4.13 14.92
N GLY A 16 -4.09 -3.36 14.32
CA GLY A 16 -3.13 -2.57 15.14
C GLY A 16 -1.68 -3.04 14.98
N THR A 17 -1.33 -3.81 13.99
CA THR A 17 0.10 -4.19 13.92
C THR A 17 0.79 -3.39 12.84
N VAL A 18 1.99 -3.76 12.58
CA VAL A 18 2.80 -3.03 11.55
C VAL A 18 3.43 -4.00 10.56
N VAL A 19 3.43 -3.65 9.30
CA VAL A 19 4.05 -4.54 8.28
C VAL A 19 5.21 -3.79 7.62
N LYS A 20 6.18 -4.51 7.10
CA LYS A 20 7.32 -3.84 6.44
C LYS A 20 7.24 -4.04 4.93
N VAL A 21 6.93 -3.01 4.20
CA VAL A 21 6.83 -3.14 2.71
C VAL A 21 8.04 -2.48 2.07
N ALA A 22 8.79 -3.20 1.27
CA ALA A 22 9.96 -2.57 0.62
C ALA A 22 9.73 -2.48 -0.87
N GLY A 23 10.51 -1.70 -1.55
CA GLY A 23 10.32 -1.56 -3.01
C GLY A 23 11.71 -1.47 -3.66
N ALA A 24 12.15 -2.49 -4.34
CA ALA A 24 13.51 -2.40 -4.95
C ALA A 24 13.43 -2.47 -6.47
N GLY A 25 14.21 -1.67 -7.17
CA GLY A 25 14.17 -1.74 -8.67
C GLY A 25 13.03 -0.88 -9.19
N LEU A 26 12.62 0.12 -8.47
CA LEU A 26 11.52 0.97 -8.95
C LEU A 26 12.10 2.08 -9.82
N GLN A 27 11.27 2.86 -10.46
CA GLN A 27 11.81 3.94 -11.31
C GLN A 27 12.90 4.69 -10.57
N ALA A 28 14.11 4.35 -10.88
CA ALA A 28 15.28 4.99 -10.22
C ALA A 28 15.23 6.50 -10.42
N GLY A 29 14.39 7.17 -9.69
CA GLY A 29 14.29 8.64 -9.82
C GLY A 29 12.83 9.06 -9.82
N THR A 30 11.99 8.36 -9.11
CA THR A 30 10.56 8.72 -9.09
C THR A 30 9.94 8.52 -7.70
N ALA A 31 9.63 9.61 -7.06
CA ALA A 31 8.98 9.57 -5.71
C ALA A 31 7.76 8.65 -5.77
N TYR A 32 7.83 7.51 -5.13
CA TYR A 32 6.67 6.57 -5.16
C TYR A 32 5.97 6.61 -3.79
N ASP A 33 4.70 6.27 -3.73
CA ASP A 33 4.00 6.28 -2.41
C ASP A 33 3.98 4.84 -1.89
N VAL A 34 3.72 4.66 -0.62
CA VAL A 34 3.73 3.28 -0.06
C VAL A 34 2.64 3.15 1.03
N GLY A 35 1.62 2.33 0.84
CA GLY A 35 0.58 2.23 1.91
C GLY A 35 -0.37 1.06 1.68
N GLN A 36 -1.35 0.94 2.55
CA GLN A 36 -2.34 -0.14 2.46
C GLN A 36 -3.61 0.41 1.82
N CYS A 37 -3.91 -0.03 0.64
CA CYS A 37 -5.13 0.46 -0.06
C CYS A 37 -5.94 -0.72 -0.57
N ALA A 38 -7.23 -0.55 -0.72
CA ALA A 38 -8.08 -1.65 -1.21
C ALA A 38 -8.98 -1.19 -2.37
N TRP A 39 -9.13 -1.99 -3.40
CA TRP A 39 -10.01 -1.59 -4.53
C TRP A 39 -11.39 -2.21 -4.28
N VAL A 40 -12.39 -1.42 -4.05
CA VAL A 40 -13.74 -1.98 -3.77
C VAL A 40 -14.66 -1.82 -4.98
N ASP A 41 -14.12 -1.52 -6.12
CA ASP A 41 -15.00 -1.36 -7.31
C ASP A 41 -14.18 -0.87 -8.51
N THR A 42 -14.83 -0.60 -9.61
CA THR A 42 -14.11 -0.14 -10.83
C THR A 42 -13.57 1.28 -10.60
N GLY A 43 -12.33 1.39 -10.23
CA GLY A 43 -11.73 2.74 -10.03
C GLY A 43 -12.04 3.28 -8.62
N VAL A 44 -12.24 2.42 -7.65
CA VAL A 44 -12.50 2.92 -6.27
C VAL A 44 -11.32 2.48 -5.39
N LEU A 45 -10.44 3.38 -5.00
CA LEU A 45 -9.26 2.97 -4.18
C LEU A 45 -9.33 3.62 -2.80
N ALA A 46 -9.65 2.88 -1.75
CA ALA A 46 -9.72 3.48 -0.40
C ALA A 46 -8.38 3.23 0.31
N CYS A 47 -7.60 4.26 0.52
CA CYS A 47 -6.27 4.09 1.18
C CYS A 47 -6.37 4.47 2.67
N ASN A 48 -5.60 3.84 3.52
CA ASN A 48 -5.66 4.19 4.97
C ASN A 48 -4.50 5.15 5.32
N PRO A 49 -4.80 6.22 6.02
CA PRO A 49 -3.79 7.22 6.42
C PRO A 49 -2.85 6.70 7.54
N ALA A 50 -2.71 5.40 7.69
CA ALA A 50 -1.80 4.89 8.77
C ALA A 50 -0.64 4.15 8.13
N ASP A 51 -0.60 4.11 6.83
CA ASP A 51 0.51 3.42 6.14
C ASP A 51 0.89 4.25 4.92
N PHE A 52 0.47 5.48 4.90
CA PHE A 52 0.77 6.35 3.74
C PHE A 52 2.18 6.92 3.82
N SER A 53 3.15 6.23 3.29
CA SER A 53 4.55 6.74 3.32
C SER A 53 4.96 7.06 1.87
N SER A 54 6.20 7.36 1.63
CA SER A 54 6.60 7.68 0.24
C SER A 54 8.09 8.04 0.14
N VAL A 55 8.76 7.48 -0.83
CA VAL A 55 10.21 7.78 -1.04
C VAL A 55 10.48 7.68 -2.54
N THR A 56 11.57 8.23 -3.02
CA THR A 56 11.84 8.14 -4.47
C THR A 56 12.82 7.01 -4.76
N ALA A 57 12.60 6.33 -5.84
CA ALA A 57 13.51 5.23 -6.21
C ALA A 57 14.89 5.80 -6.56
N ASP A 58 15.83 5.57 -5.70
CA ASP A 58 17.22 6.07 -5.91
C ASP A 58 17.84 5.44 -7.18
N ALA A 59 19.09 5.07 -7.10
CA ALA A 59 19.79 4.47 -8.29
C ALA A 59 18.98 3.33 -8.87
N ASN A 60 18.58 2.43 -8.05
CA ASN A 60 17.76 1.29 -8.53
C ASN A 60 16.33 1.59 -8.10
N GLY A 61 16.21 2.21 -6.98
CA GLY A 61 14.90 2.60 -6.44
C GLY A 61 14.49 1.68 -5.29
N SER A 62 15.16 1.77 -4.17
CA SER A 62 14.82 0.91 -3.01
C SER A 62 14.02 1.72 -1.99
N ALA A 63 12.90 1.23 -1.59
CA ALA A 63 12.07 1.96 -0.59
C ALA A 63 11.64 0.99 0.50
N SER A 64 12.18 1.11 1.67
CA SER A 64 11.79 0.18 2.77
C SER A 64 11.17 0.98 3.91
N THR A 65 9.91 0.75 4.18
CA THR A 65 9.25 1.50 5.28
C THR A 65 8.24 0.60 5.99
N SER A 66 8.22 0.65 7.29
CA SER A 66 7.26 -0.19 8.06
C SER A 66 6.07 0.68 8.48
N LEU A 67 4.87 0.20 8.29
CA LEU A 67 3.68 1.02 8.65
C LEU A 67 2.66 0.14 9.40
N THR A 68 1.62 0.74 9.92
CA THR A 68 0.60 -0.06 10.65
C THR A 68 -0.61 -0.31 9.73
N VAL A 69 -0.98 -1.56 9.54
CA VAL A 69 -2.13 -1.87 8.64
C VAL A 69 -3.04 -2.91 9.30
N ARG A 70 -4.34 -2.83 9.14
CA ARG A 70 -5.23 -3.84 9.78
C ARG A 70 -6.38 -4.19 8.84
N ARG A 71 -7.40 -4.83 9.35
CA ARG A 71 -8.56 -5.20 8.49
C ARG A 71 -9.35 -3.92 8.17
N SER A 72 -10.30 -3.54 9.00
CA SER A 72 -11.04 -2.28 8.70
C SER A 72 -10.03 -1.17 8.69
N PHE A 73 -10.11 -0.29 7.74
CA PHE A 73 -9.10 0.77 7.69
C PHE A 73 -9.58 1.94 6.83
N GLU A 74 -9.39 3.13 7.32
CA GLU A 74 -9.85 4.36 6.60
C GLU A 74 -9.75 4.14 5.08
N GLY A 75 -10.86 4.23 4.40
CA GLY A 75 -10.88 4.01 2.93
C GLY A 75 -10.74 5.34 2.16
N PHE A 76 -9.78 6.17 2.50
CA PHE A 76 -9.61 7.48 1.76
C PHE A 76 -9.94 7.30 0.27
N LEU A 77 -10.93 8.00 -0.23
CA LEU A 77 -11.29 7.87 -1.69
C LEU A 77 -10.44 8.84 -2.52
N PHE A 78 -9.74 8.37 -3.53
CA PHE A 78 -8.90 9.29 -4.36
C PHE A 78 -9.79 10.31 -5.09
N ASP A 79 -10.55 11.08 -4.37
CA ASP A 79 -11.44 12.08 -5.03
C ASP A 79 -11.86 13.14 -4.02
N GLY A 80 -11.13 13.30 -2.95
CA GLY A 80 -11.48 14.32 -1.93
C GLY A 80 -12.48 13.73 -0.92
N THR A 81 -13.30 12.80 -1.35
CA THR A 81 -14.29 12.21 -0.41
C THR A 81 -13.72 10.92 0.19
N ARG A 82 -14.34 10.45 1.24
CA ARG A 82 -13.87 9.21 1.92
C ARG A 82 -14.90 8.09 1.68
N TRP A 83 -14.46 6.88 1.44
CA TRP A 83 -15.43 5.77 1.19
C TRP A 83 -15.97 5.21 2.51
N GLY A 84 -15.26 5.42 3.58
CA GLY A 84 -15.71 4.91 4.91
C GLY A 84 -14.71 3.86 5.39
N THR A 85 -14.89 3.34 6.56
CA THR A 85 -13.95 2.30 7.05
C THR A 85 -14.07 1.08 6.14
N VAL A 86 -13.06 0.82 5.37
CA VAL A 86 -13.11 -0.32 4.43
C VAL A 86 -12.74 -1.60 5.20
N ASP A 87 -13.71 -2.40 5.54
CA ASP A 87 -13.44 -3.66 6.29
C ASP A 87 -12.58 -4.60 5.44
N CYS A 88 -11.34 -4.82 5.80
CA CYS A 88 -10.52 -5.75 4.97
C CYS A 88 -11.10 -7.17 5.05
N THR A 89 -12.10 -7.39 5.86
CA THR A 89 -12.70 -8.75 5.95
C THR A 89 -13.74 -8.91 4.85
N THR A 90 -13.86 -7.93 3.98
CA THR A 90 -14.85 -8.01 2.88
C THR A 90 -14.11 -7.90 1.55
N ALA A 91 -13.26 -6.92 1.42
CA ALA A 91 -12.51 -6.75 0.15
C ALA A 91 -11.07 -7.21 0.34
N ALA A 92 -10.25 -7.08 -0.66
CA ALA A 92 -8.83 -7.52 -0.55
C ALA A 92 -7.94 -6.28 -0.46
N CYS A 93 -7.28 -6.06 0.65
CA CYS A 93 -6.41 -4.85 0.78
C CYS A 93 -4.96 -5.22 0.49
N GLN A 94 -4.36 -4.58 -0.47
CA GLN A 94 -2.96 -4.90 -0.82
C GLN A 94 -2.01 -3.84 -0.30
N VAL A 95 -0.84 -4.27 0.05
CA VAL A 95 0.19 -3.32 0.51
C VAL A 95 1.15 -3.12 -0.65
N GLY A 96 1.14 -1.96 -1.24
CA GLY A 96 2.01 -1.76 -2.42
C GLY A 96 2.51 -0.33 -2.52
N LEU A 97 3.17 -0.02 -3.61
CA LEU A 97 3.72 1.34 -3.80
C LEU A 97 3.01 1.99 -5.00
N SER A 98 3.39 3.18 -5.34
CA SER A 98 2.75 3.87 -6.49
C SER A 98 3.53 5.14 -6.82
N ASP A 99 3.30 5.70 -7.99
CA ASP A 99 4.03 6.94 -8.36
C ASP A 99 3.03 8.10 -8.48
N ALA A 100 3.34 9.12 -9.22
CA ALA A 100 2.38 10.27 -9.36
C ALA A 100 1.99 10.40 -10.82
N ALA A 101 1.85 9.31 -11.51
CA ALA A 101 1.47 9.38 -12.96
C ALA A 101 0.14 8.66 -13.20
N GLY A 102 -0.14 7.61 -12.46
CA GLY A 102 -1.41 6.88 -12.66
C GLY A 102 -1.29 5.55 -11.97
N ASN A 103 -0.12 4.96 -12.00
CA ASN A 103 0.09 3.67 -11.33
C ASN A 103 1.56 3.48 -11.03
N GLY A 104 1.88 2.36 -10.47
CA GLY A 104 3.30 2.06 -10.11
C GLY A 104 3.42 0.53 -9.86
N PRO A 105 4.45 0.08 -9.18
CA PRO A 105 4.60 -1.37 -8.91
C PRO A 105 3.28 -1.94 -8.39
N GLU A 106 3.21 -3.22 -8.14
CA GLU A 106 1.94 -3.83 -7.66
C GLU A 106 1.90 -3.85 -6.13
N GLY A 107 0.83 -4.36 -5.58
CA GLY A 107 0.71 -4.41 -4.09
C GLY A 107 0.62 -5.88 -3.64
N VAL A 108 0.88 -6.13 -2.39
CA VAL A 108 0.84 -7.51 -1.88
C VAL A 108 -0.47 -7.72 -1.11
N ALA A 109 -1.16 -8.76 -1.42
CA ALA A 109 -2.44 -9.07 -0.73
C ALA A 109 -2.16 -9.55 0.69
N ILE A 110 -2.79 -8.93 1.67
CA ILE A 110 -2.55 -9.36 3.06
C ILE A 110 -3.67 -10.31 3.50
N SER A 111 -3.59 -10.81 4.71
CA SER A 111 -4.65 -11.75 5.20
C SER A 111 -4.92 -11.48 6.67
N PHE A 112 -6.11 -11.76 7.14
CA PHE A 112 -6.43 -11.52 8.56
C PHE A 112 -7.14 -12.75 9.15
N ASN A 113 -6.42 -13.83 9.29
CA ASN A 113 -7.04 -15.06 9.85
C ASN A 113 -7.67 -14.75 11.21
C1 CHR B . -3.53 7.69 -4.20
C2 CHR B . -3.89 8.57 -3.12
C3 CHR B . -4.42 9.18 -2.26
C4 CHR B . -5.37 9.74 -1.27
O2 CHR B . -5.82 8.89 -0.18
C5 CHR B . -6.69 8.97 -1.34
C6 CHR B . -6.60 7.90 -2.36
C7 CHR B . -6.28 7.13 -3.22
C8 CHR B . -5.67 6.34 -4.26
C9 CHR B . -4.46 6.72 -4.76
C10 CHR B . -3.88 6.13 -6.01
O1 CHR B . -4.48 6.67 -7.18
C11 CHR B . -2.40 6.54 -5.93
O6 CHR B . -1.63 5.42 -5.55
C12 CHR B . -2.37 7.60 -4.85
C13 CHR B . -4.37 5.99 -8.42
O3 CHR B . -5.31 4.92 -8.46
C14 CHR B . -4.66 6.96 -9.56
N1 CHR B . -3.76 8.14 -9.46
C19 CHR B . -2.36 8.05 -9.98
C15 CHR B . -6.12 7.41 -9.48
O4 CHR B . -6.41 8.31 -10.54
C16 CHR B . -7.04 6.19 -9.56
O5 CHR B . -6.86 5.56 -10.82
C17 CHR B . -6.70 5.20 -8.44
C18 CHR B . -7.48 3.90 -8.66
C20 CHR B . -1.42 4.65 -6.59
O7 CHR B . -1.10 5.12 -7.67
C21 CHR B . -1.58 3.21 -6.39
C22 CHR B . -2.07 2.42 -7.44
O9 CHR B . -2.32 3.00 -8.68
C23 CHR B . -2.32 1.06 -7.25
C24 CHR B . -2.07 0.47 -6.00
C25 CHR B . -1.56 1.25 -4.95
C26 CHR B . -1.32 2.62 -5.14
C27 CHR B . -0.80 3.38 -4.08
C28 CHR B . -0.56 2.78 -2.83
O8 CHR B . -0.06 3.53 -1.78
C31 CHR B . -0.48 4.90 -1.73
C29 CHR B . -0.81 1.41 -2.65
C30 CHR B . -1.32 0.66 -3.71
C32 CHR B . -1.61 -0.82 -3.51
C33 CHR B . -5.39 11.24 -1.08
O10 CHR B . -6.50 11.62 -0.27
C34 CHR B . -7.25 12.40 -1.03
O11 CHR B . -8.28 12.87 -0.60
O12 CHR B . -6.84 12.65 -2.26
C35 CHR B . -5.62 11.94 -2.41
H5 CHR B . -7.62 9.53 -1.26
H8 CHR B . -6.14 5.46 -4.64
H10 CHR B . -3.98 5.04 -6.01
H11 CHR B . -2.05 6.94 -6.87
H12 CHR B . -1.52 8.21 -4.64
H13 CHR B . -3.37 5.59 -8.53
H14 CHR B . -4.50 6.46 -10.50
H191 CHR B . -2.22 8.79 -10.76
H192 CHR B . -1.66 8.24 -9.17
H193 CHR B . -2.19 7.06 -10.38
H15 CHR B . -6.28 7.92 -8.53
HO4 CHR B . -7.12 8.89 -10.26
H16 CHR B . -8.07 6.51 -9.46
HO5 CHR B . -7.73 5.38 -11.19
H17 CHR B . -6.97 5.63 -7.49
H181 CHR B . -7.92 3.91 -9.64
H182 CHR B . -8.26 3.82 -7.91
H183 CHR B . -6.80 3.06 -8.57
HO9 CHR B . -3.25 2.86 -8.92
H23 CHR B . -2.70 0.46 -8.06
H24 CHR B . -2.26 -0.58 -5.86
H27 CHR B . -0.58 4.43 -4.21
H311 CHR B . 0.00 5.39 -0.90
H312 CHR B . -0.18 5.39 -2.65
H313 CHR B . -1.55 4.94 -1.63
H29 CHR B . -0.62 0.96 -1.70
H321 CHR B . -1.07 -1.18 -2.65
H322 CHR B . -1.29 -1.37 -4.39
H323 CHR B . -2.67 -0.96 -3.36
H33 CHR B . -4.47 11.58 -0.62
H351 CHR B . -4.81 12.63 -2.62
H352 CHR B . -5.70 11.21 -3.21
N ALA A 1 16.68 -4.93 -15.66
CA ALA A 1 16.30 -4.98 -14.23
C ALA A 1 14.85 -4.52 -14.05
N ALA A 2 14.08 -5.19 -13.25
CA ALA A 2 12.67 -4.79 -13.05
C ALA A 2 12.42 -4.51 -11.56
N PRO A 3 11.49 -3.64 -11.30
CA PRO A 3 11.13 -3.27 -9.92
C PRO A 3 10.63 -4.48 -9.14
N THR A 4 10.72 -4.42 -7.85
CA THR A 4 10.27 -5.54 -6.99
C THR A 4 9.76 -4.97 -5.68
N ALA A 5 8.98 -5.73 -4.97
CA ALA A 5 8.44 -5.21 -3.68
C ALA A 5 8.24 -6.34 -2.71
N THR A 6 8.89 -6.24 -1.59
CA THR A 6 8.75 -7.30 -0.57
C THR A 6 8.10 -6.74 0.67
N VAL A 7 6.91 -7.14 0.87
CA VAL A 7 6.11 -6.67 2.05
C VAL A 7 5.83 -7.86 2.97
N THR A 8 6.01 -7.69 4.26
CA THR A 8 5.75 -8.80 5.21
C THR A 8 5.75 -8.24 6.64
N PRO A 9 4.99 -8.88 7.50
CA PRO A 9 4.16 -10.02 7.15
C PRO A 9 2.88 -9.55 6.46
N SER A 10 2.36 -10.33 5.58
CA SER A 10 1.11 -9.95 4.86
C SER A 10 -0.09 -10.47 5.64
N SER A 11 0.10 -11.49 6.43
CA SER A 11 -1.04 -12.05 7.22
C SER A 11 -0.62 -12.20 8.69
N GLY A 12 -1.57 -12.26 9.58
CA GLY A 12 -1.24 -12.39 11.03
C GLY A 12 -0.83 -11.02 11.56
N LEU A 13 -1.49 -10.00 11.09
CA LEU A 13 -1.17 -8.63 11.51
C LEU A 13 -2.00 -8.21 12.68
N SER A 14 -3.22 -8.54 12.57
CA SER A 14 -4.20 -8.21 13.62
C SER A 14 -4.39 -6.69 13.72
N ASP A 15 -5.59 -6.28 14.01
CA ASP A 15 -5.90 -4.84 14.10
C ASP A 15 -4.90 -4.11 15.00
N GLY A 16 -4.02 -3.34 14.40
CA GLY A 16 -3.06 -2.55 15.21
C GLY A 16 -1.61 -2.99 15.02
N THR A 17 -1.25 -3.76 14.03
CA THR A 17 0.17 -4.12 13.92
C THR A 17 0.82 -3.33 12.80
N VAL A 18 2.03 -3.65 12.55
CA VAL A 18 2.81 -2.94 11.50
C VAL A 18 3.42 -3.92 10.51
N VAL A 19 3.33 -3.62 9.24
CA VAL A 19 3.93 -4.51 8.22
C VAL A 19 5.12 -3.79 7.58
N LYS A 20 6.06 -4.52 7.05
CA LYS A 20 7.24 -3.87 6.42
C LYS A 20 7.13 -4.03 4.91
N VAL A 21 6.86 -2.97 4.21
CA VAL A 21 6.75 -3.06 2.72
C VAL A 21 8.04 -2.54 2.10
N ALA A 22 8.53 -3.18 1.06
CA ALA A 22 9.78 -2.67 0.44
C ALA A 22 9.62 -2.65 -1.06
N GLY A 23 10.45 -1.91 -1.73
CA GLY A 23 10.40 -1.82 -3.20
C GLY A 23 11.83 -1.90 -3.73
N ALA A 24 12.07 -2.59 -4.80
CA ALA A 24 13.47 -2.65 -5.31
C ALA A 24 13.44 -2.62 -6.85
N GLY A 25 14.16 -1.72 -7.48
CA GLY A 25 14.12 -1.69 -8.96
C GLY A 25 12.97 -0.80 -9.44
N LEU A 26 12.59 0.17 -8.67
CA LEU A 26 11.48 1.05 -9.10
C LEU A 26 12.07 2.19 -9.93
N GLN A 27 11.25 3.01 -10.51
CA GLN A 27 11.79 4.13 -11.33
C GLN A 27 12.94 4.80 -10.60
N ALA A 28 14.12 4.40 -10.94
CA ALA A 28 15.34 4.97 -10.29
C ALA A 28 15.36 6.49 -10.42
N GLY A 29 14.59 7.17 -9.63
CA GLY A 29 14.57 8.65 -9.69
C GLY A 29 13.13 9.15 -9.70
N THR A 30 12.24 8.47 -9.00
CA THR A 30 10.84 8.93 -8.99
C THR A 30 10.16 8.62 -7.65
N ALA A 31 9.84 9.66 -6.93
CA ALA A 31 9.14 9.53 -5.63
C ALA A 31 8.00 8.52 -5.75
N TYR A 32 7.98 7.55 -4.89
CA TYR A 32 6.89 6.53 -4.93
C TYR A 32 6.12 6.59 -3.59
N ASP A 33 4.86 6.23 -3.58
CA ASP A 33 4.10 6.25 -2.30
C ASP A 33 4.03 4.82 -1.77
N VAL A 34 3.77 4.66 -0.50
CA VAL A 34 3.73 3.29 0.07
C VAL A 34 2.61 3.20 1.13
N GLY A 35 1.60 2.33 0.96
CA GLY A 35 0.53 2.29 1.99
C GLY A 35 -0.40 1.08 1.78
N GLN A 36 -1.41 0.97 2.63
CA GLN A 36 -2.39 -0.12 2.53
C GLN A 36 -3.66 0.41 1.87
N CYS A 37 -3.90 0.00 0.66
CA CYS A 37 -5.12 0.49 -0.04
C CYS A 37 -5.89 -0.71 -0.62
N ALA A 38 -7.19 -0.60 -0.71
CA ALA A 38 -8.02 -1.72 -1.24
C ALA A 38 -8.89 -1.25 -2.41
N TRP A 39 -9.01 -2.04 -3.45
CA TRP A 39 -9.88 -1.64 -4.60
C TRP A 39 -11.26 -2.29 -4.38
N VAL A 40 -12.26 -1.50 -4.18
CA VAL A 40 -13.62 -2.07 -3.94
C VAL A 40 -14.51 -1.91 -5.17
N ASP A 41 -13.92 -1.61 -6.30
CA ASP A 41 -14.75 -1.46 -7.53
C ASP A 41 -13.89 -0.98 -8.70
N THR A 42 -14.49 -0.73 -9.82
CA THR A 42 -13.72 -0.27 -11.01
C THR A 42 -13.23 1.16 -10.78
N GLY A 43 -12.00 1.31 -10.36
CA GLY A 43 -11.44 2.67 -10.14
C GLY A 43 -11.81 3.21 -8.75
N VAL A 44 -12.03 2.36 -7.78
CA VAL A 44 -12.37 2.86 -6.42
C VAL A 44 -11.22 2.43 -5.49
N LEU A 45 -10.37 3.33 -5.05
CA LEU A 45 -9.23 2.92 -4.19
C LEU A 45 -9.36 3.57 -2.80
N ALA A 46 -9.77 2.82 -1.79
CA ALA A 46 -9.88 3.40 -0.43
C ALA A 46 -8.61 3.05 0.34
N CYS A 47 -7.76 4.00 0.61
CA CYS A 47 -6.50 3.69 1.35
C CYS A 47 -6.58 4.23 2.78
N ASN A 48 -5.72 3.76 3.65
CA ASN A 48 -5.75 4.24 5.07
C ASN A 48 -4.52 5.13 5.34
N PRO A 49 -4.75 6.26 5.98
CA PRO A 49 -3.66 7.22 6.30
C PRO A 49 -2.77 6.73 7.46
N ALA A 50 -2.65 5.44 7.68
CA ALA A 50 -1.78 4.97 8.79
C ALA A 50 -0.53 4.31 8.20
N ASP A 51 -0.45 4.22 6.91
CA ASP A 51 0.72 3.60 6.27
C ASP A 51 1.13 4.46 5.09
N PHE A 52 0.59 5.64 5.01
CA PHE A 52 0.93 6.52 3.87
C PHE A 52 2.37 7.02 3.97
N SER A 53 3.31 6.23 3.53
CA SER A 53 4.73 6.68 3.56
C SER A 53 5.15 7.06 2.15
N SER A 54 6.42 7.25 1.89
CA SER A 54 6.83 7.61 0.51
C SER A 54 8.35 7.82 0.43
N VAL A 55 8.94 7.29 -0.60
CA VAL A 55 10.41 7.45 -0.83
C VAL A 55 10.65 7.44 -2.33
N THR A 56 11.72 8.01 -2.80
CA THR A 56 11.96 8.01 -4.28
C THR A 56 12.89 6.87 -4.64
N ALA A 57 12.68 6.29 -5.78
CA ALA A 57 13.57 5.20 -6.22
C ALA A 57 14.97 5.75 -6.50
N ASP A 58 15.87 5.42 -5.64
CA ASP A 58 17.28 5.88 -5.77
C ASP A 58 17.91 5.33 -7.06
N ALA A 59 19.17 4.93 -7.00
CA ALA A 59 19.87 4.40 -8.21
C ALA A 59 19.03 3.33 -8.89
N ASN A 60 18.59 2.37 -8.16
CA ASN A 60 17.74 1.29 -8.74
C ASN A 60 16.31 1.61 -8.31
N GLY A 61 16.19 2.16 -7.14
CA GLY A 61 14.88 2.56 -6.60
C GLY A 61 14.45 1.61 -5.49
N SER A 62 15.15 1.63 -4.38
CA SER A 62 14.77 0.74 -3.25
C SER A 62 13.98 1.55 -2.24
N ALA A 63 12.89 1.02 -1.81
CA ALA A 63 12.05 1.76 -0.82
C ALA A 63 11.58 0.81 0.27
N SER A 64 12.11 0.92 1.46
CA SER A 64 11.66 0.01 2.55
C SER A 64 11.18 0.84 3.74
N THR A 65 9.93 0.70 4.09
CA THR A 65 9.38 1.46 5.23
C THR A 65 8.32 0.61 5.95
N SER A 66 8.24 0.74 7.24
CA SER A 66 7.24 -0.05 8.01
C SER A 66 6.02 0.82 8.30
N LEU A 67 4.86 0.24 8.28
CA LEU A 67 3.61 1.04 8.52
C LEU A 67 2.59 0.18 9.28
N THR A 68 1.52 0.76 9.77
CA THR A 68 0.50 -0.04 10.52
C THR A 68 -0.72 -0.33 9.64
N VAL A 69 -1.05 -1.59 9.45
CA VAL A 69 -2.24 -1.92 8.59
C VAL A 69 -3.16 -2.91 9.32
N ARG A 70 -4.46 -2.80 9.16
CA ARG A 70 -5.35 -3.76 9.85
C ARG A 70 -6.62 -4.01 9.04
N ARG A 71 -7.52 -4.79 9.59
CA ARG A 71 -8.78 -5.10 8.87
C ARG A 71 -9.46 -3.80 8.44
N SER A 72 -10.46 -3.35 9.15
CA SER A 72 -11.13 -2.09 8.76
C SER A 72 -10.08 -1.00 8.71
N PHE A 73 -10.16 -0.14 7.74
CA PHE A 73 -9.14 0.91 7.64
C PHE A 73 -9.68 2.06 6.77
N GLU A 74 -9.47 3.27 7.21
CA GLU A 74 -9.98 4.46 6.46
C GLU A 74 -9.97 4.20 4.96
N GLY A 75 -11.11 4.30 4.33
CA GLY A 75 -11.19 4.05 2.86
C GLY A 75 -10.98 5.36 2.06
N PHE A 76 -9.99 6.14 2.42
CA PHE A 76 -9.74 7.42 1.66
C PHE A 76 -10.00 7.21 0.16
N LEU A 77 -11.01 7.86 -0.39
CA LEU A 77 -11.32 7.70 -1.84
C LEU A 77 -10.48 8.71 -2.66
N PHE A 78 -9.74 8.26 -3.66
CA PHE A 78 -8.92 9.21 -4.47
C PHE A 78 -9.83 10.20 -5.21
N ASP A 79 -10.62 10.95 -4.50
CA ASP A 79 -11.53 11.93 -5.17
C ASP A 79 -11.99 12.98 -4.17
N GLY A 80 -11.30 13.12 -3.06
CA GLY A 80 -11.70 14.14 -2.05
C GLY A 80 -12.75 13.55 -1.11
N THR A 81 -13.51 12.58 -1.57
CA THR A 81 -14.56 11.98 -0.68
C THR A 81 -13.99 10.74 0.02
N ARG A 82 -14.62 10.35 1.08
CA ARG A 82 -14.16 9.14 1.84
C ARG A 82 -15.16 8.00 1.58
N TRP A 83 -14.67 6.80 1.33
CA TRP A 83 -15.59 5.67 1.05
C TRP A 83 -16.13 5.07 2.35
N GLY A 84 -15.48 5.34 3.45
CA GLY A 84 -15.94 4.80 4.75
C GLY A 84 -14.88 3.82 5.27
N THR A 85 -15.06 3.32 6.47
CA THR A 85 -14.07 2.35 7.01
C THR A 85 -14.13 1.10 6.15
N VAL A 86 -13.15 0.89 5.32
CA VAL A 86 -13.15 -0.29 4.43
C VAL A 86 -12.76 -1.53 5.25
N ASP A 87 -13.72 -2.37 5.55
CA ASP A 87 -13.42 -3.60 6.34
C ASP A 87 -12.52 -4.54 5.53
N CYS A 88 -11.28 -4.71 5.92
CA CYS A 88 -10.41 -5.65 5.13
C CYS A 88 -10.99 -7.07 5.18
N THR A 89 -12.01 -7.30 5.96
CA THR A 89 -12.59 -8.67 6.03
C THR A 89 -13.62 -8.84 4.90
N THR A 90 -13.83 -7.81 4.12
CA THR A 90 -14.80 -7.91 3.01
C THR A 90 -14.06 -7.83 1.68
N ALA A 91 -13.21 -6.85 1.53
CA ALA A 91 -12.44 -6.71 0.26
C ALA A 91 -11.00 -7.17 0.50
N ALA A 92 -10.18 -7.08 -0.51
CA ALA A 92 -8.75 -7.50 -0.36
C ALA A 92 -7.86 -6.25 -0.30
N CYS A 93 -7.20 -6.03 0.82
CA CYS A 93 -6.34 -4.82 0.93
C CYS A 93 -4.89 -5.18 0.63
N GLN A 94 -4.29 -4.54 -0.33
CA GLN A 94 -2.89 -4.86 -0.67
C GLN A 94 -1.95 -3.79 -0.16
N VAL A 95 -0.80 -4.22 0.21
CA VAL A 95 0.23 -3.27 0.68
C VAL A 95 1.22 -3.10 -0.47
N GLY A 96 1.23 -1.95 -1.08
CA GLY A 96 2.13 -1.79 -2.23
C GLY A 96 2.64 -0.35 -2.35
N LEU A 97 3.31 -0.07 -3.44
CA LEU A 97 3.87 1.28 -3.65
C LEU A 97 3.23 1.89 -4.91
N SER A 98 3.60 3.09 -5.24
CA SER A 98 3.02 3.73 -6.45
C SER A 98 3.64 5.12 -6.63
N ASP A 99 3.23 5.84 -7.64
CA ASP A 99 3.81 7.20 -7.84
C ASP A 99 2.66 8.21 -8.02
N ALA A 100 2.92 9.35 -8.60
CA ALA A 100 1.83 10.35 -8.78
C ALA A 100 1.59 10.57 -10.27
N ALA A 101 1.70 9.54 -11.05
CA ALA A 101 1.48 9.68 -12.52
C ALA A 101 0.22 8.92 -12.94
N GLY A 102 -0.09 7.83 -12.28
CA GLY A 102 -1.30 7.07 -12.67
C GLY A 102 -1.21 5.70 -12.02
N ASN A 103 -0.03 5.17 -11.92
CA ASN A 103 0.14 3.85 -11.30
C ASN A 103 1.62 3.60 -11.02
N GLY A 104 1.92 2.44 -10.51
CA GLY A 104 3.32 2.09 -10.19
C GLY A 104 3.37 0.58 -9.88
N PRO A 105 4.42 0.09 -9.22
CA PRO A 105 4.50 -1.34 -8.90
C PRO A 105 3.17 -1.84 -8.33
N GLU A 106 3.05 -3.10 -8.06
CA GLU A 106 1.77 -3.65 -7.54
C GLU A 106 1.80 -3.70 -6.00
N GLY A 107 0.78 -4.24 -5.40
CA GLY A 107 0.74 -4.33 -3.91
C GLY A 107 0.66 -5.80 -3.48
N VAL A 108 0.91 -6.07 -2.23
CA VAL A 108 0.87 -7.45 -1.73
C VAL A 108 -0.45 -7.67 -0.98
N ALA A 109 -1.12 -8.72 -1.30
CA ALA A 109 -2.41 -9.03 -0.62
C ALA A 109 -2.15 -9.53 0.80
N ILE A 110 -2.74 -8.91 1.77
CA ILE A 110 -2.52 -9.36 3.18
C ILE A 110 -3.67 -10.27 3.61
N SER A 111 -3.55 -10.90 4.74
CA SER A 111 -4.63 -11.81 5.21
C SER A 111 -4.84 -11.62 6.72
N PHE A 112 -5.99 -11.96 7.22
CA PHE A 112 -6.24 -11.80 8.68
C PHE A 112 -6.63 -13.15 9.30
N ASN A 113 -5.93 -13.56 10.33
CA ASN A 113 -6.26 -14.86 10.96
C ASN A 113 -7.72 -14.86 11.42
C1 CHR B . -3.46 7.72 -4.03
C2 CHR B . -3.88 8.57 -2.95
C3 CHR B . -4.48 9.15 -2.11
C4 CHR B . -5.48 9.69 -1.18
O2 CHR B . -6.00 8.82 -0.14
C5 CHR B . -6.79 8.93 -1.36
C6 CHR B . -6.64 7.88 -2.39
C7 CHR B . -6.27 7.12 -3.24
C8 CHR B . -5.58 6.37 -4.25
C9 CHR B . -4.36 6.75 -4.67
C10 CHR B . -3.70 6.22 -5.92
O1 CHR B . -4.24 6.82 -7.09
C11 CHR B . -2.23 6.61 -5.72
O6 CHR B . -1.50 5.48 -5.30
C12 CHR B . -2.27 7.65 -4.62
C13 CHR B . -4.10 6.20 -8.35
O3 CHR B . -4.94 5.05 -8.40
C14 CHR B . -4.51 7.17 -9.46
N1 CHR B . -3.72 8.43 -9.33
C19 CHR B . -2.36 8.52 -9.93
C15 CHR B . -6.00 7.48 -9.33
O4 CHR B . -6.39 8.36 -10.37
C16 CHR B . -6.79 6.18 -9.44
O5 CHR B . -6.58 5.59 -10.71
C17 CHR B . -6.35 5.20 -8.35
C18 CHR B . -7.03 3.85 -8.57
C20 CHR B . -1.29 4.68 -6.34
O7 CHR B . -0.95 5.11 -7.42
C21 CHR B . -1.51 3.25 -6.09
C22 CHR B . -2.12 2.48 -7.08
O9 CHR B . -2.43 3.04 -8.32
C23 CHR B . -2.40 1.12 -6.85
C24 CHR B . -2.09 0.55 -5.62
C25 CHR B . -1.48 1.32 -4.61
C26 CHR B . -1.18 2.67 -4.86
C27 CHR B . -0.57 3.43 -3.85
C28 CHR B . -0.26 2.86 -2.61
O8 CHR B . 0.33 3.61 -1.62
C31 CHR B . -0.22 4.90 -1.39
C29 CHR B . -0.57 1.51 -2.37
C30 CHR B . -1.18 0.75 -3.38
C32 CHR B . -1.51 -0.72 -3.12
C33 CHR B . -5.52 11.19 -0.96
O10 CHR B . -6.63 11.55 -0.16
C34 CHR B . -7.37 12.36 -0.89
O11 CHR B . -8.40 12.84 -0.46
O12 CHR B . -6.94 12.63 -2.12
C35 CHR B . -5.74 11.91 -2.28
H5 CHR B . -7.73 9.48 -1.32
H8 CHR B . -6.03 5.48 -4.67
H10 CHR B . -3.81 5.14 -5.97
H11 CHR B . -1.82 7.02 -6.63
H12 CHR B . -1.44 8.26 -4.34
H13 CHR B . -3.07 5.89 -8.50
H14 CHR B . -4.31 6.72 -10.42
H191 CHR B . -2.43 9.04 -10.88
H192 CHR B . -1.97 7.53 -10.10
H193 CHR B . -1.71 9.06 -9.26
H15 CHR B . -6.19 7.94 -8.37
HO4 CHR B . -7.35 8.43 -10.36
H16 CHR B . -7.85 6.40 -9.32
HO5 CHR B . -7.42 5.25 -11.03
H17 CHR B . -6.64 5.59 -7.37
H181 CHR B . -6.27 3.07 -8.58
H182 CHR B . -7.73 3.66 -7.79
H183 CHR B . -7.53 3.85 -9.53
HO9 CHR B . -1.70 2.93 -8.93
H23 CHR B . -2.88 0.54 -7.61
H24 CHR B . -2.32 -0.49 -5.43
H27 CHR B . -0.30 4.46 -4.04
H311 CHR B . -0.96 4.85 -0.61
H312 CHR B . -0.70 5.25 -2.30
H313 CHR B . 0.56 5.59 -1.12
H29 CHR B . -0.35 1.06 -1.42
H321 CHR B . -0.84 -1.35 -3.70
H322 CHR B . -2.53 -0.91 -3.41
H323 CHR B . -1.38 -0.94 -2.07
H33 CHR B . -4.60 11.53 -0.50
H351 CHR B . -4.93 12.59 -2.48
H352 CHR B . -5.83 11.20 -3.09
N ALA A 1 18.65 -4.72 -13.02
CA ALA A 1 17.74 -5.23 -11.95
C ALA A 1 16.29 -4.93 -12.32
N ALA A 2 15.36 -5.61 -11.70
CA ALA A 2 13.92 -5.36 -12.02
C ALA A 2 13.19 -4.91 -10.75
N PRO A 3 12.19 -4.08 -10.94
CA PRO A 3 11.38 -3.56 -9.84
C PRO A 3 10.70 -4.70 -9.08
N THR A 4 10.36 -4.45 -7.84
CA THR A 4 9.68 -5.49 -7.02
C THR A 4 9.40 -4.88 -5.64
N ALA A 5 9.00 -5.67 -4.68
CA ALA A 5 8.71 -5.09 -3.34
C ALA A 5 8.58 -6.17 -2.30
N THR A 6 9.22 -5.97 -1.19
CA THR A 6 9.15 -6.98 -0.12
C THR A 6 8.19 -6.52 0.96
N VAL A 7 7.06 -7.11 0.96
CA VAL A 7 6.03 -6.75 1.99
C VAL A 7 5.70 -7.96 2.87
N THR A 8 6.01 -7.86 4.13
CA THR A 8 5.73 -8.98 5.07
C THR A 8 5.74 -8.42 6.50
N PRO A 9 4.93 -8.99 7.35
CA PRO A 9 4.05 -10.12 7.01
C PRO A 9 2.84 -9.60 6.24
N SER A 10 2.27 -10.42 5.41
CA SER A 10 1.09 -9.99 4.63
C SER A 10 -0.18 -10.33 5.42
N SER A 11 -0.09 -11.30 6.29
CA SER A 11 -1.28 -11.69 7.10
C SER A 11 -0.84 -11.92 8.55
N GLY A 12 -1.77 -12.03 9.45
CA GLY A 12 -1.41 -12.25 10.89
C GLY A 12 -0.91 -10.93 11.46
N LEU A 13 -1.53 -9.87 11.06
CA LEU A 13 -1.13 -8.52 11.50
C LEU A 13 -1.92 -8.10 12.71
N SER A 14 -3.13 -8.39 12.64
CA SER A 14 -4.07 -8.05 13.72
C SER A 14 -4.28 -6.54 13.78
N ASP A 15 -5.47 -6.13 14.06
CA ASP A 15 -5.80 -4.68 14.10
C ASP A 15 -4.81 -3.92 14.98
N GLY A 16 -3.92 -3.19 14.38
CA GLY A 16 -2.98 -2.38 15.18
C GLY A 16 -1.52 -2.81 15.00
N THR A 17 -1.16 -3.60 14.01
CA THR A 17 0.27 -3.95 13.92
C THR A 17 0.90 -3.20 12.76
N VAL A 18 2.10 -3.55 12.48
CA VAL A 18 2.85 -2.87 11.38
C VAL A 18 3.48 -3.88 10.42
N VAL A 19 3.40 -3.61 9.15
CA VAL A 19 4.01 -4.54 8.15
C VAL A 19 5.16 -3.82 7.46
N LYS A 20 6.11 -4.55 6.95
CA LYS A 20 7.26 -3.90 6.26
C LYS A 20 7.14 -4.09 4.75
N VAL A 21 6.83 -3.05 4.04
CA VAL A 21 6.70 -3.15 2.56
C VAL A 21 7.94 -2.49 1.93
N ALA A 22 8.68 -3.20 1.12
CA ALA A 22 9.87 -2.58 0.52
C ALA A 22 9.72 -2.54 -0.99
N GLY A 23 10.54 -1.79 -1.64
CA GLY A 23 10.48 -1.70 -3.10
C GLY A 23 11.89 -1.87 -3.63
N ALA A 24 12.09 -2.53 -4.72
CA ALA A 24 13.47 -2.69 -5.25
C ALA A 24 13.42 -2.72 -6.78
N GLY A 25 14.13 -1.84 -7.44
CA GLY A 25 14.08 -1.86 -8.94
C GLY A 25 12.95 -0.94 -9.42
N LEU A 26 12.59 0.06 -8.67
CA LEU A 26 11.52 0.96 -9.12
C LEU A 26 12.14 2.09 -9.94
N GLN A 27 11.34 2.94 -10.53
CA GLN A 27 11.91 4.04 -11.34
C GLN A 27 13.02 4.73 -10.57
N ALA A 28 14.23 4.37 -10.90
CA ALA A 28 15.42 4.95 -10.22
C ALA A 28 15.39 6.48 -10.32
N GLY A 29 14.60 7.12 -9.52
CA GLY A 29 14.53 8.60 -9.56
C GLY A 29 13.06 9.04 -9.56
N THR A 30 12.21 8.32 -8.87
CA THR A 30 10.78 8.70 -8.86
C THR A 30 10.17 8.50 -7.46
N ALA A 31 9.93 9.59 -6.79
CA ALA A 31 9.29 9.53 -5.43
C ALA A 31 8.03 8.66 -5.49
N TYR A 32 8.07 7.50 -4.88
CA TYR A 32 6.88 6.61 -4.90
C TYR A 32 6.23 6.61 -3.51
N ASP A 33 4.95 6.33 -3.41
CA ASP A 33 4.30 6.31 -2.08
C ASP A 33 4.16 4.84 -1.65
N VAL A 34 3.94 4.60 -0.39
CA VAL A 34 3.83 3.20 0.09
C VAL A 34 2.71 3.09 1.14
N GLY A 35 1.64 2.34 0.90
CA GLY A 35 0.57 2.28 1.93
C GLY A 35 -0.38 1.11 1.70
N GLN A 36 -1.39 1.01 2.53
CA GLN A 36 -2.39 -0.07 2.43
C GLN A 36 -3.67 0.48 1.79
N CYS A 37 -3.94 0.08 0.58
CA CYS A 37 -5.17 0.57 -0.09
C CYS A 37 -5.95 -0.62 -0.65
N ALA A 38 -7.25 -0.53 -0.68
CA ALA A 38 -8.07 -1.67 -1.20
C ALA A 38 -8.93 -1.22 -2.39
N TRP A 39 -9.03 -2.03 -3.41
CA TRP A 39 -9.89 -1.67 -4.58
C TRP A 39 -11.26 -2.33 -4.36
N VAL A 40 -12.30 -1.55 -4.19
CA VAL A 40 -13.63 -2.15 -3.95
C VAL A 40 -14.51 -2.00 -5.20
N ASP A 41 -13.93 -1.69 -6.32
CA ASP A 41 -14.75 -1.55 -7.55
C ASP A 41 -13.89 -1.07 -8.71
N THR A 42 -14.48 -0.81 -9.84
CA THR A 42 -13.71 -0.34 -11.02
C THR A 42 -13.24 1.10 -10.80
N GLY A 43 -12.02 1.26 -10.36
CA GLY A 43 -11.48 2.63 -10.13
C GLY A 43 -11.86 3.17 -8.74
N VAL A 44 -12.07 2.31 -7.77
CA VAL A 44 -12.41 2.80 -6.42
C VAL A 44 -11.27 2.38 -5.47
N LEU A 45 -10.42 3.30 -5.05
CA LEU A 45 -9.28 2.90 -4.18
C LEU A 45 -9.41 3.56 -2.80
N ALA A 46 -9.80 2.83 -1.79
CA ALA A 46 -9.91 3.43 -0.43
C ALA A 46 -8.63 3.09 0.34
N CYS A 47 -7.79 4.06 0.59
CA CYS A 47 -6.52 3.76 1.32
C CYS A 47 -6.60 4.31 2.76
N ASN A 48 -5.74 3.83 3.62
CA ASN A 48 -5.76 4.32 5.05
C ASN A 48 -4.52 5.17 5.33
N PRO A 49 -4.71 6.31 5.96
CA PRO A 49 -3.61 7.23 6.30
C PRO A 49 -2.73 6.70 7.45
N ALA A 50 -2.68 5.41 7.68
CA ALA A 50 -1.82 4.89 8.79
C ALA A 50 -0.67 4.07 8.19
N ASP A 51 -0.58 4.05 6.89
CA ASP A 51 0.51 3.29 6.24
C ASP A 51 1.01 4.14 5.08
N PHE A 52 0.68 5.39 5.08
CA PHE A 52 1.10 6.28 3.96
C PHE A 52 2.55 6.74 4.12
N SER A 53 3.48 5.99 3.61
CA SER A 53 4.92 6.40 3.69
C SER A 53 5.33 6.88 2.29
N SER A 54 6.61 7.03 2.04
CA SER A 54 7.00 7.50 0.69
C SER A 54 8.53 7.66 0.58
N VAL A 55 9.07 7.25 -0.53
CA VAL A 55 10.53 7.38 -0.77
C VAL A 55 10.75 7.37 -2.29
N THR A 56 11.84 7.91 -2.76
CA THR A 56 12.07 7.91 -4.23
C THR A 56 12.99 6.77 -4.61
N ALA A 57 12.73 6.15 -5.73
CA ALA A 57 13.61 5.06 -6.17
C ALA A 57 15.01 5.61 -6.43
N ASP A 58 15.91 5.31 -5.56
CA ASP A 58 17.32 5.78 -5.68
C ASP A 58 17.97 5.24 -6.97
N ALA A 59 19.21 4.83 -6.89
CA ALA A 59 19.94 4.33 -8.10
C ALA A 59 19.11 3.29 -8.84
N ASN A 60 18.64 2.31 -8.14
CA ASN A 60 17.79 1.27 -8.78
C ASN A 60 16.38 1.56 -8.35
N GLY A 61 16.24 2.06 -7.16
CA GLY A 61 14.94 2.44 -6.61
C GLY A 61 14.53 1.49 -5.50
N SER A 62 15.26 1.47 -4.41
CA SER A 62 14.90 0.58 -3.28
C SER A 62 14.24 1.40 -2.21
N ALA A 63 13.10 0.97 -1.76
CA ALA A 63 12.38 1.74 -0.71
C ALA A 63 11.82 0.78 0.34
N SER A 64 12.38 0.78 1.52
CA SER A 64 11.88 -0.14 2.58
C SER A 64 11.33 0.69 3.73
N THR A 65 10.05 0.56 4.00
CA THR A 65 9.46 1.34 5.12
C THR A 65 8.38 0.50 5.81
N SER A 66 8.27 0.63 7.10
CA SER A 66 7.24 -0.16 7.84
C SER A 66 6.04 0.74 8.16
N LEU A 67 4.86 0.21 8.05
CA LEU A 67 3.64 1.04 8.32
C LEU A 67 2.62 0.20 9.09
N THR A 68 1.68 0.83 9.74
CA THR A 68 0.66 0.06 10.51
C THR A 68 -0.57 -0.18 9.63
N VAL A 69 -0.97 -1.42 9.45
CA VAL A 69 -2.16 -1.71 8.59
C VAL A 69 -3.08 -2.72 9.28
N ARG A 70 -4.38 -2.61 9.15
CA ARG A 70 -5.26 -3.60 9.83
C ARG A 70 -6.51 -3.86 9.02
N ARG A 71 -7.39 -4.68 9.56
CA ARG A 71 -8.65 -5.02 8.85
C ARG A 71 -9.36 -3.73 8.43
N SER A 72 -10.37 -3.31 9.15
CA SER A 72 -11.06 -2.05 8.78
C SER A 72 -10.04 -0.94 8.71
N PHE A 73 -10.14 -0.07 7.75
CA PHE A 73 -9.14 0.99 7.64
C PHE A 73 -9.69 2.12 6.77
N GLU A 74 -9.49 3.33 7.19
CA GLU A 74 -10.01 4.51 6.43
C GLU A 74 -9.96 4.23 4.93
N GLY A 75 -11.08 4.31 4.27
CA GLY A 75 -11.13 4.05 2.81
C GLY A 75 -10.97 5.36 2.01
N PHE A 76 -9.99 6.17 2.34
CA PHE A 76 -9.78 7.45 1.58
C PHE A 76 -10.06 7.22 0.09
N LEU A 77 -11.09 7.85 -0.46
CA LEU A 77 -11.41 7.66 -1.90
C LEU A 77 -10.60 8.68 -2.74
N PHE A 78 -9.87 8.23 -3.75
CA PHE A 78 -9.07 9.19 -4.57
C PHE A 78 -10.01 10.14 -5.33
N ASP A 79 -10.83 10.87 -4.63
CA ASP A 79 -11.75 11.81 -5.31
C ASP A 79 -12.24 12.87 -4.33
N GLY A 80 -11.54 13.06 -3.24
CA GLY A 80 -11.96 14.09 -2.24
C GLY A 80 -12.99 13.49 -1.28
N THR A 81 -13.72 12.49 -1.70
CA THR A 81 -14.74 11.88 -0.80
C THR A 81 -14.14 10.67 -0.09
N ARG A 82 -14.75 10.29 1.01
CA ARG A 82 -14.26 9.12 1.77
C ARG A 82 -15.24 7.95 1.55
N TRP A 83 -14.74 6.75 1.32
CA TRP A 83 -15.65 5.60 1.07
C TRP A 83 -16.17 5.03 2.40
N GLY A 84 -15.50 5.32 3.48
CA GLY A 84 -15.94 4.80 4.80
C GLY A 84 -14.88 3.82 5.30
N THR A 85 -15.04 3.33 6.50
CA THR A 85 -14.05 2.37 7.04
C THR A 85 -14.13 1.10 6.18
N VAL A 86 -13.16 0.89 5.34
CA VAL A 86 -13.17 -0.28 4.47
C VAL A 86 -12.75 -1.52 5.27
N ASP A 87 -13.68 -2.38 5.56
CA ASP A 87 -13.35 -3.60 6.36
C ASP A 87 -12.44 -4.54 5.56
N CYS A 88 -11.19 -4.69 5.95
CA CYS A 88 -10.32 -5.62 5.15
C CYS A 88 -10.87 -7.06 5.24
N THR A 89 -11.88 -7.29 6.03
CA THR A 89 -12.44 -8.66 6.13
C THR A 89 -13.49 -8.86 5.02
N THR A 90 -13.71 -7.85 4.22
CA THR A 90 -14.71 -7.97 3.12
C THR A 90 -14.00 -7.89 1.78
N ALA A 91 -13.18 -6.90 1.61
CA ALA A 91 -12.43 -6.75 0.32
C ALA A 91 -10.97 -7.16 0.52
N ALA A 92 -10.19 -7.11 -0.51
CA ALA A 92 -8.76 -7.50 -0.39
C ALA A 92 -7.90 -6.22 -0.34
N CYS A 93 -7.23 -5.97 0.76
CA CYS A 93 -6.39 -4.73 0.84
C CYS A 93 -4.94 -5.09 0.52
N GLN A 94 -4.37 -4.45 -0.47
CA GLN A 94 -2.98 -4.75 -0.85
C GLN A 94 -2.03 -3.71 -0.30
N VAL A 95 -0.86 -4.15 0.03
CA VAL A 95 0.18 -3.22 0.53
C VAL A 95 1.20 -3.05 -0.58
N GLY A 96 1.28 -1.90 -1.16
CA GLY A 96 2.24 -1.74 -2.27
C GLY A 96 2.71 -0.28 -2.42
N LEU A 97 3.39 0.00 -3.49
CA LEU A 97 3.89 1.38 -3.70
C LEU A 97 3.25 1.95 -4.97
N SER A 98 3.48 3.20 -5.21
CA SER A 98 2.90 3.86 -6.41
C SER A 98 3.19 5.35 -6.36
N ASP A 99 3.06 6.05 -7.45
CA ASP A 99 3.34 7.51 -7.44
C ASP A 99 2.02 8.27 -7.66
N ALA A 100 2.09 9.49 -8.13
CA ALA A 100 0.83 10.27 -8.35
C ALA A 100 0.71 10.58 -9.84
N ALA A 101 1.11 9.67 -10.68
CA ALA A 101 1.02 9.91 -12.16
C ALA A 101 -0.11 9.07 -12.73
N GLY A 102 -0.37 7.91 -12.18
CA GLY A 102 -1.45 7.05 -12.71
C GLY A 102 -1.32 5.67 -12.07
N ASN A 103 -0.11 5.22 -11.86
CA ASN A 103 0.08 3.92 -11.23
C ASN A 103 1.57 3.68 -10.96
N GLY A 104 1.88 2.52 -10.48
CA GLY A 104 3.29 2.19 -10.16
C GLY A 104 3.39 0.66 -9.93
N PRO A 105 4.43 0.18 -9.25
CA PRO A 105 4.54 -1.27 -8.99
C PRO A 105 3.21 -1.84 -8.49
N GLU A 106 3.18 -3.11 -8.18
CA GLU A 106 1.91 -3.73 -7.70
C GLU A 106 1.85 -3.74 -6.17
N GLY A 107 0.81 -4.28 -5.62
CA GLY A 107 0.69 -4.32 -4.13
C GLY A 107 0.64 -5.78 -3.66
N VAL A 108 0.89 -6.00 -2.40
CA VAL A 108 0.88 -7.37 -1.86
C VAL A 108 -0.46 -7.61 -1.14
N ALA A 109 -1.11 -8.66 -1.48
CA ALA A 109 -2.41 -8.99 -0.83
C ALA A 109 -2.17 -9.45 0.61
N ILE A 110 -2.70 -8.74 1.56
CA ILE A 110 -2.51 -9.13 2.98
C ILE A 110 -3.73 -9.91 3.46
N SER A 111 -3.69 -10.48 4.62
CA SER A 111 -4.86 -11.26 5.13
C SER A 111 -5.03 -11.04 6.63
N PHE A 112 -6.24 -11.19 7.13
CA PHE A 112 -6.47 -10.98 8.58
C PHE A 112 -7.31 -12.16 9.12
N ASN A 113 -6.92 -12.70 10.25
CA ASN A 113 -7.70 -13.83 10.82
C ASN A 113 -8.97 -13.31 11.48
C1 CHR B . -3.63 7.79 -4.16
C2 CHR B . -4.06 8.66 -3.10
C3 CHR B . -4.65 9.26 -2.26
C4 CHR B . -5.66 9.81 -1.33
O2 CHR B . -6.16 8.95 -0.26
C5 CHR B . -6.96 9.03 -1.48
C6 CHR B . -6.80 7.95 -2.49
C7 CHR B . -6.43 7.19 -3.32
C8 CHR B . -5.72 6.39 -4.32
C9 CHR B . -4.52 6.80 -4.75
C10 CHR B . -3.88 6.24 -6.00
O1 CHR B . -4.44 6.81 -7.17
C11 CHR B . -2.40 6.68 -5.84
O6 CHR B . -1.63 5.57 -5.42
C12 CHR B . -2.45 7.74 -4.76
C13 CHR B . -4.30 6.14 -8.43
O3 CHR B . -5.07 4.96 -8.42
C14 CHR B . -4.79 7.06 -9.55
N1 CHR B . -4.07 8.37 -9.47
C19 CHR B . -2.93 8.64 -10.39
C15 CHR B . -6.29 7.29 -9.40
O4 CHR B . -6.75 8.11 -10.47
C16 CHR B . -7.02 5.94 -9.45
O5 CHR B . -6.81 5.32 -10.71
C17 CHR B . -6.49 5.03 -8.33
C18 CHR B . -7.08 3.63 -8.49
C20 CHR B . -1.34 4.81 -6.46
O7 CHR B . -0.99 5.29 -7.51
C21 CHR B . -1.47 3.36 -6.25
C22 CHR B . -2.00 2.57 -7.27
O9 CHR B . -2.31 3.15 -8.50
C23 CHR B . -2.21 1.20 -7.07
C24 CHR B . -1.91 0.62 -5.84
C25 CHR B . -1.38 1.41 -4.80
C26 CHR B . -1.15 2.78 -5.01
C27 CHR B . -0.62 3.56 -3.97
C28 CHR B . -0.32 2.96 -2.73
O8 CHR B . 0.21 3.74 -1.70
C31 CHR B . -0.41 5.00 -1.49
C29 CHR B . -0.55 1.60 -2.54
C30 CHR B . -1.08 0.82 -3.57
C32 CHR B . -1.33 -0.66 -3.36
C33 CHR B . -5.72 11.32 -1.14
O10 CHR B . -6.78 11.66 -0.28
C34 CHR B . -7.60 12.43 -1.00
O11 CHR B . -8.61 12.89 -0.53
O12 CHR B . -7.25 12.68 -2.26
C35 CHR B . -6.03 12.00 -2.47
H5 CHR B . -7.91 9.58 -1.45
H8 CHR B . -6.15 5.48 -4.68
H10 CHR B . -3.94 5.17 -6.02
H11 CHR B . -2.02 7.09 -6.76
H12 CHR B . -1.63 8.37 -4.51
H13 CHR B . -3.26 5.90 -8.59
H14 CHR B . -4.58 6.59 -10.50
H191 CHR B . -2.32 7.76 -10.47
H192 CHR B . -2.34 9.45 -9.99
H193 CHR B . -3.30 8.92 -11.36
H15 CHR B . -6.49 7.78 -8.46
HO4 CHR B . -6.37 7.78 -11.28
H16 CHR B . -8.08 6.10 -9.31
HO5 CHR B . -6.13 5.81 -11.18
H17 CHR B . -6.77 5.44 -7.38
H181 CHR B . -7.92 3.53 -7.81
H182 CHR B . -7.43 3.50 -9.51
H183 CHR B . -6.33 2.90 -8.26
HO9 CHR B . -3.19 3.52 -8.47
H23 CHR B . -2.62 0.60 -7.87
H24 CHR B . -2.07 -0.43 -5.68
H27 CHR B . -0.40 4.60 -4.12
H311 CHR B . -0.28 5.30 -0.46
H312 CHR B . -1.47 4.93 -1.71
H313 CHR B . 0.05 5.74 -2.14
H29 CHR B . -0.33 1.14 -1.57
H321 CHR B . -0.69 -1.23 -4.01
H322 CHR B . -1.12 -0.91 -2.33
H323 CHR B . -2.36 -0.88 -3.57
H33 CHR B . -4.78 11.68 -0.74
H351 CHR B . -5.24 12.71 -2.72
H352 CHR B . -6.14 11.27 -3.25
N ALA A 1 17.75 -4.36 -14.12
CA ALA A 1 16.94 -5.18 -13.18
C ALA A 1 15.51 -4.65 -13.14
N ALA A 2 14.58 -5.46 -12.71
CA ALA A 2 13.16 -5.00 -12.66
C ALA A 2 12.79 -4.66 -11.21
N PRO A 3 11.79 -3.82 -11.05
CA PRO A 3 11.32 -3.40 -9.72
C PRO A 3 10.84 -4.61 -8.92
N THR A 4 10.82 -4.47 -7.63
CA THR A 4 10.39 -5.56 -6.73
C THR A 4 9.89 -4.97 -5.43
N ALA A 5 9.15 -5.70 -4.66
CA ALA A 5 8.65 -5.13 -3.38
C ALA A 5 8.50 -6.20 -2.33
N THR A 6 9.12 -5.98 -1.22
CA THR A 6 9.06 -6.97 -0.12
C THR A 6 8.11 -6.52 0.96
N VAL A 7 6.97 -7.10 0.98
CA VAL A 7 5.96 -6.73 2.01
C VAL A 7 5.63 -7.94 2.89
N THR A 8 5.92 -7.86 4.15
CA THR A 8 5.65 -8.98 5.09
C THR A 8 5.66 -8.43 6.52
N PRO A 9 4.87 -9.04 7.38
CA PRO A 9 4.01 -10.18 7.03
C PRO A 9 2.81 -9.69 6.23
N SER A 10 2.28 -10.54 5.41
CA SER A 10 1.09 -10.15 4.60
C SER A 10 -0.17 -10.51 5.36
N SER A 11 -0.08 -11.48 6.24
CA SER A 11 -1.28 -11.90 7.04
C SER A 11 -0.86 -12.11 8.49
N GLY A 12 -1.81 -12.21 9.38
CA GLY A 12 -1.47 -12.42 10.82
C GLY A 12 -1.00 -11.09 11.40
N LEU A 13 -1.61 -10.03 10.98
CA LEU A 13 -1.23 -8.68 11.43
C LEU A 13 -2.02 -8.27 12.63
N SER A 14 -3.25 -8.54 12.53
CA SER A 14 -4.21 -8.20 13.60
C SER A 14 -4.36 -6.69 13.71
N ASP A 15 -5.55 -6.25 14.02
CA ASP A 15 -5.83 -4.80 14.12
C ASP A 15 -4.81 -4.09 15.02
N GLY A 16 -3.93 -3.34 14.43
CA GLY A 16 -2.95 -2.58 15.25
C GLY A 16 -1.50 -3.04 15.05
N THR A 17 -1.19 -3.82 14.03
CA THR A 17 0.23 -4.20 13.91
C THR A 17 0.88 -3.41 12.80
N VAL A 18 2.08 -3.77 12.52
CA VAL A 18 2.87 -3.06 11.46
C VAL A 18 3.46 -4.05 10.45
N VAL A 19 3.41 -3.72 9.19
CA VAL A 19 4.00 -4.62 8.17
C VAL A 19 5.17 -3.90 7.50
N LYS A 20 6.10 -4.63 6.96
CA LYS A 20 7.27 -3.98 6.31
C LYS A 20 7.14 -4.14 4.79
N VAL A 21 6.84 -3.08 4.10
CA VAL A 21 6.71 -3.15 2.61
C VAL A 21 7.94 -2.49 1.98
N ALA A 22 8.67 -3.19 1.15
CA ALA A 22 9.87 -2.56 0.54
C ALA A 22 9.69 -2.51 -0.97
N GLY A 23 10.54 -1.79 -1.63
CA GLY A 23 10.47 -1.68 -3.10
C GLY A 23 11.88 -1.78 -3.64
N ALA A 24 12.14 -2.51 -4.68
CA ALA A 24 13.54 -2.57 -5.18
C ALA A 24 13.53 -2.57 -6.72
N GLY A 25 14.25 -1.69 -7.36
CA GLY A 25 14.22 -1.69 -8.85
C GLY A 25 13.06 -0.83 -9.35
N LEU A 26 12.68 0.18 -8.61
CA LEU A 26 11.57 1.03 -9.07
C LEU A 26 12.15 2.16 -9.90
N GLN A 27 11.32 2.96 -10.51
CA GLN A 27 11.85 4.08 -11.34
C GLN A 27 12.99 4.76 -10.61
N ALA A 28 14.18 4.37 -10.96
CA ALA A 28 15.39 4.94 -10.31
C ALA A 28 15.41 6.46 -10.45
N GLY A 29 14.63 7.14 -9.67
CA GLY A 29 14.61 8.63 -9.74
C GLY A 29 13.16 9.12 -9.75
N THR A 30 12.27 8.45 -9.06
CA THR A 30 10.87 8.90 -9.06
C THR A 30 10.20 8.62 -7.71
N ALA A 31 9.86 9.68 -7.03
CA ALA A 31 9.17 9.57 -5.71
C ALA A 31 8.03 8.55 -5.81
N TYR A 32 8.01 7.60 -4.93
CA TYR A 32 6.94 6.55 -4.94
C TYR A 32 6.20 6.58 -3.61
N ASP A 33 4.93 6.26 -3.58
CA ASP A 33 4.19 6.26 -2.28
C ASP A 33 4.10 4.82 -1.80
N VAL A 34 3.86 4.62 -0.53
CA VAL A 34 3.80 3.23 0.01
C VAL A 34 2.70 3.12 1.09
N GLY A 35 1.66 2.32 0.90
CA GLY A 35 0.62 2.25 1.97
C GLY A 35 -0.35 1.08 1.75
N GLN A 36 -1.35 0.99 2.61
CA GLN A 36 -2.35 -0.08 2.53
C GLN A 36 -3.62 0.47 1.89
N CYS A 37 -3.91 0.06 0.69
CA CYS A 37 -5.13 0.57 0.01
C CYS A 37 -5.93 -0.62 -0.53
N ALA A 38 -7.24 -0.50 -0.61
CA ALA A 38 -8.07 -1.62 -1.11
C ALA A 38 -8.93 -1.17 -2.30
N TRP A 39 -9.04 -2.00 -3.32
CA TRP A 39 -9.91 -1.63 -4.48
C TRP A 39 -11.28 -2.28 -4.26
N VAL A 40 -12.31 -1.49 -4.08
CA VAL A 40 -13.65 -2.07 -3.83
C VAL A 40 -14.54 -1.94 -5.07
N ASP A 41 -13.96 -1.65 -6.20
CA ASP A 41 -14.78 -1.52 -7.43
C ASP A 41 -13.92 -1.07 -8.61
N THR A 42 -14.53 -0.82 -9.74
CA THR A 42 -13.75 -0.37 -10.92
C THR A 42 -13.28 1.06 -10.72
N GLY A 43 -12.07 1.24 -10.30
CA GLY A 43 -11.54 2.62 -10.10
C GLY A 43 -11.90 3.17 -8.71
N VAL A 44 -12.09 2.33 -7.73
CA VAL A 44 -12.42 2.83 -6.37
C VAL A 44 -11.27 2.42 -5.43
N LEU A 45 -10.42 3.33 -5.02
CA LEU A 45 -9.27 2.93 -4.15
C LEU A 45 -9.41 3.60 -2.77
N ALA A 46 -9.81 2.87 -1.76
CA ALA A 46 -9.92 3.48 -0.40
C ALA A 46 -8.65 3.12 0.38
N CYS A 47 -7.79 4.09 0.63
CA CYS A 47 -6.53 3.78 1.37
C CYS A 47 -6.61 4.34 2.79
N ASN A 48 -5.77 3.85 3.66
CA ASN A 48 -5.78 4.35 5.08
C ASN A 48 -4.53 5.19 5.35
N PRO A 49 -4.71 6.31 6.02
CA PRO A 49 -3.59 7.22 6.37
C PRO A 49 -2.72 6.65 7.50
N ALA A 50 -2.68 5.35 7.70
CA ALA A 50 -1.83 4.80 8.79
C ALA A 50 -0.66 4.04 8.18
N ASP A 51 -0.56 4.04 6.88
CA ASP A 51 0.56 3.33 6.21
C ASP A 51 1.00 4.18 5.04
N PHE A 52 0.63 5.43 5.03
CA PHE A 52 1.00 6.31 3.90
C PHE A 52 2.44 6.81 4.04
N SER A 53 3.38 6.11 3.48
CA SER A 53 4.80 6.57 3.55
C SER A 53 5.22 6.99 2.14
N SER A 54 6.48 7.21 1.89
CA SER A 54 6.88 7.64 0.52
C SER A 54 8.39 7.88 0.43
N VAL A 55 8.99 7.40 -0.63
CA VAL A 55 10.44 7.60 -0.85
C VAL A 55 10.68 7.56 -2.36
N THR A 56 11.75 8.12 -2.85
CA THR A 56 11.98 8.09 -4.32
C THR A 56 12.93 6.95 -4.66
N ALA A 57 12.73 6.36 -5.79
CA ALA A 57 13.63 5.25 -6.20
C ALA A 57 15.02 5.82 -6.49
N ASP A 58 15.93 5.53 -5.62
CA ASP A 58 17.33 6.01 -5.77
C ASP A 58 17.97 5.48 -7.07
N ALA A 59 19.21 5.07 -7.00
CA ALA A 59 19.92 4.56 -8.22
C ALA A 59 19.11 3.47 -8.88
N ASN A 60 18.68 2.52 -8.13
CA ASN A 60 17.84 1.42 -8.67
C ASN A 60 16.41 1.72 -8.26
N GLY A 61 16.29 2.24 -7.08
CA GLY A 61 14.96 2.62 -6.53
C GLY A 61 14.55 1.66 -5.42
N SER A 62 15.24 1.70 -4.30
CA SER A 62 14.88 0.81 -3.17
C SER A 62 14.13 1.61 -2.12
N ALA A 63 13.01 1.11 -1.70
CA ALA A 63 12.22 1.85 -0.67
C ALA A 63 11.72 0.86 0.38
N SER A 64 12.26 0.90 1.57
CA SER A 64 11.81 -0.05 2.61
C SER A 64 11.27 0.73 3.80
N THR A 65 10.03 0.55 4.12
CA THR A 65 9.43 1.29 5.27
C THR A 65 8.37 0.42 5.96
N SER A 66 8.30 0.50 7.26
CA SER A 66 7.29 -0.32 8.00
C SER A 66 6.12 0.58 8.39
N LEU A 67 4.91 0.11 8.20
CA LEU A 67 3.72 0.94 8.55
C LEU A 67 2.70 0.08 9.29
N THR A 68 1.68 0.70 9.84
CA THR A 68 0.65 -0.09 10.59
C THR A 68 -0.57 -0.31 9.70
N VAL A 69 -0.99 -1.54 9.51
CA VAL A 69 -2.16 -1.81 8.64
C VAL A 69 -3.10 -2.82 9.32
N ARG A 70 -4.39 -2.68 9.19
CA ARG A 70 -5.28 -3.67 9.87
C ARG A 70 -6.56 -3.91 9.04
N ARG A 71 -7.46 -4.68 9.60
CA ARG A 71 -8.73 -5.00 8.89
C ARG A 71 -9.42 -3.71 8.47
N SER A 72 -10.43 -3.28 9.18
CA SER A 72 -11.12 -2.02 8.79
C SER A 72 -10.09 -0.92 8.76
N PHE A 73 -10.17 -0.06 7.79
CA PHE A 73 -9.16 1.00 7.71
C PHE A 73 -9.68 2.15 6.83
N GLU A 74 -9.47 3.36 7.27
CA GLU A 74 -9.96 4.55 6.51
C GLU A 74 -9.89 4.28 5.00
N GLY A 75 -11.00 4.36 4.34
CA GLY A 75 -11.02 4.08 2.86
C GLY A 75 -10.89 5.40 2.07
N PHE A 76 -9.93 6.22 2.38
CA PHE A 76 -9.75 7.51 1.61
C PHE A 76 -10.05 7.28 0.12
N LEU A 77 -11.06 7.91 -0.43
CA LEU A 77 -11.38 7.73 -1.88
C LEU A 77 -10.57 8.73 -2.72
N PHE A 78 -9.82 8.26 -3.71
CA PHE A 78 -9.02 9.21 -4.55
C PHE A 78 -9.96 10.14 -5.32
N ASP A 79 -10.79 10.88 -4.65
CA ASP A 79 -11.72 11.80 -5.36
C ASP A 79 -12.20 12.89 -4.39
N GLY A 80 -11.50 13.10 -3.31
CA GLY A 80 -11.91 14.15 -2.34
C GLY A 80 -12.91 13.57 -1.33
N THR A 81 -13.66 12.57 -1.73
CA THR A 81 -14.65 11.98 -0.80
C THR A 81 -14.07 10.75 -0.11
N ARG A 82 -14.66 10.37 1.00
CA ARG A 82 -14.17 9.18 1.75
C ARG A 82 -15.15 8.02 1.52
N TRP A 83 -14.67 6.82 1.35
CA TRP A 83 -15.59 5.68 1.10
C TRP A 83 -16.12 5.10 2.43
N GLY A 84 -15.45 5.38 3.51
CA GLY A 84 -15.89 4.87 4.83
C GLY A 84 -14.84 3.88 5.35
N THR A 85 -15.00 3.39 6.54
CA THR A 85 -14.02 2.41 7.08
C THR A 85 -14.11 1.16 6.22
N VAL A 86 -13.15 0.94 5.37
CA VAL A 86 -13.16 -0.25 4.49
C VAL A 86 -12.77 -1.48 5.31
N ASP A 87 -13.72 -2.32 5.62
CA ASP A 87 -13.42 -3.53 6.43
C ASP A 87 -12.53 -4.48 5.61
N CYS A 88 -11.28 -4.66 5.99
CA CYS A 88 -10.42 -5.60 5.20
C CYS A 88 -11.00 -7.03 5.27
N THR A 89 -12.02 -7.24 6.06
CA THR A 89 -12.60 -8.62 6.15
C THR A 89 -13.65 -8.78 5.04
N THR A 90 -13.85 -7.77 4.25
CA THR A 90 -14.85 -7.86 3.15
C THR A 90 -14.12 -7.79 1.81
N ALA A 91 -13.27 -6.81 1.64
CA ALA A 91 -12.52 -6.68 0.37
C ALA A 91 -11.07 -7.12 0.58
N ALA A 92 -10.28 -7.05 -0.44
CA ALA A 92 -8.85 -7.46 -0.31
C ALA A 92 -7.96 -6.21 -0.25
N CYS A 93 -7.28 -5.96 0.85
CA CYS A 93 -6.43 -4.74 0.93
C CYS A 93 -4.99 -5.11 0.61
N GLN A 94 -4.42 -4.49 -0.39
CA GLN A 94 -3.03 -4.81 -0.77
C GLN A 94 -2.07 -3.78 -0.24
N VAL A 95 -0.90 -4.22 0.08
CA VAL A 95 0.15 -3.30 0.57
C VAL A 95 1.15 -3.13 -0.56
N GLY A 96 1.22 -1.96 -1.13
CA GLY A 96 2.17 -1.80 -2.27
C GLY A 96 2.63 -0.36 -2.41
N LEU A 97 3.31 -0.08 -3.50
CA LEU A 97 3.82 1.30 -3.74
C LEU A 97 3.15 1.86 -4.98
N SER A 98 3.46 3.08 -5.31
CA SER A 98 2.85 3.72 -6.51
C SER A 98 3.35 5.16 -6.63
N ASP A 99 3.16 5.79 -7.75
CA ASP A 99 3.62 7.20 -7.90
C ASP A 99 2.40 8.12 -8.02
N ALA A 100 2.57 9.30 -8.56
CA ALA A 100 1.40 10.22 -8.70
C ALA A 100 1.15 10.49 -10.18
N ALA A 101 1.35 9.50 -11.01
CA ALA A 101 1.13 9.68 -12.47
C ALA A 101 -0.08 8.86 -12.92
N GLY A 102 -0.31 7.72 -12.32
CA GLY A 102 -1.47 6.90 -12.72
C GLY A 102 -1.30 5.52 -12.10
N ASN A 103 -0.08 5.04 -12.03
CA ASN A 103 0.14 3.72 -11.44
C ASN A 103 1.63 3.54 -11.11
N GLY A 104 1.97 2.40 -10.62
CA GLY A 104 3.38 2.10 -10.25
C GLY A 104 3.49 0.59 -9.96
N PRO A 105 4.52 0.15 -9.26
CA PRO A 105 4.65 -1.28 -8.94
C PRO A 105 3.32 -1.84 -8.43
N GLU A 106 3.26 -3.12 -8.15
CA GLU A 106 1.98 -3.71 -7.67
C GLU A 106 1.95 -3.76 -6.14
N GLY A 107 0.88 -4.27 -5.58
CA GLY A 107 0.78 -4.36 -4.10
C GLY A 107 0.68 -5.82 -3.67
N VAL A 108 0.85 -6.08 -2.41
CA VAL A 108 0.79 -7.46 -1.91
C VAL A 108 -0.54 -7.66 -1.17
N ALA A 109 -1.21 -8.71 -1.49
CA ALA A 109 -2.51 -9.01 -0.82
C ALA A 109 -2.26 -9.49 0.61
N ILE A 110 -2.79 -8.81 1.58
CA ILE A 110 -2.57 -9.24 2.98
C ILE A 110 -3.79 -10.04 3.46
N SER A 111 -3.71 -10.65 4.61
CA SER A 111 -4.86 -11.45 5.11
C SER A 111 -5.05 -11.22 6.61
N PHE A 112 -6.23 -11.44 7.11
CA PHE A 112 -6.48 -11.22 8.56
C PHE A 112 -7.21 -12.45 9.13
N ASN A 113 -6.51 -13.53 9.30
CA ASN A 113 -7.16 -14.76 9.86
C ASN A 113 -7.39 -14.57 11.36
C1 CHR B . -3.55 7.74 -4.07
C2 CHR B . -3.97 8.61 -3.01
C3 CHR B . -4.56 9.22 -2.18
C4 CHR B . -5.58 9.78 -1.27
O2 CHR B . -6.11 8.95 -0.21
C5 CHR B . -6.89 9.03 -1.43
C6 CHR B . -6.74 7.95 -2.45
C7 CHR B . -6.37 7.17 -3.27
C8 CHR B . -5.67 6.40 -4.27
C9 CHR B . -4.44 6.77 -4.69
C10 CHR B . -3.79 6.20 -5.92
O1 CHR B . -4.34 6.78 -7.11
C11 CHR B . -2.32 6.62 -5.75
O6 CHR B . -1.56 5.50 -5.33
C12 CHR B . -2.35 7.67 -4.66
C13 CHR B . -4.20 6.11 -8.35
O3 CHR B . -5.01 4.96 -8.37
C14 CHR B . -4.61 7.04 -9.49
N1 CHR B . -3.85 8.32 -9.38
C19 CHR B . -2.61 8.52 -10.19
C15 CHR B . -6.11 7.34 -9.39
O4 CHR B . -6.51 8.18 -10.46
C16 CHR B . -6.89 6.02 -9.46
O5 CHR B . -6.64 5.39 -10.72
C17 CHR B . -6.43 5.09 -8.33
C18 CHR B . -7.07 3.72 -8.50
C20 CHR B . -1.34 4.71 -6.37
O7 CHR B . -1.01 5.16 -7.45
C21 CHR B . -1.52 3.27 -6.14
C22 CHR B . -2.08 2.49 -7.15
O9 CHR B . -2.38 3.05 -8.38
C23 CHR B . -2.34 1.12 -6.92
C24 CHR B . -2.02 0.55 -5.69
C25 CHR B . -1.46 1.34 -4.67
C26 CHR B . -1.20 2.69 -4.90
C27 CHR B . -0.63 3.46 -3.87
C28 CHR B . -0.32 2.88 -2.63
O8 CHR B . 0.23 3.65 -1.62
C31 CHR B . -0.25 4.98 -1.50
C29 CHR B . -0.59 1.53 -2.42
C30 CHR B . -1.16 0.75 -3.44
C32 CHR B . -1.44 -0.71 -3.20
C33 CHR B . -5.61 11.29 -1.08
O10 CHR B . -6.50 11.64 -0.04
C34 CHR B . -7.43 12.40 -0.61
O11 CHR B . -8.35 12.86 0.03
O12 CHR B . -7.32 12.64 -1.91
C35 CHR B . -6.15 11.97 -2.33
H5 CHR B . -7.82 9.59 -1.43
H8 CHR B . -6.11 5.49 -4.65
H10 CHR B . -3.89 5.13 -5.95
H11 CHR B . -1.91 7.03 -6.66
H12 CHR B . -1.53 8.28 -4.39
H13 CHR B . -3.17 5.82 -8.49
H14 CHR B . -4.40 6.58 -10.43
H191 CHR B . -2.88 8.95 -11.16
H192 CHR B . -2.12 7.57 -10.34
H193 CHR B . -1.95 9.20 -9.68
H15 CHR B . -6.32 7.81 -8.45
HO4 CHR B . -5.77 8.76 -10.66
H16 CHR B . -7.95 6.21 -9.36
HO5 CHR B . -7.38 5.56 -11.28
H17 CHR B . -6.73 5.51 -7.38
H181 CHR B . -6.38 2.95 -8.20
H182 CHR B . -7.35 3.57 -9.54
H183 CHR B . -7.96 3.66 -7.89
HO9 CHR B . -3.32 3.25 -8.42
H23 CHR B . -2.76 0.52 -7.71
H24 CHR B . -2.22 -0.50 -5.51
H27 CHR B . -0.38 4.50 -4.05
H311 CHR B . 0.17 5.59 -2.29
H312 CHR B . -1.33 4.98 -1.59
H313 CHR B . 0.03 5.38 -0.54
H29 CHR B . -0.37 1.08 -1.45
H321 CHR B . -2.48 -0.92 -3.45
H322 CHR B . -1.26 -0.95 -2.17
H323 CHR B . -0.81 -1.32 -3.83
H33 CHR B . -4.62 11.66 -0.86
H351 CHR B . -6.39 11.22 -3.07
H352 CHR B . -5.43 12.67 -2.72
N ALA A 1 18.70 -5.78 -11.79
CA ALA A 1 17.42 -6.45 -11.43
C ALA A 1 16.24 -5.55 -11.80
N ALA A 2 15.06 -6.10 -11.85
CA ALA A 2 13.88 -5.27 -12.21
C ALA A 2 13.15 -4.84 -10.93
N PRO A 3 12.17 -3.99 -11.09
CA PRO A 3 11.38 -3.48 -9.95
C PRO A 3 10.68 -4.63 -9.23
N THR A 4 10.33 -4.41 -8.00
CA THR A 4 9.63 -5.45 -7.21
C THR A 4 9.34 -4.88 -5.82
N ALA A 5 8.92 -5.69 -4.90
CA ALA A 5 8.62 -5.16 -3.53
C ALA A 5 8.48 -6.29 -2.54
N THR A 6 9.16 -6.14 -1.45
CA THR A 6 9.08 -7.19 -0.41
C THR A 6 8.33 -6.64 0.79
N VAL A 7 7.17 -7.13 0.95
CA VAL A 7 6.29 -6.70 2.08
C VAL A 7 5.98 -7.89 2.98
N THR A 8 6.01 -7.70 4.28
CA THR A 8 5.73 -8.80 5.22
C THR A 8 5.73 -8.25 6.66
N PRO A 9 4.95 -8.87 7.50
CA PRO A 9 4.10 -10.02 7.15
C PRO A 9 2.85 -9.51 6.42
N SER A 10 2.32 -10.32 5.56
CA SER A 10 1.11 -9.91 4.80
C SER A 10 -0.13 -10.36 5.57
N SER A 11 -0.01 -11.36 6.39
CA SER A 11 -1.19 -11.85 7.17
C SER A 11 -0.80 -12.05 8.63
N GLY A 12 -1.77 -12.10 9.51
CA GLY A 12 -1.47 -12.29 10.96
C GLY A 12 -1.02 -10.96 11.55
N LEU A 13 -1.61 -9.89 11.11
CA LEU A 13 -1.25 -8.55 11.58
C LEU A 13 -2.14 -8.13 12.72
N SER A 14 -3.36 -8.39 12.52
CA SER A 14 -4.39 -8.05 13.53
C SER A 14 -4.45 -6.52 13.71
N ASP A 15 -5.63 -6.02 13.94
CA ASP A 15 -5.81 -4.56 14.11
C ASP A 15 -4.83 -4.01 15.14
N GLY A 16 -3.81 -3.34 14.68
CA GLY A 16 -2.85 -2.73 15.64
C GLY A 16 -1.39 -3.12 15.37
N THR A 17 -1.06 -3.87 14.34
CA THR A 17 0.37 -4.18 14.16
C THR A 17 0.95 -3.34 13.03
N VAL A 18 2.14 -3.66 12.70
CA VAL A 18 2.85 -2.91 11.61
C VAL A 18 3.47 -3.89 10.62
N VAL A 19 3.44 -3.55 9.35
CA VAL A 19 4.05 -4.46 8.33
C VAL A 19 5.22 -3.74 7.67
N LYS A 20 6.16 -4.48 7.16
CA LYS A 20 7.33 -3.84 6.49
C LYS A 20 7.20 -4.01 4.97
N VAL A 21 6.92 -2.96 4.28
CA VAL A 21 6.79 -3.06 2.79
C VAL A 21 8.05 -2.49 2.16
N ALA A 22 8.53 -3.09 1.10
CA ALA A 22 9.76 -2.53 0.48
C ALA A 22 9.64 -2.57 -1.04
N GLY A 23 10.43 -1.79 -1.70
CA GLY A 23 10.39 -1.74 -3.17
C GLY A 23 11.82 -1.88 -3.68
N ALA A 24 12.03 -2.53 -4.78
CA ALA A 24 13.42 -2.66 -5.29
C ALA A 24 13.38 -2.67 -6.82
N GLY A 25 14.11 -1.80 -7.48
CA GLY A 25 14.09 -1.79 -8.97
C GLY A 25 12.95 -0.89 -9.46
N LEU A 26 12.57 0.09 -8.69
CA LEU A 26 11.47 0.98 -9.15
C LEU A 26 12.07 2.11 -9.99
N GLN A 27 11.25 2.94 -10.57
CA GLN A 27 11.80 4.04 -11.39
C GLN A 27 12.90 4.75 -10.63
N ALA A 28 14.12 4.41 -10.96
CA ALA A 28 15.31 5.01 -10.29
C ALA A 28 15.25 6.54 -10.40
N GLY A 29 14.46 7.17 -9.60
CA GLY A 29 14.37 8.65 -9.64
C GLY A 29 12.90 9.07 -9.63
N THR A 30 12.06 8.34 -8.95
CA THR A 30 10.63 8.71 -8.93
C THR A 30 10.02 8.49 -7.55
N ALA A 31 9.74 9.56 -6.87
CA ALA A 31 9.10 9.50 -5.51
C ALA A 31 7.85 8.61 -5.58
N TYR A 32 7.89 7.46 -4.96
CA TYR A 32 6.70 6.56 -4.99
C TYR A 32 6.04 6.58 -3.61
N ASP A 33 4.76 6.26 -3.54
CA ASP A 33 4.08 6.25 -2.21
C ASP A 33 4.03 4.80 -1.72
N VAL A 34 3.76 4.58 -0.47
CA VAL A 34 3.74 3.18 0.05
C VAL A 34 2.65 3.06 1.14
N GLY A 35 1.60 2.26 0.93
CA GLY A 35 0.56 2.18 2.00
C GLY A 35 -0.39 1.00 1.77
N GLN A 36 -1.40 0.91 2.60
CA GLN A 36 -2.39 -0.18 2.49
C GLN A 36 -3.66 0.36 1.84
N CYS A 37 -3.92 -0.03 0.63
CA CYS A 37 -5.14 0.46 -0.07
C CYS A 37 -5.91 -0.71 -0.68
N ALA A 38 -7.21 -0.60 -0.78
CA ALA A 38 -8.02 -1.71 -1.36
C ALA A 38 -8.87 -1.21 -2.54
N TRP A 39 -8.97 -1.99 -3.59
CA TRP A 39 -9.83 -1.57 -4.74
C TRP A 39 -11.20 -2.23 -4.57
N VAL A 40 -12.23 -1.46 -4.36
CA VAL A 40 -13.57 -2.05 -4.15
C VAL A 40 -14.44 -1.87 -5.40
N ASP A 41 -13.86 -1.53 -6.51
CA ASP A 41 -14.67 -1.36 -7.75
C ASP A 41 -13.79 -0.83 -8.89
N THR A 42 -14.39 -0.55 -10.01
CA THR A 42 -13.61 -0.05 -11.17
C THR A 42 -13.15 1.38 -10.91
N GLY A 43 -11.92 1.52 -10.47
CA GLY A 43 -11.39 2.89 -10.20
C GLY A 43 -11.78 3.39 -8.80
N VAL A 44 -11.99 2.50 -7.85
CA VAL A 44 -12.34 2.95 -6.49
C VAL A 44 -11.20 2.51 -5.56
N LEU A 45 -10.36 3.41 -5.09
CA LEU A 45 -9.22 2.97 -4.23
C LEU A 45 -9.37 3.60 -2.84
N ALA A 46 -9.78 2.83 -1.85
CA ALA A 46 -9.90 3.39 -0.47
C ALA A 46 -8.63 3.02 0.31
N CYS A 47 -7.79 3.99 0.58
CA CYS A 47 -6.53 3.65 1.32
C CYS A 47 -6.61 4.14 2.77
N ASN A 48 -5.68 3.72 3.59
CA ASN A 48 -5.70 4.14 5.02
C ASN A 48 -4.48 5.02 5.34
N PRO A 49 -4.69 6.14 5.99
CA PRO A 49 -3.61 7.08 6.35
C PRO A 49 -2.75 6.55 7.52
N ALA A 50 -2.68 5.26 7.72
CA ALA A 50 -1.84 4.74 8.84
C ALA A 50 -0.62 4.00 8.27
N ASP A 51 -0.53 3.93 6.97
CA ASP A 51 0.61 3.25 6.34
C ASP A 51 1.04 4.09 5.15
N PHE A 52 0.68 5.33 5.16
CA PHE A 52 1.02 6.22 4.01
C PHE A 52 2.46 6.72 4.12
N SER A 53 3.39 6.00 3.55
CA SER A 53 4.81 6.46 3.60
C SER A 53 5.20 6.90 2.18
N SER A 54 6.46 7.09 1.91
CA SER A 54 6.83 7.53 0.53
C SER A 54 8.35 7.74 0.42
N VAL A 55 8.92 7.27 -0.66
CA VAL A 55 10.38 7.44 -0.89
C VAL A 55 10.61 7.42 -2.41
N THR A 56 11.69 7.96 -2.88
CA THR A 56 11.93 7.94 -4.35
C THR A 56 12.87 6.81 -4.71
N ALA A 57 12.63 6.18 -5.81
CA ALA A 57 13.53 5.09 -6.25
C ALA A 57 14.92 5.66 -6.51
N ASP A 58 15.82 5.38 -5.64
CA ASP A 58 17.22 5.87 -5.75
C ASP A 58 17.86 5.39 -7.07
N ALA A 59 19.10 4.98 -7.01
CA ALA A 59 19.81 4.51 -8.25
C ALA A 59 19.01 3.42 -8.95
N ASN A 60 18.60 2.46 -8.22
CA ASN A 60 17.78 1.36 -8.80
C ASN A 60 16.35 1.65 -8.39
N GLY A 61 16.21 2.12 -7.18
CA GLY A 61 14.88 2.48 -6.65
C GLY A 61 14.47 1.52 -5.54
N SER A 62 15.18 1.51 -4.45
CA SER A 62 14.82 0.62 -3.32
C SER A 62 14.14 1.44 -2.24
N ALA A 63 13.01 1.00 -1.81
CA ALA A 63 12.28 1.78 -0.77
C ALA A 63 11.69 0.82 0.28
N SER A 64 12.23 0.80 1.46
CA SER A 64 11.70 -0.11 2.51
C SER A 64 11.30 0.71 3.74
N THR A 65 10.06 0.63 4.12
CA THR A 65 9.59 1.39 5.31
C THR A 65 8.50 0.57 6.02
N SER A 66 8.41 0.70 7.31
CA SER A 66 7.38 -0.06 8.07
C SER A 66 6.18 0.84 8.36
N LEU A 67 5.00 0.30 8.31
CA LEU A 67 3.79 1.13 8.56
C LEU A 67 2.73 0.28 9.26
N THR A 68 1.80 0.89 9.96
CA THR A 68 0.75 0.11 10.66
C THR A 68 -0.42 -0.17 9.72
N VAL A 69 -0.97 -1.35 9.78
CA VAL A 69 -2.11 -1.67 8.86
C VAL A 69 -3.09 -2.61 9.56
N ARG A 70 -4.38 -2.39 9.42
CA ARG A 70 -5.35 -3.30 10.09
C ARG A 70 -6.38 -3.82 9.11
N ARG A 71 -7.46 -4.32 9.64
CA ARG A 71 -8.54 -4.85 8.78
C ARG A 71 -9.47 -3.69 8.41
N SER A 72 -10.37 -3.29 9.27
CA SER A 72 -11.23 -2.13 8.90
C SER A 72 -10.34 -0.92 8.90
N PHE A 73 -10.41 -0.11 7.90
CA PHE A 73 -9.50 1.05 7.90
C PHE A 73 -10.08 2.19 7.08
N GLU A 74 -9.68 3.39 7.36
CA GLU A 74 -10.23 4.56 6.63
C GLU A 74 -10.18 4.28 5.13
N GLY A 75 -11.32 4.31 4.48
CA GLY A 75 -11.36 4.04 3.02
C GLY A 75 -11.15 5.33 2.22
N PHE A 76 -10.13 6.09 2.53
CA PHE A 76 -9.87 7.37 1.78
C PHE A 76 -10.13 7.16 0.26
N LEU A 77 -11.16 7.79 -0.29
CA LEU A 77 -11.45 7.62 -1.74
C LEU A 77 -10.61 8.63 -2.55
N PHE A 78 -9.84 8.21 -3.53
CA PHE A 78 -9.04 9.18 -4.33
C PHE A 78 -9.95 10.12 -5.11
N ASP A 79 -10.80 10.84 -4.43
CA ASP A 79 -11.72 11.78 -5.13
C ASP A 79 -12.21 12.85 -4.16
N GLY A 80 -11.53 13.04 -3.05
CA GLY A 80 -11.97 14.07 -2.07
C GLY A 80 -13.01 13.48 -1.12
N THR A 81 -13.75 12.47 -1.54
CA THR A 81 -14.78 11.89 -0.66
C THR A 81 -14.23 10.67 0.09
N ARG A 82 -14.86 10.32 1.16
CA ARG A 82 -14.42 9.15 1.96
C ARG A 82 -15.38 7.98 1.69
N TRP A 83 -14.86 6.81 1.41
CA TRP A 83 -15.75 5.66 1.10
C TRP A 83 -16.30 5.06 2.40
N GLY A 84 -15.65 5.32 3.50
CA GLY A 84 -16.11 4.76 4.80
C GLY A 84 -15.07 3.77 5.31
N THR A 85 -15.24 3.26 6.49
CA THR A 85 -14.25 2.28 7.01
C THR A 85 -14.27 1.07 6.08
N VAL A 86 -13.22 0.84 5.37
CA VAL A 86 -13.16 -0.29 4.43
C VAL A 86 -12.76 -1.55 5.21
N ASP A 87 -13.71 -2.40 5.50
CA ASP A 87 -13.41 -3.65 6.26
C ASP A 87 -12.46 -4.55 5.48
N CYS A 88 -11.23 -4.68 5.89
CA CYS A 88 -10.31 -5.58 5.12
C CYS A 88 -10.82 -7.03 5.14
N THR A 89 -11.89 -7.30 5.84
CA THR A 89 -12.42 -8.69 5.88
C THR A 89 -13.46 -8.87 4.77
N THR A 90 -13.65 -7.86 3.96
CA THR A 90 -14.65 -7.96 2.86
C THR A 90 -13.93 -7.86 1.53
N ALA A 91 -13.11 -6.86 1.38
CA ALA A 91 -12.36 -6.70 0.09
C ALA A 91 -10.92 -7.14 0.28
N ALA A 92 -10.12 -7.09 -0.75
CA ALA A 92 -8.71 -7.51 -0.63
C ALA A 92 -7.82 -6.25 -0.51
N CYS A 93 -7.20 -6.05 0.63
CA CYS A 93 -6.35 -4.83 0.80
C CYS A 93 -4.89 -5.19 0.52
N GLN A 94 -4.30 -4.55 -0.45
CA GLN A 94 -2.89 -4.85 -0.78
C GLN A 94 -1.95 -3.80 -0.24
N VAL A 95 -0.79 -4.23 0.11
CA VAL A 95 0.25 -3.30 0.61
C VAL A 95 1.23 -3.10 -0.52
N GLY A 96 1.27 -1.96 -1.12
CA GLY A 96 2.19 -1.78 -2.27
C GLY A 96 2.66 -0.34 -2.41
N LEU A 97 3.32 -0.03 -3.50
CA LEU A 97 3.83 1.34 -3.71
C LEU A 97 3.16 1.93 -4.94
N SER A 98 3.48 3.15 -5.24
CA SER A 98 2.87 3.81 -6.43
C SER A 98 3.72 5.01 -6.85
N ASP A 99 3.35 5.69 -7.90
CA ASP A 99 4.14 6.86 -8.35
C ASP A 99 3.22 8.11 -8.36
N ALA A 100 3.55 9.13 -9.12
CA ALA A 100 2.68 10.33 -9.15
C ALA A 100 2.19 10.56 -10.58
N ALA A 101 1.93 9.52 -11.30
CA ALA A 101 1.46 9.67 -12.70
C ALA A 101 0.10 8.98 -12.90
N GLY A 102 -0.16 7.90 -12.20
CA GLY A 102 -1.46 7.21 -12.36
C GLY A 102 -1.34 5.86 -11.68
N ASN A 103 -0.20 5.25 -11.78
CA ASN A 103 0.00 3.95 -11.13
C ASN A 103 1.49 3.69 -10.90
N GLY A 104 1.79 2.55 -10.37
CA GLY A 104 3.22 2.19 -10.09
C GLY A 104 3.29 0.68 -9.85
N PRO A 105 4.34 0.17 -9.21
CA PRO A 105 4.45 -1.27 -8.95
C PRO A 105 3.12 -1.80 -8.39
N GLU A 106 3.04 -3.08 -8.13
CA GLU A 106 1.77 -3.66 -7.61
C GLU A 106 1.81 -3.70 -6.07
N GLY A 107 0.81 -4.28 -5.47
CA GLY A 107 0.76 -4.36 -3.98
C GLY A 107 0.69 -5.83 -3.54
N VAL A 108 0.97 -6.08 -2.30
CA VAL A 108 0.94 -7.46 -1.79
C VAL A 108 -0.39 -7.69 -1.05
N ALA A 109 -1.05 -8.75 -1.39
CA ALA A 109 -2.35 -9.05 -0.73
C ALA A 109 -2.10 -9.51 0.71
N ILE A 110 -2.67 -8.82 1.66
CA ILE A 110 -2.48 -9.23 3.07
C ILE A 110 -3.68 -10.06 3.53
N SER A 111 -3.60 -10.68 4.67
CA SER A 111 -4.75 -11.50 5.16
C SER A 111 -4.98 -11.22 6.64
N PHE A 112 -6.16 -11.54 7.13
CA PHE A 112 -6.45 -11.29 8.57
C PHE A 112 -7.12 -12.52 9.18
N ASN A 113 -6.37 -13.56 9.44
CA ASN A 113 -6.98 -14.78 10.03
C ASN A 113 -7.42 -14.50 11.47
C1 CHR B . -3.61 7.81 -3.83
C2 CHR B . -4.05 8.67 -2.77
C3 CHR B . -4.67 9.26 -1.94
C4 CHR B . -5.69 9.80 -1.02
O2 CHR B . -6.20 8.95 0.04
C5 CHR B . -6.99 9.01 -1.19
C6 CHR B . -6.80 7.94 -2.20
C7 CHR B . -6.42 7.17 -3.03
C8 CHR B . -5.71 6.41 -4.04
C9 CHR B . -4.49 6.82 -4.46
C10 CHR B . -3.83 6.26 -5.68
O1 CHR B . -4.39 6.80 -6.87
C11 CHR B . -2.36 6.71 -5.51
O6 CHR B . -1.58 5.61 -5.13
C12 CHR B . -2.42 7.74 -4.40
C13 CHR B . -4.17 6.16 -8.12
O3 CHR B . -5.04 5.04 -8.24
C14 CHR B . -4.43 7.13 -9.26
N1 CHR B . -3.59 8.35 -9.08
C19 CHR B . -2.22 8.40 -9.64
C15 CHR B . -5.91 7.51 -9.26
O4 CHR B . -6.16 8.41 -10.34
C16 CHR B . -6.76 6.25 -9.44
O5 CHR B . -6.46 5.65 -10.69
C17 CHR B . -6.45 5.26 -8.31
C18 CHR B . -7.15 3.93 -8.59
C20 CHR B . -1.28 4.90 -6.20
O7 CHR B . -0.92 5.42 -7.23
C21 CHR B . -1.41 3.44 -6.07
C22 CHR B . -1.88 2.70 -7.16
O9 CHR B . -2.13 3.33 -8.37
C23 CHR B . -2.10 1.32 -7.03
C24 CHR B . -1.84 0.68 -5.81
C25 CHR B . -1.37 1.42 -4.72
C26 CHR B . -1.13 2.80 -4.85
C27 CHR B . -0.66 3.54 -3.74
C28 CHR B . -0.40 2.88 -2.53
O8 CHR B . 0.07 3.61 -1.45
C31 CHR B . -0.36 4.96 -1.35
C29 CHR B . -0.63 1.51 -2.41
C30 CHR B . -1.11 0.79 -3.50
C32 CHR B . -1.37 -0.71 -3.37
C33 CHR B . -5.76 11.31 -0.84
O10 CHR B . -6.85 11.66 -0.01
C34 CHR B . -7.65 12.41 -0.74
O11 CHR B . -8.69 12.85 -0.29
O12 CHR B . -7.29 12.67 -1.99
C35 CHR B . -6.05 11.99 -2.18
H5 CHR B . -7.94 9.54 -1.17
H8 CHR B . -6.15 5.53 -4.45
H10 CHR B . -3.89 5.18 -5.70
H11 CHR B . -1.99 7.16 -6.43
H12 CHR B . -1.59 8.36 -4.12
H13 CHR B . -3.14 5.81 -8.17
H14 CHR B . -4.18 6.66 -10.19
H191 CHR B . -2.17 9.16 -10.42
H192 CHR B . -1.97 7.44 -10.07
H193 CHR B . -1.51 8.65 -8.86
H15 CHR B . -6.16 7.99 -8.32
HO4 CHR B . -5.68 9.22 -10.16
H16 CHR B . -7.81 6.52 -9.40
HO5 CHR B . -6.40 6.35 -11.34
H17 CHR B . -6.80 5.66 -7.37
H181 CHR B . -6.43 3.13 -8.58
H182 CHR B . -7.90 3.75 -7.84
H183 CHR B . -7.62 3.97 -9.56
HO9 CHR B . -3.07 3.53 -8.43
H23 CHR B . -2.46 0.75 -7.88
H24 CHR B . -2.01 -0.38 -5.71
H27 CHR B . -0.45 4.58 -3.85
H311 CHR B . 0.04 5.52 -2.18
H312 CHR B . -0.01 5.39 -0.42
H313 CHR B . -1.44 4.99 -1.37
H29 CHR B . -0.44 1.01 -1.47
H321 CHR B . -2.42 -0.91 -3.55
H322 CHR B . -0.78 -1.25 -4.08
H323 CHR B . -1.11 -1.03 -2.37
H33 CHR B . -4.84 11.68 -0.43
H351 CHR B . -6.14 11.25 -2.96
H352 CHR B . -5.28 12.69 -2.42
N ALA A 1 19.12 -4.40 -10.97
CA ALA A 1 18.10 -5.47 -11.02
C ALA A 1 16.73 -4.86 -11.32
N ALA A 2 15.80 -5.64 -11.77
CA ALA A 2 14.44 -5.10 -12.08
C ALA A 2 13.74 -4.71 -10.78
N PRO A 3 12.59 -4.10 -10.91
CA PRO A 3 11.80 -3.65 -9.75
C PRO A 3 11.41 -4.84 -8.88
N THR A 4 11.12 -4.58 -7.65
CA THR A 4 10.74 -5.65 -6.70
C THR A 4 10.18 -5.01 -5.43
N ALA A 5 9.46 -5.74 -4.66
CA ALA A 5 8.90 -5.15 -3.41
C ALA A 5 8.73 -6.21 -2.36
N THR A 6 9.28 -5.92 -1.21
CA THR A 6 9.17 -6.90 -0.10
C THR A 6 8.19 -6.43 0.94
N VAL A 7 7.05 -7.01 0.94
CA VAL A 7 6.01 -6.64 1.93
C VAL A 7 5.66 -7.84 2.80
N THR A 8 5.94 -7.74 4.07
CA THR A 8 5.64 -8.86 5.01
C THR A 8 5.66 -8.31 6.44
N PRO A 9 4.89 -8.92 7.30
CA PRO A 9 4.03 -10.06 6.97
C PRO A 9 2.77 -9.55 6.25
N SER A 10 2.24 -10.35 5.39
CA SER A 10 1.00 -9.95 4.67
C SER A 10 -0.23 -10.38 5.48
N SER A 11 -0.07 -11.39 6.29
CA SER A 11 -1.23 -11.87 7.11
C SER A 11 -0.77 -12.05 8.56
N GLY A 12 -1.69 -12.18 9.48
CA GLY A 12 -1.31 -12.35 10.90
C GLY A 12 -0.84 -11.00 11.44
N LEU A 13 -1.50 -9.96 11.03
CA LEU A 13 -1.13 -8.60 11.45
C LEU A 13 -1.89 -8.19 12.67
N SER A 14 -3.12 -8.50 12.62
CA SER A 14 -4.04 -8.18 13.72
C SER A 14 -4.26 -6.66 13.78
N ASP A 15 -5.45 -6.27 14.11
CA ASP A 15 -5.81 -4.83 14.16
C ASP A 15 -4.80 -4.04 15.00
N GLY A 16 -3.95 -3.29 14.35
CA GLY A 16 -2.98 -2.45 15.11
C GLY A 16 -1.52 -2.89 14.92
N THR A 17 -1.18 -3.70 13.94
CA THR A 17 0.25 -4.05 13.82
C THR A 17 0.88 -3.27 12.69
N VAL A 18 2.07 -3.62 12.38
CA VAL A 18 2.82 -2.93 11.30
C VAL A 18 3.45 -3.91 10.32
N VAL A 19 3.41 -3.61 9.05
CA VAL A 19 4.03 -4.51 8.05
C VAL A 19 5.18 -3.79 7.38
N LYS A 20 6.13 -4.51 6.85
CA LYS A 20 7.29 -3.84 6.20
C LYS A 20 7.19 -4.02 4.68
N VAL A 21 6.89 -2.97 3.96
CA VAL A 21 6.78 -3.06 2.48
C VAL A 21 8.00 -2.39 1.86
N ALA A 22 8.75 -3.09 1.05
CA ALA A 22 9.94 -2.47 0.42
C ALA A 22 9.73 -2.41 -1.08
N GLY A 23 10.53 -1.64 -1.76
CA GLY A 23 10.39 -1.55 -3.24
C GLY A 23 11.79 -1.38 -3.86
N ALA A 24 12.32 -2.37 -4.51
CA ALA A 24 13.68 -2.21 -5.09
C ALA A 24 13.62 -2.32 -6.61
N GLY A 25 14.40 -1.55 -7.33
CA GLY A 25 14.35 -1.64 -8.80
C GLY A 25 13.19 -0.81 -9.35
N LEU A 26 12.82 0.23 -8.66
CA LEU A 26 11.70 1.06 -9.15
C LEU A 26 12.27 2.21 -9.96
N GLN A 27 11.44 2.99 -10.60
CA GLN A 27 11.97 4.13 -11.40
C GLN A 27 13.03 4.86 -10.60
N ALA A 28 14.25 4.59 -10.90
CA ALA A 28 15.39 5.23 -10.19
C ALA A 28 15.30 6.75 -10.33
N GLY A 29 14.41 7.36 -9.59
CA GLY A 29 14.28 8.83 -9.65
C GLY A 29 12.79 9.20 -9.66
N THR A 30 11.97 8.44 -8.99
CA THR A 30 10.52 8.76 -8.98
C THR A 30 9.90 8.49 -7.61
N ALA A 31 9.56 9.54 -6.92
CA ALA A 31 8.92 9.44 -5.58
C ALA A 31 7.77 8.42 -5.63
N TYR A 32 7.93 7.29 -5.00
CA TYR A 32 6.86 6.26 -5.01
C TYR A 32 6.06 6.36 -3.69
N ASP A 33 4.81 5.97 -3.69
CA ASP A 33 4.02 6.03 -2.42
C ASP A 33 3.95 4.60 -1.86
N VAL A 34 3.71 4.45 -0.60
CA VAL A 34 3.69 3.08 -0.02
C VAL A 34 2.59 2.98 1.06
N GLY A 35 1.54 2.19 0.86
CA GLY A 35 0.49 2.13 1.92
C GLY A 35 -0.47 0.94 1.70
N GLN A 36 -1.48 0.87 2.55
CA GLN A 36 -2.49 -0.22 2.47
C GLN A 36 -3.76 0.34 1.82
N CYS A 37 -4.03 -0.08 0.62
CA CYS A 37 -5.25 0.41 -0.07
C CYS A 37 -6.04 -0.77 -0.65
N ALA A 38 -7.34 -0.65 -0.71
CA ALA A 38 -8.18 -1.76 -1.23
C ALA A 38 -9.06 -1.28 -2.41
N TRP A 39 -9.20 -2.09 -3.44
CA TRP A 39 -10.08 -1.68 -4.58
C TRP A 39 -11.46 -2.29 -4.34
N VAL A 40 -12.46 -1.48 -4.13
CA VAL A 40 -13.81 -2.02 -3.87
C VAL A 40 -14.70 -1.84 -5.10
N ASP A 41 -14.14 -1.55 -6.24
CA ASP A 41 -14.98 -1.37 -7.46
C ASP A 41 -14.11 -0.92 -8.63
N THR A 42 -14.72 -0.64 -9.75
CA THR A 42 -13.94 -0.20 -10.94
C THR A 42 -13.46 1.23 -10.72
N GLY A 43 -12.24 1.38 -10.31
CA GLY A 43 -11.67 2.75 -10.10
C GLY A 43 -12.01 3.28 -8.70
N VAL A 44 -12.21 2.42 -7.73
CA VAL A 44 -12.51 2.90 -6.36
C VAL A 44 -11.36 2.44 -5.44
N LEU A 45 -10.48 3.32 -5.01
CA LEU A 45 -9.34 2.88 -4.17
C LEU A 45 -9.45 3.52 -2.78
N ALA A 46 -9.87 2.78 -1.77
CA ALA A 46 -9.96 3.38 -0.41
C ALA A 46 -8.69 3.00 0.35
N CYS A 47 -7.82 3.96 0.60
CA CYS A 47 -6.57 3.64 1.32
C CYS A 47 -6.60 4.20 2.74
N ASN A 48 -5.73 3.74 3.60
CA ASN A 48 -5.73 4.23 5.01
C ASN A 48 -4.48 5.09 5.25
N PRO A 49 -4.67 6.28 5.79
CA PRO A 49 -3.54 7.20 6.09
C PRO A 49 -2.67 6.68 7.26
N ALA A 50 -2.75 5.43 7.61
CA ALA A 50 -1.89 4.91 8.72
C ALA A 50 -0.76 4.09 8.12
N ASP A 51 -0.69 4.04 6.82
CA ASP A 51 0.38 3.29 6.13
C ASP A 51 0.84 4.13 4.96
N PHE A 52 0.51 5.40 4.96
CA PHE A 52 0.91 6.27 3.83
C PHE A 52 2.35 6.75 3.98
N SER A 53 3.28 6.04 3.42
CA SER A 53 4.70 6.48 3.50
C SER A 53 5.13 6.89 2.08
N SER A 54 6.38 7.14 1.85
CA SER A 54 6.77 7.55 0.47
C SER A 54 8.27 7.84 0.38
N VAL A 55 8.88 7.37 -0.66
CA VAL A 55 10.33 7.61 -0.89
C VAL A 55 10.57 7.54 -2.40
N THR A 56 11.62 8.14 -2.89
CA THR A 56 11.83 8.09 -4.36
C THR A 56 12.84 7.00 -4.70
N ALA A 57 12.62 6.33 -5.80
CA ALA A 57 13.56 5.26 -6.20
C ALA A 57 14.93 5.89 -6.49
N ASP A 58 15.84 5.68 -5.60
CA ASP A 58 17.22 6.22 -5.75
C ASP A 58 17.89 5.68 -7.03
N ALA A 59 19.14 5.35 -6.95
CA ALA A 59 19.90 4.84 -8.14
C ALA A 59 19.13 3.69 -8.79
N ASN A 60 18.75 2.74 -8.03
CA ASN A 60 17.97 1.59 -8.58
C ASN A 60 16.53 1.83 -8.18
N GLY A 61 16.36 2.38 -7.02
CA GLY A 61 15.02 2.71 -6.50
C GLY A 61 14.61 1.73 -5.41
N SER A 62 15.30 1.74 -4.29
CA SER A 62 14.95 0.83 -3.17
C SER A 62 14.25 1.64 -2.09
N ALA A 63 13.08 1.21 -1.72
CA ALA A 63 12.33 1.96 -0.68
C ALA A 63 11.76 0.98 0.35
N SER A 64 12.30 1.00 1.55
CA SER A 64 11.79 0.08 2.60
C SER A 64 11.19 0.91 3.73
N THR A 65 9.95 0.66 4.05
CA THR A 65 9.29 1.43 5.13
C THR A 65 8.24 0.56 5.82
N SER A 66 8.15 0.65 7.12
CA SER A 66 7.15 -0.18 7.86
C SER A 66 5.94 0.70 8.21
N LEU A 67 4.76 0.22 7.94
CA LEU A 67 3.54 1.03 8.25
C LEU A 67 2.56 0.17 9.05
N THR A 68 1.58 0.78 9.67
CA THR A 68 0.59 -0.01 10.46
C THR A 68 -0.65 -0.26 9.61
N VAL A 69 -1.05 -1.50 9.45
CA VAL A 69 -2.25 -1.80 8.61
C VAL A 69 -3.13 -2.85 9.31
N ARG A 70 -4.43 -2.76 9.20
CA ARG A 70 -5.29 -3.76 9.87
C ARG A 70 -6.50 -4.10 8.99
N ARG A 71 -7.50 -4.75 9.56
CA ARG A 71 -8.69 -5.12 8.76
C ARG A 71 -9.48 -3.85 8.43
N SER A 72 -10.22 -3.29 9.35
CA SER A 72 -10.95 -2.05 9.01
C SER A 72 -9.91 -0.96 8.86
N PHE A 73 -10.05 -0.13 7.86
CA PHE A 73 -9.02 0.91 7.69
C PHE A 73 -9.55 2.04 6.83
N GLU A 74 -9.32 3.25 7.27
CA GLU A 74 -9.81 4.46 6.54
C GLU A 74 -9.90 4.19 5.03
N GLY A 75 -11.08 4.32 4.48
CA GLY A 75 -11.26 4.08 3.02
C GLY A 75 -11.02 5.37 2.21
N PHE A 76 -10.00 6.11 2.53
CA PHE A 76 -9.72 7.39 1.77
C PHE A 76 -10.01 7.18 0.26
N LEU A 77 -10.99 7.86 -0.28
CA LEU A 77 -11.31 7.70 -1.73
C LEU A 77 -10.44 8.68 -2.55
N PHE A 78 -9.73 8.21 -3.55
CA PHE A 78 -8.87 9.12 -4.37
C PHE A 78 -9.74 10.13 -5.12
N ASP A 79 -10.53 10.90 -4.42
CA ASP A 79 -11.39 11.91 -5.12
C ASP A 79 -11.86 12.96 -4.10
N GLY A 80 -11.18 13.10 -3.00
CA GLY A 80 -11.59 14.11 -2.00
C GLY A 80 -12.68 13.53 -1.08
N THR A 81 -13.44 12.59 -1.56
CA THR A 81 -14.51 11.99 -0.71
C THR A 81 -13.99 10.79 0.06
N ARG A 82 -14.58 10.50 1.17
CA ARG A 82 -14.15 9.35 2.00
C ARG A 82 -15.14 8.20 1.78
N TRP A 83 -14.66 7.00 1.56
CA TRP A 83 -15.58 5.85 1.31
C TRP A 83 -16.09 5.30 2.64
N GLY A 84 -15.39 5.54 3.70
CA GLY A 84 -15.82 5.02 5.03
C GLY A 84 -14.79 4.00 5.51
N THR A 85 -14.93 3.50 6.71
CA THR A 85 -13.96 2.50 7.21
C THR A 85 -14.09 1.27 6.31
N VAL A 86 -13.10 1.00 5.53
CA VAL A 86 -13.16 -0.16 4.61
C VAL A 86 -12.78 -1.42 5.39
N ASP A 87 -13.74 -2.23 5.72
CA ASP A 87 -13.45 -3.47 6.50
C ASP A 87 -12.63 -4.43 5.64
N CYS A 88 -11.38 -4.67 5.98
CA CYS A 88 -10.58 -5.62 5.14
C CYS A 88 -11.21 -7.03 5.20
N THR A 89 -12.22 -7.23 5.99
CA THR A 89 -12.85 -8.57 6.05
C THR A 89 -13.91 -8.69 4.95
N THR A 90 -14.07 -7.65 4.18
CA THR A 90 -15.09 -7.69 3.09
C THR A 90 -14.37 -7.66 1.74
N ALA A 91 -13.45 -6.74 1.58
CA ALA A 91 -12.70 -6.66 0.29
C ALA A 91 -11.27 -7.14 0.50
N ALA A 92 -10.47 -7.09 -0.53
CA ALA A 92 -9.06 -7.54 -0.41
C ALA A 92 -8.14 -6.30 -0.36
N CYS A 93 -7.47 -6.08 0.74
CA CYS A 93 -6.58 -4.88 0.84
C CYS A 93 -5.14 -5.27 0.53
N GLN A 94 -4.54 -4.64 -0.43
CA GLN A 94 -3.15 -4.98 -0.78
C GLN A 94 -2.19 -3.95 -0.24
N VAL A 95 -1.04 -4.40 0.12
CA VAL A 95 0.01 -3.48 0.62
C VAL A 95 1.00 -3.31 -0.52
N GLY A 96 1.05 -2.16 -1.12
CA GLY A 96 1.98 -2.01 -2.26
C GLY A 96 2.49 -0.58 -2.39
N LEU A 97 3.18 -0.30 -3.47
CA LEU A 97 3.74 1.04 -3.69
C LEU A 97 3.11 1.65 -4.94
N SER A 98 3.51 2.83 -5.30
CA SER A 98 2.93 3.50 -6.49
C SER A 98 3.68 4.80 -6.77
N ASP A 99 3.39 5.45 -7.86
CA ASP A 99 4.10 6.74 -8.16
C ASP A 99 3.05 7.86 -8.20
N ALA A 100 3.35 8.97 -8.84
CA ALA A 100 2.36 10.08 -8.88
C ALA A 100 1.98 10.35 -10.34
N ALA A 101 1.89 9.32 -11.13
CA ALA A 101 1.53 9.52 -12.56
C ALA A 101 0.21 8.79 -12.89
N GLY A 102 -0.05 7.68 -12.25
CA GLY A 102 -1.29 6.94 -12.54
C GLY A 102 -1.17 5.57 -11.90
N ASN A 103 0.01 5.01 -11.93
CA ASN A 103 0.21 3.69 -11.32
C ASN A 103 1.69 3.48 -11.03
N GLY A 104 2.01 2.33 -10.52
CA GLY A 104 3.43 2.02 -10.18
C GLY A 104 3.51 0.52 -9.82
N PRO A 105 4.58 0.07 -9.17
CA PRO A 105 4.68 -1.35 -8.80
C PRO A 105 3.35 -1.84 -8.22
N GLU A 106 3.16 -3.12 -8.10
CA GLU A 106 1.86 -3.65 -7.56
C GLU A 106 1.94 -3.78 -6.04
N GLY A 107 0.89 -4.31 -5.44
CA GLY A 107 0.88 -4.47 -3.96
C GLY A 107 0.74 -5.95 -3.61
N VAL A 108 0.81 -6.27 -2.36
CA VAL A 108 0.71 -7.67 -1.91
C VAL A 108 -0.61 -7.85 -1.14
N ALA A 109 -1.32 -8.88 -1.47
CA ALA A 109 -2.61 -9.15 -0.77
C ALA A 109 -2.33 -9.60 0.66
N ILE A 110 -2.89 -8.93 1.62
CA ILE A 110 -2.64 -9.32 3.05
C ILE A 110 -3.81 -10.19 3.52
N SER A 111 -3.68 -10.77 4.69
CA SER A 111 -4.78 -11.63 5.21
C SER A 111 -5.00 -11.35 6.70
N PHE A 112 -6.13 -11.72 7.23
CA PHE A 112 -6.39 -11.46 8.66
C PHE A 112 -7.03 -12.70 9.30
N ASN A 113 -6.24 -13.62 9.76
CA ASN A 113 -6.79 -14.86 10.38
C ASN A 113 -7.60 -14.48 11.63
C1 CHR B . -3.49 7.56 -4.08
C2 CHR B . -3.87 8.43 -3.01
C3 CHR B . -4.43 9.03 -2.15
C4 CHR B . -5.40 9.57 -1.18
O2 CHR B . -5.87 8.72 -0.10
C5 CHR B . -6.72 8.80 -1.29
C6 CHR B . -6.59 7.73 -2.31
C7 CHR B . -6.27 6.97 -3.17
C8 CHR B . -5.62 6.21 -4.21
C9 CHR B . -4.41 6.58 -4.68
C10 CHR B . -3.79 6.00 -5.92
O1 CHR B . -4.38 6.56 -7.10
C11 CHR B . -2.31 6.43 -5.80
O6 CHR B . -1.54 5.30 -5.40
C12 CHR B . -2.32 7.47 -4.71
C13 CHR B . -4.21 5.90 -8.34
O3 CHR B . -5.10 4.79 -8.41
C14 CHR B . -4.53 6.87 -9.48
N1 CHR B . -3.69 8.09 -9.35
C19 CHR B . -2.30 8.09 -9.87
C15 CHR B . -6.02 7.25 -9.42
O4 CHR B . -6.33 8.13 -10.48
C16 CHR B . -6.87 5.98 -9.53
O5 CHR B . -6.64 5.37 -10.79
C17 CHR B . -6.50 5.01 -8.41
C18 CHR B . -7.23 3.67 -8.64
C20 CHR B . -1.32 4.53 -6.46
O7 CHR B . -1.00 4.99 -7.53
C21 CHR B . -1.48 3.09 -6.24
C22 CHR B . -2.00 2.30 -7.27
O9 CHR B . -2.26 2.87 -8.51
C23 CHR B . -2.25 0.94 -7.07
C24 CHR B . -1.98 0.36 -5.82
C25 CHR B . -1.46 1.15 -4.78
C26 CHR B . -1.21 2.51 -4.99
C27 CHR B . -0.67 3.29 -3.94
C28 CHR B . -0.41 2.69 -2.69
O8 CHR B . 0.12 3.47 -1.66
C31 CHR B . -0.43 4.77 -1.50
C29 CHR B . -0.67 1.33 -2.49
C30 CHR B . -1.21 0.56 -3.53
C32 CHR B . -1.51 -0.91 -3.31
C33 CHR B . -5.44 11.08 -0.99
O10 CHR B . -6.54 11.44 -0.18
C34 CHR B . -7.29 12.24 -0.92
O11 CHR B . -8.32 12.72 -0.49
O12 CHR B . -6.89 12.48 -2.17
C35 CHR B . -5.68 11.78 -2.33
H5 CHR B . -7.65 9.35 -1.23
H8 CHR B . -6.09 5.34 -4.62
H10 CHR B . -3.88 4.92 -5.93
H11 CHR B . -1.95 6.83 -6.72
H12 CHR B . -1.47 8.08 -4.47
H13 CHR B . -3.19 5.55 -8.44
H14 CHR B . -4.32 6.39 -10.43
H191 CHR B . -1.62 8.39 -9.08
H192 CHR B . -2.22 8.79 -10.70
H193 CHR B . -2.03 7.10 -10.20
H15 CHR B . -6.22 7.73 -8.47
HO4 CHR B . -7.27 8.13 -10.60
H16 CHR B . -7.92 6.24 -9.45
HO5 CHR B . -7.48 5.29 -11.24
H17 CHR B . -6.81 5.41 -7.46
H181 CHR B . -7.99 3.54 -7.90
H182 CHR B . -6.51 2.86 -8.57
H183 CHR B . -7.66 3.67 -9.63
HO9 CHR B . -3.19 2.78 -8.72
H23 CHR B . -2.64 0.34 -7.86
H24 CHR B . -2.18 -0.68 -5.66
H27 CHR B . -0.43 4.32 -4.10
H311 CHR B . -1.23 4.73 -0.77
H312 CHR B . -0.83 5.09 -2.45
H313 CHR B . 0.34 5.44 -1.18
H29 CHR B . -0.48 0.89 -1.52
H321 CHR B . -1.29 -1.17 -2.28
H322 CHR B . -0.90 -1.50 -3.97
H323 CHR B . -2.55 -1.09 -3.52
H33 CHR B . -4.52 11.42 -0.55
H351 CHR B . -4.87 12.45 -2.54
H352 CHR B . -5.77 11.05 -3.11
N ALA A 1 18.63 -6.32 -12.87
CA ALA A 1 17.83 -6.06 -11.65
C ALA A 1 16.55 -5.32 -12.03
N ALA A 2 15.42 -5.83 -11.65
CA ALA A 2 14.13 -5.16 -12.00
C ALA A 2 13.40 -4.75 -10.72
N PRO A 3 12.36 -3.98 -10.88
CA PRO A 3 11.54 -3.50 -9.75
C PRO A 3 10.93 -4.68 -9.00
N THR A 4 10.56 -4.45 -7.77
CA THR A 4 9.94 -5.52 -6.94
C THR A 4 9.61 -4.93 -5.58
N ALA A 5 9.25 -5.73 -4.61
CA ALA A 5 8.91 -5.15 -3.29
C ALA A 5 8.79 -6.23 -2.24
N THR A 6 9.40 -5.98 -1.12
CA THR A 6 9.34 -6.99 -0.03
C THR A 6 8.32 -6.55 1.01
N VAL A 7 7.20 -7.18 0.98
CA VAL A 7 6.14 -6.83 1.96
C VAL A 7 5.79 -8.05 2.82
N THR A 8 5.98 -7.93 4.12
CA THR A 8 5.68 -9.06 5.03
C THR A 8 5.72 -8.53 6.47
N PRO A 9 4.95 -9.14 7.34
CA PRO A 9 4.06 -10.25 6.99
C PRO A 9 2.80 -9.70 6.30
N SER A 10 2.24 -10.47 5.43
CA SER A 10 1.01 -10.01 4.73
C SER A 10 -0.21 -10.48 5.50
N SER A 11 -0.07 -11.52 6.28
CA SER A 11 -1.23 -12.04 7.07
C SER A 11 -0.81 -12.25 8.53
N GLY A 12 -1.76 -12.33 9.42
CA GLY A 12 -1.41 -12.53 10.86
C GLY A 12 -0.94 -11.19 11.43
N LEU A 13 -1.56 -10.13 11.01
CA LEU A 13 -1.17 -8.78 11.45
C LEU A 13 -1.97 -8.38 12.66
N SER A 14 -3.19 -8.68 12.58
CA SER A 14 -4.14 -8.35 13.66
C SER A 14 -4.33 -6.83 13.75
N ASP A 15 -5.53 -6.43 14.06
CA ASP A 15 -5.85 -4.98 14.15
C ASP A 15 -4.85 -4.23 15.01
N GLY A 16 -3.97 -3.47 14.39
CA GLY A 16 -3.01 -2.67 15.18
C GLY A 16 -1.56 -3.11 14.99
N THR A 17 -1.22 -3.90 14.00
CA THR A 17 0.21 -4.27 13.90
C THR A 17 0.86 -3.50 12.77
N VAL A 18 2.07 -3.85 12.51
CA VAL A 18 2.84 -3.17 11.43
C VAL A 18 3.47 -4.17 10.47
N VAL A 19 3.45 -3.86 9.19
CA VAL A 19 4.05 -4.76 8.19
C VAL A 19 5.21 -4.02 7.51
N LYS A 20 6.15 -4.73 6.96
CA LYS A 20 7.29 -4.03 6.29
C LYS A 20 7.17 -4.20 4.77
N VAL A 21 6.87 -3.14 4.09
CA VAL A 21 6.75 -3.22 2.59
C VAL A 21 7.98 -2.54 1.99
N ALA A 22 8.73 -3.22 1.17
CA ALA A 22 9.93 -2.56 0.59
C ALA A 22 9.80 -2.54 -0.93
N GLY A 23 10.61 -1.77 -1.57
CA GLY A 23 10.58 -1.68 -3.04
C GLY A 23 12.01 -1.79 -3.55
N ALA A 24 12.22 -2.43 -4.65
CA ALA A 24 13.61 -2.52 -5.17
C ALA A 24 13.56 -2.56 -6.70
N GLY A 25 14.21 -1.64 -7.37
CA GLY A 25 14.16 -1.67 -8.86
C GLY A 25 12.99 -0.81 -9.35
N LEU A 26 12.59 0.18 -8.60
CA LEU A 26 11.46 1.02 -9.05
C LEU A 26 12.01 2.14 -9.91
N GLN A 27 11.16 2.96 -10.47
CA GLN A 27 11.67 4.06 -11.33
C GLN A 27 12.83 4.75 -10.65
N ALA A 28 14.01 4.34 -11.03
CA ALA A 28 15.25 4.91 -10.43
C ALA A 28 15.27 6.43 -10.57
N GLY A 29 14.53 7.11 -9.74
CA GLY A 29 14.52 8.59 -9.81
C GLY A 29 13.07 9.09 -9.85
N THR A 30 12.17 8.44 -9.15
CA THR A 30 10.77 8.91 -9.18
C THR A 30 10.06 8.62 -7.85
N ALA A 31 9.70 9.66 -7.17
CA ALA A 31 8.97 9.57 -5.86
C ALA A 31 7.83 8.55 -5.97
N TYR A 32 7.85 7.54 -5.13
CA TYR A 32 6.75 6.52 -5.14
C TYR A 32 6.03 6.58 -3.79
N ASP A 33 4.77 6.18 -3.73
CA ASP A 33 4.06 6.22 -2.42
C ASP A 33 4.04 4.81 -1.83
N VAL A 34 3.68 4.68 -0.57
CA VAL A 34 3.69 3.34 0.06
C VAL A 34 2.56 3.25 1.12
N GLY A 35 1.63 2.32 1.02
CA GLY A 35 0.56 2.28 2.06
C GLY A 35 -0.39 1.08 1.85
N GLN A 36 -1.39 0.99 2.71
CA GLN A 36 -2.40 -0.09 2.63
C GLN A 36 -3.65 0.45 1.95
N CYS A 37 -3.91 0.03 0.75
CA CYS A 37 -5.12 0.53 0.04
C CYS A 37 -5.90 -0.66 -0.52
N ALA A 38 -7.20 -0.54 -0.61
CA ALA A 38 -8.03 -1.67 -1.12
C ALA A 38 -8.88 -1.22 -2.32
N TRP A 39 -9.00 -2.04 -3.34
CA TRP A 39 -9.84 -1.66 -4.51
C TRP A 39 -11.23 -2.28 -4.30
N VAL A 40 -12.23 -1.46 -4.13
CA VAL A 40 -13.60 -2.01 -3.89
C VAL A 40 -14.46 -1.86 -5.14
N ASP A 41 -13.87 -1.59 -6.27
CA ASP A 41 -14.69 -1.44 -7.51
C ASP A 41 -13.80 -1.01 -8.68
N THR A 42 -14.38 -0.74 -9.81
CA THR A 42 -13.58 -0.33 -10.99
C THR A 42 -13.08 1.11 -10.78
N GLY A 43 -11.86 1.25 -10.35
CA GLY A 43 -11.29 2.61 -10.15
C GLY A 43 -11.66 3.17 -8.77
N VAL A 44 -11.88 2.34 -7.78
CA VAL A 44 -12.22 2.87 -6.45
C VAL A 44 -11.09 2.42 -5.49
N LEU A 45 -10.22 3.31 -5.06
CA LEU A 45 -9.10 2.89 -4.19
C LEU A 45 -9.22 3.58 -2.82
N ALA A 46 -9.65 2.86 -1.80
CA ALA A 46 -9.77 3.48 -0.45
C ALA A 46 -8.52 3.12 0.35
N CYS A 47 -7.66 4.08 0.62
CA CYS A 47 -6.42 3.76 1.38
C CYS A 47 -6.53 4.31 2.81
N ASN A 48 -5.68 3.84 3.69
CA ASN A 48 -5.73 4.33 5.11
C ASN A 48 -4.48 5.17 5.43
N PRO A 49 -4.68 6.27 6.12
CA PRO A 49 -3.58 7.20 6.49
C PRO A 49 -2.67 6.62 7.59
N ALA A 50 -2.60 5.32 7.76
CA ALA A 50 -1.71 4.77 8.82
C ALA A 50 -0.45 4.22 8.18
N ASP A 51 -0.41 4.17 6.88
CA ASP A 51 0.78 3.65 6.18
C ASP A 51 1.09 4.56 5.01
N PHE A 52 0.42 5.68 4.93
CA PHE A 52 0.67 6.61 3.80
C PHE A 52 2.09 7.17 3.86
N SER A 53 3.04 6.46 3.31
CA SER A 53 4.45 6.96 3.32
C SER A 53 4.87 7.20 1.88
N SER A 54 6.12 7.46 1.62
CA SER A 54 6.55 7.71 0.23
C SER A 54 8.05 8.01 0.14
N VAL A 55 8.71 7.40 -0.79
CA VAL A 55 10.17 7.66 -0.99
C VAL A 55 10.44 7.61 -2.49
N THR A 56 11.52 8.18 -2.96
CA THR A 56 11.78 8.13 -4.42
C THR A 56 12.76 7.01 -4.73
N ALA A 57 12.57 6.39 -5.85
CA ALA A 57 13.49 5.31 -6.26
C ALA A 57 14.88 5.88 -6.53
N ASP A 58 15.79 5.59 -5.67
CA ASP A 58 17.20 6.08 -5.81
C ASP A 58 17.83 5.54 -7.10
N ALA A 59 19.08 5.15 -7.04
CA ALA A 59 19.78 4.64 -8.24
C ALA A 59 18.96 3.55 -8.92
N ASN A 60 18.56 2.58 -8.18
CA ASN A 60 17.72 1.49 -8.74
C ASN A 60 16.29 1.76 -8.31
N GLY A 61 16.17 2.32 -7.13
CA GLY A 61 14.85 2.68 -6.59
C GLY A 61 14.45 1.73 -5.46
N SER A 62 15.17 1.77 -4.37
CA SER A 62 14.83 0.89 -3.23
C SER A 62 14.07 1.69 -2.18
N ALA A 63 12.97 1.15 -1.73
CA ALA A 63 12.18 1.90 -0.71
C ALA A 63 11.71 0.92 0.37
N SER A 64 12.25 1.00 1.54
CA SER A 64 11.84 0.07 2.63
C SER A 64 11.23 0.87 3.78
N THR A 65 9.99 0.62 4.07
CA THR A 65 9.32 1.36 5.18
C THR A 65 8.31 0.44 5.89
N SER A 66 8.22 0.54 7.18
CA SER A 66 7.26 -0.31 7.93
C SER A 66 6.01 0.52 8.23
N LEU A 67 4.85 -0.04 8.06
CA LEU A 67 3.59 0.73 8.30
C LEU A 67 2.62 -0.09 9.15
N THR A 68 1.59 0.53 9.65
CA THR A 68 0.60 -0.21 10.47
C THR A 68 -0.66 -0.46 9.62
N VAL A 69 -1.08 -1.68 9.47
CA VAL A 69 -2.30 -1.95 8.63
C VAL A 69 -3.20 -2.96 9.31
N ARG A 70 -4.51 -2.81 9.21
CA ARG A 70 -5.40 -3.81 9.88
C ARG A 70 -6.66 -4.05 9.04
N ARG A 71 -7.62 -4.73 9.61
CA ARG A 71 -8.89 -5.04 8.88
C ARG A 71 -9.56 -3.72 8.45
N SER A 72 -10.54 -3.24 9.15
CA SER A 72 -11.19 -1.97 8.74
C SER A 72 -10.13 -0.89 8.72
N PHE A 73 -10.22 0.00 7.78
CA PHE A 73 -9.19 1.05 7.69
C PHE A 73 -9.70 2.19 6.83
N GLU A 74 -9.44 3.41 7.24
CA GLU A 74 -9.93 4.59 6.49
C GLU A 74 -9.92 4.32 4.98
N GLY A 75 -11.06 4.44 4.36
CA GLY A 75 -11.15 4.17 2.89
C GLY A 75 -10.93 5.46 2.08
N PHE A 76 -9.93 6.24 2.40
CA PHE A 76 -9.67 7.51 1.63
C PHE A 76 -9.92 7.25 0.13
N LEU A 77 -10.95 7.85 -0.43
CA LEU A 77 -11.24 7.65 -1.89
C LEU A 77 -10.40 8.64 -2.71
N PHE A 78 -9.64 8.18 -3.69
CA PHE A 78 -8.81 9.11 -4.52
C PHE A 78 -9.70 10.09 -5.29
N ASP A 79 -10.51 10.85 -4.61
CA ASP A 79 -11.39 11.83 -5.31
C ASP A 79 -11.92 12.87 -4.32
N GLY A 80 -11.27 13.04 -3.20
CA GLY A 80 -11.74 14.03 -2.20
C GLY A 80 -12.82 13.42 -1.31
N THR A 81 -13.55 12.44 -1.80
CA THR A 81 -14.61 11.83 -0.98
C THR A 81 -14.05 10.64 -0.19
N ARG A 82 -14.62 10.38 0.95
CA ARG A 82 -14.16 9.24 1.79
C ARG A 82 -15.13 8.06 1.58
N TRP A 83 -14.63 6.87 1.36
CA TRP A 83 -15.53 5.71 1.13
C TRP A 83 -16.03 5.15 2.46
N GLY A 84 -15.41 5.51 3.55
CA GLY A 84 -15.84 4.99 4.87
C GLY A 84 -14.80 3.99 5.38
N THR A 85 -14.95 3.52 6.58
CA THR A 85 -13.98 2.53 7.11
C THR A 85 -14.08 1.27 6.25
N VAL A 86 -13.14 1.06 5.37
CA VAL A 86 -13.18 -0.11 4.49
C VAL A 86 -12.82 -1.37 5.29
N ASP A 87 -13.78 -2.20 5.58
CA ASP A 87 -13.52 -3.43 6.36
C ASP A 87 -12.64 -4.38 5.55
N CYS A 88 -11.40 -4.59 5.94
CA CYS A 88 -10.56 -5.54 5.14
C CYS A 88 -11.15 -6.95 5.21
N THR A 89 -12.18 -7.17 5.99
CA THR A 89 -12.78 -8.53 6.07
C THR A 89 -13.81 -8.69 4.94
N THR A 90 -13.99 -7.67 4.14
CA THR A 90 -14.96 -7.75 3.03
C THR A 90 -14.21 -7.71 1.70
N ALA A 91 -13.31 -6.76 1.56
CA ALA A 91 -12.54 -6.65 0.30
C ALA A 91 -11.10 -7.11 0.54
N ALA A 92 -10.27 -7.04 -0.46
CA ALA A 92 -8.85 -7.47 -0.30
C ALA A 92 -7.95 -6.23 -0.25
N CYS A 93 -7.30 -5.98 0.87
CA CYS A 93 -6.43 -4.77 0.95
C CYS A 93 -4.98 -5.15 0.67
N GLN A 94 -4.38 -4.52 -0.30
CA GLN A 94 -2.98 -4.85 -0.65
C GLN A 94 -2.03 -3.80 -0.12
N VAL A 95 -0.87 -4.23 0.23
CA VAL A 95 0.17 -3.30 0.72
C VAL A 95 1.20 -3.15 -0.38
N GLY A 96 1.30 -1.98 -0.95
CA GLY A 96 2.29 -1.84 -2.06
C GLY A 96 2.75 -0.40 -2.23
N LEU A 97 3.44 -0.14 -3.31
CA LEU A 97 3.97 1.23 -3.56
C LEU A 97 3.21 1.84 -4.73
N SER A 98 3.56 3.03 -5.12
CA SER A 98 2.85 3.68 -6.26
C SER A 98 3.61 4.94 -6.66
N ASP A 99 3.22 5.58 -7.74
CA ASP A 99 3.93 6.81 -8.16
C ASP A 99 2.94 7.99 -8.13
N ALA A 100 3.23 9.08 -8.78
CA ALA A 100 2.29 10.23 -8.76
C ALA A 100 1.83 10.53 -10.19
N ALA A 101 1.66 9.52 -10.99
CA ALA A 101 1.23 9.74 -12.40
C ALA A 101 -0.08 9.00 -12.67
N GLY A 102 -0.30 7.86 -12.08
CA GLY A 102 -1.54 7.10 -12.33
C GLY A 102 -1.41 5.74 -11.67
N ASN A 103 -0.23 5.17 -11.73
CA ASN A 103 -0.03 3.86 -11.10
C ASN A 103 1.46 3.64 -10.83
N GLY A 104 1.77 2.50 -10.32
CA GLY A 104 3.19 2.17 -9.98
C GLY A 104 3.31 0.65 -9.77
N PRO A 105 4.36 0.18 -9.11
CA PRO A 105 4.51 -1.27 -8.86
C PRO A 105 3.20 -1.86 -8.32
N GLU A 106 3.18 -3.13 -8.04
CA GLU A 106 1.93 -3.77 -7.54
C GLU A 106 1.91 -3.79 -6.01
N GLY A 107 0.90 -4.36 -5.43
CA GLY A 107 0.80 -4.41 -3.95
C GLY A 107 0.71 -5.88 -3.49
N VAL A 108 0.90 -6.11 -2.22
CA VAL A 108 0.85 -7.48 -1.69
C VAL A 108 -0.49 -7.69 -0.98
N ALA A 109 -1.15 -8.75 -1.30
CA ALA A 109 -2.46 -9.04 -0.66
C ALA A 109 -2.23 -9.53 0.77
N ILE A 110 -2.80 -8.87 1.73
CA ILE A 110 -2.61 -9.30 3.13
C ILE A 110 -3.81 -10.14 3.57
N SER A 111 -3.71 -10.80 4.70
CA SER A 111 -4.83 -11.64 5.18
C SER A 111 -5.04 -11.41 6.68
N PHE A 112 -6.21 -11.70 7.17
CA PHE A 112 -6.48 -11.50 8.61
C PHE A 112 -7.19 -12.73 9.19
N ASN A 113 -6.50 -13.83 9.28
CA ASN A 113 -7.13 -15.06 9.82
C ASN A 113 -7.80 -14.74 11.17
C1 CHR B . -3.59 7.67 -4.02
C2 CHR B . -3.97 8.61 -3.01
C3 CHR B . -4.54 9.27 -2.20
C4 CHR B . -5.52 9.89 -1.30
O2 CHR B . -5.99 9.13 -0.15
C5 CHR B . -6.82 9.10 -1.34
C6 CHR B . -6.69 7.95 -2.27
C7 CHR B . -6.34 7.11 -3.04
C8 CHR B . -5.67 6.25 -3.99
C9 CHR B . -4.48 6.63 -4.51
C10 CHR B . -3.90 6.00 -5.75
O1 CHR B . -4.54 6.49 -6.92
C11 CHR B . -2.43 6.46 -5.70
O6 CHR B . -1.63 5.37 -5.25
C12 CHR B . -2.43 7.57 -4.68
C13 CHR B . -4.29 5.85 -8.18
O3 CHR B . -5.14 4.73 -8.31
C14 CHR B . -4.58 6.84 -9.30
N1 CHR B . -3.80 8.09 -9.09
C19 CHR B . -2.41 8.21 -9.62
C15 CHR B . -6.08 7.17 -9.33
O4 CHR B . -6.35 8.05 -10.40
C16 CHR B . -6.87 5.87 -9.51
O5 CHR B . -6.54 5.29 -10.76
C17 CHR B . -6.54 4.89 -8.38
C18 CHR B . -7.20 3.55 -8.67
C20 CHR B . -1.37 4.59 -6.27
O7 CHR B . -1.05 5.02 -7.36
C21 CHR B . -1.48 3.14 -6.01
C22 CHR B . -1.96 2.30 -7.03
O9 CHR B . -2.25 2.83 -8.28
C23 CHR B . -2.15 0.94 -6.78
C24 CHR B . -1.85 0.40 -5.52
C25 CHR B . -1.37 1.24 -4.50
C26 CHR B . -1.18 2.61 -4.75
C27 CHR B . -0.68 3.43 -3.72
C28 CHR B . -0.39 2.89 -2.47
O8 CHR B . 0.10 3.70 -1.45
C31 CHR B . -0.34 5.06 -1.46
C29 CHR B . -0.58 1.53 -2.23
C30 CHR B . -1.07 0.70 -3.25
C32 CHR B . -1.30 -0.77 -2.99
C33 CHR B . -5.57 11.40 -1.22
O10 CHR B . -6.66 11.82 -0.43
C34 CHR B . -7.44 12.54 -1.24
O11 CHR B . -8.47 13.04 -0.85
O12 CHR B . -7.04 12.70 -2.50
C35 CHR B . -5.82 11.99 -2.60
H5 CHR B . -7.77 9.65 -1.34
H8 CHR B . -6.10 5.30 -4.26
H10 CHR B . -3.97 4.93 -5.70
H11 CHR B . -2.10 6.82 -6.65
H12 CHR B . -1.59 8.21 -4.49
H13 CHR B . -3.26 5.55 -8.22
H14 CHR B . -4.30 6.40 -10.26
H191 CHR B . -2.39 8.91 -10.44
H192 CHR B . -1.76 8.56 -8.84
H193 CHR B . -2.08 7.24 -9.95
H15 CHR B . -6.36 7.63 -8.39
HO4 CHR B . -5.58 8.61 -10.53
H16 CHR B . -7.94 6.10 -9.50
HO5 CHR B . -7.06 5.72 -11.44
H17 CHR B . -6.90 5.29 -7.45
H181 CHR B . -7.71 3.58 -9.63
H182 CHR B . -7.92 3.33 -7.89
H183 CHR B . -6.45 2.77 -8.68
HO9 CHR B . -1.51 2.68 -8.87
H23 CHR B . -2.51 0.29 -7.56
H24 CHR B . -2.00 -0.65 -5.33
H27 CHR B . -0.51 4.48 -3.90
H311 CHR B . -0.01 5.57 -0.57
H312 CHR B . 0.05 5.56 -2.34
H313 CHR B . -1.42 5.09 -1.50
H29 CHR B . -0.36 1.11 -1.26
H321 CHR B . -0.85 -1.04 -2.04
H322 CHR B . -0.83 -1.35 -3.78
H323 CHR B . -2.35 -0.98 -2.97
H33 CHR B . -4.64 11.79 -0.81
H351 CHR B . -5.01 12.66 -2.88
H352 CHR B . -5.90 11.20 -3.33
N ALA A 1 18.29 -5.92 -14.04
CA ALA A 1 17.72 -5.59 -12.70
C ALA A 1 16.34 -4.95 -12.88
N ALA A 2 15.30 -5.59 -12.42
CA ALA A 2 13.94 -5.01 -12.57
C ALA A 2 13.38 -4.67 -11.18
N PRO A 3 12.30 -3.91 -11.17
CA PRO A 3 11.65 -3.49 -9.93
C PRO A 3 11.20 -4.71 -9.12
N THR A 4 11.01 -4.53 -7.85
CA THR A 4 10.59 -5.64 -6.98
C THR A 4 10.04 -5.07 -5.68
N ALA A 5 9.27 -5.83 -4.96
CA ALA A 5 8.69 -5.29 -3.71
C ALA A 5 8.50 -6.41 -2.71
N THR A 6 9.12 -6.24 -1.57
CA THR A 6 8.99 -7.28 -0.52
C THR A 6 8.25 -6.70 0.68
N VAL A 7 7.08 -7.16 0.83
CA VAL A 7 6.21 -6.71 1.97
C VAL A 7 5.90 -7.90 2.89
N THR A 8 5.98 -7.70 4.17
CA THR A 8 5.70 -8.80 5.12
C THR A 8 5.70 -8.24 6.56
N PRO A 9 4.93 -8.87 7.42
CA PRO A 9 4.09 -10.02 7.07
C PRO A 9 2.83 -9.53 6.35
N SER A 10 2.30 -10.35 5.49
CA SER A 10 1.08 -9.96 4.75
C SER A 10 -0.15 -10.41 5.54
N SER A 11 0.00 -11.43 6.36
CA SER A 11 -1.14 -11.91 7.16
C SER A 11 -0.70 -12.12 8.62
N GLY A 12 -1.64 -12.20 9.53
CA GLY A 12 -1.27 -12.39 10.97
C GLY A 12 -0.81 -11.05 11.53
N LEU A 13 -1.44 -9.99 11.10
CA LEU A 13 -1.07 -8.65 11.54
C LEU A 13 -1.88 -8.24 12.75
N SER A 14 -3.09 -8.57 12.66
CA SER A 14 -4.06 -8.25 13.74
C SER A 14 -4.29 -6.75 13.80
N ASP A 15 -5.49 -6.36 14.08
CA ASP A 15 -5.85 -4.93 14.13
C ASP A 15 -4.88 -4.15 15.01
N GLY A 16 -4.01 -3.39 14.40
CA GLY A 16 -3.08 -2.56 15.21
C GLY A 16 -1.60 -2.97 15.03
N THR A 17 -1.23 -3.75 14.06
CA THR A 17 0.21 -4.06 13.96
C THR A 17 0.83 -3.28 12.83
N VAL A 18 2.04 -3.60 12.54
CA VAL A 18 2.78 -2.89 11.46
C VAL A 18 3.41 -3.86 10.48
N VAL A 19 3.35 -3.57 9.21
CA VAL A 19 3.96 -4.48 8.20
C VAL A 19 5.12 -3.74 7.53
N LYS A 20 6.08 -4.46 7.01
CA LYS A 20 7.23 -3.80 6.35
C LYS A 20 7.13 -4.00 4.84
N VAL A 21 6.84 -2.95 4.12
CA VAL A 21 6.74 -3.08 2.63
C VAL A 21 8.01 -2.52 2.02
N ALA A 22 8.53 -3.13 0.99
CA ALA A 22 9.77 -2.59 0.38
C ALA A 22 9.66 -2.62 -1.13
N GLY A 23 10.49 -1.86 -1.79
CA GLY A 23 10.48 -1.82 -3.26
C GLY A 23 11.93 -1.88 -3.75
N ALA A 24 12.20 -2.56 -4.81
CA ALA A 24 13.63 -2.59 -5.28
C ALA A 24 13.65 -2.59 -6.82
N GLY A 25 14.34 -1.66 -7.44
CA GLY A 25 14.36 -1.65 -8.93
C GLY A 25 13.19 -0.82 -9.46
N LEU A 26 12.75 0.16 -8.72
CA LEU A 26 11.62 0.98 -9.19
C LEU A 26 12.18 2.14 -10.01
N GLN A 27 11.33 2.93 -10.61
CA GLN A 27 11.84 4.07 -11.42
C GLN A 27 12.91 4.83 -10.63
N ALA A 28 14.14 4.55 -10.94
CA ALA A 28 15.28 5.21 -10.25
C ALA A 28 15.16 6.72 -10.38
N GLY A 29 14.30 7.33 -9.62
CA GLY A 29 14.14 8.81 -9.69
C GLY A 29 12.64 9.14 -9.68
N THR A 30 11.85 8.37 -8.98
CA THR A 30 10.40 8.66 -8.96
C THR A 30 9.81 8.46 -7.55
N ALA A 31 9.53 9.55 -6.89
CA ALA A 31 8.91 9.48 -5.53
C ALA A 31 7.68 8.56 -5.57
N TYR A 32 7.77 7.41 -4.95
CA TYR A 32 6.62 6.47 -4.96
C TYR A 32 5.92 6.51 -3.59
N ASP A 33 4.68 6.11 -3.51
CA ASP A 33 3.99 6.11 -2.19
C ASP A 33 3.98 4.67 -1.66
N VAL A 34 3.84 4.50 -0.37
CA VAL A 34 3.88 3.13 0.19
C VAL A 34 2.76 2.97 1.25
N GLY A 35 1.72 2.20 1.00
CA GLY A 35 0.67 2.08 2.06
C GLY A 35 -0.32 0.92 1.81
N GLN A 36 -1.33 0.85 2.65
CA GLN A 36 -2.36 -0.20 2.55
C GLN A 36 -3.61 0.37 1.89
N CYS A 37 -3.89 -0.03 0.70
CA CYS A 37 -5.10 0.49 0.00
C CYS A 37 -5.90 -0.68 -0.58
N ALA A 38 -7.21 -0.56 -0.65
CA ALA A 38 -8.03 -1.67 -1.18
C ALA A 38 -8.89 -1.21 -2.37
N TRP A 39 -9.00 -2.01 -3.40
CA TRP A 39 -9.85 -1.61 -4.56
C TRP A 39 -11.23 -2.25 -4.37
N VAL A 40 -12.24 -1.46 -4.19
CA VAL A 40 -13.60 -2.03 -3.97
C VAL A 40 -14.45 -1.89 -5.22
N ASP A 41 -13.86 -1.59 -6.34
CA ASP A 41 -14.67 -1.45 -7.58
C ASP A 41 -13.78 -0.97 -8.73
N THR A 42 -14.37 -0.69 -9.87
CA THR A 42 -13.57 -0.23 -11.03
C THR A 42 -13.11 1.21 -10.79
N GLY A 43 -11.91 1.38 -10.36
CA GLY A 43 -11.37 2.76 -10.13
C GLY A 43 -11.76 3.28 -8.74
N VAL A 44 -11.96 2.42 -7.78
CA VAL A 44 -12.31 2.90 -6.42
C VAL A 44 -11.17 2.46 -5.47
N LEU A 45 -10.32 3.37 -5.03
CA LEU A 45 -9.19 2.94 -4.16
C LEU A 45 -9.31 3.62 -2.79
N ALA A 46 -9.73 2.89 -1.77
CA ALA A 46 -9.84 3.51 -0.41
C ALA A 46 -8.58 3.13 0.37
N CYS A 47 -7.71 4.06 0.63
CA CYS A 47 -6.46 3.73 1.37
C CYS A 47 -6.54 4.26 2.80
N ASN A 48 -5.68 3.77 3.67
CA ASN A 48 -5.70 4.23 5.10
C ASN A 48 -4.51 5.16 5.37
N PRO A 49 -4.77 6.29 5.99
CA PRO A 49 -3.69 7.27 6.31
C PRO A 49 -2.77 6.79 7.43
N ALA A 50 -2.73 5.51 7.73
CA ALA A 50 -1.82 5.03 8.82
C ALA A 50 -0.70 4.21 8.18
N ASP A 51 -0.68 4.14 6.89
CA ASP A 51 0.36 3.38 6.18
C ASP A 51 0.82 4.22 5.00
N PHE A 52 0.56 5.50 5.06
CA PHE A 52 0.95 6.39 3.93
C PHE A 52 2.43 6.75 4.02
N SER A 53 3.28 5.91 3.48
CA SER A 53 4.74 6.21 3.50
C SER A 53 5.13 6.81 2.14
N SER A 54 6.39 6.97 1.86
CA SER A 54 6.77 7.56 0.55
C SER A 54 8.30 7.70 0.44
N VAL A 55 8.83 7.32 -0.68
CA VAL A 55 10.29 7.44 -0.92
C VAL A 55 10.52 7.43 -2.44
N THR A 56 11.57 8.03 -2.91
CA THR A 56 11.80 8.03 -4.39
C THR A 56 12.78 6.94 -4.75
N ALA A 57 12.52 6.27 -5.82
CA ALA A 57 13.46 5.21 -6.26
C ALA A 57 14.83 5.82 -6.56
N ASP A 58 15.74 5.59 -5.68
CA ASP A 58 17.13 6.12 -5.85
C ASP A 58 17.78 5.57 -7.13
N ALA A 59 19.04 5.23 -7.06
CA ALA A 59 19.76 4.70 -8.26
C ALA A 59 19.00 3.56 -8.90
N ASN A 60 18.63 2.60 -8.11
CA ASN A 60 17.84 1.45 -8.65
C ASN A 60 16.40 1.70 -8.26
N GLY A 61 16.24 2.29 -7.11
CA GLY A 61 14.90 2.64 -6.60
C GLY A 61 14.47 1.68 -5.50
N SER A 62 15.17 1.71 -4.39
CA SER A 62 14.79 0.81 -3.25
C SER A 62 13.98 1.62 -2.25
N ALA A 63 12.86 1.09 -1.85
CA ALA A 63 12.02 1.85 -0.88
C ALA A 63 11.48 0.90 0.17
N SER A 64 11.97 0.98 1.38
CA SER A 64 11.47 0.08 2.45
C SER A 64 10.97 0.91 3.63
N THR A 65 9.73 0.76 3.97
CA THR A 65 9.16 1.53 5.11
C THR A 65 8.13 0.67 5.84
N SER A 66 8.08 0.78 7.14
CA SER A 66 7.11 -0.03 7.92
C SER A 66 5.89 0.84 8.26
N LEU A 67 4.72 0.29 8.11
CA LEU A 67 3.48 1.07 8.41
C LEU A 67 2.50 0.21 9.20
N THR A 68 1.50 0.81 9.79
CA THR A 68 0.50 0.01 10.57
C THR A 68 -0.72 -0.27 9.69
N VAL A 69 -1.10 -1.52 9.53
CA VAL A 69 -2.28 -1.83 8.66
C VAL A 69 -3.18 -2.87 9.34
N ARG A 70 -4.48 -2.75 9.21
CA ARG A 70 -5.35 -3.76 9.86
C ARG A 70 -6.62 -4.00 9.03
N ARG A 71 -7.54 -4.77 9.58
CA ARG A 71 -8.80 -5.08 8.86
C ARG A 71 -9.48 -3.77 8.43
N SER A 72 -10.49 -3.33 9.15
CA SER A 72 -11.15 -2.06 8.76
C SER A 72 -10.10 -0.97 8.74
N PHE A 73 -10.19 -0.08 7.79
CA PHE A 73 -9.16 0.96 7.72
C PHE A 73 -9.67 2.11 6.84
N GLU A 74 -9.46 3.33 7.30
CA GLU A 74 -9.94 4.51 6.54
C GLU A 74 -9.84 4.25 5.04
N GLY A 75 -10.94 4.36 4.34
CA GLY A 75 -10.93 4.10 2.87
C GLY A 75 -10.79 5.41 2.08
N PHE A 76 -9.79 6.21 2.38
CA PHE A 76 -9.60 7.50 1.61
C PHE A 76 -9.90 7.27 0.12
N LEU A 77 -10.95 7.87 -0.40
CA LEU A 77 -11.28 7.68 -1.86
C LEU A 77 -10.45 8.66 -2.70
N PHE A 78 -9.71 8.17 -3.68
CA PHE A 78 -8.89 9.10 -4.53
C PHE A 78 -9.80 10.07 -5.29
N ASP A 79 -10.58 10.84 -4.61
CA ASP A 79 -11.49 11.80 -5.31
C ASP A 79 -11.94 12.88 -4.32
N GLY A 80 -11.24 13.06 -3.24
CA GLY A 80 -11.63 14.12 -2.25
C GLY A 80 -12.65 13.54 -1.27
N THR A 81 -13.42 12.57 -1.68
CA THR A 81 -14.44 11.99 -0.76
C THR A 81 -13.87 10.76 -0.06
N ARG A 82 -14.47 10.40 1.05
CA ARG A 82 -14.00 9.21 1.80
C ARG A 82 -15.02 8.08 1.61
N TRP A 83 -14.57 6.86 1.36
CA TRP A 83 -15.51 5.74 1.13
C TRP A 83 -16.04 5.20 2.46
N GLY A 84 -15.36 5.48 3.54
CA GLY A 84 -15.80 4.98 4.87
C GLY A 84 -14.78 3.97 5.37
N THR A 85 -14.97 3.46 6.56
CA THR A 85 -14.02 2.45 7.09
C THR A 85 -14.12 1.20 6.20
N VAL A 86 -13.15 0.99 5.37
CA VAL A 86 -13.17 -0.18 4.48
C VAL A 86 -12.79 -1.44 5.26
N ASP A 87 -13.75 -2.27 5.56
CA ASP A 87 -13.47 -3.51 6.35
C ASP A 87 -12.58 -4.45 5.54
N CYS A 88 -11.34 -4.65 5.92
CA CYS A 88 -10.49 -5.59 5.12
C CYS A 88 -11.08 -7.00 5.18
N THR A 89 -12.11 -7.23 5.96
CA THR A 89 -12.70 -8.59 6.02
C THR A 89 -13.73 -8.75 4.90
N THR A 90 -13.92 -7.72 4.11
CA THR A 90 -14.90 -7.80 3.01
C THR A 90 -14.16 -7.74 1.68
N ALA A 91 -13.30 -6.77 1.53
CA ALA A 91 -12.54 -6.65 0.25
C ALA A 91 -11.10 -7.11 0.48
N ALA A 92 -10.27 -7.05 -0.53
CA ALA A 92 -8.86 -7.48 -0.38
C ALA A 92 -7.96 -6.23 -0.32
N CYS A 93 -7.30 -6.00 0.80
CA CYS A 93 -6.43 -4.79 0.89
C CYS A 93 -4.98 -5.18 0.60
N GLN A 94 -4.39 -4.55 -0.38
CA GLN A 94 -3.00 -4.90 -0.73
C GLN A 94 -2.03 -3.87 -0.19
N VAL A 95 -0.88 -4.32 0.17
CA VAL A 95 0.17 -3.41 0.67
C VAL A 95 1.18 -3.25 -0.45
N GLY A 96 1.24 -2.11 -1.04
CA GLY A 96 2.20 -1.95 -2.17
C GLY A 96 2.68 -0.51 -2.31
N LEU A 97 3.36 -0.22 -3.38
CA LEU A 97 3.89 1.15 -3.59
C LEU A 97 3.16 1.78 -4.77
N SER A 98 3.49 2.99 -5.11
CA SER A 98 2.82 3.66 -6.25
C SER A 98 3.56 4.94 -6.60
N ASP A 99 3.32 5.50 -7.75
CA ASP A 99 4.01 6.76 -8.12
C ASP A 99 3.00 7.92 -8.08
N ALA A 100 3.28 9.03 -8.72
CA ALA A 100 2.32 10.17 -8.69
C ALA A 100 1.87 10.49 -10.12
N ALA A 101 1.74 9.49 -10.94
CA ALA A 101 1.32 9.74 -12.35
C ALA A 101 0.00 9.02 -12.64
N GLY A 102 -0.23 7.88 -12.04
CA GLY A 102 -1.48 7.13 -12.31
C GLY A 102 -1.37 5.78 -11.63
N ASN A 103 -0.21 5.19 -11.69
CA ASN A 103 -0.01 3.88 -11.05
C ASN A 103 1.48 3.65 -10.81
N GLY A 104 1.79 2.51 -10.27
CA GLY A 104 3.21 2.17 -9.97
C GLY A 104 3.31 0.66 -9.75
N PRO A 105 4.38 0.17 -9.13
CA PRO A 105 4.51 -1.28 -8.87
C PRO A 105 3.19 -1.83 -8.30
N GLU A 106 3.12 -3.12 -8.10
CA GLU A 106 1.86 -3.72 -7.56
C GLU A 106 1.89 -3.79 -6.03
N GLY A 107 0.89 -4.36 -5.44
CA GLY A 107 0.84 -4.46 -3.95
C GLY A 107 0.72 -5.93 -3.54
N VAL A 108 0.89 -6.21 -2.28
CA VAL A 108 0.81 -7.59 -1.79
C VAL A 108 -0.50 -7.78 -1.04
N ALA A 109 -1.21 -8.81 -1.37
CA ALA A 109 -2.51 -9.09 -0.69
C ALA A 109 -2.25 -9.55 0.74
N ILE A 110 -2.79 -8.87 1.71
CA ILE A 110 -2.57 -9.28 3.12
C ILE A 110 -3.76 -10.12 3.60
N SER A 111 -3.63 -10.75 4.73
CA SER A 111 -4.75 -11.58 5.25
C SER A 111 -4.94 -11.32 6.75
N PHE A 112 -6.12 -11.55 7.25
CA PHE A 112 -6.36 -11.31 8.71
C PHE A 112 -7.05 -12.52 9.32
N ASN A 113 -6.30 -13.43 9.87
CA ASN A 113 -6.91 -14.64 10.49
C ASN A 113 -8.08 -14.22 11.39
C1 CHR B . -3.61 7.73 -3.93
C2 CHR B . -4.01 8.65 -2.90
C3 CHR B . -4.59 9.31 -2.10
C4 CHR B . -5.58 9.94 -1.20
O2 CHR B . -6.13 9.16 -0.12
C5 CHR B . -6.91 9.21 -1.35
C6 CHR B . -6.78 8.09 -2.29
C7 CHR B . -6.43 7.25 -3.08
C8 CHR B . -5.74 6.39 -4.02
C9 CHR B . -4.54 6.75 -4.49
C10 CHR B . -3.91 6.12 -5.71
O1 CHR B . -4.49 6.63 -6.90
C11 CHR B . -2.43 6.54 -5.60
O6 CHR B . -1.66 5.44 -5.17
C12 CHR B . -2.44 7.63 -4.54
C13 CHR B . -4.26 5.97 -8.14
O3 CHR B . -5.10 4.84 -8.25
C14 CHR B . -4.54 6.94 -9.30
N1 CHR B . -3.77 8.20 -9.10
C19 CHR B . -2.37 8.30 -9.63
C15 CHR B . -6.04 7.27 -9.32
O4 CHR B . -6.31 8.15 -10.40
C16 CHR B . -6.83 5.98 -9.49
O5 CHR B . -6.49 5.37 -10.73
C17 CHR B . -6.51 5.02 -8.35
C18 CHR B . -7.17 3.66 -8.61
C20 CHR B . -1.36 4.70 -6.20
O7 CHR B . -0.98 5.18 -7.25
C21 CHR B . -1.48 3.25 -6.01
C22 CHR B . -1.91 2.45 -7.09
O9 CHR B . -2.16 3.04 -8.32
C23 CHR B . -2.10 1.08 -6.92
C24 CHR B . -1.85 0.49 -5.68
C25 CHR B . -1.41 1.27 -4.60
C26 CHR B . -1.22 2.65 -4.76
C27 CHR B . -0.78 3.43 -3.68
C28 CHR B . -0.53 2.83 -2.45
O8 CHR B . -0.10 3.60 -1.37
C31 CHR B . -0.61 4.92 -1.31
C29 CHR B . -0.72 1.45 -2.28
C30 CHR B . -1.17 0.67 -3.36
C32 CHR B . -1.38 -0.82 -3.18
C33 CHR B . -5.58 11.45 -1.09
O10 CHR B . -6.52 11.88 -0.11
C34 CHR B . -7.39 12.64 -0.76
O11 CHR B . -8.32 13.15 -0.18
O12 CHR B . -7.21 12.82 -2.06
C35 CHR B . -6.04 12.09 -2.39
H5 CHR B . -7.83 9.79 -1.36
H8 CHR B . -6.20 5.47 -4.33
H10 CHR B . -4.00 5.04 -5.68
H11 CHR B . -2.07 6.93 -6.54
H12 CHR B . -1.59 8.25 -4.31
H13 CHR B . -3.22 5.66 -8.19
H14 CHR B . -4.25 6.48 -10.22
H191 CHR B . -2.05 7.33 -9.99
H192 CHR B . -1.71 8.65 -8.86
H193 CHR B . -2.36 8.99 -10.46
H15 CHR B . -6.32 7.75 -8.40
HO4 CHR B . -7.26 8.20 -10.51
H16 CHR B . -7.90 6.20 -9.49
HO5 CHR B . -7.30 5.11 -11.17
H17 CHR B . -6.88 5.42 -7.42
H181 CHR B . -7.86 3.44 -7.80
H182 CHR B . -7.71 3.70 -9.55
H183 CHR B . -6.42 2.89 -8.66
HO9 CHR B . -3.11 3.18 -8.43
H23 CHR B . -2.43 0.47 -7.75
H24 CHR B . -1.99 -0.58 -5.54
H27 CHR B . -0.59 4.48 -3.81
H311 CHR B . -0.23 5.49 -2.14
H312 CHR B . -1.69 4.89 -1.34
H313 CHR B . -0.30 5.39 -0.38
H29 CHR B . -0.54 0.98 -1.32
H321 CHR B . -2.44 -1.01 -3.08
H322 CHR B . -0.86 -1.15 -2.29
H323 CHR B . -0.99 -1.34 -4.04
H33 CHR B . -4.59 11.81 -0.83
H351 CHR B . -5.28 12.76 -2.78
H352 CHR B . -6.28 11.33 -3.12
N ALA A 1 18.11 -6.75 -12.87
CA ALA A 1 17.24 -6.57 -11.67
C ALA A 1 16.06 -5.65 -12.03
N ALA A 2 14.87 -6.08 -11.75
CA ALA A 2 13.68 -5.23 -12.07
C ALA A 2 12.99 -4.80 -10.78
N PRO A 3 12.02 -3.93 -10.91
CA PRO A 3 11.27 -3.42 -9.76
C PRO A 3 10.58 -4.55 -9.01
N THR A 4 10.26 -4.33 -7.77
CA THR A 4 9.59 -5.37 -6.95
C THR A 4 9.35 -4.80 -5.55
N ALA A 5 8.94 -5.59 -4.61
CA ALA A 5 8.71 -5.05 -3.25
C ALA A 5 8.57 -6.15 -2.24
N THR A 6 9.25 -5.97 -1.13
CA THR A 6 9.19 -7.00 -0.08
C THR A 6 8.23 -6.57 1.01
N VAL A 7 7.10 -7.16 1.01
CA VAL A 7 6.08 -6.81 2.04
C VAL A 7 5.73 -8.03 2.89
N THR A 8 5.91 -7.91 4.19
CA THR A 8 5.61 -9.04 5.11
C THR A 8 5.67 -8.52 6.55
N PRO A 9 4.89 -9.12 7.41
CA PRO A 9 4.00 -10.22 7.07
C PRO A 9 2.77 -9.70 6.34
N SER A 10 2.20 -10.48 5.50
CA SER A 10 0.99 -10.04 4.75
C SER A 10 -0.27 -10.48 5.51
N SER A 11 -0.15 -11.48 6.35
CA SER A 11 -1.32 -11.96 7.11
C SER A 11 -0.93 -12.13 8.59
N GLY A 12 -1.91 -12.23 9.45
CA GLY A 12 -1.60 -12.38 10.92
C GLY A 12 -1.15 -11.03 11.45
N LEU A 13 -1.78 -9.99 10.99
CA LEU A 13 -1.42 -8.62 11.40
C LEU A 13 -2.23 -8.19 12.58
N SER A 14 -3.46 -8.46 12.50
CA SER A 14 -4.40 -8.09 13.57
C SER A 14 -4.51 -6.57 13.67
N ASP A 15 -5.68 -6.11 14.02
CA ASP A 15 -5.93 -4.65 14.13
C ASP A 15 -4.88 -3.95 14.98
N GLY A 16 -4.01 -3.19 14.37
CA GLY A 16 -3.01 -2.44 15.16
C GLY A 16 -1.58 -2.96 14.97
N THR A 17 -1.28 -3.74 13.95
CA THR A 17 0.11 -4.19 13.83
C THR A 17 0.81 -3.41 12.74
N VAL A 18 2.01 -3.80 12.50
CA VAL A 18 2.85 -3.11 11.47
C VAL A 18 3.46 -4.11 10.49
N VAL A 19 3.46 -3.78 9.22
CA VAL A 19 4.07 -4.70 8.22
C VAL A 19 5.25 -3.99 7.55
N LYS A 20 6.19 -4.72 7.04
CA LYS A 20 7.35 -4.07 6.39
C LYS A 20 7.23 -4.23 4.87
N VAL A 21 6.95 -3.15 4.17
CA VAL A 21 6.82 -3.23 2.69
C VAL A 21 8.04 -2.56 2.07
N ALA A 22 8.78 -3.25 1.24
CA ALA A 22 9.97 -2.61 0.63
C ALA A 22 9.78 -2.54 -0.88
N GLY A 23 10.61 -1.79 -1.53
CA GLY A 23 10.52 -1.66 -3.00
C GLY A 23 11.93 -1.80 -3.55
N ALA A 24 12.10 -2.47 -4.65
CA ALA A 24 13.48 -2.58 -5.19
C ALA A 24 13.40 -2.60 -6.71
N GLY A 25 14.09 -1.72 -7.40
CA GLY A 25 14.02 -1.72 -8.88
C GLY A 25 12.86 -0.83 -9.35
N LEU A 26 12.49 0.16 -8.56
CA LEU A 26 11.38 1.03 -8.99
C LEU A 26 11.95 2.14 -9.87
N GLN A 27 11.13 2.98 -10.42
CA GLN A 27 11.66 4.07 -11.28
C GLN A 27 12.83 4.75 -10.60
N ALA A 28 14.00 4.32 -10.96
CA ALA A 28 15.24 4.88 -10.36
C ALA A 28 15.29 6.39 -10.52
N GLY A 29 14.54 7.10 -9.72
CA GLY A 29 14.55 8.58 -9.80
C GLY A 29 13.12 9.11 -9.79
N THR A 30 12.22 8.47 -9.08
CA THR A 30 10.83 8.97 -9.05
C THR A 30 10.15 8.65 -7.70
N ALA A 31 9.82 9.68 -7.00
CA ALA A 31 9.13 9.55 -5.68
C ALA A 31 8.00 8.51 -5.80
N TYR A 32 7.98 7.55 -4.91
CA TYR A 32 6.92 6.51 -4.93
C TYR A 32 6.14 6.59 -3.61
N ASP A 33 4.87 6.26 -3.60
CA ASP A 33 4.11 6.31 -2.33
C ASP A 33 4.04 4.88 -1.78
N VAL A 34 3.80 4.73 -0.50
CA VAL A 34 3.76 3.36 0.09
C VAL A 34 2.62 3.28 1.12
N GLY A 35 1.63 2.40 0.94
CA GLY A 35 0.53 2.35 1.96
C GLY A 35 -0.39 1.14 1.74
N GLN A 36 -1.38 1.02 2.59
CA GLN A 36 -2.35 -0.09 2.51
C GLN A 36 -3.63 0.43 1.86
N CYS A 37 -3.89 0.02 0.65
CA CYS A 37 -5.12 0.50 -0.05
C CYS A 37 -5.89 -0.71 -0.61
N ALA A 38 -7.19 -0.59 -0.67
CA ALA A 38 -8.01 -1.73 -1.18
C ALA A 38 -8.88 -1.28 -2.37
N TRP A 39 -9.00 -2.09 -3.39
CA TRP A 39 -9.86 -1.72 -4.55
C TRP A 39 -11.22 -2.36 -4.34
N VAL A 40 -12.25 -1.57 -4.14
CA VAL A 40 -13.60 -2.15 -3.90
C VAL A 40 -14.46 -2.02 -5.15
N ASP A 41 -13.88 -1.74 -6.28
CA ASP A 41 -14.70 -1.61 -7.52
C ASP A 41 -13.82 -1.15 -8.68
N THR A 42 -14.41 -0.90 -9.81
CA THR A 42 -13.63 -0.45 -10.99
C THR A 42 -13.20 1.00 -10.80
N GLY A 43 -12.00 1.21 -10.36
CA GLY A 43 -11.49 2.61 -10.16
C GLY A 43 -11.87 3.13 -8.77
N VAL A 44 -12.04 2.28 -7.78
CA VAL A 44 -12.37 2.77 -6.43
C VAL A 44 -11.22 2.34 -5.49
N LEU A 45 -10.37 3.25 -5.06
CA LEU A 45 -9.23 2.84 -4.19
C LEU A 45 -9.37 3.50 -2.81
N ALA A 46 -9.76 2.76 -1.79
CA ALA A 46 -9.88 3.36 -0.43
C ALA A 46 -8.61 3.02 0.33
N CYS A 47 -7.76 3.98 0.60
CA CYS A 47 -6.50 3.69 1.33
C CYS A 47 -6.57 4.22 2.77
N ASN A 48 -5.65 3.79 3.60
CA ASN A 48 -5.66 4.26 5.02
C ASN A 48 -4.41 5.11 5.28
N PRO A 49 -4.60 6.25 5.91
CA PRO A 49 -3.47 7.16 6.22
C PRO A 49 -2.59 6.64 7.37
N ALA A 50 -2.56 5.34 7.61
CA ALA A 50 -1.70 4.83 8.71
C ALA A 50 -0.40 4.29 8.12
N ASP A 51 -0.31 4.24 6.82
CA ASP A 51 0.91 3.73 6.17
C ASP A 51 1.31 4.68 5.05
N PHE A 52 0.60 5.78 4.92
CA PHE A 52 0.91 6.72 3.82
C PHE A 52 2.35 7.22 3.92
N SER A 53 3.30 6.44 3.47
CA SER A 53 4.72 6.89 3.50
C SER A 53 5.15 7.19 2.07
N SER A 54 6.41 7.41 1.82
CA SER A 54 6.82 7.71 0.43
C SER A 54 8.33 7.97 0.34
N VAL A 55 8.97 7.40 -0.64
CA VAL A 55 10.42 7.61 -0.86
C VAL A 55 10.66 7.56 -2.37
N THR A 56 11.74 8.12 -2.85
CA THR A 56 11.96 8.08 -4.32
C THR A 56 12.90 6.93 -4.67
N ALA A 57 12.69 6.34 -5.81
CA ALA A 57 13.56 5.23 -6.23
C ALA A 57 14.96 5.78 -6.54
N ASP A 58 15.88 5.47 -5.69
CA ASP A 58 17.29 5.93 -5.86
C ASP A 58 17.91 5.37 -7.15
N ALA A 59 19.14 4.94 -7.08
CA ALA A 59 19.84 4.40 -8.30
C ALA A 59 18.97 3.36 -9.00
N ASN A 60 18.51 2.40 -8.27
CA ASN A 60 17.64 1.36 -8.85
C ASN A 60 16.23 1.66 -8.37
N GLY A 61 16.15 2.19 -7.18
CA GLY A 61 14.86 2.58 -6.59
C GLY A 61 14.48 1.62 -5.46
N SER A 62 15.19 1.68 -4.36
CA SER A 62 14.85 0.79 -3.22
C SER A 62 14.13 1.58 -2.14
N ALA A 63 13.03 1.07 -1.69
CA ALA A 63 12.26 1.81 -0.65
C ALA A 63 11.80 0.83 0.44
N SER A 64 12.38 0.91 1.60
CA SER A 64 11.98 -0.03 2.69
C SER A 64 11.37 0.78 3.84
N THR A 65 10.12 0.56 4.13
CA THR A 65 9.48 1.32 5.23
C THR A 65 8.45 0.43 5.94
N SER A 66 8.36 0.54 7.23
CA SER A 66 7.37 -0.28 8.00
C SER A 66 6.16 0.60 8.32
N LEU A 67 4.98 0.07 8.17
CA LEU A 67 3.76 0.89 8.46
C LEU A 67 2.74 0.05 9.23
N THR A 68 1.68 0.65 9.70
CA THR A 68 0.66 -0.12 10.47
C THR A 68 -0.58 -0.36 9.59
N VAL A 69 -0.97 -1.61 9.41
CA VAL A 69 -2.16 -1.89 8.56
C VAL A 69 -3.09 -2.89 9.29
N ARG A 70 -4.39 -2.76 9.16
CA ARG A 70 -5.28 -3.71 9.85
C ARG A 70 -6.47 -4.08 8.97
N ARG A 71 -7.47 -4.71 9.54
CA ARG A 71 -8.67 -5.11 8.74
C ARG A 71 -9.46 -3.85 8.40
N SER A 72 -10.21 -3.29 9.31
CA SER A 72 -10.96 -2.06 8.95
C SER A 72 -9.96 -0.94 8.83
N PHE A 73 -10.09 -0.11 7.84
CA PHE A 73 -9.10 0.97 7.69
C PHE A 73 -9.68 2.09 6.83
N GLU A 74 -9.44 3.31 7.25
CA GLU A 74 -9.98 4.49 6.52
C GLU A 74 -10.01 4.23 5.01
N GLY A 75 -11.16 4.32 4.42
CA GLY A 75 -11.29 4.07 2.95
C GLY A 75 -11.06 5.36 2.15
N PHE A 76 -10.05 6.13 2.46
CA PHE A 76 -9.78 7.40 1.70
C PHE A 76 -10.07 7.19 0.20
N LEU A 77 -11.08 7.84 -0.35
CA LEU A 77 -11.40 7.66 -1.80
C LEU A 77 -10.57 8.66 -2.64
N PHE A 78 -9.82 8.20 -3.62
CA PHE A 78 -9.01 9.14 -4.45
C PHE A 78 -9.92 10.09 -5.23
N ASP A 79 -10.74 10.85 -4.54
CA ASP A 79 -11.64 11.79 -5.26
C ASP A 79 -12.13 12.87 -4.28
N GLY A 80 -11.44 13.07 -3.18
CA GLY A 80 -11.86 14.10 -2.21
C GLY A 80 -12.90 13.51 -1.24
N THR A 81 -13.65 12.53 -1.66
CA THR A 81 -14.67 11.93 -0.77
C THR A 81 -14.10 10.71 -0.04
N ARG A 82 -14.74 10.33 1.03
CA ARG A 82 -14.26 9.16 1.81
C ARG A 82 -15.26 8.01 1.61
N TRP A 83 -14.76 6.81 1.41
CA TRP A 83 -15.67 5.65 1.18
C TRP A 83 -16.18 5.09 2.51
N GLY A 84 -15.51 5.40 3.59
CA GLY A 84 -15.93 4.89 4.91
C GLY A 84 -14.89 3.88 5.40
N THR A 85 -15.04 3.39 6.60
CA THR A 85 -14.06 2.39 7.11
C THR A 85 -14.15 1.16 6.21
N VAL A 86 -13.13 0.94 5.43
CA VAL A 86 -13.14 -0.21 4.51
C VAL A 86 -12.74 -1.47 5.29
N ASP A 87 -13.68 -2.31 5.62
CA ASP A 87 -13.38 -3.54 6.39
C ASP A 87 -12.53 -4.49 5.55
N CYS A 88 -11.28 -4.69 5.89
CA CYS A 88 -10.44 -5.63 5.07
C CYS A 88 -11.03 -7.04 5.15
N THR A 89 -12.04 -7.27 5.97
CA THR A 89 -12.63 -8.63 6.05
C THR A 89 -13.66 -8.79 4.94
N THR A 90 -13.86 -7.77 4.15
CA THR A 90 -14.85 -7.86 3.05
C THR A 90 -14.12 -7.81 1.70
N ALA A 91 -13.24 -6.86 1.55
CA ALA A 91 -12.48 -6.74 0.27
C ALA A 91 -11.03 -7.19 0.49
N ALA A 92 -10.22 -7.11 -0.53
CA ALA A 92 -8.80 -7.53 -0.39
C ALA A 92 -7.91 -6.28 -0.35
N CYS A 93 -7.24 -6.03 0.75
CA CYS A 93 -6.38 -4.81 0.84
C CYS A 93 -4.93 -5.18 0.54
N GLN A 94 -4.32 -4.52 -0.42
CA GLN A 94 -2.93 -4.84 -0.77
C GLN A 94 -1.98 -3.79 -0.23
N VAL A 95 -0.83 -4.24 0.13
CA VAL A 95 0.21 -3.30 0.63
C VAL A 95 1.21 -3.10 -0.51
N GLY A 96 1.24 -1.94 -1.09
CA GLY A 96 2.18 -1.76 -2.23
C GLY A 96 2.67 -0.32 -2.35
N LEU A 97 3.35 -0.02 -3.43
CA LEU A 97 3.90 1.34 -3.64
C LEU A 97 3.18 1.97 -4.82
N SER A 98 3.56 3.16 -5.18
CA SER A 98 2.89 3.84 -6.33
C SER A 98 3.60 5.17 -6.62
N ASP A 99 3.25 5.82 -7.70
CA ASP A 99 3.91 7.12 -8.02
C ASP A 99 2.83 8.22 -8.11
N ALA A 100 3.13 9.34 -8.72
CA ALA A 100 2.10 10.42 -8.82
C ALA A 100 1.77 10.65 -10.30
N ALA A 101 1.74 9.61 -11.07
CA ALA A 101 1.43 9.75 -12.52
C ALA A 101 0.14 9.01 -12.86
N GLY A 102 -0.14 7.92 -12.20
CA GLY A 102 -1.38 7.16 -12.52
C GLY A 102 -1.27 5.80 -11.86
N ASN A 103 -0.09 5.23 -11.85
CA ASN A 103 0.09 3.92 -11.22
C ASN A 103 1.56 3.68 -10.92
N GLY A 104 1.87 2.54 -10.41
CA GLY A 104 3.27 2.20 -10.06
C GLY A 104 3.36 0.67 -9.83
N PRO A 105 4.39 0.18 -9.16
CA PRO A 105 4.51 -1.26 -8.91
C PRO A 105 3.17 -1.83 -8.39
N GLU A 106 3.13 -3.11 -8.10
CA GLU A 106 1.87 -3.72 -7.61
C GLU A 106 1.84 -3.74 -6.08
N GLY A 107 0.78 -4.27 -5.51
CA GLY A 107 0.68 -4.33 -4.03
C GLY A 107 0.63 -5.80 -3.59
N VAL A 108 0.89 -6.05 -2.33
CA VAL A 108 0.87 -7.42 -1.81
C VAL A 108 -0.46 -7.67 -1.10
N ALA A 109 -1.10 -8.73 -1.44
CA ALA A 109 -2.40 -9.07 -0.79
C ALA A 109 -2.18 -9.55 0.63
N ILE A 110 -2.76 -8.89 1.60
CA ILE A 110 -2.58 -9.32 3.01
C ILE A 110 -3.78 -10.17 3.43
N SER A 111 -3.71 -10.79 4.58
CA SER A 111 -4.86 -11.63 5.04
C SER A 111 -5.10 -11.39 6.53
N PHE A 112 -6.28 -11.72 7.00
CA PHE A 112 -6.58 -11.51 8.44
C PHE A 112 -7.29 -12.74 9.01
N ASN A 113 -6.82 -13.26 10.10
CA ASN A 113 -7.46 -14.47 10.70
C ASN A 113 -8.97 -14.26 10.78
C1 CHR B . -3.57 7.71 -4.06
C2 CHR B . -4.00 8.59 -2.99
C3 CHR B . -4.58 9.19 -2.15
C4 CHR B . -5.57 9.73 -1.21
O2 CHR B . -6.08 8.88 -0.14
C5 CHR B . -6.88 8.95 -1.35
C6 CHR B . -6.72 7.86 -2.35
C7 CHR B . -6.36 7.09 -3.18
C8 CHR B . -5.67 6.30 -4.18
C9 CHR B . -4.47 6.71 -4.64
C10 CHR B . -3.82 6.14 -5.87
O1 CHR B . -4.39 6.70 -7.06
C11 CHR B . -2.35 6.58 -5.72
O6 CHR B . -1.59 5.48 -5.25
C12 CHR B . -2.40 7.66 -4.67
C13 CHR B . -4.22 6.03 -8.30
O3 CHR B . -5.06 4.89 -8.34
C14 CHR B . -4.60 6.98 -9.43
N1 CHR B . -3.82 8.24 -9.33
C19 CHR B . -2.44 8.30 -9.87
C15 CHR B . -6.10 7.30 -9.35
O4 CHR B . -6.47 8.15 -10.42
C16 CHR B . -6.90 5.99 -9.44
O5 CHR B . -6.66 5.37 -10.70
C17 CHR B . -6.47 5.05 -8.32
C18 CHR B . -7.14 3.69 -8.51
C20 CHR B . -1.29 4.68 -6.26
O7 CHR B . -0.94 5.12 -7.35
C21 CHR B . -1.44 3.24 -6.01
C22 CHR B . -1.91 2.42 -7.04
O9 CHR B . -2.17 2.94 -8.30
C23 CHR B . -2.13 1.05 -6.80
C24 CHR B . -1.87 0.52 -5.53
C25 CHR B . -1.40 1.34 -4.50
C26 CHR B . -1.18 2.70 -4.73
C27 CHR B . -0.68 3.52 -3.70
C28 CHR B . -0.44 2.98 -2.44
O8 CHR B . 0.04 3.78 -1.40
C31 CHR B . -0.48 5.10 -1.35
C29 CHR B . -0.67 1.61 -2.20
C30 CHR B . -1.14 0.80 -3.23
C32 CHR B . -1.40 -0.67 -2.98
C33 CHR B . -5.64 11.24 -1.02
O10 CHR B . -6.61 11.58 -0.06
C34 CHR B . -7.50 12.34 -0.69
O11 CHR B . -8.46 12.79 -0.11
O12 CHR B . -7.28 12.59 -1.97
C35 CHR B . -6.08 11.91 -2.31
H5 CHR B . -7.82 9.49 -1.31
H8 CHR B . -6.10 5.40 -4.56
H10 CHR B . -3.90 5.06 -5.88
H11 CHR B . -1.95 6.96 -6.65
H12 CHR B . -1.59 8.31 -4.44
H13 CHR B . -3.20 5.73 -8.41
H14 CHR B . -4.40 6.50 -10.38
H191 CHR B . -1.76 8.61 -9.09
H192 CHR B . -2.40 9.02 -10.67
H193 CHR B . -2.15 7.33 -10.23
H15 CHR B . -6.31 7.78 -8.41
HO4 CHR B . -5.90 8.93 -10.39
H16 CHR B . -7.96 6.21 -9.35
HO5 CHR B . -6.78 6.04 -11.38
H17 CHR B . -6.78 5.46 -7.36
H181 CHR B . -6.42 2.90 -8.34
H182 CHR B . -7.96 3.58 -7.82
H183 CHR B . -7.51 3.61 -9.52
HO9 CHR B . -2.30 2.23 -8.93
H23 CHR B . -2.49 0.41 -7.59
H24 CHR B . -2.05 -0.53 -5.34
H27 CHR B . -0.48 4.56 -3.88
H311 CHR B . -0.23 5.55 -0.41
H312 CHR B . -0.06 5.69 -2.16
H313 CHR B . -1.57 5.07 -1.45
H29 CHR B . -0.48 1.19 -1.22
H321 CHR B . -2.45 -0.89 -3.15
H322 CHR B . -0.80 -1.26 -3.66
H323 CHR B . -1.15 -0.91 -1.96
H33 CHR B . -4.66 11.62 -0.72
H351 CHR B . -5.34 12.62 -2.64
H352 CHR B . -6.28 11.18 -3.08
N ALA A 1 18.87 -6.48 -12.64
CA ALA A 1 17.71 -6.70 -11.73
C ALA A 1 16.55 -5.80 -12.16
N ALA A 2 15.34 -6.16 -11.81
CA ALA A 2 14.17 -5.33 -12.20
C ALA A 2 13.41 -4.91 -10.94
N PRO A 3 12.44 -4.05 -11.12
CA PRO A 3 11.61 -3.53 -10.01
C PRO A 3 10.90 -4.68 -9.31
N THR A 4 10.52 -4.46 -8.08
CA THR A 4 9.80 -5.50 -7.31
C THR A 4 9.48 -4.93 -5.93
N ALA A 5 9.03 -5.75 -5.01
CA ALA A 5 8.69 -5.22 -3.66
C ALA A 5 8.54 -6.34 -2.67
N THR A 6 9.17 -6.20 -1.56
CA THR A 6 9.07 -7.24 -0.52
C THR A 6 8.34 -6.68 0.68
N VAL A 7 7.16 -7.15 0.84
CA VAL A 7 6.28 -6.70 1.96
C VAL A 7 5.99 -7.88 2.91
N THR A 8 6.02 -7.63 4.19
CA THR A 8 5.76 -8.73 5.16
C THR A 8 5.76 -8.14 6.59
N PRO A 9 5.00 -8.74 7.47
CA PRO A 9 4.16 -9.89 7.15
C PRO A 9 2.90 -9.42 6.44
N SER A 10 2.35 -10.24 5.60
CA SER A 10 1.12 -9.85 4.87
C SER A 10 -0.11 -10.35 5.63
N SER A 11 0.06 -11.36 6.46
CA SER A 11 -1.10 -11.89 7.23
C SER A 11 -0.71 -12.04 8.71
N GLY A 12 -1.68 -12.16 9.57
CA GLY A 12 -1.37 -12.30 11.03
C GLY A 12 -0.96 -10.93 11.56
N LEU A 13 -1.63 -9.91 11.10
CA LEU A 13 -1.30 -8.53 11.50
C LEU A 13 -2.12 -8.12 12.69
N SER A 14 -3.33 -8.45 12.61
CA SER A 14 -4.28 -8.12 13.70
C SER A 14 -4.42 -6.60 13.81
N ASP A 15 -5.60 -6.15 14.16
CA ASP A 15 -5.85 -4.70 14.27
C ASP A 15 -4.82 -4.01 15.16
N GLY A 16 -3.97 -3.22 14.57
CA GLY A 16 -2.98 -2.49 15.40
C GLY A 16 -1.53 -2.91 15.13
N THR A 17 -1.24 -3.70 14.12
CA THR A 17 0.17 -4.05 13.92
C THR A 17 0.76 -3.22 12.81
N VAL A 18 1.95 -3.55 12.45
CA VAL A 18 2.67 -2.80 11.37
C VAL A 18 3.32 -3.77 10.39
N VAL A 19 3.30 -3.45 9.12
CA VAL A 19 3.94 -4.36 8.12
C VAL A 19 5.10 -3.61 7.45
N LYS A 20 6.06 -4.34 6.95
CA LYS A 20 7.20 -3.66 6.28
C LYS A 20 7.11 -3.90 4.78
N VAL A 21 6.78 -2.89 4.03
CA VAL A 21 6.68 -3.04 2.56
C VAL A 21 7.96 -2.49 1.94
N ALA A 22 8.50 -3.14 0.95
CA ALA A 22 9.74 -2.60 0.34
C ALA A 22 9.63 -2.63 -1.18
N GLY A 23 10.44 -1.85 -1.82
CA GLY A 23 10.45 -1.80 -3.29
C GLY A 23 11.88 -1.94 -3.75
N ALA A 24 12.12 -2.60 -4.85
CA ALA A 24 13.52 -2.72 -5.32
C ALA A 24 13.54 -2.74 -6.85
N GLY A 25 14.27 -1.85 -7.49
CA GLY A 25 14.29 -1.85 -8.97
C GLY A 25 13.18 -0.94 -9.50
N LEU A 26 12.78 0.05 -8.74
CA LEU A 26 11.72 0.95 -9.23
C LEU A 26 12.36 2.10 -10.00
N GLN A 27 11.59 2.90 -10.67
CA GLN A 27 12.18 4.02 -11.44
C GLN A 27 13.24 4.74 -10.61
N ALA A 28 14.46 4.43 -10.88
CA ALA A 28 15.59 5.04 -10.14
C ALA A 28 15.53 6.57 -10.24
N GLY A 29 14.66 7.17 -9.48
CA GLY A 29 14.54 8.66 -9.53
C GLY A 29 13.06 9.04 -9.58
N THR A 30 12.22 8.27 -8.92
CA THR A 30 10.77 8.60 -8.96
C THR A 30 10.13 8.40 -7.58
N ALA A 31 9.84 9.47 -6.92
CA ALA A 31 9.18 9.42 -5.58
C ALA A 31 7.91 8.57 -5.67
N TYR A 32 7.88 7.45 -4.99
CA TYR A 32 6.68 6.58 -5.04
C TYR A 32 5.99 6.61 -3.67
N ASP A 33 4.73 6.24 -3.60
CA ASP A 33 4.03 6.23 -2.28
C ASP A 33 3.99 4.80 -1.78
N VAL A 34 3.64 4.58 -0.54
CA VAL A 34 3.63 3.19 0.00
C VAL A 34 2.56 3.06 1.09
N GLY A 35 1.53 2.22 0.92
CA GLY A 35 0.51 2.13 2.00
C GLY A 35 -0.46 0.96 1.77
N GLN A 36 -1.45 0.85 2.63
CA GLN A 36 -2.47 -0.22 2.54
C GLN A 36 -3.72 0.34 1.88
N CYS A 37 -3.98 -0.05 0.67
CA CYS A 37 -5.19 0.45 -0.03
C CYS A 37 -5.94 -0.72 -0.67
N ALA A 38 -7.24 -0.62 -0.76
CA ALA A 38 -8.04 -1.74 -1.36
C ALA A 38 -8.91 -1.23 -2.52
N TRP A 39 -9.03 -1.99 -3.59
CA TRP A 39 -9.90 -1.55 -4.71
C TRP A 39 -11.27 -2.21 -4.53
N VAL A 40 -12.29 -1.43 -4.30
CA VAL A 40 -13.64 -2.02 -4.07
C VAL A 40 -14.51 -1.84 -5.31
N ASP A 41 -13.93 -1.50 -6.43
CA ASP A 41 -14.75 -1.31 -7.66
C ASP A 41 -13.88 -0.79 -8.80
N THR A 42 -14.48 -0.49 -9.92
CA THR A 42 -13.71 0.02 -11.07
C THR A 42 -13.27 1.46 -10.80
N GLY A 43 -12.06 1.65 -10.37
CA GLY A 43 -11.55 3.02 -10.10
C GLY A 43 -11.92 3.48 -8.68
N VAL A 44 -12.09 2.59 -7.74
CA VAL A 44 -12.42 3.01 -6.36
C VAL A 44 -11.27 2.54 -5.45
N LEU A 45 -10.41 3.43 -4.98
CA LEU A 45 -9.28 2.99 -4.14
C LEU A 45 -9.39 3.61 -2.74
N ALA A 46 -9.79 2.84 -1.75
CA ALA A 46 -9.90 3.40 -0.39
C ALA A 46 -8.63 3.02 0.40
N CYS A 47 -7.79 3.98 0.68
CA CYS A 47 -6.53 3.65 1.41
C CYS A 47 -6.61 4.17 2.85
N ASN A 48 -5.71 3.74 3.70
CA ASN A 48 -5.76 4.20 5.12
C ASN A 48 -4.60 5.19 5.39
N PRO A 49 -4.91 6.26 6.10
CA PRO A 49 -3.91 7.30 6.44
C PRO A 49 -2.95 6.83 7.54
N ALA A 50 -2.75 5.54 7.72
CA ALA A 50 -1.82 5.08 8.79
C ALA A 50 -0.70 4.26 8.16
N ASP A 51 -0.69 4.18 6.86
CA ASP A 51 0.38 3.42 6.16
C ASP A 51 0.79 4.24 4.95
N PHE A 52 0.51 5.51 4.98
CA PHE A 52 0.86 6.37 3.83
C PHE A 52 2.31 6.85 3.93
N SER A 53 3.24 6.09 3.42
CA SER A 53 4.66 6.52 3.45
C SER A 53 5.08 6.91 2.04
N SER A 54 6.35 7.10 1.78
CA SER A 54 6.75 7.50 0.41
C SER A 54 8.27 7.70 0.32
N VAL A 55 8.86 7.19 -0.72
CA VAL A 55 10.34 7.36 -0.93
C VAL A 55 10.60 7.33 -2.44
N THR A 56 11.69 7.88 -2.88
CA THR A 56 11.97 7.86 -4.34
C THR A 56 12.94 6.73 -4.67
N ALA A 57 12.72 6.11 -5.78
CA ALA A 57 13.64 5.03 -6.21
C ALA A 57 15.03 5.61 -6.42
N ASP A 58 15.91 5.31 -5.53
CA ASP A 58 17.32 5.79 -5.61
C ASP A 58 18.01 5.25 -6.88
N ALA A 59 19.26 4.86 -6.76
CA ALA A 59 20.03 4.34 -7.94
C ALA A 59 19.23 3.27 -8.68
N ASN A 60 18.79 2.29 -7.97
CA ASN A 60 17.97 1.22 -8.63
C ASN A 60 16.53 1.51 -8.27
N GLY A 61 16.35 2.05 -7.10
CA GLY A 61 15.01 2.44 -6.62
C GLY A 61 14.55 1.49 -5.52
N SER A 62 15.26 1.45 -4.42
CA SER A 62 14.85 0.59 -3.30
C SER A 62 14.11 1.42 -2.28
N ALA A 63 12.97 0.97 -1.88
CA ALA A 63 12.19 1.76 -0.89
C ALA A 63 11.60 0.82 0.17
N SER A 64 12.11 0.86 1.37
CA SER A 64 11.58 -0.03 2.43
C SER A 64 11.10 0.80 3.61
N THR A 65 9.84 0.71 3.93
CA THR A 65 9.29 1.49 5.06
C THR A 65 8.22 0.68 5.77
N SER A 66 8.15 0.77 7.08
CA SER A 66 7.13 0.01 7.83
C SER A 66 5.94 0.91 8.14
N LEU A 67 4.74 0.39 8.00
CA LEU A 67 3.53 1.21 8.29
C LEU A 67 2.48 0.35 9.00
N THR A 68 1.55 0.96 9.68
CA THR A 68 0.50 0.17 10.39
C THR A 68 -0.68 -0.13 9.47
N VAL A 69 -1.20 -1.32 9.54
CA VAL A 69 -2.36 -1.69 8.68
C VAL A 69 -3.24 -2.71 9.41
N ARG A 70 -4.54 -2.67 9.25
CA ARG A 70 -5.38 -3.65 9.97
C ARG A 70 -6.67 -3.96 9.19
N ARG A 71 -7.54 -4.72 9.81
CA ARG A 71 -8.83 -5.10 9.18
C ARG A 71 -9.53 -3.83 8.67
N SER A 72 -10.56 -3.37 9.35
CA SER A 72 -11.25 -2.14 8.89
C SER A 72 -10.24 -1.01 8.88
N PHE A 73 -10.30 -0.17 7.90
CA PHE A 73 -9.30 0.91 7.84
C PHE A 73 -9.83 2.05 6.98
N GLU A 74 -9.62 3.27 7.41
CA GLU A 74 -10.13 4.45 6.66
C GLU A 74 -10.08 4.20 5.15
N GLY A 75 -11.21 4.26 4.51
CA GLY A 75 -11.27 4.00 3.04
C GLY A 75 -11.07 5.30 2.25
N PHE A 76 -10.08 6.09 2.59
CA PHE A 76 -9.84 7.38 1.85
C PHE A 76 -10.11 7.19 0.35
N LEU A 77 -11.13 7.83 -0.19
CA LEU A 77 -11.43 7.67 -1.65
C LEU A 77 -10.61 8.69 -2.46
N PHE A 78 -9.86 8.26 -3.44
CA PHE A 78 -9.05 9.22 -4.26
C PHE A 78 -9.98 10.17 -5.02
N ASP A 79 -10.81 10.90 -4.32
CA ASP A 79 -11.74 11.85 -5.01
C ASP A 79 -12.20 12.92 -4.01
N GLY A 80 -11.49 13.10 -2.94
CA GLY A 80 -11.89 14.13 -1.94
C GLY A 80 -12.91 13.55 -0.96
N THR A 81 -13.66 12.57 -1.35
CA THR A 81 -14.67 11.98 -0.43
C THR A 81 -14.13 10.72 0.23
N ARG A 82 -14.76 10.30 1.29
CA ARG A 82 -14.31 9.08 2.01
C ARG A 82 -15.28 7.94 1.71
N TRP A 83 -14.79 6.75 1.45
CA TRP A 83 -15.70 5.62 1.13
C TRP A 83 -16.25 5.00 2.42
N GLY A 84 -15.60 5.23 3.52
CA GLY A 84 -16.07 4.64 4.81
C GLY A 84 -15.00 3.69 5.33
N THR A 85 -15.17 3.19 6.53
CA THR A 85 -14.16 2.24 7.07
C THR A 85 -14.20 0.98 6.20
N VAL A 86 -13.21 0.80 5.38
CA VAL A 86 -13.17 -0.37 4.49
C VAL A 86 -12.78 -1.61 5.28
N ASP A 87 -13.71 -2.50 5.53
CA ASP A 87 -13.40 -3.73 6.30
C ASP A 87 -12.38 -4.57 5.51
N CYS A 88 -11.17 -4.71 5.98
CA CYS A 88 -10.18 -5.53 5.21
C CYS A 88 -10.63 -6.99 5.19
N THR A 89 -11.69 -7.33 5.89
CA THR A 89 -12.16 -8.75 5.90
C THR A 89 -13.21 -8.95 4.80
N THR A 90 -13.50 -7.93 4.06
CA THR A 90 -14.52 -8.05 2.97
C THR A 90 -13.82 -7.92 1.62
N ALA A 91 -13.06 -6.87 1.46
CA ALA A 91 -12.33 -6.67 0.17
C ALA A 91 -10.89 -7.14 0.34
N ALA A 92 -10.11 -7.06 -0.69
CA ALA A 92 -8.68 -7.51 -0.58
C ALA A 92 -7.79 -6.26 -0.46
N CYS A 93 -7.15 -6.08 0.68
CA CYS A 93 -6.28 -4.88 0.85
C CYS A 93 -4.83 -5.23 0.54
N GLN A 94 -4.24 -4.55 -0.41
CA GLN A 94 -2.85 -4.84 -0.76
C GLN A 94 -1.91 -3.77 -0.26
N VAL A 95 -0.77 -4.18 0.15
CA VAL A 95 0.25 -3.22 0.62
C VAL A 95 1.24 -3.04 -0.52
N GLY A 96 1.25 -1.92 -1.15
CA GLY A 96 2.19 -1.75 -2.29
C GLY A 96 2.67 -0.31 -2.43
N LEU A 97 3.36 -0.04 -3.50
CA LEU A 97 3.89 1.33 -3.73
C LEU A 97 3.18 1.96 -4.91
N SER A 98 3.51 3.17 -5.23
CA SER A 98 2.83 3.86 -6.37
C SER A 98 3.58 5.15 -6.69
N ASP A 99 3.31 5.74 -7.83
CA ASP A 99 4.01 7.01 -8.17
C ASP A 99 2.97 8.14 -8.24
N ALA A 100 3.28 9.24 -8.90
CA ALA A 100 2.29 10.35 -8.98
C ALA A 100 1.88 10.57 -10.43
N ALA A 101 1.78 9.50 -11.19
CA ALA A 101 1.39 9.64 -12.62
C ALA A 101 0.05 8.93 -12.87
N GLY A 102 -0.21 7.85 -12.18
CA GLY A 102 -1.49 7.13 -12.40
C GLY A 102 -1.37 5.77 -11.74
N ASN A 103 -0.20 5.18 -11.79
CA ASN A 103 -0.01 3.88 -11.16
C ASN A 103 1.48 3.66 -10.91
N GLY A 104 1.80 2.52 -10.38
CA GLY A 104 3.22 2.18 -10.07
C GLY A 104 3.33 0.66 -9.83
N PRO A 105 4.39 0.19 -9.20
CA PRO A 105 4.52 -1.26 -8.94
C PRO A 105 3.21 -1.83 -8.36
N GLU A 106 3.16 -3.11 -8.12
CA GLU A 106 1.90 -3.71 -7.58
C GLU A 106 1.92 -3.71 -6.05
N GLY A 107 0.94 -4.32 -5.45
CA GLY A 107 0.89 -4.36 -3.96
C GLY A 107 0.82 -5.82 -3.49
N VAL A 108 1.04 -6.05 -2.22
CA VAL A 108 1.01 -7.42 -1.68
C VAL A 108 -0.33 -7.65 -0.97
N ALA A 109 -0.97 -8.72 -1.29
CA ALA A 109 -2.28 -9.04 -0.65
C ALA A 109 -2.04 -9.51 0.78
N ILE A 110 -2.68 -8.89 1.73
CA ILE A 110 -2.49 -9.32 3.15
C ILE A 110 -3.64 -10.24 3.55
N SER A 111 -3.54 -10.85 4.70
CA SER A 111 -4.63 -11.77 5.15
C SER A 111 -4.88 -11.54 6.66
N PHE A 112 -6.07 -11.86 7.12
CA PHE A 112 -6.36 -11.66 8.56
C PHE A 112 -6.81 -13.00 9.18
N ASN A 113 -5.92 -13.95 9.29
CA ASN A 113 -6.31 -15.26 9.88
C ASN A 113 -6.92 -15.04 11.27
C1 CHR B . -3.63 7.80 -3.84
C2 CHR B . -4.06 8.65 -2.77
C3 CHR B . -4.65 9.25 -1.93
C4 CHR B . -5.65 9.79 -0.99
O2 CHR B . -6.15 8.92 0.07
C5 CHR B . -6.95 9.00 -1.14
C6 CHR B . -6.80 7.94 -2.17
C7 CHR B . -6.43 7.18 -3.01
C8 CHR B . -5.74 6.42 -4.03
C9 CHR B . -4.52 6.82 -4.46
C10 CHR B . -3.87 6.26 -5.70
O1 CHR B . -4.44 6.82 -6.88
C11 CHR B . -2.41 6.70 -5.54
O6 CHR B . -1.62 5.59 -5.15
C12 CHR B . -2.45 7.73 -4.43
C13 CHR B . -4.25 6.17 -8.12
O3 CHR B . -5.13 5.06 -8.24
C14 CHR B . -4.53 7.16 -9.25
N1 CHR B . -3.69 8.37 -9.09
C19 CHR B . -2.35 8.45 -9.72
C15 CHR B . -6.01 7.54 -9.23
O4 CHR B . -6.29 8.44 -10.29
C16 CHR B . -6.87 6.28 -9.39
O5 CHR B . -6.60 5.69 -10.65
C17 CHR B . -6.54 5.29 -8.27
C18 CHR B . -7.24 3.95 -8.55
C20 CHR B . -1.32 4.87 -6.22
O7 CHR B . -0.96 5.39 -7.25
C21 CHR B . -1.45 3.41 -6.06
C22 CHR B . -1.90 2.66 -7.16
O9 CHR B . -2.13 3.28 -8.38
C23 CHR B . -2.11 1.29 -7.02
C24 CHR B . -1.88 0.66 -5.79
C25 CHR B . -1.42 1.40 -4.70
C26 CHR B . -1.19 2.78 -4.84
C27 CHR B . -0.73 3.52 -3.74
C28 CHR B . -0.50 2.89 -2.51
O8 CHR B . -0.04 3.61 -1.42
C31 CHR B . -0.39 4.99 -1.40
C29 CHR B . -0.73 1.51 -2.39
C30 CHR B . -1.19 0.77 -3.48
C32 CHR B . -1.44 -0.71 -3.33
C33 CHR B . -5.71 11.29 -0.80
O10 CHR B . -6.75 11.63 0.11
C34 CHR B . -7.60 12.39 -0.57
O11 CHR B . -8.60 12.83 -0.05
O12 CHR B . -7.31 12.65 -1.84
C35 CHR B . -6.09 11.99 -2.10
H5 CHR B . -7.90 9.54 -1.10
H8 CHR B . -6.19 5.53 -4.43
H10 CHR B . -3.94 5.18 -5.71
H11 CHR B . -2.03 7.13 -6.46
H12 CHR B . -1.61 8.35 -4.17
H13 CHR B . -3.22 5.83 -8.20
H14 CHR B . -4.30 6.69 -10.20
H191 CHR B . -2.07 7.47 -10.10
H192 CHR B . -1.61 8.76 -9.00
H193 CHR B . -2.37 9.16 -10.54
H15 CHR B . -6.24 8.01 -8.28
HO4 CHR B . -5.87 8.10 -11.08
H16 CHR B . -7.91 6.54 -9.33
HO5 CHR B . -7.33 5.90 -11.24
H17 CHR B . -6.87 5.68 -7.32
H181 CHR B . -7.77 4.01 -9.49
H182 CHR B . -6.52 3.16 -8.58
H183 CHR B . -7.95 3.76 -7.76
HO9 CHR B . -3.09 3.30 -8.55
H23 CHR B . -2.46 0.70 -7.86
H24 CHR B . -2.04 -0.41 -5.69
H27 CHR B . -0.52 4.57 -3.85
H311 CHR B . -1.46 5.09 -1.50
H312 CHR B . -0.08 5.43 -0.45
H313 CHR B . 0.10 5.51 -2.20
H29 CHR B . -0.56 1.03 -1.43
H321 CHR B . -1.30 -1.01 -2.31
H322 CHR B . -2.44 -0.95 -3.64
H323 CHR B . -0.74 -1.26 -3.96
H33 CHR B . -4.77 11.66 -0.44
H351 CHR B . -5.33 12.69 -2.38
H352 CHR B . -6.22 11.25 -2.89
N ALA A 1 17.07 -6.10 -15.22
CA ALA A 1 16.78 -5.71 -13.81
C ALA A 1 15.40 -5.05 -13.74
N ALA A 2 14.47 -5.67 -13.06
CA ALA A 2 13.12 -5.08 -12.95
C ALA A 2 12.81 -4.77 -11.48
N PRO A 3 11.88 -3.86 -11.27
CA PRO A 3 11.48 -3.44 -9.92
C PRO A 3 10.89 -4.64 -9.15
N THR A 4 10.95 -4.55 -7.86
CA THR A 4 10.42 -5.64 -7.00
C THR A 4 9.94 -5.03 -5.69
N ALA A 5 9.08 -5.71 -5.00
CA ALA A 5 8.57 -5.17 -3.72
C ALA A 5 8.39 -6.28 -2.73
N THR A 6 9.02 -6.13 -1.60
CA THR A 6 8.90 -7.17 -0.56
C THR A 6 8.20 -6.61 0.65
N VAL A 7 7.02 -7.05 0.83
CA VAL A 7 6.18 -6.59 1.99
C VAL A 7 5.88 -7.79 2.91
N THR A 8 5.98 -7.58 4.20
CA THR A 8 5.72 -8.69 5.15
C THR A 8 5.73 -8.13 6.58
N PRO A 9 4.98 -8.75 7.46
CA PRO A 9 4.16 -9.92 7.13
C PRO A 9 2.89 -9.45 6.41
N SER A 10 2.35 -10.29 5.59
CA SER A 10 1.11 -9.92 4.84
C SER A 10 -0.11 -10.42 5.62
N SER A 11 0.07 -11.43 6.44
CA SER A 11 -1.09 -11.97 7.20
C SER A 11 -0.72 -12.10 8.69
N GLY A 12 -1.70 -12.17 9.55
CA GLY A 12 -1.40 -12.30 11.01
C GLY A 12 -0.99 -10.92 11.55
N LEU A 13 -1.63 -9.91 11.04
CA LEU A 13 -1.31 -8.52 11.44
C LEU A 13 -2.16 -8.10 12.61
N SER A 14 -3.38 -8.40 12.48
CA SER A 14 -4.36 -8.05 13.52
C SER A 14 -4.47 -6.53 13.66
N ASP A 15 -5.64 -6.06 13.97
CA ASP A 15 -5.88 -4.61 14.10
C ASP A 15 -4.85 -3.94 15.00
N GLY A 16 -3.97 -3.16 14.42
CA GLY A 16 -2.98 -2.44 15.26
C GLY A 16 -1.55 -2.93 15.05
N THR A 17 -1.24 -3.71 14.03
CA THR A 17 0.16 -4.13 13.90
C THR A 17 0.86 -3.29 12.84
N VAL A 18 2.05 -3.65 12.56
CA VAL A 18 2.86 -2.92 11.55
C VAL A 18 3.44 -3.87 10.51
N VAL A 19 3.41 -3.48 9.26
CA VAL A 19 3.97 -4.36 8.20
C VAL A 19 5.15 -3.64 7.54
N LYS A 20 6.08 -4.37 6.99
CA LYS A 20 7.24 -3.71 6.33
C LYS A 20 7.13 -3.90 4.82
N VAL A 21 6.86 -2.85 4.11
CA VAL A 21 6.75 -2.96 2.62
C VAL A 21 8.03 -2.42 1.99
N ALA A 22 8.53 -3.05 0.96
CA ALA A 22 9.77 -2.54 0.33
C ALA A 22 9.59 -2.52 -1.19
N GLY A 23 10.38 -1.72 -1.86
CA GLY A 23 10.29 -1.64 -3.33
C GLY A 23 11.70 -1.56 -3.90
N ALA A 24 12.19 -2.58 -4.54
CA ALA A 24 13.59 -2.49 -5.08
C ALA A 24 13.58 -2.59 -6.61
N GLY A 25 14.39 -1.80 -7.29
CA GLY A 25 14.40 -1.88 -8.78
C GLY A 25 13.29 -1.01 -9.35
N LEU A 26 12.92 0.04 -8.67
CA LEU A 26 11.85 0.91 -9.20
C LEU A 26 12.51 2.05 -9.97
N GLN A 27 11.74 2.82 -10.68
CA GLN A 27 12.32 3.94 -11.46
C GLN A 27 13.35 4.68 -10.60
N ALA A 28 14.59 4.39 -10.85
CA ALA A 28 15.69 5.01 -10.07
C ALA A 28 15.61 6.54 -10.21
N GLY A 29 14.71 7.15 -9.48
CA GLY A 29 14.57 8.62 -9.55
C GLY A 29 13.09 8.98 -9.62
N THR A 30 12.25 8.21 -9.00
CA THR A 30 10.80 8.51 -9.04
C THR A 30 10.15 8.35 -7.66
N ALA A 31 9.85 9.44 -7.05
CA ALA A 31 9.18 9.43 -5.70
C ALA A 31 7.93 8.55 -5.77
N TYR A 32 7.95 7.41 -5.12
CA TYR A 32 6.76 6.52 -5.13
C TYR A 32 6.06 6.58 -3.77
N ASP A 33 4.80 6.27 -3.72
CA ASP A 33 4.09 6.29 -2.41
C ASP A 33 4.00 4.85 -1.90
N VAL A 34 3.78 4.67 -0.63
CA VAL A 34 3.73 3.29 -0.08
C VAL A 34 2.62 3.19 0.99
N GLY A 35 1.62 2.34 0.83
CA GLY A 35 0.56 2.28 1.87
C GLY A 35 -0.38 1.08 1.64
N GLN A 36 -1.37 0.97 2.51
CA GLN A 36 -2.35 -0.13 2.42
C GLN A 36 -3.64 0.39 1.78
N CYS A 37 -3.91 0.00 0.58
CA CYS A 37 -5.15 0.48 -0.10
C CYS A 37 -5.92 -0.70 -0.70
N ALA A 38 -7.22 -0.59 -0.77
CA ALA A 38 -8.05 -1.70 -1.33
C ALA A 38 -8.94 -1.20 -2.49
N TRP A 39 -9.06 -1.98 -3.55
CA TRP A 39 -9.93 -1.55 -4.68
C TRP A 39 -11.31 -2.20 -4.47
N VAL A 40 -12.32 -1.41 -4.25
CA VAL A 40 -13.67 -1.99 -4.01
C VAL A 40 -14.57 -1.79 -5.24
N ASP A 41 -14.00 -1.46 -6.37
CA ASP A 41 -14.84 -1.26 -7.58
C ASP A 41 -13.99 -0.76 -8.75
N THR A 42 -14.60 -0.47 -9.86
CA THR A 42 -13.84 0.02 -11.04
C THR A 42 -13.32 1.43 -10.78
N GLY A 43 -12.09 1.54 -10.37
CA GLY A 43 -11.50 2.89 -10.12
C GLY A 43 -11.86 3.40 -8.71
N VAL A 44 -12.10 2.54 -7.76
CA VAL A 44 -12.42 3.00 -6.40
C VAL A 44 -11.28 2.54 -5.47
N LEU A 45 -10.42 3.44 -5.02
CA LEU A 45 -9.28 3.00 -4.18
C LEU A 45 -9.40 3.62 -2.78
N ALA A 46 -9.80 2.86 -1.78
CA ALA A 46 -9.90 3.42 -0.42
C ALA A 46 -8.64 3.05 0.34
N CYS A 47 -7.77 3.99 0.61
CA CYS A 47 -6.51 3.65 1.33
C CYS A 47 -6.59 4.10 2.79
N ASN A 48 -5.65 3.68 3.60
CA ASN A 48 -5.70 4.08 5.04
C ASN A 48 -4.60 5.11 5.33
N PRO A 49 -4.94 6.16 6.05
CA PRO A 49 -3.99 7.23 6.40
C PRO A 49 -3.00 6.78 7.50
N ALA A 50 -2.75 5.49 7.64
CA ALA A 50 -1.80 5.04 8.69
C ALA A 50 -0.63 4.30 8.04
N ASP A 51 -0.63 4.24 6.74
CA ASP A 51 0.47 3.55 6.04
C ASP A 51 0.87 4.41 4.85
N PHE A 52 0.51 5.65 4.87
CA PHE A 52 0.84 6.53 3.73
C PHE A 52 2.29 7.03 3.83
N SER A 53 3.22 6.29 3.30
CA SER A 53 4.64 6.73 3.34
C SER A 53 5.07 7.14 1.93
N SER A 54 6.33 7.30 1.68
CA SER A 54 6.76 7.71 0.32
C SER A 54 8.28 7.87 0.24
N VAL A 55 8.88 7.37 -0.81
CA VAL A 55 10.35 7.50 -1.00
C VAL A 55 10.61 7.43 -2.51
N THR A 56 11.70 7.98 -2.96
CA THR A 56 11.99 7.93 -4.43
C THR A 56 12.96 6.81 -4.72
N ALA A 57 12.75 6.13 -5.81
CA ALA A 57 13.68 5.04 -6.18
C ALA A 57 15.08 5.62 -6.41
N ASP A 58 15.94 5.37 -5.48
CA ASP A 58 17.34 5.87 -5.55
C ASP A 58 18.05 5.33 -6.81
N ALA A 59 19.30 4.95 -6.67
CA ALA A 59 20.09 4.45 -7.84
C ALA A 59 19.32 3.34 -8.56
N ASN A 60 18.87 2.38 -7.83
CA ASN A 60 18.09 1.27 -8.45
C ASN A 60 16.64 1.53 -8.10
N GLY A 61 16.45 2.09 -6.94
CA GLY A 61 15.10 2.46 -6.47
C GLY A 61 14.64 1.49 -5.38
N SER A 62 15.29 1.52 -4.24
CA SER A 62 14.89 0.64 -3.12
C SER A 62 14.16 1.47 -2.09
N ALA A 63 12.97 1.07 -1.74
CA ALA A 63 12.20 1.86 -0.75
C ALA A 63 11.56 0.91 0.25
N SER A 64 12.03 0.90 1.48
CA SER A 64 11.45 -0.01 2.50
C SER A 64 11.04 0.80 3.72
N THR A 65 9.79 0.72 4.08
CA THR A 65 9.31 1.47 5.27
C THR A 65 8.24 0.63 5.99
N SER A 66 8.24 0.65 7.29
CA SER A 66 7.23 -0.15 8.05
C SER A 66 6.08 0.75 8.47
N LEU A 67 4.87 0.32 8.23
CA LEU A 67 3.69 1.15 8.61
C LEU A 67 2.68 0.28 9.37
N THR A 68 1.58 0.86 9.81
CA THR A 68 0.58 0.05 10.57
C THR A 68 -0.60 -0.30 9.65
N VAL A 69 -0.91 -1.57 9.50
CA VAL A 69 -2.04 -1.96 8.60
C VAL A 69 -3.01 -2.89 9.34
N ARG A 70 -4.30 -2.77 9.13
CA ARG A 70 -5.24 -3.67 9.85
C ARG A 70 -6.48 -3.96 9.00
N ARG A 71 -7.39 -4.70 9.57
CA ARG A 71 -8.65 -5.07 8.84
C ARG A 71 -9.42 -3.81 8.46
N SER A 72 -10.47 -3.47 9.17
CA SER A 72 -11.23 -2.23 8.82
C SER A 72 -10.28 -1.06 8.92
N PHE A 73 -10.35 -0.17 7.99
CA PHE A 73 -9.42 0.97 8.04
C PHE A 73 -9.93 2.11 7.17
N GLU A 74 -9.67 3.32 7.56
CA GLU A 74 -10.16 4.50 6.78
C GLU A 74 -10.08 4.22 5.28
N GLY A 75 -11.20 4.29 4.61
CA GLY A 75 -11.23 4.01 3.13
C GLY A 75 -11.02 5.32 2.34
N PHE A 76 -10.02 6.08 2.67
CA PHE A 76 -9.76 7.37 1.92
C PHE A 76 -10.05 7.19 0.41
N LEU A 77 -11.05 7.87 -0.11
CA LEU A 77 -11.36 7.73 -1.58
C LEU A 77 -10.53 8.74 -2.38
N PHE A 78 -9.80 8.30 -3.39
CA PHE A 78 -8.98 9.26 -4.20
C PHE A 78 -9.90 10.25 -4.93
N ASP A 79 -10.71 10.99 -4.22
CA ASP A 79 -11.62 11.96 -4.88
C ASP A 79 -12.06 13.02 -3.87
N GLY A 80 -11.35 13.17 -2.78
CA GLY A 80 -11.74 14.19 -1.77
C GLY A 80 -12.77 13.61 -0.80
N THR A 81 -13.53 12.63 -1.23
CA THR A 81 -14.56 12.05 -0.32
C THR A 81 -14.01 10.79 0.35
N ARG A 82 -14.65 10.37 1.40
CA ARG A 82 -14.22 9.15 2.13
C ARG A 82 -15.20 8.01 1.82
N TRP A 83 -14.71 6.82 1.56
CA TRP A 83 -15.62 5.69 1.22
C TRP A 83 -16.18 5.06 2.51
N GLY A 84 -15.54 5.30 3.62
CA GLY A 84 -16.02 4.72 4.90
C GLY A 84 -14.96 3.74 5.42
N THR A 85 -15.13 3.23 6.60
CA THR A 85 -14.14 2.26 7.13
C THR A 85 -14.17 1.02 6.23
N VAL A 86 -13.14 0.82 5.46
CA VAL A 86 -13.10 -0.33 4.55
C VAL A 86 -12.71 -1.59 5.33
N ASP A 87 -13.67 -2.45 5.59
CA ASP A 87 -13.39 -3.71 6.35
C ASP A 87 -12.47 -4.62 5.54
N CYS A 88 -11.23 -4.79 5.95
CA CYS A 88 -10.35 -5.70 5.14
C CYS A 88 -10.91 -7.12 5.15
N THR A 89 -11.97 -7.38 5.89
CA THR A 89 -12.54 -8.76 5.91
C THR A 89 -13.59 -8.89 4.80
N THR A 90 -13.76 -7.87 4.00
CA THR A 90 -14.76 -7.93 2.91
C THR A 90 -14.04 -7.83 1.56
N ALA A 91 -13.18 -6.85 1.43
CA ALA A 91 -12.45 -6.69 0.14
C ALA A 91 -11.00 -7.16 0.32
N ALA A 92 -10.22 -7.09 -0.71
CA ALA A 92 -8.79 -7.52 -0.61
C ALA A 92 -7.92 -6.28 -0.48
N CYS A 93 -7.27 -6.10 0.65
CA CYS A 93 -6.41 -4.88 0.83
C CYS A 93 -4.96 -5.24 0.54
N GLN A 94 -4.36 -4.58 -0.41
CA GLN A 94 -2.96 -4.89 -0.75
C GLN A 94 -2.01 -3.83 -0.21
N VAL A 95 -0.84 -4.26 0.11
CA VAL A 95 0.20 -3.32 0.59
C VAL A 95 1.17 -3.15 -0.54
N GLY A 96 1.19 -2.00 -1.15
CA GLY A 96 2.10 -1.83 -2.31
C GLY A 96 2.55 -0.39 -2.47
N LEU A 97 3.18 -0.10 -3.57
CA LEU A 97 3.69 1.28 -3.81
C LEU A 97 3.04 1.82 -5.08
N SER A 98 3.32 3.04 -5.40
CA SER A 98 2.74 3.66 -6.63
C SER A 98 3.22 5.11 -6.73
N ASP A 99 3.18 5.69 -7.90
CA ASP A 99 3.63 7.10 -8.04
C ASP A 99 2.40 8.02 -8.14
N ALA A 100 2.56 9.21 -8.69
CA ALA A 100 1.39 10.12 -8.80
C ALA A 100 1.08 10.37 -10.28
N ALA A 101 1.27 9.36 -11.11
CA ALA A 101 0.99 9.54 -12.56
C ALA A 101 -0.22 8.71 -12.96
N GLY A 102 -0.44 7.59 -12.33
CA GLY A 102 -1.60 6.75 -12.71
C GLY A 102 -1.41 5.38 -12.07
N ASN A 103 -0.19 4.91 -12.04
CA ASN A 103 0.08 3.60 -11.43
C ASN A 103 1.57 3.45 -11.15
N GLY A 104 1.94 2.31 -10.66
CA GLY A 104 3.36 2.03 -10.32
C GLY A 104 3.50 0.53 -10.01
N PRO A 105 4.56 0.11 -9.32
CA PRO A 105 4.72 -1.32 -9.00
C PRO A 105 3.39 -1.87 -8.44
N GLU A 106 3.34 -3.14 -8.16
CA GLU A 106 2.08 -3.74 -7.64
C GLU A 106 2.10 -3.81 -6.11
N GLY A 107 1.04 -4.29 -5.52
CA GLY A 107 0.98 -4.39 -4.04
C GLY A 107 0.87 -5.85 -3.62
N VAL A 108 1.00 -6.13 -2.35
CA VAL A 108 0.93 -7.51 -1.86
C VAL A 108 -0.39 -7.72 -1.12
N ALA A 109 -1.06 -8.78 -1.42
CA ALA A 109 -2.36 -9.07 -0.74
C ALA A 109 -2.10 -9.55 0.68
N ILE A 110 -2.69 -8.89 1.64
CA ILE A 110 -2.48 -9.31 3.06
C ILE A 110 -3.66 -10.18 3.50
N SER A 111 -3.58 -10.79 4.65
CA SER A 111 -4.69 -11.65 5.12
C SER A 111 -4.92 -11.43 6.62
N PHE A 112 -6.10 -11.73 7.11
CA PHE A 112 -6.39 -11.54 8.55
C PHE A 112 -7.00 -12.81 9.12
N ASN A 113 -6.18 -13.80 9.38
CA ASN A 113 -6.72 -15.08 9.94
C ASN A 113 -7.42 -14.79 11.27
C1 CHR B . -3.52 7.76 -3.92
C2 CHR B . -3.93 8.60 -2.82
C3 CHR B . -4.51 9.17 -1.96
C4 CHR B . -5.50 9.69 -1.00
O2 CHR B . -5.98 8.81 0.05
C5 CHR B . -6.79 8.91 -1.14
C6 CHR B . -6.66 7.87 -2.19
C7 CHR B . -6.30 7.13 -3.06
C8 CHR B . -5.64 6.41 -4.12
C9 CHR B . -4.43 6.81 -4.55
C10 CHR B . -3.80 6.28 -5.81
O1 CHR B . -4.36 6.88 -6.97
C11 CHR B . -2.32 6.70 -5.65
O6 CHR B . -1.55 5.56 -5.30
C12 CHR B . -2.34 7.70 -4.52
C13 CHR B . -4.31 6.20 -8.22
O3 CHR B . -5.22 5.11 -8.20
C14 CHR B . -4.72 7.17 -9.34
N1 CHR B . -3.87 8.39 -9.28
C19 CHR B . -2.68 8.51 -10.18
C15 CHR B . -6.18 7.56 -9.17
O4 CHR B . -6.57 8.43 -10.23
C16 CHR B . -7.06 6.30 -9.20
O5 CHR B . -6.91 5.65 -10.47
C17 CHR B . -6.61 5.34 -8.10
C18 CHR B . -7.36 4.02 -8.24
C20 CHR B . -1.38 4.81 -6.37
O7 CHR B . -1.08 5.29 -7.45
C21 CHR B . -1.54 3.36 -6.18
C22 CHR B . -2.14 2.61 -7.20
O9 CHR B . -2.48 3.21 -8.40
C23 CHR B . -2.40 1.25 -7.01
C24 CHR B . -2.07 0.63 -5.79
C25 CHR B . -1.47 1.39 -4.78
C26 CHR B . -1.20 2.75 -4.96
C27 CHR B . -0.59 3.48 -3.94
C28 CHR B . -0.27 2.86 -2.73
O8 CHR B . 0.33 3.60 -1.71
C31 CHR B . -0.22 4.89 -1.47
C29 CHR B . -0.55 1.50 -2.53
C30 CHR B . -1.15 0.77 -3.56
C32 CHR B . -1.46 -0.70 -3.35
C33 CHR B . -5.56 11.20 -0.77
O10 CHR B . -6.55 11.50 0.19
C34 CHR B . -7.44 12.26 -0.43
O11 CHR B . -8.42 12.69 0.15
O12 CHR B . -7.22 12.55 -1.71
C35 CHR B . -6.01 11.90 -2.05
H5 CHR B . -7.75 9.44 -1.08
H8 CHR B . -6.11 5.54 -4.56
H10 CHR B . -3.89 5.20 -5.87
H11 CHR B . -1.95 7.15 -6.56
H12 CHR B . -1.50 8.29 -4.25
H13 CHR B . -3.31 5.85 -8.40
H14 CHR B . -4.59 6.68 -10.29
H191 CHR B . -3.02 8.70 -11.20
H192 CHR B . -2.06 9.33 -9.84
H193 CHR B . -2.11 7.59 -10.16
H15 CHR B . -6.32 8.06 -8.22
HO4 CHR B . -7.52 8.34 -10.35
H16 CHR B . -8.09 6.57 -9.07
HO5 CHR B . -6.78 6.34 -11.14
H17 CHR B . -6.83 5.78 -7.13
H181 CHR B . -7.14 3.58 -9.20
H182 CHR B . -7.04 3.34 -7.46
H183 CHR B . -8.43 4.18 -8.15
HO9 CHR B . -3.41 3.44 -8.40
H23 CHR B . -2.86 0.67 -7.79
H24 CHR B . -2.28 -0.42 -5.64
H27 CHR B . -0.34 4.52 -4.08
H311 CHR B . -0.96 4.84 -0.68
H312 CHR B . -0.69 5.26 -2.37
H313 CHR B . 0.57 5.57 -1.17
H29 CHR B . -0.32 1.03 -1.59
H321 CHR B . -2.46 -0.92 -3.70
H322 CHR B . -1.39 -0.95 -2.31
H323 CHR B . -0.76 -1.30 -3.91
H33 CHR B . -4.59 11.57 -0.46
H351 CHR B . -6.18 11.18 -2.84
H352 CHR B . -5.27 12.63 -2.36
N ALA A 1 18.40 -6.31 -13.38
CA ALA A 1 17.77 -5.70 -12.18
C ALA A 1 16.40 -5.14 -12.55
N ALA A 2 15.35 -5.71 -12.02
CA ALA A 2 13.98 -5.22 -12.35
C ALA A 2 13.27 -4.80 -11.06
N PRO A 3 12.32 -3.91 -11.20
CA PRO A 3 11.53 -3.42 -10.06
C PRO A 3 10.80 -4.56 -9.37
N THR A 4 10.43 -4.35 -8.13
CA THR A 4 9.70 -5.41 -7.37
C THR A 4 9.40 -4.86 -5.97
N ALA A 5 8.95 -5.68 -5.07
CA ALA A 5 8.63 -5.17 -3.71
C ALA A 5 8.48 -6.30 -2.74
N THR A 6 9.16 -6.17 -1.63
CA THR A 6 9.07 -7.23 -0.60
C THR A 6 8.31 -6.69 0.60
N VAL A 7 7.15 -7.19 0.76
CA VAL A 7 6.27 -6.77 1.88
C VAL A 7 5.96 -7.97 2.78
N THR A 8 5.95 -7.77 4.07
CA THR A 8 5.66 -8.88 5.02
C THR A 8 5.70 -8.34 6.46
N PRO A 9 4.94 -8.96 7.33
CA PRO A 9 4.07 -10.09 6.99
C PRO A 9 2.82 -9.57 6.28
N SER A 10 2.25 -10.38 5.44
CA SER A 10 1.03 -9.95 4.72
C SER A 10 -0.22 -10.39 5.49
N SER A 11 -0.09 -11.39 6.32
CA SER A 11 -1.27 -11.87 7.09
C SER A 11 -0.88 -12.07 8.57
N GLY A 12 -1.87 -12.07 9.44
CA GLY A 12 -1.57 -12.25 10.90
C GLY A 12 -1.10 -10.92 11.47
N LEU A 13 -1.67 -9.85 11.02
CA LEU A 13 -1.27 -8.52 11.47
C LEU A 13 -2.14 -8.07 12.61
N SER A 14 -3.37 -8.30 12.43
CA SER A 14 -4.37 -7.93 13.45
C SER A 14 -4.42 -6.40 13.63
N ASP A 15 -5.59 -5.90 13.90
CA ASP A 15 -5.76 -4.43 14.08
C ASP A 15 -4.74 -3.88 15.06
N GLY A 16 -3.75 -3.21 14.56
CA GLY A 16 -2.75 -2.60 15.48
C GLY A 16 -1.31 -3.05 15.20
N THR A 17 -1.01 -3.78 14.14
CA THR A 17 0.40 -4.15 13.96
C THR A 17 1.00 -3.35 12.82
N VAL A 18 2.21 -3.66 12.55
CA VAL A 18 2.96 -2.95 11.48
C VAL A 18 3.55 -3.93 10.48
N VAL A 19 3.42 -3.65 9.21
CA VAL A 19 4.01 -4.56 8.18
C VAL A 19 5.19 -3.85 7.53
N LYS A 20 6.10 -4.59 6.97
CA LYS A 20 7.26 -3.95 6.31
C LYS A 20 7.13 -4.11 4.80
N VAL A 21 6.85 -3.04 4.10
CA VAL A 21 6.72 -3.14 2.62
C VAL A 21 7.99 -2.56 1.99
N ALA A 22 8.48 -3.14 0.94
CA ALA A 22 9.70 -2.57 0.33
C ALA A 22 9.59 -2.60 -1.19
N GLY A 23 10.38 -1.80 -1.83
CA GLY A 23 10.38 -1.75 -3.30
C GLY A 23 11.82 -1.89 -3.78
N ALA A 24 12.05 -2.56 -4.87
CA ALA A 24 13.46 -2.68 -5.34
C ALA A 24 13.47 -2.69 -6.87
N GLY A 25 14.23 -1.82 -7.50
CA GLY A 25 14.25 -1.80 -8.99
C GLY A 25 13.16 -0.86 -9.50
N LEU A 26 12.78 0.12 -8.74
CA LEU A 26 11.74 1.05 -9.21
C LEU A 26 12.42 2.19 -9.97
N GLN A 27 11.66 3.01 -10.65
CA GLN A 27 12.28 4.13 -11.40
C GLN A 27 13.33 4.82 -10.55
N ALA A 28 14.56 4.49 -10.81
CA ALA A 28 15.69 5.09 -10.05
C ALA A 28 15.64 6.61 -10.14
N GLY A 29 14.78 7.23 -9.39
CA GLY A 29 14.68 8.71 -9.41
C GLY A 29 13.20 9.11 -9.47
N THR A 30 12.35 8.35 -8.84
CA THR A 30 10.91 8.67 -8.88
C THR A 30 10.27 8.47 -7.50
N ALA A 31 9.99 9.56 -6.83
CA ALA A 31 9.33 9.51 -5.49
C ALA A 31 8.07 8.63 -5.56
N TYR A 32 8.10 7.48 -4.94
CA TYR A 32 6.90 6.58 -4.97
C TYR A 32 6.21 6.63 -3.61
N ASP A 33 4.94 6.30 -3.56
CA ASP A 33 4.23 6.32 -2.24
C ASP A 33 4.11 4.88 -1.76
N VAL A 34 3.84 4.68 -0.49
CA VAL A 34 3.75 3.30 0.06
C VAL A 34 2.63 3.22 1.10
N GLY A 35 1.58 2.41 0.90
CA GLY A 35 0.50 2.38 1.94
C GLY A 35 -0.43 1.17 1.74
N GLN A 36 -1.42 1.07 2.59
CA GLN A 36 -2.40 -0.04 2.53
C GLN A 36 -3.68 0.48 1.87
N CYS A 37 -3.94 0.06 0.67
CA CYS A 37 -5.18 0.53 -0.01
C CYS A 37 -5.95 -0.67 -0.58
N ALA A 38 -7.25 -0.57 -0.65
CA ALA A 38 -8.06 -1.71 -1.18
C ALA A 38 -8.94 -1.26 -2.35
N TRP A 39 -9.04 -2.06 -3.39
CA TRP A 39 -9.91 -1.68 -4.54
C TRP A 39 -11.28 -2.34 -4.32
N VAL A 40 -12.31 -1.58 -4.13
CA VAL A 40 -13.65 -2.18 -3.89
C VAL A 40 -14.52 -2.05 -5.14
N ASP A 41 -13.95 -1.74 -6.26
CA ASP A 41 -14.77 -1.61 -7.49
C ASP A 41 -13.91 -1.12 -8.66
N THR A 42 -14.51 -0.86 -9.79
CA THR A 42 -13.73 -0.39 -10.97
C THR A 42 -13.30 1.06 -10.74
N GLY A 43 -12.09 1.25 -10.32
CA GLY A 43 -11.59 2.64 -10.10
C GLY A 43 -11.97 3.17 -8.70
N VAL A 44 -12.14 2.30 -7.73
CA VAL A 44 -12.49 2.78 -6.37
C VAL A 44 -11.32 2.37 -5.43
N LEU A 45 -10.49 3.29 -5.00
CA LEU A 45 -9.34 2.90 -4.14
C LEU A 45 -9.47 3.57 -2.76
N ALA A 46 -9.86 2.83 -1.74
CA ALA A 46 -9.97 3.42 -0.39
C ALA A 46 -8.69 3.09 0.37
N CYS A 47 -7.85 4.05 0.62
CA CYS A 47 -6.57 3.74 1.33
C CYS A 47 -6.62 4.27 2.77
N ASN A 48 -5.68 3.86 3.58
CA ASN A 48 -5.66 4.32 5.00
C ASN A 48 -4.40 5.16 5.26
N PRO A 49 -4.57 6.33 5.83
CA PRO A 49 -3.43 7.22 6.14
C PRO A 49 -2.58 6.70 7.31
N ALA A 50 -2.62 5.41 7.61
CA ALA A 50 -1.81 4.88 8.73
C ALA A 50 -0.53 4.25 8.17
N ASP A 51 -0.43 4.18 6.87
CA ASP A 51 0.78 3.58 6.26
C ASP A 51 1.19 4.45 5.09
N PHE A 52 0.62 5.62 4.98
CA PHE A 52 0.97 6.50 3.84
C PHE A 52 2.41 7.00 3.96
N SER A 53 3.35 6.24 3.46
CA SER A 53 4.77 6.69 3.52
C SER A 53 5.20 7.08 2.11
N SER A 54 6.47 7.23 1.86
CA SER A 54 6.90 7.63 0.50
C SER A 54 8.43 7.79 0.42
N VAL A 55 9.01 7.27 -0.62
CA VAL A 55 10.48 7.40 -0.83
C VAL A 55 10.74 7.37 -2.34
N THR A 56 11.84 7.92 -2.78
CA THR A 56 12.11 7.90 -4.25
C THR A 56 13.05 6.76 -4.60
N ALA A 57 12.82 6.14 -5.72
CA ALA A 57 13.72 5.05 -6.14
C ALA A 57 15.13 5.61 -6.34
N ASP A 58 15.99 5.28 -5.45
CA ASP A 58 17.41 5.75 -5.51
C ASP A 58 18.10 5.23 -6.79
N ALA A 59 19.33 4.81 -6.67
CA ALA A 59 20.11 4.32 -7.86
C ALA A 59 19.31 3.28 -8.63
N ASN A 60 18.82 2.30 -7.95
CA ASN A 60 17.99 1.26 -8.64
C ASN A 60 16.56 1.56 -8.26
N GLY A 61 16.38 2.05 -7.08
CA GLY A 61 15.05 2.44 -6.58
C GLY A 61 14.59 1.47 -5.50
N SER A 62 15.29 1.43 -4.40
CA SER A 62 14.88 0.53 -3.29
C SER A 62 14.20 1.35 -2.22
N ALA A 63 13.03 0.95 -1.84
CA ALA A 63 12.30 1.73 -0.80
C ALA A 63 11.67 0.77 0.21
N SER A 64 12.20 0.72 1.41
CA SER A 64 11.63 -0.20 2.42
C SER A 64 11.23 0.59 3.66
N THR A 65 9.98 0.52 4.03
CA THR A 65 9.51 1.26 5.23
C THR A 65 8.41 0.44 5.93
N SER A 66 8.35 0.52 7.22
CA SER A 66 7.32 -0.25 7.97
C SER A 66 6.13 0.67 8.30
N LEU A 67 4.94 0.15 8.21
CA LEU A 67 3.74 1.00 8.50
C LEU A 67 2.71 0.15 9.26
N THR A 68 1.67 0.77 9.77
CA THR A 68 0.64 -0.02 10.54
C THR A 68 -0.59 -0.28 9.67
N VAL A 69 -0.99 -1.52 9.51
CA VAL A 69 -2.19 -1.80 8.65
C VAL A 69 -3.18 -2.69 9.41
N ARG A 70 -4.46 -2.43 9.31
CA ARG A 70 -5.44 -3.28 10.03
C ARG A 70 -6.50 -3.82 9.09
N ARG A 71 -7.52 -4.40 9.68
CA ARG A 71 -8.65 -4.94 8.88
C ARG A 71 -9.54 -3.78 8.47
N SER A 72 -10.35 -3.24 9.36
CA SER A 72 -11.17 -2.07 8.95
C SER A 72 -10.23 -0.89 8.86
N PHE A 73 -10.32 -0.10 7.85
CA PHE A 73 -9.36 1.02 7.74
C PHE A 73 -9.92 2.15 6.88
N GLU A 74 -9.70 3.36 7.30
CA GLU A 74 -10.21 4.54 6.56
C GLU A 74 -10.13 4.28 5.05
N GLY A 75 -11.24 4.29 4.38
CA GLY A 75 -11.24 4.04 2.91
C GLY A 75 -11.08 5.34 2.12
N PHE A 76 -10.10 6.15 2.44
CA PHE A 76 -9.89 7.44 1.69
C PHE A 76 -10.15 7.22 0.18
N LEU A 77 -11.19 7.83 -0.36
CA LEU A 77 -11.50 7.65 -1.82
C LEU A 77 -10.68 8.66 -2.65
N PHE A 78 -9.94 8.21 -3.64
CA PHE A 78 -9.13 9.16 -4.47
C PHE A 78 -10.06 10.11 -5.24
N ASP A 79 -10.87 10.85 -4.54
CA ASP A 79 -11.79 11.80 -5.23
C ASP A 79 -12.27 12.87 -4.24
N GLY A 80 -11.57 13.05 -3.16
CA GLY A 80 -12.00 14.09 -2.17
C GLY A 80 -13.02 13.50 -1.19
N THR A 81 -13.76 12.50 -1.61
CA THR A 81 -14.78 11.89 -0.71
C THR A 81 -14.21 10.66 -0.01
N ARG A 82 -14.84 10.26 1.06
CA ARG A 82 -14.36 9.07 1.81
C ARG A 82 -15.34 7.91 1.56
N TRP A 83 -14.84 6.72 1.34
CA TRP A 83 -15.75 5.57 1.07
C TRP A 83 -16.28 4.99 2.39
N GLY A 84 -15.62 5.28 3.48
CA GLY A 84 -16.08 4.74 4.79
C GLY A 84 -15.03 3.76 5.29
N THR A 85 -15.19 3.28 6.50
CA THR A 85 -14.20 2.29 7.03
C THR A 85 -14.27 1.05 6.13
N VAL A 86 -13.25 0.83 5.37
CA VAL A 86 -13.24 -0.35 4.46
C VAL A 86 -12.83 -1.58 5.26
N ASP A 87 -13.76 -2.43 5.57
CA ASP A 87 -13.44 -3.66 6.36
C ASP A 87 -12.52 -4.58 5.55
N CYS A 88 -11.27 -4.73 5.93
CA CYS A 88 -10.37 -5.63 5.15
C CYS A 88 -10.90 -7.08 5.24
N THR A 89 -11.91 -7.33 6.02
CA THR A 89 -12.45 -8.71 6.12
C THR A 89 -13.48 -8.93 5.01
N THR A 90 -13.71 -7.93 4.20
CA THR A 90 -14.70 -8.07 3.10
C THR A 90 -13.96 -7.98 1.76
N ALA A 91 -13.17 -6.95 1.59
CA ALA A 91 -12.41 -6.79 0.32
C ALA A 91 -10.96 -7.21 0.53
N ALA A 92 -10.16 -7.12 -0.48
CA ALA A 92 -8.72 -7.51 -0.36
C ALA A 92 -7.87 -6.24 -0.30
N CYS A 93 -7.20 -5.99 0.80
CA CYS A 93 -6.36 -4.75 0.89
C CYS A 93 -4.91 -5.11 0.59
N GLN A 94 -4.33 -4.47 -0.40
CA GLN A 94 -2.95 -4.78 -0.76
C GLN A 94 -2.01 -3.71 -0.23
N VAL A 95 -0.85 -4.15 0.16
CA VAL A 95 0.19 -3.21 0.64
C VAL A 95 1.18 -3.03 -0.49
N GLY A 96 1.22 -1.88 -1.09
CA GLY A 96 2.16 -1.72 -2.24
C GLY A 96 2.64 -0.29 -2.37
N LEU A 97 3.30 -0.01 -3.47
CA LEU A 97 3.84 1.36 -3.70
C LEU A 97 3.09 1.99 -4.87
N SER A 98 3.43 3.19 -5.22
CA SER A 98 2.72 3.87 -6.34
C SER A 98 3.33 5.26 -6.56
N ASP A 99 3.02 5.90 -7.65
CA ASP A 99 3.60 7.24 -7.90
C ASP A 99 2.45 8.26 -8.03
N ALA A 100 2.70 9.41 -8.63
CA ALA A 100 1.60 10.41 -8.78
C ALA A 100 1.31 10.63 -10.26
N ALA A 101 1.39 9.58 -11.04
CA ALA A 101 1.13 9.73 -12.49
C ALA A 101 -0.13 8.94 -12.89
N GLY A 102 -0.38 7.83 -12.24
CA GLY A 102 -1.59 7.03 -12.58
C GLY A 102 -1.44 5.67 -11.93
N ASN A 103 -0.24 5.16 -11.88
CA ASN A 103 -0.02 3.85 -11.25
C ASN A 103 1.46 3.67 -10.95
N GLY A 104 1.79 2.53 -10.44
CA GLY A 104 3.21 2.23 -10.08
C GLY A 104 3.34 0.71 -9.83
N PRO A 105 4.40 0.26 -9.17
CA PRO A 105 4.55 -1.18 -8.89
C PRO A 105 3.22 -1.75 -8.34
N GLU A 106 3.18 -3.03 -8.10
CA GLU A 106 1.91 -3.64 -7.58
C GLU A 106 1.92 -3.67 -6.05
N GLY A 107 0.91 -4.24 -5.46
CA GLY A 107 0.83 -4.31 -3.98
C GLY A 107 0.75 -5.77 -3.52
N VAL A 108 0.94 -6.02 -2.26
CA VAL A 108 0.88 -7.39 -1.74
C VAL A 108 -0.45 -7.61 -1.03
N ALA A 109 -1.11 -8.67 -1.35
CA ALA A 109 -2.41 -8.99 -0.72
C ALA A 109 -2.20 -9.47 0.72
N ILE A 110 -2.76 -8.77 1.68
CA ILE A 110 -2.57 -9.20 3.09
C ILE A 110 -3.79 -10.01 3.53
N SER A 111 -3.70 -10.67 4.65
CA SER A 111 -4.86 -11.48 5.14
C SER A 111 -5.09 -11.19 6.63
N PHE A 112 -6.27 -11.46 7.12
CA PHE A 112 -6.55 -11.20 8.56
C PHE A 112 -7.26 -12.40 9.17
N ASN A 113 -6.66 -13.02 10.16
CA ASN A 113 -7.31 -14.20 10.80
C ASN A 113 -8.61 -13.76 11.49
C1 CHR B . -3.73 7.80 -4.00
C2 CHR B . -4.16 8.66 -2.94
C3 CHR B . -4.75 9.27 -2.12
C4 CHR B . -5.77 9.83 -1.20
O2 CHR B . -6.28 8.98 -0.12
C5 CHR B . -7.06 9.04 -1.34
C6 CHR B . -6.90 7.96 -2.35
C7 CHR B . -6.53 7.18 -3.17
C8 CHR B . -5.82 6.40 -4.16
C9 CHR B . -4.61 6.80 -4.60
C10 CHR B . -3.97 6.23 -5.84
O1 CHR B . -4.53 6.80 -7.02
C11 CHR B . -2.50 6.68 -5.68
O6 CHR B . -1.71 5.58 -5.26
C12 CHR B . -2.54 7.75 -4.61
C13 CHR B . -4.34 6.15 -8.28
O3 CHR B . -5.17 4.99 -8.34
C14 CHR B . -4.73 7.11 -9.40
N1 CHR B . -3.96 8.38 -9.25
C19 CHR B . -2.59 8.49 -9.84
C15 CHR B . -6.22 7.39 -9.33
O4 CHR B . -6.58 8.27 -10.39
C16 CHR B . -7.00 6.09 -9.46
O5 CHR B . -6.73 5.49 -10.72
C17 CHR B . -6.58 5.13 -8.34
C18 CHR B . -7.21 3.75 -8.57
C20 CHR B . -1.43 4.82 -6.30
O7 CHR B . -1.07 5.29 -7.36
C21 CHR B . -1.56 3.38 -6.09
C22 CHR B . -2.06 2.58 -7.13
O9 CHR B . -2.34 3.15 -8.37
C23 CHR B . -2.26 1.21 -6.94
C24 CHR B . -1.98 0.62 -5.70
C25 CHR B . -1.49 1.42 -4.65
C26 CHR B . -1.27 2.79 -4.85
C27 CHR B . -0.76 3.57 -3.79
C28 CHR B . -0.47 2.98 -2.56
O8 CHR B . 0.04 3.74 -1.51
C31 CHR B . -0.29 5.13 -1.53
C29 CHR B . -0.69 1.60 -2.37
C30 CHR B . -1.20 0.83 -3.42
C32 CHR B . -1.44 -0.65 -3.21
C33 CHR B . -5.83 11.34 -1.02
O10 CHR B . -6.80 11.68 -0.06
C34 CHR B . -7.68 12.43 -0.70
O11 CHR B . -8.65 12.89 -0.13
O12 CHR B . -7.48 12.68 -1.98
C35 CHR B . -6.27 12.00 -2.31
H5 CHR B . -8.02 9.58 -1.33
H8 CHR B . -6.25 5.49 -4.54
H10 CHR B . -4.04 5.16 -5.85
H11 CHR B . -2.11 7.09 -6.61
H12 CHR B . -1.72 8.38 -4.35
H13 CHR B . -3.30 5.86 -8.38
H14 CHR B . -4.48 6.65 -10.35
H191 CHR B . -1.93 8.97 -9.13
H192 CHR B . -2.63 9.08 -10.74
H193 CHR B . -2.22 7.51 -10.07
H15 CHR B . -6.46 7.87 -8.39
HO4 CHR B . -7.54 8.25 -10.48
H16 CHR B . -8.06 6.29 -9.38
HO5 CHR B . -7.48 5.65 -11.29
H17 CHR B . -6.91 5.52 -7.39
H181 CHR B . -7.77 3.77 -9.51
H182 CHR B . -6.44 3.00 -8.62
H183 CHR B . -7.89 3.53 -7.76
HO9 CHR B . -3.19 3.61 -8.32
H23 CHR B . -2.65 0.60 -7.75
H24 CHR B . -2.14 -0.42 -5.55
H27 CHR B . -0.56 4.62 -3.94
H311 CHR B . 0.24 5.61 -2.35
H312 CHR B . -1.35 5.25 -1.67
H313 CHR B . 0.01 5.58 -0.60
H29 CHR B . -0.47 1.16 -1.41
H321 CHR B . -2.49 -0.87 -3.36
H322 CHR B . -0.85 -1.22 -3.92
H323 CHR B . -1.15 -0.93 -2.21
H33 CHR B . -4.86 11.71 -0.72
H351 CHR B . -6.46 11.25 -3.08
H352 CHR B . -5.53 12.70 -2.65
N ALA A 1 17.53 -4.64 -14.05
CA ALA A 1 16.53 -5.51 -13.38
C ALA A 1 15.19 -4.76 -13.28
N ALA A 2 14.10 -5.47 -13.15
CA ALA A 2 12.78 -4.80 -13.04
C ALA A 2 12.47 -4.52 -11.56
N PRO A 3 11.55 -3.62 -11.34
CA PRO A 3 11.14 -3.24 -9.97
C PRO A 3 10.57 -4.45 -9.23
N THR A 4 10.62 -4.40 -7.95
CA THR A 4 10.11 -5.50 -7.11
C THR A 4 9.69 -4.95 -5.75
N ALA A 5 8.87 -5.66 -5.06
CA ALA A 5 8.42 -5.15 -3.73
C ALA A 5 8.23 -6.29 -2.77
N THR A 6 8.90 -6.19 -1.67
CA THR A 6 8.78 -7.27 -0.65
C THR A 6 8.14 -6.72 0.61
N VAL A 7 6.96 -7.12 0.81
CA VAL A 7 6.18 -6.69 2.00
C VAL A 7 5.91 -7.88 2.93
N THR A 8 6.01 -7.68 4.22
CA THR A 8 5.76 -8.79 5.17
C THR A 8 5.74 -8.23 6.60
N PRO A 9 4.97 -8.85 7.46
CA PRO A 9 4.15 -10.02 7.11
C PRO A 9 2.94 -9.56 6.30
N SER A 10 2.42 -10.42 5.48
CA SER A 10 1.23 -10.06 4.66
C SER A 10 -0.03 -10.41 5.45
N SER A 11 0.07 -11.37 6.33
CA SER A 11 -1.12 -11.77 7.14
C SER A 11 -0.67 -11.98 8.59
N GLY A 12 -1.61 -12.08 9.51
CA GLY A 12 -1.25 -12.27 10.94
C GLY A 12 -0.78 -10.94 11.51
N LEU A 13 -1.41 -9.88 11.09
CA LEU A 13 -1.05 -8.53 11.52
C LEU A 13 -1.85 -8.12 12.72
N SER A 14 -3.07 -8.43 12.62
CA SER A 14 -4.03 -8.12 13.70
C SER A 14 -4.25 -6.60 13.77
N ASP A 15 -5.47 -6.21 14.06
CA ASP A 15 -5.80 -4.77 14.12
C ASP A 15 -4.82 -4.01 15.02
N GLY A 16 -3.95 -3.26 14.42
CA GLY A 16 -3.01 -2.44 15.23
C GLY A 16 -1.54 -2.86 15.05
N THR A 17 -1.17 -3.63 14.05
CA THR A 17 0.26 -3.96 13.96
C THR A 17 0.88 -3.19 12.81
N VAL A 18 2.10 -3.52 12.55
CA VAL A 18 2.84 -2.82 11.46
C VAL A 18 3.46 -3.82 10.49
N VAL A 19 3.40 -3.52 9.21
CA VAL A 19 4.01 -4.45 8.22
C VAL A 19 5.18 -3.73 7.55
N LYS A 20 6.13 -4.48 7.04
CA LYS A 20 7.29 -3.84 6.38
C LYS A 20 7.18 -4.02 4.86
N VAL A 21 6.90 -2.97 4.15
CA VAL A 21 6.79 -3.07 2.67
C VAL A 21 8.06 -2.55 2.02
N ALA A 22 8.54 -3.18 0.99
CA ALA A 22 9.77 -2.68 0.33
C ALA A 22 9.55 -2.61 -1.17
N GLY A 23 10.33 -1.82 -1.85
CA GLY A 23 10.18 -1.68 -3.31
C GLY A 23 11.58 -1.58 -3.93
N ALA A 24 12.04 -2.58 -4.62
CA ALA A 24 13.41 -2.48 -5.22
C ALA A 24 13.34 -2.50 -6.75
N GLY A 25 14.13 -1.70 -7.42
CA GLY A 25 14.07 -1.71 -8.91
C GLY A 25 12.95 -0.80 -9.40
N LEU A 26 12.62 0.22 -8.67
CA LEU A 26 11.53 1.11 -9.11
C LEU A 26 12.14 2.26 -9.90
N GLN A 27 11.33 3.12 -10.47
CA GLN A 27 11.89 4.24 -11.25
C GLN A 27 13.04 4.87 -10.49
N ALA A 28 14.23 4.47 -10.84
CA ALA A 28 15.45 5.00 -10.17
C ALA A 28 15.49 6.52 -10.25
N GLY A 29 14.73 7.18 -9.45
CA GLY A 29 14.73 8.67 -9.48
C GLY A 29 13.29 9.19 -9.47
N THR A 30 12.38 8.50 -8.83
CA THR A 30 10.99 9.00 -8.82
C THR A 30 10.29 8.65 -7.49
N ALA A 31 9.96 9.68 -6.76
CA ALA A 31 9.25 9.52 -5.45
C ALA A 31 8.11 8.51 -5.60
N TYR A 32 8.08 7.52 -4.76
CA TYR A 32 6.99 6.50 -4.83
C TYR A 32 6.19 6.55 -3.52
N ASP A 33 4.92 6.24 -3.55
CA ASP A 33 4.12 6.26 -2.29
C ASP A 33 3.98 4.81 -1.81
N VAL A 34 3.83 4.60 -0.53
CA VAL A 34 3.73 3.21 -0.01
C VAL A 34 2.62 3.12 1.05
N GLY A 35 1.57 2.33 0.85
CA GLY A 35 0.51 2.27 1.90
C GLY A 35 -0.45 1.09 1.70
N GLN A 36 -1.42 0.97 2.56
CA GLN A 36 -2.42 -0.11 2.50
C GLN A 36 -3.70 0.43 1.85
N CYS A 37 -3.97 0.01 0.66
CA CYS A 37 -5.20 0.50 -0.04
C CYS A 37 -5.99 -0.69 -0.59
N ALA A 38 -7.29 -0.57 -0.66
CA ALA A 38 -8.12 -1.71 -1.18
C ALA A 38 -8.99 -1.25 -2.37
N TRP A 39 -9.10 -2.06 -3.40
CA TRP A 39 -9.96 -1.68 -4.55
C TRP A 39 -11.34 -2.33 -4.33
N VAL A 40 -12.36 -1.54 -4.14
CA VAL A 40 -13.70 -2.13 -3.89
C VAL A 40 -14.59 -1.99 -5.13
N ASP A 41 -14.01 -1.70 -6.26
CA ASP A 41 -14.84 -1.56 -7.49
C ASP A 41 -13.98 -1.08 -8.65
N THR A 42 -14.59 -0.82 -9.78
CA THR A 42 -13.82 -0.34 -10.96
C THR A 42 -13.37 1.10 -10.75
N GLY A 43 -12.16 1.28 -10.31
CA GLY A 43 -11.63 2.65 -10.09
C GLY A 43 -12.00 3.18 -8.70
N VAL A 44 -12.17 2.33 -7.72
CA VAL A 44 -12.50 2.80 -6.37
C VAL A 44 -11.34 2.39 -5.44
N LEU A 45 -10.50 3.31 -5.02
CA LEU A 45 -9.34 2.91 -4.16
C LEU A 45 -9.46 3.57 -2.78
N ALA A 46 -9.85 2.82 -1.77
CA ALA A 46 -9.95 3.41 -0.41
C ALA A 46 -8.67 3.07 0.36
N CYS A 47 -7.81 4.03 0.61
CA CYS A 47 -6.54 3.73 1.33
C CYS A 47 -6.60 4.28 2.75
N ASN A 48 -5.73 3.82 3.62
CA ASN A 48 -5.75 4.32 5.03
C ASN A 48 -4.52 5.21 5.29
N PRO A 49 -4.74 6.33 5.95
CA PRO A 49 -3.66 7.29 6.27
C PRO A 49 -2.76 6.79 7.41
N ALA A 50 -2.67 5.49 7.65
CA ALA A 50 -1.80 5.00 8.75
C ALA A 50 -0.65 4.18 8.14
N ASP A 51 -0.60 4.11 6.84
CA ASP A 51 0.48 3.35 6.18
C ASP A 51 0.97 4.18 5.01
N PHE A 52 0.61 5.44 4.99
CA PHE A 52 1.02 6.32 3.87
C PHE A 52 2.47 6.76 4.03
N SER A 53 3.40 6.00 3.54
CA SER A 53 4.83 6.41 3.63
C SER A 53 5.26 6.88 2.24
N SER A 54 6.54 7.07 2.01
CA SER A 54 6.95 7.55 0.67
C SER A 54 8.47 7.73 0.59
N VAL A 55 9.06 7.27 -0.48
CA VAL A 55 10.52 7.43 -0.69
C VAL A 55 10.76 7.42 -2.19
N THR A 56 11.84 7.98 -2.66
CA THR A 56 12.08 7.98 -4.14
C THR A 56 13.00 6.83 -4.51
N ALA A 57 12.78 6.26 -5.65
CA ALA A 57 13.67 5.16 -6.09
C ALA A 57 15.07 5.69 -6.34
N ASP A 58 15.95 5.37 -5.46
CA ASP A 58 17.37 5.83 -5.57
C ASP A 58 18.00 5.33 -6.88
N ALA A 59 19.24 4.89 -6.82
CA ALA A 59 19.95 4.41 -8.05
C ALA A 59 19.11 3.35 -8.76
N ASN A 60 18.67 2.38 -8.03
CA ASN A 60 17.83 1.31 -8.63
C ASN A 60 16.40 1.62 -8.21
N GLY A 61 16.28 2.12 -7.02
CA GLY A 61 14.96 2.51 -6.48
C GLY A 61 14.51 1.53 -5.40
N SER A 62 15.20 1.52 -4.29
CA SER A 62 14.80 0.62 -3.17
C SER A 62 14.07 1.43 -2.13
N ALA A 63 12.90 0.99 -1.75
CA ALA A 63 12.13 1.75 -0.73
C ALA A 63 11.53 0.79 0.29
N SER A 64 12.03 0.79 1.49
CA SER A 64 11.48 -0.14 2.51
C SER A 64 11.09 0.66 3.76
N THR A 65 9.85 0.60 4.13
CA THR A 65 9.39 1.33 5.33
C THR A 65 8.30 0.52 6.03
N SER A 66 8.24 0.58 7.32
CA SER A 66 7.20 -0.20 8.06
C SER A 66 6.02 0.70 8.40
N LEU A 67 4.83 0.26 8.11
CA LEU A 67 3.62 1.08 8.40
C LEU A 67 2.61 0.25 9.19
N THR A 68 1.62 0.88 9.77
CA THR A 68 0.60 0.11 10.54
C THR A 68 -0.63 -0.15 9.67
N VAL A 69 -1.03 -1.39 9.51
CA VAL A 69 -2.21 -1.67 8.65
C VAL A 69 -3.11 -2.71 9.33
N ARG A 70 -4.41 -2.61 9.21
CA ARG A 70 -5.29 -3.62 9.87
C ARG A 70 -6.54 -3.90 9.06
N ARG A 71 -7.40 -4.73 9.58
CA ARG A 71 -8.66 -5.09 8.88
C ARG A 71 -9.38 -3.80 8.46
N SER A 72 -10.38 -3.38 9.19
CA SER A 72 -11.07 -2.13 8.81
C SER A 72 -10.06 -1.02 8.76
N PHE A 73 -10.15 -0.16 7.81
CA PHE A 73 -9.13 0.91 7.71
C PHE A 73 -9.66 2.04 6.84
N GLU A 74 -9.44 3.26 7.28
CA GLU A 74 -9.93 4.44 6.52
C GLU A 74 -9.86 4.18 5.01
N GLY A 75 -10.99 4.26 4.35
CA GLY A 75 -11.01 4.00 2.88
C GLY A 75 -10.89 5.32 2.08
N PHE A 76 -9.90 6.13 2.37
CA PHE A 76 -9.72 7.42 1.61
C PHE A 76 -10.04 7.19 0.11
N LEU A 77 -11.08 7.83 -0.41
CA LEU A 77 -11.42 7.65 -1.85
C LEU A 77 -10.63 8.65 -2.71
N PHE A 78 -9.91 8.19 -3.72
CA PHE A 78 -9.13 9.14 -4.58
C PHE A 78 -10.09 10.08 -5.33
N ASP A 79 -10.89 10.82 -4.61
CA ASP A 79 -11.84 11.75 -5.29
C ASP A 79 -12.28 12.84 -4.30
N GLY A 80 -11.54 13.03 -3.24
CA GLY A 80 -11.92 14.08 -2.24
C GLY A 80 -12.91 13.50 -1.23
N THR A 81 -13.66 12.50 -1.60
CA THR A 81 -14.66 11.92 -0.66
C THR A 81 -14.07 10.68 0.03
N ARG A 82 -14.64 10.30 1.13
CA ARG A 82 -14.15 9.11 1.86
C ARG A 82 -15.15 7.95 1.66
N TRP A 83 -14.68 6.76 1.42
CA TRP A 83 -15.61 5.62 1.19
C TRP A 83 -16.13 5.06 2.52
N GLY A 84 -15.44 5.33 3.60
CA GLY A 84 -15.86 4.81 4.92
C GLY A 84 -14.81 3.81 5.42
N THR A 85 -14.98 3.31 6.61
CA THR A 85 -13.99 2.33 7.13
C THR A 85 -14.09 1.07 6.27
N VAL A 86 -13.13 0.86 5.42
CA VAL A 86 -13.16 -0.32 4.53
C VAL A 86 -12.76 -1.57 5.32
N ASP A 87 -13.71 -2.40 5.65
CA ASP A 87 -13.40 -3.63 6.44
C ASP A 87 -12.51 -4.57 5.62
N CYS A 88 -11.27 -4.75 6.00
CA CYS A 88 -10.40 -5.69 5.20
C CYS A 88 -10.99 -7.12 5.26
N THR A 89 -12.01 -7.34 6.04
CA THR A 89 -12.60 -8.71 6.11
C THR A 89 -13.64 -8.86 5.00
N THR A 90 -13.85 -7.83 4.22
CA THR A 90 -14.85 -7.91 3.12
C THR A 90 -14.12 -7.84 1.78
N ALA A 91 -13.28 -6.86 1.63
CA ALA A 91 -12.52 -6.72 0.35
C ALA A 91 -11.07 -7.16 0.56
N ALA A 92 -10.27 -7.10 -0.46
CA ALA A 92 -8.84 -7.52 -0.33
C ALA A 92 -7.96 -6.26 -0.26
N CYS A 93 -7.29 -6.03 0.85
CA CYS A 93 -6.44 -4.80 0.95
C CYS A 93 -4.99 -5.17 0.62
N GLN A 94 -4.44 -4.56 -0.39
CA GLN A 94 -3.05 -4.88 -0.78
C GLN A 94 -2.09 -3.82 -0.26
N VAL A 95 -0.92 -4.27 0.08
CA VAL A 95 0.12 -3.33 0.55
C VAL A 95 1.06 -3.12 -0.63
N GLY A 96 1.05 -1.97 -1.22
CA GLY A 96 1.92 -1.77 -2.41
C GLY A 96 2.44 -0.35 -2.50
N LEU A 97 3.07 -0.04 -3.60
CA LEU A 97 3.65 1.31 -3.78
C LEU A 97 3.06 1.94 -5.05
N SER A 98 3.46 3.13 -5.34
CA SER A 98 2.93 3.81 -6.56
C SER A 98 3.58 5.19 -6.71
N ASP A 99 3.37 5.85 -7.80
CA ASP A 99 3.99 7.20 -7.99
C ASP A 99 2.87 8.24 -8.18
N ALA A 100 3.16 9.35 -8.80
CA ALA A 100 2.10 10.38 -9.00
C ALA A 100 1.84 10.55 -10.50
N ALA A 101 1.92 9.48 -11.24
CA ALA A 101 1.69 9.57 -12.70
C ALA A 101 0.37 8.87 -13.06
N GLY A 102 0.03 7.81 -12.37
CA GLY A 102 -1.22 7.10 -12.68
C GLY A 102 -1.13 5.71 -12.04
N ASN A 103 0.05 5.15 -12.02
CA ASN A 103 0.22 3.83 -11.41
C ASN A 103 1.70 3.59 -11.11
N GLY A 104 1.99 2.43 -10.61
CA GLY A 104 3.40 2.09 -10.26
C GLY A 104 3.46 0.58 -9.93
N PRO A 105 4.49 0.12 -9.25
CA PRO A 105 4.57 -1.31 -8.91
C PRO A 105 3.23 -1.81 -8.37
N GLU A 106 3.10 -3.09 -8.16
CA GLU A 106 1.79 -3.64 -7.67
C GLU A 106 1.79 -3.71 -6.15
N GLY A 107 0.71 -4.20 -5.57
CA GLY A 107 0.62 -4.31 -4.09
C GLY A 107 0.54 -5.79 -3.69
N VAL A 108 0.77 -6.07 -2.44
CA VAL A 108 0.73 -7.46 -1.96
C VAL A 108 -0.57 -7.69 -1.19
N ALA A 109 -1.23 -8.76 -1.49
CA ALA A 109 -2.51 -9.09 -0.79
C ALA A 109 -2.21 -9.53 0.64
N ILE A 110 -2.72 -8.82 1.61
CA ILE A 110 -2.46 -9.21 3.02
C ILE A 110 -3.66 -10.01 3.55
N SER A 111 -3.54 -10.57 4.72
CA SER A 111 -4.68 -11.36 5.28
C SER A 111 -4.85 -11.05 6.77
N PHE A 112 -6.03 -11.25 7.30
CA PHE A 112 -6.25 -10.97 8.74
C PHE A 112 -7.01 -12.14 9.38
N ASN A 113 -6.31 -13.18 9.75
CA ASN A 113 -6.99 -14.35 10.37
C ASN A 113 -7.56 -13.94 11.74
C1 CHR B . -3.57 7.72 -4.15
C2 CHR B . -4.01 8.59 -3.08
C3 CHR B . -4.61 9.18 -2.26
C4 CHR B . -5.63 9.72 -1.34
O2 CHR B . -6.15 8.86 -0.29
C5 CHR B . -6.94 8.97 -1.51
C6 CHR B . -6.77 7.92 -2.55
C7 CHR B . -6.40 7.15 -3.39
C8 CHR B . -5.70 6.39 -4.40
C9 CHR B . -4.47 6.77 -4.80
C10 CHR B . -3.78 6.19 -6.02
O1 CHR B . -4.30 6.77 -7.21
C11 CHR B . -2.31 6.60 -5.80
O6 CHR B . -1.58 5.47 -5.38
C12 CHR B . -2.37 7.64 -4.71
C13 CHR B . -4.16 6.08 -8.44
O3 CHR B . -5.02 4.95 -8.46
C14 CHR B . -4.53 7.02 -9.60
N1 CHR B . -3.71 8.27 -9.51
C19 CHR B . -2.31 8.26 -10.02
C15 CHR B . -6.01 7.36 -9.50
O4 CHR B . -6.37 8.21 -10.57
C16 CHR B . -6.85 6.08 -9.56
O5 CHR B . -6.63 5.44 -10.81
C17 CHR B . -6.43 5.14 -8.42
C18 CHR B . -7.12 3.79 -8.60
C20 CHR B . -1.35 4.68 -6.41
O7 CHR B . -1.01 5.10 -7.49
C21 CHR B . -1.58 3.24 -6.18
C22 CHR B . -2.18 2.47 -7.18
O9 CHR B . -2.49 3.04 -8.41
C23 CHR B . -2.48 1.13 -6.94
C24 CHR B . -2.18 0.55 -5.70
C25 CHR B . -1.58 1.32 -4.70
C26 CHR B . -1.27 2.66 -4.93
C27 CHR B . -0.65 3.42 -3.93
C28 CHR B . -0.37 2.85 -2.69
O8 CHR B . 0.24 3.61 -1.69
C31 CHR B . -0.32 4.89 -1.47
C29 CHR B . -0.68 1.51 -2.45
C30 CHR B . -1.29 0.75 -3.46
C32 CHR B . -1.63 -0.71 -3.20
C33 CHR B . -5.67 11.23 -1.12
O10 CHR B . -6.60 11.55 -0.10
C34 CHR B . -7.51 12.32 -0.68
O11 CHR B . -8.45 12.75 -0.03
O12 CHR B . -7.38 12.59 -1.96
C35 CHR B . -6.18 11.93 -2.37
H5 CHR B . -7.88 9.52 -1.49
H8 CHR B . -6.16 5.52 -4.83
H10 CHR B . -3.89 5.12 -6.04
H11 CHR B . -1.89 7.02 -6.71
H12 CHR B . -1.54 8.24 -4.42
H13 CHR B . -3.13 5.76 -8.57
H14 CHR B . -4.34 6.53 -10.54
H191 CHR B . -1.64 8.51 -9.20
H192 CHR B . -2.21 9.00 -10.80
H193 CHR B . -2.06 7.29 -10.40
H15 CHR B . -6.20 7.88 -8.56
HO4 CHR B . -7.33 8.16 -10.69
H16 CHR B . -7.89 6.33 -9.45
HO5 CHR B . -7.49 5.25 -11.19
H17 CHR B . -6.71 5.57 -7.48
H181 CHR B . -6.39 3.00 -8.51
H182 CHR B . -7.58 3.74 -9.57
H183 CHR B . -7.87 3.67 -7.84
HO9 CHR B . -3.39 2.84 -8.64
H23 CHR B . -2.95 0.54 -7.71
H24 CHR B . -2.42 -0.49 -5.51
H27 CHR B . -0.38 4.46 -4.11
H311 CHR B . 0.23 5.63 -2.05
H312 CHR B . -1.35 4.90 -1.78
H313 CHR B . -0.25 5.15 -0.43
H29 CHR B . -0.47 1.06 -1.49
H321 CHR B . -2.62 -0.91 -3.57
H322 CHR B . -0.92 -1.35 -3.71
H323 CHR B . -1.60 -0.91 -2.15
H33 CHR B . -4.69 11.60 -0.87
H351 CHR B . -5.46 12.64 -2.72
H352 CHR B . -6.41 11.20 -3.14
N ALA A 1 18.28 -6.21 -13.09
CA ALA A 1 17.51 -5.89 -11.86
C ALA A 1 16.23 -5.14 -12.22
N ALA A 2 15.10 -5.73 -11.99
CA ALA A 2 13.82 -5.05 -12.33
C ALA A 2 13.09 -4.66 -11.05
N PRO A 3 12.10 -3.81 -11.19
CA PRO A 3 11.30 -3.34 -10.04
C PRO A 3 10.62 -4.52 -9.33
N THR A 4 10.27 -4.32 -8.11
CA THR A 4 9.58 -5.39 -7.33
C THR A 4 9.30 -4.86 -5.92
N ALA A 5 8.88 -5.69 -5.02
CA ALA A 5 8.56 -5.19 -3.65
C ALA A 5 8.43 -6.34 -2.69
N THR A 6 9.09 -6.23 -1.58
CA THR A 6 9.00 -7.30 -0.56
C THR A 6 8.29 -6.77 0.66
N VAL A 7 7.11 -7.23 0.83
CA VAL A 7 6.27 -6.81 1.98
C VAL A 7 5.98 -8.00 2.90
N THR A 8 5.96 -7.78 4.19
CA THR A 8 5.70 -8.88 5.15
C THR A 8 5.68 -8.31 6.57
N PRO A 9 4.92 -8.94 7.44
CA PRO A 9 4.09 -10.10 7.10
C PRO A 9 2.87 -9.65 6.31
N SER A 10 2.35 -10.52 5.51
CA SER A 10 1.15 -10.17 4.69
C SER A 10 -0.11 -10.54 5.47
N SER A 11 -0.03 -11.48 6.36
CA SER A 11 -1.23 -11.89 7.14
C SER A 11 -0.86 -12.10 8.61
N GLY A 12 -1.83 -12.13 9.48
CA GLY A 12 -1.53 -12.34 10.93
C GLY A 12 -1.06 -11.01 11.53
N LEU A 13 -1.63 -9.93 11.07
CA LEU A 13 -1.23 -8.60 11.54
C LEU A 13 -2.09 -8.17 12.70
N SER A 14 -3.32 -8.40 12.53
CA SER A 14 -4.32 -8.05 13.56
C SER A 14 -4.39 -6.52 13.71
N ASP A 15 -5.57 -6.02 13.99
CA ASP A 15 -5.75 -4.56 14.13
C ASP A 15 -4.75 -3.98 15.11
N GLY A 16 -3.76 -3.31 14.63
CA GLY A 16 -2.79 -2.67 15.55
C GLY A 16 -1.34 -3.09 15.28
N THR A 17 -1.02 -3.84 14.25
CA THR A 17 0.39 -4.19 14.07
C THR A 17 1.00 -3.38 12.96
N VAL A 18 2.20 -3.69 12.65
CA VAL A 18 2.94 -2.96 11.58
C VAL A 18 3.50 -3.93 10.55
N VAL A 19 3.36 -3.61 9.29
CA VAL A 19 3.92 -4.49 8.22
C VAL A 19 5.11 -3.79 7.59
N LYS A 20 6.02 -4.54 7.03
CA LYS A 20 7.20 -3.91 6.38
C LYS A 20 7.09 -4.10 4.87
N VAL A 21 6.84 -3.05 4.16
CA VAL A 21 6.73 -3.16 2.67
C VAL A 21 8.00 -2.60 2.05
N ALA A 22 8.50 -3.21 1.01
CA ALA A 22 9.73 -2.67 0.39
C ALA A 22 9.58 -2.66 -1.12
N GLY A 23 10.38 -1.86 -1.76
CA GLY A 23 10.34 -1.78 -3.23
C GLY A 23 11.76 -1.88 -3.76
N ALA A 24 11.98 -2.52 -4.87
CA ALA A 24 13.37 -2.60 -5.39
C ALA A 24 13.32 -2.58 -6.92
N GLY A 25 14.03 -1.67 -7.56
CA GLY A 25 13.99 -1.64 -9.04
C GLY A 25 12.84 -0.73 -9.50
N LEU A 26 12.45 0.23 -8.71
CA LEU A 26 11.34 1.12 -9.12
C LEU A 26 11.92 2.26 -9.96
N GLN A 27 11.09 3.11 -10.50
CA GLN A 27 11.61 4.23 -11.31
C GLN A 27 12.80 4.88 -10.61
N ALA A 28 13.97 4.46 -11.00
CA ALA A 28 15.20 4.99 -10.38
C ALA A 28 15.27 6.51 -10.48
N GLY A 29 14.52 7.19 -9.66
CA GLY A 29 14.54 8.68 -9.70
C GLY A 29 13.11 9.21 -9.66
N THR A 30 12.21 8.55 -8.97
CA THR A 30 10.83 9.05 -8.92
C THR A 30 10.16 8.72 -7.58
N ALA A 31 9.86 9.74 -6.83
CA ALA A 31 9.17 9.59 -5.52
C ALA A 31 8.06 8.53 -5.64
N TYR A 32 8.04 7.59 -4.73
CA TYR A 32 7.00 6.53 -4.76
C TYR A 32 6.24 6.56 -3.43
N ASP A 33 4.97 6.23 -3.42
CA ASP A 33 4.22 6.24 -2.14
C ASP A 33 4.11 4.79 -1.66
N VAL A 34 3.91 4.58 -0.39
CA VAL A 34 3.85 3.19 0.14
C VAL A 34 2.75 3.08 1.22
N GLY A 35 1.71 2.28 1.02
CA GLY A 35 0.66 2.20 2.08
C GLY A 35 -0.31 1.04 1.84
N GLN A 36 -1.31 0.94 2.69
CA GLN A 36 -2.32 -0.12 2.60
C GLN A 36 -3.57 0.43 1.94
N CYS A 37 -3.85 0.01 0.74
CA CYS A 37 -5.06 0.51 0.04
C CYS A 37 -5.85 -0.68 -0.53
N ALA A 38 -7.15 -0.54 -0.64
CA ALA A 38 -7.98 -1.67 -1.16
C ALA A 38 -8.83 -1.23 -2.36
N TRP A 39 -8.92 -2.06 -3.38
CA TRP A 39 -9.76 -1.70 -4.56
C TRP A 39 -11.13 -2.34 -4.35
N VAL A 40 -12.17 -1.56 -4.19
CA VAL A 40 -13.51 -2.15 -3.96
C VAL A 40 -14.37 -2.02 -5.21
N ASP A 41 -13.79 -1.72 -6.34
CA ASP A 41 -14.61 -1.60 -7.58
C ASP A 41 -13.72 -1.13 -8.75
N THR A 42 -14.32 -0.88 -9.88
CA THR A 42 -13.54 -0.44 -11.05
C THR A 42 -13.06 1.00 -10.84
N GLY A 43 -11.85 1.16 -10.40
CA GLY A 43 -11.30 2.53 -10.18
C GLY A 43 -11.68 3.08 -8.80
N VAL A 44 -11.90 2.25 -7.82
CA VAL A 44 -12.25 2.75 -6.47
C VAL A 44 -11.11 2.35 -5.52
N LEU A 45 -10.26 3.26 -5.09
CA LEU A 45 -9.14 2.86 -4.20
C LEU A 45 -9.30 3.51 -2.82
N ALA A 46 -9.70 2.76 -1.82
CA ALA A 46 -9.84 3.35 -0.46
C ALA A 46 -8.57 3.02 0.33
N CYS A 47 -7.75 3.99 0.60
CA CYS A 47 -6.49 3.71 1.35
C CYS A 47 -6.56 4.28 2.77
N ASN A 48 -5.63 3.90 3.62
CA ASN A 48 -5.67 4.40 5.03
C ASN A 48 -4.40 5.22 5.32
N PRO A 49 -4.58 6.37 5.96
CA PRO A 49 -3.44 7.26 6.31
C PRO A 49 -2.61 6.70 7.47
N ALA A 50 -2.63 5.41 7.73
CA ALA A 50 -1.81 4.87 8.86
C ALA A 50 -0.64 4.08 8.28
N ASP A 51 -0.53 4.05 6.98
CA ASP A 51 0.58 3.31 6.33
C ASP A 51 1.04 4.14 5.14
N PHE A 52 0.69 5.39 5.12
CA PHE A 52 1.07 6.25 3.98
C PHE A 52 2.51 6.76 4.13
N SER A 53 3.46 6.02 3.61
CA SER A 53 4.88 6.48 3.69
C SER A 53 5.31 6.92 2.29
N SER A 54 6.57 7.12 2.05
CA SER A 54 6.97 7.57 0.69
C SER A 54 8.49 7.77 0.59
N VAL A 55 9.07 7.29 -0.47
CA VAL A 55 10.53 7.47 -0.71
C VAL A 55 10.74 7.47 -2.22
N THR A 56 11.80 8.04 -2.71
CA THR A 56 12.00 8.05 -4.18
C THR A 56 12.91 6.91 -4.59
N ALA A 57 12.67 6.36 -5.74
CA ALA A 57 13.53 5.25 -6.21
C ALA A 57 14.92 5.79 -6.52
N ASP A 58 15.86 5.45 -5.70
CA ASP A 58 17.27 5.90 -5.88
C ASP A 58 17.86 5.33 -7.19
N ALA A 59 19.09 4.91 -7.15
CA ALA A 59 19.76 4.36 -8.38
C ALA A 59 18.88 3.31 -9.04
N ASN A 60 18.46 2.35 -8.29
CA ASN A 60 17.58 1.29 -8.85
C ASN A 60 16.17 1.62 -8.39
N GLY A 61 16.09 2.18 -7.22
CA GLY A 61 14.78 2.59 -6.65
C GLY A 61 14.35 1.63 -5.55
N SER A 62 15.08 1.61 -4.46
CA SER A 62 14.70 0.72 -3.33
C SER A 62 13.95 1.52 -2.30
N ALA A 63 12.84 1.01 -1.85
CA ALA A 63 12.04 1.76 -0.83
C ALA A 63 11.52 0.79 0.22
N SER A 64 12.05 0.82 1.40
CA SER A 64 11.58 -0.11 2.46
C SER A 64 11.15 0.68 3.69
N THR A 65 9.91 0.57 4.06
CA THR A 65 9.41 1.32 5.25
C THR A 65 8.34 0.48 5.97
N SER A 66 8.30 0.54 7.26
CA SER A 66 7.29 -0.23 8.02
C SER A 66 6.13 0.69 8.40
N LEU A 67 4.93 0.18 8.34
CA LEU A 67 3.74 1.03 8.68
C LEU A 67 2.71 0.19 9.44
N THR A 68 1.73 0.81 10.01
CA THR A 68 0.70 0.04 10.78
C THR A 68 -0.53 -0.17 9.89
N VAL A 69 -0.98 -1.40 9.72
CA VAL A 69 -2.17 -1.64 8.85
C VAL A 69 -3.15 -2.58 9.54
N ARG A 70 -4.44 -2.35 9.43
CA ARG A 70 -5.40 -3.27 10.10
C ARG A 70 -6.45 -3.77 9.13
N ARG A 71 -7.49 -4.34 9.68
CA ARG A 71 -8.61 -4.86 8.82
C ARG A 71 -9.49 -3.68 8.43
N SER A 72 -10.37 -3.21 9.28
CA SER A 72 -11.19 -2.04 8.88
C SER A 72 -10.25 -0.86 8.83
N PHE A 73 -10.35 -0.03 7.82
CA PHE A 73 -9.39 1.07 7.74
C PHE A 73 -9.92 2.18 6.84
N GLU A 74 -9.75 3.40 7.26
CA GLU A 74 -10.24 4.57 6.49
C GLU A 74 -10.17 4.30 4.99
N GLY A 75 -11.29 4.31 4.33
CA GLY A 75 -11.31 4.04 2.85
C GLY A 75 -11.08 5.34 2.05
N PHE A 76 -10.09 6.12 2.39
CA PHE A 76 -9.82 7.38 1.63
C PHE A 76 -10.05 7.15 0.12
N LEU A 77 -11.05 7.79 -0.46
CA LEU A 77 -11.31 7.60 -1.93
C LEU A 77 -10.48 8.61 -2.73
N PHE A 78 -9.71 8.16 -3.71
CA PHE A 78 -8.89 9.11 -4.53
C PHE A 78 -9.80 10.06 -5.31
N ASP A 79 -10.64 10.79 -4.64
CA ASP A 79 -11.56 11.73 -5.37
C ASP A 79 -12.05 12.81 -4.40
N GLY A 80 -11.38 13.01 -3.30
CA GLY A 80 -11.82 14.04 -2.32
C GLY A 80 -12.88 13.47 -1.38
N THR A 81 -13.60 12.47 -1.81
CA THR A 81 -14.65 11.88 -0.93
C THR A 81 -14.11 10.66 -0.18
N ARG A 82 -14.76 10.30 0.88
CA ARG A 82 -14.31 9.12 1.68
C ARG A 82 -15.28 7.96 1.40
N TRP A 83 -14.77 6.78 1.17
CA TRP A 83 -15.67 5.62 0.87
C TRP A 83 -16.25 5.04 2.17
N GLY A 84 -15.62 5.31 3.28
CA GLY A 84 -16.10 4.78 4.57
C GLY A 84 -15.06 3.80 5.13
N THR A 85 -15.26 3.32 6.32
CA THR A 85 -14.29 2.35 6.88
C THR A 85 -14.31 1.11 6.00
N VAL A 86 -13.25 0.86 5.29
CA VAL A 86 -13.21 -0.31 4.39
C VAL A 86 -12.81 -1.53 5.22
N ASP A 87 -13.76 -2.38 5.52
CA ASP A 87 -13.47 -3.59 6.33
C ASP A 87 -12.54 -4.53 5.55
N CYS A 88 -11.32 -4.70 5.97
CA CYS A 88 -10.41 -5.63 5.21
C CYS A 88 -10.97 -7.06 5.30
N THR A 89 -12.01 -7.29 6.05
CA THR A 89 -12.57 -8.67 6.14
C THR A 89 -13.60 -8.86 5.02
N THR A 90 -13.78 -7.86 4.19
CA THR A 90 -14.75 -7.98 3.08
C THR A 90 -14.01 -7.90 1.75
N ALA A 91 -13.19 -6.89 1.59
CA ALA A 91 -12.42 -6.74 0.32
C ALA A 91 -10.97 -7.17 0.56
N ALA A 92 -10.15 -7.11 -0.46
CA ALA A 92 -8.73 -7.53 -0.31
C ALA A 92 -7.86 -6.26 -0.23
N CYS A 93 -7.19 -6.04 0.89
CA CYS A 93 -6.34 -4.82 1.00
C CYS A 93 -4.90 -5.18 0.67
N GLN A 94 -4.32 -4.55 -0.32
CA GLN A 94 -2.94 -4.87 -0.70
C GLN A 94 -1.98 -3.82 -0.18
N VAL A 95 -0.82 -4.26 0.17
CA VAL A 95 0.23 -3.34 0.65
C VAL A 95 1.19 -3.13 -0.51
N GLY A 96 1.20 -1.98 -1.09
CA GLY A 96 2.09 -1.79 -2.27
C GLY A 96 2.61 -0.35 -2.36
N LEU A 97 3.26 -0.06 -3.46
CA LEU A 97 3.82 1.31 -3.64
C LEU A 97 3.22 1.92 -4.90
N SER A 98 3.60 3.13 -5.21
CA SER A 98 3.06 3.81 -6.42
C SER A 98 3.68 5.20 -6.55
N ASP A 99 3.36 5.92 -7.59
CA ASP A 99 3.94 7.27 -7.75
C ASP A 99 2.80 8.30 -7.91
N ALA A 100 3.06 9.44 -8.49
CA ALA A 100 1.98 10.45 -8.66
C ALA A 100 1.75 10.69 -10.15
N ALA A 101 1.86 9.67 -10.95
CA ALA A 101 1.64 9.83 -12.41
C ALA A 101 0.37 9.12 -12.83
N GLY A 102 0.03 8.03 -12.20
CA GLY A 102 -1.19 7.29 -12.58
C GLY A 102 -1.14 5.92 -11.94
N ASN A 103 0.03 5.35 -11.86
CA ASN A 103 0.17 4.03 -11.25
C ASN A 103 1.63 3.73 -10.98
N GLY A 104 1.90 2.57 -10.49
CA GLY A 104 3.30 2.16 -10.17
C GLY A 104 3.32 0.65 -9.89
N PRO A 105 4.34 0.13 -9.23
CA PRO A 105 4.39 -1.31 -8.94
C PRO A 105 3.04 -1.78 -8.36
N GLU A 106 2.90 -3.05 -8.11
CA GLU A 106 1.60 -3.57 -7.58
C GLU A 106 1.64 -3.62 -6.05
N GLY A 107 0.66 -4.26 -5.46
CA GLY A 107 0.63 -4.35 -3.97
C GLY A 107 0.56 -5.82 -3.55
N VAL A 108 0.85 -6.09 -2.30
CA VAL A 108 0.82 -7.46 -1.80
C VAL A 108 -0.50 -7.70 -1.07
N ALA A 109 -1.16 -8.76 -1.40
CA ALA A 109 -2.45 -9.08 -0.74
C ALA A 109 -2.20 -9.57 0.69
N ILE A 110 -2.72 -8.87 1.65
CA ILE A 110 -2.51 -9.30 3.06
C ILE A 110 -3.74 -10.08 3.54
N SER A 111 -3.63 -10.74 4.65
CA SER A 111 -4.80 -11.52 5.16
C SER A 111 -5.02 -11.21 6.65
N PHE A 112 -6.21 -11.42 7.14
CA PHE A 112 -6.49 -11.13 8.57
C PHE A 112 -7.21 -12.32 9.19
N ASN A 113 -6.61 -12.94 10.17
CA ASN A 113 -7.26 -14.12 10.82
C ASN A 113 -8.54 -13.65 11.54
C1 CHR B . -3.42 7.70 -4.01
C2 CHR B . -3.87 8.55 -2.94
C3 CHR B . -4.48 9.14 -2.11
C4 CHR B . -5.51 9.67 -1.19
O2 CHR B . -6.02 8.79 -0.15
C5 CHR B . -6.80 8.88 -1.38
C6 CHR B . -6.62 7.82 -2.40
C7 CHR B . -6.23 7.07 -3.24
C8 CHR B . -5.51 6.32 -4.27
C9 CHR B . -4.29 6.74 -4.67
C10 CHR B . -3.61 6.19 -5.90
O1 CHR B . -4.14 6.80 -7.07
C11 CHR B . -2.15 6.61 -5.69
O6 CHR B . -1.40 5.48 -5.25
C12 CHR B . -2.22 7.64 -4.59
C13 CHR B . -3.91 6.20 -8.34
O3 CHR B . -4.68 5.02 -8.46
C14 CHR B . -4.30 7.18 -9.46
N1 CHR B . -3.59 8.47 -9.26
C19 CHR B . -2.22 8.68 -9.81
C15 CHR B . -5.81 7.40 -9.42
O4 CHR B . -6.18 8.28 -10.47
C16 CHR B . -6.53 6.06 -9.60
O5 CHR B . -6.19 5.51 -10.86
C17 CHR B . -6.10 5.09 -8.50
C18 CHR B . -6.68 3.71 -8.77
C20 CHR B . -1.19 4.69 -6.28
O7 CHR B . -0.83 5.12 -7.36
C21 CHR B . -1.40 3.25 -6.06
C22 CHR B . -1.98 2.47 -7.06
O9 CHR B . -2.27 3.03 -8.29
C23 CHR B . -2.28 1.12 -6.82
C24 CHR B . -1.98 0.55 -5.58
C25 CHR B . -1.40 1.33 -4.57
C26 CHR B . -1.09 2.68 -4.80
C27 CHR B . -0.51 3.45 -3.79
C28 CHR B . -0.23 2.86 -2.54
O8 CHR B . 0.35 3.63 -1.54
C31 CHR B . -0.23 4.91 -1.33
C29 CHR B . -0.54 1.52 -2.31
C30 CHR B . -1.11 0.75 -3.33
C32 CHR B . -1.45 -0.71 -3.08
C33 CHR B . -5.57 11.17 -0.98
O10 CHR B . -6.67 11.50 -0.15
C34 CHR B . -7.45 12.28 -0.88
O11 CHR B . -8.49 12.73 -0.44
O12 CHR B . -7.08 12.55 -2.13
C35 CHR B . -5.84 11.87 -2.31
H5 CHR B . -7.75 9.42 -1.37
H8 CHR B . -5.95 5.45 -4.70
H10 CHR B . -3.72 5.12 -5.95
H11 CHR B . -1.73 7.03 -6.58
H12 CHR B . -1.39 8.26 -4.29
H13 CHR B . -2.86 5.96 -8.43
H14 CHR B . -4.01 6.76 -10.41
H191 CHR B . -1.78 7.72 -10.02
H192 CHR B . -1.62 9.21 -9.10
H193 CHR B . -2.29 9.24 -10.74
H15 CHR B . -6.09 7.83 -8.47
HO4 CHR B . -5.47 8.91 -10.59
H16 CHR B . -7.60 6.21 -9.55
HO5 CHR B . -6.26 6.20 -11.52
H17 CHR B . -6.46 5.46 -7.54
H181 CHR B . -6.64 3.51 -9.82
H182 CHR B . -7.71 3.68 -8.43
H183 CHR B . -6.11 2.97 -8.22
HO9 CHR B . -3.21 3.23 -8.35
H23 CHR B . -2.72 0.53 -7.60
H24 CHR B . -2.21 -0.48 -5.40
H27 CHR B . -0.24 4.47 -3.96
H311 CHR B . -1.29 4.81 -1.18
H312 CHR B . -0.03 5.53 -2.20
H313 CHR B . 0.23 5.37 -0.46
H29 CHR B . -0.34 1.07 -1.35
H321 CHR B . -2.52 -0.86 -3.17
H322 CHR B . -1.13 -0.99 -2.09
H323 CHR B . -0.94 -1.33 -3.80
H33 CHR B . -4.65 11.53 -0.55
H351 CHR B . -5.05 12.57 -2.53
H352 CHR B . -5.93 11.15 -3.11
N ALA A 1 18.22 -4.94 -13.52
CA ALA A 1 17.37 -5.24 -12.33
C ALA A 1 15.92 -4.86 -12.62
N ALA A 2 14.99 -5.51 -11.98
CA ALA A 2 13.55 -5.18 -12.23
C ALA A 2 12.89 -4.76 -10.91
N PRO A 3 11.92 -3.89 -11.02
CA PRO A 3 11.18 -3.39 -9.85
C PRO A 3 10.50 -4.53 -9.10
N THR A 4 10.19 -4.30 -7.86
CA THR A 4 9.51 -5.35 -7.04
C THR A 4 9.27 -4.77 -5.64
N ALA A 5 8.88 -5.58 -4.71
CA ALA A 5 8.64 -5.04 -3.34
C ALA A 5 8.51 -6.15 -2.33
N THR A 6 9.18 -5.99 -1.22
CA THR A 6 9.13 -7.03 -0.18
C THR A 6 8.20 -6.60 0.93
N VAL A 7 7.06 -7.18 0.94
CA VAL A 7 6.06 -6.84 1.99
C VAL A 7 5.72 -8.08 2.83
N THR A 8 5.90 -7.99 4.12
CA THR A 8 5.60 -9.14 5.02
C THR A 8 5.70 -8.65 6.47
N PRO A 9 4.94 -9.25 7.35
CA PRO A 9 4.01 -10.34 6.99
C PRO A 9 2.77 -9.76 6.32
N SER A 10 2.15 -10.52 5.48
CA SER A 10 0.94 -10.02 4.77
C SER A 10 -0.31 -10.50 5.53
N SER A 11 -0.20 -11.53 6.32
CA SER A 11 -1.38 -12.03 7.06
C SER A 11 -1.03 -12.23 8.55
N GLY A 12 -2.02 -12.22 9.40
CA GLY A 12 -1.75 -12.41 10.86
C GLY A 12 -1.25 -11.09 11.44
N LEU A 13 -1.80 -10.00 10.97
CA LEU A 13 -1.37 -8.67 11.43
C LEU A 13 -2.23 -8.22 12.58
N SER A 14 -3.46 -8.42 12.40
CA SER A 14 -4.46 -8.03 13.42
C SER A 14 -4.46 -6.51 13.61
N ASP A 15 -5.60 -5.97 13.91
CA ASP A 15 -5.73 -4.50 14.09
C ASP A 15 -4.69 -3.98 15.07
N GLY A 16 -3.68 -3.33 14.56
CA GLY A 16 -2.66 -2.75 15.47
C GLY A 16 -1.23 -3.25 15.18
N THR A 17 -0.97 -3.98 14.12
CA THR A 17 0.44 -4.39 13.93
C THR A 17 1.06 -3.61 12.80
N VAL A 18 2.27 -3.95 12.53
CA VAL A 18 3.04 -3.26 11.46
C VAL A 18 3.64 -4.26 10.49
N VAL A 19 3.62 -3.95 9.22
CA VAL A 19 4.22 -4.87 8.21
C VAL A 19 5.38 -4.14 7.53
N LYS A 20 6.32 -4.87 7.01
CA LYS A 20 7.46 -4.20 6.34
C LYS A 20 7.31 -4.32 4.83
N VAL A 21 7.01 -3.24 4.17
CA VAL A 21 6.83 -3.28 2.68
C VAL A 21 8.05 -2.62 2.04
N ALA A 22 8.77 -3.29 1.18
CA ALA A 22 9.94 -2.65 0.57
C ALA A 22 9.73 -2.56 -0.94
N GLY A 23 10.55 -1.80 -1.59
CA GLY A 23 10.44 -1.65 -3.05
C GLY A 23 11.84 -1.79 -3.62
N ALA A 24 12.01 -2.46 -4.71
CA ALA A 24 13.39 -2.58 -5.26
C ALA A 24 13.31 -2.58 -6.79
N GLY A 25 14.03 -1.70 -7.46
CA GLY A 25 13.95 -1.70 -8.95
C GLY A 25 12.81 -0.80 -9.41
N LEU A 26 12.42 0.18 -8.63
CA LEU A 26 11.32 1.05 -9.07
C LEU A 26 11.91 2.18 -9.92
N GLN A 27 11.08 3.01 -10.49
CA GLN A 27 11.63 4.11 -11.34
C GLN A 27 12.76 4.80 -10.60
N ALA A 28 13.96 4.44 -10.96
CA ALA A 28 15.16 5.03 -10.32
C ALA A 28 15.15 6.56 -10.45
N GLY A 29 14.36 7.21 -9.65
CA GLY A 29 14.30 8.70 -9.71
C GLY A 29 12.84 9.14 -9.68
N THR A 30 12.00 8.43 -8.97
CA THR A 30 10.57 8.83 -8.93
C THR A 30 9.97 8.60 -7.53
N ALA A 31 9.70 9.68 -6.85
CA ALA A 31 9.08 9.62 -5.49
C ALA A 31 7.84 8.71 -5.55
N TYR A 32 7.90 7.56 -4.95
CA TYR A 32 6.72 6.64 -4.96
C TYR A 32 6.04 6.68 -3.60
N ASP A 33 4.76 6.37 -3.52
CA ASP A 33 4.08 6.36 -2.20
C ASP A 33 4.02 4.92 -1.69
N VAL A 34 3.80 4.73 -0.42
CA VAL A 34 3.78 3.35 0.13
C VAL A 34 2.67 3.25 1.20
N GLY A 35 1.68 2.38 1.05
CA GLY A 35 0.62 2.32 2.11
C GLY A 35 -0.33 1.14 1.89
N GLN A 36 -1.33 1.04 2.72
CA GLN A 36 -2.34 -0.04 2.64
C GLN A 36 -3.60 0.50 1.96
N CYS A 37 -3.86 0.09 0.76
CA CYS A 37 -5.07 0.57 0.06
C CYS A 37 -5.85 -0.63 -0.52
N ALA A 38 -7.15 -0.52 -0.61
CA ALA A 38 -7.96 -1.66 -1.13
C ALA A 38 -8.80 -1.22 -2.33
N TRP A 39 -8.90 -2.03 -3.36
CA TRP A 39 -9.74 -1.68 -4.52
C TRP A 39 -11.12 -2.33 -4.33
N VAL A 40 -12.14 -1.56 -4.16
CA VAL A 40 -13.49 -2.15 -3.94
C VAL A 40 -14.34 -2.04 -5.20
N ASP A 41 -13.75 -1.74 -6.32
CA ASP A 41 -14.55 -1.62 -7.57
C ASP A 41 -13.66 -1.17 -8.72
N THR A 42 -14.24 -0.92 -9.87
CA THR A 42 -13.45 -0.47 -11.04
C THR A 42 -13.00 0.97 -10.84
N GLY A 43 -11.80 1.17 -10.38
CA GLY A 43 -11.29 2.55 -10.18
C GLY A 43 -11.69 3.10 -8.80
N VAL A 44 -11.89 2.26 -7.81
CA VAL A 44 -12.26 2.76 -6.47
C VAL A 44 -11.13 2.36 -5.51
N LEU A 45 -10.29 3.28 -5.07
CA LEU A 45 -9.17 2.88 -4.18
C LEU A 45 -9.33 3.56 -2.80
N ALA A 46 -9.74 2.81 -1.79
CA ALA A 46 -9.89 3.41 -0.44
C ALA A 46 -8.62 3.08 0.35
N CYS A 47 -7.79 4.05 0.62
CA CYS A 47 -6.53 3.76 1.37
C CYS A 47 -6.61 4.31 2.80
N ASN A 48 -5.69 3.90 3.64
CA ASN A 48 -5.71 4.37 5.06
C ASN A 48 -4.41 5.14 5.36
N PRO A 49 -4.53 6.25 6.04
CA PRO A 49 -3.37 7.09 6.40
C PRO A 49 -2.53 6.46 7.54
N ALA A 50 -2.54 5.16 7.70
CA ALA A 50 -1.72 4.55 8.79
C ALA A 50 -0.41 4.04 8.21
N ASP A 51 -0.30 4.02 6.91
CA ASP A 51 0.93 3.53 6.27
C ASP A 51 1.32 4.49 5.15
N PHE A 52 0.63 5.59 5.04
CA PHE A 52 0.95 6.55 3.95
C PHE A 52 2.39 7.05 4.07
N SER A 53 3.33 6.31 3.54
CA SER A 53 4.74 6.76 3.59
C SER A 53 5.16 7.15 2.17
N SER A 54 6.42 7.34 1.91
CA SER A 54 6.82 7.73 0.52
C SER A 54 8.33 7.92 0.42
N VAL A 55 8.91 7.40 -0.63
CA VAL A 55 10.38 7.56 -0.86
C VAL A 55 10.60 7.54 -2.37
N THR A 56 11.68 8.07 -2.85
CA THR A 56 11.91 8.06 -4.32
C THR A 56 12.85 6.92 -4.69
N ALA A 57 12.58 6.29 -5.80
CA ALA A 57 13.46 5.20 -6.24
C ALA A 57 14.86 5.76 -6.55
N ASP A 58 15.78 5.46 -5.69
CA ASP A 58 17.18 5.94 -5.86
C ASP A 58 17.80 5.39 -7.16
N ALA A 59 19.04 4.98 -7.10
CA ALA A 59 19.75 4.46 -8.32
C ALA A 59 18.89 3.41 -9.02
N ASN A 60 18.46 2.44 -8.30
CA ASN A 60 17.59 1.39 -8.89
C ASN A 60 16.17 1.67 -8.42
N GLY A 61 16.09 2.20 -7.23
CA GLY A 61 14.79 2.58 -6.64
C GLY A 61 14.42 1.62 -5.51
N SER A 62 15.13 1.67 -4.42
CA SER A 62 14.79 0.77 -3.27
C SER A 62 14.07 1.57 -2.20
N ALA A 63 12.97 1.07 -1.75
CA ALA A 63 12.20 1.80 -0.70
C ALA A 63 11.78 0.82 0.39
N SER A 64 12.36 0.90 1.55
CA SER A 64 11.98 -0.03 2.65
C SER A 64 11.38 0.77 3.80
N THR A 65 10.14 0.52 4.10
CA THR A 65 9.48 1.26 5.22
C THR A 65 8.48 0.35 5.94
N SER A 66 8.43 0.44 7.23
CA SER A 66 7.46 -0.39 8.00
C SER A 66 6.24 0.46 8.36
N LEU A 67 5.07 -0.07 8.19
CA LEU A 67 3.85 0.72 8.51
C LEU A 67 2.84 -0.14 9.27
N THR A 68 1.81 0.47 9.82
CA THR A 68 0.79 -0.32 10.58
C THR A 68 -0.47 -0.48 9.74
N VAL A 69 -0.93 -1.69 9.54
CA VAL A 69 -2.16 -1.89 8.71
C VAL A 69 -3.17 -2.76 9.45
N ARG A 70 -4.45 -2.46 9.37
CA ARG A 70 -5.44 -3.30 10.08
C ARG A 70 -6.52 -3.80 9.14
N ARG A 71 -7.55 -4.35 9.72
CA ARG A 71 -8.69 -4.85 8.91
C ARG A 71 -9.56 -3.66 8.49
N SER A 72 -10.34 -3.10 9.36
CA SER A 72 -11.14 -1.92 8.95
C SER A 72 -10.17 -0.76 8.82
N PHE A 73 -10.28 0.03 7.80
CA PHE A 73 -9.31 1.12 7.66
C PHE A 73 -9.88 2.22 6.79
N GLU A 74 -9.71 3.45 7.21
CA GLU A 74 -10.25 4.61 6.46
C GLU A 74 -10.21 4.34 4.95
N GLY A 75 -11.33 4.38 4.30
CA GLY A 75 -11.38 4.13 2.84
C GLY A 75 -11.14 5.42 2.04
N PHE A 76 -10.14 6.18 2.38
CA PHE A 76 -9.86 7.44 1.61
C PHE A 76 -10.10 7.22 0.10
N LEU A 77 -11.11 7.85 -0.47
CA LEU A 77 -11.37 7.65 -1.93
C LEU A 77 -10.53 8.66 -2.75
N PHE A 78 -9.77 8.21 -3.72
CA PHE A 78 -8.94 9.16 -4.53
C PHE A 78 -9.84 10.11 -5.32
N ASP A 79 -10.69 10.84 -4.66
CA ASP A 79 -11.59 11.78 -5.38
C ASP A 79 -12.11 12.86 -4.42
N GLY A 80 -11.45 13.05 -3.31
CA GLY A 80 -11.89 14.08 -2.33
C GLY A 80 -12.97 13.50 -1.41
N THR A 81 -13.68 12.50 -1.84
CA THR A 81 -14.74 11.91 -0.99
C THR A 81 -14.20 10.70 -0.22
N ARG A 82 -14.86 10.34 0.84
CA ARG A 82 -14.42 9.19 1.66
C ARG A 82 -15.37 8.01 1.40
N TRP A 83 -14.85 6.83 1.17
CA TRP A 83 -15.73 5.67 0.88
C TRP A 83 -16.29 5.09 2.18
N GLY A 84 -15.66 5.37 3.29
CA GLY A 84 -16.14 4.84 4.59
C GLY A 84 -15.10 3.87 5.13
N THR A 85 -15.29 3.38 6.33
CA THR A 85 -14.32 2.41 6.89
C THR A 85 -14.33 1.17 6.02
N VAL A 86 -13.28 0.94 5.29
CA VAL A 86 -13.23 -0.24 4.39
C VAL A 86 -12.82 -1.46 5.21
N ASP A 87 -13.75 -2.32 5.52
CA ASP A 87 -13.43 -3.53 6.33
C ASP A 87 -12.52 -4.46 5.54
N CYS A 88 -11.27 -4.61 5.94
CA CYS A 88 -10.38 -5.54 5.17
C CYS A 88 -10.91 -6.98 5.28
N THR A 89 -11.94 -7.21 6.06
CA THR A 89 -12.48 -8.59 6.17
C THR A 89 -13.51 -8.81 5.06
N THR A 90 -13.70 -7.83 4.22
CA THR A 90 -14.67 -7.98 3.11
C THR A 90 -13.93 -7.89 1.78
N ALA A 91 -13.13 -6.87 1.61
CA ALA A 91 -12.37 -6.72 0.34
C ALA A 91 -10.92 -7.15 0.55
N ALA A 92 -10.11 -7.08 -0.46
CA ALA A 92 -8.68 -7.47 -0.31
C ALA A 92 -7.82 -6.21 -0.26
N CYS A 93 -7.16 -5.94 0.84
CA CYS A 93 -6.31 -4.72 0.93
C CYS A 93 -4.86 -5.08 0.64
N GLN A 94 -4.28 -4.45 -0.35
CA GLN A 94 -2.88 -4.76 -0.70
C GLN A 94 -1.95 -3.71 -0.16
N VAL A 95 -0.79 -4.15 0.22
CA VAL A 95 0.25 -3.22 0.72
C VAL A 95 1.25 -3.03 -0.40
N GLY A 96 1.31 -1.88 -0.99
CA GLY A 96 2.25 -1.70 -2.13
C GLY A 96 2.70 -0.26 -2.28
N LEU A 97 3.36 0.03 -3.37
CA LEU A 97 3.85 1.42 -3.61
C LEU A 97 3.24 1.96 -4.89
N SER A 98 3.53 3.18 -5.21
CA SER A 98 2.97 3.80 -6.45
C SER A 98 3.68 5.12 -6.71
N ASP A 99 3.41 5.74 -7.83
CA ASP A 99 4.09 7.04 -8.13
C ASP A 99 3.02 8.15 -8.20
N ALA A 100 3.30 9.26 -8.82
CA ALA A 100 2.28 10.34 -8.91
C ALA A 100 1.93 10.58 -10.37
N ALA A 101 1.88 9.54 -11.15
CA ALA A 101 1.54 9.70 -12.59
C ALA A 101 0.21 9.00 -12.90
N GLY A 102 -0.10 7.92 -12.23
CA GLY A 102 -1.35 7.20 -12.51
C GLY A 102 -1.26 5.83 -11.88
N ASN A 103 -0.09 5.25 -11.90
CA ASN A 103 0.09 3.92 -11.30
C ASN A 103 1.56 3.68 -11.02
N GLY A 104 1.85 2.52 -10.52
CA GLY A 104 3.26 2.16 -10.18
C GLY A 104 3.33 0.65 -9.88
N PRO A 105 4.35 0.18 -9.21
CA PRO A 105 4.45 -1.26 -8.90
C PRO A 105 3.12 -1.78 -8.35
N GLU A 106 3.04 -3.05 -8.02
CA GLU A 106 1.77 -3.61 -7.50
C GLU A 106 1.80 -3.63 -5.97
N GLY A 107 0.82 -4.25 -5.36
CA GLY A 107 0.77 -4.31 -3.88
C GLY A 107 0.70 -5.77 -3.42
N VAL A 108 0.96 -6.01 -2.17
CA VAL A 108 0.91 -7.38 -1.63
C VAL A 108 -0.43 -7.60 -0.94
N ALA A 109 -1.10 -8.65 -1.29
CA ALA A 109 -2.42 -8.96 -0.67
C ALA A 109 -2.21 -9.47 0.76
N ILE A 110 -2.79 -8.79 1.72
CA ILE A 110 -2.63 -9.24 3.13
C ILE A 110 -3.86 -10.04 3.54
N SER A 111 -3.80 -10.71 4.66
CA SER A 111 -4.97 -11.51 5.11
C SER A 111 -5.21 -11.26 6.60
N PHE A 112 -6.40 -11.52 7.08
CA PHE A 112 -6.69 -11.29 8.52
C PHE A 112 -7.40 -12.53 9.10
N ASN A 113 -6.80 -13.15 10.08
CA ASN A 113 -7.44 -14.35 10.68
C ASN A 113 -8.84 -13.99 11.18
C1 CHR B . -3.54 7.78 -3.97
C2 CHR B . -3.99 8.66 -2.92
C3 CHR B . -4.60 9.26 -2.10
C4 CHR B . -5.62 9.81 -1.20
O2 CHR B . -6.14 8.97 -0.14
C5 CHR B . -6.92 9.02 -1.37
C6 CHR B . -6.73 7.93 -2.36
C7 CHR B . -6.34 7.16 -3.18
C8 CHR B . -5.62 6.39 -4.17
C9 CHR B . -4.41 6.79 -4.59
C10 CHR B . -3.73 6.22 -5.81
O1 CHR B . -4.27 6.76 -7.00
C11 CHR B . -2.26 6.67 -5.62
O6 CHR B . -1.50 5.55 -5.19
C12 CHR B . -2.33 7.72 -4.54
C13 CHR B . -4.05 6.11 -8.24
O3 CHR B . -4.87 4.95 -8.32
C14 CHR B . -4.41 7.05 -9.39
N1 CHR B . -3.65 8.34 -9.24
C19 CHR B . -2.30 8.48 -9.84
C15 CHR B . -5.91 7.34 -9.37
O4 CHR B . -6.25 8.19 -10.45
C16 CHR B . -6.68 6.02 -9.51
O5 CHR B . -6.36 5.42 -10.75
C17 CHR B . -6.28 5.09 -8.36
C18 CHR B . -6.91 3.70 -8.60
C20 CHR B . -1.23 4.78 -6.22
O7 CHR B . -0.88 5.22 -7.28
C21 CHR B . -1.40 3.33 -5.99
C22 CHR B . -1.93 2.54 -7.01
O9 CHR B . -2.23 3.11 -8.25
C23 CHR B . -2.18 1.18 -6.79
C24 CHR B . -1.88 0.62 -5.55
C25 CHR B . -1.35 1.40 -4.52
C26 CHR B . -1.10 2.76 -4.74
C27 CHR B . -0.54 3.55 -3.70
C28 CHR B . -0.26 2.97 -2.46
O8 CHR B . 0.27 3.74 -1.44
C31 CHR B . -0.37 4.99 -1.20
C29 CHR B . -0.53 1.61 -2.25
C30 CHR B . -1.06 0.83 -3.28
C32 CHR B . -1.34 -0.65 -3.04
C33 CHR B . -5.70 11.31 -1.04
O10 CHR B . -6.85 11.67 -0.28
C34 CHR B . -7.58 12.44 -1.08
O11 CHR B . -8.64 12.90 -0.71
O12 CHR B . -7.13 12.68 -2.31
C35 CHR B . -5.88 11.99 -2.39
H5 CHR B . -7.87 9.55 -1.37
H8 CHR B . -6.05 5.49 -4.57
H10 CHR B . -3.80 5.14 -5.81
H11 CHR B . -1.87 7.08 -6.53
H12 CHR B . -1.51 8.35 -4.27
H13 CHR B . -3.01 5.83 -8.32
H14 CHR B . -4.14 6.60 -10.33
H191 CHR B . -1.91 7.50 -10.08
H192 CHR B . -1.64 8.97 -9.14
H193 CHR B . -2.36 9.06 -10.74
H15 CHR B . -6.16 7.81 -8.44
HO4 CHR B . -6.83 8.88 -10.12
H16 CHR B . -7.74 6.22 -9.46
HO5 CHR B . -7.17 5.09 -11.14
H17 CHR B . -6.63 5.48 -7.42
H181 CHR B . -6.13 2.96 -8.67
H182 CHR B . -7.48 3.72 -9.51
H183 CHR B . -7.57 3.47 -7.76
HO9 CHR B . -3.04 3.61 -8.19
H23 CHR B . -2.59 0.57 -7.58
H24 CHR B . -2.07 -0.44 -5.37
H27 CHR B . -0.31 4.58 -3.88
H311 CHR B . -1.07 5.19 -1.99
H312 CHR B . 0.37 5.77 -1.17
H313 CHR B . -0.89 4.94 -0.26
H29 CHR B . -0.32 1.16 -1.29
H321 CHR B . -2.40 -0.79 -2.95
H322 CHR B . -0.84 -0.97 -2.13
H323 CHR B . -0.98 -1.22 -3.88
H33 CHR B . -4.81 11.68 -0.56
H351 CHR B . -5.92 11.25 -3.17
H352 CHR B . -5.08 12.69 -2.57
N ALA A 1 19.27 -4.99 -11.82
CA ALA A 1 18.25 -5.28 -10.77
C ALA A 1 16.87 -4.89 -11.29
N ALA A 2 15.89 -5.74 -11.10
CA ALA A 2 14.52 -5.42 -11.58
C ALA A 2 13.67 -4.95 -10.40
N PRO A 3 12.58 -4.28 -10.71
CA PRO A 3 11.66 -3.75 -9.69
C PRO A 3 11.06 -4.90 -8.88
N THR A 4 10.65 -4.61 -7.69
CA THR A 4 10.02 -5.64 -6.81
C THR A 4 9.66 -4.98 -5.48
N ALA A 5 9.28 -5.74 -4.49
CA ALA A 5 8.91 -5.10 -3.20
C ALA A 5 8.79 -6.13 -2.10
N THR A 6 9.40 -5.84 -0.99
CA THR A 6 9.35 -6.80 0.15
C THR A 6 8.29 -6.35 1.13
N VAL A 7 7.20 -7.02 1.11
CA VAL A 7 6.11 -6.67 2.06
C VAL A 7 5.75 -7.89 2.93
N THR A 8 5.95 -7.75 4.23
CA THR A 8 5.65 -8.87 5.15
C THR A 8 5.64 -8.32 6.59
N PRO A 9 4.83 -8.93 7.43
CA PRO A 9 3.98 -10.06 7.08
C PRO A 9 2.75 -9.56 6.32
N SER A 10 2.21 -10.36 5.48
CA SER A 10 1.00 -9.95 4.71
C SER A 10 -0.24 -10.41 5.48
N SER A 11 -0.11 -11.44 6.26
CA SER A 11 -1.28 -11.94 7.04
C SER A 11 -0.87 -12.15 8.51
N GLY A 12 -1.82 -12.23 9.39
CA GLY A 12 -1.49 -12.41 10.84
C GLY A 12 -1.03 -11.08 11.41
N LEU A 13 -1.63 -10.02 10.96
CA LEU A 13 -1.26 -8.67 11.40
C LEU A 13 -2.08 -8.27 12.60
N SER A 14 -3.29 -8.58 12.50
CA SER A 14 -4.26 -8.26 13.56
C SER A 14 -4.46 -6.75 13.66
N ASP A 15 -5.66 -6.34 13.93
CA ASP A 15 -5.97 -4.90 14.02
C ASP A 15 -5.00 -4.18 14.93
N GLY A 16 -4.10 -3.42 14.36
CA GLY A 16 -3.16 -2.65 15.21
C GLY A 16 -1.70 -3.08 15.02
N THR A 17 -1.32 -3.84 14.01
CA THR A 17 0.10 -4.18 13.91
C THR A 17 0.75 -3.38 12.80
N VAL A 18 1.95 -3.71 12.53
CA VAL A 18 2.71 -2.99 11.47
C VAL A 18 3.35 -3.95 10.47
N VAL A 19 3.30 -3.62 9.22
CA VAL A 19 3.92 -4.50 8.18
C VAL A 19 5.06 -3.75 7.52
N LYS A 20 6.03 -4.45 7.00
CA LYS A 20 7.17 -3.76 6.34
C LYS A 20 7.09 -3.96 4.82
N VAL A 21 6.76 -2.93 4.09
CA VAL A 21 6.67 -3.04 2.61
C VAL A 21 7.87 -2.33 1.99
N ALA A 22 8.66 -3.01 1.20
CA ALA A 22 9.82 -2.32 0.60
C ALA A 22 9.72 -2.38 -0.92
N GLY A 23 10.52 -1.61 -1.59
CA GLY A 23 10.50 -1.60 -3.07
C GLY A 23 11.93 -1.75 -3.55
N ALA A 24 12.16 -2.42 -4.62
CA ALA A 24 13.56 -2.56 -5.12
C ALA A 24 13.53 -2.64 -6.65
N GLY A 25 14.21 -1.77 -7.34
CA GLY A 25 14.19 -1.85 -8.83
C GLY A 25 13.03 -0.98 -9.37
N LEU A 26 12.66 0.05 -8.66
CA LEU A 26 11.55 0.90 -9.16
C LEU A 26 12.14 2.02 -10.01
N GLN A 27 11.32 2.83 -10.62
CA GLN A 27 11.85 3.93 -11.46
C GLN A 27 12.93 4.68 -10.70
N ALA A 28 14.15 4.37 -11.01
CA ALA A 28 15.30 5.03 -10.34
C ALA A 28 15.21 6.55 -10.49
N GLY A 29 14.39 7.18 -9.71
CA GLY A 29 14.25 8.66 -9.79
C GLY A 29 12.77 9.02 -9.80
N THR A 30 11.96 8.28 -9.09
CA THR A 30 10.51 8.59 -9.08
C THR A 30 9.92 8.41 -7.67
N ALA A 31 9.65 9.51 -7.02
CA ALA A 31 9.03 9.49 -5.66
C ALA A 31 7.83 8.54 -5.66
N TYR A 32 7.94 7.42 -5.00
CA TYR A 32 6.80 6.46 -4.96
C TYR A 32 6.12 6.54 -3.58
N ASP A 33 4.86 6.23 -3.49
CA ASP A 33 4.18 6.29 -2.17
C ASP A 33 4.03 4.85 -1.64
N VAL A 34 3.93 4.69 -0.36
CA VAL A 34 3.82 3.33 0.21
C VAL A 34 2.58 3.26 1.13
N GLY A 35 1.68 2.31 0.97
CA GLY A 35 0.49 2.31 1.90
C GLY A 35 -0.41 1.09 1.68
N GLN A 36 -1.40 0.97 2.54
CA GLN A 36 -2.37 -0.14 2.45
C GLN A 36 -3.64 0.39 1.79
N CYS A 37 -3.90 -0.01 0.59
CA CYS A 37 -5.12 0.47 -0.10
C CYS A 37 -5.91 -0.71 -0.68
N ALA A 38 -7.20 -0.60 -0.73
CA ALA A 38 -8.03 -1.72 -1.26
C ALA A 38 -8.89 -1.25 -2.44
N TRP A 39 -9.01 -2.04 -3.48
CA TRP A 39 -9.87 -1.64 -4.63
C TRP A 39 -11.25 -2.26 -4.42
N VAL A 40 -12.25 -1.46 -4.22
CA VAL A 40 -13.61 -2.02 -3.98
C VAL A 40 -14.50 -1.83 -5.20
N ASP A 41 -13.92 -1.53 -6.34
CA ASP A 41 -14.76 -1.34 -7.56
C ASP A 41 -13.89 -0.86 -8.72
N THR A 42 -14.50 -0.58 -9.84
CA THR A 42 -13.73 -0.12 -11.03
C THR A 42 -13.18 1.28 -10.79
N GLY A 43 -11.96 1.38 -10.37
CA GLY A 43 -11.35 2.72 -10.13
C GLY A 43 -11.71 3.27 -8.74
N VAL A 44 -11.96 2.42 -7.78
CA VAL A 44 -12.29 2.93 -6.42
C VAL A 44 -11.14 2.47 -5.49
N LEU A 45 -10.27 3.36 -5.06
CA LEU A 45 -9.14 2.93 -4.20
C LEU A 45 -9.25 3.61 -2.82
N ALA A 46 -9.66 2.87 -1.80
CA ALA A 46 -9.75 3.47 -0.44
C ALA A 46 -8.50 3.10 0.33
N CYS A 47 -7.63 4.04 0.59
CA CYS A 47 -6.37 3.71 1.32
C CYS A 47 -6.43 4.24 2.76
N ASN A 48 -5.56 3.78 3.61
CA ASN A 48 -5.59 4.25 5.04
C ASN A 48 -4.39 5.18 5.29
N PRO A 49 -4.64 6.30 5.95
CA PRO A 49 -3.59 7.29 6.26
C PRO A 49 -2.68 6.82 7.41
N ALA A 50 -2.59 5.53 7.67
CA ALA A 50 -1.70 5.06 8.77
C ALA A 50 -0.59 4.21 8.17
N ASP A 51 -0.51 4.17 6.87
CA ASP A 51 0.54 3.38 6.21
C ASP A 51 1.07 4.21 5.05
N PHE A 52 0.76 5.48 5.05
CA PHE A 52 1.21 6.35 3.93
C PHE A 52 2.69 6.74 4.07
N SER A 53 3.56 5.94 3.55
CA SER A 53 5.01 6.27 3.60
C SER A 53 5.40 6.90 2.26
N SER A 54 6.67 7.05 1.97
CA SER A 54 7.03 7.68 0.66
C SER A 54 8.55 7.79 0.51
N VAL A 55 9.04 7.47 -0.65
CA VAL A 55 10.50 7.56 -0.94
C VAL A 55 10.67 7.51 -2.46
N THR A 56 11.73 8.07 -2.98
CA THR A 56 11.91 8.02 -4.45
C THR A 56 12.87 6.90 -4.81
N ALA A 57 12.60 6.23 -5.89
CA ALA A 57 13.51 5.15 -6.31
C ALA A 57 14.89 5.73 -6.60
N ASP A 58 15.80 5.49 -5.72
CA ASP A 58 17.20 6.00 -5.85
C ASP A 58 17.84 5.48 -7.15
N ALA A 59 19.10 5.09 -7.08
CA ALA A 59 19.82 4.61 -8.30
C ALA A 59 19.03 3.49 -8.96
N ASN A 60 18.63 2.53 -8.20
CA ASN A 60 17.83 1.41 -8.76
C ASN A 60 16.39 1.69 -8.36
N GLY A 61 16.24 2.19 -7.18
CA GLY A 61 14.91 2.56 -6.65
C GLY A 61 14.51 1.62 -5.53
N SER A 62 15.22 1.66 -4.42
CA SER A 62 14.87 0.79 -3.28
C SER A 62 14.19 1.63 -2.21
N ALA A 63 13.04 1.20 -1.78
CA ALA A 63 12.32 1.98 -0.74
C ALA A 63 11.75 1.03 0.31
N SER A 64 12.30 1.03 1.50
CA SER A 64 11.79 0.12 2.56
C SER A 64 11.20 0.96 3.69
N THR A 65 9.94 0.77 3.96
CA THR A 65 9.30 1.55 5.06
C THR A 65 8.27 0.69 5.78
N SER A 66 8.17 0.82 7.07
CA SER A 66 7.18 0.02 7.83
C SER A 66 5.95 0.88 8.12
N LEU A 67 4.80 0.27 8.20
CA LEU A 67 3.56 1.05 8.44
C LEU A 67 2.55 0.19 9.21
N THR A 68 1.55 0.80 9.79
CA THR A 68 0.53 0.01 10.55
C THR A 68 -0.68 -0.26 9.65
N VAL A 69 -1.08 -1.51 9.49
CA VAL A 69 -2.24 -1.81 8.61
C VAL A 69 -3.15 -2.84 9.27
N ARG A 70 -4.45 -2.73 9.13
CA ARG A 70 -5.34 -3.74 9.77
C ARG A 70 -6.59 -3.99 8.93
N ARG A 71 -7.49 -4.80 9.45
CA ARG A 71 -8.75 -5.13 8.71
C ARG A 71 -9.44 -3.83 8.33
N SER A 72 -10.45 -3.41 9.05
CA SER A 72 -11.12 -2.13 8.69
C SER A 72 -10.08 -1.04 8.69
N PHE A 73 -10.15 -0.15 7.76
CA PHE A 73 -9.12 0.90 7.71
C PHE A 73 -9.60 2.07 6.86
N GLU A 74 -9.34 3.27 7.30
CA GLU A 74 -9.79 4.48 6.55
C GLU A 74 -9.73 4.21 5.04
N GLY A 75 -10.85 4.33 4.38
CA GLY A 75 -10.88 4.07 2.91
C GLY A 75 -10.73 5.38 2.11
N PHE A 76 -9.73 6.18 2.41
CA PHE A 76 -9.54 7.46 1.65
C PHE A 76 -9.84 7.24 0.15
N LEU A 77 -10.89 7.83 -0.37
CA LEU A 77 -11.22 7.64 -1.82
C LEU A 77 -10.42 8.65 -2.67
N PHE A 78 -9.69 8.20 -3.68
CA PHE A 78 -8.90 9.15 -4.53
C PHE A 78 -9.85 10.09 -5.29
N ASP A 79 -10.67 10.83 -4.58
CA ASP A 79 -11.62 11.75 -5.27
C ASP A 79 -12.09 12.82 -4.29
N GLY A 80 -11.38 13.03 -3.21
CA GLY A 80 -11.79 14.06 -2.22
C GLY A 80 -12.80 13.47 -1.23
N THR A 81 -13.54 12.47 -1.64
CA THR A 81 -14.54 11.87 -0.72
C THR A 81 -13.94 10.67 0.01
N ARG A 82 -14.48 10.37 1.16
CA ARG A 82 -13.98 9.22 1.94
C ARG A 82 -14.97 8.04 1.75
N TRP A 83 -14.49 6.85 1.52
CA TRP A 83 -15.41 5.71 1.29
C TRP A 83 -15.90 5.15 2.63
N GLY A 84 -15.24 5.47 3.70
CA GLY A 84 -15.64 4.96 5.03
C GLY A 84 -14.62 3.92 5.50
N THR A 85 -14.76 3.43 6.68
CA THR A 85 -13.81 2.40 7.17
C THR A 85 -13.95 1.17 6.28
N VAL A 86 -13.03 0.96 5.39
CA VAL A 86 -13.11 -0.19 4.47
C VAL A 86 -12.74 -1.47 5.23
N ASP A 87 -13.71 -2.28 5.53
CA ASP A 87 -13.44 -3.54 6.29
C ASP A 87 -12.56 -4.47 5.45
N CYS A 88 -11.32 -4.69 5.84
CA CYS A 88 -10.48 -5.61 5.01
C CYS A 88 -11.06 -7.03 5.06
N THR A 89 -12.08 -7.26 5.85
CA THR A 89 -12.67 -8.62 5.91
C THR A 89 -13.69 -8.78 4.79
N THR A 90 -13.91 -7.75 4.01
CA THR A 90 -14.88 -7.84 2.89
C THR A 90 -14.14 -7.79 1.57
N ALA A 91 -13.25 -6.84 1.43
CA ALA A 91 -12.47 -6.72 0.17
C ALA A 91 -11.03 -7.15 0.40
N ALA A 92 -10.20 -7.08 -0.60
CA ALA A 92 -8.78 -7.48 -0.44
C ALA A 92 -7.90 -6.22 -0.39
N CYS A 93 -7.26 -5.96 0.72
CA CYS A 93 -6.40 -4.73 0.81
C CYS A 93 -4.95 -5.12 0.52
N GLN A 94 -4.36 -4.52 -0.48
CA GLN A 94 -2.96 -4.86 -0.82
C GLN A 94 -2.01 -3.83 -0.25
N VAL A 95 -0.86 -4.30 0.14
CA VAL A 95 0.17 -3.39 0.66
C VAL A 95 1.20 -3.20 -0.45
N GLY A 96 1.28 -2.05 -1.02
CA GLY A 96 2.24 -1.89 -2.14
C GLY A 96 2.69 -0.44 -2.29
N LEU A 97 3.37 -0.15 -3.37
CA LEU A 97 3.86 1.23 -3.61
C LEU A 97 3.22 1.76 -4.89
N SER A 98 3.44 3.00 -5.17
CA SER A 98 2.85 3.61 -6.40
C SER A 98 3.19 5.09 -6.44
N ASP A 99 3.05 5.74 -7.56
CA ASP A 99 3.37 7.18 -7.64
C ASP A 99 2.06 7.99 -7.76
N ALA A 100 2.13 9.22 -8.22
CA ALA A 100 0.88 10.02 -8.35
C ALA A 100 0.67 10.38 -9.83
N ALA A 101 1.01 9.49 -10.71
CA ALA A 101 0.85 9.78 -12.16
C ALA A 101 -0.28 8.91 -12.73
N GLY A 102 -0.49 7.75 -12.19
CA GLY A 102 -1.57 6.86 -12.72
C GLY A 102 -1.43 5.51 -12.07
N ASN A 103 -0.21 5.05 -11.88
CA ASN A 103 0.00 3.75 -11.24
C ASN A 103 1.49 3.54 -10.98
N GLY A 104 1.82 2.40 -10.48
CA GLY A 104 3.24 2.08 -10.17
C GLY A 104 3.35 0.58 -9.87
N PRO A 105 4.39 0.12 -9.21
CA PRO A 105 4.51 -1.32 -8.89
C PRO A 105 3.18 -1.84 -8.33
N GLU A 106 3.09 -3.12 -8.07
CA GLU A 106 1.83 -3.69 -7.54
C GLU A 106 1.87 -3.76 -6.01
N GLY A 107 0.84 -4.30 -5.41
CA GLY A 107 0.80 -4.41 -3.93
C GLY A 107 0.69 -5.87 -3.53
N VAL A 108 0.91 -6.16 -2.27
CA VAL A 108 0.85 -7.54 -1.78
C VAL A 108 -0.49 -7.76 -1.08
N ALA A 109 -1.17 -8.80 -1.45
CA ALA A 109 -2.48 -9.10 -0.81
C ALA A 109 -2.25 -9.53 0.64
N ILE A 110 -2.75 -8.77 1.58
CA ILE A 110 -2.56 -9.14 3.01
C ILE A 110 -3.81 -9.86 3.50
N SER A 111 -3.77 -10.47 4.65
CA SER A 111 -4.97 -11.19 5.15
C SER A 111 -5.10 -11.01 6.68
N PHE A 112 -6.28 -11.19 7.20
CA PHE A 112 -6.49 -11.04 8.66
C PHE A 112 -7.31 -12.22 9.19
N ASN A 113 -6.65 -13.20 9.76
CA ASN A 113 -7.39 -14.38 10.29
C ASN A 113 -8.25 -13.95 11.48
C1 CHR B . -3.45 7.72 -4.02
C2 CHR B . -3.88 8.58 -2.96
C3 CHR B . -4.48 9.19 -2.14
C4 CHR B . -5.49 9.76 -1.23
O2 CHR B . -6.04 8.93 -0.18
C5 CHR B . -6.81 9.02 -1.41
C6 CHR B . -6.64 7.93 -2.41
C7 CHR B . -6.27 7.15 -3.23
C8 CHR B . -5.56 6.35 -4.20
C9 CHR B . -4.35 6.74 -4.64
C10 CHR B . -3.71 6.20 -5.89
O1 CHR B . -4.26 6.80 -7.04
C11 CHR B . -2.23 6.61 -5.71
O6 CHR B . -1.48 5.49 -5.29
C12 CHR B . -2.27 7.65 -4.62
C13 CHR B . -4.16 6.15 -8.31
O3 CHR B . -4.99 4.99 -8.29
C14 CHR B . -4.63 7.08 -9.42
N1 CHR B . -3.87 8.37 -9.34
C19 CHR B . -2.92 8.73 -10.43
C15 CHR B . -6.12 7.37 -9.26
O4 CHR B . -6.56 8.21 -10.31
C16 CHR B . -6.89 6.04 -9.30
O5 CHR B . -6.70 5.42 -10.56
C17 CHR B . -6.39 5.12 -8.19
C18 CHR B . -7.04 3.75 -8.33
C20 CHR B . -1.27 4.70 -6.33
O7 CHR B . -0.98 5.14 -7.42
C21 CHR B . -1.46 3.25 -6.09
C22 CHR B . -2.05 2.46 -7.09
O9 CHR B . -2.39 3.03 -8.30
C23 CHR B . -2.29 1.11 -6.85
C24 CHR B . -1.95 0.54 -5.62
C25 CHR B . -1.35 1.32 -4.63
C26 CHR B . -1.10 2.68 -4.86
C27 CHR B . -0.50 3.46 -3.85
C28 CHR B . -0.16 2.87 -2.62
O8 CHR B . 0.42 3.64 -1.63
C31 CHR B . -0.20 4.89 -1.36
C29 CHR B . -0.42 1.52 -2.40
C30 CHR B . -1.01 0.74 -3.40
C32 CHR B . -1.30 -0.73 -3.15
C33 CHR B . -5.52 11.28 -1.05
O10 CHR B . -6.60 11.65 -0.22
C34 CHR B . -7.37 12.44 -0.95
O11 CHR B . -8.38 12.93 -0.49
O12 CHR B . -7.01 12.67 -2.19
C35 CHR B . -5.79 11.96 -2.39
H5 CHR B . -7.74 9.58 -1.41
H8 CHR B . -6.00 5.43 -4.57
H10 CHR B . -3.80 5.13 -5.93
H11 CHR B . -1.83 7.03 -6.62
H12 CHR B . -1.44 8.26 -4.34
H13 CHR B . -3.14 5.85 -8.49
H14 CHR B . -4.45 6.62 -10.38
H191 CHR B . -3.47 8.99 -11.32
H192 CHR B . -2.26 7.89 -10.64
H193 CHR B . -2.32 9.58 -10.11
H15 CHR B . -6.30 7.86 -8.32
HO4 CHR B . -7.38 8.63 -10.04
H16 CHR B . -7.95 6.24 -9.16
HO5 CHR B . -7.55 5.34 -10.99
H17 CHR B . -6.64 5.55 -7.24
H181 CHR B . -6.65 3.25 -9.19
H182 CHR B . -8.12 3.87 -8.44
H183 CHR B . -6.84 3.17 -7.45
HO9 CHR B . -3.35 3.14 -8.35
H23 CHR B . -2.75 0.50 -7.62
H24 CHR B . -2.14 -0.52 -5.44
H27 CHR B . -0.27 4.49 -4.02
H311 CHR B . -0.64 5.28 -2.26
H312 CHR B . 0.54 5.58 -0.99
H313 CHR B . -0.97 4.75 -0.62
H29 CHR B . -0.18 1.06 -1.44
H321 CHR B . -0.52 -1.33 -3.59
H322 CHR B . -2.24 -0.99 -3.60
H323 CHR B . -1.34 -0.92 -2.09
H33 CHR B . -4.58 11.62 -0.64
H351 CHR B . -4.99 12.64 -2.63
H352 CHR B . -5.91 11.23 -3.17
N ALA A 1 17.83 -6.07 -14.26
CA ALA A 1 17.31 -5.77 -12.90
C ALA A 1 15.97 -5.02 -13.01
N ALA A 2 14.90 -5.63 -12.60
CA ALA A 2 13.57 -4.96 -12.68
C ALA A 2 13.08 -4.62 -11.28
N PRO A 3 12.05 -3.82 -11.21
CA PRO A 3 11.46 -3.39 -9.92
C PRO A 3 10.94 -4.61 -9.15
N THR A 4 10.81 -4.46 -7.87
CA THR A 4 10.34 -5.57 -7.02
C THR A 4 9.82 -5.00 -5.71
N ALA A 5 9.02 -5.73 -5.01
CA ALA A 5 8.48 -5.22 -3.73
C ALA A 5 8.28 -6.35 -2.75
N THR A 6 8.92 -6.23 -1.63
CA THR A 6 8.79 -7.29 -0.60
C THR A 6 8.09 -6.73 0.63
N VAL A 7 6.90 -7.15 0.80
CA VAL A 7 6.09 -6.70 1.97
C VAL A 7 5.80 -7.89 2.89
N THR A 8 5.87 -7.69 4.18
CA THR A 8 5.61 -8.80 5.13
C THR A 8 5.57 -8.24 6.57
N PRO A 9 4.81 -8.88 7.41
CA PRO A 9 4.01 -10.06 7.07
C PRO A 9 2.79 -9.63 6.26
N SER A 10 2.29 -10.48 5.43
CA SER A 10 1.09 -10.15 4.62
C SER A 10 -0.17 -10.54 5.39
N SER A 11 -0.05 -11.49 6.27
CA SER A 11 -1.24 -11.93 7.07
C SER A 11 -0.82 -12.12 8.53
N GLY A 12 -1.79 -12.23 9.42
CA GLY A 12 -1.45 -12.41 10.86
C GLY A 12 -1.02 -11.05 11.42
N LEU A 13 -1.67 -10.02 10.98
CA LEU A 13 -1.32 -8.66 11.42
C LEU A 13 -2.16 -8.25 12.60
N SER A 14 -3.38 -8.53 12.48
CA SER A 14 -4.36 -8.21 13.54
C SER A 14 -4.50 -6.69 13.67
N ASP A 15 -5.68 -6.25 13.98
CA ASP A 15 -5.95 -4.80 14.12
C ASP A 15 -4.94 -4.12 15.02
N GLY A 16 -4.07 -3.33 14.45
CA GLY A 16 -3.10 -2.59 15.28
C GLY A 16 -1.65 -3.08 15.09
N THR A 17 -1.32 -3.82 14.06
CA THR A 17 0.08 -4.23 13.95
C THR A 17 0.78 -3.40 12.88
N VAL A 18 1.98 -3.76 12.61
CA VAL A 18 2.78 -3.02 11.60
C VAL A 18 3.34 -3.97 10.54
N VAL A 19 3.25 -3.59 9.30
CA VAL A 19 3.79 -4.45 8.21
C VAL A 19 5.01 -3.76 7.59
N LYS A 20 5.89 -4.51 7.02
CA LYS A 20 7.10 -3.90 6.38
C LYS A 20 7.00 -4.07 4.87
N VAL A 21 6.79 -2.99 4.17
CA VAL A 21 6.68 -3.08 2.68
C VAL A 21 7.96 -2.51 2.07
N ALA A 22 8.47 -3.13 1.03
CA ALA A 22 9.71 -2.58 0.42
C ALA A 22 9.59 -2.61 -1.10
N GLY A 23 10.40 -1.84 -1.75
CA GLY A 23 10.39 -1.79 -3.23
C GLY A 23 11.83 -1.86 -3.73
N ALA A 24 12.10 -2.57 -4.78
CA ALA A 24 13.51 -2.62 -5.27
C ALA A 24 13.52 -2.61 -6.80
N GLY A 25 14.25 -1.71 -7.43
CA GLY A 25 14.26 -1.70 -8.92
C GLY A 25 13.11 -0.82 -9.42
N LEU A 26 12.71 0.17 -8.68
CA LEU A 26 11.61 1.02 -9.14
C LEU A 26 12.19 2.17 -9.96
N GLN A 27 11.37 2.96 -10.58
CA GLN A 27 11.90 4.08 -11.39
C GLN A 27 13.01 4.79 -10.63
N ALA A 28 14.21 4.45 -10.95
CA ALA A 28 15.40 5.06 -10.27
C ALA A 28 15.37 6.58 -10.39
N GLY A 29 14.54 7.22 -9.62
CA GLY A 29 14.46 8.70 -9.68
C GLY A 29 13.00 9.13 -9.68
N THR A 30 12.14 8.41 -9.00
CA THR A 30 10.71 8.81 -9.00
C THR A 30 10.08 8.54 -7.62
N ALA A 31 9.77 9.60 -6.94
CA ALA A 31 9.12 9.51 -5.60
C ALA A 31 7.92 8.56 -5.66
N TYR A 32 8.00 7.44 -4.99
CA TYR A 32 6.87 6.47 -5.01
C TYR A 32 6.07 6.61 -3.69
N ASP A 33 4.82 6.24 -3.68
CA ASP A 33 4.03 6.34 -2.42
C ASP A 33 3.91 4.94 -1.81
N VAL A 34 3.81 4.84 -0.52
CA VAL A 34 3.73 3.50 0.13
C VAL A 34 2.48 3.46 1.04
N GLY A 35 1.63 2.45 0.96
CA GLY A 35 0.44 2.46 1.87
C GLY A 35 -0.44 1.22 1.69
N GLN A 36 -1.42 1.08 2.56
CA GLN A 36 -2.37 -0.05 2.51
C GLN A 36 -3.66 0.45 1.87
N CYS A 37 -3.94 0.02 0.68
CA CYS A 37 -5.18 0.48 0.00
C CYS A 37 -5.96 -0.72 -0.54
N ALA A 38 -7.26 -0.62 -0.59
CA ALA A 38 -8.08 -1.76 -1.10
C ALA A 38 -8.93 -1.32 -2.31
N TRP A 39 -9.03 -2.13 -3.33
CA TRP A 39 -9.88 -1.76 -4.51
C TRP A 39 -11.25 -2.40 -4.30
N VAL A 40 -12.27 -1.61 -4.13
CA VAL A 40 -13.62 -2.19 -3.91
C VAL A 40 -14.47 -2.06 -5.19
N ASP A 41 -13.86 -1.78 -6.30
CA ASP A 41 -14.65 -1.66 -7.55
C ASP A 41 -13.76 -1.19 -8.70
N THR A 42 -14.34 -0.95 -9.84
CA THR A 42 -13.52 -0.49 -11.00
C THR A 42 -13.10 0.95 -10.80
N GLY A 43 -11.90 1.16 -10.35
CA GLY A 43 -11.40 2.55 -10.14
C GLY A 43 -11.81 3.08 -8.75
N VAL A 44 -11.98 2.23 -7.78
CA VAL A 44 -12.34 2.71 -6.43
C VAL A 44 -11.20 2.30 -5.47
N LEU A 45 -10.36 3.21 -5.03
CA LEU A 45 -9.23 2.81 -4.15
C LEU A 45 -9.36 3.51 -2.79
N ALA A 46 -9.78 2.80 -1.76
CA ALA A 46 -9.89 3.43 -0.41
C ALA A 46 -8.62 3.08 0.36
N CYS A 47 -7.75 4.04 0.59
CA CYS A 47 -6.49 3.73 1.33
C CYS A 47 -6.55 4.26 2.76
N ASN A 48 -5.64 3.81 3.59
CA ASN A 48 -5.65 4.28 5.01
C ASN A 48 -4.42 5.18 5.25
N PRO A 49 -4.64 6.34 5.84
CA PRO A 49 -3.55 7.29 6.12
C PRO A 49 -2.64 6.80 7.27
N ALA A 50 -2.60 5.52 7.54
CA ALA A 50 -1.72 5.01 8.64
C ALA A 50 -0.46 4.38 8.03
N ASP A 51 -0.39 4.33 6.73
CA ASP A 51 0.79 3.74 6.08
C ASP A 51 1.23 4.65 4.94
N PHE A 52 0.66 5.83 4.87
CA PHE A 52 1.02 6.75 3.76
C PHE A 52 2.50 7.13 3.87
N SER A 53 3.36 6.28 3.37
CA SER A 53 4.81 6.60 3.40
C SER A 53 5.23 7.15 2.04
N SER A 54 6.51 7.30 1.79
CA SER A 54 6.93 7.84 0.47
C SER A 54 8.45 7.94 0.38
N VAL A 55 9.00 7.48 -0.70
CA VAL A 55 10.46 7.56 -0.93
C VAL A 55 10.69 7.51 -2.44
N THR A 56 11.76 8.08 -2.92
CA THR A 56 11.99 8.04 -4.39
C THR A 56 12.94 6.92 -4.74
N ALA A 57 12.70 6.27 -5.83
CA ALA A 57 13.61 5.18 -6.25
C ALA A 57 15.00 5.75 -6.52
N ASP A 58 15.89 5.48 -5.63
CA ASP A 58 17.30 5.97 -5.74
C ASP A 58 17.93 5.46 -7.05
N ALA A 59 19.17 5.06 -7.00
CA ALA A 59 19.88 4.58 -8.22
C ALA A 59 19.10 3.46 -8.87
N ASN A 60 18.71 2.51 -8.10
CA ASN A 60 17.90 1.38 -8.63
C ASN A 60 16.47 1.67 -8.25
N GLY A 61 16.30 2.19 -7.07
CA GLY A 61 14.97 2.56 -6.57
C GLY A 61 14.52 1.61 -5.46
N SER A 62 15.21 1.62 -4.34
CA SER A 62 14.82 0.74 -3.22
C SER A 62 14.06 1.53 -2.19
N ALA A 63 12.93 1.05 -1.78
CA ALA A 63 12.13 1.81 -0.78
C ALA A 63 11.56 0.84 0.25
N SER A 64 12.07 0.85 1.46
CA SER A 64 11.55 -0.08 2.50
C SER A 64 11.12 0.71 3.73
N THR A 65 9.88 0.60 4.10
CA THR A 65 9.39 1.34 5.30
C THR A 65 8.32 0.50 6.00
N SER A 66 8.27 0.56 7.31
CA SER A 66 7.26 -0.22 8.06
C SER A 66 6.09 0.70 8.42
N LEU A 67 4.90 0.18 8.35
CA LEU A 67 3.70 1.02 8.66
C LEU A 67 2.68 0.20 9.44
N THR A 68 1.60 0.81 9.90
CA THR A 68 0.58 0.04 10.66
C THR A 68 -0.62 -0.26 9.76
N VAL A 69 -0.97 -1.52 9.59
CA VAL A 69 -2.12 -1.85 8.71
C VAL A 69 -3.03 -2.87 9.40
N ARG A 70 -4.34 -2.76 9.23
CA ARG A 70 -5.23 -3.75 9.89
C ARG A 70 -6.41 -4.09 8.97
N ARG A 71 -7.42 -4.74 9.50
CA ARG A 71 -8.59 -5.11 8.65
C ARG A 71 -9.38 -3.84 8.34
N SER A 72 -10.29 -3.42 9.18
CA SER A 72 -11.04 -2.17 8.88
C SER A 72 -10.04 -1.04 8.83
N PHE A 73 -10.16 -0.16 7.89
CA PHE A 73 -9.15 0.91 7.81
C PHE A 73 -9.65 2.05 6.93
N GLU A 74 -9.39 3.25 7.36
CA GLU A 74 -9.84 4.46 6.59
C GLU A 74 -9.82 4.18 5.08
N GLY A 75 -10.95 4.29 4.45
CA GLY A 75 -11.02 4.02 2.98
C GLY A 75 -10.89 5.33 2.17
N PHE A 76 -9.89 6.13 2.44
CA PHE A 76 -9.72 7.42 1.67
C PHE A 76 -10.01 7.17 0.17
N LEU A 77 -11.05 7.76 -0.38
CA LEU A 77 -11.36 7.54 -1.83
C LEU A 77 -10.54 8.53 -2.69
N PHE A 78 -9.80 8.04 -3.67
CA PHE A 78 -8.99 8.96 -4.53
C PHE A 78 -9.91 9.90 -5.31
N ASP A 79 -10.72 10.68 -4.64
CA ASP A 79 -11.63 11.61 -5.37
C ASP A 79 -12.11 12.70 -4.40
N GLY A 80 -11.41 12.90 -3.31
CA GLY A 80 -11.84 13.95 -2.34
C GLY A 80 -12.88 13.38 -1.37
N THR A 81 -13.62 12.39 -1.79
CA THR A 81 -14.65 11.81 -0.89
C THR A 81 -14.07 10.62 -0.11
N ARG A 82 -14.62 10.38 1.04
CA ARG A 82 -14.14 9.24 1.89
C ARG A 82 -15.12 8.08 1.74
N TRP A 83 -14.64 6.88 1.52
CA TRP A 83 -15.55 5.73 1.33
C TRP A 83 -16.04 5.19 2.68
N GLY A 84 -15.33 5.49 3.74
CA GLY A 84 -15.72 5.00 5.08
C GLY A 84 -14.71 3.95 5.54
N THR A 85 -14.85 3.47 6.75
CA THR A 85 -13.91 2.43 7.23
C THR A 85 -14.07 1.21 6.34
N VAL A 86 -13.09 0.94 5.53
CA VAL A 86 -13.17 -0.22 4.62
C VAL A 86 -12.80 -1.48 5.38
N ASP A 87 -13.77 -2.30 5.70
CA ASP A 87 -13.47 -3.56 6.46
C ASP A 87 -12.62 -4.50 5.61
N CYS A 88 -11.39 -4.73 5.97
CA CYS A 88 -10.56 -5.66 5.13
C CYS A 88 -11.16 -7.09 5.21
N THR A 89 -12.16 -7.29 6.03
CA THR A 89 -12.76 -8.65 6.12
C THR A 89 -13.78 -8.82 4.99
N THR A 90 -13.99 -7.78 4.21
CA THR A 90 -14.96 -7.87 3.10
C THR A 90 -14.21 -7.82 1.76
N ALA A 91 -13.34 -6.87 1.61
CA ALA A 91 -12.56 -6.75 0.35
C ALA A 91 -11.11 -7.20 0.59
N ALA A 92 -10.29 -7.13 -0.41
CA ALA A 92 -8.87 -7.54 -0.25
C ALA A 92 -7.98 -6.29 -0.23
N CYS A 93 -7.31 -6.02 0.87
CA CYS A 93 -6.45 -4.81 0.95
C CYS A 93 -5.01 -5.17 0.63
N GLN A 94 -4.42 -4.53 -0.34
CA GLN A 94 -3.03 -4.84 -0.71
C GLN A 94 -2.07 -3.80 -0.16
N VAL A 95 -0.91 -4.25 0.17
CA VAL A 95 0.13 -3.33 0.67
C VAL A 95 1.13 -3.14 -0.46
N GLY A 96 1.19 -1.97 -1.02
CA GLY A 96 2.13 -1.80 -2.17
C GLY A 96 2.63 -0.37 -2.28
N LEU A 97 3.29 -0.07 -3.37
CA LEU A 97 3.84 1.28 -3.58
C LEU A 97 3.16 1.90 -4.80
N SER A 98 3.53 3.09 -5.16
CA SER A 98 2.89 3.75 -6.33
C SER A 98 3.65 5.04 -6.66
N ASP A 99 3.31 5.69 -7.74
CA ASP A 99 4.02 6.95 -8.10
C ASP A 99 3.01 8.11 -8.11
N ALA A 100 3.32 9.21 -8.76
CA ALA A 100 2.37 10.35 -8.78
C ALA A 100 1.95 10.64 -10.22
N ALA A 101 1.82 9.61 -11.03
CA ALA A 101 1.44 9.82 -12.44
C ALA A 101 0.10 9.10 -12.74
N GLY A 102 -0.16 7.99 -12.10
CA GLY A 102 -1.41 7.26 -12.36
C GLY A 102 -1.30 5.90 -11.71
N ASN A 103 -0.13 5.31 -11.77
CA ASN A 103 0.06 4.00 -11.14
C ASN A 103 1.54 3.77 -10.88
N GLY A 104 1.84 2.62 -10.36
CA GLY A 104 3.26 2.27 -10.05
C GLY A 104 3.34 0.76 -9.78
N PRO A 105 4.40 0.28 -9.14
CA PRO A 105 4.51 -1.16 -8.84
C PRO A 105 3.18 -1.68 -8.28
N GLU A 106 3.08 -2.97 -8.08
CA GLU A 106 1.80 -3.54 -7.55
C GLU A 106 1.84 -3.64 -6.03
N GLY A 107 0.80 -4.17 -5.44
CA GLY A 107 0.76 -4.30 -3.96
C GLY A 107 0.64 -5.78 -3.58
N VAL A 108 0.84 -6.08 -2.33
CA VAL A 108 0.77 -7.47 -1.87
C VAL A 108 -0.55 -7.69 -1.13
N ALA A 109 -1.25 -8.73 -1.46
CA ALA A 109 -2.53 -9.02 -0.79
C ALA A 109 -2.27 -9.53 0.62
N ILE A 110 -2.82 -8.88 1.61
CA ILE A 110 -2.59 -9.34 3.00
C ILE A 110 -3.79 -10.19 3.46
N SER A 111 -3.67 -10.84 4.57
CA SER A 111 -4.80 -11.69 5.06
C SER A 111 -5.02 -11.45 6.56
N PHE A 112 -6.21 -11.69 7.04
CA PHE A 112 -6.49 -11.47 8.49
C PHE A 112 -7.19 -12.71 9.07
N ASN A 113 -6.50 -13.46 9.89
CA ASN A 113 -7.12 -14.67 10.49
C ASN A 113 -8.38 -14.27 11.27
C1 CHR B . -3.62 7.69 -4.05
C2 CHR B . -4.05 8.60 -3.02
C3 CHR B . -4.65 9.23 -2.21
C4 CHR B . -5.65 9.82 -1.31
O2 CHR B . -6.15 9.02 -0.20
C5 CHR B . -6.95 9.01 -1.41
C6 CHR B . -6.78 7.89 -2.37
C7 CHR B . -6.41 7.09 -3.16
C8 CHR B . -5.70 6.26 -4.13
C9 CHR B . -4.50 6.66 -4.60
C10 CHR B . -3.85 6.05 -5.81
O1 CHR B . -4.43 6.53 -7.01
C11 CHR B . -2.39 6.52 -5.68
O6 CHR B . -1.60 5.44 -5.20
C12 CHR B . -2.44 7.62 -4.65
C13 CHR B . -4.12 5.90 -8.25
O3 CHR B . -4.90 4.72 -8.38
C14 CHR B . -4.46 6.85 -9.40
N1 CHR B . -3.75 8.15 -9.19
C19 CHR B . -2.34 8.32 -9.66
C15 CHR B . -5.96 7.09 -9.46
O4 CHR B . -6.27 7.94 -10.55
C16 CHR B . -6.68 5.75 -9.65
O5 CHR B . -6.27 5.16 -10.87
C17 CHR B . -6.32 4.81 -8.49
C18 CHR B . -6.90 3.42 -8.77
C20 CHR B . -1.31 4.63 -6.20
O7 CHR B . -0.96 5.05 -7.29
C21 CHR B . -1.44 3.19 -5.93
C22 CHR B . -1.94 2.34 -6.92
O9 CHR B . -2.22 2.85 -8.19
C23 CHR B . -2.14 0.98 -6.66
C24 CHR B . -1.85 0.47 -5.39
C25 CHR B . -1.35 1.31 -4.39
C26 CHR B . -1.14 2.68 -4.65
C27 CHR B . -0.63 3.52 -3.64
C28 CHR B . -0.34 2.99 -2.37
O8 CHR B . 0.16 3.81 -1.38
C31 CHR B . -0.45 5.10 -1.27
C29 CHR B . -0.56 1.63 -2.12
C30 CHR B . -1.06 0.79 -3.13
C32 CHR B . -1.30 -0.67 -2.84
C33 CHR B . -5.73 11.34 -1.20
O10 CHR B . -6.73 11.71 -0.27
C34 CHR B . -7.61 12.42 -0.95
O11 CHR B . -8.59 12.90 -0.41
O12 CHR B . -7.39 12.61 -2.24
C35 CHR B . -6.18 11.93 -2.53
H5 CHR B . -7.90 9.55 -1.41
H8 CHR B . -6.13 5.34 -4.47
H10 CHR B . -3.91 4.96 -5.77
H11 CHR B . -2.01 6.88 -6.62
H12 CHR B . -1.62 8.27 -4.43
H13 CHR B . -3.07 5.64 -8.28
H14 CHR B . -4.11 6.41 -10.33
H191 CHR B . -1.74 8.70 -8.85
H192 CHR B . -1.95 7.36 -9.98
H193 CHR B . -2.32 9.01 -10.49
H15 CHR B . -6.29 7.54 -8.53
HO4 CHR B . -5.54 8.56 -10.65
H16 CHR B . -7.74 5.91 -9.66
HO5 CHR B . -7.06 4.80 -11.30
H17 CHR B . -6.73 5.20 -7.58
H181 CHR B . -7.09 3.31 -9.82
H182 CHR B . -7.82 3.30 -8.22
H183 CHR B . -6.19 2.67 -8.44
HO9 CHR B . -3.16 3.06 -8.24
H23 CHR B . -2.51 0.33 -7.43
H24 CHR B . -2.01 -0.58 -5.19
H27 CHR B . -0.45 4.55 -3.84
H311 CHR B . -0.35 5.46 -0.26
H312 CHR B . 0.03 5.78 -1.96
H313 CHR B . -1.49 5.02 -1.52
H29 CHR B . -0.33 1.23 -1.14
H321 CHR B . -0.90 -1.27 -3.64
H322 CHR B . -0.83 -0.95 -1.91
H323 CHR B . -2.37 -0.85 -2.77
H33 CHR B . -4.77 11.73 -0.91
H351 CHR B . -6.34 11.16 -3.26
H352 CHR B . -5.43 12.63 -2.89
N ALA A 1 16.21 -5.88 -15.67
CA ALA A 1 16.07 -5.45 -14.26
C ALA A 1 14.68 -4.85 -14.04
N ALA A 2 13.86 -5.50 -13.24
CA ALA A 2 12.49 -4.97 -12.98
C ALA A 2 12.31 -4.70 -11.49
N PRO A 3 11.45 -3.77 -11.18
CA PRO A 3 11.18 -3.39 -9.78
C PRO A 3 10.62 -4.58 -9.00
N THR A 4 10.78 -4.54 -7.72
CA THR A 4 10.29 -5.63 -6.84
C THR A 4 9.86 -5.03 -5.52
N ALA A 5 9.08 -5.73 -4.75
CA ALA A 5 8.65 -5.16 -3.46
C ALA A 5 8.49 -6.24 -2.43
N THR A 6 9.10 -6.03 -1.30
CA THR A 6 9.02 -7.04 -0.22
C THR A 6 8.11 -6.55 0.89
N VAL A 7 6.96 -7.10 0.94
CA VAL A 7 6.00 -6.70 1.99
C VAL A 7 5.67 -7.90 2.90
N THR A 8 5.97 -7.78 4.15
CA THR A 8 5.70 -8.88 5.11
C THR A 8 5.69 -8.30 6.54
N PRO A 9 4.90 -8.88 7.40
CA PRO A 9 4.04 -10.03 7.07
C PRO A 9 2.84 -9.55 6.25
N SER A 10 2.30 -10.41 5.44
CA SER A 10 1.12 -10.04 4.63
C SER A 10 -0.15 -10.42 5.39
N SER A 11 -0.04 -11.38 6.27
CA SER A 11 -1.22 -11.82 7.06
C SER A 11 -0.81 -12.02 8.52
N GLY A 12 -1.75 -12.13 9.40
CA GLY A 12 -1.40 -12.32 10.85
C GLY A 12 -0.93 -10.98 11.41
N LEU A 13 -1.56 -9.93 10.98
CA LEU A 13 -1.18 -8.57 11.41
C LEU A 13 -1.97 -8.16 12.62
N SER A 14 -3.21 -8.47 12.54
CA SER A 14 -4.14 -8.14 13.63
C SER A 14 -4.31 -6.62 13.74
N ASP A 15 -5.50 -6.20 14.06
CA ASP A 15 -5.80 -4.75 14.15
C ASP A 15 -4.78 -4.04 15.04
N GLY A 16 -3.91 -3.26 14.44
CA GLY A 16 -2.93 -2.50 15.26
C GLY A 16 -1.49 -2.94 15.02
N THR A 17 -1.17 -3.70 14.00
CA THR A 17 0.25 -4.08 13.86
C THR A 17 0.88 -3.27 12.73
N VAL A 18 2.07 -3.62 12.43
CA VAL A 18 2.81 -2.90 11.35
C VAL A 18 3.43 -3.87 10.35
N VAL A 19 3.37 -3.55 9.08
CA VAL A 19 3.97 -4.44 8.06
C VAL A 19 5.14 -3.71 7.40
N LYS A 20 6.08 -4.43 6.86
CA LYS A 20 7.24 -3.78 6.20
C LYS A 20 7.17 -4.00 4.69
N VAL A 21 6.87 -2.98 3.94
CA VAL A 21 6.77 -3.12 2.46
C VAL A 21 8.03 -2.50 1.82
N ALA A 22 8.75 -3.25 1.03
CA ALA A 22 9.96 -2.67 0.39
C ALA A 22 9.72 -2.57 -1.12
N GLY A 23 10.55 -1.84 -1.80
CA GLY A 23 10.39 -1.69 -3.27
C GLY A 23 11.77 -1.62 -3.90
N ALA A 24 12.21 -2.64 -4.58
CA ALA A 24 13.59 -2.55 -5.19
C ALA A 24 13.50 -2.62 -6.72
N GLY A 25 14.24 -1.80 -7.42
CA GLY A 25 14.17 -1.86 -8.90
C GLY A 25 13.05 -0.96 -9.41
N LEU A 26 12.72 0.08 -8.69
CA LEU A 26 11.64 0.97 -9.15
C LEU A 26 12.27 2.12 -9.94
N GLN A 27 11.47 2.92 -10.60
CA GLN A 27 12.04 4.03 -11.40
C GLN A 27 13.12 4.74 -10.59
N ALA A 28 14.35 4.42 -10.90
CA ALA A 28 15.50 5.04 -10.19
C ALA A 28 15.44 6.56 -10.30
N GLY A 29 14.61 7.17 -9.52
CA GLY A 29 14.49 8.66 -9.56
C GLY A 29 13.01 9.04 -9.58
N THR A 30 12.18 8.29 -8.90
CA THR A 30 10.73 8.62 -8.91
C THR A 30 10.12 8.42 -7.51
N ALA A 31 9.85 9.51 -6.85
CA ALA A 31 9.20 9.46 -5.49
C ALA A 31 7.96 8.58 -5.57
N TYR A 32 8.00 7.42 -4.95
CA TYR A 32 6.81 6.52 -4.97
C TYR A 32 6.13 6.55 -3.60
N ASP A 33 4.87 6.23 -3.53
CA ASP A 33 4.18 6.23 -2.20
C ASP A 33 4.09 4.78 -1.73
N VAL A 34 3.81 4.57 -0.47
CA VAL A 34 3.76 3.18 0.05
C VAL A 34 2.65 3.07 1.12
N GLY A 35 1.61 2.27 0.92
CA GLY A 35 0.55 2.21 1.98
C GLY A 35 -0.42 1.04 1.75
N GLN A 36 -1.42 0.95 2.60
CA GLN A 36 -2.42 -0.13 2.52
C GLN A 36 -3.69 0.43 1.87
N CYS A 37 -3.97 0.03 0.67
CA CYS A 37 -5.20 0.52 -0.01
C CYS A 37 -5.98 -0.66 -0.58
N ALA A 38 -7.29 -0.56 -0.63
CA ALA A 38 -8.11 -1.69 -1.15
C ALA A 38 -8.97 -1.24 -2.34
N TRP A 39 -9.07 -2.05 -3.37
CA TRP A 39 -9.94 -1.68 -4.53
C TRP A 39 -11.30 -2.33 -4.31
N VAL A 40 -12.33 -1.55 -4.13
CA VAL A 40 -13.67 -2.15 -3.89
C VAL A 40 -14.55 -2.00 -5.14
N ASP A 41 -13.97 -1.70 -6.26
CA ASP A 41 -14.80 -1.56 -7.50
C ASP A 41 -13.92 -1.08 -8.66
N THR A 42 -14.53 -0.82 -9.79
CA THR A 42 -13.75 -0.35 -10.97
C THR A 42 -13.29 1.09 -10.74
N GLY A 43 -12.08 1.26 -10.31
CA GLY A 43 -11.55 2.63 -10.08
C GLY A 43 -11.93 3.17 -8.69
N VAL A 44 -12.13 2.31 -7.72
CA VAL A 44 -12.46 2.80 -6.37
C VAL A 44 -11.31 2.38 -5.44
N LEU A 45 -10.46 3.29 -5.00
CA LEU A 45 -9.32 2.89 -4.14
C LEU A 45 -9.45 3.56 -2.76
N ALA A 46 -9.84 2.83 -1.75
CA ALA A 46 -9.95 3.43 -0.39
C ALA A 46 -8.68 3.08 0.38
N CYS A 47 -7.82 4.05 0.63
CA CYS A 47 -6.56 3.73 1.36
C CYS A 47 -6.62 4.27 2.80
N ASN A 48 -5.75 3.81 3.64
CA ASN A 48 -5.75 4.28 5.08
C ASN A 48 -4.52 5.16 5.33
N PRO A 49 -4.74 6.32 5.92
CA PRO A 49 -3.65 7.26 6.23
C PRO A 49 -2.74 6.77 7.38
N ALA A 50 -2.73 5.49 7.67
CA ALA A 50 -1.84 5.00 8.77
C ALA A 50 -0.71 4.17 8.16
N ASP A 51 -0.65 4.14 6.86
CA ASP A 51 0.41 3.38 6.18
C ASP A 51 0.89 4.21 5.00
N PHE A 52 0.57 5.49 5.01
CA PHE A 52 0.97 6.35 3.89
C PHE A 52 2.42 6.82 4.02
N SER A 53 3.35 6.07 3.50
CA SER A 53 4.78 6.50 3.57
C SER A 53 5.20 6.92 2.16
N SER A 54 6.47 7.09 1.90
CA SER A 54 6.87 7.51 0.54
C SER A 54 8.39 7.70 0.44
N VAL A 55 8.97 7.22 -0.63
CA VAL A 55 10.43 7.37 -0.85
C VAL A 55 10.68 7.35 -2.36
N THR A 56 11.76 7.90 -2.82
CA THR A 56 12.02 7.90 -4.29
C THR A 56 12.98 6.78 -4.64
N ALA A 57 12.74 6.15 -5.75
CA ALA A 57 13.65 5.08 -6.18
C ALA A 57 15.04 5.65 -6.44
N ASP A 58 15.93 5.35 -5.56
CA ASP A 58 17.33 5.85 -5.68
C ASP A 58 18.00 5.32 -6.96
N ALA A 59 19.24 4.93 -6.87
CA ALA A 59 19.99 4.42 -8.08
C ALA A 59 19.18 3.34 -8.79
N ASN A 60 18.76 2.36 -8.07
CA ASN A 60 17.94 1.28 -8.67
C ASN A 60 16.50 1.57 -8.28
N GLY A 61 16.35 2.10 -7.10
CA GLY A 61 15.03 2.48 -6.59
C GLY A 61 14.59 1.54 -5.47
N SER A 62 15.31 1.54 -4.37
CA SER A 62 14.95 0.66 -3.23
C SER A 62 14.19 1.49 -2.21
N ALA A 63 13.05 1.02 -1.80
CA ALA A 63 12.25 1.77 -0.80
C ALA A 63 11.71 0.81 0.25
N SER A 64 12.23 0.88 1.45
CA SER A 64 11.76 -0.03 2.52
C SER A 64 11.20 0.79 3.68
N THR A 65 9.94 0.65 3.95
CA THR A 65 9.33 1.42 5.07
C THR A 65 8.26 0.58 5.76
N SER A 66 8.18 0.66 7.06
CA SER A 66 7.16 -0.14 7.80
C SER A 66 5.98 0.76 8.16
N LEU A 67 4.79 0.27 7.98
CA LEU A 67 3.58 1.09 8.31
C LEU A 67 2.59 0.25 9.10
N THR A 68 1.61 0.87 9.71
CA THR A 68 0.62 0.09 10.50
C THR A 68 -0.62 -0.19 9.63
N VAL A 69 -1.01 -1.44 9.49
CA VAL A 69 -2.20 -1.75 8.63
C VAL A 69 -3.10 -2.76 9.34
N ARG A 70 -4.41 -2.66 9.22
CA ARG A 70 -5.28 -3.64 9.90
C ARG A 70 -6.55 -3.91 9.07
N ARG A 71 -7.44 -4.71 9.63
CA ARG A 71 -8.69 -5.06 8.93
C ARG A 71 -9.40 -3.78 8.49
N SER A 72 -10.40 -3.34 9.19
CA SER A 72 -11.10 -2.09 8.79
C SER A 72 -10.07 -0.98 8.76
N PHE A 73 -10.18 -0.09 7.81
CA PHE A 73 -9.18 0.97 7.73
C PHE A 73 -9.71 2.11 6.87
N GLU A 74 -9.51 3.32 7.30
CA GLU A 74 -10.02 4.51 6.54
C GLU A 74 -9.97 4.23 5.04
N GLY A 75 -11.09 4.32 4.38
CA GLY A 75 -11.13 4.04 2.91
C GLY A 75 -10.98 5.35 2.11
N PHE A 76 -10.00 6.16 2.42
CA PHE A 76 -9.80 7.44 1.67
C PHE A 76 -10.09 7.21 0.16
N LEU A 77 -11.14 7.82 -0.37
CA LEU A 77 -11.46 7.63 -1.82
C LEU A 77 -10.65 8.63 -2.67
N PHE A 78 -9.92 8.18 -3.67
CA PHE A 78 -9.13 9.13 -4.52
C PHE A 78 -10.07 10.06 -5.28
N ASP A 79 -10.90 10.79 -4.59
CA ASP A 79 -11.84 11.72 -5.28
C ASP A 79 -12.32 12.79 -4.31
N GLY A 80 -11.61 13.01 -3.23
CA GLY A 80 -12.03 14.04 -2.24
C GLY A 80 -13.04 13.45 -1.25
N THR A 81 -13.78 12.45 -1.66
CA THR A 81 -14.78 11.85 -0.73
C THR A 81 -14.19 10.64 -0.01
N ARG A 82 -14.78 10.26 1.08
CA ARG A 82 -14.29 9.10 1.86
C ARG A 82 -15.25 7.92 1.65
N TRP A 83 -14.76 6.73 1.44
CA TRP A 83 -15.67 5.58 1.20
C TRP A 83 -16.17 5.01 2.54
N GLY A 84 -15.52 5.32 3.61
CA GLY A 84 -15.93 4.80 4.94
C GLY A 84 -14.89 3.81 5.44
N THR A 85 -15.03 3.32 6.64
CA THR A 85 -14.05 2.35 7.16
C THR A 85 -14.13 1.09 6.29
N VAL A 86 -13.17 0.89 5.44
CA VAL A 86 -13.19 -0.29 4.55
C VAL A 86 -12.77 -1.53 5.35
N ASP A 87 -13.72 -2.38 5.66
CA ASP A 87 -13.40 -3.61 6.45
C ASP A 87 -12.50 -4.54 5.62
N CYS A 88 -11.25 -4.72 6.01
CA CYS A 88 -10.38 -5.63 5.21
C CYS A 88 -10.94 -7.07 5.27
N THR A 89 -11.96 -7.30 6.06
CA THR A 89 -12.52 -8.69 6.15
C THR A 89 -13.56 -8.86 5.04
N THR A 90 -13.78 -7.84 4.25
CA THR A 90 -14.78 -7.95 3.16
C THR A 90 -14.07 -7.87 1.81
N ALA A 91 -13.23 -6.88 1.65
CA ALA A 91 -12.49 -6.74 0.36
C ALA A 91 -11.03 -7.17 0.58
N ALA A 92 -10.23 -7.10 -0.45
CA ALA A 92 -8.80 -7.50 -0.32
C ALA A 92 -7.93 -6.23 -0.27
N CYS A 93 -7.26 -5.99 0.83
CA CYS A 93 -6.42 -4.75 0.92
C CYS A 93 -4.96 -5.11 0.59
N GLN A 94 -4.41 -4.49 -0.42
CA GLN A 94 -3.02 -4.80 -0.80
C GLN A 94 -2.06 -3.76 -0.28
N VAL A 95 -0.91 -4.20 0.08
CA VAL A 95 0.15 -3.26 0.56
C VAL A 95 1.13 -3.09 -0.59
N GLY A 96 1.15 -1.93 -1.18
CA GLY A 96 2.07 -1.76 -2.34
C GLY A 96 2.58 -0.33 -2.44
N LEU A 97 3.24 -0.03 -3.52
CA LEU A 97 3.80 1.33 -3.71
C LEU A 97 3.09 2.01 -4.88
N SER A 98 3.46 3.21 -5.19
CA SER A 98 2.81 3.94 -6.31
C SER A 98 3.58 5.23 -6.61
N ASP A 99 3.29 5.87 -7.69
CA ASP A 99 4.02 7.13 -8.02
C ASP A 99 2.99 8.28 -8.11
N ALA A 100 3.32 9.36 -8.77
CA ALA A 100 2.35 10.48 -8.89
C ALA A 100 1.98 10.69 -10.36
N ALA A 101 1.89 9.63 -11.10
CA ALA A 101 1.54 9.77 -12.55
C ALA A 101 0.22 9.06 -12.85
N GLY A 102 -0.08 7.99 -12.17
CA GLY A 102 -1.34 7.26 -12.44
C GLY A 102 -1.24 5.90 -11.78
N ASN A 103 -0.07 5.32 -11.80
CA ASN A 103 0.11 4.01 -11.17
C ASN A 103 1.59 3.78 -10.88
N GLY A 104 1.90 2.64 -10.36
CA GLY A 104 3.30 2.29 -10.01
C GLY A 104 3.39 0.77 -9.79
N PRO A 105 4.44 0.28 -9.14
CA PRO A 105 4.57 -1.17 -8.90
C PRO A 105 3.25 -1.72 -8.36
N GLU A 106 3.15 -3.01 -8.17
CA GLU A 106 1.88 -3.60 -7.66
C GLU A 106 1.87 -3.66 -6.13
N GLY A 107 0.85 -4.23 -5.56
CA GLY A 107 0.76 -4.31 -4.08
C GLY A 107 0.67 -5.78 -3.65
N VAL A 108 0.86 -6.04 -2.38
CA VAL A 108 0.81 -7.42 -1.88
C VAL A 108 -0.52 -7.64 -1.16
N ALA A 109 -1.16 -8.72 -1.45
CA ALA A 109 -2.46 -9.03 -0.80
C ALA A 109 -2.21 -9.48 0.64
N ILE A 110 -2.74 -8.77 1.59
CA ILE A 110 -2.54 -9.17 3.02
C ILE A 110 -3.77 -9.94 3.49
N SER A 111 -3.70 -10.55 4.64
CA SER A 111 -4.88 -11.32 5.15
C SER A 111 -5.03 -11.12 6.66
N PHE A 112 -6.21 -11.31 7.18
CA PHE A 112 -6.43 -11.13 8.63
C PHE A 112 -7.19 -12.33 9.19
N ASN A 113 -6.52 -13.18 9.92
CA ASN A 113 -7.21 -14.38 10.49
C ASN A 113 -8.37 -13.93 11.38
C1 CHR B . -3.68 7.76 -4.05
C2 CHR B . -4.11 8.64 -2.99
C3 CHR B . -4.71 9.25 -2.17
C4 CHR B . -5.73 9.82 -1.26
O2 CHR B . -6.23 8.98 -0.19
C5 CHR B . -7.02 9.03 -1.40
C6 CHR B . -6.86 7.95 -2.41
C7 CHR B . -6.48 7.16 -3.22
C8 CHR B . -5.78 6.38 -4.21
C9 CHR B . -4.57 6.76 -4.64
C10 CHR B . -3.91 6.18 -5.86
O1 CHR B . -4.47 6.71 -7.06
C11 CHR B . -2.44 6.63 -5.71
O6 CHR B . -1.66 5.53 -5.29
C12 CHR B . -2.49 7.69 -4.64
C13 CHR B . -4.25 6.05 -8.30
O3 CHR B . -5.07 4.91 -8.39
C14 CHR B . -4.57 7.00 -9.45
N1 CHR B . -3.77 8.25 -9.30
C19 CHR B . -2.34 8.28 -9.72
C15 CHR B . -6.06 7.32 -9.42
O4 CHR B . -6.38 8.20 -10.50
C16 CHR B . -6.86 6.03 -9.56
O5 CHR B . -6.58 5.42 -10.81
C17 CHR B . -6.49 5.06 -8.43
C18 CHR B . -7.15 3.71 -8.69
C20 CHR B . -1.38 4.77 -6.33
O7 CHR B . -1.03 5.24 -7.40
C21 CHR B . -1.52 3.32 -6.12
C22 CHR B . -2.00 2.53 -7.17
O9 CHR B . -2.27 3.10 -8.41
C23 CHR B . -2.22 1.16 -6.97
C24 CHR B . -1.94 0.58 -5.72
C25 CHR B . -1.45 1.37 -4.68
C26 CHR B . -1.24 2.74 -4.88
C27 CHR B . -0.73 3.52 -3.82
C28 CHR B . -0.46 2.93 -2.57
O8 CHR B . 0.04 3.70 -1.53
C31 CHR B . -0.35 5.07 -1.52
C29 CHR B . -0.68 1.57 -2.38
C30 CHR B . -1.18 0.79 -3.44
C32 CHR B . -1.43 -0.70 -3.23
C33 CHR B . -5.78 11.33 -1.09
O10 CHR B . -6.72 11.67 -0.08
C34 CHR B . -7.64 12.41 -0.68
O11 CHR B . -8.57 12.86 -0.06
O12 CHR B . -7.49 12.64 -1.98
C35 CHR B . -6.31 11.98 -2.37
H5 CHR B . -7.98 9.57 -1.39
H8 CHR B . -6.22 5.47 -4.59
H10 CHR B . -3.98 5.10 -5.85
H11 CHR B . -2.06 7.04 -6.64
H12 CHR B . -1.67 8.32 -4.37
H13 CHR B . -3.21 5.75 -8.37
H14 CHR B . -4.32 6.52 -10.38
H191 CHR B . -2.05 7.30 -10.06
H192 CHR B . -2.22 8.99 -10.52
H193 CHR B . -1.73 8.58 -8.88
H15 CHR B . -6.31 7.81 -8.48
HO4 CHR B . -5.66 8.84 -10.58
H16 CHR B . -7.92 6.26 -9.50
HO5 CHR B . -7.39 5.01 -11.13
H17 CHR B . -6.83 5.46 -7.48
H181 CHR B . -7.38 3.61 -9.74
H182 CHR B . -6.46 2.92 -8.40
H183 CHR B . -8.06 3.63 -8.11
HO9 CHR B . -3.20 2.95 -8.64
H23 CHR B . -2.58 0.55 -7.78
H24 CHR B . -2.11 -0.48 -5.58
H27 CHR B . -0.53 4.57 -3.97
H311 CHR B . 0.08 5.57 -2.38
H312 CHR B . -1.42 5.14 -1.58
H313 CHR B . 0.00 5.54 -0.62
H29 CHR B . -0.48 1.12 -1.43
H321 CHR B . -2.43 -0.94 -3.56
H322 CHR B . -1.33 -0.93 -2.18
H323 CHR B . -0.71 -1.27 -3.80
H33 CHR B . -4.80 11.71 -0.86
H351 CHR B . -5.59 12.69 -2.75
H352 CHR B . -6.53 11.22 -3.11
N ALA A 1 17.07 -5.25 -15.27
CA ALA A 1 16.73 -5.06 -13.83
C ALA A 1 15.28 -4.56 -13.72
N ALA A 2 14.42 -5.33 -13.11
CA ALA A 2 13.00 -4.90 -12.96
C ALA A 2 12.70 -4.65 -11.48
N PRO A 3 11.79 -3.75 -11.25
CA PRO A 3 11.32 -3.33 -9.89
C PRO A 3 10.76 -4.53 -9.14
N THR A 4 10.82 -4.47 -7.85
CA THR A 4 10.31 -5.58 -7.01
C THR A 4 9.81 -5.01 -5.69
N ALA A 5 9.00 -5.74 -4.98
CA ALA A 5 8.49 -5.20 -3.71
C ALA A 5 8.28 -6.33 -2.72
N THR A 6 8.94 -6.20 -1.61
CA THR A 6 8.80 -7.24 -0.56
C THR A 6 8.10 -6.67 0.65
N VAL A 7 6.92 -7.10 0.82
CA VAL A 7 6.08 -6.63 1.96
C VAL A 7 5.77 -7.79 2.90
N THR A 8 6.06 -7.64 4.17
CA THR A 8 5.79 -8.73 5.14
C THR A 8 5.73 -8.14 6.56
N PRO A 9 4.92 -8.74 7.39
CA PRO A 9 4.06 -9.91 7.08
C PRO A 9 2.80 -9.43 6.36
N SER A 10 2.30 -10.24 5.48
CA SER A 10 1.07 -9.85 4.73
C SER A 10 -0.16 -10.30 5.51
N SER A 11 -0.02 -11.32 6.31
CA SER A 11 -1.18 -11.81 7.11
C SER A 11 -0.76 -12.00 8.57
N GLY A 12 -1.71 -12.08 9.46
CA GLY A 12 -1.37 -12.25 10.91
C GLY A 12 -0.93 -10.90 11.47
N LEU A 13 -1.55 -9.85 11.03
CA LEU A 13 -1.20 -8.50 11.46
C LEU A 13 -2.03 -8.08 12.65
N SER A 14 -3.24 -8.41 12.54
CA SER A 14 -4.22 -8.09 13.61
C SER A 14 -4.42 -6.58 13.69
N ASP A 15 -5.64 -6.18 13.98
CA ASP A 15 -5.96 -4.74 14.06
C ASP A 15 -4.98 -3.99 14.95
N GLY A 16 -4.10 -3.23 14.37
CA GLY A 16 -3.15 -2.43 15.19
C GLY A 16 -1.70 -2.86 15.02
N THR A 17 -1.32 -3.64 14.03
CA THR A 17 0.10 -3.98 13.94
C THR A 17 0.75 -3.17 12.83
N VAL A 18 1.96 -3.52 12.54
CA VAL A 18 2.72 -2.80 11.48
C VAL A 18 3.29 -3.77 10.45
N VAL A 19 3.16 -3.44 9.18
CA VAL A 19 3.72 -4.34 8.14
C VAL A 19 4.94 -3.65 7.52
N LYS A 20 5.85 -4.41 6.97
CA LYS A 20 7.05 -3.79 6.35
C LYS A 20 6.97 -3.96 4.84
N VAL A 21 6.73 -2.90 4.13
CA VAL A 21 6.64 -2.98 2.65
C VAL A 21 7.92 -2.43 2.03
N ALA A 22 8.44 -3.04 1.01
CA ALA A 22 9.68 -2.51 0.40
C ALA A 22 9.57 -2.56 -1.12
N GLY A 23 10.39 -1.79 -1.78
CA GLY A 23 10.38 -1.77 -3.26
C GLY A 23 11.81 -1.85 -3.75
N ALA A 24 12.09 -2.55 -4.81
CA ALA A 24 13.49 -2.62 -5.29
C ALA A 24 13.52 -2.62 -6.82
N GLY A 25 14.23 -1.73 -7.45
CA GLY A 25 14.23 -1.72 -8.94
C GLY A 25 13.09 -0.84 -9.46
N LEU A 26 12.69 0.14 -8.71
CA LEU A 26 11.59 1.02 -9.18
C LEU A 26 12.20 2.15 -10.00
N GLN A 27 11.38 2.98 -10.60
CA GLN A 27 11.94 4.08 -11.42
C GLN A 27 13.04 4.78 -10.65
N ALA A 28 14.25 4.41 -10.96
CA ALA A 28 15.44 5.00 -10.28
C ALA A 28 15.43 6.51 -10.41
N GLY A 29 14.64 7.18 -9.64
CA GLY A 29 14.58 8.66 -9.70
C GLY A 29 13.13 9.12 -9.73
N THR A 30 12.25 8.42 -9.05
CA THR A 30 10.83 8.83 -9.06
C THR A 30 10.17 8.58 -7.70
N ALA A 31 9.87 9.65 -7.01
CA ALA A 31 9.19 9.55 -5.69
C ALA A 31 8.04 8.53 -5.77
N TYR A 32 8.03 7.58 -4.88
CA TYR A 32 6.95 6.55 -4.90
C TYR A 32 6.14 6.66 -3.60
N ASP A 33 4.90 6.26 -3.60
CA ASP A 33 4.09 6.34 -2.34
C ASP A 33 3.94 4.92 -1.78
N VAL A 34 3.85 4.80 -0.49
CA VAL A 34 3.75 3.44 0.12
C VAL A 34 2.50 3.39 1.03
N GLY A 35 1.59 2.44 0.87
CA GLY A 35 0.40 2.45 1.78
C GLY A 35 -0.48 1.21 1.61
N GLN A 36 -1.46 1.10 2.48
CA GLN A 36 -2.41 -0.03 2.45
C GLN A 36 -3.69 0.46 1.78
N CYS A 37 -3.96 -0.01 0.61
CA CYS A 37 -5.19 0.44 -0.10
C CYS A 37 -5.98 -0.77 -0.58
N ALA A 38 -7.27 -0.61 -0.69
CA ALA A 38 -8.12 -1.74 -1.17
C ALA A 38 -8.97 -1.29 -2.36
N TRP A 39 -9.07 -2.09 -3.39
CA TRP A 39 -9.91 -1.70 -4.57
C TRP A 39 -11.28 -2.35 -4.36
N VAL A 40 -12.31 -1.57 -4.17
CA VAL A 40 -13.66 -2.16 -3.94
C VAL A 40 -14.54 -1.97 -5.18
N ASP A 41 -13.97 -1.65 -6.30
CA ASP A 41 -14.82 -1.47 -7.52
C ASP A 41 -13.96 -0.95 -8.69
N THR A 42 -14.59 -0.64 -9.79
CA THR A 42 -13.83 -0.15 -10.97
C THR A 42 -13.30 1.26 -10.69
N GLY A 43 -12.07 1.35 -10.27
CA GLY A 43 -11.47 2.69 -10.01
C GLY A 43 -11.82 3.21 -8.60
N VAL A 44 -12.05 2.34 -7.65
CA VAL A 44 -12.37 2.81 -6.29
C VAL A 44 -11.22 2.37 -5.37
N LEU A 45 -10.35 3.28 -4.95
CA LEU A 45 -9.20 2.87 -4.10
C LEU A 45 -9.31 3.53 -2.72
N ALA A 46 -9.65 2.78 -1.69
CA ALA A 46 -9.76 3.38 -0.34
C ALA A 46 -8.43 3.13 0.41
N CYS A 47 -7.67 4.16 0.63
CA CYS A 47 -6.35 4.00 1.31
C CYS A 47 -6.45 4.42 2.78
N ASN A 48 -5.69 3.79 3.66
CA ASN A 48 -5.74 4.19 5.11
C ASN A 48 -4.59 5.17 5.39
N PRO A 49 -4.88 6.19 6.15
CA PRO A 49 -3.92 7.28 6.55
C PRO A 49 -2.95 6.80 7.64
N ALA A 50 -2.67 5.52 7.72
CA ALA A 50 -1.73 5.05 8.78
C ALA A 50 -0.60 4.24 8.14
N ASP A 51 -0.54 4.24 6.85
CA ASP A 51 0.53 3.49 6.15
C ASP A 51 1.02 4.33 4.98
N PHE A 52 0.69 5.59 5.00
CA PHE A 52 1.11 6.48 3.88
C PHE A 52 2.58 6.87 4.00
N SER A 53 3.46 6.06 3.48
CA SER A 53 4.92 6.39 3.54
C SER A 53 5.32 6.99 2.19
N SER A 54 6.59 7.14 1.92
CA SER A 54 7.00 7.74 0.63
C SER A 54 8.53 7.85 0.51
N VAL A 55 9.05 7.45 -0.61
CA VAL A 55 10.52 7.54 -0.85
C VAL A 55 10.72 7.50 -2.37
N THR A 56 11.79 8.07 -2.86
CA THR A 56 12.00 8.04 -4.34
C THR A 56 12.94 6.91 -4.70
N ALA A 57 12.70 6.29 -5.82
CA ALA A 57 13.60 5.19 -6.25
C ALA A 57 15.00 5.75 -6.50
N ASP A 58 15.89 5.44 -5.62
CA ASP A 58 17.30 5.91 -5.74
C ASP A 58 17.95 5.36 -7.02
N ALA A 59 19.19 4.96 -6.94
CA ALA A 59 19.92 4.44 -8.15
C ALA A 59 19.10 3.35 -8.84
N ASN A 60 18.66 2.40 -8.10
CA ASN A 60 17.83 1.32 -8.70
C ASN A 60 16.39 1.61 -8.29
N GLY A 61 16.25 2.18 -7.13
CA GLY A 61 14.92 2.57 -6.61
C GLY A 61 14.49 1.61 -5.51
N SER A 62 15.19 1.61 -4.41
CA SER A 62 14.81 0.72 -3.28
C SER A 62 14.07 1.54 -2.24
N ALA A 63 12.92 1.07 -1.83
CA ALA A 63 12.14 1.85 -0.83
C ALA A 63 11.57 0.89 0.20
N SER A 64 12.08 0.90 1.41
CA SER A 64 11.55 -0.01 2.45
C SER A 64 11.11 0.81 3.67
N THR A 65 9.86 0.72 4.01
CA THR A 65 9.35 1.48 5.19
C THR A 65 8.28 0.66 5.89
N SER A 66 8.20 0.76 7.18
CA SER A 66 7.17 -0.01 7.94
C SER A 66 5.97 0.90 8.23
N LEU A 67 4.79 0.36 8.21
CA LEU A 67 3.58 1.19 8.47
C LEU A 67 2.56 0.35 9.25
N THR A 68 1.57 0.99 9.82
CA THR A 68 0.54 0.22 10.59
C THR A 68 -0.65 -0.07 9.68
N VAL A 69 -1.02 -1.32 9.54
CA VAL A 69 -2.17 -1.66 8.64
C VAL A 69 -3.05 -2.73 9.31
N ARG A 70 -4.35 -2.65 9.18
CA ARG A 70 -5.21 -3.68 9.81
C ARG A 70 -6.38 -4.04 8.88
N ARG A 71 -7.36 -4.73 9.40
CA ARG A 71 -8.52 -5.12 8.54
C ARG A 71 -9.33 -3.86 8.23
N SER A 72 -10.17 -3.43 9.13
CA SER A 72 -10.94 -2.19 8.84
C SER A 72 -9.94 -1.06 8.75
N PHE A 73 -10.06 -0.21 7.78
CA PHE A 73 -9.06 0.86 7.66
C PHE A 73 -9.58 2.00 6.81
N GLU A 74 -9.41 3.21 7.28
CA GLU A 74 -9.90 4.41 6.54
C GLU A 74 -9.83 4.19 5.04
N GLY A 75 -10.94 4.25 4.37
CA GLY A 75 -10.96 4.02 2.89
C GLY A 75 -10.83 5.33 2.11
N PHE A 76 -9.85 6.15 2.42
CA PHE A 76 -9.67 7.46 1.67
C PHE A 76 -9.98 7.23 0.18
N LEU A 77 -10.99 7.89 -0.37
CA LEU A 77 -11.30 7.70 -1.81
C LEU A 77 -10.48 8.71 -2.65
N PHE A 78 -9.73 8.25 -3.64
CA PHE A 78 -8.93 9.18 -4.47
C PHE A 78 -9.85 10.14 -5.24
N ASP A 79 -10.67 10.88 -4.56
CA ASP A 79 -11.58 11.83 -5.27
C ASP A 79 -12.07 12.90 -4.29
N GLY A 80 -11.37 13.10 -3.21
CA GLY A 80 -11.79 14.14 -2.23
C GLY A 80 -12.80 13.54 -1.24
N THR A 81 -13.55 12.56 -1.65
CA THR A 81 -14.55 11.96 -0.73
C THR A 81 -13.96 10.73 -0.03
N ARG A 82 -14.55 10.35 1.06
CA ARG A 82 -14.05 9.16 1.81
C ARG A 82 -15.06 8.01 1.62
N TRP A 83 -14.57 6.81 1.39
CA TRP A 83 -15.50 5.67 1.16
C TRP A 83 -16.02 5.13 2.50
N GLY A 84 -15.33 5.41 3.57
CA GLY A 84 -15.76 4.92 4.91
C GLY A 84 -14.76 3.87 5.39
N THR A 85 -14.93 3.38 6.58
CA THR A 85 -13.99 2.35 7.09
C THR A 85 -14.11 1.13 6.18
N VAL A 86 -13.11 0.86 5.41
CA VAL A 86 -13.15 -0.30 4.50
C VAL A 86 -12.75 -1.56 5.27
N ASP A 87 -13.71 -2.36 5.61
CA ASP A 87 -13.42 -3.61 6.39
C ASP A 87 -12.58 -4.57 5.54
N CYS A 88 -11.34 -4.78 5.89
CA CYS A 88 -10.53 -5.74 5.06
C CYS A 88 -11.10 -7.15 5.17
N THR A 89 -12.11 -7.36 5.99
CA THR A 89 -12.69 -8.71 6.12
C THR A 89 -13.76 -8.90 5.05
N THR A 90 -13.82 -8.00 4.10
CA THR A 90 -14.82 -8.11 3.01
C THR A 90 -14.12 -8.02 1.67
N ALA A 91 -13.26 -7.06 1.51
CA ALA A 91 -12.52 -6.91 0.22
C ALA A 91 -11.07 -7.33 0.41
N ALA A 92 -10.29 -7.25 -0.63
CA ALA A 92 -8.85 -7.65 -0.53
C ALA A 92 -7.99 -6.38 -0.46
N CYS A 93 -7.34 -6.12 0.65
CA CYS A 93 -6.49 -4.90 0.76
C CYS A 93 -5.03 -5.26 0.47
N GLN A 94 -4.44 -4.58 -0.48
CA GLN A 94 -3.03 -4.89 -0.82
C GLN A 94 -2.09 -3.83 -0.28
N VAL A 95 -0.93 -4.27 0.07
CA VAL A 95 0.11 -3.32 0.57
C VAL A 95 1.09 -3.13 -0.57
N GLY A 96 1.15 -1.97 -1.13
CA GLY A 96 2.08 -1.78 -2.28
C GLY A 96 2.61 -0.36 -2.36
N LEU A 97 3.28 -0.05 -3.44
CA LEU A 97 3.86 1.30 -3.61
C LEU A 97 3.20 1.96 -4.81
N SER A 98 3.59 3.15 -5.13
CA SER A 98 2.98 3.86 -6.29
C SER A 98 3.81 5.08 -6.64
N ASP A 99 3.59 5.68 -7.77
CA ASP A 99 4.40 6.88 -8.15
C ASP A 99 3.58 8.15 -7.89
N ALA A 100 2.31 7.99 -7.66
CA ALA A 100 1.44 9.17 -7.40
C ALA A 100 1.19 9.90 -8.72
N ALA A 101 1.01 9.17 -9.77
CA ALA A 101 0.76 9.81 -11.10
C ALA A 101 -0.32 9.05 -11.89
N GLY A 102 -0.39 7.75 -11.74
CA GLY A 102 -1.40 6.97 -12.49
C GLY A 102 -1.27 5.51 -12.07
N ASN A 103 -0.06 5.04 -11.98
CA ASN A 103 0.15 3.64 -11.57
C ASN A 103 1.56 3.48 -11.03
N GLY A 104 1.89 2.29 -10.65
CA GLY A 104 3.26 2.03 -10.09
C GLY A 104 3.41 0.51 -9.89
N PRO A 105 4.43 0.07 -9.16
CA PRO A 105 4.68 -1.37 -8.87
C PRO A 105 3.38 -2.07 -8.45
N GLU A 106 3.45 -3.32 -8.09
CA GLU A 106 2.21 -4.05 -7.70
C GLU A 106 2.01 -4.00 -6.19
N GLY A 107 0.89 -4.46 -5.71
CA GLY A 107 0.62 -4.46 -4.25
C GLY A 107 0.62 -5.90 -3.71
N VAL A 108 0.81 -6.07 -2.44
CA VAL A 108 0.85 -7.41 -1.85
C VAL A 108 -0.49 -7.69 -1.16
N ALA A 109 -1.09 -8.79 -1.48
CA ALA A 109 -2.39 -9.15 -0.85
C ALA A 109 -2.14 -9.57 0.60
N ILE A 110 -2.73 -8.88 1.54
CA ILE A 110 -2.52 -9.25 2.97
C ILE A 110 -3.71 -10.10 3.44
N SER A 111 -3.61 -10.66 4.62
CA SER A 111 -4.73 -11.50 5.13
C SER A 111 -4.95 -11.23 6.62
N PHE A 112 -6.14 -11.46 7.10
CA PHE A 112 -6.42 -11.19 8.54
C PHE A 112 -7.16 -12.39 9.14
N ASN A 113 -6.44 -13.30 9.74
CA ASN A 113 -7.11 -14.49 10.34
C ASN A 113 -7.97 -14.05 11.52
C1 CHR B . -3.54 7.72 -4.03
C2 CHR B . -3.94 8.61 -2.98
C3 CHR B . -4.52 9.22 -2.15
C4 CHR B . -5.51 9.81 -1.22
O2 CHR B . -6.03 8.98 -0.13
C5 CHR B . -6.83 9.05 -1.35
C6 CHR B . -6.69 7.95 -2.34
C7 CHR B . -6.34 7.15 -3.16
C8 CHR B . -5.65 6.33 -4.13
C9 CHR B . -4.45 6.72 -4.60
C10 CHR B . -3.82 6.14 -5.84
O1 CHR B . -4.41 6.70 -7.01
C11 CHR B . -2.35 6.57 -5.70
O6 CHR B . -1.59 5.46 -5.27
C12 CHR B . -2.37 7.65 -4.66
C13 CHR B . -4.25 6.04 -8.27
O3 CHR B . -5.06 4.87 -8.29
C14 CHR B . -4.69 6.98 -9.39
N1 CHR B . -3.93 8.27 -9.29
C19 CHR B . -2.78 8.53 -10.20
C15 CHR B . -6.19 7.25 -9.28
O4 CHR B . -6.60 8.10 -10.34
C16 CHR B . -6.94 5.93 -9.37
O5 CHR B . -6.69 5.32 -10.63
C17 CHR B . -6.47 4.99 -8.25
C18 CHR B . -7.09 3.60 -8.45
C20 CHR B . -1.29 4.68 -6.29
O7 CHR B . -0.94 5.14 -7.36
C21 CHR B . -1.43 3.24 -6.07
C22 CHR B . -1.91 2.43 -7.10
O9 CHR B . -2.17 2.98 -8.35
C23 CHR B . -2.13 1.07 -6.89
C24 CHR B . -1.88 0.51 -5.63
C25 CHR B . -1.40 1.31 -4.59
C26 CHR B . -1.18 2.68 -4.81
C27 CHR B . -0.68 3.47 -3.76
C28 CHR B . -0.43 2.90 -2.50
O8 CHR B . 0.05 3.69 -1.46
C31 CHR B . -0.42 5.03 -1.43
C29 CHR B . -0.66 1.54 -2.30
C30 CHR B . -1.15 0.74 -3.34
C32 CHR B . -1.42 -0.74 -3.11
C33 CHR B . -5.55 11.31 -1.06
O10 CHR B . -6.60 11.70 -0.20
C34 CHR B . -7.40 12.47 -0.93
O11 CHR B . -8.41 12.96 -0.45
O12 CHR B . -7.06 12.70 -2.19
C35 CHR B . -5.85 11.98 -2.40
H5 CHR B . -7.77 9.60 -1.33
H8 CHR B . -6.08 5.42 -4.47
H10 CHR B . -3.91 5.06 -5.85
H11 CHR B . -1.97 6.95 -6.64
H12 CHR B . -1.54 8.28 -4.44
H13 CHR B . -3.21 5.77 -8.40
H14 CHR B . -4.47 6.52 -10.35
H191 CHR B . -3.15 8.93 -11.14
H192 CHR B . -2.25 7.62 -10.37
H193 CHR B . -2.12 9.26 -9.73
H15 CHR B . -6.39 7.72 -8.33
HO4 CHR B . -7.55 8.19 -10.29
H16 CHR B . -8.00 6.11 -9.25
HO5 CHR B . -7.55 5.19 -11.06
H17 CHR B . -6.78 5.39 -7.29
H181 CHR B . -7.47 3.52 -9.46
H182 CHR B . -7.92 3.47 -7.76
H183 CHR B . -6.35 2.85 -8.27
HO9 CHR B . -1.64 2.53 -9.02
H23 CHR B . -2.49 0.44 -7.69
H24 CHR B . -2.06 -0.55 -5.47
H27 CHR B . -0.48 4.52 -3.91
H311 CHR B . -0.08 5.49 -0.51
H312 CHR B . -0.02 5.56 -2.27
H313 CHR B . -1.49 5.03 -1.46
H29 CHR B . -0.47 1.09 -1.33
H321 CHR B . -1.21 -0.98 -2.08
H322 CHR B . -0.79 -1.32 -3.77
H323 CHR B . -2.46 -0.95 -3.33
H33 CHR B . -4.60 11.67 -0.68
H351 CHR B . -5.98 11.24 -3.17
H352 CHR B . -5.06 12.66 -2.67
N ALA A 1 18.92 -4.31 -12.81
CA ALA A 1 18.02 -4.69 -11.69
C ALA A 1 16.57 -4.43 -12.09
N ALA A 2 15.67 -5.28 -11.69
CA ALA A 2 14.24 -5.08 -12.06
C ALA A 2 13.45 -4.69 -10.80
N PRO A 3 12.41 -3.90 -11.01
CA PRO A 3 11.55 -3.43 -9.92
C PRO A 3 10.90 -4.61 -9.20
N THR A 4 10.49 -4.40 -7.99
CA THR A 4 9.84 -5.47 -7.21
C THR A 4 9.48 -4.91 -5.82
N ALA A 5 9.08 -5.73 -4.91
CA ALA A 5 8.71 -5.21 -3.57
C ALA A 5 8.57 -6.34 -2.58
N THR A 6 9.21 -6.19 -1.46
CA THR A 6 9.12 -7.24 -0.42
C THR A 6 8.37 -6.69 0.78
N VAL A 7 7.20 -7.19 0.92
CA VAL A 7 6.32 -6.76 2.05
C VAL A 7 6.03 -7.94 2.97
N THR A 8 5.99 -7.72 4.26
CA THR A 8 5.73 -8.83 5.22
C THR A 8 5.70 -8.26 6.64
N PRO A 9 4.94 -8.88 7.50
CA PRO A 9 4.13 -10.05 7.16
C PRO A 9 2.90 -9.61 6.37
N SER A 10 2.39 -10.48 5.54
CA SER A 10 1.20 -10.15 4.73
C SER A 10 -0.06 -10.56 5.49
N SER A 11 0.07 -11.51 6.38
CA SER A 11 -1.10 -11.97 7.17
C SER A 11 -0.70 -12.15 8.64
N GLY A 12 -1.66 -12.24 9.52
CA GLY A 12 -1.32 -12.41 10.97
C GLY A 12 -0.88 -11.06 11.52
N LEU A 13 -1.52 -10.01 11.08
CA LEU A 13 -1.17 -8.65 11.51
C LEU A 13 -2.00 -8.25 12.70
N SER A 14 -3.21 -8.57 12.59
CA SER A 14 -4.19 -8.25 13.65
C SER A 14 -4.38 -6.73 13.74
N ASP A 15 -5.58 -6.34 14.04
CA ASP A 15 -5.91 -4.89 14.13
C ASP A 15 -4.93 -4.15 15.03
N GLY A 16 -4.06 -3.37 14.45
CA GLY A 16 -3.11 -2.59 15.28
C GLY A 16 -1.65 -3.01 15.09
N THR A 17 -1.29 -3.78 14.09
CA THR A 17 0.13 -4.12 13.98
C THR A 17 0.77 -3.32 12.87
N VAL A 18 1.98 -3.64 12.58
CA VAL A 18 2.72 -2.91 11.52
C VAL A 18 3.36 -3.89 10.53
N VAL A 19 3.29 -3.57 9.27
CA VAL A 19 3.91 -4.47 8.25
C VAL A 19 5.08 -3.75 7.60
N LYS A 20 6.04 -4.47 7.09
CA LYS A 20 7.20 -3.81 6.45
C LYS A 20 7.11 -4.02 4.94
N VAL A 21 6.83 -2.98 4.21
CA VAL A 21 6.74 -3.11 2.72
C VAL A 21 8.01 -2.53 2.11
N ALA A 22 8.53 -3.15 1.08
CA ALA A 22 9.76 -2.59 0.47
C ALA A 22 9.63 -2.61 -1.05
N GLY A 23 10.43 -1.81 -1.69
CA GLY A 23 10.42 -1.75 -3.16
C GLY A 23 11.85 -1.85 -3.65
N ALA A 24 12.09 -2.49 -4.75
CA ALA A 24 13.49 -2.57 -5.24
C ALA A 24 13.47 -2.57 -6.79
N GLY A 25 14.17 -1.66 -7.41
CA GLY A 25 14.17 -1.65 -8.91
C GLY A 25 13.01 -0.78 -9.40
N LEU A 26 12.61 0.20 -8.63
CA LEU A 26 11.49 1.06 -9.08
C LEU A 26 12.06 2.19 -9.93
N GLN A 27 11.22 3.02 -10.50
CA GLN A 27 11.74 4.13 -11.33
C GLN A 27 12.89 4.81 -10.62
N ALA A 28 14.07 4.43 -10.98
CA ALA A 28 15.29 4.99 -10.35
C ALA A 28 15.31 6.51 -10.48
N GLY A 29 14.53 7.19 -9.70
CA GLY A 29 14.52 8.68 -9.76
C GLY A 29 13.08 9.18 -9.74
N THR A 30 12.20 8.51 -9.04
CA THR A 30 10.80 8.98 -9.01
C THR A 30 10.13 8.66 -7.67
N ALA A 31 9.80 9.68 -6.95
CA ALA A 31 9.10 9.53 -5.63
C ALA A 31 7.98 8.48 -5.75
N TYR A 32 7.99 7.52 -4.87
CA TYR A 32 6.93 6.47 -4.90
C TYR A 32 6.16 6.51 -3.57
N ASP A 33 4.89 6.17 -3.57
CA ASP A 33 4.13 6.18 -2.29
C ASP A 33 4.06 4.75 -1.78
N VAL A 34 3.73 4.54 -0.54
CA VAL A 34 3.71 3.16 0.00
C VAL A 34 2.64 3.03 1.11
N GLY A 35 1.59 2.25 0.92
CA GLY A 35 0.57 2.16 2.01
C GLY A 35 -0.41 1.00 1.78
N GLN A 36 -1.39 0.89 2.63
CA GLN A 36 -2.40 -0.18 2.54
C GLN A 36 -3.67 0.38 1.89
N CYS A 37 -3.94 -0.01 0.68
CA CYS A 37 -5.15 0.49 -0.01
C CYS A 37 -5.94 -0.69 -0.59
N ALA A 38 -7.23 -0.57 -0.67
CA ALA A 38 -8.06 -1.69 -1.22
C ALA A 38 -8.93 -1.22 -2.40
N TRP A 39 -9.04 -2.01 -3.44
CA TRP A 39 -9.91 -1.61 -4.58
C TRP A 39 -11.29 -2.25 -4.37
N VAL A 40 -12.30 -1.47 -4.16
CA VAL A 40 -13.65 -2.04 -3.93
C VAL A 40 -14.53 -1.87 -5.16
N ASP A 41 -13.95 -1.56 -6.29
CA ASP A 41 -14.79 -1.40 -7.51
C ASP A 41 -13.92 -0.92 -8.68
N THR A 42 -14.53 -0.64 -9.80
CA THR A 42 -13.76 -0.18 -10.98
C THR A 42 -13.26 1.24 -10.76
N GLY A 43 -12.04 1.39 -10.33
CA GLY A 43 -11.48 2.75 -10.10
C GLY A 43 -11.85 3.28 -8.71
N VAL A 44 -12.07 2.42 -7.74
CA VAL A 44 -12.40 2.91 -6.38
C VAL A 44 -11.25 2.47 -5.44
N LEU A 45 -10.39 3.38 -5.02
CA LEU A 45 -9.26 2.96 -4.16
C LEU A 45 -9.38 3.62 -2.77
N ALA A 46 -9.78 2.87 -1.76
CA ALA A 46 -9.89 3.47 -0.41
C ALA A 46 -8.62 3.10 0.37
N CYS A 47 -7.76 4.05 0.64
CA CYS A 47 -6.50 3.72 1.36
C CYS A 47 -6.56 4.25 2.80
N ASN A 48 -5.70 3.78 3.65
CA ASN A 48 -5.71 4.25 5.08
C ASN A 48 -4.48 5.13 5.33
N PRO A 49 -4.69 6.31 5.89
CA PRO A 49 -3.60 7.25 6.19
C PRO A 49 -2.69 6.77 7.34
N ALA A 50 -2.70 5.49 7.67
CA ALA A 50 -1.82 5.01 8.77
C ALA A 50 -0.69 4.18 8.18
N ASP A 51 -0.63 4.12 6.88
CA ASP A 51 0.44 3.35 6.20
C ASP A 51 0.91 4.17 5.01
N PHE A 52 0.60 5.43 5.01
CA PHE A 52 0.99 6.30 3.86
C PHE A 52 2.44 6.76 4.01
N SER A 53 3.37 6.02 3.47
CA SER A 53 4.79 6.45 3.54
C SER A 53 5.22 6.86 2.13
N SER A 54 6.48 7.11 1.89
CA SER A 54 6.87 7.52 0.52
C SER A 54 8.38 7.80 0.44
N VAL A 55 9.00 7.30 -0.60
CA VAL A 55 10.45 7.54 -0.82
C VAL A 55 10.67 7.52 -2.34
N THR A 56 11.74 8.10 -2.82
CA THR A 56 11.96 8.07 -4.29
C THR A 56 12.90 6.95 -4.66
N ALA A 57 12.68 6.35 -5.80
CA ALA A 57 13.58 5.26 -6.23
C ALA A 57 14.97 5.83 -6.54
N ASP A 58 15.89 5.52 -5.70
CA ASP A 58 17.30 6.01 -5.88
C ASP A 58 17.90 5.43 -7.18
N ALA A 59 19.14 5.02 -7.13
CA ALA A 59 19.81 4.47 -8.36
C ALA A 59 18.98 3.35 -8.95
N ASN A 60 18.61 2.41 -8.16
CA ASN A 60 17.77 1.29 -8.64
C ASN A 60 16.34 1.62 -8.24
N GLY A 61 16.21 2.20 -7.09
CA GLY A 61 14.89 2.62 -6.57
C GLY A 61 14.44 1.69 -5.46
N SER A 62 15.13 1.69 -4.36
CA SER A 62 14.73 0.81 -3.22
C SER A 62 13.95 1.63 -2.22
N ALA A 63 12.85 1.10 -1.78
CA ALA A 63 12.03 1.86 -0.79
C ALA A 63 11.51 0.90 0.28
N SER A 64 12.02 0.98 1.47
CA SER A 64 11.55 0.06 2.54
C SER A 64 11.08 0.87 3.75
N THR A 65 9.85 0.71 4.12
CA THR A 65 9.31 1.46 5.29
C THR A 65 8.25 0.61 5.99
N SER A 66 8.15 0.72 7.29
CA SER A 66 7.14 -0.08 8.03
C SER A 66 5.93 0.80 8.34
N LEU A 67 4.75 0.27 8.21
CA LEU A 67 3.53 1.07 8.49
C LEU A 67 2.52 0.21 9.26
N THR A 68 1.52 0.83 9.84
CA THR A 68 0.51 0.04 10.61
C THR A 68 -0.71 -0.24 9.71
N VAL A 69 -1.11 -1.49 9.57
CA VAL A 69 -2.27 -1.80 8.69
C VAL A 69 -3.17 -2.83 9.37
N ARG A 70 -4.48 -2.74 9.20
CA ARG A 70 -5.36 -3.74 9.88
C ARG A 70 -6.63 -4.00 9.05
N ARG A 71 -7.52 -4.78 9.58
CA ARG A 71 -8.79 -5.11 8.88
C ARG A 71 -9.47 -3.81 8.46
N SER A 72 -10.49 -3.38 9.16
CA SER A 72 -11.16 -2.11 8.77
C SER A 72 -10.12 -1.01 8.75
N PHE A 73 -10.19 -0.13 7.80
CA PHE A 73 -9.18 0.92 7.73
C PHE A 73 -9.68 2.06 6.87
N GLU A 74 -9.46 3.28 7.30
CA GLU A 74 -9.94 4.47 6.54
C GLU A 74 -9.86 4.20 5.04
N GLY A 75 -10.96 4.31 4.36
CA GLY A 75 -10.99 4.05 2.89
C GLY A 75 -10.84 5.36 2.10
N PHE A 76 -9.86 6.17 2.40
CA PHE A 76 -9.67 7.46 1.65
C PHE A 76 -9.96 7.24 0.16
N LEU A 77 -10.99 7.88 -0.37
CA LEU A 77 -11.32 7.70 -1.83
C LEU A 77 -10.50 8.71 -2.67
N PHE A 78 -9.77 8.25 -3.67
CA PHE A 78 -8.97 9.21 -4.51
C PHE A 78 -9.90 10.15 -5.27
N ASP A 79 -10.72 10.89 -4.56
CA ASP A 79 -11.64 11.84 -5.25
C ASP A 79 -12.11 12.91 -4.28
N GLY A 80 -11.40 13.10 -3.20
CA GLY A 80 -11.81 14.13 -2.20
C GLY A 80 -12.81 13.54 -1.21
N THR A 81 -13.58 12.56 -1.63
CA THR A 81 -14.58 11.96 -0.71
C THR A 81 -13.99 10.73 -0.01
N ARG A 82 -14.59 10.34 1.07
CA ARG A 82 -14.10 9.16 1.83
C ARG A 82 -15.10 8.00 1.63
N TRP A 83 -14.62 6.80 1.43
CA TRP A 83 -15.55 5.66 1.18
C TRP A 83 -16.06 5.09 2.52
N GLY A 84 -15.40 5.38 3.60
CA GLY A 84 -15.83 4.86 4.92
C GLY A 84 -14.79 3.86 5.41
N THR A 85 -14.96 3.35 6.60
CA THR A 85 -13.99 2.36 7.11
C THR A 85 -14.09 1.10 6.23
N VAL A 86 -13.13 0.91 5.38
CA VAL A 86 -13.16 -0.27 4.48
C VAL A 86 -12.77 -1.52 5.27
N ASP A 87 -13.73 -2.36 5.57
CA ASP A 87 -13.43 -3.60 6.34
C ASP A 87 -12.53 -4.53 5.53
N CYS A 88 -11.29 -4.71 5.93
CA CYS A 88 -10.42 -5.64 5.13
C CYS A 88 -11.00 -7.07 5.18
N THR A 89 -12.03 -7.30 5.95
CA THR A 89 -12.61 -8.67 6.00
C THR A 89 -13.64 -8.83 4.88
N THR A 90 -13.84 -7.80 4.11
CA THR A 90 -14.82 -7.89 2.98
C THR A 90 -14.07 -7.80 1.66
N ALA A 91 -13.23 -6.83 1.52
CA ALA A 91 -12.45 -6.68 0.26
C ALA A 91 -11.01 -7.13 0.49
N ALA A 92 -10.18 -7.05 -0.52
CA ALA A 92 -8.77 -7.47 -0.37
C ALA A 92 -7.88 -6.22 -0.29
N CYS A 93 -7.22 -6.00 0.83
CA CYS A 93 -6.36 -4.78 0.94
C CYS A 93 -4.91 -5.16 0.63
N GLN A 94 -4.33 -4.53 -0.35
CA GLN A 94 -2.94 -4.84 -0.72
C GLN A 94 -1.99 -3.79 -0.21
N VAL A 95 -0.82 -4.22 0.14
CA VAL A 95 0.22 -3.28 0.61
C VAL A 95 1.18 -3.10 -0.54
N GLY A 96 1.19 -1.95 -1.15
CA GLY A 96 2.10 -1.79 -2.32
C GLY A 96 2.62 -0.35 -2.43
N LEU A 97 3.31 -0.08 -3.50
CA LEU A 97 3.88 1.27 -3.71
C LEU A 97 3.18 1.92 -4.91
N SER A 98 3.57 3.11 -5.25
CA SER A 98 2.91 3.80 -6.39
C SER A 98 3.62 5.14 -6.65
N ASP A 99 3.30 5.79 -7.73
CA ASP A 99 3.95 7.10 -8.03
C ASP A 99 2.88 8.18 -8.17
N ALA A 100 3.17 9.28 -8.81
CA ALA A 100 2.14 10.35 -8.96
C ALA A 100 1.81 10.53 -10.44
N ALA A 101 1.82 9.47 -11.19
CA ALA A 101 1.53 9.59 -12.65
C ALA A 101 0.22 8.86 -12.98
N GLY A 102 -0.09 7.79 -12.29
CA GLY A 102 -1.34 7.06 -12.58
C GLY A 102 -1.25 5.70 -11.92
N ASN A 103 -0.06 5.13 -11.89
CA ASN A 103 0.11 3.82 -11.25
C ASN A 103 1.58 3.58 -10.97
N GLY A 104 1.88 2.44 -10.44
CA GLY A 104 3.29 2.09 -10.10
C GLY A 104 3.36 0.57 -9.85
N PRO A 105 4.41 0.07 -9.20
CA PRO A 105 4.51 -1.37 -8.92
C PRO A 105 3.17 -1.89 -8.37
N GLU A 106 3.09 -3.18 -8.12
CA GLU A 106 1.81 -3.75 -7.60
C GLU A 106 1.81 -3.77 -6.07
N GLY A 107 0.79 -4.33 -5.48
CA GLY A 107 0.72 -4.39 -4.00
C GLY A 107 0.63 -5.85 -3.54
N VAL A 108 0.88 -6.11 -2.29
CA VAL A 108 0.84 -7.47 -1.77
C VAL A 108 -0.48 -7.68 -1.02
N ALA A 109 -1.16 -8.72 -1.35
CA ALA A 109 -2.46 -9.02 -0.68
C ALA A 109 -2.20 -9.53 0.74
N ILE A 110 -2.76 -8.87 1.72
CA ILE A 110 -2.53 -9.31 3.12
C ILE A 110 -3.71 -10.18 3.56
N SER A 111 -3.57 -10.86 4.67
CA SER A 111 -4.69 -11.72 5.16
C SER A 111 -4.89 -11.50 6.66
N PHE A 112 -6.08 -11.73 7.15
CA PHE A 112 -6.33 -11.52 8.60
C PHE A 112 -6.85 -12.83 9.22
N ASN A 113 -6.13 -13.39 10.15
CA ASN A 113 -6.57 -14.65 10.79
C ASN A 113 -8.06 -14.56 11.12
C1 CHR B . -3.54 7.76 -4.06
C2 CHR B . -3.95 8.65 -3.01
C3 CHR B . -4.54 9.26 -2.19
C4 CHR B . -5.54 9.82 -1.26
O2 CHR B . -6.06 8.99 -0.19
C5 CHR B . -6.85 9.06 -1.41
C6 CHR B . -6.71 7.97 -2.41
C7 CHR B . -6.35 7.19 -3.23
C8 CHR B . -5.65 6.40 -4.23
C9 CHR B . -4.43 6.78 -4.66
C10 CHR B . -3.79 6.19 -5.90
O1 CHR B . -4.35 6.75 -7.08
C11 CHR B . -2.32 6.61 -5.73
O6 CHR B . -1.56 5.51 -5.30
C12 CHR B . -2.35 7.68 -4.67
C13 CHR B . -4.16 6.09 -8.33
O3 CHR B . -5.03 4.96 -8.38
C14 CHR B . -4.52 7.04 -9.47
N1 CHR B . -3.72 8.28 -9.34
C19 CHR B . -2.37 8.38 -9.98
C15 CHR B . -6.01 7.38 -9.41
O4 CHR B . -6.35 8.24 -10.48
C16 CHR B . -6.83 6.09 -9.51
O5 CHR B . -6.57 5.47 -10.76
C17 CHR B . -6.43 5.14 -8.39
C18 CHR B . -7.11 3.78 -8.59
C20 CHR B . -1.25 4.75 -6.34
O7 CHR B . -0.87 5.23 -7.40
C21 CHR B . -1.41 3.30 -6.16
C22 CHR B . -1.88 2.52 -7.23
O9 CHR B . -2.12 3.11 -8.46
C23 CHR B . -2.11 1.15 -7.05
C24 CHR B . -1.88 0.56 -5.80
C25 CHR B . -1.40 1.33 -4.73
C26 CHR B . -1.16 2.70 -4.90
C27 CHR B . -0.67 3.47 -3.83
C28 CHR B . -0.44 2.86 -2.59
O8 CHR B . 0.04 3.61 -1.53
C31 CHR B . -0.32 4.99 -1.53
C29 CHR B . -0.69 1.49 -2.42
C30 CHR B . -1.17 0.73 -3.49
C32 CHR B . -1.45 -0.75 -3.30
C33 CHR B . -5.58 11.33 -1.08
O10 CHR B . -6.68 11.70 -0.27
C34 CHR B . -7.44 12.48 -1.02
O11 CHR B . -8.47 12.96 -0.58
O12 CHR B . -7.04 12.72 -2.26
C35 CHR B . -5.83 12.01 -2.42
H5 CHR B . -7.80 9.61 -1.38
H8 CHR B . -6.10 5.50 -4.61
H10 CHR B . -3.88 5.12 -5.91
H11 CHR B . -1.93 7.02 -6.66
H12 CHR B . -1.52 8.30 -4.41
H13 CHR B . -3.14 5.77 -8.43
H14 CHR B . -4.30 6.56 -10.41
H191 CHR B . -2.45 8.94 -10.90
H192 CHR B . -2.01 7.39 -10.20
H193 CHR B . -1.68 8.87 -9.31
H15 CHR B . -6.23 7.86 -8.47
HO4 CHR B . -7.30 8.23 -10.58
H16 CHR B . -7.88 6.33 -9.43
HO5 CHR B . -5.63 5.31 -10.83
H17 CHR B . -6.75 5.55 -7.43
H181 CHR B . -7.56 3.76 -9.58
H182 CHR B . -6.38 2.99 -8.51
H183 CHR B . -7.89 3.65 -7.84
HO9 CHR B . -1.52 3.85 -8.58
H23 CHR B . -2.47 0.56 -7.87
H24 CHR B . -2.07 -0.50 -5.66
H27 CHR B . -0.45 4.51 -3.97
H311 CHR B . 0.06 5.46 -0.63
H312 CHR B . -1.40 5.08 -1.55
H313 CHR B . 0.10 5.48 -2.40
H29 CHR B . -0.52 1.03 -1.46
H321 CHR B . -2.45 -0.97 -3.63
H322 CHR B . -0.74 -1.32 -3.88
H323 CHR B . -1.35 -1.00 -2.25
H33 CHR B . -4.66 11.69 -0.65
H351 CHR B . -5.03 12.70 -2.65
H352 CHR B . -5.93 11.27 -3.21
N ALA A 1 18.30 -6.44 -13.32
CA ALA A 1 17.58 -6.04 -12.08
C ALA A 1 16.33 -5.24 -12.45
N ALA A 2 15.17 -5.71 -12.06
CA ALA A 2 13.92 -4.97 -12.39
C ALA A 2 13.19 -4.60 -11.10
N PRO A 3 12.20 -3.75 -11.24
CA PRO A 3 11.40 -3.28 -10.10
C PRO A 3 10.72 -4.45 -9.40
N THR A 4 10.35 -4.27 -8.17
CA THR A 4 9.66 -5.34 -7.40
C THR A 4 9.36 -4.82 -6.00
N ALA A 5 8.94 -5.66 -5.11
CA ALA A 5 8.62 -5.16 -3.74
C ALA A 5 8.46 -6.31 -2.77
N THR A 6 9.12 -6.19 -1.66
CA THR A 6 9.04 -7.25 -0.64
C THR A 6 8.30 -6.71 0.57
N VAL A 7 7.12 -7.19 0.72
CA VAL A 7 6.25 -6.77 1.86
C VAL A 7 5.98 -7.96 2.79
N THR A 8 5.99 -7.72 4.08
CA THR A 8 5.73 -8.82 5.05
C THR A 8 5.70 -8.22 6.47
N PRO A 9 4.93 -8.84 7.33
CA PRO A 9 4.13 -10.03 7.00
C PRO A 9 2.89 -9.60 6.24
N SER A 10 2.37 -10.45 5.42
CA SER A 10 1.15 -10.11 4.63
C SER A 10 -0.09 -10.51 5.45
N SER A 11 0.05 -11.48 6.30
CA SER A 11 -1.10 -11.93 7.13
C SER A 11 -0.66 -12.10 8.59
N GLY A 12 -1.59 -12.17 9.50
CA GLY A 12 -1.22 -12.35 10.94
C GLY A 12 -0.77 -11.00 11.50
N LEU A 13 -1.42 -9.97 11.07
CA LEU A 13 -1.06 -8.60 11.51
C LEU A 13 -1.89 -8.20 12.69
N SER A 14 -3.11 -8.53 12.58
CA SER A 14 -4.08 -8.21 13.64
C SER A 14 -4.28 -6.70 13.74
N ASP A 15 -5.48 -6.29 14.04
CA ASP A 15 -5.80 -4.84 14.14
C ASP A 15 -4.82 -4.13 15.03
N GLY A 16 -3.94 -3.35 14.46
CA GLY A 16 -3.00 -2.56 15.29
C GLY A 16 -1.53 -2.98 15.09
N THR A 17 -1.18 -3.74 14.08
CA THR A 17 0.25 -4.07 13.96
C THR A 17 0.87 -3.27 12.83
N VAL A 18 2.07 -3.59 12.54
CA VAL A 18 2.81 -2.87 11.47
C VAL A 18 3.37 -3.84 10.43
N VAL A 19 3.23 -3.53 9.18
CA VAL A 19 3.78 -4.41 8.12
C VAL A 19 4.98 -3.71 7.47
N LYS A 20 5.86 -4.45 6.88
CA LYS A 20 7.04 -3.81 6.25
C LYS A 20 6.97 -4.03 4.73
N VAL A 21 6.71 -2.98 4.00
CA VAL A 21 6.63 -3.11 2.52
C VAL A 21 7.90 -2.54 1.91
N ALA A 22 8.44 -3.16 0.90
CA ALA A 22 9.68 -2.60 0.31
C ALA A 22 9.57 -2.61 -1.21
N GLY A 23 10.38 -1.82 -1.85
CA GLY A 23 10.37 -1.75 -3.31
C GLY A 23 11.80 -1.86 -3.80
N ALA A 24 12.03 -2.48 -4.91
CA ALA A 24 13.43 -2.58 -5.41
C ALA A 24 13.40 -2.56 -6.95
N GLY A 25 14.12 -1.65 -7.57
CA GLY A 25 14.09 -1.62 -9.06
C GLY A 25 12.97 -0.69 -9.53
N LEU A 26 12.59 0.28 -8.74
CA LEU A 26 11.50 1.18 -9.17
C LEU A 26 12.12 2.32 -9.98
N GLN A 27 11.32 3.19 -10.54
CA GLN A 27 11.88 4.31 -11.33
C GLN A 27 13.02 4.94 -10.57
N ALA A 28 14.21 4.53 -10.90
CA ALA A 28 15.43 5.05 -10.24
C ALA A 28 15.48 6.59 -10.33
N GLY A 29 14.70 7.25 -9.53
CA GLY A 29 14.71 8.74 -9.56
C GLY A 29 13.28 9.27 -9.57
N THR A 30 12.38 8.59 -8.92
CA THR A 30 10.98 9.08 -8.91
C THR A 30 10.27 8.74 -7.58
N ALA A 31 9.93 9.75 -6.85
CA ALA A 31 9.22 9.58 -5.56
C ALA A 31 8.12 8.52 -5.70
N TYR A 32 8.08 7.58 -4.81
CA TYR A 32 7.04 6.52 -4.85
C TYR A 32 6.22 6.59 -3.56
N ASP A 33 4.97 6.20 -3.58
CA ASP A 33 4.17 6.23 -2.32
C ASP A 33 4.07 4.80 -1.79
N VAL A 34 3.79 4.63 -0.53
CA VAL A 34 3.74 3.26 0.05
C VAL A 34 2.61 3.18 1.11
N GLY A 35 1.59 2.35 0.92
CA GLY A 35 0.52 2.30 1.97
C GLY A 35 -0.42 1.11 1.75
N GLN A 36 -1.40 1.01 2.61
CA GLN A 36 -2.40 -0.08 2.55
C GLN A 36 -3.67 0.46 1.89
N CYS A 37 -3.94 0.05 0.69
CA CYS A 37 -5.16 0.53 0.00
C CYS A 37 -5.94 -0.67 -0.57
N ALA A 38 -7.24 -0.57 -0.62
CA ALA A 38 -8.06 -1.70 -1.14
C ALA A 38 -8.91 -1.26 -2.34
N TRP A 39 -9.01 -2.08 -3.37
CA TRP A 39 -9.85 -1.70 -4.54
C TRP A 39 -11.22 -2.36 -4.34
N VAL A 40 -12.25 -1.57 -4.17
CA VAL A 40 -13.60 -2.16 -3.95
C VAL A 40 -14.47 -2.00 -5.19
N ASP A 41 -13.89 -1.70 -6.32
CA ASP A 41 -14.71 -1.56 -7.55
C ASP A 41 -13.84 -1.06 -8.71
N THR A 42 -14.44 -0.80 -9.84
CA THR A 42 -13.67 -0.32 -11.02
C THR A 42 -13.17 1.10 -10.78
N GLY A 43 -11.95 1.24 -10.35
CA GLY A 43 -11.38 2.60 -10.12
C GLY A 43 -11.76 3.13 -8.73
N VAL A 44 -11.99 2.28 -7.76
CA VAL A 44 -12.33 2.77 -6.41
C VAL A 44 -11.18 2.34 -5.47
N LEU A 45 -10.32 3.25 -5.05
CA LEU A 45 -9.19 2.84 -4.18
C LEU A 45 -9.32 3.52 -2.80
N ALA A 46 -9.72 2.79 -1.78
CA ALA A 46 -9.84 3.41 -0.43
C ALA A 46 -8.57 3.08 0.36
N CYS A 47 -7.72 4.04 0.61
CA CYS A 47 -6.47 3.75 1.37
C CYS A 47 -6.58 4.29 2.79
N ASN A 48 -5.73 3.84 3.69
CA ASN A 48 -5.81 4.33 5.11
C ASN A 48 -4.63 5.27 5.40
N PRO A 49 -4.90 6.32 6.15
CA PRO A 49 -3.88 7.32 6.51
C PRO A 49 -2.94 6.80 7.63
N ALA A 50 -2.74 5.51 7.74
CA ALA A 50 -1.84 5.00 8.81
C ALA A 50 -0.70 4.21 8.18
N ASP A 51 -0.65 4.17 6.88
CA ASP A 51 0.44 3.42 6.20
C ASP A 51 0.89 4.28 5.02
N PHE A 52 0.53 5.53 5.01
CA PHE A 52 0.90 6.40 3.88
C PHE A 52 2.35 6.90 4.03
N SER A 53 3.29 6.19 3.47
CA SER A 53 4.71 6.63 3.55
C SER A 53 5.17 7.01 2.15
N SER A 54 6.43 7.22 1.92
CA SER A 54 6.86 7.61 0.56
C SER A 54 8.38 7.83 0.49
N VAL A 55 8.99 7.31 -0.52
CA VAL A 55 10.46 7.49 -0.73
C VAL A 55 10.72 7.48 -2.24
N THR A 56 11.79 8.05 -2.70
CA THR A 56 12.02 8.05 -4.17
C THR A 56 12.95 6.91 -4.55
N ALA A 57 12.74 6.36 -5.70
CA ALA A 57 13.62 5.26 -6.15
C ALA A 57 15.03 5.80 -6.41
N ASP A 58 15.92 5.44 -5.55
CA ASP A 58 17.34 5.89 -5.66
C ASP A 58 17.98 5.36 -6.95
N ALA A 59 19.22 4.92 -6.88
CA ALA A 59 19.93 4.42 -8.09
C ALA A 59 19.08 3.39 -8.83
N ASN A 60 18.61 2.42 -8.13
CA ASN A 60 17.74 1.39 -8.77
C ASN A 60 16.32 1.70 -8.34
N GLY A 61 16.20 2.21 -7.15
CA GLY A 61 14.89 2.61 -6.61
C GLY A 61 14.45 1.62 -5.52
N SER A 62 15.17 1.57 -4.44
CA SER A 62 14.78 0.65 -3.33
C SER A 62 14.06 1.46 -2.27
N ALA A 63 12.91 1.00 -1.86
CA ALA A 63 12.14 1.76 -0.83
C ALA A 63 11.56 0.79 0.19
N SER A 64 12.09 0.77 1.39
CA SER A 64 11.55 -0.14 2.43
C SER A 64 11.10 0.66 3.63
N THR A 65 9.84 0.57 3.97
CA THR A 65 9.31 1.33 5.13
C THR A 65 8.23 0.51 5.83
N SER A 66 8.18 0.57 7.13
CA SER A 66 7.13 -0.20 7.87
C SER A 66 5.99 0.73 8.25
N LEU A 67 4.78 0.24 8.16
CA LEU A 67 3.60 1.09 8.49
C LEU A 67 2.58 0.26 9.27
N THR A 68 1.58 0.89 9.84
CA THR A 68 0.56 0.12 10.61
C THR A 68 -0.65 -0.15 9.72
N VAL A 69 -1.05 -1.40 9.57
CA VAL A 69 -2.22 -1.70 8.69
C VAL A 69 -3.12 -2.74 9.37
N ARG A 70 -4.42 -2.63 9.23
CA ARG A 70 -5.30 -3.64 9.89
C ARG A 70 -6.57 -3.88 9.07
N ARG A 71 -7.46 -4.68 9.61
CA ARG A 71 -8.73 -5.00 8.91
C ARG A 71 -9.42 -3.69 8.49
N SER A 72 -10.41 -3.25 9.20
CA SER A 72 -11.10 -1.99 8.82
C SER A 72 -10.07 -0.89 8.76
N PHE A 73 -10.19 -0.02 7.82
CA PHE A 73 -9.18 1.05 7.71
C PHE A 73 -9.71 2.18 6.82
N GLU A 74 -9.53 3.40 7.25
CA GLU A 74 -10.05 4.57 6.48
C GLU A 74 -9.99 4.29 4.98
N GLY A 75 -11.10 4.38 4.31
CA GLY A 75 -11.13 4.10 2.84
C GLY A 75 -10.93 5.40 2.04
N PHE A 76 -9.93 6.20 2.36
CA PHE A 76 -9.70 7.47 1.58
C PHE A 76 -9.98 7.24 0.09
N LEU A 77 -10.99 7.87 -0.47
CA LEU A 77 -11.29 7.68 -1.92
C LEU A 77 -10.45 8.65 -2.76
N PHE A 78 -9.71 8.16 -3.74
CA PHE A 78 -8.87 9.08 -4.58
C PHE A 78 -9.77 10.06 -5.36
N ASP A 79 -10.57 10.83 -4.68
CA ASP A 79 -11.46 11.80 -5.39
C ASP A 79 -11.95 12.87 -4.42
N GLY A 80 -11.27 13.05 -3.32
CA GLY A 80 -11.70 14.09 -2.33
C GLY A 80 -12.75 13.50 -1.39
N THR A 81 -13.50 12.53 -1.83
CA THR A 81 -14.55 11.94 -0.95
C THR A 81 -13.98 10.72 -0.21
N ARG A 82 -14.63 10.35 0.86
CA ARG A 82 -14.17 9.18 1.65
C ARG A 82 -15.16 8.02 1.42
N TRP A 83 -14.67 6.82 1.22
CA TRP A 83 -15.59 5.67 0.98
C TRP A 83 -16.13 5.13 2.30
N GLY A 84 -15.48 5.42 3.39
CA GLY A 84 -15.94 4.92 4.70
C GLY A 84 -14.91 3.93 5.25
N THR A 85 -15.11 3.45 6.45
CA THR A 85 -14.13 2.48 7.01
C THR A 85 -14.20 1.21 6.17
N VAL A 86 -13.20 0.97 5.37
CA VAL A 86 -13.19 -0.22 4.50
C VAL A 86 -12.79 -1.45 5.32
N ASP A 87 -13.74 -2.31 5.63
CA ASP A 87 -13.43 -3.52 6.44
C ASP A 87 -12.53 -4.46 5.64
N CYS A 88 -11.29 -4.65 6.02
CA CYS A 88 -10.43 -5.59 5.24
C CYS A 88 -11.01 -7.02 5.30
N THR A 89 -12.03 -7.22 6.09
CA THR A 89 -12.63 -8.59 6.18
C THR A 89 -13.66 -8.76 5.07
N THR A 90 -13.85 -7.75 4.26
CA THR A 90 -14.83 -7.84 3.15
C THR A 90 -14.10 -7.79 1.82
N ALA A 91 -13.23 -6.83 1.66
CA ALA A 91 -12.46 -6.71 0.39
C ALA A 91 -11.02 -7.15 0.62
N ALA A 92 -10.21 -7.10 -0.41
CA ALA A 92 -8.78 -7.51 -0.26
C ALA A 92 -7.91 -6.25 -0.20
N CYS A 93 -7.24 -6.00 0.90
CA CYS A 93 -6.40 -4.77 0.99
C CYS A 93 -4.95 -5.13 0.67
N GLN A 94 -4.39 -4.50 -0.32
CA GLN A 94 -2.99 -4.81 -0.70
C GLN A 94 -2.04 -3.76 -0.18
N VAL A 95 -0.87 -4.20 0.16
CA VAL A 95 0.18 -3.27 0.62
C VAL A 95 1.14 -3.07 -0.53
N GLY A 96 1.16 -1.93 -1.13
CA GLY A 96 2.05 -1.76 -2.30
C GLY A 96 2.61 -0.35 -2.39
N LEU A 97 3.29 -0.06 -3.47
CA LEU A 97 3.89 1.27 -3.67
C LEU A 97 3.24 1.93 -4.88
N SER A 98 3.67 3.11 -5.22
CA SER A 98 3.06 3.81 -6.39
C SER A 98 3.88 5.07 -6.69
N ASP A 99 3.66 5.67 -7.84
CA ASP A 99 4.44 6.91 -8.17
C ASP A 99 3.57 8.14 -7.88
N ALA A 100 2.30 7.93 -7.69
CA ALA A 100 1.39 9.07 -7.41
C ALA A 100 1.12 9.84 -8.71
N ALA A 101 1.02 9.13 -9.79
CA ALA A 101 0.77 9.80 -11.10
C ALA A 101 -0.29 9.04 -11.90
N GLY A 102 -0.36 7.74 -11.79
CA GLY A 102 -1.38 6.97 -12.55
C GLY A 102 -1.24 5.51 -12.16
N ASN A 103 -0.04 5.03 -12.05
CA ASN A 103 0.17 3.63 -11.65
C ASN A 103 1.59 3.45 -11.11
N GLY A 104 1.92 2.27 -10.76
CA GLY A 104 3.28 1.98 -10.20
C GLY A 104 3.39 0.46 -9.95
N PRO A 105 4.41 0.03 -9.21
CA PRO A 105 4.56 -1.41 -8.93
C PRO A 105 3.23 -2.00 -8.44
N GLU A 106 3.22 -3.26 -8.10
CA GLU A 106 1.95 -3.89 -7.64
C GLU A 106 1.85 -3.86 -6.10
N GLY A 107 0.83 -4.44 -5.56
CA GLY A 107 0.67 -4.44 -4.07
C GLY A 107 0.62 -5.89 -3.57
N VAL A 108 0.85 -6.09 -2.30
CA VAL A 108 0.84 -7.43 -1.73
C VAL A 108 -0.49 -7.67 -1.00
N ALA A 109 -1.16 -8.70 -1.35
CA ALA A 109 -2.46 -9.01 -0.70
C ALA A 109 -2.21 -9.50 0.73
N ILE A 110 -2.74 -8.81 1.70
CA ILE A 110 -2.53 -9.23 3.11
C ILE A 110 -3.74 -10.03 3.59
N SER A 111 -3.63 -10.67 4.71
CA SER A 111 -4.78 -11.47 5.24
C SER A 111 -4.91 -11.25 6.74
N PHE A 112 -6.12 -11.36 7.27
CA PHE A 112 -6.30 -11.15 8.72
C PHE A 112 -7.02 -12.36 9.32
N ASN A 113 -6.30 -13.20 10.02
CA ASN A 113 -6.94 -14.40 10.63
C ASN A 113 -7.97 -13.96 11.69
C1 CHR B . -3.52 7.69 -4.15
C2 CHR B . -3.92 8.58 -3.10
C3 CHR B . -4.50 9.21 -2.27
C4 CHR B . -5.48 9.77 -1.34
O2 CHR B . -5.97 8.95 -0.25
C5 CHR B . -6.79 8.99 -1.45
C6 CHR B . -6.65 7.89 -2.45
C7 CHR B . -6.29 7.09 -3.25
C8 CHR B . -5.61 6.28 -4.23
C9 CHR B . -4.40 6.68 -4.72
C10 CHR B . -3.78 6.08 -5.95
O1 CHR B . -4.38 6.60 -7.13
C11 CHR B . -2.31 6.53 -5.83
O6 CHR B . -1.51 5.44 -5.38
C12 CHR B . -2.35 7.62 -4.78
C13 CHR B . -4.12 5.97 -8.38
O3 CHR B . -4.89 4.78 -8.47
C14 CHR B . -4.52 6.93 -9.51
N1 CHR B . -3.84 8.23 -9.32
C19 CHR B . -2.72 8.62 -10.22
C15 CHR B . -6.04 7.13 -9.50
O4 CHR B . -6.41 7.99 -10.57
C16 CHR B . -6.73 5.77 -9.66
O5 CHR B . -6.37 5.20 -10.90
C17 CHR B . -6.31 4.84 -8.53
C18 CHR B . -6.87 3.45 -8.78
C20 CHR B . -1.18 4.69 -6.41
O7 CHR B . -0.81 5.17 -7.46
C21 CHR B . -1.28 3.24 -6.20
C22 CHR B . -1.71 2.43 -7.26
O9 CHR B . -1.94 2.98 -8.52
C23 CHR B . -1.90 1.05 -7.06
C24 CHR B . -1.68 0.50 -5.81
C25 CHR B . -1.25 1.30 -4.74
C26 CHR B . -1.05 2.67 -4.93
C27 CHR B . -0.61 3.47 -3.87
C28 CHR B . -0.39 2.91 -2.61
O8 CHR B . 0.06 3.69 -1.55
C31 CHR B . -0.37 5.05 -1.57
C29 CHR B . -0.59 1.53 -2.42
C30 CHR B . -1.03 0.73 -3.48
C32 CHR B . -1.26 -0.75 -3.26
C33 CHR B . -5.54 11.29 -1.20
O10 CHR B . -6.51 11.66 -0.24
C34 CHR B . -7.40 12.40 -0.89
O11 CHR B . -8.36 12.87 -0.32
O12 CHR B . -7.19 12.61 -2.17
C35 CHR B . -5.99 11.93 -2.49
H5 CHR B . -7.73 9.54 -1.43
H8 CHR B . -6.04 5.37 -4.57
H10 CHR B . -3.84 5.00 -5.92
H11 CHR B . -1.95 6.92 -6.77
H12 CHR B . -1.51 8.26 -4.57
H13 CHR B . -3.08 5.74 -8.46
H14 CHR B . -4.22 6.50 -10.45
H191 CHR B . -2.08 9.33 -9.71
H192 CHR B . -2.13 7.74 -10.47
H193 CHR B . -3.11 9.07 -11.11
H15 CHR B . -6.33 7.57 -8.56
HO4 CHR B . -6.30 7.51 -11.39
H16 CHR B . -7.81 5.92 -9.63
HO5 CHR B . -7.14 4.75 -11.26
H17 CHR B . -6.69 5.22 -7.59
H181 CHR B . -7.77 3.31 -8.20
H182 CHR B . -6.14 2.71 -8.49
H183 CHR B . -7.09 3.33 -9.83
HO9 CHR B . -2.54 2.43 -9.01
H23 CHR B . -2.23 0.43 -7.88
H24 CHR B . -1.83 -0.57 -5.65
H27 CHR B . -0.41 4.52 -4.02
H311 CHR B . 0.14 5.57 -2.37
H312 CHR B . -1.43 5.10 -1.73
H313 CHR B . -0.12 5.52 -0.62
H29 CHR B . -0.44 1.10 -1.44
H321 CHR B . -0.82 -1.06 -2.33
H322 CHR B . -0.81 -1.31 -4.07
H323 CHR B . -2.32 -0.95 -3.25
H33 CHR B . -4.57 11.66 -0.90
H351 CHR B . -5.24 12.63 -2.85
H352 CHR B . -6.18 11.17 -3.25
N ALA A 1 16.41 -4.90 -15.98
CA ALA A 1 16.16 -4.69 -14.52
C ALA A 1 14.69 -4.33 -14.30
N ALA A 2 14.02 -5.07 -13.47
CA ALA A 2 12.58 -4.77 -13.20
C ALA A 2 12.39 -4.50 -11.70
N PRO A 3 11.51 -3.58 -11.39
CA PRO A 3 11.22 -3.22 -9.99
C PRO A 3 10.69 -4.43 -9.23
N THR A 4 10.83 -4.40 -7.95
CA THR A 4 10.36 -5.52 -7.10
C THR A 4 9.89 -4.95 -5.78
N ALA A 5 9.08 -5.67 -5.06
CA ALA A 5 8.59 -5.16 -3.76
C ALA A 5 8.40 -6.30 -2.80
N THR A 6 9.03 -6.18 -1.67
CA THR A 6 8.90 -7.25 -0.66
C THR A 6 8.22 -6.69 0.58
N VAL A 7 7.03 -7.14 0.75
CA VAL A 7 6.22 -6.69 1.93
C VAL A 7 5.90 -7.90 2.81
N THR A 8 5.99 -7.72 4.11
CA THR A 8 5.70 -8.85 5.05
C THR A 8 5.75 -8.32 6.49
N PRO A 9 4.99 -8.95 7.36
CA PRO A 9 4.13 -10.08 7.00
C PRO A 9 2.87 -9.55 6.30
N SER A 10 2.30 -10.34 5.44
CA SER A 10 1.07 -9.92 4.73
C SER A 10 -0.15 -10.39 5.51
N SER A 11 0.01 -11.41 6.30
CA SER A 11 -1.14 -11.94 7.09
C SER A 11 -0.73 -12.13 8.55
N GLY A 12 -1.67 -12.19 9.45
CA GLY A 12 -1.33 -12.36 10.90
C GLY A 12 -0.86 -11.02 11.45
N LEU A 13 -1.49 -9.96 11.01
CA LEU A 13 -1.10 -8.60 11.44
C LEU A 13 -1.88 -8.20 12.65
N SER A 14 -3.11 -8.49 12.58
CA SER A 14 -4.04 -8.16 13.67
C SER A 14 -4.24 -6.65 13.77
N ASP A 15 -5.43 -6.24 14.11
CA ASP A 15 -5.75 -4.79 14.21
C ASP A 15 -4.72 -4.05 15.05
N GLY A 16 -3.87 -3.28 14.42
CA GLY A 16 -2.90 -2.49 15.20
C GLY A 16 -1.45 -2.93 14.98
N THR A 17 -1.12 -3.71 13.98
CA THR A 17 0.30 -4.06 13.84
C THR A 17 0.92 -3.30 12.69
N VAL A 18 2.12 -3.62 12.41
CA VAL A 18 2.86 -2.93 11.31
C VAL A 18 3.52 -3.94 10.37
N VAL A 19 3.46 -3.69 9.09
CA VAL A 19 4.10 -4.61 8.12
C VAL A 19 5.27 -3.88 7.46
N LYS A 20 6.24 -4.61 6.98
CA LYS A 20 7.40 -3.95 6.32
C LYS A 20 7.28 -4.10 4.81
N VAL A 21 6.99 -3.02 4.13
CA VAL A 21 6.86 -3.09 2.65
C VAL A 21 8.13 -2.55 2.01
N ALA A 22 8.60 -3.17 0.95
CA ALA A 22 9.83 -2.65 0.30
C ALA A 22 9.63 -2.58 -1.21
N GLY A 23 10.42 -1.79 -1.86
CA GLY A 23 10.30 -1.66 -3.33
C GLY A 23 11.70 -1.56 -3.93
N ALA A 24 12.18 -2.57 -4.61
CA ALA A 24 13.56 -2.45 -5.19
C ALA A 24 13.51 -2.50 -6.71
N GLY A 25 14.30 -1.71 -7.40
CA GLY A 25 14.26 -1.76 -8.89
C GLY A 25 13.15 -0.84 -9.40
N LEU A 26 12.81 0.17 -8.67
CA LEU A 26 11.75 1.09 -9.15
C LEU A 26 12.39 2.24 -9.92
N GLN A 27 11.61 3.04 -10.58
CA GLN A 27 12.20 4.16 -11.35
C GLN A 27 13.24 4.87 -10.50
N ALA A 28 14.48 4.57 -10.79
CA ALA A 28 15.61 5.18 -10.02
C ALA A 28 15.54 6.70 -10.10
N GLY A 29 14.67 7.29 -9.34
CA GLY A 29 14.54 8.78 -9.35
C GLY A 29 13.05 9.14 -9.40
N THR A 30 12.21 8.36 -8.77
CA THR A 30 10.77 8.68 -8.79
C THR A 30 10.14 8.45 -7.41
N ALA A 31 9.84 9.52 -6.74
CA ALA A 31 9.18 9.44 -5.40
C ALA A 31 7.94 8.55 -5.48
N TYR A 32 7.99 7.38 -4.89
CA TYR A 32 6.81 6.46 -4.94
C TYR A 32 6.08 6.53 -3.59
N ASP A 33 4.81 6.21 -3.56
CA ASP A 33 4.07 6.23 -2.27
C ASP A 33 3.97 4.80 -1.76
N VAL A 34 3.76 4.61 -0.49
CA VAL A 34 3.71 3.23 0.07
C VAL A 34 2.58 3.15 1.11
N GLY A 35 1.58 2.30 0.95
CA GLY A 35 0.51 2.25 1.99
C GLY A 35 -0.44 1.07 1.79
N GLN A 36 -1.43 0.97 2.65
CA GLN A 36 -2.42 -0.11 2.59
C GLN A 36 -3.69 0.43 1.92
N CYS A 37 -3.96 -0.01 0.72
CA CYS A 37 -5.18 0.46 0.02
C CYS A 37 -6.00 -0.74 -0.45
N ALA A 38 -7.28 -0.55 -0.58
CA ALA A 38 -8.15 -1.67 -1.03
C ALA A 38 -9.01 -1.24 -2.24
N TRP A 39 -9.11 -2.07 -3.25
CA TRP A 39 -9.95 -1.70 -4.43
C TRP A 39 -11.33 -2.33 -4.20
N VAL A 40 -12.35 -1.53 -4.03
CA VAL A 40 -13.71 -2.11 -3.78
C VAL A 40 -14.58 -1.99 -5.04
N ASP A 41 -14.00 -1.73 -6.17
CA ASP A 41 -14.82 -1.62 -7.40
C ASP A 41 -13.97 -1.13 -8.57
N THR A 42 -14.58 -0.89 -9.70
CA THR A 42 -13.82 -0.42 -10.88
C THR A 42 -13.35 1.01 -10.68
N GLY A 43 -12.13 1.18 -10.26
CA GLY A 43 -11.60 2.56 -10.05
C GLY A 43 -11.95 3.10 -8.65
N VAL A 44 -12.12 2.25 -7.67
CA VAL A 44 -12.44 2.75 -6.32
C VAL A 44 -11.27 2.35 -5.39
N LEU A 45 -10.42 3.27 -5.00
CA LEU A 45 -9.26 2.88 -4.14
C LEU A 45 -9.36 3.57 -2.77
N ALA A 46 -9.69 2.84 -1.73
CA ALA A 46 -9.79 3.48 -0.38
C ALA A 46 -8.45 3.25 0.35
N CYS A 47 -7.67 4.29 0.53
CA CYS A 47 -6.34 4.13 1.20
C CYS A 47 -6.43 4.55 2.67
N ASN A 48 -5.69 3.90 3.53
CA ASN A 48 -5.72 4.28 4.99
C ASN A 48 -4.51 5.17 5.29
N PRO A 49 -4.73 6.31 5.91
CA PRO A 49 -3.64 7.25 6.26
C PRO A 49 -2.76 6.71 7.40
N ALA A 50 -2.72 5.42 7.62
CA ALA A 50 -1.86 4.87 8.71
C ALA A 50 -0.60 4.27 8.11
N ASP A 51 -0.53 4.20 6.81
CA ASP A 51 0.66 3.63 6.16
C ASP A 51 1.09 4.54 5.02
N PHE A 52 0.47 5.68 4.90
CA PHE A 52 0.83 6.59 3.79
C PHE A 52 2.28 7.05 3.91
N SER A 53 3.20 6.26 3.43
CA SER A 53 4.64 6.68 3.50
C SER A 53 5.09 7.05 2.09
N SER A 54 6.36 7.21 1.86
CA SER A 54 6.80 7.60 0.49
C SER A 54 8.32 7.77 0.43
N VAL A 55 8.93 7.25 -0.60
CA VAL A 55 10.40 7.40 -0.79
C VAL A 55 10.66 7.37 -2.29
N THR A 56 11.75 7.93 -2.74
CA THR A 56 12.02 7.92 -4.21
C THR A 56 12.99 6.80 -4.55
N ALA A 57 12.76 6.17 -5.66
CA ALA A 57 13.69 5.10 -6.09
C ALA A 57 15.08 5.67 -6.31
N ASP A 58 15.95 5.40 -5.40
CA ASP A 58 17.36 5.88 -5.48
C ASP A 58 18.04 5.39 -6.77
N ALA A 59 19.29 5.00 -6.67
CA ALA A 59 20.05 4.53 -7.87
C ALA A 59 19.27 3.46 -8.61
N ASN A 60 18.84 2.47 -7.91
CA ASN A 60 18.04 1.38 -8.55
C ASN A 60 16.59 1.64 -8.17
N GLY A 61 16.42 2.16 -6.98
CA GLY A 61 15.08 2.52 -6.48
C GLY A 61 14.63 1.52 -5.41
N SER A 62 15.32 1.52 -4.29
CA SER A 62 14.93 0.61 -3.18
C SER A 62 14.21 1.43 -2.12
N ALA A 63 13.04 1.01 -1.75
CA ALA A 63 12.27 1.78 -0.74
C ALA A 63 11.70 0.82 0.30
N SER A 64 12.22 0.84 1.49
CA SER A 64 11.71 -0.09 2.55
C SER A 64 11.25 0.72 3.76
N THR A 65 10.01 0.62 4.10
CA THR A 65 9.48 1.37 5.28
C THR A 65 8.40 0.51 5.95
N SER A 66 8.24 0.66 7.23
CA SER A 66 7.21 -0.15 7.95
C SER A 66 5.95 0.69 8.13
N LEU A 67 4.81 0.09 7.90
CA LEU A 67 3.53 0.85 8.02
C LEU A 67 2.56 0.06 8.92
N THR A 68 1.56 0.70 9.45
CA THR A 68 0.59 -0.03 10.31
C THR A 68 -0.67 -0.33 9.51
N VAL A 69 -1.06 -1.57 9.38
CA VAL A 69 -2.27 -1.88 8.57
C VAL A 69 -3.17 -2.89 9.31
N ARG A 70 -4.47 -2.75 9.21
CA ARG A 70 -5.35 -3.72 9.92
C ARG A 70 -6.62 -3.99 9.11
N ARG A 71 -7.55 -4.70 9.71
CA ARG A 71 -8.82 -5.04 9.01
C ARG A 71 -9.52 -3.75 8.57
N SER A 72 -10.50 -3.27 9.30
CA SER A 72 -11.17 -2.01 8.87
C SER A 72 -10.13 -0.92 8.82
N PHE A 73 -10.23 -0.05 7.85
CA PHE A 73 -9.20 1.00 7.75
C PHE A 73 -9.71 2.14 6.88
N GLU A 74 -9.50 3.36 7.32
CA GLU A 74 -9.99 4.55 6.57
C GLU A 74 -9.89 4.30 5.07
N GLY A 75 -10.99 4.37 4.38
CA GLY A 75 -10.99 4.12 2.91
C GLY A 75 -10.86 5.42 2.10
N PHE A 76 -9.89 6.25 2.40
CA PHE A 76 -9.72 7.53 1.63
C PHE A 76 -10.02 7.28 0.13
N LEU A 77 -11.05 7.91 -0.41
CA LEU A 77 -11.38 7.70 -1.86
C LEU A 77 -10.58 8.68 -2.73
N PHE A 78 -9.84 8.20 -3.71
CA PHE A 78 -9.04 9.13 -4.59
C PHE A 78 -9.99 10.04 -5.37
N ASP A 79 -10.81 10.80 -4.69
CA ASP A 79 -11.74 11.72 -5.40
C ASP A 79 -12.20 12.83 -4.46
N GLY A 80 -11.47 13.07 -3.41
CA GLY A 80 -11.86 14.15 -2.46
C GLY A 80 -12.84 13.59 -1.41
N THR A 81 -13.60 12.58 -1.77
CA THR A 81 -14.58 12.02 -0.79
C THR A 81 -14.00 10.77 -0.11
N ARG A 82 -14.57 10.39 0.98
CA ARG A 82 -14.09 9.19 1.72
C ARG A 82 -15.10 8.05 1.50
N TRP A 83 -14.64 6.83 1.34
CA TRP A 83 -15.58 5.70 1.11
C TRP A 83 -16.12 5.15 2.44
N GLY A 84 -15.45 5.42 3.52
CA GLY A 84 -15.90 4.92 4.84
C GLY A 84 -14.86 3.93 5.37
N THR A 85 -15.06 3.42 6.55
CA THR A 85 -14.09 2.45 7.10
C THR A 85 -14.17 1.18 6.24
N VAL A 86 -13.19 0.97 5.42
CA VAL A 86 -13.19 -0.22 4.53
C VAL A 86 -12.82 -1.45 5.36
N ASP A 87 -13.80 -2.27 5.68
CA ASP A 87 -13.52 -3.49 6.49
C ASP A 87 -12.64 -4.46 5.69
N CYS A 88 -11.40 -4.66 6.08
CA CYS A 88 -10.56 -5.62 5.29
C CYS A 88 -11.14 -7.03 5.40
N THR A 89 -12.16 -7.23 6.20
CA THR A 89 -12.76 -8.59 6.32
C THR A 89 -13.81 -8.76 5.22
N THR A 90 -13.97 -7.78 4.37
CA THR A 90 -14.97 -7.88 3.27
C THR A 90 -14.25 -7.81 1.94
N ALA A 91 -13.41 -6.82 1.76
CA ALA A 91 -12.67 -6.70 0.47
C ALA A 91 -11.22 -7.16 0.68
N ALA A 92 -10.42 -7.10 -0.35
CA ALA A 92 -9.00 -7.54 -0.22
C ALA A 92 -8.11 -6.30 -0.18
N CYS A 93 -7.42 -6.06 0.92
CA CYS A 93 -6.57 -4.85 1.00
C CYS A 93 -5.12 -5.23 0.67
N GLN A 94 -4.54 -4.57 -0.30
CA GLN A 94 -3.15 -4.90 -0.67
C GLN A 94 -2.18 -3.87 -0.13
N VAL A 95 -1.02 -4.33 0.18
CA VAL A 95 0.05 -3.43 0.66
C VAL A 95 1.03 -3.24 -0.49
N GLY A 96 1.11 -2.06 -1.03
CA GLY A 96 2.03 -1.90 -2.19
C GLY A 96 2.50 -0.45 -2.34
N LEU A 97 3.15 -0.17 -3.44
CA LEU A 97 3.67 1.20 -3.68
C LEU A 97 3.03 1.76 -4.94
N SER A 98 3.33 2.97 -5.27
CA SER A 98 2.77 3.60 -6.49
C SER A 98 3.24 5.05 -6.60
N ASP A 99 3.13 5.65 -7.74
CA ASP A 99 3.59 7.06 -7.88
C ASP A 99 2.38 7.99 -7.97
N ALA A 100 2.54 9.21 -8.43
CA ALA A 100 1.37 10.13 -8.53
C ALA A 100 1.12 10.47 -10.00
N ALA A 101 1.32 9.52 -10.87
CA ALA A 101 1.11 9.78 -12.32
C ALA A 101 -0.09 8.97 -12.81
N GLY A 102 -0.32 7.80 -12.25
CA GLY A 102 -1.46 6.97 -12.70
C GLY A 102 -1.26 5.57 -12.17
N ASN A 103 -0.03 5.13 -12.10
CA ASN A 103 0.23 3.78 -11.58
C ASN A 103 1.70 3.66 -11.17
N GLY A 104 2.06 2.50 -10.73
CA GLY A 104 3.47 2.25 -10.29
C GLY A 104 3.63 0.74 -10.04
N PRO A 105 4.64 0.33 -9.30
CA PRO A 105 4.83 -1.11 -9.02
C PRO A 105 3.51 -1.74 -8.57
N GLU A 106 3.51 -3.01 -8.27
CA GLU A 106 2.24 -3.68 -7.85
C GLU A 106 2.15 -3.73 -6.32
N GLY A 107 1.07 -4.27 -5.81
CA GLY A 107 0.91 -4.35 -4.34
C GLY A 107 0.83 -5.82 -3.91
N VAL A 108 0.83 -6.07 -2.63
CA VAL A 108 0.78 -7.44 -2.13
C VAL A 108 -0.57 -7.64 -1.46
N ALA A 109 -1.05 -8.84 -1.41
CA ALA A 109 -2.37 -9.11 -0.78
C ALA A 109 -2.15 -9.55 0.67
N ILE A 110 -2.72 -8.85 1.62
CA ILE A 110 -2.53 -9.25 3.04
C ILE A 110 -3.73 -10.07 3.50
N SER A 111 -3.64 -10.69 4.64
CA SER A 111 -4.79 -11.50 5.13
C SER A 111 -4.98 -11.28 6.64
N PHE A 112 -6.15 -11.53 7.15
CA PHE A 112 -6.40 -11.33 8.60
C PHE A 112 -7.13 -12.54 9.18
N ASN A 113 -6.40 -13.49 9.71
CA ASN A 113 -7.05 -14.70 10.28
C ASN A 113 -7.36 -14.45 11.76
C1 CHR B . -3.58 7.70 -4.09
C2 CHR B . -4.00 8.58 -3.03
C3 CHR B . -4.58 9.22 -2.22
C4 CHR B . -5.59 9.79 -1.32
O2 CHR B . -6.14 8.97 -0.25
C5 CHR B . -6.91 9.03 -1.47
C6 CHR B . -6.76 7.94 -2.46
C7 CHR B . -6.38 7.14 -3.27
C8 CHR B . -5.68 6.33 -4.25
C9 CHR B . -4.47 6.72 -4.69
C10 CHR B . -3.83 6.15 -5.93
O1 CHR B . -4.39 6.73 -7.10
C11 CHR B . -2.36 6.56 -5.76
O6 CHR B . -1.60 5.44 -5.33
C12 CHR B . -2.39 7.63 -4.68
C13 CHR B . -4.24 6.08 -8.35
O3 CHR B . -5.04 4.91 -8.38
C14 CHR B . -4.67 7.02 -9.48
N1 CHR B . -3.92 8.30 -9.36
C19 CHR B . -2.64 8.49 -10.09
C15 CHR B . -6.17 7.28 -9.37
O4 CHR B . -6.58 8.14 -10.42
C16 CHR B . -6.93 5.95 -9.46
O5 CHR B . -6.68 5.35 -10.72
C17 CHR B . -6.46 5.03 -8.34
C18 CHR B . -7.09 3.64 -8.53
C20 CHR B . -1.37 4.65 -6.37
O7 CHR B . -1.04 5.09 -7.45
C21 CHR B . -1.53 3.21 -6.12
C22 CHR B . -2.08 2.41 -7.13
O9 CHR B . -2.37 2.97 -8.38
C23 CHR B . -2.33 1.06 -6.90
C24 CHR B . -2.05 0.49 -5.65
C25 CHR B . -1.50 1.29 -4.64
C26 CHR B . -1.23 2.65 -4.87
C27 CHR B . -0.68 3.43 -3.84
C28 CHR B . -0.40 2.86 -2.60
O8 CHR B . 0.15 3.65 -1.58
C31 CHR B . -0.47 4.90 -1.36
C29 CHR B . -0.67 1.51 -2.36
C30 CHR B . -1.22 0.72 -3.39
C32 CHR B . -1.53 -0.74 -3.14
C33 CHR B . -5.63 11.30 -1.16
O10 CHR B . -6.72 11.69 -0.35
C34 CHR B . -7.47 12.47 -1.12
O11 CHR B . -8.50 12.97 -0.70
O12 CHR B . -7.07 12.70 -2.36
C35 CHR B . -5.85 11.97 -2.51
H5 CHR B . -7.84 9.60 -1.48
H8 CHR B . -6.12 5.42 -4.61
H10 CHR B . -3.93 5.07 -5.95
H11 CHR B . -1.96 6.97 -6.69
H12 CHR B . -1.55 8.25 -4.43
H13 CHR B . -3.20 5.80 -8.50
H14 CHR B . -4.45 6.56 -10.43
H191 CHR B . -2.19 7.52 -10.28
H192 CHR B . -2.83 8.99 -11.02
H193 CHR B . -1.97 9.09 -9.49
H15 CHR B . -6.39 7.75 -8.42
HO4 CHR B . -7.54 8.14 -10.45
H16 CHR B . -7.99 6.14 -9.36
HO5 CHR B . -7.52 5.18 -11.14
H17 CHR B . -6.76 5.43 -7.38
H181 CHR B . -6.37 2.87 -8.30
H182 CHR B . -7.94 3.54 -7.87
H183 CHR B . -7.42 3.53 -9.55
HO9 CHR B . -3.14 2.52 -8.75
H23 CHR B . -2.75 0.44 -7.68
H24 CHR B . -2.24 -0.55 -5.47
H27 CHR B . -0.43 4.47 -4.03
H311 CHR B . -1.44 4.92 -1.86
H312 CHR B . -0.62 5.05 -0.30
H313 CHR B . 0.15 5.69 -1.75
H29 CHR B . -0.46 1.06 -1.40
H321 CHR B . -0.98 -1.08 -2.27
H322 CHR B . -1.22 -1.32 -4.00
H323 CHR B . -2.58 -0.87 -2.97
H33 CHR B . -4.70 11.65 -0.72
H351 CHR B . -5.95 11.23 -3.28
H352 CHR B . -5.04 12.65 -2.73
N ALA A 1 17.57 -5.09 -14.30
CA ALA A 1 16.63 -5.80 -13.40
C ALA A 1 15.33 -4.98 -13.25
N ALA A 2 14.22 -5.63 -13.13
CA ALA A 2 12.93 -4.89 -12.98
C ALA A 2 12.67 -4.62 -11.50
N PRO A 3 11.75 -3.73 -11.23
CA PRO A 3 11.38 -3.36 -9.85
C PRO A 3 10.84 -4.57 -9.10
N THR A 4 10.92 -4.52 -7.81
CA THR A 4 10.44 -5.63 -6.96
C THR A 4 9.89 -5.05 -5.67
N ALA A 5 9.10 -5.79 -4.96
CA ALA A 5 8.54 -5.26 -3.70
C ALA A 5 8.33 -6.38 -2.72
N THR A 6 8.94 -6.23 -1.58
CA THR A 6 8.80 -7.28 -0.55
C THR A 6 8.11 -6.71 0.68
N VAL A 7 6.92 -7.13 0.85
CA VAL A 7 6.09 -6.66 2.01
C VAL A 7 5.80 -7.85 2.94
N THR A 8 5.97 -7.65 4.22
CA THR A 8 5.72 -8.75 5.20
C THR A 8 5.73 -8.17 6.62
N PRO A 9 4.98 -8.78 7.50
CA PRO A 9 4.14 -9.94 7.18
C PRO A 9 2.90 -9.48 6.40
N SER A 10 2.33 -10.35 5.63
CA SER A 10 1.13 -9.98 4.85
C SER A 10 -0.11 -10.50 5.58
N SER A 11 0.05 -11.44 6.46
CA SER A 11 -1.12 -12.00 7.20
C SER A 11 -0.75 -12.16 8.68
N GLY A 12 -1.73 -12.22 9.54
CA GLY A 12 -1.45 -12.37 11.00
C GLY A 12 -1.02 -11.01 11.54
N LEU A 13 -1.63 -9.97 11.06
CA LEU A 13 -1.28 -8.61 11.48
C LEU A 13 -2.09 -8.19 12.68
N SER A 14 -3.30 -8.50 12.59
CA SER A 14 -4.26 -8.16 13.66
C SER A 14 -4.45 -6.64 13.74
N ASP A 15 -5.65 -6.23 14.05
CA ASP A 15 -5.95 -4.78 14.13
C ASP A 15 -4.95 -4.04 15.01
N GLY A 16 -4.05 -3.32 14.41
CA GLY A 16 -3.08 -2.54 15.22
C GLY A 16 -1.63 -2.99 15.03
N THR A 17 -1.28 -3.76 14.02
CA THR A 17 0.13 -4.12 13.91
C THR A 17 0.78 -3.32 12.79
N VAL A 18 1.99 -3.65 12.52
CA VAL A 18 2.75 -2.93 11.46
C VAL A 18 3.35 -3.89 10.44
N VAL A 19 3.24 -3.56 9.19
CA VAL A 19 3.83 -4.44 8.14
C VAL A 19 5.01 -3.70 7.51
N LYS A 20 5.95 -4.43 6.96
CA LYS A 20 7.12 -3.77 6.33
C LYS A 20 7.04 -3.96 4.82
N VAL A 21 6.76 -2.91 4.10
CA VAL A 21 6.67 -3.03 2.62
C VAL A 21 7.96 -2.50 2.00
N ALA A 22 8.47 -3.15 1.00
CA ALA A 22 9.72 -2.64 0.39
C ALA A 22 9.60 -2.65 -1.13
N GLY A 23 10.45 -1.92 -1.78
CA GLY A 23 10.43 -1.84 -3.25
C GLY A 23 11.87 -1.92 -3.75
N ALA A 24 12.15 -2.61 -4.80
CA ALA A 24 13.56 -2.67 -5.28
C ALA A 24 13.59 -2.67 -6.81
N GLY A 25 14.30 -1.76 -7.44
CA GLY A 25 14.31 -1.75 -8.92
C GLY A 25 13.17 -0.89 -9.45
N LEU A 26 12.76 0.11 -8.70
CA LEU A 26 11.66 0.97 -9.18
C LEU A 26 12.26 2.12 -9.98
N GLN A 27 11.45 2.91 -10.62
CA GLN A 27 12.01 4.03 -11.42
C GLN A 27 13.08 4.76 -10.63
N ALA A 28 14.30 4.44 -10.92
CA ALA A 28 15.45 5.06 -10.21
C ALA A 28 15.40 6.58 -10.35
N GLY A 29 14.55 7.21 -9.60
CA GLY A 29 14.44 8.70 -9.68
C GLY A 29 12.97 9.10 -9.68
N THR A 30 12.13 8.36 -8.99
CA THR A 30 10.70 8.71 -8.98
C THR A 30 10.08 8.50 -7.59
N ALA A 31 9.79 9.58 -6.93
CA ALA A 31 9.15 9.52 -5.58
C ALA A 31 7.90 8.63 -5.64
N TYR A 32 7.95 7.47 -5.04
CA TYR A 32 6.76 6.56 -5.07
C TYR A 32 6.08 6.60 -3.69
N ASP A 33 4.81 6.26 -3.61
CA ASP A 33 4.13 6.27 -2.30
C ASP A 33 4.07 4.83 -1.78
N VAL A 34 3.73 4.64 -0.54
CA VAL A 34 3.71 3.25 0.02
C VAL A 34 2.61 3.15 1.10
N GLY A 35 1.61 2.30 0.95
CA GLY A 35 0.56 2.22 2.02
C GLY A 35 -0.39 1.04 1.79
N GLN A 36 -1.39 0.93 2.63
CA GLN A 36 -2.38 -0.15 2.54
C GLN A 36 -3.65 0.39 1.89
N CYS A 37 -3.90 0.01 0.67
CA CYS A 37 -5.12 0.49 -0.03
C CYS A 37 -5.89 -0.69 -0.63
N ALA A 38 -7.19 -0.58 -0.70
CA ALA A 38 -8.00 -1.71 -1.25
C ALA A 38 -8.87 -1.24 -2.42
N TRP A 39 -8.99 -2.03 -3.47
CA TRP A 39 -9.87 -1.62 -4.61
C TRP A 39 -11.23 -2.27 -4.40
N VAL A 40 -12.25 -1.48 -4.18
CA VAL A 40 -13.59 -2.07 -3.95
C VAL A 40 -14.49 -1.88 -5.17
N ASP A 41 -13.92 -1.56 -6.31
CA ASP A 41 -14.77 -1.38 -7.52
C ASP A 41 -13.90 -0.89 -8.69
N THR A 42 -14.53 -0.61 -9.80
CA THR A 42 -13.76 -0.13 -10.99
C THR A 42 -13.25 1.28 -10.74
N GLY A 43 -12.04 1.40 -10.33
CA GLY A 43 -11.45 2.76 -10.08
C GLY A 43 -11.81 3.29 -8.69
N VAL A 44 -12.02 2.42 -7.73
CA VAL A 44 -12.35 2.91 -6.37
C VAL A 44 -11.21 2.46 -5.44
N LEU A 45 -10.34 3.37 -5.01
CA LEU A 45 -9.21 2.94 -4.15
C LEU A 45 -9.32 3.59 -2.77
N ALA A 46 -9.72 2.84 -1.76
CA ALA A 46 -9.83 3.43 -0.39
C ALA A 46 -8.56 3.06 0.38
N CYS A 47 -7.70 4.02 0.65
CA CYS A 47 -6.45 3.69 1.39
C CYS A 47 -6.54 4.20 2.83
N ASN A 48 -5.65 3.76 3.69
CA ASN A 48 -5.69 4.21 5.10
C ASN A 48 -4.52 5.17 5.39
N PRO A 49 -4.80 6.28 6.04
CA PRO A 49 -3.77 7.29 6.36
C PRO A 49 -2.83 6.83 7.50
N ALA A 50 -2.68 5.54 7.72
CA ALA A 50 -1.76 5.09 8.80
C ALA A 50 -0.57 4.37 8.18
N ASP A 51 -0.55 4.25 6.89
CA ASP A 51 0.57 3.57 6.21
C ASP A 51 0.97 4.40 5.01
N PHE A 52 0.56 5.64 4.99
CA PHE A 52 0.89 6.50 3.83
C PHE A 52 2.34 6.98 3.90
N SER A 53 3.26 6.18 3.44
CA SER A 53 4.69 6.61 3.45
C SER A 53 5.10 6.94 2.01
N SER A 54 6.36 7.16 1.75
CA SER A 54 6.76 7.50 0.37
C SER A 54 8.27 7.75 0.27
N VAL A 55 8.89 7.22 -0.73
CA VAL A 55 10.35 7.44 -0.94
C VAL A 55 10.61 7.42 -2.45
N THR A 56 11.70 7.99 -2.89
CA THR A 56 11.96 7.98 -4.36
C THR A 56 12.93 6.86 -4.71
N ALA A 57 12.69 6.23 -5.81
CA ALA A 57 13.60 5.14 -6.24
C ALA A 57 14.99 5.71 -6.53
N ASP A 58 15.91 5.44 -5.68
CA ASP A 58 17.31 5.93 -5.83
C ASP A 58 17.96 5.33 -7.10
N ALA A 59 19.20 4.96 -7.02
CA ALA A 59 19.92 4.39 -8.21
C ALA A 59 19.11 3.28 -8.85
N ASN A 60 18.69 2.34 -8.09
CA ASN A 60 17.86 1.23 -8.64
C ASN A 60 16.42 1.53 -8.23
N GLY A 61 16.29 2.15 -7.10
CA GLY A 61 14.96 2.54 -6.57
C GLY A 61 14.51 1.58 -5.47
N SER A 62 15.20 1.59 -4.35
CA SER A 62 14.80 0.71 -3.23
C SER A 62 14.00 1.52 -2.23
N ALA A 63 12.88 1.02 -1.83
CA ALA A 63 12.04 1.77 -0.87
C ALA A 63 11.57 0.83 0.24
N SER A 64 12.07 0.97 1.43
CA SER A 64 11.65 0.07 2.54
C SER A 64 11.11 0.91 3.70
N THR A 65 9.86 0.75 4.01
CA THR A 65 9.27 1.53 5.13
C THR A 65 8.21 0.69 5.84
N SER A 66 8.12 0.81 7.14
CA SER A 66 7.11 0.02 7.88
C SER A 66 5.89 0.89 8.18
N LEU A 67 4.73 0.30 8.21
CA LEU A 67 3.49 1.09 8.48
C LEU A 67 2.48 0.22 9.25
N THR A 68 1.43 0.79 9.77
CA THR A 68 0.43 -0.01 10.55
C THR A 68 -0.78 -0.33 9.67
N VAL A 69 -1.09 -1.59 9.47
CA VAL A 69 -2.27 -1.95 8.61
C VAL A 69 -3.19 -2.93 9.34
N ARG A 70 -4.49 -2.82 9.17
CA ARG A 70 -5.38 -3.77 9.87
C ARG A 70 -6.65 -4.04 9.05
N ARG A 71 -7.54 -4.83 9.60
CA ARG A 71 -8.81 -5.17 8.89
C ARG A 71 -9.49 -3.88 8.46
N SER A 72 -10.51 -3.44 9.14
CA SER A 72 -11.19 -2.18 8.75
C SER A 72 -10.16 -1.07 8.75
N PHE A 73 -10.22 -0.20 7.79
CA PHE A 73 -9.21 0.87 7.75
C PHE A 73 -9.73 2.02 6.89
N GLU A 74 -9.51 3.23 7.35
CA GLU A 74 -9.99 4.44 6.62
C GLU A 74 -9.97 4.20 5.11
N GLY A 75 -11.10 4.28 4.47
CA GLY A 75 -11.17 4.04 3.01
C GLY A 75 -10.97 5.36 2.22
N PHE A 76 -9.97 6.13 2.56
CA PHE A 76 -9.73 7.43 1.81
C PHE A 76 -10.00 7.23 0.32
N LEU A 77 -11.01 7.87 -0.24
CA LEU A 77 -11.31 7.70 -1.69
C LEU A 77 -10.49 8.73 -2.51
N PHE A 78 -9.73 8.28 -3.50
CA PHE A 78 -8.92 9.25 -4.31
C PHE A 78 -9.85 10.19 -5.07
N ASP A 79 -10.68 10.92 -4.39
CA ASP A 79 -11.61 11.86 -5.09
C ASP A 79 -12.10 12.92 -4.11
N GLY A 80 -11.41 13.11 -3.01
CA GLY A 80 -11.85 14.14 -2.02
C GLY A 80 -12.87 13.54 -1.06
N THR A 81 -13.61 12.55 -1.49
CA THR A 81 -14.63 11.94 -0.60
C THR A 81 -14.06 10.72 0.12
N ARG A 82 -14.69 10.31 1.18
CA ARG A 82 -14.22 9.13 1.94
C ARG A 82 -15.19 7.97 1.69
N TRP A 83 -14.69 6.78 1.47
CA TRP A 83 -15.60 5.62 1.19
C TRP A 83 -16.12 5.02 2.51
N GLY A 84 -15.48 5.32 3.60
CA GLY A 84 -15.91 4.76 4.91
C GLY A 84 -14.85 3.78 5.41
N THR A 85 -15.01 3.28 6.59
CA THR A 85 -14.02 2.29 7.11
C THR A 85 -14.11 1.05 6.23
N VAL A 86 -13.14 0.85 5.39
CA VAL A 86 -13.15 -0.31 4.48
C VAL A 86 -12.76 -1.57 5.26
N ASP A 87 -13.72 -2.41 5.55
CA ASP A 87 -13.43 -3.66 6.30
C ASP A 87 -12.52 -4.56 5.48
N CYS A 88 -11.27 -4.74 5.89
CA CYS A 88 -10.38 -5.64 5.08
C CYS A 88 -10.91 -7.08 5.12
N THR A 89 -11.94 -7.34 5.88
CA THR A 89 -12.48 -8.73 5.93
C THR A 89 -13.50 -8.92 4.80
N THR A 90 -13.73 -7.90 4.03
CA THR A 90 -14.70 -8.02 2.91
C THR A 90 -13.95 -7.92 1.58
N ALA A 91 -13.12 -6.92 1.44
CA ALA A 91 -12.34 -6.76 0.18
C ALA A 91 -10.90 -7.19 0.43
N ALA A 92 -10.07 -7.07 -0.57
CA ALA A 92 -8.64 -7.48 -0.40
C ALA A 92 -7.77 -6.20 -0.33
N CYS A 93 -7.13 -5.95 0.79
CA CYS A 93 -6.29 -4.73 0.90
C CYS A 93 -4.83 -5.09 0.60
N GLN A 94 -4.25 -4.47 -0.38
CA GLN A 94 -2.85 -4.80 -0.72
C GLN A 94 -1.90 -3.73 -0.22
N VAL A 95 -0.75 -4.15 0.18
CA VAL A 95 0.28 -3.21 0.65
C VAL A 95 1.27 -3.04 -0.49
N GLY A 96 1.29 -1.90 -1.11
CA GLY A 96 2.22 -1.74 -2.26
C GLY A 96 2.71 -0.31 -2.39
N LEU A 97 3.38 -0.02 -3.48
CA LEU A 97 3.91 1.34 -3.71
C LEU A 97 3.17 1.97 -4.87
N SER A 98 3.52 3.19 -5.20
CA SER A 98 2.83 3.88 -6.33
C SER A 98 3.59 5.15 -6.69
N ASP A 99 3.29 5.74 -7.81
CA ASP A 99 4.01 6.99 -8.22
C ASP A 99 2.98 8.14 -8.28
N ALA A 100 3.29 9.21 -8.99
CA ALA A 100 2.31 10.33 -9.07
C ALA A 100 1.89 10.53 -10.53
N ALA A 101 1.77 9.47 -11.26
CA ALA A 101 1.37 9.58 -12.69
C ALA A 101 0.04 8.86 -12.94
N GLY A 102 -0.22 7.78 -12.24
CA GLY A 102 -1.48 7.05 -12.46
C GLY A 102 -1.35 5.70 -11.77
N ASN A 103 -0.19 5.13 -11.80
CA ASN A 103 0.01 3.83 -11.14
C ASN A 103 1.49 3.61 -10.89
N GLY A 104 1.81 2.48 -10.34
CA GLY A 104 3.23 2.14 -10.02
C GLY A 104 3.32 0.63 -9.78
N PRO A 105 4.39 0.15 -9.15
CA PRO A 105 4.51 -1.30 -8.89
C PRO A 105 3.20 -1.83 -8.31
N GLU A 106 3.11 -3.11 -8.08
CA GLU A 106 1.85 -3.70 -7.53
C GLU A 106 1.89 -3.73 -6.01
N GLY A 107 0.86 -4.24 -5.39
CA GLY A 107 0.82 -4.31 -3.90
C GLY A 107 0.72 -5.78 -3.46
N VAL A 108 0.97 -6.03 -2.21
CA VAL A 108 0.92 -7.40 -1.69
C VAL A 108 -0.40 -7.61 -0.95
N ALA A 109 -1.09 -8.66 -1.29
CA ALA A 109 -2.39 -8.95 -0.63
C ALA A 109 -2.15 -9.45 0.79
N ILE A 110 -2.77 -8.84 1.76
CA ILE A 110 -2.57 -9.29 3.16
C ILE A 110 -3.71 -10.21 3.57
N SER A 111 -3.65 -10.75 4.76
CA SER A 111 -4.74 -11.66 5.23
C SER A 111 -4.98 -11.44 6.72
N PHE A 112 -6.18 -11.67 7.19
CA PHE A 112 -6.47 -11.47 8.62
C PHE A 112 -7.17 -12.71 9.18
N ASN A 113 -6.42 -13.64 9.73
CA ASN A 113 -7.04 -14.87 10.29
C ASN A 113 -7.31 -14.67 11.79
C1 CHR B . -3.57 7.75 -3.96
C2 CHR B . -3.96 8.62 -2.89
C3 CHR B . -4.53 9.24 -2.04
C4 CHR B . -5.50 9.79 -1.09
O2 CHR B . -5.99 8.95 -0.01
C5 CHR B . -6.82 9.02 -1.19
C6 CHR B . -6.69 7.93 -2.20
C7 CHR B . -6.34 7.15 -3.04
C8 CHR B . -5.67 6.37 -4.06
C9 CHR B . -4.47 6.76 -4.53
C10 CHR B . -3.86 6.18 -5.77
O1 CHR B . -4.46 6.71 -6.95
C11 CHR B . -2.39 6.62 -5.66
O6 CHR B . -1.59 5.52 -5.25
C12 CHR B . -2.40 7.68 -4.58
C13 CHR B . -4.27 6.06 -8.20
O3 CHR B . -5.15 4.95 -8.28
C14 CHR B . -4.57 7.03 -9.34
N1 CHR B . -3.73 8.25 -9.18
C19 CHR B . -2.36 8.28 -9.77
C15 CHR B . -6.05 7.41 -9.29
O4 CHR B . -6.34 8.30 -10.36
C16 CHR B . -6.90 6.15 -9.43
O5 CHR B . -6.65 5.54 -10.69
C17 CHR B . -6.55 5.17 -8.31
C18 CHR B . -7.26 3.83 -8.56
C20 CHR B . -1.35 4.75 -6.30
O7 CHR B . -1.02 5.22 -7.37
C21 CHR B . -1.49 3.31 -6.09
C22 CHR B . -1.98 2.51 -7.14
O9 CHR B . -2.25 3.09 -8.37
C23 CHR B . -2.20 1.14 -6.93
C24 CHR B . -1.93 0.57 -5.69
C25 CHR B . -1.43 1.36 -4.64
C26 CHR B . -1.20 2.72 -4.84
C27 CHR B . -0.69 3.50 -3.78
C28 CHR B . -0.43 2.92 -2.55
O8 CHR B . 0.08 3.69 -1.50
C31 CHR B . -0.29 5.06 -1.50
C29 CHR B . -0.66 1.55 -2.35
C30 CHR B . -1.16 0.78 -3.40
C32 CHR B . -1.42 -0.71 -3.18
C33 CHR B . -5.56 11.30 -0.91
O10 CHR B . -6.62 11.66 -0.06
C34 CHR B . -7.42 12.43 -0.78
O11 CHR B . -8.44 12.91 -0.31
O12 CHR B . -7.08 12.67 -2.04
C35 CHR B . -5.86 11.98 -2.25
H5 CHR B . -7.76 9.56 -1.15
H8 CHR B . -6.13 5.47 -4.42
H10 CHR B . -3.93 5.10 -5.76
H11 CHR B . -2.03 7.03 -6.59
H12 CHR B . -1.57 8.31 -4.36
H13 CHR B . -3.25 5.71 -8.27
H14 CHR B . -4.35 6.56 -10.28
H191 CHR B . -1.64 8.55 -9.00
H192 CHR B . -2.32 9.01 -10.56
H193 CHR B . -2.10 7.31 -10.16
H15 CHR B . -6.26 7.90 -8.36
HO4 CHR B . -6.61 9.14 -9.98
H16 CHR B . -7.95 6.41 -9.36
HO5 CHR B . -7.38 5.73 -11.27
H17 CHR B . -6.88 5.57 -7.36
H181 CHR B . -6.55 3.03 -8.53
H182 CHR B . -8.02 3.68 -7.80
H183 CHR B . -7.73 3.86 -9.54
HO9 CHR B . -1.70 3.86 -8.50
H23 CHR B . -2.57 0.54 -7.73
H24 CHR B . -2.09 -0.48 -5.53
H27 CHR B . -0.49 4.55 -3.93
H311 CHR B . 0.03 5.52 -2.42
H312 CHR B . -1.37 5.13 -1.41
H313 CHR B . 0.18 5.55 -0.67
H29 CHR B . -0.45 1.09 -1.39
H321 CHR B . -1.44 -0.92 -2.13
H322 CHR B . -2.36 -0.97 -3.63
H323 CHR B . -0.63 -1.28 -3.65
H33 CHR B . -4.62 11.67 -0.52
H351 CHR B . -5.98 11.24 -3.02
H352 CHR B . -5.08 12.66 -2.50
N ALA A 1 17.82 -5.83 -14.32
CA ALA A 1 17.36 -5.26 -13.02
C ALA A 1 15.88 -4.87 -13.13
N ALA A 2 15.04 -5.54 -12.40
CA ALA A 2 13.57 -5.21 -12.46
C ALA A 2 13.09 -4.82 -11.07
N PRO A 3 12.03 -4.04 -11.03
CA PRO A 3 11.44 -3.57 -9.77
C PRO A 3 10.97 -4.76 -8.92
N THR A 4 10.86 -4.55 -7.66
CA THR A 4 10.42 -5.63 -6.74
C THR A 4 9.96 -5.00 -5.43
N ALA A 5 9.20 -5.71 -4.65
CA ALA A 5 8.73 -5.12 -3.38
C ALA A 5 8.60 -6.17 -2.32
N THR A 6 9.19 -5.92 -1.20
CA THR A 6 9.14 -6.91 -0.10
C THR A 6 8.18 -6.44 0.97
N VAL A 7 7.04 -7.04 1.00
CA VAL A 7 6.03 -6.66 2.01
C VAL A 7 5.68 -7.86 2.90
N THR A 8 6.00 -7.77 4.16
CA THR A 8 5.73 -8.88 5.11
C THR A 8 5.73 -8.32 6.53
N PRO A 9 4.95 -8.91 7.40
CA PRO A 9 4.07 -10.05 7.06
C PRO A 9 2.83 -9.53 6.35
N SER A 10 2.28 -10.32 5.48
CA SER A 10 1.06 -9.90 4.75
C SER A 10 -0.17 -10.37 5.52
N SER A 11 -0.02 -11.38 6.33
CA SER A 11 -1.18 -11.90 7.12
C SER A 11 -0.77 -12.06 8.58
N GLY A 12 -1.72 -12.15 9.47
CA GLY A 12 -1.39 -12.30 10.92
C GLY A 12 -0.93 -10.95 11.45
N LEU A 13 -1.58 -9.91 11.00
CA LEU A 13 -1.23 -8.55 11.40
C LEU A 13 -2.02 -8.13 12.61
N SER A 14 -3.24 -8.43 12.54
CA SER A 14 -4.18 -8.08 13.63
C SER A 14 -4.35 -6.57 13.70
N ASP A 15 -5.54 -6.15 14.04
CA ASP A 15 -5.85 -4.70 14.12
C ASP A 15 -4.83 -3.95 14.97
N GLY A 16 -3.95 -3.21 14.35
CA GLY A 16 -2.98 -2.41 15.13
C GLY A 16 -1.54 -2.88 14.93
N THR A 17 -1.21 -3.66 13.93
CA THR A 17 0.20 -4.05 13.82
C THR A 17 0.86 -3.26 12.70
N VAL A 18 2.06 -3.63 12.40
CA VAL A 18 2.83 -2.92 11.34
C VAL A 18 3.46 -3.92 10.37
N VAL A 19 3.45 -3.60 9.10
CA VAL A 19 4.07 -4.51 8.10
C VAL A 19 5.23 -3.77 7.41
N LYS A 20 6.18 -4.49 6.91
CA LYS A 20 7.34 -3.81 6.24
C LYS A 20 7.21 -4.01 4.73
N VAL A 21 6.89 -2.96 4.01
CA VAL A 21 6.77 -3.07 2.53
C VAL A 21 7.98 -2.40 1.88
N ALA A 22 8.73 -3.11 1.08
CA ALA A 22 9.91 -2.48 0.44
C ALA A 22 9.69 -2.43 -1.07
N GLY A 23 10.48 -1.66 -1.75
CA GLY A 23 10.33 -1.57 -3.23
C GLY A 23 11.72 -1.45 -3.86
N ALA A 24 12.20 -2.47 -4.51
CA ALA A 24 13.57 -2.37 -5.11
C ALA A 24 13.49 -2.46 -6.63
N GLY A 25 14.27 -1.69 -7.35
CA GLY A 25 14.20 -1.78 -8.83
C GLY A 25 13.06 -0.90 -9.36
N LEU A 26 12.72 0.13 -8.66
CA LEU A 26 11.62 1.00 -9.14
C LEU A 26 12.23 2.13 -9.98
N GLN A 27 11.42 2.96 -10.57
CA GLN A 27 11.98 4.06 -11.39
C GLN A 27 13.10 4.75 -10.62
N ALA A 28 14.30 4.38 -10.94
CA ALA A 28 15.49 4.96 -10.26
C ALA A 28 15.49 6.48 -10.38
N GLY A 29 14.68 7.15 -9.61
CA GLY A 29 14.63 8.63 -9.69
C GLY A 29 13.18 9.10 -9.73
N THR A 30 12.30 8.41 -9.06
CA THR A 30 10.88 8.83 -9.09
C THR A 30 10.19 8.55 -7.75
N ALA A 31 9.85 9.61 -7.06
CA ALA A 31 9.13 9.50 -5.76
C ALA A 31 8.02 8.45 -5.88
N TYR A 32 8.00 7.51 -4.98
CA TYR A 32 6.95 6.45 -5.02
C TYR A 32 6.12 6.54 -3.72
N ASP A 33 4.87 6.18 -3.74
CA ASP A 33 4.07 6.21 -2.48
C ASP A 33 3.99 4.79 -1.94
N VAL A 34 3.71 4.61 -0.68
CA VAL A 34 3.67 3.24 -0.11
C VAL A 34 2.57 3.15 0.97
N GLY A 35 1.53 2.34 0.78
CA GLY A 35 0.48 2.27 1.84
C GLY A 35 -0.47 1.09 1.64
N GLN A 36 -1.45 0.97 2.52
CA GLN A 36 -2.43 -0.11 2.45
C GLN A 36 -3.72 0.42 1.81
N CYS A 37 -4.00 0.03 0.62
CA CYS A 37 -5.24 0.52 -0.05
C CYS A 37 -6.02 -0.67 -0.63
N ALA A 38 -7.33 -0.57 -0.66
CA ALA A 38 -8.15 -1.70 -1.20
C ALA A 38 -9.01 -1.23 -2.37
N TRP A 39 -9.14 -2.04 -3.41
CA TRP A 39 -9.99 -1.65 -4.56
C TRP A 39 -11.36 -2.30 -4.35
N VAL A 40 -12.39 -1.51 -4.14
CA VAL A 40 -13.73 -2.10 -3.91
C VAL A 40 -14.62 -1.93 -5.14
N ASP A 41 -14.05 -1.61 -6.27
CA ASP A 41 -14.89 -1.44 -7.49
C ASP A 41 -14.02 -0.95 -8.65
N THR A 42 -14.63 -0.66 -9.77
CA THR A 42 -13.88 -0.18 -10.95
C THR A 42 -13.40 1.26 -10.70
N GLY A 43 -12.18 1.41 -10.28
CA GLY A 43 -11.62 2.77 -10.04
C GLY A 43 -11.97 3.28 -8.63
N VAL A 44 -12.17 2.41 -7.68
CA VAL A 44 -12.49 2.87 -6.30
C VAL A 44 -11.33 2.43 -5.39
N LEU A 45 -10.46 3.33 -4.96
CA LEU A 45 -9.32 2.90 -4.12
C LEU A 45 -9.43 3.56 -2.73
N ALA A 46 -9.81 2.83 -1.71
CA ALA A 46 -9.90 3.42 -0.36
C ALA A 46 -8.62 3.07 0.40
N CYS A 47 -7.77 4.04 0.65
CA CYS A 47 -6.50 3.73 1.38
C CYS A 47 -6.58 4.24 2.81
N ASN A 48 -5.69 3.78 3.66
CA ASN A 48 -5.73 4.23 5.10
C ASN A 48 -4.57 5.21 5.38
N PRO A 49 -4.86 6.25 6.13
CA PRO A 49 -3.85 7.28 6.48
C PRO A 49 -2.88 6.77 7.58
N ALA A 50 -2.67 5.48 7.70
CA ALA A 50 -1.74 4.98 8.75
C ALA A 50 -0.62 4.18 8.10
N ASP A 51 -0.61 4.12 6.79
CA ASP A 51 0.45 3.38 6.08
C ASP A 51 0.89 4.23 4.90
N PHE A 52 0.51 5.49 4.91
CA PHE A 52 0.87 6.36 3.77
C PHE A 52 2.31 6.86 3.90
N SER A 53 3.26 6.16 3.33
CA SER A 53 4.67 6.62 3.40
C SER A 53 5.11 7.01 1.99
N SER A 54 6.37 7.24 1.76
CA SER A 54 6.79 7.63 0.40
C SER A 54 8.30 7.89 0.32
N VAL A 55 8.92 7.38 -0.71
CA VAL A 55 10.38 7.59 -0.91
C VAL A 55 10.64 7.53 -2.42
N THR A 56 11.71 8.10 -2.90
CA THR A 56 11.96 8.05 -4.36
C THR A 56 12.92 6.92 -4.69
N ALA A 57 12.72 6.29 -5.81
CA ALA A 57 13.63 5.20 -6.21
C ALA A 57 15.03 5.77 -6.46
N ASP A 58 15.91 5.48 -5.56
CA ASP A 58 17.32 5.97 -5.67
C ASP A 58 17.99 5.44 -6.95
N ALA A 59 19.23 5.05 -6.85
CA ALA A 59 19.98 4.54 -8.05
C ALA A 59 19.18 3.46 -8.77
N ASN A 60 18.73 2.51 -8.04
CA ASN A 60 17.91 1.42 -8.66
C ASN A 60 16.47 1.70 -8.25
N GLY A 61 16.33 2.22 -7.06
CA GLY A 61 15.00 2.58 -6.53
C GLY A 61 14.58 1.60 -5.43
N SER A 62 15.29 1.63 -4.32
CA SER A 62 14.93 0.74 -3.19
C SER A 62 14.23 1.56 -2.12
N ALA A 63 13.06 1.15 -1.74
CA ALA A 63 12.32 1.92 -0.70
C ALA A 63 11.75 0.95 0.33
N SER A 64 12.28 0.94 1.52
CA SER A 64 11.76 0.02 2.57
C SER A 64 11.21 0.83 3.74
N THR A 65 9.95 0.68 4.01
CA THR A 65 9.34 1.44 5.15
C THR A 65 8.29 0.58 5.84
N SER A 66 8.21 0.65 7.13
CA SER A 66 7.22 -0.16 7.88
C SER A 66 6.02 0.71 8.24
N LEU A 67 4.83 0.25 7.99
CA LEU A 67 3.62 1.06 8.30
C LEU A 67 2.63 0.20 9.09
N THR A 68 1.63 0.81 9.68
CA THR A 68 0.63 0.02 10.46
C THR A 68 -0.61 -0.25 9.59
N VAL A 69 -0.99 -1.49 9.42
CA VAL A 69 -2.17 -1.79 8.57
C VAL A 69 -3.07 -2.82 9.27
N ARG A 70 -4.38 -2.72 9.15
CA ARG A 70 -5.25 -3.71 9.84
C ARG A 70 -6.44 -4.08 8.95
N ARG A 71 -7.44 -4.71 9.52
CA ARG A 71 -8.63 -5.11 8.71
C ARG A 71 -9.45 -3.86 8.38
N SER A 72 -10.26 -3.36 9.28
CA SER A 72 -11.03 -2.14 8.94
C SER A 72 -10.03 -1.00 8.86
N PHE A 73 -10.17 -0.14 7.89
CA PHE A 73 -9.18 0.92 7.77
C PHE A 73 -9.70 2.05 6.90
N GLU A 74 -9.53 3.28 7.36
CA GLU A 74 -10.03 4.46 6.61
C GLU A 74 -9.94 4.21 5.10
N GLY A 75 -11.05 4.30 4.43
CA GLY A 75 -11.05 4.04 2.95
C GLY A 75 -10.90 5.35 2.16
N PHE A 76 -9.91 6.15 2.46
CA PHE A 76 -9.72 7.45 1.70
C PHE A 76 -10.02 7.22 0.20
N LEU A 77 -11.04 7.86 -0.34
CA LEU A 77 -11.38 7.68 -1.78
C LEU A 77 -10.56 8.68 -2.63
N PHE A 78 -9.84 8.22 -3.63
CA PHE A 78 -9.02 9.15 -4.47
C PHE A 78 -9.96 10.12 -5.23
N ASP A 79 -10.76 10.86 -4.52
CA ASP A 79 -11.68 11.81 -5.21
C ASP A 79 -12.13 12.89 -4.22
N GLY A 80 -11.41 13.08 -3.14
CA GLY A 80 -11.80 14.12 -2.15
C GLY A 80 -12.82 13.55 -1.16
N THR A 81 -13.59 12.56 -1.56
CA THR A 81 -14.59 11.98 -0.64
C THR A 81 -14.02 10.74 0.07
N ARG A 82 -14.62 10.36 1.15
CA ARG A 82 -14.14 9.18 1.91
C ARG A 82 -15.14 8.03 1.69
N TRP A 83 -14.67 6.82 1.47
CA TRP A 83 -15.61 5.70 1.23
C TRP A 83 -16.14 5.14 2.56
N GLY A 84 -15.47 5.41 3.64
CA GLY A 84 -15.91 4.90 4.96
C GLY A 84 -14.88 3.89 5.46
N THR A 85 -15.06 3.38 6.64
CA THR A 85 -14.11 2.37 7.15
C THR A 85 -14.21 1.13 6.26
N VAL A 86 -13.20 0.90 5.47
CA VAL A 86 -13.22 -0.26 4.56
C VAL A 86 -12.82 -1.50 5.34
N ASP A 87 -13.76 -2.35 5.65
CA ASP A 87 -13.45 -3.59 6.43
C ASP A 87 -12.59 -4.53 5.59
N CYS A 88 -11.36 -4.74 5.95
CA CYS A 88 -10.52 -5.69 5.12
C CYS A 88 -11.11 -7.10 5.19
N THR A 89 -12.12 -7.33 6.00
CA THR A 89 -12.71 -8.69 6.09
C THR A 89 -13.75 -8.84 4.98
N THR A 90 -13.92 -7.84 4.17
CA THR A 90 -14.93 -7.92 3.06
C THR A 90 -14.19 -7.84 1.73
N ALA A 91 -13.33 -6.88 1.58
CA ALA A 91 -12.57 -6.74 0.30
C ALA A 91 -11.12 -7.19 0.50
N ALA A 92 -10.33 -7.12 -0.53
CA ALA A 92 -8.91 -7.53 -0.40
C ALA A 92 -8.02 -6.27 -0.34
N CYS A 93 -7.35 -6.04 0.76
CA CYS A 93 -6.50 -4.82 0.86
C CYS A 93 -5.05 -5.18 0.54
N GLN A 94 -4.46 -4.53 -0.43
CA GLN A 94 -3.08 -4.84 -0.80
C GLN A 94 -2.12 -3.78 -0.28
N VAL A 95 -0.94 -4.22 0.03
CA VAL A 95 0.10 -3.29 0.50
C VAL A 95 1.04 -3.10 -0.67
N GLY A 96 1.05 -1.95 -1.27
CA GLY A 96 1.92 -1.77 -2.45
C GLY A 96 2.46 -0.35 -2.54
N LEU A 97 3.15 -0.07 -3.62
CA LEU A 97 3.75 1.28 -3.80
C LEU A 97 3.11 1.92 -5.04
N SER A 98 3.55 3.10 -5.39
CA SER A 98 2.96 3.80 -6.56
C SER A 98 3.81 5.02 -6.89
N ASP A 99 3.75 5.49 -8.11
CA ASP A 99 4.56 6.69 -8.48
C ASP A 99 3.79 7.96 -8.11
N ALA A 100 2.52 7.82 -7.85
CA ALA A 100 1.70 9.00 -7.48
C ALA A 100 1.39 9.82 -8.74
N ALA A 101 1.19 9.14 -9.83
CA ALA A 101 0.90 9.86 -11.10
C ALA A 101 -0.20 9.12 -11.90
N GLY A 102 -0.24 7.82 -11.84
CA GLY A 102 -1.27 7.06 -12.58
C GLY A 102 -1.12 5.59 -12.23
N ASN A 103 0.10 5.12 -12.20
CA ASN A 103 0.32 3.72 -11.83
C ASN A 103 1.73 3.55 -11.27
N GLY A 104 2.07 2.36 -10.91
CA GLY A 104 3.42 2.09 -10.34
C GLY A 104 3.53 0.57 -10.03
N PRO A 105 4.54 0.15 -9.29
CA PRO A 105 4.66 -1.29 -8.97
C PRO A 105 3.32 -1.83 -8.46
N GLU A 106 3.23 -3.11 -8.21
CA GLU A 106 1.94 -3.69 -7.75
C GLU A 106 1.90 -3.73 -6.22
N GLY A 107 0.86 -4.31 -5.66
CA GLY A 107 0.75 -4.38 -4.18
C GLY A 107 0.67 -5.85 -3.74
N VAL A 108 0.84 -6.11 -2.47
CA VAL A 108 0.79 -7.48 -1.97
C VAL A 108 -0.53 -7.68 -1.20
N ALA A 109 -1.20 -8.74 -1.48
CA ALA A 109 -2.49 -9.03 -0.79
C ALA A 109 -2.21 -9.50 0.63
N ILE A 110 -2.80 -8.85 1.61
CA ILE A 110 -2.56 -9.27 3.02
C ILE A 110 -3.72 -10.15 3.47
N SER A 111 -3.62 -10.74 4.63
CA SER A 111 -4.72 -11.63 5.12
C SER A 111 -4.97 -11.36 6.61
N PHE A 112 -6.12 -11.69 7.11
CA PHE A 112 -6.42 -11.45 8.54
C PHE A 112 -7.10 -12.67 9.13
N ASN A 113 -6.35 -13.63 9.58
CA ASN A 113 -6.96 -14.86 10.17
C ASN A 113 -7.99 -14.45 11.24
C1 CHR B . -3.58 7.73 -4.20
C2 CHR B . -3.98 8.60 -3.14
C3 CHR B . -4.55 9.21 -2.29
C4 CHR B . -5.53 9.75 -1.33
O2 CHR B . -5.98 8.90 -0.24
C5 CHR B . -6.82 8.95 -1.43
C6 CHR B . -6.69 7.88 -2.43
C7 CHR B . -6.34 7.11 -3.29
C8 CHR B . -5.68 6.33 -4.31
C9 CHR B . -4.47 6.73 -4.77
C10 CHR B . -3.85 6.16 -6.02
O1 CHR B . -4.44 6.70 -7.19
C11 CHR B . -2.38 6.58 -5.89
O6 CHR B . -1.60 5.48 -5.46
C12 CHR B . -2.40 7.66 -4.82
C13 CHR B . -4.28 6.06 -8.44
O3 CHR B . -5.09 4.89 -8.48
C14 CHR B . -4.68 7.00 -9.57
N1 CHR B . -3.92 8.28 -9.45
C19 CHR B . -2.61 8.44 -10.13
C15 CHR B . -6.18 7.28 -9.48
O4 CHR B . -6.57 8.15 -10.53
C16 CHR B . -6.95 5.97 -9.58
O5 CHR B . -6.69 5.36 -10.84
C17 CHR B . -6.51 5.03 -8.46
C18 CHR B . -7.14 3.65 -8.67
C20 CHR B . -1.26 4.74 -6.50
O7 CHR B . -0.87 5.23 -7.54
C21 CHR B . -1.39 3.29 -6.31
C22 CHR B . -1.83 2.50 -7.37
O9 CHR B . -2.07 3.07 -8.61
C23 CHR B . -2.05 1.12 -7.19
C24 CHR B . -1.82 0.54 -5.94
C25 CHR B . -1.37 1.32 -4.87
C26 CHR B . -1.15 2.70 -5.05
C27 CHR B . -0.68 3.48 -3.98
C28 CHR B . -0.45 2.89 -2.73
O8 CHR B . 0.01 3.66 -1.66
C31 CHR B . -0.41 5.02 -1.66
C29 CHR B . -0.68 1.52 -2.55
C30 CHR B . -1.15 0.73 -3.62
C32 CHR B . -1.40 -0.75 -3.42
C33 CHR B . -5.60 11.26 -1.15
O10 CHR B . -6.52 11.59 -0.14
C34 CHR B . -7.46 12.34 -0.72
O11 CHR B . -8.40 12.78 -0.10
O12 CHR B . -7.33 12.57 -2.02
C35 CHR B . -6.14 11.91 -2.42
H5 CHR B . -7.78 9.49 -1.37
H8 CHR B . -6.13 5.45 -4.68
H10 CHR B . -3.93 5.07 -6.02
H11 CHR B . -2.01 6.98 -6.83
H12 CHR B . -1.58 8.30 -4.60
H13 CHR B . -3.24 5.77 -8.57
H14 CHR B . -4.46 6.55 -10.52
H191 CHR B . -1.91 8.91 -9.45
H192 CHR B . -2.24 7.46 -10.42
H193 CHR B . -2.73 9.05 -11.01
H15 CHR B . -6.40 7.75 -8.53
HO4 CHR B . -6.08 7.89 -11.32
H16 CHR B . -8.01 6.17 -9.48
HO5 CHR B . -7.54 5.17 -11.25
H17 CHR B . -6.81 5.42 -7.50
H181 CHR B . -7.60 3.60 -9.65
H182 CHR B . -7.90 3.49 -7.91
H183 CHR B . -6.38 2.88 -8.57
HO9 CHR B . -3.02 3.14 -8.77
H23 CHR B . -2.40 0.51 -8.01
H24 CHR B . -2.00 -0.52 -5.79
H27 CHR B . -0.47 4.52 -4.11
H311 CHR B . -1.48 5.07 -1.65
H312 CHR B . -0.03 5.52 -2.54
H313 CHR B . -0.01 5.51 -0.78
H29 CHR B . -0.52 1.07 -1.58
H321 CHR B . -2.45 -0.95 -3.57
H322 CHR B . -1.13 -1.03 -2.42
H323 CHR B . -0.81 -1.31 -4.13
H33 CHR B . -4.62 11.66 -0.91
H351 CHR B . -6.35 11.17 -3.16
H352 CHR B . -5.43 12.63 -2.80
N ALA A 1 18.77 -4.94 -12.79
CA ALA A 1 17.88 -5.17 -11.61
C ALA A 1 16.43 -4.87 -12.01
N ALA A 2 15.50 -5.59 -11.45
CA ALA A 2 14.07 -5.34 -11.79
C ALA A 2 13.31 -4.90 -10.53
N PRO A 3 12.27 -4.14 -10.73
CA PRO A 3 11.44 -3.63 -9.63
C PRO A 3 10.83 -4.79 -8.84
N THR A 4 10.46 -4.52 -7.63
CA THR A 4 9.83 -5.57 -6.77
C THR A 4 9.53 -4.94 -5.41
N ALA A 5 9.16 -5.72 -4.42
CA ALA A 5 8.84 -5.11 -3.11
C ALA A 5 8.73 -6.17 -2.03
N THR A 6 9.36 -5.91 -0.93
CA THR A 6 9.31 -6.89 0.19
C THR A 6 8.30 -6.44 1.21
N VAL A 7 7.18 -7.08 1.20
CA VAL A 7 6.12 -6.72 2.17
C VAL A 7 5.77 -7.92 3.04
N THR A 8 6.01 -7.80 4.33
CA THR A 8 5.71 -8.91 5.27
C THR A 8 5.70 -8.35 6.69
N PRO A 9 4.89 -8.93 7.55
CA PRO A 9 4.01 -10.06 7.19
C PRO A 9 2.80 -9.53 6.44
N SER A 10 2.26 -10.33 5.57
CA SER A 10 1.06 -9.91 4.79
C SER A 10 -0.20 -10.33 5.55
N SER A 11 -0.09 -11.35 6.38
CA SER A 11 -1.27 -11.82 7.15
C SER A 11 -0.86 -12.03 8.61
N GLY A 12 -1.82 -12.09 9.49
CA GLY A 12 -1.48 -12.30 10.94
C GLY A 12 -1.00 -10.97 11.52
N LEU A 13 -1.60 -9.90 11.09
CA LEU A 13 -1.22 -8.56 11.53
C LEU A 13 -2.02 -8.15 12.73
N SER A 14 -3.24 -8.47 12.64
CA SER A 14 -4.21 -8.15 13.71
C SER A 14 -4.40 -6.64 13.80
N ASP A 15 -5.61 -6.24 14.06
CA ASP A 15 -5.93 -4.79 14.14
C ASP A 15 -4.95 -4.06 15.06
N GLY A 16 -4.06 -3.29 14.49
CA GLY A 16 -3.13 -2.52 15.34
C GLY A 16 -1.66 -2.90 15.12
N THR A 17 -1.29 -3.69 14.13
CA THR A 17 0.14 -4.00 14.00
C THR A 17 0.74 -3.22 12.84
N VAL A 18 1.94 -3.55 12.54
CA VAL A 18 2.66 -2.85 11.43
C VAL A 18 3.34 -3.86 10.50
N VAL A 19 3.36 -3.58 9.23
CA VAL A 19 4.02 -4.52 8.28
C VAL A 19 5.17 -3.78 7.59
N LYS A 20 6.15 -4.50 7.12
CA LYS A 20 7.30 -3.82 6.44
C LYS A 20 7.18 -4.03 4.93
N VAL A 21 6.85 -2.99 4.20
CA VAL A 21 6.74 -3.11 2.72
C VAL A 21 7.94 -2.41 2.10
N ALA A 22 8.72 -3.10 1.32
CA ALA A 22 9.90 -2.44 0.71
C ALA A 22 9.75 -2.45 -0.81
N GLY A 23 10.55 -1.69 -1.48
CA GLY A 23 10.51 -1.65 -2.95
C GLY A 23 11.93 -1.77 -3.47
N ALA A 24 12.14 -2.45 -4.56
CA ALA A 24 13.52 -2.56 -5.09
C ALA A 24 13.46 -2.63 -6.61
N GLY A 25 14.12 -1.73 -7.31
CA GLY A 25 14.06 -1.79 -8.80
C GLY A 25 12.89 -0.93 -9.29
N LEU A 26 12.51 0.08 -8.56
CA LEU A 26 11.38 0.93 -9.01
C LEU A 26 11.94 2.03 -9.91
N GLN A 27 11.09 2.84 -10.48
CA GLN A 27 11.60 3.93 -11.35
C GLN A 27 12.75 4.64 -10.66
N ALA A 28 13.93 4.24 -11.01
CA ALA A 28 15.16 4.83 -10.40
C ALA A 28 15.18 6.34 -10.59
N GLY A 29 14.41 7.04 -9.82
CA GLY A 29 14.39 8.53 -9.94
C GLY A 29 12.95 9.04 -9.91
N THR A 30 12.08 8.38 -9.19
CA THR A 30 10.68 8.86 -9.16
C THR A 30 10.02 8.57 -7.80
N ALA A 31 9.68 9.62 -7.10
CA ALA A 31 9.00 9.50 -5.79
C ALA A 31 7.91 8.43 -5.86
N TYR A 32 7.91 7.52 -4.95
CA TYR A 32 6.89 6.44 -4.93
C TYR A 32 6.12 6.50 -3.60
N ASP A 33 4.85 6.16 -3.59
CA ASP A 33 4.10 6.19 -2.30
C ASP A 33 4.04 4.75 -1.78
N VAL A 34 3.72 4.55 -0.53
CA VAL A 34 3.71 3.16 0.02
C VAL A 34 2.63 3.04 1.12
N GLY A 35 1.59 2.24 0.93
CA GLY A 35 0.57 2.14 2.02
C GLY A 35 -0.40 0.96 1.77
N GLN A 36 -1.41 0.87 2.62
CA GLN A 36 -2.42 -0.21 2.51
C GLN A 36 -3.67 0.36 1.84
N CYS A 37 -3.93 -0.03 0.63
CA CYS A 37 -5.13 0.48 -0.08
C CYS A 37 -5.91 -0.69 -0.67
N ALA A 38 -7.22 -0.57 -0.76
CA ALA A 38 -8.05 -1.68 -1.31
C ALA A 38 -8.92 -1.18 -2.47
N TRP A 39 -9.04 -1.96 -3.52
CA TRP A 39 -9.91 -1.53 -4.67
C TRP A 39 -11.28 -2.18 -4.46
N VAL A 40 -12.30 -1.40 -4.23
CA VAL A 40 -13.65 -1.98 -4.00
C VAL A 40 -14.54 -1.78 -5.22
N ASP A 41 -13.98 -1.46 -6.35
CA ASP A 41 -14.82 -1.26 -7.56
C ASP A 41 -13.97 -0.76 -8.72
N THR A 42 -14.59 -0.46 -9.83
CA THR A 42 -13.82 0.02 -11.02
C THR A 42 -13.32 1.44 -10.76
N GLY A 43 -12.10 1.58 -10.35
CA GLY A 43 -11.53 2.93 -10.10
C GLY A 43 -11.89 3.44 -8.70
N VAL A 44 -12.09 2.56 -7.74
CA VAL A 44 -12.41 3.02 -6.37
C VAL A 44 -11.26 2.57 -5.46
N LEU A 45 -10.39 3.45 -5.01
CA LEU A 45 -9.25 3.01 -4.17
C LEU A 45 -9.36 3.65 -2.77
N ALA A 46 -9.76 2.89 -1.76
CA ALA A 46 -9.84 3.46 -0.40
C ALA A 46 -8.58 3.08 0.36
N CYS A 47 -7.72 4.02 0.63
CA CYS A 47 -6.45 3.69 1.36
C CYS A 47 -6.51 4.23 2.79
N ASN A 48 -5.63 3.76 3.64
CA ASN A 48 -5.64 4.23 5.07
C ASN A 48 -4.42 5.14 5.32
N PRO A 49 -4.65 6.30 5.89
CA PRO A 49 -3.56 7.25 6.20
C PRO A 49 -2.68 6.76 7.36
N ALA A 50 -2.68 5.49 7.67
CA ALA A 50 -1.81 4.99 8.78
C ALA A 50 -0.67 4.18 8.19
N ASP A 51 -0.62 4.09 6.89
CA ASP A 51 0.47 3.33 6.23
C ASP A 51 0.93 4.16 5.03
N PHE A 52 0.62 5.43 5.04
CA PHE A 52 1.00 6.29 3.90
C PHE A 52 2.45 6.77 4.03
N SER A 53 3.38 6.03 3.49
CA SER A 53 4.81 6.47 3.54
C SER A 53 5.22 6.88 2.12
N SER A 54 6.47 7.13 1.88
CA SER A 54 6.84 7.54 0.50
C SER A 54 8.35 7.84 0.40
N VAL A 55 8.95 7.39 -0.67
CA VAL A 55 10.39 7.66 -0.91
C VAL A 55 10.61 7.58 -2.43
N THR A 56 11.66 8.15 -2.94
CA THR A 56 11.86 8.10 -4.41
C THR A 56 12.81 6.97 -4.76
N ALA A 57 12.58 6.34 -5.87
CA ALA A 57 13.48 5.24 -6.29
C ALA A 57 14.85 5.79 -6.62
N ASP A 58 15.79 5.52 -5.76
CA ASP A 58 17.19 6.00 -5.95
C ASP A 58 17.81 5.39 -7.22
N ALA A 59 19.06 5.01 -7.16
CA ALA A 59 19.75 4.44 -8.36
C ALA A 59 18.90 3.35 -9.01
N ASN A 60 18.47 2.41 -8.25
CA ASN A 60 17.60 1.33 -8.80
C ASN A 60 16.19 1.63 -8.33
N GLY A 61 16.10 2.21 -7.17
CA GLY A 61 14.80 2.59 -6.59
C GLY A 61 14.43 1.65 -5.45
N SER A 62 15.15 1.70 -4.36
CA SER A 62 14.82 0.82 -3.21
C SER A 62 14.12 1.63 -2.14
N ALA A 63 13.01 1.16 -1.68
CA ALA A 63 12.26 1.92 -0.64
C ALA A 63 11.74 0.96 0.43
N SER A 64 12.31 0.99 1.60
CA SER A 64 11.84 0.08 2.68
C SER A 64 11.24 0.91 3.82
N THR A 65 9.97 0.73 4.06
CA THR A 65 9.32 1.51 5.16
C THR A 65 8.28 0.64 5.87
N SER A 66 8.18 0.78 7.17
CA SER A 66 7.20 -0.01 7.94
C SER A 66 5.98 0.86 8.23
N LEU A 67 4.80 0.32 8.07
CA LEU A 67 3.57 1.13 8.33
C LEU A 67 2.51 0.27 9.01
N THR A 68 1.59 0.88 9.73
CA THR A 68 0.54 0.10 10.42
C THR A 68 -0.64 -0.18 9.48
N VAL A 69 -1.17 -1.37 9.52
CA VAL A 69 -2.32 -1.71 8.64
C VAL A 69 -3.20 -2.74 9.34
N ARG A 70 -4.51 -2.69 9.19
CA ARG A 70 -5.35 -3.69 9.88
C ARG A 70 -6.61 -4.02 9.07
N ARG A 71 -7.44 -4.87 9.62
CA ARG A 71 -8.69 -5.28 8.93
C ARG A 71 -9.41 -4.03 8.41
N SER A 72 -10.40 -3.55 9.11
CA SER A 72 -11.10 -2.32 8.67
C SER A 72 -10.10 -1.19 8.70
N PHE A 73 -10.19 -0.28 7.79
CA PHE A 73 -9.17 0.79 7.79
C PHE A 73 -9.65 1.96 6.92
N GLU A 74 -9.35 3.15 7.35
CA GLU A 74 -9.78 4.37 6.60
C GLU A 74 -9.71 4.11 5.09
N GLY A 75 -10.83 4.22 4.42
CA GLY A 75 -10.85 3.98 2.94
C GLY A 75 -10.74 5.30 2.16
N PHE A 76 -9.75 6.11 2.46
CA PHE A 76 -9.59 7.41 1.72
C PHE A 76 -9.91 7.21 0.22
N LEU A 77 -10.96 7.83 -0.28
CA LEU A 77 -11.31 7.67 -1.73
C LEU A 77 -10.52 8.70 -2.57
N PHE A 78 -9.80 8.25 -3.58
CA PHE A 78 -9.03 9.22 -4.44
C PHE A 78 -9.98 10.18 -5.16
N ASP A 79 -10.78 10.90 -4.44
CA ASP A 79 -11.71 11.86 -5.10
C ASP A 79 -12.18 12.91 -4.08
N GLY A 80 -11.45 13.08 -3.02
CA GLY A 80 -11.85 14.10 -1.99
C GLY A 80 -12.85 13.47 -1.01
N THR A 81 -13.60 12.50 -1.42
CA THR A 81 -14.60 11.87 -0.51
C THR A 81 -13.98 10.65 0.19
N ARG A 82 -14.54 10.28 1.29
CA ARG A 82 -14.04 9.11 2.05
C ARG A 82 -15.02 7.94 1.86
N TRP A 83 -14.54 6.75 1.63
CA TRP A 83 -15.46 5.61 1.40
C TRP A 83 -15.94 5.02 2.73
N GLY A 84 -15.26 5.32 3.80
CA GLY A 84 -15.64 4.79 5.13
C GLY A 84 -14.60 3.76 5.58
N THR A 85 -14.74 3.24 6.76
CA THR A 85 -13.75 2.22 7.22
C THR A 85 -13.89 0.99 6.32
N VAL A 86 -12.99 0.82 5.41
CA VAL A 86 -13.07 -0.32 4.48
C VAL A 86 -12.69 -1.60 5.22
N ASP A 87 -13.66 -2.45 5.49
CA ASP A 87 -13.37 -3.72 6.22
C ASP A 87 -12.48 -4.62 5.36
N CYS A 88 -11.24 -4.85 5.76
CA CYS A 88 -10.38 -5.74 4.92
C CYS A 88 -10.97 -7.16 4.85
N THR A 89 -12.04 -7.43 5.58
CA THR A 89 -12.62 -8.80 5.52
C THR A 89 -13.66 -8.87 4.40
N THR A 90 -13.91 -7.78 3.73
CA THR A 90 -14.90 -7.78 2.62
C THR A 90 -14.15 -7.71 1.30
N ALA A 91 -13.23 -6.80 1.18
CA ALA A 91 -12.45 -6.68 -0.08
C ALA A 91 -11.01 -7.14 0.16
N ALA A 92 -10.19 -7.05 -0.84
CA ALA A 92 -8.77 -7.48 -0.66
C ALA A 92 -7.89 -6.25 -0.53
N CYS A 93 -7.24 -6.06 0.61
CA CYS A 93 -6.38 -4.86 0.78
C CYS A 93 -4.92 -5.22 0.48
N GLN A 94 -4.34 -4.57 -0.48
CA GLN A 94 -2.94 -4.88 -0.82
C GLN A 94 -1.99 -3.82 -0.30
N VAL A 95 -0.84 -4.26 0.08
CA VAL A 95 0.20 -3.32 0.58
C VAL A 95 1.19 -3.13 -0.55
N GLY A 96 1.21 -1.98 -1.15
CA GLY A 96 2.16 -1.81 -2.30
C GLY A 96 2.64 -0.37 -2.41
N LEU A 97 3.36 -0.10 -3.47
CA LEU A 97 3.91 1.27 -3.68
C LEU A 97 3.20 1.89 -4.87
N SER A 98 3.56 3.09 -5.23
CA SER A 98 2.89 3.76 -6.38
C SER A 98 3.58 5.10 -6.67
N ASP A 99 3.30 5.71 -7.79
CA ASP A 99 3.94 7.00 -8.11
C ASP A 99 2.85 8.09 -8.22
N ALA A 100 3.14 9.21 -8.84
CA ALA A 100 2.09 10.27 -8.96
C ALA A 100 1.77 10.51 -10.43
N ALA A 101 1.79 9.47 -11.22
CA ALA A 101 1.49 9.62 -12.66
C ALA A 101 0.18 8.90 -13.01
N GLY A 102 -0.12 7.83 -12.33
CA GLY A 102 -1.37 7.08 -12.64
C GLY A 102 -1.27 5.72 -11.98
N ASN A 103 -0.09 5.16 -11.95
CA ASN A 103 0.08 3.85 -11.32
C ASN A 103 1.56 3.63 -11.01
N GLY A 104 1.85 2.48 -10.49
CA GLY A 104 3.26 2.14 -10.12
C GLY A 104 3.35 0.62 -9.90
N PRO A 105 4.39 0.14 -9.22
CA PRO A 105 4.50 -1.32 -8.96
C PRO A 105 3.17 -1.87 -8.43
N GLU A 106 3.12 -3.14 -8.15
CA GLU A 106 1.85 -3.75 -7.65
C GLU A 106 1.82 -3.75 -6.12
N GLY A 107 0.82 -4.36 -5.55
CA GLY A 107 0.73 -4.41 -4.07
C GLY A 107 0.68 -5.86 -3.60
N VAL A 108 0.92 -6.09 -2.33
CA VAL A 108 0.92 -7.46 -1.80
C VAL A 108 -0.42 -7.71 -1.09
N ALA A 109 -1.06 -8.78 -1.42
CA ALA A 109 -2.35 -9.12 -0.78
C ALA A 109 -2.13 -9.56 0.66
N ILE A 110 -2.69 -8.85 1.61
CA ILE A 110 -2.51 -9.22 3.03
C ILE A 110 -3.73 -10.03 3.49
N SER A 111 -3.66 -10.61 4.65
CA SER A 111 -4.81 -11.42 5.15
C SER A 111 -5.02 -11.14 6.64
N PHE A 112 -6.22 -11.33 7.12
CA PHE A 112 -6.48 -11.07 8.57
C PHE A 112 -7.20 -12.27 9.18
N ASN A 113 -6.46 -13.12 9.85
CA ASN A 113 -7.08 -14.32 10.48
C ASN A 113 -8.17 -13.87 11.46
C1 CHR B . -3.52 7.79 -4.02
C2 CHR B . -3.94 8.65 -2.94
C3 CHR B . -4.53 9.25 -2.11
C4 CHR B . -5.54 9.79 -1.18
O2 CHR B . -6.07 8.93 -0.14
C5 CHR B . -6.86 9.04 -1.36
C6 CHR B . -6.71 8.00 -2.39
C7 CHR B . -6.35 7.23 -3.24
C8 CHR B . -5.65 6.45 -4.24
C9 CHR B . -4.42 6.84 -4.66
C10 CHR B . -3.77 6.27 -5.89
O1 CHR B . -4.30 6.86 -7.07
C11 CHR B . -2.29 6.67 -5.69
O6 CHR B . -1.55 5.54 -5.28
C12 CHR B . -2.33 7.71 -4.60
C13 CHR B . -4.14 6.20 -8.32
O3 CHR B . -4.99 5.08 -8.38
C14 CHR B . -4.50 7.17 -9.45
N1 CHR B . -3.70 8.42 -9.32
C19 CHR B . -2.35 8.51 -9.95
C15 CHR B . -5.99 7.50 -9.37
O4 CHR B . -6.34 8.38 -10.43
C16 CHR B . -6.81 6.21 -9.49
O5 CHR B . -6.56 5.61 -10.75
C17 CHR B . -6.40 5.25 -8.37
C18 CHR B . -7.08 3.90 -8.60
C20 CHR B . -1.24 4.81 -6.33
O7 CHR B . -0.84 5.31 -7.37
C21 CHR B . -1.40 3.35 -6.17
C22 CHR B . -1.86 2.60 -7.26
O9 CHR B . -2.09 3.22 -8.49
C23 CHR B . -2.09 1.22 -7.12
C24 CHR B . -1.86 0.61 -5.89
C25 CHR B . -1.39 1.35 -4.80
C26 CHR B . -1.16 2.73 -4.94
C27 CHR B . -0.69 3.47 -3.85
C28 CHR B . -0.46 2.84 -2.62
O8 CHR B . 0.01 3.57 -1.52
C31 CHR B . -0.34 4.95 -1.51
C29 CHR B . -0.70 1.46 -2.48
C30 CHR B . -1.17 0.72 -3.58
C32 CHR B . -1.44 -0.77 -3.42
C33 CHR B . -5.57 11.29 -0.96
O10 CHR B . -6.69 11.66 -0.17
C34 CHR B . -7.41 12.48 -0.94
O11 CHR B . -8.44 12.97 -0.53
O12 CHR B . -6.95 12.75 -2.15
C35 CHR B . -5.74 12.02 -2.28
H5 CHR B . -7.79 9.61 -1.33
H8 CHR B . -6.10 5.57 -4.65
H10 CHR B . -3.87 5.19 -5.92
H11 CHR B . -1.89 7.09 -6.61
H12 CHR B . -1.50 8.32 -4.32
H13 CHR B . -3.11 5.88 -8.43
H14 CHR B . -4.28 6.70 -10.40
H191 CHR B . -1.67 9.03 -9.29
H192 CHR B . -1.97 7.51 -10.14
H193 CHR B . -2.43 9.04 -10.88
H15 CHR B . -6.20 7.98 -8.43
HO4 CHR B . -5.75 9.14 -10.39
H16 CHR B . -7.86 6.44 -9.40
HO5 CHR B . -6.38 6.31 -11.38
H17 CHR B . -6.71 5.65 -7.41
H181 CHR B . -7.65 3.92 -9.52
H182 CHR B . -6.34 3.12 -8.66
H183 CHR B . -7.75 3.69 -7.78
HO9 CHR B . -2.97 3.00 -8.79
H23 CHR B . -2.44 0.65 -7.96
H24 CHR B . -2.04 -0.45 -5.78
H27 CHR B . -0.46 4.52 -3.95
H311 CHR B . 0.09 5.42 -0.63
H312 CHR B . 0.07 5.43 -2.40
H313 CHR B . -1.40 5.06 -1.49
H29 CHR B . -0.54 0.98 -1.52
H321 CHR B . -2.40 -1.00 -3.83
H322 CHR B . -0.68 -1.32 -3.96
H323 CHR B . -1.41 -1.04 -2.38
H33 CHR B . -4.65 11.61 -0.47
H351 CHR B . -5.82 11.31 -3.08
H352 CHR B . -4.92 12.70 -2.45
N ALA A 1 17.56 -4.69 -14.70
CA ALA A 1 16.92 -5.22 -13.46
C ALA A 1 15.46 -4.78 -13.41
N ALA A 2 14.62 -5.55 -12.78
CA ALA A 2 13.18 -5.17 -12.69
C ALA A 2 12.83 -4.82 -11.25
N PRO A 3 11.84 -3.97 -11.09
CA PRO A 3 11.39 -3.52 -9.77
C PRO A 3 10.88 -4.71 -8.95
N THR A 4 10.89 -4.56 -7.67
CA THR A 4 10.45 -5.64 -6.75
C THR A 4 9.99 -5.01 -5.45
N ALA A 5 9.21 -5.71 -4.67
CA ALA A 5 8.75 -5.13 -3.39
C ALA A 5 8.61 -6.19 -2.35
N THR A 6 9.22 -5.94 -1.22
CA THR A 6 9.15 -6.94 -0.12
C THR A 6 8.20 -6.47 0.95
N VAL A 7 7.07 -7.06 0.98
CA VAL A 7 6.06 -6.68 2.00
C VAL A 7 5.71 -7.88 2.88
N THR A 8 5.95 -7.76 4.16
CA THR A 8 5.66 -8.87 5.10
C THR A 8 5.66 -8.31 6.53
N PRO A 9 4.89 -8.90 7.40
CA PRO A 9 4.04 -10.05 7.07
C PRO A 9 2.83 -9.58 6.25
N SER A 10 2.28 -10.46 5.47
CA SER A 10 1.10 -10.10 4.64
C SER A 10 -0.17 -10.48 5.40
N SER A 11 -0.06 -11.42 6.30
CA SER A 11 -1.25 -11.85 7.08
C SER A 11 -0.86 -12.03 8.55
N GLY A 12 -1.82 -12.14 9.43
CA GLY A 12 -1.50 -12.30 10.88
C GLY A 12 -1.04 -10.95 11.42
N LEU A 13 -1.66 -9.90 10.97
CA LEU A 13 -1.30 -8.54 11.38
C LEU A 13 -2.10 -8.12 12.57
N SER A 14 -3.33 -8.39 12.49
CA SER A 14 -4.27 -8.04 13.57
C SER A 14 -4.37 -6.52 13.70
N ASP A 15 -5.53 -6.04 14.05
CA ASP A 15 -5.75 -4.59 14.18
C ASP A 15 -4.70 -3.93 15.07
N GLY A 16 -3.84 -3.15 14.48
CA GLY A 16 -2.82 -2.44 15.30
C GLY A 16 -1.40 -2.95 15.05
N THR A 17 -1.13 -3.72 14.02
CA THR A 17 0.27 -4.15 13.86
C THR A 17 0.93 -3.32 12.77
N VAL A 18 2.12 -3.71 12.44
CA VAL A 18 2.89 -2.97 11.41
C VAL A 18 3.50 -3.93 10.39
N VAL A 19 3.44 -3.58 9.13
CA VAL A 19 4.04 -4.47 8.09
C VAL A 19 5.20 -3.74 7.43
N LYS A 20 6.14 -4.47 6.90
CA LYS A 20 7.31 -3.81 6.24
C LYS A 20 7.22 -4.02 4.73
N VAL A 21 6.92 -2.97 4.00
CA VAL A 21 6.82 -3.08 2.52
C VAL A 21 8.03 -2.42 1.88
N ALA A 22 8.78 -3.14 1.08
CA ALA A 22 9.95 -2.51 0.44
C ALA A 22 9.73 -2.45 -1.07
N GLY A 23 10.53 -1.69 -1.76
CA GLY A 23 10.37 -1.59 -3.23
C GLY A 23 11.76 -1.49 -3.86
N ALA A 24 12.25 -2.50 -4.52
CA ALA A 24 13.62 -2.39 -5.12
C ALA A 24 13.54 -2.49 -6.64
N GLY A 25 14.31 -1.71 -7.36
CA GLY A 25 14.25 -1.81 -8.85
C GLY A 25 13.11 -0.94 -9.37
N LEU A 26 12.78 0.12 -8.68
CA LEU A 26 11.69 0.99 -9.15
C LEU A 26 12.30 2.14 -9.95
N GLN A 27 11.49 2.95 -10.57
CA GLN A 27 12.04 4.07 -11.36
C GLN A 27 13.14 4.76 -10.57
N ALA A 28 14.35 4.42 -10.89
CA ALA A 28 15.53 4.99 -10.20
C ALA A 28 15.50 6.52 -10.29
N GLY A 29 14.67 7.16 -9.52
CA GLY A 29 14.60 8.64 -9.56
C GLY A 29 13.14 9.09 -9.57
N THR A 30 12.26 8.36 -8.93
CA THR A 30 10.84 8.78 -8.93
C THR A 30 10.18 8.50 -7.57
N ALA A 31 9.86 9.56 -6.89
CA ALA A 31 9.17 9.47 -5.56
C ALA A 31 7.98 8.51 -5.65
N TYR A 32 8.06 7.40 -4.97
CA TYR A 32 6.92 6.42 -5.00
C TYR A 32 6.20 6.47 -3.65
N ASP A 33 4.93 6.15 -3.60
CA ASP A 33 4.22 6.16 -2.30
C ASP A 33 4.09 4.72 -1.82
N VAL A 34 3.88 4.52 -0.54
CA VAL A 34 3.79 3.13 -0.01
C VAL A 34 2.67 3.04 1.04
N GLY A 35 1.60 2.29 0.80
CA GLY A 35 0.52 2.24 1.83
C GLY A 35 -0.42 1.04 1.61
N GLN A 36 -1.41 0.93 2.47
CA GLN A 36 -2.39 -0.16 2.40
C GLN A 36 -3.67 0.37 1.77
N CYS A 37 -3.96 -0.04 0.58
CA CYS A 37 -5.21 0.45 -0.09
C CYS A 37 -6.00 -0.74 -0.66
N ALA A 38 -7.30 -0.62 -0.72
CA ALA A 38 -8.14 -1.74 -1.24
C ALA A 38 -9.00 -1.28 -2.42
N TRP A 39 -9.11 -2.07 -3.45
CA TRP A 39 -9.98 -1.68 -4.61
C TRP A 39 -11.35 -2.33 -4.40
N VAL A 40 -12.37 -1.57 -4.20
CA VAL A 40 -13.71 -2.15 -3.97
C VAL A 40 -14.58 -2.02 -5.22
N ASP A 41 -14.00 -1.72 -6.35
CA ASP A 41 -14.81 -1.58 -7.59
C ASP A 41 -13.94 -1.07 -8.74
N THR A 42 -14.53 -0.81 -9.87
CA THR A 42 -13.77 -0.31 -11.04
C THR A 42 -13.35 1.13 -10.80
N GLY A 43 -12.13 1.33 -10.37
CA GLY A 43 -11.64 2.72 -10.14
C GLY A 43 -12.01 3.22 -8.74
N VAL A 44 -12.18 2.34 -7.78
CA VAL A 44 -12.51 2.81 -6.42
C VAL A 44 -11.36 2.37 -5.49
N LEU A 45 -10.52 3.29 -5.05
CA LEU A 45 -9.36 2.87 -4.19
C LEU A 45 -9.48 3.54 -2.81
N ALA A 46 -9.88 2.80 -1.80
CA ALA A 46 -9.98 3.40 -0.45
C ALA A 46 -8.70 3.04 0.33
N CYS A 47 -7.84 3.99 0.57
CA CYS A 47 -6.57 3.66 1.28
C CYS A 47 -6.63 4.16 2.73
N ASN A 48 -5.73 3.71 3.56
CA ASN A 48 -5.74 4.16 4.99
C ASN A 48 -4.53 5.06 5.27
N PRO A 49 -4.75 6.16 5.95
CA PRO A 49 -3.68 7.11 6.30
C PRO A 49 -2.80 6.57 7.44
N ALA A 50 -2.71 5.28 7.63
CA ALA A 50 -1.86 4.74 8.74
C ALA A 50 -0.68 3.99 8.14
N ASP A 51 -0.59 3.94 6.84
CA ASP A 51 0.53 3.23 6.19
C ASP A 51 0.99 4.08 5.01
N PHE A 52 0.58 5.31 4.99
CA PHE A 52 0.96 6.19 3.85
C PHE A 52 2.40 6.70 4.00
N SER A 53 3.34 6.00 3.44
CA SER A 53 4.76 6.47 3.53
C SER A 53 5.19 6.91 2.13
N SER A 54 6.47 7.11 1.89
CA SER A 54 6.88 7.55 0.54
C SER A 54 8.39 7.75 0.45
N VAL A 55 8.98 7.29 -0.61
CA VAL A 55 10.44 7.47 -0.82
C VAL A 55 10.69 7.43 -2.34
N THR A 56 11.77 7.99 -2.81
CA THR A 56 12.02 7.96 -4.28
C THR A 56 12.98 6.84 -4.62
N ALA A 57 12.76 6.21 -5.74
CA ALA A 57 13.68 5.13 -6.15
C ALA A 57 15.07 5.71 -6.40
N ASP A 58 15.96 5.43 -5.50
CA ASP A 58 17.36 5.93 -5.61
C ASP A 58 18.02 5.42 -6.90
N ALA A 59 19.27 5.03 -6.82
CA ALA A 59 20.01 4.56 -8.03
C ALA A 59 19.23 3.47 -8.76
N ASN A 60 18.80 2.50 -8.04
CA ASN A 60 17.99 1.41 -8.64
C ASN A 60 16.55 1.66 -8.23
N GLY A 61 16.40 2.18 -7.05
CA GLY A 61 15.07 2.53 -6.52
C GLY A 61 14.65 1.55 -5.43
N SER A 62 15.36 1.55 -4.32
CA SER A 62 15.01 0.65 -3.20
C SER A 62 14.33 1.48 -2.12
N ALA A 63 13.15 1.09 -1.73
CA ALA A 63 12.42 1.85 -0.70
C ALA A 63 11.83 0.89 0.33
N SER A 64 12.38 0.87 1.52
CA SER A 64 11.86 -0.04 2.57
C SER A 64 11.30 0.78 3.72
N THR A 65 10.02 0.67 3.97
CA THR A 65 9.41 1.45 5.08
C THR A 65 8.37 0.58 5.79
N SER A 66 8.33 0.65 7.09
CA SER A 66 7.33 -0.15 7.86
C SER A 66 6.15 0.74 8.23
N LEU A 67 4.97 0.23 8.11
CA LEU A 67 3.76 1.07 8.43
C LEU A 67 2.74 0.22 9.21
N THR A 68 1.76 0.84 9.81
CA THR A 68 0.76 0.05 10.57
C THR A 68 -0.46 -0.22 9.68
N VAL A 69 -0.85 -1.47 9.53
CA VAL A 69 -2.02 -1.79 8.65
C VAL A 69 -2.96 -2.76 9.37
N ARG A 70 -4.26 -2.63 9.21
CA ARG A 70 -5.17 -3.58 9.91
C ARG A 70 -6.43 -3.85 9.07
N ARG A 71 -7.39 -4.53 9.65
CA ARG A 71 -8.64 -4.88 8.93
C ARG A 71 -9.40 -3.60 8.52
N SER A 72 -10.43 -3.23 9.22
CA SER A 72 -11.17 -2.00 8.84
C SER A 72 -10.20 -0.83 8.88
N PHE A 73 -10.29 0.02 7.91
CA PHE A 73 -9.36 1.16 7.89
C PHE A 73 -9.95 2.30 7.08
N GLU A 74 -9.51 3.50 7.33
CA GLU A 74 -10.07 4.66 6.59
C GLU A 74 -10.09 4.35 5.09
N GLY A 75 -11.24 4.40 4.48
CA GLY A 75 -11.34 4.10 3.02
C GLY A 75 -11.12 5.38 2.20
N PHE A 76 -10.09 6.15 2.51
CA PHE A 76 -9.83 7.41 1.74
C PHE A 76 -10.12 7.20 0.24
N LEU A 77 -11.13 7.84 -0.30
CA LEU A 77 -11.46 7.68 -1.75
C LEU A 77 -10.62 8.68 -2.58
N PHE A 78 -9.90 8.22 -3.58
CA PHE A 78 -9.08 9.16 -4.42
C PHE A 78 -9.99 10.14 -5.16
N ASP A 79 -10.78 10.90 -4.44
CA ASP A 79 -11.68 11.88 -5.11
C ASP A 79 -12.14 12.94 -4.11
N GLY A 80 -11.44 13.09 -3.02
CA GLY A 80 -11.84 14.12 -2.01
C GLY A 80 -12.89 13.54 -1.06
N THR A 81 -13.65 12.57 -1.50
CA THR A 81 -14.69 11.98 -0.61
C THR A 81 -14.13 10.75 0.10
N ARG A 82 -14.77 10.37 1.17
CA ARG A 82 -14.31 9.17 1.94
C ARG A 82 -15.30 8.02 1.70
N TRP A 83 -14.81 6.83 1.44
CA TRP A 83 -15.73 5.68 1.18
C TRP A 83 -16.25 5.09 2.49
N GLY A 84 -15.60 5.39 3.58
CA GLY A 84 -16.03 4.85 4.89
C GLY A 84 -14.97 3.88 5.40
N THR A 85 -15.11 3.40 6.61
CA THR A 85 -14.11 2.44 7.14
C THR A 85 -14.17 1.18 6.27
N VAL A 86 -13.18 0.98 5.45
CA VAL A 86 -13.17 -0.20 4.56
C VAL A 86 -12.75 -1.44 5.36
N ASP A 87 -13.69 -2.29 5.68
CA ASP A 87 -13.38 -3.52 6.47
C ASP A 87 -12.47 -4.44 5.66
N CYS A 88 -11.22 -4.58 6.02
CA CYS A 88 -10.34 -5.51 5.23
C CYS A 88 -10.91 -6.94 5.26
N THR A 89 -11.95 -7.20 6.02
CA THR A 89 -12.50 -8.58 6.07
C THR A 89 -13.57 -8.73 4.99
N THR A 90 -13.80 -7.70 4.22
CA THR A 90 -14.83 -7.79 3.14
C THR A 90 -14.14 -7.74 1.78
N ALA A 91 -13.25 -6.80 1.60
CA ALA A 91 -12.54 -6.69 0.30
C ALA A 91 -11.10 -7.14 0.47
N ALA A 92 -10.33 -7.11 -0.58
CA ALA A 92 -8.90 -7.54 -0.49
C ALA A 92 -8.02 -6.30 -0.43
N CYS A 93 -7.36 -6.06 0.69
CA CYS A 93 -6.50 -4.85 0.81
C CYS A 93 -5.04 -5.22 0.50
N GLN A 94 -4.46 -4.59 -0.48
CA GLN A 94 -3.06 -4.91 -0.84
C GLN A 94 -2.11 -3.87 -0.30
N VAL A 95 -0.94 -4.32 0.01
CA VAL A 95 0.10 -3.39 0.50
C VAL A 95 1.08 -3.21 -0.65
N GLY A 96 1.11 -2.05 -1.22
CA GLY A 96 2.03 -1.88 -2.38
C GLY A 96 2.52 -0.43 -2.49
N LEU A 97 3.19 -0.14 -3.57
CA LEU A 97 3.74 1.23 -3.77
C LEU A 97 3.03 1.88 -4.96
N SER A 98 3.40 3.07 -5.30
CA SER A 98 2.74 3.76 -6.43
C SER A 98 3.34 5.15 -6.62
N ASP A 99 3.01 5.83 -7.67
CA ASP A 99 3.56 7.20 -7.87
C ASP A 99 2.41 8.20 -8.00
N ALA A 100 2.64 9.36 -8.58
CA ALA A 100 1.53 10.34 -8.71
C ALA A 100 1.26 10.59 -10.18
N ALA A 101 1.36 9.57 -11.00
CA ALA A 101 1.11 9.74 -12.45
C ALA A 101 -0.11 8.91 -12.88
N GLY A 102 -0.33 7.77 -12.27
CA GLY A 102 -1.49 6.94 -12.66
C GLY A 102 -1.31 5.57 -12.05
N ASN A 103 -0.10 5.08 -11.99
CA ASN A 103 0.13 3.77 -11.40
C ASN A 103 1.61 3.60 -11.05
N GLY A 104 1.95 2.45 -10.57
CA GLY A 104 3.36 2.17 -10.17
C GLY A 104 3.48 0.66 -9.88
N PRO A 105 4.54 0.22 -9.21
CA PRO A 105 4.67 -1.22 -8.91
C PRO A 105 3.34 -1.78 -8.38
N GLU A 106 3.25 -3.06 -8.20
CA GLU A 106 1.96 -3.65 -7.71
C GLU A 106 1.96 -3.74 -6.18
N GLY A 107 0.91 -4.29 -5.63
CA GLY A 107 0.82 -4.41 -4.14
C GLY A 107 0.70 -5.89 -3.75
N VAL A 108 0.85 -6.17 -2.48
CA VAL A 108 0.77 -7.57 -2.01
C VAL A 108 -0.55 -7.76 -1.25
N ALA A 109 -1.23 -8.82 -1.54
CA ALA A 109 -2.52 -9.10 -0.85
C ALA A 109 -2.25 -9.57 0.58
N ILE A 110 -2.81 -8.89 1.55
CA ILE A 110 -2.59 -9.30 2.96
C ILE A 110 -3.78 -10.14 3.42
N SER A 111 -3.69 -10.72 4.60
CA SER A 111 -4.82 -11.56 5.09
C SER A 111 -5.05 -11.31 6.59
N PHE A 112 -6.23 -11.60 7.07
CA PHE A 112 -6.51 -11.38 8.52
C PHE A 112 -7.20 -12.61 9.09
N ASN A 113 -6.46 -13.52 9.65
CA ASN A 113 -7.08 -14.76 10.22
C ASN A 113 -8.30 -14.36 11.06
C1 CHR B . -3.68 7.69 -4.10
C2 CHR B . -4.07 8.55 -3.03
C3 CHR B . -4.65 9.15 -2.17
C4 CHR B . -5.63 9.68 -1.21
O2 CHR B . -6.11 8.83 -0.14
C5 CHR B . -6.93 8.91 -1.34
C6 CHR B . -6.81 7.85 -2.37
C7 CHR B . -6.46 7.09 -3.22
C8 CHR B . -5.79 6.33 -4.24
C9 CHR B . -4.59 6.71 -4.70
C10 CHR B . -3.96 6.14 -5.95
O1 CHR B . -4.54 6.70 -7.12
C11 CHR B . -2.48 6.57 -5.80
O6 CHR B . -1.72 5.45 -5.40
C12 CHR B . -2.51 7.62 -4.73
C13 CHR B . -4.36 6.06 -8.38
O3 CHR B . -5.20 4.91 -8.42
C14 CHR B . -4.76 7.01 -9.50
N1 CHR B . -3.97 8.27 -9.38
C19 CHR B . -2.59 8.34 -9.93
C15 CHR B . -6.25 7.32 -9.41
O4 CHR B . -6.63 8.19 -10.47
C16 CHR B . -7.06 6.02 -9.51
O5 CHR B . -6.81 5.42 -10.77
C17 CHR B . -6.61 5.07 -8.39
C18 CHR B . -7.29 3.71 -8.60
C20 CHR B . -1.42 4.71 -6.44
O7 CHR B . -1.05 5.20 -7.50
C21 CHR B . -1.56 3.26 -6.27
C22 CHR B . -2.04 2.48 -7.32
O9 CHR B . -2.30 3.08 -8.56
C23 CHR B . -2.26 1.11 -7.16
C24 CHR B . -1.98 0.51 -5.92
C25 CHR B . -1.50 1.28 -4.86
C26 CHR B . -1.29 2.65 -5.03
C27 CHR B . -0.78 3.42 -3.96
C28 CHR B . -0.50 2.80 -2.73
O8 CHR B . 0.00 3.55 -1.66
C31 CHR B . -0.32 4.93 -1.67
C29 CHR B . -0.73 1.42 -2.57
C30 CHR B . -1.22 0.66 -3.64
C32 CHR B . -1.48 -0.81 -3.46
C33 CHR B . -5.66 11.19 -1.00
O10 CHR B . -6.65 11.53 -0.04
C34 CHR B . -7.53 12.29 -0.68
O11 CHR B . -8.50 12.75 -0.11
O12 CHR B . -7.30 12.57 -1.96
C35 CHR B . -6.09 11.89 -2.29
H5 CHR B . -7.88 9.46 -1.28
H8 CHR B . -6.25 5.44 -4.64
H10 CHR B . -4.05 5.06 -5.97
H11 CHR B . -2.11 6.98 -6.74
H12 CHR B . -1.68 8.25 -4.49
H13 CHR B . -3.34 5.76 -8.49
H14 CHR B . -4.55 6.55 -10.46
H191 CHR B . -1.94 8.80 -9.20
H192 CHR B . -2.59 8.93 -10.83
H193 CHR B . -2.24 7.34 -10.15
H15 CHR B . -6.46 7.81 -8.46
HO4 CHR B . -5.93 8.85 -10.58
H16 CHR B . -8.11 6.23 -9.40
HO5 CHR B . -7.08 6.04 -11.45
H17 CHR B . -6.91 5.48 -7.44
H181 CHR B . -8.05 3.55 -7.84
H182 CHR B . -6.54 2.93 -8.52
H183 CHR B . -7.74 3.67 -9.58
HO9 CHR B . -1.69 3.80 -8.70
H23 CHR B . -2.63 0.52 -7.98
H24 CHR B . -2.15 -0.55 -5.79
H27 CHR B . -0.58 4.46 -4.08
H311 CHR B . -1.38 5.06 -1.87
H312 CHR B . 0.25 5.44 -2.45
H313 CHR B . -0.08 5.36 -0.71
H29 CHR B . -0.52 0.96 -1.62
H321 CHR B . -0.91 -1.18 -2.61
H322 CHR B . -2.53 -0.98 -3.28
H323 CHR B . -1.18 -1.35 -4.34
H33 CHR B . -4.69 11.56 -0.69
H351 CHR B . -5.34 12.60 -2.59
H352 CHR B . -6.28 11.16 -3.06
N ALA A 1 18.16 -6.54 -13.09
CA ALA A 1 17.08 -6.68 -12.08
C ALA A 1 15.93 -5.73 -12.42
N ALA A 2 14.73 -6.06 -12.03
CA ALA A 2 13.57 -5.19 -12.34
C ALA A 2 12.88 -4.77 -11.03
N PRO A 3 11.93 -3.87 -11.15
CA PRO A 3 11.17 -3.37 -9.99
C PRO A 3 10.45 -4.52 -9.28
N THR A 4 10.12 -4.32 -8.05
CA THR A 4 9.41 -5.37 -7.27
C THR A 4 9.14 -4.82 -5.86
N ALA A 5 8.71 -5.64 -4.94
CA ALA A 5 8.42 -5.14 -3.59
C ALA A 5 8.29 -6.27 -2.61
N THR A 6 8.99 -6.15 -1.52
CA THR A 6 8.91 -7.22 -0.49
C THR A 6 8.20 -6.68 0.73
N VAL A 7 7.03 -7.13 0.92
CA VAL A 7 6.20 -6.70 2.08
C VAL A 7 5.89 -7.89 2.98
N THR A 8 5.97 -7.70 4.27
CA THR A 8 5.70 -8.82 5.21
C THR A 8 5.69 -8.27 6.65
N PRO A 9 4.91 -8.87 7.50
CA PRO A 9 4.04 -10.00 7.13
C PRO A 9 2.83 -9.49 6.37
N SER A 10 2.29 -10.30 5.51
CA SER A 10 1.10 -9.89 4.73
C SER A 10 -0.17 -10.28 5.50
N SER A 11 -0.07 -11.28 6.33
CA SER A 11 -1.25 -11.72 7.11
C SER A 11 -0.86 -11.92 8.58
N GLY A 12 -1.82 -12.02 9.45
CA GLY A 12 -1.50 -12.22 10.90
C GLY A 12 -1.03 -10.88 11.47
N LEU A 13 -1.66 -9.83 11.05
CA LEU A 13 -1.28 -8.48 11.49
C LEU A 13 -2.09 -8.07 12.68
N SER A 14 -3.31 -8.37 12.58
CA SER A 14 -4.28 -8.04 13.65
C SER A 14 -4.46 -6.52 13.73
N ASP A 15 -5.66 -6.10 14.01
CA ASP A 15 -5.97 -4.66 14.08
C ASP A 15 -4.98 -3.92 14.98
N GLY A 16 -4.10 -3.15 14.39
CA GLY A 16 -3.15 -2.37 15.22
C GLY A 16 -1.69 -2.80 15.06
N THR A 17 -1.33 -3.61 14.10
CA THR A 17 0.09 -3.98 14.00
C THR A 17 0.74 -3.18 12.89
N VAL A 18 1.93 -3.55 12.58
CA VAL A 18 2.70 -2.85 11.51
C VAL A 18 3.36 -3.85 10.56
N VAL A 19 3.39 -3.54 9.28
CA VAL A 19 4.04 -4.49 8.33
C VAL A 19 5.19 -3.75 7.63
N LYS A 20 6.16 -4.48 7.16
CA LYS A 20 7.30 -3.82 6.48
C LYS A 20 7.15 -4.01 4.97
N VAL A 21 6.86 -2.96 4.26
CA VAL A 21 6.70 -3.06 2.78
C VAL A 21 7.97 -2.51 2.14
N ALA A 22 8.45 -3.11 1.09
CA ALA A 22 9.67 -2.59 0.45
C ALA A 22 9.51 -2.59 -1.07
N GLY A 23 10.32 -1.81 -1.72
CA GLY A 23 10.26 -1.75 -3.18
C GLY A 23 11.68 -1.90 -3.72
N ALA A 24 11.87 -2.55 -4.81
CA ALA A 24 13.26 -2.70 -5.34
C ALA A 24 13.21 -2.69 -6.87
N GLY A 25 13.96 -1.82 -7.51
CA GLY A 25 13.93 -1.79 -9.00
C GLY A 25 12.82 -0.84 -9.47
N LEU A 26 12.47 0.14 -8.68
CA LEU A 26 11.41 1.07 -9.11
C LEU A 26 12.04 2.19 -9.93
N GLN A 27 11.27 3.07 -10.48
CA GLN A 27 11.86 4.16 -11.30
C GLN A 27 13.03 4.78 -10.55
N ALA A 28 14.19 4.34 -10.89
CA ALA A 28 15.43 4.84 -10.24
C ALA A 28 15.52 6.36 -10.34
N GLY A 29 14.77 7.06 -9.54
CA GLY A 29 14.82 8.55 -9.59
C GLY A 29 13.41 9.10 -9.58
N THR A 30 12.49 8.46 -8.91
CA THR A 30 11.10 8.97 -8.90
C THR A 30 10.40 8.66 -7.57
N ALA A 31 10.12 9.70 -6.84
CA ALA A 31 9.41 9.58 -5.54
C ALA A 31 8.24 8.59 -5.66
N TYR A 32 8.18 7.62 -4.79
CA TYR A 32 7.08 6.62 -4.84
C TYR A 32 6.32 6.66 -3.51
N ASP A 33 5.04 6.36 -3.51
CA ASP A 33 4.29 6.37 -2.22
C ASP A 33 4.16 4.92 -1.75
N VAL A 34 3.97 4.71 -0.47
CA VAL A 34 3.88 3.31 0.04
C VAL A 34 2.75 3.22 1.09
N GLY A 35 1.68 2.47 0.84
CA GLY A 35 0.60 2.42 1.88
C GLY A 35 -0.33 1.22 1.67
N GLN A 36 -1.32 1.12 2.53
CA GLN A 36 -2.30 0.02 2.47
C GLN A 36 -3.58 0.55 1.81
N CYS A 37 -3.88 0.07 0.65
CA CYS A 37 -5.11 0.53 -0.04
C CYS A 37 -5.91 -0.68 -0.53
N ALA A 38 -7.19 -0.52 -0.65
CA ALA A 38 -8.03 -1.67 -1.13
C ALA A 38 -8.90 -1.24 -2.32
N TRP A 39 -8.98 -2.07 -3.33
CA TRP A 39 -9.84 -1.72 -4.50
C TRP A 39 -11.20 -2.38 -4.28
N VAL A 40 -12.24 -1.62 -4.10
CA VAL A 40 -13.58 -2.23 -3.84
C VAL A 40 -14.47 -2.10 -5.08
N ASP A 41 -13.92 -1.79 -6.21
CA ASP A 41 -14.78 -1.67 -7.42
C ASP A 41 -13.94 -1.16 -8.61
N THR A 42 -14.60 -0.91 -9.72
CA THR A 42 -13.85 -0.43 -10.92
C THR A 42 -13.38 1.01 -10.69
N GLY A 43 -12.15 1.15 -10.30
CA GLY A 43 -11.59 2.52 -10.08
C GLY A 43 -11.92 3.06 -8.68
N VAL A 44 -12.12 2.19 -7.70
CA VAL A 44 -12.42 2.69 -6.35
C VAL A 44 -11.24 2.29 -5.43
N LEU A 45 -10.39 3.22 -5.04
CA LEU A 45 -9.21 2.84 -4.21
C LEU A 45 -9.32 3.54 -2.83
N ALA A 46 -9.64 2.80 -1.78
CA ALA A 46 -9.72 3.43 -0.44
C ALA A 46 -8.39 3.22 0.28
N CYS A 47 -7.65 4.29 0.51
CA CYS A 47 -6.32 4.16 1.17
C CYS A 47 -6.40 4.56 2.66
N ASN A 48 -5.62 3.94 3.51
CA ASN A 48 -5.65 4.31 4.96
C ASN A 48 -4.41 5.18 5.28
N PRO A 49 -4.64 6.35 5.86
CA PRO A 49 -3.53 7.27 6.21
C PRO A 49 -2.67 6.75 7.38
N ALA A 50 -2.64 5.46 7.63
CA ALA A 50 -1.79 4.95 8.76
C ALA A 50 -0.62 4.17 8.19
N ASP A 51 -0.51 4.12 6.90
CA ASP A 51 0.62 3.39 6.26
C ASP A 51 1.09 4.23 5.08
N PHE A 52 0.71 5.48 5.04
CA PHE A 52 1.11 6.34 3.91
C PHE A 52 2.55 6.83 4.08
N SER A 53 3.49 6.12 3.54
CA SER A 53 4.91 6.56 3.63
C SER A 53 5.36 7.02 2.24
N SER A 54 6.63 7.19 2.01
CA SER A 54 7.06 7.65 0.66
C SER A 54 8.58 7.81 0.56
N VAL A 55 9.15 7.33 -0.49
CA VAL A 55 10.62 7.47 -0.72
C VAL A 55 10.85 7.45 -2.23
N THR A 56 11.94 7.97 -2.71
CA THR A 56 12.16 7.95 -4.18
C THR A 56 13.06 6.79 -4.56
N ALA A 57 12.82 6.23 -5.71
CA ALA A 57 13.66 5.10 -6.15
C ALA A 57 15.09 5.61 -6.41
N ASP A 58 15.96 5.24 -5.55
CA ASP A 58 17.40 5.64 -5.67
C ASP A 58 18.02 5.10 -6.97
N ALA A 59 19.24 4.64 -6.89
CA ALA A 59 19.95 4.11 -8.11
C ALA A 59 19.06 3.12 -8.85
N ASN A 60 18.56 2.15 -8.15
CA ASN A 60 17.67 1.15 -8.80
C ASN A 60 16.26 1.49 -8.35
N GLY A 61 16.16 2.00 -7.17
CA GLY A 61 14.86 2.42 -6.59
C GLY A 61 14.42 1.46 -5.51
N SER A 62 15.15 1.39 -4.42
CA SER A 62 14.77 0.50 -3.31
C SER A 62 14.11 1.33 -2.23
N ALA A 63 12.95 0.93 -1.80
CA ALA A 63 12.25 1.70 -0.75
C ALA A 63 11.64 0.76 0.29
N SER A 64 12.19 0.72 1.47
CA SER A 64 11.65 -0.18 2.52
C SER A 64 11.25 0.64 3.74
N THR A 65 10.01 0.58 4.10
CA THR A 65 9.54 1.35 5.29
C THR A 65 8.44 0.55 6.00
N SER A 66 8.35 0.68 7.29
CA SER A 66 7.31 -0.07 8.05
C SER A 66 6.12 0.86 8.32
N LEU A 67 4.93 0.34 8.20
CA LEU A 67 3.72 1.19 8.45
C LEU A 67 2.64 0.34 9.13
N THR A 68 1.71 0.96 9.81
CA THR A 68 0.65 0.16 10.49
C THR A 68 -0.51 -0.11 9.53
N VAL A 69 -1.03 -1.32 9.56
CA VAL A 69 -2.14 -1.66 8.63
C VAL A 69 -3.05 -2.71 9.31
N ARG A 70 -4.35 -2.62 9.15
CA ARG A 70 -5.22 -3.63 9.80
C ARG A 70 -6.42 -3.96 8.89
N ARG A 71 -7.37 -4.70 9.42
CA ARG A 71 -8.57 -5.07 8.61
C ARG A 71 -9.33 -3.79 8.25
N SER A 72 -10.33 -3.42 9.00
CA SER A 72 -11.06 -2.17 8.67
C SER A 72 -10.04 -1.05 8.66
N PHE A 73 -10.12 -0.17 7.72
CA PHE A 73 -9.11 0.89 7.67
C PHE A 73 -9.59 2.04 6.79
N GLU A 74 -9.36 3.25 7.24
CA GLU A 74 -9.81 4.46 6.49
C GLU A 74 -9.77 4.20 4.98
N GLY A 75 -10.91 4.29 4.34
CA GLY A 75 -10.96 4.04 2.87
C GLY A 75 -10.89 5.35 2.06
N PHE A 76 -9.93 6.20 2.35
CA PHE A 76 -9.82 7.48 1.57
C PHE A 76 -10.10 7.21 0.08
N LEU A 77 -11.15 7.77 -0.48
CA LEU A 77 -11.48 7.53 -1.93
C LEU A 77 -10.70 8.53 -2.80
N PHE A 78 -9.96 8.08 -3.79
CA PHE A 78 -9.20 9.02 -4.67
C PHE A 78 -10.17 9.92 -5.45
N ASP A 79 -11.01 10.64 -4.77
CA ASP A 79 -11.97 11.54 -5.49
C ASP A 79 -12.49 12.61 -4.53
N GLY A 80 -11.79 12.86 -3.45
CA GLY A 80 -12.24 13.91 -2.49
C GLY A 80 -13.22 13.30 -1.49
N THR A 81 -13.93 12.28 -1.88
CA THR A 81 -14.92 11.66 -0.95
C THR A 81 -14.27 10.51 -0.18
N ARG A 82 -14.81 10.19 0.96
CA ARG A 82 -14.27 9.08 1.78
C ARG A 82 -15.22 7.87 1.65
N TRP A 83 -14.70 6.69 1.45
CA TRP A 83 -15.57 5.51 1.29
C TRP A 83 -16.01 4.96 2.66
N GLY A 84 -15.31 5.33 3.70
CA GLY A 84 -15.67 4.85 5.06
C GLY A 84 -14.63 3.82 5.49
N THR A 85 -14.74 3.33 6.70
CA THR A 85 -13.77 2.31 7.16
C THR A 85 -13.91 1.08 6.27
N VAL A 86 -12.99 0.87 5.39
CA VAL A 86 -13.08 -0.28 4.47
C VAL A 86 -12.69 -1.56 5.23
N ASP A 87 -13.67 -2.36 5.57
CA ASP A 87 -13.39 -3.62 6.33
C ASP A 87 -12.52 -4.55 5.49
N CYS A 88 -11.26 -4.74 5.85
CA CYS A 88 -10.42 -5.68 5.03
C CYS A 88 -10.97 -7.11 5.15
N THR A 89 -11.97 -7.32 5.97
CA THR A 89 -12.53 -8.70 6.09
C THR A 89 -13.57 -8.91 5.00
N THR A 90 -13.73 -7.95 4.12
CA THR A 90 -14.73 -8.09 3.03
C THR A 90 -14.00 -8.00 1.69
N ALA A 91 -13.17 -7.01 1.52
CA ALA A 91 -12.43 -6.87 0.24
C ALA A 91 -10.97 -7.26 0.46
N ALA A 92 -10.16 -7.17 -0.56
CA ALA A 92 -8.73 -7.55 -0.42
C ALA A 92 -7.88 -6.27 -0.39
N CYS A 93 -7.21 -5.99 0.71
CA CYS A 93 -6.38 -4.76 0.78
C CYS A 93 -4.92 -5.11 0.48
N GLN A 94 -4.34 -4.45 -0.49
CA GLN A 94 -2.94 -4.76 -0.85
C GLN A 94 -1.99 -3.70 -0.33
N VAL A 95 -0.82 -4.15 0.00
CA VAL A 95 0.23 -3.22 0.48
C VAL A 95 1.15 -2.98 -0.71
N GLY A 96 1.14 -1.81 -1.27
CA GLY A 96 2.00 -1.61 -2.46
C GLY A 96 2.54 -0.18 -2.52
N LEU A 97 3.22 0.13 -3.59
CA LEU A 97 3.82 1.48 -3.75
C LEU A 97 3.18 2.16 -4.96
N SER A 98 3.61 3.35 -5.26
CA SER A 98 3.02 4.09 -6.43
C SER A 98 3.82 5.37 -6.64
N ASP A 99 3.58 6.06 -7.73
CA ASP A 99 4.34 7.32 -7.98
C ASP A 99 3.42 8.53 -7.74
N ALA A 100 2.15 8.28 -7.57
CA ALA A 100 1.20 9.38 -7.34
C ALA A 100 0.98 10.14 -8.65
N ALA A 101 0.90 9.44 -9.73
CA ALA A 101 0.72 10.10 -11.05
C ALA A 101 -0.31 9.33 -11.90
N GLY A 102 -0.36 8.03 -11.80
CA GLY A 102 -1.34 7.26 -12.61
C GLY A 102 -1.21 5.79 -12.22
N ASN A 103 0.00 5.32 -12.08
CA ASN A 103 0.19 3.92 -11.69
C ASN A 103 1.60 3.73 -11.14
N GLY A 104 1.92 2.53 -10.80
CA GLY A 104 3.27 2.22 -10.25
C GLY A 104 3.37 0.69 -10.02
N PRO A 105 4.36 0.22 -9.28
CA PRO A 105 4.49 -1.24 -9.03
C PRO A 105 3.15 -1.82 -8.57
N GLU A 106 3.12 -3.08 -8.23
CA GLU A 106 1.84 -3.71 -7.79
C GLU A 106 1.75 -3.71 -6.27
N GLY A 107 0.69 -4.25 -5.74
CA GLY A 107 0.53 -4.28 -4.25
C GLY A 107 0.53 -5.73 -3.76
N VAL A 108 0.83 -5.94 -2.51
CA VAL A 108 0.87 -7.30 -1.95
C VAL A 108 -0.45 -7.57 -1.23
N ALA A 109 -1.07 -8.66 -1.54
CA ALA A 109 -2.36 -9.01 -0.88
C ALA A 109 -2.11 -9.46 0.56
N ILE A 110 -2.67 -8.76 1.50
CA ILE A 110 -2.45 -9.16 2.93
C ILE A 110 -3.67 -9.97 3.39
N SER A 111 -3.62 -10.54 4.57
CA SER A 111 -4.78 -11.35 5.05
C SER A 111 -5.00 -11.10 6.54
N PHE A 112 -6.19 -11.35 7.02
CA PHE A 112 -6.49 -11.11 8.45
C PHE A 112 -7.22 -12.32 9.03
N ASN A 113 -6.61 -13.03 9.94
CA ASN A 113 -7.27 -14.23 10.53
C ASN A 113 -8.74 -13.90 10.85
C1 CHR B . -3.67 7.79 -4.24
C2 CHR B . -4.12 8.67 -3.19
C3 CHR B . -4.73 9.28 -2.37
C4 CHR B . -5.75 9.81 -1.46
O2 CHR B . -6.23 8.97 -0.37
C5 CHR B . -7.04 8.99 -1.59
C6 CHR B . -6.85 7.90 -2.58
C7 CHR B . -6.45 7.12 -3.39
C8 CHR B . -5.73 6.34 -4.37
C9 CHR B . -4.53 6.76 -4.83
C10 CHR B . -3.87 6.20 -6.05
O1 CHR B . -4.45 6.74 -7.23
C11 CHR B . -2.41 6.66 -5.89
O6 CHR B . -1.62 5.58 -5.44
C12 CHR B . -2.49 7.74 -4.83
C13 CHR B . -4.22 6.11 -8.49
O3 CHR B . -4.94 4.88 -8.53
C14 CHR B . -4.70 7.01 -9.62
N1 CHR B . -4.07 8.35 -9.48
C19 CHR B . -2.86 8.68 -10.28
C15 CHR B . -6.23 7.16 -9.54
O4 CHR B . -6.68 7.98 -10.61
C16 CHR B . -6.87 5.78 -9.64
O5 CHR B . -6.54 5.20 -10.91
C17 CHR B . -6.35 4.88 -8.52
C18 CHR B . -6.87 3.46 -8.73
C20 CHR B . -1.28 4.83 -6.48
O7 CHR B . -0.91 5.29 -7.52
C21 CHR B . -1.40 3.38 -6.26
C22 CHR B . -1.86 2.57 -7.31
O9 CHR B . -2.11 3.13 -8.56
C23 CHR B . -2.07 1.20 -7.11
C24 CHR B . -1.81 0.63 -5.85
C25 CHR B . -1.35 1.43 -4.80
C26 CHR B . -1.14 2.80 -5.00
C27 CHR B . -0.66 3.59 -3.95
C28 CHR B . -0.41 3.02 -2.70
O8 CHR B . 0.06 3.81 -1.65
C31 CHR B . -0.36 5.16 -1.64
C29 CHR B . -0.63 1.65 -2.50
C30 CHR B . -1.10 0.86 -3.55
C32 CHR B . -1.35 -0.62 -3.33
C33 CHR B . -5.85 11.32 -1.31
O10 CHR B . -6.96 11.67 -0.49
C34 CHR B . -7.75 12.40 -1.26
O11 CHR B . -8.80 12.84 -0.83
O12 CHR B . -7.38 12.63 -2.51
C35 CHR B . -6.13 11.97 -2.66
H5 CHR B . -7.99 9.51 -1.57
H8 CHR B . -6.14 5.43 -4.73
H10 CHR B . -3.94 5.11 -6.05
H11 CHR B . -2.03 7.06 -6.82
H12 CHR B . -1.67 8.40 -4.60
H13 CHR B . -3.16 5.91 -8.61
H14 CHR B . -4.43 6.58 -10.57
H191 CHR B . -3.15 9.17 -11.20
H192 CHR B . -2.32 7.78 -10.51
H193 CHR B . -2.21 9.35 -9.71
H15 CHR B . -6.49 7.61 -8.59
HO4 CHR B . -7.57 8.27 -10.40
H16 CHR B . -7.95 5.87 -9.57
HO5 CHR B . -7.30 5.32 -11.49
H17 CHR B . -6.71 5.26 -7.57
H181 CHR B . -7.69 3.27 -8.05
H182 CHR B . -6.07 2.75 -8.54
H183 CHR B . -7.22 3.34 -9.75
HO9 CHR B . -2.47 2.45 -9.15
H23 CHR B . -2.42 0.57 -7.92
H24 CHR B . -1.98 -0.43 -5.70
H27 CHR B . -0.46 4.65 -4.10
H311 CHR B . -0.07 5.63 -0.72
H312 CHR B . -1.43 5.21 -1.75
H313 CHR B . 0.11 5.69 -2.47
H29 CHR B . -0.44 1.21 -1.53
H321 CHR B . -2.42 -0.82 -3.40
H322 CHR B . -0.84 -1.19 -4.09
H323 CHR B . -0.99 -0.91 -2.36
H33 CHR B . -4.94 11.72 -0.88
H351 CHR B . -6.21 11.22 -3.43
H352 CHR B . -5.36 12.68 -2.90
N ALA A 1 17.06 -5.14 -14.60
CA ALA A 1 16.04 -5.86 -13.80
C ALA A 1 14.82 -4.98 -13.58
N ALA A 2 13.68 -5.56 -13.35
CA ALA A 2 12.44 -4.74 -13.13
C ALA A 2 12.24 -4.52 -11.64
N PRO A 3 11.38 -3.59 -11.31
CA PRO A 3 11.07 -3.25 -9.91
C PRO A 3 10.51 -4.45 -9.17
N THR A 4 10.63 -4.44 -7.88
CA THR A 4 10.13 -5.55 -7.05
C THR A 4 9.65 -4.99 -5.73
N ALA A 5 8.84 -5.73 -5.02
CA ALA A 5 8.34 -5.21 -3.73
C ALA A 5 8.11 -6.34 -2.76
N THR A 6 8.77 -6.26 -1.64
CA THR A 6 8.61 -7.31 -0.62
C THR A 6 7.99 -6.74 0.62
N VAL A 7 6.79 -7.11 0.84
CA VAL A 7 6.03 -6.64 2.02
C VAL A 7 5.77 -7.82 2.97
N THR A 8 5.94 -7.62 4.25
CA THR A 8 5.72 -8.71 5.23
C THR A 8 5.67 -8.12 6.64
N PRO A 9 4.89 -8.73 7.50
CA PRO A 9 4.08 -9.91 7.16
C PRO A 9 2.86 -9.46 6.36
N SER A 10 2.38 -10.32 5.52
CA SER A 10 1.18 -9.98 4.70
C SER A 10 -0.07 -10.36 5.47
N SER A 11 0.05 -11.32 6.35
CA SER A 11 -1.13 -11.76 7.16
C SER A 11 -0.71 -11.97 8.62
N GLY A 12 -1.65 -12.05 9.51
CA GLY A 12 -1.29 -12.26 10.95
C GLY A 12 -0.82 -10.92 11.52
N LEU A 13 -1.45 -9.86 11.11
CA LEU A 13 -1.09 -8.51 11.55
C LEU A 13 -1.90 -8.11 12.74
N SER A 14 -3.11 -8.44 12.65
CA SER A 14 -4.09 -8.12 13.73
C SER A 14 -4.32 -6.62 13.78
N ASP A 15 -5.55 -6.24 14.06
CA ASP A 15 -5.92 -4.81 14.09
C ASP A 15 -4.96 -4.02 14.98
N GLY A 16 -4.08 -3.26 14.37
CA GLY A 16 -3.16 -2.42 15.18
C GLY A 16 -1.69 -2.82 15.04
N THR A 17 -1.29 -3.60 14.07
CA THR A 17 0.14 -3.92 14.00
C THR A 17 0.79 -3.13 12.88
N VAL A 18 1.99 -3.46 12.61
CA VAL A 18 2.75 -2.75 11.53
C VAL A 18 3.33 -3.73 10.52
N VAL A 19 3.23 -3.41 9.26
CA VAL A 19 3.80 -4.30 8.21
C VAL A 19 5.00 -3.62 7.57
N LYS A 20 5.90 -4.38 7.01
CA LYS A 20 7.09 -3.76 6.36
C LYS A 20 6.99 -3.96 4.87
N VAL A 21 6.75 -2.90 4.13
CA VAL A 21 6.65 -3.03 2.65
C VAL A 21 7.94 -2.52 2.03
N ALA A 22 8.45 -3.18 1.02
CA ALA A 22 9.70 -2.70 0.40
C ALA A 22 9.55 -2.68 -1.12
N GLY A 23 10.40 -1.95 -1.78
CA GLY A 23 10.36 -1.86 -3.25
C GLY A 23 11.79 -1.97 -3.77
N ALA A 24 12.01 -2.66 -4.86
CA ALA A 24 13.40 -2.74 -5.37
C ALA A 24 13.39 -2.70 -6.90
N GLY A 25 14.12 -1.80 -7.52
CA GLY A 25 14.09 -1.76 -9.00
C GLY A 25 12.96 -0.85 -9.48
N LEU A 26 12.61 0.14 -8.71
CA LEU A 26 11.52 1.05 -9.14
C LEU A 26 12.14 2.20 -9.92
N GLN A 27 11.34 3.03 -10.54
CA GLN A 27 11.92 4.14 -11.32
C GLN A 27 13.03 4.82 -10.55
N ALA A 28 14.24 4.45 -10.88
CA ALA A 28 15.43 5.02 -10.19
C ALA A 28 15.42 6.55 -10.28
N GLY A 29 14.63 7.18 -9.48
CA GLY A 29 14.57 8.67 -9.49
C GLY A 29 13.10 9.12 -9.49
N THR A 30 12.25 8.40 -8.82
CA THR A 30 10.82 8.80 -8.80
C THR A 30 10.20 8.56 -7.43
N ALA A 31 9.93 9.61 -6.72
CA ALA A 31 9.28 9.52 -5.38
C ALA A 31 8.03 8.64 -5.47
N TYR A 32 8.07 7.47 -4.89
CA TYR A 32 6.87 6.57 -4.94
C TYR A 32 6.18 6.60 -3.59
N ASP A 33 4.90 6.29 -3.54
CA ASP A 33 4.19 6.29 -2.22
C ASP A 33 4.11 4.84 -1.74
N VAL A 34 3.79 4.62 -0.50
CA VAL A 34 3.74 3.23 0.03
C VAL A 34 2.65 3.12 1.10
N GLY A 35 1.58 2.33 0.89
CA GLY A 35 0.54 2.25 1.96
C GLY A 35 -0.42 1.08 1.72
N GLN A 36 -1.41 0.98 2.58
CA GLN A 36 -2.42 -0.09 2.48
C GLN A 36 -3.69 0.46 1.85
N CYS A 37 -3.98 0.05 0.65
CA CYS A 37 -5.20 0.55 -0.03
C CYS A 37 -5.98 -0.64 -0.61
N ALA A 38 -7.28 -0.53 -0.71
CA ALA A 38 -8.08 -1.67 -1.25
C ALA A 38 -8.94 -1.21 -2.43
N TRP A 39 -9.04 -2.02 -3.47
CA TRP A 39 -9.90 -1.65 -4.63
C TRP A 39 -11.27 -2.30 -4.42
N VAL A 40 -12.29 -1.53 -4.23
CA VAL A 40 -13.64 -2.12 -4.00
C VAL A 40 -14.52 -1.98 -5.24
N ASP A 41 -13.93 -1.67 -6.37
CA ASP A 41 -14.76 -1.54 -7.61
C ASP A 41 -13.88 -1.07 -8.77
N THR A 42 -14.48 -0.80 -9.90
CA THR A 42 -13.71 -0.35 -11.08
C THR A 42 -13.22 1.08 -10.86
N GLY A 43 -12.01 1.24 -10.41
CA GLY A 43 -11.46 2.60 -10.20
C GLY A 43 -11.85 3.15 -8.82
N VAL A 44 -12.07 2.32 -7.85
CA VAL A 44 -12.42 2.82 -6.50
C VAL A 44 -11.28 2.42 -5.54
N LEU A 45 -10.44 3.33 -5.12
CA LEU A 45 -9.31 2.94 -4.24
C LEU A 45 -9.46 3.60 -2.86
N ALA A 46 -9.86 2.85 -1.85
CA ALA A 46 -10.00 3.44 -0.49
C ALA A 46 -8.74 3.09 0.30
N CYS A 47 -7.89 4.06 0.57
CA CYS A 47 -6.63 3.74 1.30
C CYS A 47 -6.70 4.26 2.74
N ASN A 48 -5.78 3.85 3.57
CA ASN A 48 -5.79 4.31 5.00
C ASN A 48 -4.58 5.22 5.26
N PRO A 49 -4.82 6.37 5.86
CA PRO A 49 -3.73 7.33 6.17
C PRO A 49 -2.84 6.85 7.34
N ALA A 50 -2.77 5.56 7.61
CA ALA A 50 -1.90 5.10 8.72
C ALA A 50 -0.74 4.28 8.14
N ASP A 51 -0.67 4.19 6.84
CA ASP A 51 0.43 3.43 6.19
C ASP A 51 0.90 4.25 5.00
N PHE A 52 0.56 5.50 4.98
CA PHE A 52 0.96 6.37 3.84
C PHE A 52 2.41 6.84 3.98
N SER A 53 3.34 6.08 3.48
CA SER A 53 4.76 6.51 3.56
C SER A 53 5.21 6.93 2.16
N SER A 54 6.47 7.11 1.92
CA SER A 54 6.89 7.52 0.56
C SER A 54 8.41 7.71 0.48
N VAL A 55 9.00 7.20 -0.57
CA VAL A 55 10.48 7.35 -0.78
C VAL A 55 10.72 7.35 -2.28
N THR A 56 11.82 7.90 -2.73
CA THR A 56 12.07 7.90 -4.20
C THR A 56 13.01 6.76 -4.57
N ALA A 57 12.75 6.17 -5.70
CA ALA A 57 13.63 5.07 -6.15
C ALA A 57 15.04 5.63 -6.41
N ASP A 58 15.94 5.30 -5.55
CA ASP A 58 17.35 5.75 -5.66
C ASP A 58 17.98 5.23 -6.98
N ALA A 59 19.22 4.81 -6.91
CA ALA A 59 19.92 4.32 -8.14
C ALA A 59 19.09 3.26 -8.85
N ASN A 60 18.66 2.29 -8.13
CA ASN A 60 17.81 1.22 -8.73
C ASN A 60 16.38 1.53 -8.31
N GLY A 61 16.25 2.05 -7.12
CA GLY A 61 14.94 2.45 -6.59
C GLY A 61 14.49 1.49 -5.50
N SER A 62 15.20 1.46 -4.39
CA SER A 62 14.80 0.57 -3.28
C SER A 62 14.03 1.38 -2.25
N ALA A 63 12.90 0.90 -1.84
CA ALA A 63 12.10 1.67 -0.85
C ALA A 63 11.59 0.75 0.24
N SER A 64 12.11 0.84 1.43
CA SER A 64 11.65 -0.04 2.53
C SER A 64 11.12 0.82 3.68
N THR A 65 9.87 0.69 4.00
CA THR A 65 9.30 1.49 5.11
C THR A 65 8.24 0.66 5.85
N SER A 66 8.19 0.80 7.14
CA SER A 66 7.18 0.03 7.92
C SER A 66 5.98 0.93 8.25
N LEU A 67 4.80 0.40 8.20
CA LEU A 67 3.60 1.23 8.49
C LEU A 67 2.57 0.39 9.27
N THR A 68 1.59 1.03 9.85
CA THR A 68 0.57 0.25 10.62
C THR A 68 -0.64 -0.04 9.73
N VAL A 69 -1.01 -1.29 9.59
CA VAL A 69 -2.17 -1.61 8.70
C VAL A 69 -3.04 -2.71 9.35
N ARG A 70 -4.34 -2.65 9.22
CA ARG A 70 -5.19 -3.70 9.84
C ARG A 70 -6.34 -4.05 8.90
N ARG A 71 -7.34 -4.75 9.39
CA ARG A 71 -8.48 -5.13 8.52
C ARG A 71 -9.30 -3.87 8.25
N SER A 72 -10.16 -3.46 9.15
CA SER A 72 -10.93 -2.21 8.87
C SER A 72 -9.94 -1.08 8.81
N PHE A 73 -10.07 -0.21 7.86
CA PHE A 73 -9.08 0.86 7.75
C PHE A 73 -9.62 2.00 6.90
N GLU A 74 -9.38 3.21 7.33
CA GLU A 74 -9.88 4.41 6.60
C GLU A 74 -9.98 4.14 5.10
N GLY A 75 -11.15 4.26 4.54
CA GLY A 75 -11.34 4.01 3.08
C GLY A 75 -11.18 5.30 2.27
N PHE A 76 -10.10 6.03 2.48
CA PHE A 76 -9.89 7.30 1.71
C PHE A 76 -10.01 7.05 0.20
N LEU A 77 -11.02 7.60 -0.45
CA LEU A 77 -11.15 7.41 -1.93
C LEU A 77 -10.17 8.38 -2.63
N PHE A 78 -9.69 8.05 -3.80
CA PHE A 78 -8.73 8.96 -4.50
C PHE A 78 -9.48 10.18 -5.08
N ASP A 79 -10.74 10.32 -4.80
CA ASP A 79 -11.50 11.48 -5.34
C ASP A 79 -11.74 12.50 -4.23
N GLY A 80 -11.33 12.20 -3.03
CA GLY A 80 -11.55 13.15 -1.91
C GLY A 80 -12.74 12.68 -1.07
N THR A 81 -13.59 11.86 -1.63
CA THR A 81 -14.77 11.38 -0.86
C THR A 81 -14.33 10.32 0.15
N ARG A 82 -15.03 10.21 1.23
CA ARG A 82 -14.67 9.20 2.27
C ARG A 82 -15.54 7.94 2.06
N TRP A 83 -14.92 6.80 1.88
CA TRP A 83 -15.72 5.56 1.64
C TRP A 83 -16.14 4.95 2.99
N GLY A 84 -15.50 5.34 4.06
CA GLY A 84 -15.84 4.80 5.40
C GLY A 84 -14.78 3.77 5.79
N THR A 85 -14.83 3.28 6.99
CA THR A 85 -13.83 2.26 7.40
C THR A 85 -13.98 1.08 6.46
N VAL A 86 -13.02 0.89 5.60
CA VAL A 86 -13.10 -0.23 4.63
C VAL A 86 -12.71 -1.52 5.34
N ASP A 87 -13.69 -2.31 5.72
CA ASP A 87 -13.39 -3.58 6.45
C ASP A 87 -12.57 -4.51 5.57
N CYS A 88 -11.32 -4.73 5.89
CA CYS A 88 -10.50 -5.65 5.03
C CYS A 88 -11.08 -7.07 5.11
N THR A 89 -12.08 -7.31 5.94
CA THR A 89 -12.67 -8.67 6.03
C THR A 89 -13.70 -8.82 4.91
N THR A 90 -13.84 -7.83 4.07
CA THR A 90 -14.83 -7.92 2.96
C THR A 90 -14.09 -7.84 1.63
N ALA A 91 -13.22 -6.87 1.50
CA ALA A 91 -12.46 -6.73 0.23
C ALA A 91 -11.00 -7.15 0.46
N ALA A 92 -10.20 -7.08 -0.56
CA ALA A 92 -8.77 -7.48 -0.41
C ALA A 92 -7.89 -6.21 -0.37
N CYS A 93 -7.25 -5.95 0.75
CA CYS A 93 -6.40 -4.72 0.84
C CYS A 93 -4.95 -5.08 0.55
N GLN A 94 -4.38 -4.47 -0.45
CA GLN A 94 -2.97 -4.78 -0.81
C GLN A 94 -2.03 -3.72 -0.28
N VAL A 95 -0.86 -4.14 0.05
CA VAL A 95 0.18 -3.20 0.53
C VAL A 95 1.16 -3.02 -0.61
N GLY A 96 1.21 -1.87 -1.20
CA GLY A 96 2.13 -1.70 -2.35
C GLY A 96 2.64 -0.26 -2.46
N LEU A 97 3.31 0.02 -3.54
CA LEU A 97 3.88 1.39 -3.74
C LEU A 97 3.21 2.03 -4.96
N SER A 98 3.57 3.24 -5.25
CA SER A 98 2.97 3.94 -6.42
C SER A 98 3.71 5.25 -6.67
N ASP A 99 3.47 5.89 -7.78
CA ASP A 99 4.18 7.17 -8.06
C ASP A 99 3.14 8.30 -8.17
N ALA A 100 3.45 9.39 -8.82
CA ALA A 100 2.47 10.49 -8.94
C ALA A 100 2.14 10.71 -10.42
N ALA A 101 2.07 9.65 -11.18
CA ALA A 101 1.77 9.79 -12.62
C ALA A 101 0.43 9.10 -12.96
N GLY A 102 0.10 8.04 -12.27
CA GLY A 102 -1.18 7.34 -12.55
C GLY A 102 -1.12 5.97 -11.91
N ASN A 103 0.05 5.37 -11.90
CA ASN A 103 0.18 4.05 -11.29
C ASN A 103 1.66 3.78 -11.00
N GLY A 104 1.93 2.62 -10.49
CA GLY A 104 3.33 2.23 -10.15
C GLY A 104 3.38 0.71 -9.91
N PRO A 105 4.41 0.20 -9.24
CA PRO A 105 4.49 -1.25 -8.98
C PRO A 105 3.14 -1.76 -8.44
N GLU A 106 3.05 -3.04 -8.18
CA GLU A 106 1.77 -3.60 -7.68
C GLU A 106 1.76 -3.64 -6.15
N GLY A 107 0.76 -4.24 -5.57
CA GLY A 107 0.68 -4.31 -4.09
C GLY A 107 0.59 -5.76 -3.63
N VAL A 108 0.87 -6.02 -2.39
CA VAL A 108 0.82 -7.40 -1.87
C VAL A 108 -0.50 -7.61 -1.12
N ALA A 109 -1.17 -8.66 -1.42
CA ALA A 109 -2.46 -8.96 -0.75
C ALA A 109 -2.20 -9.43 0.68
N ILE A 110 -2.73 -8.73 1.65
CA ILE A 110 -2.50 -9.15 3.06
C ILE A 110 -3.70 -9.95 3.56
N SER A 111 -3.59 -10.57 4.69
CA SER A 111 -4.74 -11.36 5.22
C SER A 111 -4.90 -11.10 6.71
N PHE A 112 -6.10 -11.21 7.23
CA PHE A 112 -6.31 -10.95 8.68
C PHE A 112 -7.08 -12.13 9.30
N ASN A 113 -6.37 -13.01 9.97
CA ASN A 113 -7.05 -14.18 10.60
C ASN A 113 -7.64 -13.75 11.95
C1 CHR B . -3.55 7.74 -4.11
C2 CHR B . -3.99 8.56 -3.01
C3 CHR B . -4.57 9.10 -2.13
C4 CHR B . -5.57 9.55 -1.14
O2 CHR B . -6.03 8.60 -0.14
C5 CHR B . -6.87 8.76 -1.32
C6 CHR B . -6.71 7.78 -2.42
C7 CHR B . -6.35 7.09 -3.33
C8 CHR B . -5.66 6.39 -4.38
C9 CHR B . -4.44 6.78 -4.78
C10 CHR B . -3.74 6.22 -5.99
O1 CHR B . -4.27 6.77 -7.19
C11 CHR B . -2.29 6.68 -5.79
O6 CHR B . -1.51 5.56 -5.38
C12 CHR B . -2.35 7.70 -4.69
C13 CHR B . -4.03 6.11 -8.42
O3 CHR B . -4.86 4.96 -8.51
C14 CHR B . -4.37 7.06 -9.58
N1 CHR B . -3.61 8.33 -9.41
C19 CHR B . -2.18 8.42 -9.85
C15 CHR B . -5.87 7.35 -9.58
O4 CHR B . -6.19 8.22 -10.66
C16 CHR B . -6.64 6.04 -9.73
O5 CHR B . -6.31 5.43 -10.97
C17 CHR B . -6.27 5.10 -8.58
C18 CHR B . -6.91 3.73 -8.83
C20 CHR B . -1.23 4.81 -6.42
O7 CHR B . -0.89 5.27 -7.48
C21 CHR B . -1.39 3.35 -6.22
C22 CHR B . -1.86 2.57 -7.28
O9 CHR B . -2.09 3.14 -8.52
C23 CHR B . -2.09 1.20 -7.09
C24 CHR B . -1.87 0.62 -5.84
C25 CHR B . -1.39 1.41 -4.77
C26 CHR B . -1.14 2.77 -4.96
C27 CHR B . -0.66 3.55 -3.89
C28 CHR B . -0.43 2.94 -2.65
O8 CHR B . 0.05 3.72 -1.59
C31 CHR B . -0.31 5.08 -1.60
C29 CHR B . -0.68 1.58 -2.46
C30 CHR B . -1.16 0.82 -3.53
C32 CHR B . -1.45 -0.66 -3.32
C33 CHR B . -5.64 11.04 -0.83
O10 CHR B . -6.75 11.30 0.01
C34 CHR B . -7.53 12.12 -0.68
O11 CHR B . -8.58 12.53 -0.22
O12 CHR B . -7.14 12.49 -1.89
C35 CHR B . -5.90 11.83 -2.10
H5 CHR B . -7.82 9.28 -1.23
H8 CHR B . -6.12 5.54 -4.86
H10 CHR B . -3.81 5.14 -6.00
H11 CHR B . -1.88 7.10 -6.69
H12 CHR B . -1.54 8.33 -4.41
H13 CHR B . -3.01 5.82 -8.49
H14 CHR B . -4.10 6.60 -10.52
H191 CHR B . -1.56 8.63 -8.99
H192 CHR B . -1.89 7.47 -10.29
H193 CHR B . -2.07 9.20 -10.58
H15 CHR B . -6.15 7.83 -8.65
HO4 CHR B . -7.14 8.27 -10.73
H16 CHR B . -7.70 6.24 -9.70
HO5 CHR B . -7.05 4.86 -11.22
H17 CHR B . -6.64 5.50 -7.65
H181 CHR B . -7.54 3.77 -9.70
H182 CHR B . -6.13 2.99 -8.98
H183 CHR B . -7.51 3.44 -7.97
HO9 CHR B . -2.97 2.89 -8.83
H23 CHR B . -2.46 0.60 -7.90
H24 CHR B . -2.05 -0.43 -5.69
H27 CHR B . -0.43 4.58 -4.03
H311 CHR B . 0.05 5.56 -0.69
H312 CHR B . -1.39 5.18 -1.64
H313 CHR B . 0.13 5.57 -2.46
H29 CHR B . -0.51 1.13 -1.49
H321 CHR B . -1.18 -0.94 -2.32
H322 CHR B . -0.88 -1.24 -4.03
H323 CHR B . -2.50 -0.85 -3.48
H33 CHR B . -4.73 11.36 -0.36
H351 CHR B . -5.11 12.55 -2.26
H352 CHR B . -5.98 11.16 -2.95
N ALA A 1 16.74 -5.90 -15.19
CA ALA A 1 16.47 -5.68 -13.74
C ALA A 1 15.09 -5.04 -13.58
N ALA A 2 14.16 -5.73 -12.97
CA ALA A 2 12.80 -5.15 -12.78
C ALA A 2 12.58 -4.85 -11.29
N PRO A 3 11.70 -3.92 -11.03
CA PRO A 3 11.37 -3.50 -9.65
C PRO A 3 10.81 -4.69 -8.85
N THR A 4 10.93 -4.61 -7.57
CA THR A 4 10.44 -5.69 -6.68
C THR A 4 9.98 -5.06 -5.37
N ALA A 5 9.18 -5.74 -4.62
CA ALA A 5 8.71 -5.15 -3.34
C ALA A 5 8.54 -6.22 -2.30
N THR A 6 9.16 -6.01 -1.18
CA THR A 6 9.07 -7.01 -0.09
C THR A 6 8.16 -6.52 1.00
N VAL A 7 7.01 -7.07 1.04
CA VAL A 7 6.02 -6.67 2.08
C VAL A 7 5.68 -7.88 2.97
N THR A 8 5.98 -7.79 4.23
CA THR A 8 5.70 -8.91 5.17
C THR A 8 5.72 -8.35 6.61
N PRO A 9 4.91 -8.93 7.47
CA PRO A 9 4.03 -10.05 7.11
C PRO A 9 2.80 -9.52 6.39
N SER A 10 2.25 -10.29 5.52
CA SER A 10 1.03 -9.86 4.77
C SER A 10 -0.21 -10.32 5.53
N SER A 11 -0.08 -11.34 6.34
CA SER A 11 -1.26 -11.84 7.10
C SER A 11 -0.85 -12.04 8.57
N GLY A 12 -1.82 -12.11 9.45
CA GLY A 12 -1.49 -12.29 10.90
C GLY A 12 -1.01 -10.96 11.47
N LEU A 13 -1.63 -9.91 11.02
CA LEU A 13 -1.24 -8.54 11.46
C LEU A 13 -2.03 -8.13 12.67
N SER A 14 -3.26 -8.42 12.59
CA SER A 14 -4.19 -8.09 13.68
C SER A 14 -4.36 -6.57 13.77
N ASP A 15 -5.55 -6.15 14.09
CA ASP A 15 -5.85 -4.70 14.18
C ASP A 15 -4.84 -3.96 15.04
N GLY A 16 -3.97 -3.20 14.44
CA GLY A 16 -3.00 -2.42 15.24
C GLY A 16 -1.55 -2.88 15.04
N THR A 17 -1.22 -3.66 14.02
CA THR A 17 0.19 -4.05 13.90
C THR A 17 0.85 -3.27 12.77
N VAL A 18 2.04 -3.62 12.51
CA VAL A 18 2.82 -2.92 11.44
C VAL A 18 3.45 -3.92 10.47
N VAL A 19 3.42 -3.61 9.19
CA VAL A 19 4.05 -4.52 8.20
C VAL A 19 5.22 -3.79 7.53
N LYS A 20 6.16 -4.52 7.01
CA LYS A 20 7.32 -3.86 6.34
C LYS A 20 7.23 -4.05 4.83
N VAL A 21 6.94 -2.99 4.12
CA VAL A 21 6.84 -3.10 2.62
C VAL A 21 8.09 -2.49 1.99
N ALA A 22 8.78 -3.22 1.16
CA ALA A 22 9.99 -2.64 0.53
C ALA A 22 9.76 -2.54 -0.98
N GLY A 23 10.58 -1.80 -1.66
CA GLY A 23 10.42 -1.65 -3.12
C GLY A 23 11.82 -1.57 -3.74
N ALA A 24 12.27 -2.59 -4.43
CA ALA A 24 13.65 -2.49 -5.02
C ALA A 24 13.59 -2.58 -6.54
N GLY A 25 14.37 -1.80 -7.24
CA GLY A 25 14.32 -1.88 -8.73
C GLY A 25 13.19 -1.03 -9.26
N LEU A 26 12.82 0.01 -8.58
CA LEU A 26 11.72 0.87 -9.08
C LEU A 26 12.33 2.00 -9.91
N GLN A 27 11.52 2.76 -10.57
CA GLN A 27 12.07 3.86 -11.40
C GLN A 27 13.14 4.60 -10.62
N ALA A 28 14.37 4.29 -10.91
CA ALA A 28 15.51 4.93 -10.22
C ALA A 28 15.44 6.45 -10.37
N GLY A 29 14.59 7.08 -9.62
CA GLY A 29 14.46 8.56 -9.70
C GLY A 29 12.99 8.94 -9.73
N THR A 30 12.16 8.20 -9.04
CA THR A 30 10.71 8.52 -9.05
C THR A 30 10.10 8.36 -7.66
N ALA A 31 9.81 9.46 -7.03
CA ALA A 31 9.16 9.44 -5.68
C ALA A 31 7.90 8.56 -5.72
N TYR A 32 7.93 7.42 -5.08
CA TYR A 32 6.74 6.52 -5.10
C TYR A 32 6.05 6.58 -3.72
N ASP A 33 4.79 6.26 -3.65
CA ASP A 33 4.10 6.27 -2.33
C ASP A 33 4.02 4.84 -1.83
N VAL A 34 3.72 4.64 -0.57
CA VAL A 34 3.69 3.26 -0.02
C VAL A 34 2.56 3.16 1.03
N GLY A 35 1.58 2.27 0.87
CA GLY A 35 0.51 2.21 1.92
C GLY A 35 -0.44 1.02 1.70
N GLN A 36 -1.43 0.92 2.56
CA GLN A 36 -2.42 -0.17 2.49
C GLN A 36 -3.70 0.37 1.84
N CYS A 37 -3.97 -0.03 0.63
CA CYS A 37 -5.20 0.47 -0.05
C CYS A 37 -5.99 -0.70 -0.62
N ALA A 38 -7.30 -0.57 -0.69
CA ALA A 38 -8.14 -1.69 -1.21
C ALA A 38 -9.01 -1.20 -2.39
N TRP A 39 -9.14 -2.00 -3.43
CA TRP A 39 -10.01 -1.59 -4.58
C TRP A 39 -11.38 -2.23 -4.35
N VAL A 40 -12.39 -1.44 -4.15
CA VAL A 40 -13.74 -2.02 -3.91
C VAL A 40 -14.63 -1.84 -5.14
N ASP A 41 -14.06 -1.53 -6.27
CA ASP A 41 -14.90 -1.35 -7.49
C ASP A 41 -14.04 -0.85 -8.65
N THR A 42 -14.65 -0.57 -9.77
CA THR A 42 -13.88 -0.09 -10.95
C THR A 42 -13.40 1.34 -10.71
N GLY A 43 -12.18 1.49 -10.30
CA GLY A 43 -11.62 2.84 -10.06
C GLY A 43 -11.98 3.36 -8.65
N VAL A 44 -12.16 2.49 -7.70
CA VAL A 44 -12.50 2.95 -6.33
C VAL A 44 -11.34 2.49 -5.42
N LEU A 45 -10.48 3.39 -4.97
CA LEU A 45 -9.34 2.96 -4.13
C LEU A 45 -9.44 3.61 -2.74
N ALA A 46 -9.83 2.87 -1.72
CA ALA A 46 -9.92 3.46 -0.36
C ALA A 46 -8.64 3.09 0.40
N CYS A 47 -7.78 4.03 0.65
CA CYS A 47 -6.51 3.69 1.35
C CYS A 47 -6.56 4.21 2.79
N ASN A 48 -5.64 3.76 3.62
CA ASN A 48 -5.63 4.21 5.05
C ASN A 48 -4.45 5.16 5.28
N PRO A 49 -4.71 6.28 5.94
CA PRO A 49 -3.66 7.28 6.23
C PRO A 49 -2.71 6.82 7.36
N ALA A 50 -2.56 5.54 7.58
CA ALA A 50 -1.64 5.09 8.67
C ALA A 50 -0.38 4.50 8.05
N ASP A 51 -0.34 4.39 6.75
CA ASP A 51 0.85 3.84 6.09
C ASP A 51 1.23 4.74 4.93
N PHE A 52 0.57 5.85 4.78
CA PHE A 52 0.87 6.76 3.65
C PHE A 52 2.33 7.22 3.73
N SER A 53 3.25 6.40 3.29
CA SER A 53 4.69 6.82 3.31
C SER A 53 5.10 7.14 1.87
N SER A 54 6.37 7.32 1.62
CA SER A 54 6.78 7.65 0.23
C SER A 54 8.30 7.88 0.15
N VAL A 55 8.92 7.32 -0.85
CA VAL A 55 10.37 7.52 -1.05
C VAL A 55 10.65 7.45 -2.55
N THR A 56 11.73 8.02 -3.02
CA THR A 56 12.01 7.96 -4.47
C THR A 56 12.99 6.84 -4.78
N ALA A 57 12.75 6.15 -5.85
CA ALA A 57 13.68 5.06 -6.23
C ALA A 57 15.06 5.65 -6.52
N ASP A 58 15.95 5.42 -5.62
CA ASP A 58 17.35 5.93 -5.75
C ASP A 58 18.02 5.38 -7.02
N ALA A 59 19.27 5.00 -6.93
CA ALA A 59 20.01 4.48 -8.12
C ALA A 59 19.23 3.35 -8.78
N ASN A 60 18.82 2.40 -8.02
CA ASN A 60 18.01 1.28 -8.57
C ASN A 60 16.57 1.55 -8.17
N GLY A 61 16.43 2.10 -7.01
CA GLY A 61 15.10 2.47 -6.48
C GLY A 61 14.68 1.52 -5.36
N SER A 62 15.35 1.61 -4.23
CA SER A 62 14.99 0.74 -3.09
C SER A 62 14.22 1.55 -2.05
N ALA A 63 13.09 1.08 -1.65
CA ALA A 63 12.29 1.83 -0.64
C ALA A 63 11.80 0.85 0.43
N SER A 64 12.33 0.94 1.61
CA SER A 64 11.89 0.01 2.69
C SER A 64 11.33 0.81 3.87
N THR A 65 10.07 0.65 4.14
CA THR A 65 9.47 1.41 5.28
C THR A 65 8.39 0.55 5.94
N SER A 66 8.27 0.64 7.23
CA SER A 66 7.25 -0.17 7.96
C SER A 66 6.02 0.70 8.22
N LEU A 67 4.85 0.15 8.03
CA LEU A 67 3.60 0.94 8.24
C LEU A 67 2.62 0.14 9.10
N THR A 68 1.58 0.78 9.58
CA THR A 68 0.59 0.05 10.41
C THR A 68 -0.65 -0.25 9.56
N VAL A 69 -1.04 -1.49 9.44
CA VAL A 69 -2.22 -1.82 8.60
C VAL A 69 -3.12 -2.82 9.33
N ARG A 70 -4.43 -2.72 9.20
CA ARG A 70 -5.29 -3.71 9.91
C ARG A 70 -6.53 -4.04 9.07
N ARG A 71 -7.39 -4.85 9.64
CA ARG A 71 -8.63 -5.26 8.92
C ARG A 71 -9.37 -4.01 8.43
N SER A 72 -10.33 -3.52 9.18
CA SER A 72 -11.05 -2.29 8.73
C SER A 72 -10.05 -1.16 8.73
N PHE A 73 -10.20 -0.22 7.86
CA PHE A 73 -9.20 0.85 7.84
C PHE A 73 -9.70 2.00 6.97
N GLU A 74 -9.45 3.21 7.40
CA GLU A 74 -9.91 4.42 6.65
C GLU A 74 -9.84 4.15 5.14
N GLY A 75 -10.95 4.26 4.46
CA GLY A 75 -10.97 4.01 2.99
C GLY A 75 -10.85 5.33 2.20
N PHE A 76 -9.87 6.15 2.50
CA PHE A 76 -9.70 7.44 1.74
C PHE A 76 -10.01 7.23 0.24
N LEU A 77 -11.07 7.83 -0.28
CA LEU A 77 -11.41 7.65 -1.72
C LEU A 77 -10.61 8.66 -2.57
N PHE A 78 -9.89 8.21 -3.58
CA PHE A 78 -9.11 9.15 -4.45
C PHE A 78 -10.06 10.09 -5.20
N ASP A 79 -10.87 10.84 -4.49
CA ASP A 79 -11.81 11.76 -5.17
C ASP A 79 -12.25 12.85 -4.19
N GLY A 80 -11.52 13.06 -3.12
CA GLY A 80 -11.91 14.10 -2.14
C GLY A 80 -12.89 13.52 -1.12
N THR A 81 -13.64 12.53 -1.49
CA THR A 81 -14.62 11.93 -0.54
C THR A 81 -14.04 10.69 0.13
N ARG A 82 -14.56 10.33 1.25
CA ARG A 82 -14.07 9.13 1.98
C ARG A 82 -15.08 7.99 1.78
N TRP A 83 -14.62 6.78 1.58
CA TRP A 83 -15.57 5.65 1.35
C TRP A 83 -16.08 5.07 2.68
N GLY A 84 -15.40 5.35 3.75
CA GLY A 84 -15.82 4.82 5.07
C GLY A 84 -14.78 3.82 5.55
N THR A 85 -14.94 3.29 6.73
CA THR A 85 -13.96 2.30 7.23
C THR A 85 -14.05 1.05 6.35
N VAL A 86 -13.11 0.87 5.47
CA VAL A 86 -13.15 -0.28 4.56
C VAL A 86 -12.75 -1.56 5.33
N ASP A 87 -13.70 -2.42 5.59
CA ASP A 87 -13.40 -3.67 6.33
C ASP A 87 -12.54 -4.59 5.48
N CYS A 88 -11.30 -4.84 5.84
CA CYS A 88 -10.48 -5.75 4.99
C CYS A 88 -11.10 -7.16 4.94
N THR A 89 -12.15 -7.41 5.69
CA THR A 89 -12.77 -8.76 5.66
C THR A 89 -13.82 -8.81 4.54
N THR A 90 -14.05 -7.72 3.87
CA THR A 90 -15.05 -7.71 2.77
C THR A 90 -14.31 -7.66 1.44
N ALA A 91 -13.36 -6.77 1.32
CA ALA A 91 -12.59 -6.66 0.05
C ALA A 91 -11.16 -7.15 0.28
N ALA A 92 -10.34 -7.06 -0.71
CA ALA A 92 -8.92 -7.51 -0.56
C ALA A 92 -8.02 -6.28 -0.43
N CYS A 93 -7.37 -6.09 0.69
CA CYS A 93 -6.50 -4.89 0.85
C CYS A 93 -5.05 -5.25 0.54
N GLN A 94 -4.45 -4.58 -0.41
CA GLN A 94 -3.06 -4.89 -0.77
C GLN A 94 -2.10 -3.85 -0.23
N VAL A 95 -0.93 -4.29 0.07
CA VAL A 95 0.12 -3.37 0.56
C VAL A 95 1.11 -3.18 -0.57
N GLY A 96 1.17 -2.04 -1.15
CA GLY A 96 2.11 -1.87 -2.30
C GLY A 96 2.56 -0.42 -2.46
N LEU A 97 3.24 -0.15 -3.54
CA LEU A 97 3.75 1.23 -3.77
C LEU A 97 3.05 1.79 -5.01
N SER A 98 3.30 3.03 -5.31
CA SER A 98 2.67 3.68 -6.48
C SER A 98 3.07 5.16 -6.51
N ASP A 99 3.09 5.77 -7.67
CA ASP A 99 3.47 7.20 -7.72
C ASP A 99 2.19 8.06 -7.82
N ALA A 100 2.30 9.30 -8.24
CA ALA A 100 1.08 10.14 -8.35
C ALA A 100 0.84 10.49 -9.82
N ALA A 101 1.13 9.59 -10.70
CA ALA A 101 0.93 9.86 -12.15
C ALA A 101 -0.23 9.01 -12.68
N GLY A 102 -0.43 7.83 -12.15
CA GLY A 102 -1.52 6.97 -12.63
C GLY A 102 -1.32 5.58 -12.07
N ASN A 103 -0.09 5.15 -11.97
CA ASN A 103 0.17 3.81 -11.41
C ASN A 103 1.65 3.67 -11.08
N GLY A 104 2.02 2.51 -10.64
CA GLY A 104 3.44 2.24 -10.25
C GLY A 104 3.60 0.73 -10.02
N PRO A 105 4.65 0.30 -9.32
CA PRO A 105 4.83 -1.14 -9.07
C PRO A 105 3.51 -1.77 -8.56
N GLU A 106 3.52 -3.04 -8.28
CA GLU A 106 2.27 -3.71 -7.81
C GLU A 106 2.26 -3.79 -6.28
N GLY A 107 1.18 -4.25 -5.73
CA GLY A 107 1.08 -4.36 -4.24
C GLY A 107 0.99 -5.84 -3.84
N VAL A 108 0.99 -6.10 -2.56
CA VAL A 108 0.91 -7.48 -2.07
C VAL A 108 -0.46 -7.67 -1.42
N ALA A 109 -0.95 -8.87 -1.40
CA ALA A 109 -2.27 -9.13 -0.77
C ALA A 109 -2.08 -9.55 0.68
N ILE A 110 -2.70 -8.86 1.60
CA ILE A 110 -2.53 -9.24 3.03
C ILE A 110 -3.73 -10.08 3.47
N SER A 111 -3.66 -10.68 4.62
CA SER A 111 -4.79 -11.52 5.11
C SER A 111 -5.03 -11.25 6.59
N PHE A 112 -6.22 -11.47 7.08
CA PHE A 112 -6.50 -11.21 8.51
C PHE A 112 -7.21 -12.43 9.11
N ASN A 113 -6.47 -13.39 9.59
CA ASN A 113 -7.10 -14.60 10.20
C ASN A 113 -8.26 -14.16 11.11
C1 CHR B . -3.65 7.76 -4.00
C2 CHR B . -4.07 8.63 -2.94
C3 CHR B . -4.66 9.25 -2.11
C4 CHR B . -5.67 9.81 -1.19
O2 CHR B . -6.20 8.97 -0.13
C5 CHR B . -6.97 9.04 -1.35
C6 CHR B . -6.82 7.96 -2.35
C7 CHR B . -6.45 7.18 -3.17
C8 CHR B . -5.77 6.39 -4.17
C9 CHR B . -4.55 6.78 -4.62
C10 CHR B . -3.92 6.23 -5.86
O1 CHR B . -4.48 6.81 -7.03
C11 CHR B . -2.44 6.64 -5.69
O6 CHR B . -1.68 5.51 -5.29
C12 CHR B . -2.48 7.68 -4.60
C13 CHR B . -4.34 6.16 -8.28
O3 CHR B . -5.18 5.02 -8.32
C14 CHR B . -4.76 7.12 -9.40
N1 CHR B . -3.98 8.39 -9.30
C19 CHR B . -2.81 8.62 -10.19
C15 CHR B . -6.26 7.43 -9.28
O4 CHR B . -6.65 8.30 -10.32
C16 CHR B . -7.05 6.12 -9.37
O5 CHR B . -6.82 5.51 -10.64
C17 CHR B . -6.59 5.16 -8.26
C18 CHR B . -7.25 3.80 -8.46
C20 CHR B . -1.45 4.74 -6.33
O7 CHR B . -1.13 5.20 -7.40
C21 CHR B . -1.62 3.30 -6.12
C22 CHR B . -2.18 2.52 -7.13
O9 CHR B . -2.51 3.10 -8.36
C23 CHR B . -2.42 1.15 -6.93
C24 CHR B . -2.09 0.57 -5.71
C25 CHR B . -1.52 1.34 -4.69
C26 CHR B . -1.28 2.71 -4.89
C27 CHR B . -0.71 3.47 -3.86
C28 CHR B . -0.39 2.86 -2.64
O8 CHR B . 0.17 3.62 -1.61
C31 CHR B . -0.46 4.86 -1.34
C29 CHR B . -0.64 1.50 -2.43
C30 CHR B . -1.20 0.74 -3.47
C32 CHR B . -1.48 -0.74 -3.26
C33 CHR B . -5.70 11.32 -1.03
O10 CHR B . -6.63 11.67 -0.01
C34 CHR B . -7.55 12.42 -0.60
O11 CHR B . -8.49 12.87 0.02
O12 CHR B . -7.42 12.65 -1.91
C35 CHR B . -6.23 11.98 -2.29
H5 CHR B . -7.91 9.60 -1.33
H8 CHR B . -6.21 5.50 -4.55
H10 CHR B . -4.01 5.14 -5.89
H11 CHR B . -2.05 7.06 -6.61
H12 CHR B . -1.63 8.29 -4.34
H13 CHR B . -3.31 5.86 -8.43
H14 CHR B . -4.57 6.66 -10.36
H191 CHR B . -2.25 7.70 -10.29
H192 CHR B . -3.16 8.94 -11.16
H193 CHR B . -2.19 9.39 -9.77
H15 CHR B . -6.44 7.89 -8.33
HO4 CHR B . -6.47 7.87 -11.16
H16 CHR B . -8.10 6.33 -9.25
HO5 CHR B . -5.96 5.10 -10.62
H17 CHR B . -6.88 5.57 -7.30
H181 CHR B . -6.52 3.02 -8.31
H182 CHR B . -7.65 3.73 -9.47
H183 CHR B . -8.06 3.68 -7.75
HO9 CHR B . -1.91 3.82 -8.54
H23 CHR B . -2.85 0.56 -7.72
H24 CHR B . -2.28 -0.49 -5.55
H27 CHR B . -0.47 4.51 -4.01
H311 CHR B . -0.24 5.57 -2.12
H312 CHR B . -1.53 4.71 -1.28
H313 CHR B . -0.10 5.25 -0.39
H29 CHR B . -0.40 1.03 -1.49
H321 CHR B . -1.06 -1.05 -2.30
H322 CHR B . -1.03 -1.31 -4.05
H323 CHR B . -2.55 -0.91 -3.25
H33 CHR B . -4.73 11.70 -0.78
H351 CHR B . -5.51 12.68 -2.67
H352 CHR B . -6.46 11.23 -3.04
N ALA A 1 18.31 -6.19 -13.00
CA ALA A 1 17.63 -5.65 -11.78
C ALA A 1 16.25 -5.11 -12.15
N ALA A 2 15.20 -5.73 -11.68
CA ALA A 2 13.83 -5.24 -12.01
C ALA A 2 13.12 -4.82 -10.73
N PRO A 3 12.13 -3.98 -10.89
CA PRO A 3 11.33 -3.48 -9.76
C PRO A 3 10.67 -4.63 -9.01
N THR A 4 10.34 -4.40 -7.77
CA THR A 4 9.68 -5.44 -6.95
C THR A 4 9.42 -4.85 -5.56
N ALA A 5 9.03 -5.64 -4.60
CA ALA A 5 8.76 -5.08 -3.25
C ALA A 5 8.64 -6.17 -2.22
N THR A 6 9.30 -5.98 -1.12
CA THR A 6 9.23 -7.00 -0.05
C THR A 6 8.27 -6.56 1.03
N VAL A 7 7.14 -7.16 1.04
CA VAL A 7 6.11 -6.81 2.06
C VAL A 7 5.79 -8.03 2.93
N THR A 8 5.93 -7.88 4.22
CA THR A 8 5.65 -9.01 5.15
C THR A 8 5.68 -8.47 6.58
N PRO A 9 4.90 -9.08 7.45
CA PRO A 9 4.03 -10.21 7.11
C PRO A 9 2.81 -9.70 6.34
N SER A 10 2.26 -10.53 5.52
CA SER A 10 1.06 -10.13 4.72
C SER A 10 -0.20 -10.55 5.48
N SER A 11 -0.07 -11.53 6.35
CA SER A 11 -1.25 -11.98 7.14
C SER A 11 -0.84 -12.16 8.60
N GLY A 12 -1.79 -12.24 9.49
CA GLY A 12 -1.46 -12.40 10.93
C GLY A 12 -1.00 -11.06 11.49
N LEU A 13 -1.63 -10.01 11.03
CA LEU A 13 -1.26 -8.65 11.45
C LEU A 13 -2.06 -8.22 12.64
N SER A 14 -3.28 -8.51 12.57
CA SER A 14 -4.24 -8.17 13.64
C SER A 14 -4.41 -6.64 13.72
N ASP A 15 -5.59 -6.23 14.04
CA ASP A 15 -5.91 -4.78 14.13
C ASP A 15 -4.89 -4.02 14.98
N GLY A 16 -4.04 -3.26 14.35
CA GLY A 16 -3.06 -2.46 15.12
C GLY A 16 -1.62 -2.94 14.94
N THR A 17 -1.28 -3.72 13.94
CA THR A 17 0.13 -4.11 13.84
C THR A 17 0.80 -3.35 12.72
N VAL A 18 2.00 -3.71 12.47
CA VAL A 18 2.79 -3.04 11.40
C VAL A 18 3.44 -4.04 10.45
N VAL A 19 3.43 -3.76 9.18
CA VAL A 19 4.06 -4.69 8.20
C VAL A 19 5.24 -3.98 7.54
N LYS A 20 6.19 -4.71 7.04
CA LYS A 20 7.36 -4.06 6.39
C LYS A 20 7.24 -4.23 4.88
N VAL A 21 6.97 -3.15 4.19
CA VAL A 21 6.84 -3.21 2.69
C VAL A 21 8.07 -2.56 2.08
N ALA A 22 8.78 -3.25 1.23
CA ALA A 22 9.98 -2.62 0.64
C ALA A 22 9.81 -2.56 -0.88
N GLY A 23 10.64 -1.80 -1.53
CA GLY A 23 10.56 -1.68 -2.99
C GLY A 23 11.97 -1.82 -3.54
N ALA A 24 12.14 -2.47 -4.65
CA ALA A 24 13.52 -2.60 -5.19
C ALA A 24 13.45 -2.62 -6.72
N GLY A 25 14.11 -1.71 -7.40
CA GLY A 25 14.04 -1.72 -8.89
C GLY A 25 12.88 -0.85 -9.34
N LEU A 26 12.49 0.14 -8.58
CA LEU A 26 11.37 1.00 -9.00
C LEU A 26 11.93 2.11 -9.89
N GLN A 27 11.09 2.94 -10.44
CA GLN A 27 11.61 4.04 -11.31
C GLN A 27 12.80 4.70 -10.64
N ALA A 28 13.96 4.28 -11.02
CA ALA A 28 15.21 4.83 -10.43
C ALA A 28 15.26 6.35 -10.59
N GLY A 29 14.53 7.06 -9.77
CA GLY A 29 14.54 8.54 -9.86
C GLY A 29 13.11 9.07 -9.85
N THR A 30 12.22 8.43 -9.12
CA THR A 30 10.83 8.93 -9.09
C THR A 30 10.16 8.64 -7.74
N ALA A 31 9.84 9.68 -7.04
CA ALA A 31 9.14 9.56 -5.73
C ALA A 31 8.04 8.50 -5.82
N TYR A 32 8.02 7.58 -4.90
CA TYR A 32 6.98 6.51 -4.90
C TYR A 32 6.19 6.60 -3.58
N ASP A 33 4.93 6.23 -3.58
CA ASP A 33 4.15 6.27 -2.31
C ASP A 33 4.10 4.86 -1.75
N VAL A 34 3.74 4.70 -0.51
CA VAL A 34 3.72 3.33 0.09
C VAL A 34 2.60 3.24 1.15
N GLY A 35 1.60 2.37 0.99
CA GLY A 35 0.54 2.32 2.03
C GLY A 35 -0.41 1.12 1.80
N GLN A 36 -1.40 1.00 2.65
CA GLN A 36 -2.38 -0.09 2.55
C GLN A 36 -3.64 0.43 1.87
N CYS A 37 -3.87 0.02 0.67
CA CYS A 37 -5.08 0.51 -0.06
C CYS A 37 -5.85 -0.68 -0.66
N ALA A 38 -7.15 -0.57 -0.75
CA ALA A 38 -7.96 -1.70 -1.30
C ALA A 38 -8.82 -1.22 -2.49
N TRP A 39 -8.93 -2.01 -3.54
CA TRP A 39 -9.79 -1.61 -4.69
C TRP A 39 -11.16 -2.25 -4.48
N VAL A 40 -12.18 -1.47 -4.28
CA VAL A 40 -13.53 -2.05 -4.06
C VAL A 40 -14.40 -1.87 -5.30
N ASP A 41 -13.82 -1.56 -6.42
CA ASP A 41 -14.66 -1.37 -7.65
C ASP A 41 -13.79 -0.90 -8.81
N THR A 42 -14.40 -0.63 -9.94
CA THR A 42 -13.62 -0.15 -11.12
C THR A 42 -13.12 1.27 -10.88
N GLY A 43 -11.89 1.40 -10.45
CA GLY A 43 -11.33 2.76 -10.22
C GLY A 43 -11.71 3.29 -8.83
N VAL A 44 -11.93 2.43 -7.86
CA VAL A 44 -12.27 2.92 -6.51
C VAL A 44 -11.14 2.48 -5.56
N LEU A 45 -10.28 3.37 -5.12
CA LEU A 45 -9.16 2.95 -4.24
C LEU A 45 -9.30 3.60 -2.87
N ALA A 46 -9.72 2.84 -1.86
CA ALA A 46 -9.84 3.42 -0.50
C ALA A 46 -8.58 3.06 0.28
N CYS A 47 -7.73 4.02 0.56
CA CYS A 47 -6.48 3.70 1.29
C CYS A 47 -6.54 4.24 2.73
N ASN A 48 -5.62 3.82 3.56
CA ASN A 48 -5.62 4.29 4.98
C ASN A 48 -4.35 5.12 5.24
N PRO A 49 -4.51 6.31 5.77
CA PRO A 49 -3.37 7.20 6.06
C PRO A 49 -2.49 6.68 7.23
N ALA A 50 -2.57 5.41 7.56
CA ALA A 50 -1.71 4.90 8.67
C ALA A 50 -0.43 4.34 8.09
N ASP A 51 -0.35 4.25 6.79
CA ASP A 51 0.86 3.72 6.14
C ASP A 51 1.28 4.66 5.03
N PHE A 52 0.59 5.75 4.87
CA PHE A 52 0.94 6.69 3.79
C PHE A 52 2.38 7.18 3.92
N SER A 53 3.31 6.43 3.43
CA SER A 53 4.74 6.85 3.48
C SER A 53 5.18 7.16 2.05
N SER A 54 6.44 7.38 1.81
CA SER A 54 6.86 7.68 0.42
C SER A 54 8.37 7.95 0.33
N VAL A 55 9.00 7.37 -0.64
CA VAL A 55 10.46 7.60 -0.87
C VAL A 55 10.69 7.57 -2.38
N THR A 56 11.77 8.13 -2.87
CA THR A 56 11.97 8.09 -4.34
C THR A 56 12.91 6.95 -4.70
N ALA A 57 12.68 6.35 -5.83
CA ALA A 57 13.55 5.24 -6.26
C ALA A 57 14.95 5.79 -6.59
N ASP A 58 15.89 5.48 -5.75
CA ASP A 58 17.29 5.95 -5.94
C ASP A 58 17.89 5.38 -7.23
N ALA A 59 19.13 4.96 -7.18
CA ALA A 59 19.80 4.41 -8.41
C ALA A 59 18.94 3.35 -9.08
N ASN A 60 18.50 2.41 -8.32
CA ASN A 60 17.62 1.35 -8.87
C ASN A 60 16.21 1.65 -8.38
N GLY A 61 16.14 2.19 -7.20
CA GLY A 61 14.85 2.59 -6.60
C GLY A 61 14.47 1.62 -5.48
N SER A 62 15.18 1.68 -4.37
CA SER A 62 14.85 0.79 -3.23
C SER A 62 14.12 1.59 -2.17
N ALA A 63 13.03 1.08 -1.71
CA ALA A 63 12.26 1.82 -0.66
C ALA A 63 11.81 0.85 0.43
N SER A 64 12.40 0.94 1.60
CA SER A 64 12.01 0.02 2.70
C SER A 64 11.38 0.84 3.83
N THR A 65 10.13 0.62 4.10
CA THR A 65 9.47 1.38 5.20
C THR A 65 8.42 0.50 5.89
N SER A 66 8.28 0.66 7.18
CA SER A 66 7.27 -0.16 7.92
C SER A 66 6.00 0.67 8.11
N LEU A 67 4.86 0.05 7.99
CA LEU A 67 3.58 0.81 8.15
C LEU A 67 2.61 0.01 9.03
N THR A 68 1.57 0.64 9.50
CA THR A 68 0.58 -0.09 10.35
C THR A 68 -0.68 -0.36 9.51
N VAL A 69 -1.07 -1.60 9.38
CA VAL A 69 -2.28 -1.90 8.55
C VAL A 69 -3.17 -2.92 9.27
N ARG A 70 -4.48 -2.79 9.16
CA ARG A 70 -5.36 -3.77 9.84
C ARG A 70 -6.57 -4.10 8.97
N ARG A 71 -7.57 -4.73 9.54
CA ARG A 71 -8.78 -5.10 8.75
C ARG A 71 -9.54 -3.83 8.37
N SER A 72 -10.29 -3.24 9.27
CA SER A 72 -11.01 -2.00 8.88
C SER A 72 -9.98 -0.90 8.76
N PHE A 73 -10.10 -0.06 7.78
CA PHE A 73 -9.10 1.00 7.64
C PHE A 73 -9.65 2.13 6.77
N GLU A 74 -9.42 3.35 7.19
CA GLU A 74 -9.94 4.53 6.45
C GLU A 74 -9.98 4.25 4.94
N GLY A 75 -11.14 4.37 4.36
CA GLY A 75 -11.28 4.11 2.89
C GLY A 75 -11.04 5.39 2.08
N PHE A 76 -10.02 6.15 2.41
CA PHE A 76 -9.75 7.42 1.66
C PHE A 76 -9.99 7.20 0.15
N LEU A 77 -11.01 7.83 -0.40
CA LEU A 77 -11.30 7.66 -1.87
C LEU A 77 -10.48 8.69 -2.69
N PHE A 78 -9.73 8.24 -3.68
CA PHE A 78 -8.92 9.21 -4.50
C PHE A 78 -9.84 10.18 -5.25
N ASP A 79 -10.67 10.91 -4.54
CA ASP A 79 -11.58 11.86 -5.23
C ASP A 79 -12.09 12.91 -4.24
N GLY A 80 -11.41 13.07 -3.12
CA GLY A 80 -11.86 14.07 -2.12
C GLY A 80 -12.93 13.46 -1.20
N THR A 81 -13.65 12.48 -1.66
CA THR A 81 -14.70 11.87 -0.81
C THR A 81 -14.12 10.66 -0.05
N ARG A 82 -14.71 10.37 1.07
CA ARG A 82 -14.25 9.22 1.88
C ARG A 82 -15.21 8.03 1.64
N TRP A 83 -14.70 6.86 1.38
CA TRP A 83 -15.58 5.70 1.11
C TRP A 83 -16.10 5.11 2.43
N GLY A 84 -15.47 5.43 3.52
CA GLY A 84 -15.90 4.89 4.83
C GLY A 84 -14.85 3.90 5.33
N THR A 85 -15.00 3.42 6.53
CA THR A 85 -14.01 2.43 7.05
C THR A 85 -14.09 1.20 6.15
N VAL A 86 -13.10 0.99 5.35
CA VAL A 86 -13.11 -0.16 4.42
C VAL A 86 -12.72 -1.41 5.22
N ASP A 87 -13.67 -2.26 5.50
CA ASP A 87 -13.37 -3.50 6.28
C ASP A 87 -12.52 -4.45 5.44
N CYS A 88 -11.28 -4.65 5.81
CA CYS A 88 -10.44 -5.58 4.99
C CYS A 88 -11.02 -7.01 5.06
N THR A 89 -12.03 -7.22 5.86
CA THR A 89 -12.64 -8.58 5.94
C THR A 89 -13.65 -8.75 4.80
N THR A 90 -13.81 -7.73 4.00
CA THR A 90 -14.78 -7.82 2.88
C THR A 90 -14.02 -7.76 1.55
N ALA A 91 -13.14 -6.80 1.42
CA ALA A 91 -12.36 -6.67 0.16
C ALA A 91 -10.92 -7.12 0.40
N ALA A 92 -10.09 -7.04 -0.61
CA ALA A 92 -8.67 -7.45 -0.44
C ALA A 92 -7.79 -6.20 -0.38
N CYS A 93 -7.15 -5.94 0.74
CA CYS A 93 -6.30 -4.72 0.84
C CYS A 93 -4.84 -5.10 0.57
N GLN A 94 -4.24 -4.47 -0.40
CA GLN A 94 -2.84 -4.80 -0.73
C GLN A 94 -1.91 -3.74 -0.19
N VAL A 95 -0.77 -4.17 0.23
CA VAL A 95 0.27 -3.24 0.73
C VAL A 95 1.27 -3.06 -0.39
N GLY A 96 1.31 -1.90 -1.00
CA GLY A 96 2.25 -1.75 -2.14
C GLY A 96 2.75 -0.32 -2.27
N LEU A 97 3.48 -0.05 -3.32
CA LEU A 97 4.03 1.31 -3.54
C LEU A 97 3.31 1.94 -4.74
N SER A 98 3.70 3.11 -5.12
CA SER A 98 3.02 3.77 -6.26
C SER A 98 3.67 5.13 -6.56
N ASP A 99 3.26 5.77 -7.61
CA ASP A 99 3.84 7.10 -7.96
C ASP A 99 2.82 8.18 -7.65
N ALA A 100 1.58 7.83 -7.83
CA ALA A 100 0.46 8.77 -7.58
C ALA A 100 0.17 9.60 -8.83
N ALA A 101 0.73 9.22 -9.95
CA ALA A 101 0.49 9.97 -11.20
C ALA A 101 -0.44 9.16 -12.12
N GLY A 102 -0.51 7.87 -11.93
CA GLY A 102 -1.38 7.03 -12.77
C GLY A 102 -1.29 5.59 -12.29
N ASN A 103 -0.10 5.14 -12.00
CA ASN A 103 0.07 3.77 -11.50
C ASN A 103 1.52 3.57 -11.05
N GLY A 104 1.81 2.40 -10.60
CA GLY A 104 3.19 2.10 -10.12
C GLY A 104 3.31 0.58 -9.86
N PRO A 105 4.35 0.13 -9.15
CA PRO A 105 4.49 -1.31 -8.87
C PRO A 105 3.16 -1.87 -8.32
N GLU A 106 3.13 -3.13 -7.99
CA GLU A 106 1.87 -3.73 -7.47
C GLU A 106 1.88 -3.76 -5.94
N GLY A 107 0.83 -4.26 -5.34
CA GLY A 107 0.78 -4.32 -3.86
C GLY A 107 0.69 -5.79 -3.41
N VAL A 108 0.96 -6.04 -2.15
CA VAL A 108 0.91 -7.41 -1.62
C VAL A 108 -0.42 -7.63 -0.92
N ALA A 109 -1.10 -8.66 -1.30
CA ALA A 109 -2.42 -8.98 -0.67
C ALA A 109 -2.20 -9.49 0.76
N ILE A 110 -2.77 -8.81 1.73
CA ILE A 110 -2.60 -9.27 3.12
C ILE A 110 -3.81 -10.09 3.56
N SER A 111 -3.72 -10.75 4.67
CA SER A 111 -4.88 -11.57 5.14
C SER A 111 -5.07 -11.39 6.66
N PHE A 112 -6.25 -11.65 7.15
CA PHE A 112 -6.49 -11.49 8.61
C PHE A 112 -7.15 -12.76 9.16
N ASN A 113 -6.39 -13.82 9.28
CA ASN A 113 -6.96 -15.09 9.82
C ASN A 113 -7.31 -14.91 11.30
C1 CHR B . -3.45 7.80 -4.10
C2 CHR B . -3.88 8.65 -3.03
C3 CHR B . -4.48 9.21 -2.18
C4 CHR B . -5.49 9.72 -1.22
O2 CHR B . -5.98 8.83 -0.18
C5 CHR B . -6.78 8.93 -1.39
C6 CHR B . -6.62 7.89 -2.44
C7 CHR B . -6.24 7.15 -3.30
C8 CHR B . -5.54 6.41 -4.33
C9 CHR B . -4.33 6.83 -4.74
C10 CHR B . -3.66 6.29 -5.99
O1 CHR B . -4.17 6.91 -7.16
C11 CHR B . -2.18 6.69 -5.76
O6 CHR B . -1.46 5.57 -5.28
C12 CHR B . -2.26 7.76 -4.69
C13 CHR B . -4.03 6.29 -8.43
O3 CHR B . -4.78 5.08 -8.44
C14 CHR B . -4.55 7.21 -9.52
N1 CHR B . -3.86 8.53 -9.44
C19 CHR B . -2.90 8.94 -10.50
C15 CHR B . -6.06 7.40 -9.34
O4 CHR B . -6.56 8.24 -10.37
C16 CHR B . -6.76 6.05 -9.41
O5 CHR B . -6.54 5.47 -10.69
C17 CHR B . -6.19 5.12 -8.33
C18 CHR B . -6.76 3.71 -8.51
C20 CHR B . -1.11 4.81 -6.30
O7 CHR B . -0.69 5.26 -7.34
C21 CHR B . -1.28 3.36 -6.09
C22 CHR B . -1.73 2.56 -7.15
O9 CHR B . -1.95 3.13 -8.40
C23 CHR B . -1.96 1.19 -6.96
C24 CHR B . -1.74 0.62 -5.70
C25 CHR B . -1.28 1.42 -4.64
C26 CHR B . -1.05 2.78 -4.84
C27 CHR B . -0.58 3.56 -3.76
C28 CHR B . -0.36 2.98 -2.51
O8 CHR B . 0.10 3.76 -1.45
C31 CHR B . -0.27 5.13 -1.46
C29 CHR B . -0.60 1.61 -2.32
C30 CHR B . -1.05 0.83 -3.39
C32 CHR B . -1.33 -0.65 -3.18
C33 CHR B . -5.56 11.22 -0.99
O10 CHR B . -6.52 11.52 0.01
C34 CHR B . -7.43 12.28 -0.56
O11 CHR B . -8.39 12.69 0.05
O12 CHR B . -7.27 12.57 -1.85
C35 CHR B . -6.08 11.93 -2.25
H5 CHR B . -7.74 9.46 -1.35
H8 CHR B . -5.98 5.53 -4.75
H10 CHR B . -3.76 5.22 -6.04
H11 CHR B . -1.75 7.08 -6.68
H12 CHR B . -1.45 8.41 -4.45
H13 CHR B . -2.99 6.07 -8.61
H14 CHR B . -4.37 6.77 -10.49
H191 CHR B . -2.47 8.05 -10.96
H192 CHR B . -2.12 9.54 -10.08
H193 CHR B . -3.43 9.50 -11.26
H15 CHR B . -6.26 7.86 -8.38
HO4 CHR B . -5.99 8.15 -11.14
H16 CHR B . -7.82 6.18 -9.25
HO5 CHR B . -6.62 6.16 -11.34
H17 CHR B . -6.47 5.50 -7.35
H181 CHR B . -6.99 3.55 -9.55
H182 CHR B . -7.66 3.61 -7.92
H183 CHR B . -6.03 2.99 -8.19
HO9 CHR B . -2.86 3.44 -8.46
H23 CHR B . -2.31 0.59 -7.78
H24 CHR B . -1.92 -0.43 -5.55
H27 CHR B . -0.36 4.61 -3.91
H311 CHR B . 0.04 5.60 -0.54
H312 CHR B . -1.34 5.20 -1.55
H313 CHR B . 0.19 5.63 -2.30
H29 CHR B . -0.43 1.17 -1.36
H321 CHR B . -2.40 -0.81 -3.08
H322 CHR B . -0.96 -1.20 -4.04
H323 CHR B . -0.82 -0.99 -2.29
H33 CHR B . -4.60 11.61 -0.72
H351 CHR B . -5.36 12.65 -2.58
H352 CHR B . -6.27 11.21 -3.02
N ALA A 1 16.54 -5.75 -15.28
CA ALA A 1 16.33 -5.30 -13.87
C ALA A 1 14.91 -4.79 -13.71
N ALA A 2 14.11 -5.48 -12.93
CA ALA A 2 12.70 -5.04 -12.74
C ALA A 2 12.47 -4.71 -11.25
N PRO A 3 11.54 -3.83 -11.00
CA PRO A 3 11.21 -3.42 -9.62
C PRO A 3 10.70 -4.60 -8.81
N THR A 4 10.83 -4.52 -7.54
CA THR A 4 10.40 -5.61 -6.63
C THR A 4 9.95 -4.98 -5.31
N ALA A 5 9.19 -5.69 -4.53
CA ALA A 5 8.74 -5.11 -3.24
C ALA A 5 8.60 -6.17 -2.19
N THR A 6 9.21 -5.93 -1.07
CA THR A 6 9.15 -6.92 0.03
C THR A 6 8.21 -6.44 1.10
N VAL A 7 7.07 -7.02 1.14
CA VAL A 7 6.06 -6.64 2.16
C VAL A 7 5.72 -7.84 3.04
N THR A 8 5.91 -7.69 4.33
CA THR A 8 5.62 -8.81 5.27
C THR A 8 5.62 -8.24 6.70
N PRO A 9 4.84 -8.86 7.56
CA PRO A 9 4.00 -10.02 7.22
C PRO A 9 2.79 -9.56 6.41
N SER A 10 2.28 -10.42 5.59
CA SER A 10 1.09 -10.08 4.77
C SER A 10 -0.16 -10.55 5.50
N SER A 11 -0.02 -11.50 6.38
CA SER A 11 -1.21 -12.00 7.14
C SER A 11 -0.83 -12.16 8.62
N GLY A 12 -1.81 -12.22 9.49
CA GLY A 12 -1.51 -12.36 10.94
C GLY A 12 -1.07 -11.01 11.49
N LEU A 13 -1.68 -9.96 10.99
CA LEU A 13 -1.33 -8.60 11.41
C LEU A 13 -2.14 -8.18 12.60
N SER A 14 -3.36 -8.47 12.51
CA SER A 14 -4.31 -8.14 13.59
C SER A 14 -4.45 -6.62 13.72
N ASP A 15 -5.63 -6.18 14.06
CA ASP A 15 -5.91 -4.73 14.19
C ASP A 15 -4.87 -4.04 15.07
N GLY A 16 -4.00 -3.27 14.48
CA GLY A 16 -3.01 -2.53 15.28
C GLY A 16 -1.57 -3.00 15.06
N THR A 17 -1.26 -3.75 14.03
CA THR A 17 0.15 -4.16 13.88
C THR A 17 0.81 -3.33 12.79
N VAL A 18 1.99 -3.70 12.48
CA VAL A 18 2.77 -2.96 11.44
C VAL A 18 3.41 -3.92 10.45
N VAL A 19 3.41 -3.57 9.19
CA VAL A 19 4.04 -4.46 8.17
C VAL A 19 5.21 -3.71 7.51
N LYS A 20 6.17 -4.44 7.01
CA LYS A 20 7.32 -3.76 6.36
C LYS A 20 7.24 -3.96 4.85
N VAL A 21 6.94 -2.93 4.11
CA VAL A 21 6.83 -3.05 2.63
C VAL A 21 8.06 -2.39 1.99
N ALA A 22 8.82 -3.11 1.21
CA ALA A 22 10.00 -2.50 0.57
C ALA A 22 9.76 -2.43 -0.94
N GLY A 23 10.56 -1.68 -1.65
CA GLY A 23 10.37 -1.57 -3.11
C GLY A 23 11.76 -1.45 -3.76
N ALA A 24 12.23 -2.46 -4.44
CA ALA A 24 13.58 -2.34 -5.06
C ALA A 24 13.48 -2.43 -6.58
N GLY A 25 14.20 -1.63 -7.31
CA GLY A 25 14.12 -1.71 -8.79
C GLY A 25 12.94 -0.88 -9.30
N LEU A 26 12.58 0.16 -8.60
CA LEU A 26 11.45 1.00 -9.05
C LEU A 26 12.00 2.12 -9.93
N GLN A 27 11.14 2.93 -10.49
CA GLN A 27 11.65 4.03 -11.35
C GLN A 27 12.80 4.73 -10.66
N ALA A 28 13.98 4.34 -11.03
CA ALA A 28 15.21 4.92 -10.41
C ALA A 28 15.21 6.44 -10.58
N GLY A 29 14.44 7.13 -9.78
CA GLY A 29 14.41 8.61 -9.87
C GLY A 29 12.97 9.10 -9.88
N THR A 30 12.09 8.44 -9.17
CA THR A 30 10.68 8.89 -9.16
C THR A 30 10.02 8.58 -7.80
N ALA A 31 9.66 9.62 -7.11
CA ALA A 31 8.96 9.49 -5.79
C ALA A 31 7.89 8.41 -5.89
N TYR A 32 7.89 7.48 -4.96
CA TYR A 32 6.87 6.39 -4.96
C TYR A 32 6.09 6.45 -3.64
N ASP A 33 4.83 6.10 -3.64
CA ASP A 33 4.07 6.13 -2.35
C ASP A 33 4.01 4.70 -1.83
N VAL A 34 3.76 4.52 -0.56
CA VAL A 34 3.75 3.14 0.01
C VAL A 34 2.67 3.01 1.11
N GLY A 35 1.65 2.19 0.93
CA GLY A 35 0.62 2.11 2.01
C GLY A 35 -0.35 0.93 1.77
N GLN A 36 -1.35 0.84 2.63
CA GLN A 36 -2.36 -0.23 2.53
C GLN A 36 -3.62 0.33 1.88
N CYS A 37 -3.89 -0.07 0.68
CA CYS A 37 -5.11 0.43 -0.02
C CYS A 37 -5.89 -0.74 -0.62
N ALA A 38 -7.20 -0.61 -0.70
CA ALA A 38 -8.03 -1.71 -1.25
C ALA A 38 -8.89 -1.22 -2.43
N TRP A 39 -9.01 -2.01 -3.48
CA TRP A 39 -9.87 -1.60 -4.63
C TRP A 39 -11.25 -2.23 -4.42
N VAL A 40 -12.26 -1.43 -4.22
CA VAL A 40 -13.61 -1.99 -3.99
C VAL A 40 -14.49 -1.80 -5.23
N ASP A 41 -13.91 -1.49 -6.36
CA ASP A 41 -14.73 -1.30 -7.58
C ASP A 41 -13.87 -0.79 -8.73
N THR A 42 -14.47 -0.51 -9.85
CA THR A 42 -13.69 -0.03 -11.02
C THR A 42 -13.19 1.40 -10.76
N GLY A 43 -11.97 1.53 -10.36
CA GLY A 43 -11.39 2.88 -10.10
C GLY A 43 -11.77 3.39 -8.70
N VAL A 44 -11.98 2.52 -7.75
CA VAL A 44 -12.32 2.98 -6.38
C VAL A 44 -11.18 2.51 -5.45
N LEU A 45 -10.31 3.39 -5.00
CA LEU A 45 -9.18 2.94 -4.15
C LEU A 45 -9.30 3.57 -2.75
N ALA A 46 -9.70 2.81 -1.75
CA ALA A 46 -9.81 3.37 -0.39
C ALA A 46 -8.54 3.01 0.38
N CYS A 47 -7.69 3.96 0.66
CA CYS A 47 -6.43 3.64 1.39
C CYS A 47 -6.51 4.16 2.83
N ASN A 48 -5.60 3.74 3.67
CA ASN A 48 -5.63 4.21 5.10
C ASN A 48 -4.46 5.17 5.36
N PRO A 49 -4.73 6.25 6.06
CA PRO A 49 -3.72 7.26 6.39
C PRO A 49 -2.78 6.79 7.52
N ALA A 50 -2.64 5.50 7.72
CA ALA A 50 -1.72 5.02 8.79
C ALA A 50 -0.60 4.19 8.17
N ASP A 51 -0.59 4.11 6.86
CA ASP A 51 0.47 3.34 6.16
C ASP A 51 0.91 4.18 4.97
N PHE A 52 0.59 5.45 4.99
CA PHE A 52 0.95 6.32 3.85
C PHE A 52 2.40 6.81 3.98
N SER A 53 3.34 6.08 3.43
CA SER A 53 4.75 6.55 3.49
C SER A 53 5.16 6.94 2.07
N SER A 54 6.41 7.21 1.82
CA SER A 54 6.80 7.62 0.46
C SER A 54 8.30 7.91 0.35
N VAL A 55 8.92 7.42 -0.69
CA VAL A 55 10.36 7.67 -0.92
C VAL A 55 10.59 7.60 -2.44
N THR A 56 11.64 8.18 -2.94
CA THR A 56 11.85 8.12 -4.41
C THR A 56 12.81 7.00 -4.75
N ALA A 57 12.60 6.37 -5.87
CA ALA A 57 13.51 5.29 -6.28
C ALA A 57 14.89 5.86 -6.59
N ASP A 58 15.81 5.60 -5.73
CA ASP A 58 17.21 6.09 -5.90
C ASP A 58 17.83 5.54 -7.20
N ALA A 59 19.08 5.15 -7.14
CA ALA A 59 19.78 4.63 -8.36
C ALA A 59 18.96 3.52 -9.00
N ASN A 60 18.56 2.57 -8.23
CA ASN A 60 17.72 1.47 -8.77
C ASN A 60 16.30 1.75 -8.30
N GLY A 61 16.20 2.30 -7.14
CA GLY A 61 14.88 2.66 -6.57
C GLY A 61 14.52 1.71 -5.43
N SER A 62 15.21 1.80 -4.31
CA SER A 62 14.89 0.91 -3.17
C SER A 62 14.14 1.72 -2.12
N ALA A 63 13.00 1.23 -1.70
CA ALA A 63 12.21 1.98 -0.67
C ALA A 63 11.72 1.00 0.40
N SER A 64 12.27 1.06 1.58
CA SER A 64 11.83 0.14 2.66
C SER A 64 11.25 0.95 3.82
N THR A 65 9.99 0.76 4.10
CA THR A 65 9.37 1.51 5.21
C THR A 65 8.32 0.64 5.91
N SER A 66 8.23 0.73 7.20
CA SER A 66 7.22 -0.08 7.95
C SER A 66 6.02 0.80 8.30
N LEU A 67 4.84 0.28 8.10
CA LEU A 67 3.62 1.08 8.40
C LEU A 67 2.62 0.22 9.18
N THR A 68 1.63 0.84 9.78
CA THR A 68 0.64 0.05 10.56
C THR A 68 -0.59 -0.23 9.68
N VAL A 69 -0.97 -1.48 9.54
CA VAL A 69 -2.16 -1.80 8.69
C VAL A 69 -3.04 -2.84 9.40
N ARG A 70 -4.35 -2.76 9.25
CA ARG A 70 -5.21 -3.75 9.94
C ARG A 70 -6.36 -4.18 9.03
N ARG A 71 -7.36 -4.84 9.59
CA ARG A 71 -8.51 -5.30 8.76
C ARG A 71 -9.32 -4.08 8.31
N SER A 72 -10.08 -3.48 9.21
CA SER A 72 -10.86 -2.29 8.81
C SER A 72 -9.90 -1.13 8.74
N PHE A 73 -10.10 -0.21 7.85
CA PHE A 73 -9.12 0.88 7.77
C PHE A 73 -9.67 2.02 6.93
N GLU A 74 -9.42 3.23 7.35
CA GLU A 74 -9.93 4.43 6.63
C GLU A 74 -9.96 4.17 5.12
N GLY A 75 -11.11 4.31 4.52
CA GLY A 75 -11.24 4.07 3.05
C GLY A 75 -11.01 5.36 2.26
N PHE A 76 -9.98 6.10 2.58
CA PHE A 76 -9.70 7.37 1.82
C PHE A 76 -9.96 7.17 0.32
N LEU A 77 -10.97 7.82 -0.24
CA LEU A 77 -11.28 7.65 -1.69
C LEU A 77 -10.45 8.66 -2.51
N PHE A 78 -9.71 8.21 -3.52
CA PHE A 78 -8.89 9.16 -4.33
C PHE A 78 -9.80 10.16 -5.07
N ASP A 79 -10.60 10.90 -4.36
CA ASP A 79 -11.50 11.88 -5.03
C ASP A 79 -11.97 12.92 -4.02
N GLY A 80 -11.29 13.05 -2.91
CA GLY A 80 -11.71 14.05 -1.89
C GLY A 80 -12.79 13.46 -0.97
N THR A 81 -13.53 12.50 -1.45
CA THR A 81 -14.60 11.89 -0.61
C THR A 81 -14.05 10.68 0.16
N ARG A 82 -14.65 10.40 1.28
CA ARG A 82 -14.21 9.24 2.10
C ARG A 82 -15.18 8.07 1.85
N TRP A 83 -14.68 6.89 1.60
CA TRP A 83 -15.58 5.74 1.32
C TRP A 83 -16.09 5.13 2.64
N GLY A 84 -15.44 5.41 3.72
CA GLY A 84 -15.87 4.85 5.03
C GLY A 84 -14.83 3.84 5.51
N THR A 85 -14.97 3.35 6.69
CA THR A 85 -13.99 2.34 7.19
C THR A 85 -14.07 1.13 6.27
N VAL A 86 -13.06 0.92 5.48
CA VAL A 86 -13.07 -0.22 4.55
C VAL A 86 -12.67 -1.49 5.29
N ASP A 87 -13.63 -2.33 5.58
CA ASP A 87 -13.34 -3.59 6.33
C ASP A 87 -12.52 -4.53 5.44
N CYS A 88 -11.27 -4.78 5.78
CA CYS A 88 -10.48 -5.71 4.91
C CYS A 88 -11.18 -7.07 4.78
N THR A 89 -12.24 -7.32 5.52
CA THR A 89 -12.94 -8.64 5.40
C THR A 89 -13.93 -8.57 4.24
N THR A 90 -14.21 -7.40 3.73
CA THR A 90 -15.17 -7.28 2.60
C THR A 90 -14.40 -7.31 1.28
N ALA A 91 -13.35 -6.54 1.20
CA ALA A 91 -12.55 -6.51 -0.05
C ALA A 91 -11.13 -7.01 0.25
N ALA A 92 -10.29 -7.02 -0.74
CA ALA A 92 -8.89 -7.48 -0.53
C ALA A 92 -7.97 -6.25 -0.41
N CYS A 93 -7.32 -6.07 0.72
CA CYS A 93 -6.44 -4.88 0.88
C CYS A 93 -4.99 -5.28 0.57
N GLN A 94 -4.38 -4.63 -0.39
CA GLN A 94 -3.00 -4.96 -0.74
C GLN A 94 -2.04 -3.92 -0.21
N VAL A 95 -0.88 -4.38 0.14
CA VAL A 95 0.17 -3.45 0.63
C VAL A 95 1.14 -3.26 -0.53
N GLY A 96 1.17 -2.11 -1.11
CA GLY A 96 2.08 -1.93 -2.27
C GLY A 96 2.56 -0.50 -2.39
N LEU A 97 3.20 -0.19 -3.49
CA LEU A 97 3.75 1.17 -3.70
C LEU A 97 3.14 1.75 -4.98
N SER A 98 3.52 2.95 -5.32
CA SER A 98 2.97 3.59 -6.55
C SER A 98 3.60 4.97 -6.73
N ASP A 99 3.28 5.66 -7.79
CA ASP A 99 3.87 7.01 -8.00
C ASP A 99 2.73 8.03 -8.17
N ALA A 100 2.99 9.16 -8.77
CA ALA A 100 1.92 10.18 -8.95
C ALA A 100 1.64 10.36 -10.44
N ALA A 101 1.73 9.31 -11.21
CA ALA A 101 1.47 9.42 -12.66
C ALA A 101 0.20 8.67 -13.05
N GLY A 102 -0.10 7.58 -12.37
CA GLY A 102 -1.32 6.82 -12.70
C GLY A 102 -1.19 5.45 -12.07
N ASN A 103 0.01 4.92 -12.03
CA ASN A 103 0.22 3.61 -11.42
C ASN A 103 1.69 3.40 -11.11
N GLY A 104 2.01 2.26 -10.60
CA GLY A 104 3.42 1.94 -10.25
C GLY A 104 3.51 0.44 -9.92
N PRO A 105 4.54 -0.01 -9.22
CA PRO A 105 4.65 -1.44 -8.87
C PRO A 105 3.30 -1.95 -8.33
N GLU A 106 3.18 -3.23 -8.10
CA GLU A 106 1.88 -3.77 -7.59
C GLU A 106 1.87 -3.83 -6.07
N GLY A 107 0.84 -4.38 -5.50
CA GLY A 107 0.77 -4.48 -4.01
C GLY A 107 0.67 -5.95 -3.59
N VAL A 108 0.87 -6.23 -2.34
CA VAL A 108 0.81 -7.60 -1.84
C VAL A 108 -0.50 -7.81 -1.10
N ALA A 109 -1.20 -8.85 -1.43
CA ALA A 109 -2.49 -9.15 -0.75
C ALA A 109 -2.23 -9.64 0.67
N ILE A 110 -2.80 -8.97 1.64
CA ILE A 110 -2.58 -9.41 3.05
C ILE A 110 -3.78 -10.27 3.49
N SER A 111 -3.65 -10.93 4.61
CA SER A 111 -4.77 -11.80 5.09
C SER A 111 -5.00 -11.54 6.58
N PHE A 112 -6.21 -11.76 7.04
CA PHE A 112 -6.50 -11.52 8.48
C PHE A 112 -7.13 -12.78 9.09
N ASN A 113 -6.35 -13.59 9.75
CA ASN A 113 -6.90 -14.83 10.36
C ASN A 113 -8.06 -14.47 11.28
C1 CHR B . -3.40 7.66 -3.95
C2 CHR B . -3.83 8.50 -2.87
C3 CHR B . -4.42 9.08 -2.02
C4 CHR B . -5.42 9.59 -1.07
O2 CHR B . -5.94 8.70 -0.04
C5 CHR B . -6.73 8.83 -1.25
C6 CHR B . -6.58 7.80 -2.31
C7 CHR B . -6.21 7.06 -3.17
C8 CHR B . -5.53 6.35 -4.23
C9 CHR B . -4.30 6.72 -4.61
C10 CHR B . -3.63 6.18 -5.86
O1 CHR B . -4.15 6.80 -7.03
C11 CHR B . -2.15 6.58 -5.65
O6 CHR B . -1.43 5.42 -5.25
C12 CHR B . -2.20 7.59 -4.53
C13 CHR B . -4.02 6.14 -8.29
O3 CHR B . -4.91 5.02 -8.32
C14 CHR B . -4.41 7.11 -9.41
N1 CHR B . -3.58 8.35 -9.30
C19 CHR B . -2.28 8.43 -10.01
C15 CHR B . -5.89 7.47 -9.30
O4 CHR B . -6.25 8.35 -10.34
C16 CHR B . -6.72 6.18 -9.39
O5 CHR B . -6.52 5.58 -10.66
C17 CHR B . -6.30 5.22 -8.28
C18 CHR B . -7.01 3.88 -8.49
C20 CHR B . -1.22 4.66 -6.30
O7 CHR B . -0.87 5.12 -7.37
C21 CHR B . -1.44 3.22 -6.10
C22 CHR B . -2.05 2.47 -7.12
O9 CHR B . -2.34 3.08 -8.35
C23 CHR B . -2.35 1.12 -6.92
C24 CHR B . -2.05 0.52 -5.69
C25 CHR B . -1.45 1.25 -4.67
C26 CHR B . -1.13 2.61 -4.88
C27 CHR B . -0.53 3.34 -3.84
C28 CHR B . -0.25 2.74 -2.62
O8 CHR B . 0.34 3.47 -1.60
C31 CHR B . -0.18 4.78 -1.40
C29 CHR B . -0.56 1.39 -2.41
C30 CHR B . -1.17 0.65 -3.45
C32 CHR B . -1.50 -0.81 -3.23
C33 CHR B . -5.47 11.09 -0.83
O10 CHR B . -6.59 11.42 -0.02
C34 CHR B . -7.34 12.24 -0.76
O11 CHR B . -8.37 12.70 -0.34
O12 CHR B . -6.90 12.54 -1.98
C35 CHR B . -5.68 11.84 -2.13
H5 CHR B . -7.67 9.38 -1.21
H8 CHR B . -6.00 5.49 -4.68
H10 CHR B . -3.74 5.10 -5.91
H11 CHR B . -1.74 7.01 -6.55
H12 CHR B . -1.37 8.18 -4.22
H13 CHR B . -3.00 5.81 -8.42
H14 CHR B . -4.22 6.64 -10.37
H191 CHR B . -1.98 7.45 -10.35
H192 CHR B . -2.37 9.10 -10.86
H193 CHR B . -1.52 8.83 -9.34
H15 CHR B . -6.07 7.95 -8.34
HO4 CHR B . -5.73 8.11 -11.12
H16 CHR B . -7.77 6.43 -9.27
HO5 CHR B . -6.93 6.13 -11.32
H17 CHR B . -6.58 5.62 -7.32
H181 CHR B . -7.31 3.78 -9.52
H182 CHR B . -7.89 3.82 -7.86
H183 CHR B . -6.34 3.07 -8.23
HO9 CHR B . -3.27 2.96 -8.54
H23 CHR B . -2.81 0.55 -7.71
H24 CHR B . -2.29 -0.52 -5.54
H27 CHR B . -0.25 4.36 -4.01
H311 CHR B . -0.41 5.22 -2.36
H312 CHR B . -1.08 4.72 -0.81
H313 CHR B . 0.55 5.38 -0.88
H29 CHR B . -0.37 0.92 -1.47
H321 CHR B . -0.88 -1.43 -3.87
H322 CHR B . -1.33 -1.08 -2.20
H323 CHR B . -2.54 -0.99 -3.47
H33 CHR B . -4.56 11.42 -0.35
H351 CHR B . -4.86 12.53 -2.30
H352 CHR B . -5.74 11.14 -2.95
N ALA A 1 18.52 -4.46 -12.52
CA ALA A 1 17.57 -5.42 -11.90
C ALA A 1 16.14 -4.88 -12.06
N ALA A 2 15.18 -5.76 -12.15
CA ALA A 2 13.77 -5.31 -12.30
C ALA A 2 13.21 -4.89 -10.93
N PRO A 3 12.13 -4.16 -10.96
CA PRO A 3 11.48 -3.68 -9.73
C PRO A 3 11.04 -4.86 -8.87
N THR A 4 10.86 -4.61 -7.61
CA THR A 4 10.45 -5.67 -6.67
C THR A 4 9.99 -5.03 -5.37
N ALA A 5 9.24 -5.73 -4.57
CA ALA A 5 8.77 -5.13 -3.30
C ALA A 5 8.64 -6.19 -2.23
N THR A 6 9.25 -5.92 -1.12
CA THR A 6 9.19 -6.90 -0.01
C THR A 6 8.23 -6.41 1.06
N VAL A 7 7.10 -7.02 1.10
CA VAL A 7 6.08 -6.63 2.11
C VAL A 7 5.73 -7.83 2.99
N THR A 8 5.96 -7.70 4.28
CA THR A 8 5.66 -8.81 5.21
C THR A 8 5.64 -8.25 6.65
N PRO A 9 4.85 -8.86 7.50
CA PRO A 9 4.00 -10.00 7.14
C PRO A 9 2.79 -9.53 6.34
N SER A 10 2.26 -10.40 5.52
CA SER A 10 1.08 -10.03 4.70
C SER A 10 -0.18 -10.48 5.43
N SER A 11 -0.07 -11.44 6.30
CA SER A 11 -1.25 -11.93 7.06
C SER A 11 -0.89 -12.08 8.54
N GLY A 12 -1.88 -12.19 9.39
CA GLY A 12 -1.60 -12.33 10.85
C GLY A 12 -1.19 -10.96 11.40
N LEU A 13 -1.81 -9.93 10.89
CA LEU A 13 -1.49 -8.55 11.30
C LEU A 13 -2.34 -8.14 12.46
N SER A 14 -3.55 -8.42 12.33
CA SER A 14 -4.53 -8.09 13.39
C SER A 14 -4.58 -6.56 13.58
N ASP A 15 -5.72 -6.06 13.94
CA ASP A 15 -5.89 -4.60 14.13
C ASP A 15 -4.82 -4.03 15.05
N GLY A 16 -3.92 -3.26 14.50
CA GLY A 16 -2.89 -2.63 15.37
C GLY A 16 -1.47 -3.15 15.08
N THR A 17 -1.22 -3.87 14.01
CA THR A 17 0.17 -4.32 13.81
C THR A 17 0.85 -3.44 12.78
N VAL A 18 2.03 -3.82 12.46
CA VAL A 18 2.83 -3.03 11.47
C VAL A 18 3.46 -3.96 10.44
N VAL A 19 3.43 -3.56 9.18
CA VAL A 19 4.05 -4.43 8.13
C VAL A 19 5.20 -3.66 7.47
N LYS A 20 6.16 -4.37 6.95
CA LYS A 20 7.31 -3.68 6.29
C LYS A 20 7.23 -3.90 4.78
N VAL A 21 6.92 -2.88 4.04
CA VAL A 21 6.81 -3.02 2.56
C VAL A 21 8.03 -2.36 1.91
N ALA A 22 8.79 -3.08 1.14
CA ALA A 22 9.97 -2.45 0.49
C ALA A 22 9.74 -2.42 -1.02
N GLY A 23 10.53 -1.67 -1.72
CA GLY A 23 10.37 -1.58 -3.19
C GLY A 23 11.74 -1.47 -3.84
N ALA A 24 12.23 -2.49 -4.50
CA ALA A 24 13.59 -2.37 -5.11
C ALA A 24 13.49 -2.48 -6.63
N GLY A 25 14.26 -1.70 -7.36
CA GLY A 25 14.17 -1.79 -8.85
C GLY A 25 13.02 -0.94 -9.36
N LEU A 26 12.69 0.11 -8.67
CA LEU A 26 11.58 0.96 -9.14
C LEU A 26 12.17 2.09 -9.98
N GLN A 27 11.35 2.91 -10.58
CA GLN A 27 11.89 4.01 -11.41
C GLN A 27 13.01 4.72 -10.66
N ALA A 28 14.21 4.35 -10.99
CA ALA A 28 15.40 4.94 -10.32
C ALA A 28 15.38 6.46 -10.45
N GLY A 29 14.58 7.12 -9.68
CA GLY A 29 14.52 8.61 -9.75
C GLY A 29 13.06 9.06 -9.77
N THR A 30 12.20 8.36 -9.09
CA THR A 30 10.77 8.78 -9.09
C THR A 30 10.11 8.51 -7.74
N ALA A 31 9.77 9.56 -7.06
CA ALA A 31 9.08 9.45 -5.74
C ALA A 31 7.95 8.43 -5.83
N TYR A 32 7.94 7.46 -4.96
CA TYR A 32 6.87 6.42 -4.98
C TYR A 32 6.09 6.51 -3.66
N ASP A 33 4.83 6.14 -3.66
CA ASP A 33 4.05 6.19 -2.38
C ASP A 33 3.95 4.75 -1.86
N VAL A 34 3.82 4.58 -0.58
CA VAL A 34 3.77 3.20 -0.01
C VAL A 34 2.64 3.11 1.05
N GLY A 35 1.60 2.32 0.83
CA GLY A 35 0.52 2.26 1.86
C GLY A 35 -0.41 1.05 1.64
N GLN A 36 -1.40 0.94 2.49
CA GLN A 36 -2.38 -0.16 2.41
C GLN A 36 -3.67 0.36 1.79
N CYS A 37 -3.96 -0.03 0.58
CA CYS A 37 -5.20 0.45 -0.08
C CYS A 37 -5.97 -0.74 -0.66
N ALA A 38 -7.28 -0.62 -0.71
CA ALA A 38 -8.11 -1.74 -1.26
C ALA A 38 -8.98 -1.25 -2.43
N TRP A 39 -9.10 -2.04 -3.47
CA TRP A 39 -9.96 -1.64 -4.62
C TRP A 39 -11.34 -2.29 -4.41
N VAL A 40 -12.35 -1.51 -4.21
CA VAL A 40 -13.70 -2.09 -3.97
C VAL A 40 -14.58 -1.92 -5.20
N ASP A 41 -14.01 -1.60 -6.33
CA ASP A 41 -14.84 -1.44 -7.55
C ASP A 41 -13.97 -0.93 -8.72
N THR A 42 -14.58 -0.67 -9.84
CA THR A 42 -13.80 -0.18 -11.01
C THR A 42 -13.34 1.25 -10.77
N GLY A 43 -12.12 1.41 -10.35
CA GLY A 43 -11.58 2.78 -10.10
C GLY A 43 -11.94 3.29 -8.71
N VAL A 44 -12.14 2.42 -7.75
CA VAL A 44 -12.47 2.88 -6.39
C VAL A 44 -11.33 2.44 -5.46
N LEU A 45 -10.46 3.34 -5.01
CA LEU A 45 -9.32 2.91 -4.15
C LEU A 45 -9.44 3.56 -2.77
N ALA A 46 -9.84 2.81 -1.75
CA ALA A 46 -9.94 3.40 -0.40
C ALA A 46 -8.66 3.03 0.36
N CYS A 47 -7.81 3.98 0.62
CA CYS A 47 -6.53 3.64 1.33
C CYS A 47 -6.60 4.13 2.79
N ASN A 48 -5.67 3.68 3.60
CA ASN A 48 -5.67 4.10 5.04
C ASN A 48 -4.48 5.02 5.31
N PRO A 49 -4.73 6.16 5.92
CA PRO A 49 -3.66 7.13 6.25
C PRO A 49 -2.77 6.63 7.40
N ALA A 50 -2.70 5.35 7.66
CA ALA A 50 -1.84 4.85 8.76
C ALA A 50 -0.66 4.07 8.16
N ASP A 51 -0.58 4.03 6.86
CA ASP A 51 0.53 3.32 6.20
C ASP A 51 0.99 4.17 5.02
N PHE A 52 0.61 5.42 5.03
CA PHE A 52 0.99 6.32 3.89
C PHE A 52 2.43 6.81 4.04
N SER A 53 3.36 6.13 3.44
CA SER A 53 4.78 6.59 3.51
C SER A 53 5.20 6.99 2.10
N SER A 54 6.47 7.21 1.84
CA SER A 54 6.87 7.62 0.48
C SER A 54 8.38 7.85 0.38
N VAL A 55 8.96 7.38 -0.68
CA VAL A 55 10.42 7.57 -0.92
C VAL A 55 10.65 7.51 -2.42
N THR A 56 11.72 8.07 -2.92
CA THR A 56 11.94 8.02 -4.39
C THR A 56 12.91 6.89 -4.72
N ALA A 57 12.69 6.26 -5.85
CA ALA A 57 13.60 5.17 -6.24
C ALA A 57 14.99 5.75 -6.53
N ASP A 58 15.88 5.49 -5.64
CA ASP A 58 17.29 5.99 -5.78
C ASP A 58 17.94 5.44 -7.07
N ALA A 59 19.20 5.06 -6.99
CA ALA A 59 19.92 4.55 -8.19
C ALA A 59 19.11 3.45 -8.88
N ASN A 60 18.69 2.49 -8.13
CA ASN A 60 17.87 1.40 -8.72
C ASN A 60 16.43 1.67 -8.29
N GLY A 61 16.31 2.21 -7.11
CA GLY A 61 14.98 2.56 -6.57
C GLY A 61 14.58 1.59 -5.46
N SER A 62 15.29 1.61 -4.37
CA SER A 62 14.96 0.72 -3.23
C SER A 62 14.28 1.55 -2.15
N ALA A 63 13.12 1.14 -1.75
CA ALA A 63 12.38 1.92 -0.71
C ALA A 63 11.81 0.95 0.33
N SER A 64 12.36 0.97 1.52
CA SER A 64 11.85 0.05 2.58
C SER A 64 11.28 0.88 3.72
N THR A 65 10.01 0.76 3.97
CA THR A 65 9.39 1.54 5.08
C THR A 65 8.35 0.67 5.79
N SER A 66 8.31 0.75 7.10
CA SER A 66 7.32 -0.06 7.87
C SER A 66 6.14 0.82 8.23
N LEU A 67 4.95 0.29 8.18
CA LEU A 67 3.74 1.10 8.51
C LEU A 67 2.73 0.23 9.27
N THR A 68 1.71 0.83 9.83
CA THR A 68 0.70 0.03 10.58
C THR A 68 -0.50 -0.28 9.66
N VAL A 69 -0.86 -1.53 9.54
CA VAL A 69 -2.01 -1.88 8.64
C VAL A 69 -2.96 -2.85 9.36
N ARG A 70 -4.26 -2.73 9.18
CA ARG A 70 -5.18 -3.65 9.88
C ARG A 70 -6.41 -3.95 9.03
N ARG A 71 -7.38 -4.60 9.62
CA ARG A 71 -8.64 -4.96 8.86
C ARG A 71 -9.41 -3.69 8.50
N SER A 72 -10.46 -3.37 9.20
CA SER A 72 -11.22 -2.13 8.85
C SER A 72 -10.27 -0.96 8.91
N PHE A 73 -10.33 -0.10 7.94
CA PHE A 73 -9.40 1.04 7.95
C PHE A 73 -9.98 2.20 7.15
N GLU A 74 -9.51 3.38 7.40
CA GLU A 74 -10.07 4.57 6.68
C GLU A 74 -10.06 4.28 5.17
N GLY A 75 -11.22 4.34 4.56
CA GLY A 75 -11.31 4.07 3.10
C GLY A 75 -11.10 5.36 2.28
N PHE A 76 -10.08 6.12 2.58
CA PHE A 76 -9.82 7.39 1.81
C PHE A 76 -10.10 7.18 0.31
N LEU A 77 -11.12 7.81 -0.24
CA LEU A 77 -11.43 7.64 -1.68
C LEU A 77 -10.60 8.64 -2.52
N PHE A 78 -9.87 8.19 -3.51
CA PHE A 78 -9.05 9.13 -4.35
C PHE A 78 -9.97 10.10 -5.10
N ASP A 79 -10.77 10.85 -4.39
CA ASP A 79 -11.68 11.82 -5.08
C ASP A 79 -12.15 12.88 -4.09
N GLY A 80 -11.46 13.05 -2.99
CA GLY A 80 -11.87 14.08 -2.00
C GLY A 80 -12.92 13.50 -1.05
N THR A 81 -13.66 12.51 -1.48
CA THR A 81 -14.71 11.93 -0.60
C THR A 81 -14.16 10.71 0.15
N ARG A 82 -14.80 10.37 1.23
CA ARG A 82 -14.35 9.20 2.04
C ARG A 82 -15.32 8.04 1.79
N TRP A 83 -14.81 6.85 1.56
CA TRP A 83 -15.70 5.69 1.28
C TRP A 83 -16.22 5.09 2.59
N GLY A 84 -15.57 5.37 3.68
CA GLY A 84 -16.00 4.82 4.98
C GLY A 84 -14.94 3.84 5.48
N THR A 85 -15.09 3.33 6.67
CA THR A 85 -14.10 2.35 7.18
C THR A 85 -14.17 1.12 6.29
N VAL A 86 -13.17 0.90 5.49
CA VAL A 86 -13.16 -0.25 4.57
C VAL A 86 -12.75 -1.51 5.34
N ASP A 87 -13.70 -2.36 5.64
CA ASP A 87 -13.40 -3.60 6.41
C ASP A 87 -12.48 -4.51 5.60
N CYS A 88 -11.22 -4.64 5.97
CA CYS A 88 -10.34 -5.56 5.17
C CYS A 88 -10.89 -7.00 5.19
N THR A 89 -11.94 -7.26 5.94
CA THR A 89 -12.49 -8.64 5.98
C THR A 89 -13.55 -8.79 4.89
N THR A 90 -13.77 -7.77 4.11
CA THR A 90 -14.80 -7.85 3.03
C THR A 90 -14.10 -7.79 1.68
N ALA A 91 -13.23 -6.83 1.51
CA ALA A 91 -12.51 -6.70 0.21
C ALA A 91 -11.05 -7.15 0.40
N ALA A 92 -10.28 -7.12 -0.66
CA ALA A 92 -8.85 -7.54 -0.56
C ALA A 92 -7.97 -6.29 -0.47
N CYS A 93 -7.33 -6.06 0.65
CA CYS A 93 -6.47 -4.84 0.78
C CYS A 93 -5.02 -5.21 0.49
N GLN A 94 -4.43 -4.58 -0.48
CA GLN A 94 -3.03 -4.90 -0.82
C GLN A 94 -2.07 -3.86 -0.28
N VAL A 95 -0.92 -4.31 0.06
CA VAL A 95 0.13 -3.38 0.56
C VAL A 95 1.10 -3.20 -0.60
N GLY A 96 1.11 -2.04 -1.19
CA GLY A 96 2.02 -1.87 -2.35
C GLY A 96 2.53 -0.44 -2.46
N LEU A 97 3.18 -0.14 -3.54
CA LEU A 97 3.75 1.21 -3.74
C LEU A 97 3.10 1.86 -4.96
N SER A 98 3.50 3.04 -5.29
CA SER A 98 2.89 3.72 -6.47
C SER A 98 3.65 5.03 -6.74
N ASP A 99 3.35 5.70 -7.82
CA ASP A 99 4.05 6.97 -8.12
C ASP A 99 3.02 8.11 -8.18
N ALA A 100 3.32 9.19 -8.83
CA ALA A 100 2.33 10.31 -8.90
C ALA A 100 1.94 10.55 -10.36
N ALA A 101 1.85 9.50 -11.13
CA ALA A 101 1.48 9.66 -12.57
C ALA A 101 0.15 8.93 -12.86
N GLY A 102 -0.10 7.83 -12.20
CA GLY A 102 -1.36 7.10 -12.46
C GLY A 102 -1.23 5.72 -11.83
N ASN A 103 -0.05 5.16 -11.88
CA ASN A 103 0.15 3.83 -11.27
C ASN A 103 1.64 3.62 -11.00
N GLY A 104 1.95 2.47 -10.49
CA GLY A 104 3.37 2.14 -10.16
C GLY A 104 3.46 0.63 -9.87
N PRO A 105 4.51 0.16 -9.21
CA PRO A 105 4.61 -1.27 -8.89
C PRO A 105 3.29 -1.79 -8.34
N GLU A 106 3.16 -3.08 -8.15
CA GLU A 106 1.86 -3.63 -7.64
C GLU A 106 1.88 -3.70 -6.12
N GLY A 107 0.87 -4.30 -5.54
CA GLY A 107 0.81 -4.41 -4.06
C GLY A 107 0.71 -5.88 -3.65
N VAL A 108 0.87 -6.17 -2.39
CA VAL A 108 0.81 -7.55 -1.90
C VAL A 108 -0.52 -7.75 -1.16
N ALA A 109 -1.20 -8.80 -1.49
CA ALA A 109 -2.49 -9.10 -0.82
C ALA A 109 -2.24 -9.56 0.62
N ILE A 110 -2.81 -8.88 1.58
CA ILE A 110 -2.60 -9.28 2.99
C ILE A 110 -3.79 -10.11 3.45
N SER A 111 -3.70 -10.72 4.60
CA SER A 111 -4.84 -11.55 5.09
C SER A 111 -5.09 -11.27 6.58
N PHE A 112 -6.23 -11.63 7.09
CA PHE A 112 -6.52 -11.38 8.52
C PHE A 112 -7.12 -12.65 9.14
N ASN A 113 -6.81 -12.91 10.38
CA ASN A 113 -7.36 -14.13 11.05
C ASN A 113 -8.88 -14.04 11.11
C1 CHR B . -3.62 7.71 -4.00
C2 CHR B . -4.03 8.58 -2.92
C3 CHR B . -4.62 9.17 -2.09
C4 CHR B . -5.61 9.70 -1.13
O2 CHR B . -6.10 8.84 -0.06
C5 CHR B . -6.91 8.92 -1.26
C6 CHR B . -6.77 7.85 -2.29
C7 CHR B . -6.40 7.09 -3.14
C8 CHR B . -5.73 6.34 -4.16
C9 CHR B . -4.51 6.73 -4.60
C10 CHR B . -3.86 6.15 -5.84
O1 CHR B . -4.45 6.68 -7.03
C11 CHR B . -2.40 6.60 -5.71
O6 CHR B . -1.61 5.49 -5.32
C12 CHR B . -2.43 7.64 -4.59
C13 CHR B . -4.24 6.03 -8.27
O3 CHR B . -5.10 4.91 -8.36
C14 CHR B . -4.53 7.00 -9.41
N1 CHR B . -3.71 8.23 -9.26
C19 CHR B . -2.31 8.26 -9.78
C15 CHR B . -6.02 7.36 -9.38
O4 CHR B . -6.31 8.25 -10.45
C16 CHR B . -6.86 6.09 -9.53
O5 CHR B . -6.59 5.50 -10.79
C17 CHR B . -6.51 5.11 -8.41
C18 CHR B . -7.20 3.76 -8.68
C20 CHR B . -1.34 4.76 -6.39
O7 CHR B . -1.01 5.26 -7.44
C21 CHR B . -1.48 3.31 -6.22
C22 CHR B . -1.97 2.54 -7.28
O9 CHR B . -2.24 3.15 -8.51
C23 CHR B . -2.19 1.18 -7.12
C24 CHR B . -1.92 0.56 -5.89
C25 CHR B . -1.42 1.32 -4.82
C26 CHR B . -1.20 2.69 -4.99
C27 CHR B . -0.69 3.44 -3.91
C28 CHR B . -0.42 2.81 -2.68
O8 CHR B . 0.08 3.56 -1.62
C31 CHR B . -0.50 4.84 -1.43
C29 CHR B . -0.66 1.45 -2.53
C30 CHR B . -1.16 0.70 -3.60
C32 CHR B . -1.43 -0.78 -3.43
C33 CHR B . -5.68 11.20 -0.94
O10 CHR B . -6.80 11.56 -0.16
C34 CHR B . -7.56 12.32 -0.93
O11 CHR B . -8.61 12.77 -0.53
O12 CHR B . -7.12 12.58 -2.16
C35 CHR B . -5.89 11.91 -2.28
H5 CHR B . -7.86 9.46 -1.22
H8 CHR B . -6.19 5.46 -4.58
H10 CHR B . -3.94 5.07 -5.84
H11 CHR B . -2.04 7.03 -6.63
H12 CHR B . -1.60 8.25 -4.33
H13 CHR B . -3.21 5.70 -8.34
H14 CHR B . -4.30 6.53 -10.36
H191 CHR B . -1.64 8.56 -8.99
H192 CHR B . -2.04 7.27 -10.12
H193 CHR B . -2.24 8.95 -10.59
H15 CHR B . -6.26 7.84 -8.44
HO4 CHR B . -5.92 7.89 -11.25
H16 CHR B . -7.90 6.35 -9.48
HO5 CHR B . -6.99 6.04 -11.47
H17 CHR B . -6.85 5.50 -7.46
H181 CHR B . -7.78 3.84 -9.58
H182 CHR B . -6.46 2.99 -8.79
H183 CHR B . -7.85 3.52 -7.85
HO9 CHR B . -3.18 3.30 -8.60
H23 CHR B . -2.56 0.58 -7.94
H24 CHR B . -2.10 -0.50 -5.77
H27 CHR B . -0.48 4.49 -4.03
H311 CHR B . -0.61 5.03 -0.37
H312 CHR B . 0.13 5.60 -1.87
H313 CHR B . -1.47 4.87 -1.90
H29 CHR B . -0.45 0.97 -1.58
H321 CHR B . -2.48 -0.98 -3.57
H322 CHR B . -1.13 -1.09 -2.43
H323 CHR B . -0.86 -1.34 -4.16
H33 CHR B . -4.77 11.56 -0.47
H351 CHR B . -5.09 12.61 -2.46
H352 CHR B . -5.93 11.18 -3.07
N ALA A 1 16.64 -6.08 -15.19
CA ALA A 1 16.32 -5.77 -13.77
C ALA A 1 15.03 -4.96 -13.70
N ALA A 2 14.01 -5.50 -13.09
CA ALA A 2 12.72 -4.75 -12.99
C ALA A 2 12.41 -4.47 -11.52
N PRO A 3 11.47 -3.58 -11.30
CA PRO A 3 11.05 -3.21 -9.93
C PRO A 3 10.51 -4.43 -9.19
N THR A 4 10.53 -4.35 -7.89
CA THR A 4 10.06 -5.47 -7.05
C THR A 4 9.58 -4.92 -5.72
N ALA A 5 8.79 -5.67 -5.00
CA ALA A 5 8.31 -5.15 -3.69
C ALA A 5 8.10 -6.30 -2.74
N THR A 6 8.77 -6.22 -1.63
CA THR A 6 8.65 -7.29 -0.61
C THR A 6 8.02 -6.73 0.65
N VAL A 7 6.83 -7.13 0.87
CA VAL A 7 6.07 -6.69 2.07
C VAL A 7 5.80 -7.89 2.97
N THR A 8 5.97 -7.73 4.26
CA THR A 8 5.73 -8.87 5.19
C THR A 8 5.77 -8.34 6.64
N PRO A 9 5.02 -8.99 7.51
CA PRO A 9 4.17 -10.12 7.15
C PRO A 9 2.91 -9.61 6.45
N SER A 10 2.37 -10.40 5.58
CA SER A 10 1.13 -9.99 4.85
C SER A 10 -0.10 -10.46 5.63
N SER A 11 0.05 -11.47 6.45
CA SER A 11 -1.12 -11.98 7.23
C SER A 11 -0.71 -12.15 8.71
N GLY A 12 -1.66 -12.23 9.58
CA GLY A 12 -1.33 -12.38 11.03
C GLY A 12 -0.89 -11.03 11.58
N LEU A 13 -1.53 -9.99 11.12
CA LEU A 13 -1.18 -8.63 11.54
C LEU A 13 -1.99 -8.21 12.74
N SER A 14 -3.21 -8.51 12.65
CA SER A 14 -4.17 -8.17 13.73
C SER A 14 -4.35 -6.65 13.81
N ASP A 15 -5.54 -6.24 14.11
CA ASP A 15 -5.85 -4.79 14.17
C ASP A 15 -4.85 -4.04 15.04
N GLY A 16 -4.01 -3.26 14.42
CA GLY A 16 -3.05 -2.45 15.21
C GLY A 16 -1.59 -2.90 15.03
N THR A 17 -1.25 -3.69 14.03
CA THR A 17 0.17 -4.05 13.92
C THR A 17 0.81 -3.30 12.76
N VAL A 18 2.02 -3.64 12.51
CA VAL A 18 2.79 -2.97 11.42
C VAL A 18 3.45 -4.00 10.50
N VAL A 19 3.47 -3.72 9.23
CA VAL A 19 4.12 -4.66 8.28
C VAL A 19 5.27 -3.93 7.59
N LYS A 20 6.25 -4.65 7.12
CA LYS A 20 7.39 -3.98 6.45
C LYS A 20 7.24 -4.11 4.94
N VAL A 21 6.94 -3.03 4.28
CA VAL A 21 6.77 -3.08 2.79
C VAL A 21 8.06 -2.58 2.14
N ALA A 22 8.50 -3.21 1.08
CA ALA A 22 9.74 -2.72 0.43
C ALA A 22 9.55 -2.67 -1.08
N GLY A 23 10.39 -1.93 -1.73
CA GLY A 23 10.31 -1.80 -3.20
C GLY A 23 11.72 -1.89 -3.76
N ALA A 24 11.94 -2.58 -4.83
CA ALA A 24 13.34 -2.65 -5.36
C ALA A 24 13.30 -2.58 -6.89
N GLY A 25 14.04 -1.69 -7.51
CA GLY A 25 14.00 -1.64 -9.00
C GLY A 25 12.85 -0.74 -9.46
N LEU A 26 12.47 0.23 -8.67
CA LEU A 26 11.37 1.11 -9.09
C LEU A 26 11.96 2.27 -9.90
N GLN A 27 11.14 3.09 -10.48
CA GLN A 27 11.68 4.21 -11.30
C GLN A 27 12.81 4.89 -10.54
N ALA A 28 14.00 4.54 -10.90
CA ALA A 28 15.20 5.12 -10.23
C ALA A 28 15.19 6.64 -10.33
N GLY A 29 14.40 7.28 -9.53
CA GLY A 29 14.33 8.76 -9.55
C GLY A 29 12.87 9.21 -9.51
N THR A 30 12.03 8.47 -8.82
CA THR A 30 10.60 8.87 -8.77
C THR A 30 10.01 8.61 -7.38
N ALA A 31 9.74 9.67 -6.66
CA ALA A 31 9.12 9.57 -5.31
C ALA A 31 7.88 8.68 -5.39
N TYR A 32 7.92 7.52 -4.82
CA TYR A 32 6.74 6.60 -4.87
C TYR A 32 6.03 6.63 -3.51
N ASP A 33 4.76 6.33 -3.46
CA ASP A 33 4.05 6.33 -2.15
C ASP A 33 3.98 4.88 -1.67
N VAL A 34 3.73 4.68 -0.40
CA VAL A 34 3.70 3.29 0.13
C VAL A 34 2.58 3.16 1.19
N GLY A 35 1.60 2.29 1.04
CA GLY A 35 0.54 2.20 2.08
C GLY A 35 -0.41 1.02 1.84
N GLN A 36 -1.42 0.91 2.68
CA GLN A 36 -2.41 -0.18 2.56
C GLN A 36 -3.67 0.36 1.87
N CYS A 37 -3.90 -0.04 0.67
CA CYS A 37 -5.11 0.45 -0.05
C CYS A 37 -5.89 -0.74 -0.62
N ALA A 38 -7.20 -0.62 -0.71
CA ALA A 38 -8.02 -1.75 -1.22
C ALA A 38 -8.89 -1.28 -2.41
N TRP A 39 -9.01 -2.09 -3.44
CA TRP A 39 -9.88 -1.71 -4.59
C TRP A 39 -11.26 -2.33 -4.36
N VAL A 40 -12.26 -1.54 -4.16
CA VAL A 40 -13.61 -2.11 -3.92
C VAL A 40 -14.50 -1.95 -5.16
N ASP A 41 -13.93 -1.67 -6.29
CA ASP A 41 -14.75 -1.52 -7.52
C ASP A 41 -13.88 -1.06 -8.69
N THR A 42 -14.48 -0.81 -9.82
CA THR A 42 -13.71 -0.38 -11.01
C THR A 42 -13.20 1.06 -10.80
N GLY A 43 -11.99 1.19 -10.38
CA GLY A 43 -11.40 2.55 -10.17
C GLY A 43 -11.78 3.11 -8.79
N VAL A 44 -12.00 2.28 -7.80
CA VAL A 44 -12.34 2.80 -6.46
C VAL A 44 -11.19 2.38 -5.51
N LEU A 45 -10.34 3.28 -5.09
CA LEU A 45 -9.20 2.87 -4.22
C LEU A 45 -9.35 3.54 -2.84
N ALA A 46 -9.74 2.81 -1.82
CA ALA A 46 -9.85 3.40 -0.47
C ALA A 46 -8.60 3.04 0.31
N CYS A 47 -7.74 3.99 0.58
CA CYS A 47 -6.48 3.66 1.31
C CYS A 47 -6.53 4.24 2.74
N ASN A 48 -5.69 3.74 3.60
CA ASN A 48 -5.67 4.24 5.01
C ASN A 48 -4.41 5.08 5.26
N PRO A 49 -4.58 6.26 5.82
CA PRO A 49 -3.44 7.15 6.11
C PRO A 49 -2.58 6.63 7.29
N ALA A 50 -2.62 5.37 7.59
CA ALA A 50 -1.79 4.84 8.73
C ALA A 50 -0.50 4.25 8.16
N ASP A 51 -0.41 4.16 6.87
CA ASP A 51 0.80 3.60 6.24
C ASP A 51 1.24 4.52 5.11
N PHE A 52 0.58 5.63 4.96
CA PHE A 52 0.93 6.55 3.86
C PHE A 52 2.39 7.02 3.98
N SER A 53 3.32 6.20 3.58
CA SER A 53 4.74 6.61 3.64
C SER A 53 5.16 7.01 2.22
N SER A 54 6.43 7.18 1.97
CA SER A 54 6.84 7.58 0.60
C SER A 54 8.36 7.76 0.51
N VAL A 55 8.94 7.24 -0.54
CA VAL A 55 10.40 7.40 -0.76
C VAL A 55 10.63 7.41 -2.26
N THR A 56 11.72 7.97 -2.72
CA THR A 56 11.96 7.99 -4.20
C THR A 56 12.89 6.87 -4.59
N ALA A 57 12.63 6.26 -5.71
CA ALA A 57 13.50 5.17 -6.17
C ALA A 57 14.90 5.74 -6.47
N ASP A 58 15.82 5.42 -5.62
CA ASP A 58 17.22 5.89 -5.78
C ASP A 58 17.83 5.38 -7.10
N ALA A 59 19.06 4.96 -7.07
CA ALA A 59 19.74 4.46 -8.31
C ALA A 59 18.91 3.38 -8.98
N ASN A 60 18.51 2.42 -8.23
CA ASN A 60 17.65 1.33 -8.79
C ASN A 60 16.23 1.63 -8.34
N GLY A 61 16.13 2.16 -7.16
CA GLY A 61 14.83 2.55 -6.59
C GLY A 61 14.40 1.59 -5.49
N SER A 62 15.11 1.59 -4.38
CA SER A 62 14.74 0.70 -3.26
C SER A 62 13.94 1.50 -2.24
N ALA A 63 12.84 0.97 -1.80
CA ALA A 63 12.02 1.72 -0.81
C ALA A 63 11.56 0.77 0.30
N SER A 64 12.11 0.89 1.48
CA SER A 64 11.69 -0.02 2.58
C SER A 64 11.20 0.80 3.77
N THR A 65 9.96 0.65 4.14
CA THR A 65 9.42 1.41 5.28
C THR A 65 8.38 0.56 6.02
N SER A 66 8.30 0.68 7.31
CA SER A 66 7.32 -0.12 8.08
C SER A 66 6.08 0.74 8.37
N LEU A 67 4.92 0.19 8.21
CA LEU A 67 3.68 0.98 8.44
C LEU A 67 2.62 0.11 9.15
N THR A 68 1.58 0.70 9.69
CA THR A 68 0.54 -0.10 10.40
C THR A 68 -0.68 -0.36 9.51
N VAL A 69 -1.10 -1.59 9.42
CA VAL A 69 -2.30 -1.91 8.58
C VAL A 69 -3.21 -2.90 9.32
N ARG A 70 -4.51 -2.78 9.18
CA ARG A 70 -5.39 -3.75 9.88
C ARG A 70 -6.67 -4.00 9.09
N ARG A 71 -7.57 -4.76 9.64
CA ARG A 71 -8.84 -5.08 8.96
C ARG A 71 -9.51 -3.78 8.50
N SER A 72 -10.50 -3.31 9.19
CA SER A 72 -11.16 -2.04 8.78
C SER A 72 -10.10 -0.97 8.72
N PHE A 73 -10.15 -0.12 7.74
CA PHE A 73 -9.12 0.92 7.63
C PHE A 73 -9.62 2.07 6.77
N GLU A 74 -9.34 3.27 7.18
CA GLU A 74 -9.81 4.47 6.43
C GLU A 74 -9.79 4.21 4.92
N GLY A 75 -10.93 4.31 4.29
CA GLY A 75 -11.02 4.06 2.82
C GLY A 75 -10.83 5.36 2.02
N PHE A 76 -9.83 6.14 2.33
CA PHE A 76 -9.60 7.42 1.56
C PHE A 76 -9.89 7.19 0.06
N LEU A 77 -10.91 7.84 -0.48
CA LEU A 77 -11.24 7.65 -1.93
C LEU A 77 -10.41 8.65 -2.78
N PHE A 78 -9.68 8.17 -3.77
CA PHE A 78 -8.87 9.10 -4.63
C PHE A 78 -9.79 10.05 -5.39
N ASP A 79 -10.60 10.81 -4.72
CA ASP A 79 -11.51 11.75 -5.42
C ASP A 79 -11.98 12.84 -4.45
N GLY A 80 -11.27 13.04 -3.37
CA GLY A 80 -11.68 14.08 -2.40
C GLY A 80 -12.71 13.51 -1.42
N THR A 81 -13.47 12.53 -1.82
CA THR A 81 -14.49 11.94 -0.91
C THR A 81 -13.92 10.71 -0.19
N ARG A 82 -14.48 10.38 0.94
CA ARG A 82 -14.01 9.21 1.70
C ARG A 82 -15.02 8.06 1.50
N TRP A 83 -14.54 6.84 1.34
CA TRP A 83 -15.48 5.71 1.11
C TRP A 83 -16.00 5.14 2.44
N GLY A 84 -15.32 5.41 3.52
CA GLY A 84 -15.77 4.88 4.83
C GLY A 84 -14.72 3.89 5.34
N THR A 85 -14.87 3.40 6.53
CA THR A 85 -13.89 2.42 7.06
C THR A 85 -14.01 1.14 6.21
N VAL A 86 -13.08 0.92 5.33
CA VAL A 86 -13.13 -0.26 4.46
C VAL A 86 -12.75 -1.51 5.27
N ASP A 87 -13.72 -2.33 5.57
CA ASP A 87 -13.44 -3.57 6.36
C ASP A 87 -12.54 -4.51 5.55
N CYS A 88 -11.30 -4.69 5.95
CA CYS A 88 -10.42 -5.62 5.16
C CYS A 88 -10.97 -7.04 5.23
N THR A 89 -12.01 -7.27 6.00
CA THR A 89 -12.58 -8.65 6.08
C THR A 89 -13.60 -8.84 4.96
N THR A 90 -13.80 -7.82 4.16
CA THR A 90 -14.78 -7.93 3.05
C THR A 90 -14.04 -7.86 1.71
N ALA A 91 -13.20 -6.88 1.55
CA ALA A 91 -12.43 -6.74 0.29
C ALA A 91 -10.99 -7.20 0.51
N ALA A 92 -10.17 -7.11 -0.50
CA ALA A 92 -8.74 -7.54 -0.35
C ALA A 92 -7.86 -6.28 -0.29
N CYS A 93 -7.20 -6.04 0.83
CA CYS A 93 -6.33 -4.83 0.93
C CYS A 93 -4.88 -5.20 0.64
N GLN A 94 -4.29 -4.57 -0.33
CA GLN A 94 -2.89 -4.88 -0.67
C GLN A 94 -1.95 -3.81 -0.17
N VAL A 95 -0.79 -4.24 0.19
CA VAL A 95 0.25 -3.28 0.65
C VAL A 95 1.21 -3.07 -0.51
N GLY A 96 1.20 -1.92 -1.09
CA GLY A 96 2.10 -1.73 -2.27
C GLY A 96 2.59 -0.29 -2.37
N LEU A 97 3.24 0.02 -3.46
CA LEU A 97 3.78 1.39 -3.65
C LEU A 97 3.18 1.99 -4.92
N SER A 98 3.52 3.21 -5.21
CA SER A 98 2.99 3.86 -6.43
C SER A 98 3.63 5.25 -6.59
N ASP A 99 3.33 5.94 -7.66
CA ASP A 99 3.94 7.28 -7.85
C ASP A 99 2.81 8.32 -8.05
N ALA A 100 3.09 9.43 -8.66
CA ALA A 100 2.03 10.46 -8.86
C ALA A 100 1.79 10.65 -10.36
N ALA A 101 1.89 9.59 -11.12
CA ALA A 101 1.67 9.71 -12.59
C ALA A 101 0.39 8.99 -12.98
N GLY A 102 0.05 7.91 -12.32
CA GLY A 102 -1.18 7.18 -12.67
C GLY A 102 -1.12 5.82 -11.99
N ASN A 103 0.05 5.25 -11.91
CA ASN A 103 0.19 3.94 -11.26
C ASN A 103 1.66 3.66 -10.99
N GLY A 104 1.92 2.51 -10.47
CA GLY A 104 3.33 2.12 -10.14
C GLY A 104 3.35 0.60 -9.84
N PRO A 105 4.38 0.09 -9.19
CA PRO A 105 4.43 -1.35 -8.88
C PRO A 105 3.08 -1.81 -8.30
N GLU A 106 2.94 -3.09 -8.04
CA GLU A 106 1.65 -3.60 -7.50
C GLU A 106 1.70 -3.68 -5.97
N GLY A 107 0.65 -4.16 -5.37
CA GLY A 107 0.62 -4.27 -3.88
C GLY A 107 0.54 -5.75 -3.48
N VAL A 108 0.88 -6.04 -2.25
CA VAL A 108 0.85 -7.43 -1.77
C VAL A 108 -0.45 -7.66 -1.00
N ALA A 109 -1.13 -8.72 -1.32
CA ALA A 109 -2.40 -9.04 -0.64
C ALA A 109 -2.12 -9.54 0.78
N ILE A 110 -2.71 -8.89 1.76
CA ILE A 110 -2.49 -9.34 3.17
C ILE A 110 -3.65 -10.23 3.60
N SER A 111 -3.54 -10.86 4.74
CA SER A 111 -4.64 -11.74 5.22
C SER A 111 -4.89 -11.50 6.71
N PHE A 112 -6.06 -11.83 7.19
CA PHE A 112 -6.35 -11.61 8.63
C PHE A 112 -6.91 -12.90 9.24
N ASN A 113 -6.05 -13.84 9.56
CA ASN A 113 -6.54 -15.12 10.16
C ASN A 113 -7.17 -14.83 11.51
C1 CHR B . -3.42 7.67 -4.17
C2 CHR B . -3.85 8.56 -3.12
C3 CHR B . -4.44 9.17 -2.29
C4 CHR B . -5.44 9.73 -1.37
O2 CHR B . -5.95 8.89 -0.30
C5 CHR B . -6.74 8.96 -1.52
C6 CHR B . -6.59 7.88 -2.52
C7 CHR B . -6.22 7.10 -3.34
C8 CHR B . -5.54 6.31 -4.34
C9 CHR B . -4.32 6.69 -4.78
C10 CHR B . -3.67 6.12 -6.01
O1 CHR B . -4.19 6.70 -7.19
C11 CHR B . -2.19 6.51 -5.81
O6 CHR B . -1.47 5.38 -5.34
C12 CHR B . -2.24 7.59 -4.76
C13 CHR B . -3.95 6.09 -8.46
O3 CHR B . -4.74 4.91 -8.56
C14 CHR B . -4.32 7.06 -9.57
N1 CHR B . -3.61 8.34 -9.37
C19 CHR B . -2.25 8.53 -9.97
C15 CHR B . -5.84 7.30 -9.55
O4 CHR B . -6.19 8.18 -10.60
C16 CHR B . -6.57 5.97 -9.72
O5 CHR B . -6.23 5.41 -10.98
C17 CHR B . -6.15 4.99 -8.61
C18 CHR B . -6.74 3.62 -8.88
C20 CHR B . -1.28 4.54 -6.33
O7 CHR B . -0.94 4.91 -7.44
C21 CHR B . -1.52 3.12 -6.02
C22 CHR B . -2.10 2.30 -6.99
O9 CHR B . -2.40 2.81 -8.25
C23 CHR B . -2.41 0.97 -6.69
C24 CHR B . -2.12 0.45 -5.43
C25 CHR B . -1.52 1.26 -4.45
C26 CHR B . -1.22 2.60 -4.75
C27 CHR B . -0.62 3.41 -3.76
C28 CHR B . -0.34 2.88 -2.50
O8 CHR B . 0.25 3.68 -1.52
C31 CHR B . -0.34 4.96 -1.34
C29 CHR B . -0.66 1.55 -2.21
C30 CHR B . -1.25 0.74 -3.19
C32 CHR B . -1.59 -0.70 -2.87
C33 CHR B . -5.48 11.24 -1.19
O10 CHR B . -6.53 11.60 -0.32
C34 CHR B . -7.35 12.37 -1.03
O11 CHR B . -8.36 12.84 -0.53
O12 CHR B . -7.03 12.61 -2.30
C35 CHR B . -5.82 11.91 -2.52
H5 CHR B . -7.69 9.51 -1.49
H8 CHR B . -5.99 5.42 -4.74
H10 CHR B . -3.78 5.04 -6.03
H11 CHR B . -1.76 6.88 -6.74
H12 CHR B . -1.41 8.22 -4.52
H13 CHR B . -2.90 5.83 -8.53
H14 CHR B . -4.05 6.63 -10.52
H191 CHR B . -2.33 9.12 -10.87
H192 CHR B . -1.82 7.57 -10.20
H193 CHR B . -1.62 9.05 -9.26
H15 CHR B . -6.11 7.73 -8.60
HO4 CHR B . -5.51 8.84 -10.67
H16 CHR B . -7.63 6.14 -9.67
HO5 CHR B . -7.01 4.97 -11.33
H17 CHR B . -6.51 5.36 -7.66
H181 CHR B . -6.94 3.52 -9.94
H182 CHR B . -6.04 2.85 -8.58
H183 CHR B . -7.66 3.50 -8.34
HO9 CHR B . -2.07 2.22 -8.93
H23 CHR B . -2.87 0.34 -7.45
H24 CHR B . -2.36 -0.58 -5.20
H27 CHR B . -0.34 4.42 -3.99
H311 CHR B . -0.02 5.36 -0.38
H312 CHR B . -1.42 4.87 -1.35
H313 CHR B . -0.01 5.62 -2.12
H29 CHR B . -0.45 1.14 -1.24
H321 CHR B . -2.67 -0.81 -2.81
H322 CHR B . -1.14 -0.99 -1.94
H323 CHR B . -1.22 -1.34 -3.67
H33 CHR B . -4.54 11.60 -0.82
H351 CHR B . -5.03 12.60 -2.80
H352 CHR B . -5.94 11.17 -3.30
N ALA A 1 16.69 -6.05 -14.53
CA ALA A 1 15.54 -6.65 -13.81
C ALA A 1 14.50 -5.56 -13.51
N ALA A 2 13.27 -5.94 -13.30
CA ALA A 2 12.22 -4.93 -13.01
C ALA A 2 12.16 -4.68 -11.49
N PRO A 3 11.37 -3.71 -11.11
CA PRO A 3 11.20 -3.34 -9.69
C PRO A 3 10.62 -4.51 -8.90
N THR A 4 10.88 -4.53 -7.64
CA THR A 4 10.37 -5.60 -6.75
C THR A 4 9.96 -4.98 -5.43
N ALA A 5 9.16 -5.66 -4.65
CA ALA A 5 8.73 -5.07 -3.36
C ALA A 5 8.58 -6.13 -2.31
N THR A 6 9.21 -5.89 -1.20
CA THR A 6 9.14 -6.87 -0.09
C THR A 6 8.19 -6.39 0.98
N VAL A 7 7.06 -6.97 1.01
CA VAL A 7 6.05 -6.58 2.03
C VAL A 7 5.70 -7.78 2.92
N THR A 8 5.95 -7.67 4.19
CA THR A 8 5.66 -8.79 5.14
C THR A 8 5.66 -8.22 6.56
N PRO A 9 4.89 -8.82 7.43
CA PRO A 9 4.02 -9.97 7.09
C PRO A 9 2.82 -9.50 6.28
N SER A 10 2.28 -10.36 5.49
CA SER A 10 1.09 -10.00 4.67
C SER A 10 -0.17 -10.43 5.40
N SER A 11 -0.05 -11.39 6.28
CA SER A 11 -1.23 -11.86 7.06
C SER A 11 -0.83 -12.04 8.54
N GLY A 12 -1.80 -12.12 9.41
CA GLY A 12 -1.47 -12.28 10.86
C GLY A 12 -1.02 -10.93 11.41
N LEU A 13 -1.64 -9.88 10.95
CA LEU A 13 -1.28 -8.52 11.36
C LEU A 13 -2.07 -8.10 12.57
N SER A 14 -3.29 -8.41 12.49
CA SER A 14 -4.24 -8.07 13.57
C SER A 14 -4.40 -6.55 13.68
N ASP A 15 -5.59 -6.12 14.00
CA ASP A 15 -5.87 -4.68 14.10
C ASP A 15 -4.85 -3.97 14.98
N GLY A 16 -3.96 -3.22 14.39
CA GLY A 16 -2.98 -2.45 15.20
C GLY A 16 -1.53 -2.91 14.99
N THR A 17 -1.21 -3.71 14.00
CA THR A 17 0.21 -4.08 13.86
C THR A 17 0.85 -3.26 12.76
N VAL A 18 2.02 -3.64 12.41
CA VAL A 18 2.77 -2.90 11.35
C VAL A 18 3.45 -3.87 10.37
N VAL A 19 3.48 -3.52 9.11
CA VAL A 19 4.12 -4.41 8.11
C VAL A 19 5.27 -3.67 7.43
N LYS A 20 6.24 -4.38 6.94
CA LYS A 20 7.38 -3.72 6.26
C LYS A 20 7.27 -3.91 4.75
N VAL A 21 6.96 -2.88 4.02
CA VAL A 21 6.83 -2.99 2.54
C VAL A 21 8.04 -2.34 1.89
N ALA A 22 8.78 -3.07 1.10
CA ALA A 22 9.97 -2.45 0.44
C ALA A 22 9.75 -2.40 -1.06
N GLY A 23 10.54 -1.65 -1.76
CA GLY A 23 10.39 -1.56 -3.23
C GLY A 23 11.78 -1.46 -3.85
N ALA A 24 12.26 -2.48 -4.50
CA ALA A 24 13.63 -2.39 -5.11
C ALA A 24 13.55 -2.50 -6.63
N GLY A 25 14.33 -1.75 -7.36
CA GLY A 25 14.26 -1.87 -8.84
C GLY A 25 13.15 -0.96 -9.37
N LEU A 26 12.84 0.10 -8.68
CA LEU A 26 11.77 0.99 -9.16
C LEU A 26 12.41 2.13 -9.95
N GLN A 27 11.63 2.94 -10.61
CA GLN A 27 12.23 4.05 -11.40
C GLN A 27 13.29 4.77 -10.57
N ALA A 28 14.51 4.46 -10.85
CA ALA A 28 15.65 5.06 -10.11
C ALA A 28 15.59 6.58 -10.21
N GLY A 29 14.74 7.19 -9.46
CA GLY A 29 14.62 8.67 -9.48
C GLY A 29 13.14 9.06 -9.53
N THR A 30 12.29 8.31 -8.89
CA THR A 30 10.85 8.64 -8.91
C THR A 30 10.21 8.41 -7.53
N ALA A 31 9.91 9.49 -6.86
CA ALA A 31 9.24 9.42 -5.54
C ALA A 31 8.03 8.50 -5.61
N TYR A 32 8.10 7.36 -4.98
CA TYR A 32 6.94 6.41 -5.01
C TYR A 32 6.21 6.47 -3.66
N ASP A 33 4.94 6.14 -3.63
CA ASP A 33 4.21 6.17 -2.33
C ASP A 33 4.08 4.73 -1.84
N VAL A 34 3.87 4.53 -0.57
CA VAL A 34 3.78 3.13 -0.04
C VAL A 34 2.66 3.05 1.01
N GLY A 35 1.58 2.30 0.77
CA GLY A 35 0.50 2.25 1.80
C GLY A 35 -0.43 1.05 1.59
N GLN A 36 -1.43 0.95 2.44
CA GLN A 36 -2.41 -0.15 2.38
C GLN A 36 -3.70 0.37 1.75
N CYS A 37 -4.00 -0.03 0.56
CA CYS A 37 -5.25 0.45 -0.09
C CYS A 37 -6.03 -0.73 -0.67
N ALA A 38 -7.34 -0.62 -0.71
CA ALA A 38 -8.18 -1.74 -1.25
C ALA A 38 -9.06 -1.25 -2.40
N TRP A 39 -9.20 -2.05 -3.45
CA TRP A 39 -10.07 -1.64 -4.59
C TRP A 39 -11.44 -2.29 -4.36
N VAL A 40 -12.46 -1.51 -4.14
CA VAL A 40 -13.81 -2.10 -3.89
C VAL A 40 -14.70 -1.94 -5.11
N ASP A 41 -14.14 -1.62 -6.25
CA ASP A 41 -14.99 -1.46 -7.46
C ASP A 41 -14.15 -0.97 -8.64
N THR A 42 -14.76 -0.69 -9.75
CA THR A 42 -14.02 -0.21 -10.94
C THR A 42 -13.54 1.22 -10.70
N GLY A 43 -12.32 1.38 -10.30
CA GLY A 43 -11.77 2.75 -10.07
C GLY A 43 -12.10 3.26 -8.66
N VAL A 44 -12.30 2.39 -7.70
CA VAL A 44 -12.61 2.87 -6.33
C VAL A 44 -11.44 2.42 -5.42
N LEU A 45 -10.58 3.32 -4.99
CA LEU A 45 -9.42 2.89 -4.15
C LEU A 45 -9.53 3.54 -2.76
N ALA A 46 -9.91 2.79 -1.75
CA ALA A 46 -10.00 3.38 -0.39
C ALA A 46 -8.71 3.02 0.35
N CYS A 47 -7.85 3.98 0.60
CA CYS A 47 -6.57 3.66 1.30
C CYS A 47 -6.62 4.15 2.74
N ASN A 48 -5.68 3.72 3.54
CA ASN A 48 -5.65 4.14 4.98
C ASN A 48 -4.45 5.07 5.24
N PRO A 49 -4.69 6.21 5.84
CA PRO A 49 -3.62 7.18 6.15
C PRO A 49 -2.72 6.69 7.31
N ALA A 50 -2.66 5.41 7.57
CA ALA A 50 -1.80 4.92 8.69
C ALA A 50 -0.61 4.15 8.10
N ASP A 51 -0.57 4.04 6.80
CA ASP A 51 0.55 3.31 6.15
C ASP A 51 1.00 4.14 4.96
N PHE A 52 0.61 5.39 4.92
CA PHE A 52 0.99 6.24 3.78
C PHE A 52 2.43 6.74 3.92
N SER A 53 3.38 6.00 3.41
CA SER A 53 4.80 6.46 3.48
C SER A 53 5.22 6.91 2.08
N SER A 54 6.49 7.09 1.85
CA SER A 54 6.91 7.54 0.50
C SER A 54 8.43 7.73 0.42
N VAL A 55 9.02 7.27 -0.64
CA VAL A 55 10.48 7.43 -0.85
C VAL A 55 10.74 7.39 -2.36
N THR A 56 11.82 7.95 -2.83
CA THR A 56 12.08 7.92 -4.29
C THR A 56 13.04 6.80 -4.63
N ALA A 57 12.82 6.15 -5.73
CA ALA A 57 13.74 5.08 -6.15
C ALA A 57 15.14 5.67 -6.37
N ASP A 58 16.01 5.39 -5.46
CA ASP A 58 17.41 5.89 -5.54
C ASP A 58 18.10 5.38 -6.82
N ALA A 59 19.35 4.99 -6.71
CA ALA A 59 20.11 4.53 -7.91
C ALA A 59 19.35 3.46 -8.66
N ASN A 60 18.88 2.47 -7.96
CA ASN A 60 18.09 1.39 -8.61
C ASN A 60 16.65 1.66 -8.23
N GLY A 61 16.48 2.15 -7.04
CA GLY A 61 15.14 2.49 -6.53
C GLY A 61 14.71 1.51 -5.43
N SER A 62 15.42 1.51 -4.33
CA SER A 62 15.06 0.61 -3.21
C SER A 62 14.40 1.45 -2.13
N ALA A 63 13.22 1.08 -1.75
CA ALA A 63 12.51 1.87 -0.71
C ALA A 63 11.90 0.92 0.33
N SER A 64 12.43 0.91 1.52
CA SER A 64 11.89 0.01 2.57
C SER A 64 11.33 0.85 3.71
N THR A 65 10.07 0.75 3.96
CA THR A 65 9.45 1.53 5.06
C THR A 65 8.39 0.69 5.78
N SER A 66 8.34 0.79 7.07
CA SER A 66 7.33 0.00 7.84
C SER A 66 6.14 0.90 8.16
N LEU A 67 4.95 0.37 8.02
CA LEU A 67 3.73 1.19 8.31
C LEU A 67 2.68 0.32 9.02
N THR A 68 1.76 0.93 9.71
CA THR A 68 0.72 0.13 10.42
C THR A 68 -0.46 -0.17 9.50
N VAL A 69 -0.93 -1.38 9.51
CA VAL A 69 -2.07 -1.74 8.61
C VAL A 69 -2.97 -2.76 9.31
N ARG A 70 -4.27 -2.66 9.18
CA ARG A 70 -5.16 -3.64 9.85
C ARG A 70 -6.33 -4.00 8.92
N ARG A 71 -7.36 -4.60 9.46
CA ARG A 71 -8.51 -4.99 8.58
C ARG A 71 -9.38 -3.76 8.30
N SER A 72 -10.25 -3.37 9.20
CA SER A 72 -11.07 -2.17 8.92
C SER A 72 -10.15 -0.97 8.92
N PHE A 73 -10.28 -0.12 7.97
CA PHE A 73 -9.35 1.03 7.95
C PHE A 73 -9.94 2.18 7.15
N GLU A 74 -9.49 3.37 7.42
CA GLU A 74 -10.05 4.56 6.70
C GLU A 74 -10.07 4.28 5.20
N GLY A 75 -11.22 4.35 4.59
CA GLY A 75 -11.33 4.08 3.13
C GLY A 75 -11.12 5.38 2.31
N PHE A 76 -10.09 6.12 2.59
CA PHE A 76 -9.85 7.41 1.81
C PHE A 76 -10.17 7.17 0.32
N LEU A 77 -11.17 7.82 -0.21
CA LEU A 77 -11.50 7.63 -1.66
C LEU A 77 -10.68 8.63 -2.50
N PHE A 78 -9.96 8.16 -3.51
CA PHE A 78 -9.14 9.09 -4.35
C PHE A 78 -10.07 10.07 -5.10
N ASP A 79 -10.86 10.82 -4.40
CA ASP A 79 -11.77 11.78 -5.08
C ASP A 79 -12.24 12.86 -4.09
N GLY A 80 -11.53 13.02 -3.00
CA GLY A 80 -11.93 14.05 -2.00
C GLY A 80 -12.98 13.47 -1.05
N THR A 81 -13.74 12.50 -1.48
CA THR A 81 -14.77 11.91 -0.59
C THR A 81 -14.20 10.71 0.18
N ARG A 82 -14.84 10.37 1.26
CA ARG A 82 -14.37 9.22 2.08
C ARG A 82 -15.35 8.05 1.87
N TRP A 83 -14.85 6.86 1.63
CA TRP A 83 -15.76 5.70 1.40
C TRP A 83 -16.25 5.12 2.72
N GLY A 84 -15.58 5.43 3.80
CA GLY A 84 -15.99 4.89 5.12
C GLY A 84 -14.94 3.88 5.59
N THR A 85 -15.07 3.37 6.78
CA THR A 85 -14.08 2.37 7.26
C THR A 85 -14.18 1.16 6.33
N VAL A 86 -13.16 0.91 5.57
CA VAL A 86 -13.18 -0.22 4.63
C VAL A 86 -12.78 -1.49 5.38
N ASP A 87 -13.74 -2.31 5.72
CA ASP A 87 -13.46 -3.56 6.48
C ASP A 87 -12.61 -4.50 5.61
N CYS A 88 -11.35 -4.69 5.95
CA CYS A 88 -10.53 -5.62 5.11
C CYS A 88 -11.10 -7.05 5.18
N THR A 89 -12.12 -7.28 5.98
CA THR A 89 -12.69 -8.64 6.05
C THR A 89 -13.77 -8.79 4.98
N THR A 90 -13.86 -7.85 4.09
CA THR A 90 -14.88 -7.92 3.01
C THR A 90 -14.19 -7.83 1.65
N ALA A 91 -13.30 -6.89 1.50
CA ALA A 91 -12.58 -6.73 0.21
C ALA A 91 -11.13 -7.19 0.37
N ALA A 92 -10.36 -7.13 -0.68
CA ALA A 92 -8.94 -7.56 -0.58
C ALA A 92 -8.05 -6.31 -0.51
N CYS A 93 -7.40 -6.09 0.61
CA CYS A 93 -6.54 -4.88 0.75
C CYS A 93 -5.09 -5.24 0.47
N GLN A 94 -4.49 -4.59 -0.50
CA GLN A 94 -3.09 -4.91 -0.84
C GLN A 94 -2.14 -3.86 -0.30
N VAL A 95 -0.97 -4.31 0.00
CA VAL A 95 0.08 -3.37 0.48
C VAL A 95 1.06 -3.18 -0.66
N GLY A 96 1.09 -2.04 -1.25
CA GLY A 96 2.01 -1.87 -2.41
C GLY A 96 2.51 -0.44 -2.52
N LEU A 97 3.19 -0.14 -3.60
CA LEU A 97 3.74 1.22 -3.79
C LEU A 97 3.04 1.87 -4.99
N SER A 98 3.43 3.05 -5.33
CA SER A 98 2.78 3.75 -6.47
C SER A 98 3.42 5.12 -6.67
N ASP A 99 3.13 5.78 -7.76
CA ASP A 99 3.74 7.12 -8.00
C ASP A 99 2.62 8.16 -8.15
N ALA A 100 2.89 9.29 -8.76
CA ALA A 100 1.82 10.32 -8.92
C ALA A 100 1.52 10.51 -10.40
N ALA A 101 1.58 9.44 -11.16
CA ALA A 101 1.31 9.56 -12.62
C ALA A 101 0.04 8.78 -12.99
N GLY A 102 -0.21 7.68 -12.32
CA GLY A 102 -1.42 6.89 -12.66
C GLY A 102 -1.25 5.51 -12.02
N ASN A 103 -0.05 5.01 -12.00
CA ASN A 103 0.19 3.69 -11.40
C ASN A 103 1.66 3.53 -11.06
N GLY A 104 2.00 2.39 -10.56
CA GLY A 104 3.42 2.12 -10.17
C GLY A 104 3.54 0.60 -9.88
N PRO A 105 4.60 0.16 -9.20
CA PRO A 105 4.73 -1.27 -8.90
C PRO A 105 3.41 -1.83 -8.38
N GLU A 106 3.32 -3.12 -8.19
CA GLU A 106 2.04 -3.72 -7.72
C GLU A 106 2.00 -3.79 -6.19
N GLY A 107 0.94 -4.34 -5.64
CA GLY A 107 0.83 -4.43 -4.16
C GLY A 107 0.73 -5.90 -3.75
N VAL A 108 0.87 -6.18 -2.48
CA VAL A 108 0.79 -7.55 -1.99
C VAL A 108 -0.53 -7.76 -1.23
N ALA A 109 -1.20 -8.82 -1.53
CA ALA A 109 -2.51 -9.09 -0.85
C ALA A 109 -2.24 -9.56 0.58
N ILE A 110 -2.82 -8.89 1.55
CA ILE A 110 -2.61 -9.30 2.96
C ILE A 110 -3.78 -10.16 3.42
N SER A 111 -3.68 -10.74 4.58
CA SER A 111 -4.79 -11.61 5.08
C SER A 111 -5.02 -11.34 6.57
N PHE A 112 -6.20 -11.60 7.07
CA PHE A 112 -6.48 -11.35 8.51
C PHE A 112 -7.19 -12.57 9.10
N ASN A 113 -6.45 -13.47 9.71
CA ASN A 113 -7.07 -14.67 10.31
C ASN A 113 -8.15 -14.25 11.32
C1 CHR B . -3.67 7.69 -4.11
C2 CHR B . -4.08 8.54 -3.02
C3 CHR B . -4.66 9.13 -2.16
C4 CHR B . -5.64 9.63 -1.19
O2 CHR B . -6.07 8.76 -0.11
C5 CHR B . -6.93 8.82 -1.29
C6 CHR B . -6.78 7.78 -2.33
C7 CHR B . -6.43 7.04 -3.20
C8 CHR B . -5.78 6.31 -4.27
C9 CHR B . -4.57 6.70 -4.71
C10 CHR B . -3.93 6.14 -5.95
O1 CHR B . -4.50 6.70 -7.13
C11 CHR B . -2.46 6.58 -5.80
O6 CHR B . -1.68 5.47 -5.41
C12 CHR B . -2.49 7.62 -4.71
C13 CHR B . -4.32 6.04 -8.37
O3 CHR B . -5.19 4.91 -8.45
C14 CHR B . -4.66 7.00 -9.52
N1 CHR B . -3.84 8.24 -9.38
C19 CHR B . -2.48 8.29 -9.99
C15 CHR B . -6.15 7.36 -9.45
O4 CHR B . -6.47 8.23 -10.51
C16 CHR B . -6.98 6.08 -9.57
O5 CHR B . -6.73 5.46 -10.84
C17 CHR B . -6.59 5.09 -8.46
C18 CHR B . -7.28 3.76 -8.70
C20 CHR B . -1.39 4.74 -6.48
O7 CHR B . -1.03 5.25 -7.52
C21 CHR B . -1.53 3.29 -6.32
C22 CHR B . -1.99 2.53 -7.40
O9 CHR B . -2.23 3.14 -8.63
C23 CHR B . -2.22 1.16 -7.25
C24 CHR B . -1.97 0.54 -6.01
C25 CHR B . -1.50 1.30 -4.94
C26 CHR B . -1.27 2.67 -5.09
C27 CHR B . -0.79 3.41 -4.00
C28 CHR B . -0.54 2.79 -2.76
O8 CHR B . -0.06 3.52 -1.69
C31 CHR B . -0.34 4.92 -1.69
C29 CHR B . -0.78 1.42 -2.62
C30 CHR B . -1.25 0.67 -3.71
C32 CHR B . -1.53 -0.81 -3.54
C33 CHR B . -5.72 11.14 -0.97
O10 CHR B . -6.87 11.46 -0.21
C34 CHR B . -7.59 12.25 -0.99
O11 CHR B . -8.66 12.70 -0.60
O12 CHR B . -7.14 12.53 -2.20
C35 CHR B . -5.90 11.85 -2.30
H5 CHR B . -7.88 9.35 -1.21
H8 CHR B . -6.25 5.45 -4.69
H10 CHR B . -4.01 5.06 -5.96
H11 CHR B . -2.09 7.01 -6.73
H12 CHR B . -1.66 8.24 -4.45
H13 CHR B . -3.30 5.71 -8.47
H14 CHR B . -4.44 6.53 -10.47
H191 CHR B . -2.52 8.85 -10.92
H192 CHR B . -1.80 8.80 -9.31
H193 CHR B . -2.12 7.30 -10.18
H15 CHR B . -6.37 7.84 -8.51
HO4 CHR B . -7.24 8.73 -10.26
H16 CHR B . -8.02 6.32 -9.49
HO5 CHR B . -7.58 5.24 -11.23
H17 CHR B . -6.91 5.49 -7.50
H181 CHR B . -7.57 3.68 -9.73
H182 CHR B . -6.60 2.95 -8.45
H183 CHR B . -8.16 3.69 -8.08
HO9 CHR B . -3.11 2.91 -8.94
H23 CHR B . -2.57 0.57 -8.08
H24 CHR B . -2.15 -0.52 -5.90
H27 CHR B . -0.57 4.46 -4.11
H311 CHR B . -1.40 5.07 -1.78
H312 CHR B . 0.02 5.36 -0.78
H313 CHR B . 0.17 5.38 -2.54
H29 CHR B . -0.59 0.93 -1.67
H321 CHR B . -1.39 -1.09 -2.51
H322 CHR B . -0.84 -1.37 -4.16
H323 CHR B . -2.54 -1.03 -3.85
H33 CHR B . -4.82 11.49 -0.48
H351 CHR B . -5.10 12.55 -2.46
H352 CHR B . -5.93 11.13 -3.11
N ALA A 1 18.92 -5.85 -11.34
CA ALA A 1 17.77 -6.24 -10.48
C ALA A 1 16.52 -5.47 -10.91
N ALA A 2 15.53 -6.15 -11.43
CA ALA A 2 14.30 -5.45 -11.87
C ALA A 2 13.52 -4.99 -10.64
N PRO A 3 12.51 -4.19 -10.88
CA PRO A 3 11.66 -3.64 -9.80
C PRO A 3 10.98 -4.78 -9.03
N THR A 4 10.60 -4.50 -7.82
CA THR A 4 9.91 -5.52 -6.99
C THR A 4 9.55 -4.89 -5.65
N ALA A 5 9.12 -5.67 -4.69
CA ALA A 5 8.74 -5.07 -3.38
C ALA A 5 8.65 -6.13 -2.32
N THR A 6 9.24 -5.88 -1.21
CA THR A 6 9.19 -6.88 -0.11
C THR A 6 8.22 -6.43 0.95
N VAL A 7 7.09 -7.04 0.97
CA VAL A 7 6.07 -6.69 1.98
C VAL A 7 5.73 -7.91 2.84
N THR A 8 5.94 -7.81 4.12
CA THR A 8 5.65 -8.93 5.04
C THR A 8 5.69 -8.40 6.49
N PRO A 9 4.91 -9.01 7.34
CA PRO A 9 4.02 -10.14 7.00
C PRO A 9 2.79 -9.60 6.26
N SER A 10 2.24 -10.40 5.42
CA SER A 10 1.02 -9.98 4.66
C SER A 10 -0.22 -10.42 5.42
N SER A 11 -0.11 -11.42 6.24
CA SER A 11 -1.30 -11.90 7.01
C SER A 11 -0.92 -12.12 8.48
N GLY A 12 -1.90 -12.11 9.35
CA GLY A 12 -1.60 -12.31 10.80
C GLY A 12 -1.12 -10.99 11.39
N LEU A 13 -1.68 -9.91 10.94
CA LEU A 13 -1.26 -8.58 11.41
C LEU A 13 -2.12 -8.14 12.56
N SER A 14 -3.35 -8.37 12.38
CA SER A 14 -4.36 -8.00 13.40
C SER A 14 -4.39 -6.49 13.59
N ASP A 15 -5.55 -5.96 13.88
CA ASP A 15 -5.71 -4.50 14.06
C ASP A 15 -4.69 -3.97 15.05
N GLY A 16 -3.69 -3.29 14.56
CA GLY A 16 -2.69 -2.69 15.48
C GLY A 16 -1.25 -3.14 15.18
N THR A 17 -0.96 -3.88 14.14
CA THR A 17 0.46 -4.23 13.95
C THR A 17 1.06 -3.43 12.81
N VAL A 18 2.26 -3.75 12.52
CA VAL A 18 3.01 -3.02 11.45
C VAL A 18 3.61 -4.00 10.45
N VAL A 19 3.53 -3.69 9.18
CA VAL A 19 4.12 -4.58 8.16
C VAL A 19 5.27 -3.87 7.48
N LYS A 20 6.21 -4.58 6.94
CA LYS A 20 7.36 -3.91 6.27
C LYS A 20 7.23 -4.09 4.76
N VAL A 21 6.93 -3.03 4.06
CA VAL A 21 6.78 -3.10 2.58
C VAL A 21 7.98 -2.42 1.93
N ALA A 22 8.72 -3.09 1.10
CA ALA A 22 9.88 -2.45 0.45
C ALA A 22 9.66 -2.39 -1.05
N GLY A 23 10.43 -1.60 -1.74
CA GLY A 23 10.28 -1.50 -3.20
C GLY A 23 11.66 -1.41 -3.83
N ALA A 24 12.13 -2.43 -4.48
CA ALA A 24 13.50 -2.36 -5.08
C ALA A 24 13.42 -2.46 -6.60
N GLY A 25 14.28 -1.75 -7.30
CA GLY A 25 14.26 -1.83 -8.79
C GLY A 25 13.15 -0.95 -9.34
N LEU A 26 12.78 0.09 -8.64
CA LEU A 26 11.71 0.97 -9.14
C LEU A 26 12.35 2.10 -9.94
N GLN A 27 11.55 2.89 -10.60
CA GLN A 27 12.12 4.00 -11.40
C GLN A 27 13.20 4.71 -10.60
N ALA A 28 14.42 4.37 -10.89
CA ALA A 28 15.59 4.96 -10.17
C ALA A 28 15.55 6.49 -10.29
N GLY A 29 14.70 7.13 -9.54
CA GLY A 29 14.62 8.61 -9.59
C GLY A 29 13.15 9.04 -9.63
N THR A 30 12.28 8.31 -8.98
CA THR A 30 10.86 8.71 -9.00
C THR A 30 10.20 8.46 -7.63
N ALA A 31 9.87 9.52 -6.96
CA ALA A 31 9.19 9.44 -5.63
C ALA A 31 7.98 8.50 -5.73
N TYR A 32 7.97 7.45 -4.94
CA TYR A 32 6.82 6.50 -4.98
C TYR A 32 6.10 6.55 -3.63
N ASP A 33 4.81 6.26 -3.61
CA ASP A 33 4.08 6.26 -2.31
C ASP A 33 3.95 4.82 -1.84
N VAL A 34 3.83 4.60 -0.56
CA VAL A 34 3.75 3.20 -0.05
C VAL A 34 2.66 3.10 1.04
N GLY A 35 1.59 2.34 0.82
CA GLY A 35 0.55 2.27 1.90
C GLY A 35 -0.41 1.08 1.68
N GLN A 36 -1.38 0.98 2.55
CA GLN A 36 -2.38 -0.11 2.48
C GLN A 36 -3.67 0.44 1.84
N CYS A 37 -3.96 0.01 0.64
CA CYS A 37 -5.19 0.51 -0.03
C CYS A 37 -5.99 -0.69 -0.56
N ALA A 38 -7.30 -0.56 -0.61
CA ALA A 38 -8.14 -1.69 -1.09
C ALA A 38 -9.00 -1.26 -2.29
N TRP A 39 -9.11 -2.10 -3.31
CA TRP A 39 -9.97 -1.75 -4.47
C TRP A 39 -11.33 -2.39 -4.25
N VAL A 40 -12.36 -1.61 -4.09
CA VAL A 40 -13.71 -2.20 -3.84
C VAL A 40 -14.57 -2.09 -5.10
N ASP A 41 -13.99 -1.81 -6.23
CA ASP A 41 -14.81 -1.70 -7.47
C ASP A 41 -13.93 -1.22 -8.63
N THR A 42 -14.53 -0.99 -9.76
CA THR A 42 -13.75 -0.53 -10.95
C THR A 42 -13.30 0.91 -10.74
N GLY A 43 -12.08 1.09 -10.32
CA GLY A 43 -11.55 2.47 -10.12
C GLY A 43 -11.93 3.02 -8.73
N VAL A 44 -12.13 2.17 -7.75
CA VAL A 44 -12.47 2.68 -6.41
C VAL A 44 -11.32 2.29 -5.46
N LEU A 45 -10.47 3.20 -5.04
CA LEU A 45 -9.33 2.81 -4.18
C LEU A 45 -9.46 3.49 -2.80
N ALA A 46 -9.85 2.76 -1.78
CA ALA A 46 -9.95 3.38 -0.43
C ALA A 46 -8.67 3.05 0.34
N CYS A 47 -7.83 4.01 0.58
CA CYS A 47 -6.56 3.72 1.31
C CYS A 47 -6.62 4.26 2.73
N ASN A 48 -5.70 3.85 3.57
CA ASN A 48 -5.72 4.33 5.00
C ASN A 48 -4.48 5.20 5.28
N PRO A 49 -4.68 6.29 5.99
CA PRO A 49 -3.59 7.22 6.35
C PRO A 49 -2.70 6.65 7.49
N ALA A 50 -2.63 5.36 7.66
CA ALA A 50 -1.77 4.81 8.76
C ALA A 50 -0.61 4.03 8.16
N ASP A 51 -0.52 4.01 6.86
CA ASP A 51 0.59 3.29 6.20
C ASP A 51 1.05 4.13 5.02
N PHE A 52 0.67 5.38 5.01
CA PHE A 52 1.05 6.25 3.88
C PHE A 52 2.50 6.74 4.02
N SER A 53 3.43 6.03 3.45
CA SER A 53 4.85 6.47 3.52
C SER A 53 5.26 6.94 2.12
N SER A 54 6.53 7.13 1.87
CA SER A 54 6.93 7.60 0.52
C SER A 54 8.44 7.79 0.42
N VAL A 55 9.02 7.35 -0.66
CA VAL A 55 10.48 7.51 -0.89
C VAL A 55 10.72 7.44 -2.40
N THR A 56 11.79 8.00 -2.89
CA THR A 56 12.04 7.94 -4.36
C THR A 56 13.00 6.81 -4.68
N ALA A 57 12.78 6.17 -5.79
CA ALA A 57 13.70 5.08 -6.18
C ALA A 57 15.10 5.65 -6.43
N ASP A 58 15.97 5.39 -5.52
CA ASP A 58 17.37 5.88 -5.61
C ASP A 58 18.05 5.37 -6.89
N ALA A 59 19.30 4.97 -6.78
CA ALA A 59 20.05 4.47 -7.98
C ALA A 59 19.27 3.39 -8.70
N ASN A 60 18.82 2.42 -7.99
CA ASN A 60 18.02 1.33 -8.60
C ASN A 60 16.57 1.60 -8.20
N GLY A 61 16.41 2.12 -7.02
CA GLY A 61 15.08 2.48 -6.51
C GLY A 61 14.66 1.51 -5.41
N SER A 62 15.33 1.54 -4.29
CA SER A 62 14.96 0.66 -3.15
C SER A 62 14.30 1.51 -2.08
N ALA A 63 13.11 1.14 -1.71
CA ALA A 63 12.38 1.92 -0.67
C ALA A 63 11.79 0.95 0.34
N SER A 64 12.33 0.92 1.54
CA SER A 64 11.80 -0.01 2.57
C SER A 64 11.28 0.79 3.76
N THR A 65 10.03 0.64 4.06
CA THR A 65 9.45 1.37 5.23
C THR A 65 8.41 0.50 5.91
N SER A 66 8.35 0.56 7.21
CA SER A 66 7.35 -0.26 7.96
C SER A 66 6.17 0.63 8.35
N LEU A 67 4.97 0.15 8.17
CA LEU A 67 3.78 0.97 8.52
C LEU A 67 2.77 0.11 9.28
N THR A 68 1.77 0.72 9.87
CA THR A 68 0.76 -0.07 10.63
C THR A 68 -0.48 -0.27 9.76
N VAL A 69 -0.93 -1.49 9.59
CA VAL A 69 -2.13 -1.72 8.72
C VAL A 69 -3.12 -2.65 9.43
N ARG A 70 -4.40 -2.39 9.33
CA ARG A 70 -5.37 -3.28 10.03
C ARG A 70 -6.45 -3.79 9.07
N ARG A 71 -7.47 -4.35 9.65
CA ARG A 71 -8.60 -4.87 8.82
C ARG A 71 -9.49 -3.68 8.44
N SER A 72 -10.34 -3.21 9.32
CA SER A 72 -11.15 -2.03 8.95
C SER A 72 -10.20 -0.86 8.87
N PHE A 73 -10.32 -0.04 7.88
CA PHE A 73 -9.35 1.05 7.77
C PHE A 73 -9.88 2.18 6.89
N GLU A 74 -9.70 3.39 7.32
CA GLU A 74 -10.19 4.58 6.57
C GLU A 74 -10.13 4.31 5.05
N GLY A 75 -11.25 4.34 4.40
CA GLY A 75 -11.29 4.07 2.94
C GLY A 75 -11.08 5.37 2.13
N PHE A 76 -10.08 6.15 2.47
CA PHE A 76 -9.83 7.43 1.71
C PHE A 76 -10.12 7.22 0.21
N LEU A 77 -11.12 7.90 -0.33
CA LEU A 77 -11.44 7.74 -1.79
C LEU A 77 -10.58 8.72 -2.61
N PHE A 78 -9.85 8.26 -3.60
CA PHE A 78 -9.00 9.18 -4.42
C PHE A 78 -9.90 10.18 -5.17
N ASP A 79 -10.68 10.95 -4.47
CA ASP A 79 -11.57 11.94 -5.15
C ASP A 79 -12.01 13.01 -4.15
N GLY A 80 -11.31 13.16 -3.05
CA GLY A 80 -11.70 14.18 -2.05
C GLY A 80 -12.75 13.60 -1.09
N THR A 81 -13.52 12.66 -1.53
CA THR A 81 -14.57 12.07 -0.64
C THR A 81 -14.04 10.81 0.04
N ARG A 82 -14.69 10.39 1.08
CA ARG A 82 -14.25 9.18 1.81
C ARG A 82 -15.24 8.04 1.53
N TRP A 83 -14.77 6.83 1.30
CA TRP A 83 -15.71 5.70 1.01
C TRP A 83 -16.28 5.14 2.31
N GLY A 84 -15.61 5.37 3.41
CA GLY A 84 -16.09 4.84 4.72
C GLY A 84 -15.06 3.87 5.25
N THR A 85 -15.23 3.39 6.46
CA THR A 85 -14.26 2.41 7.01
C THR A 85 -14.31 1.16 6.13
N VAL A 86 -13.28 0.89 5.41
CA VAL A 86 -13.25 -0.28 4.52
C VAL A 86 -12.86 -1.51 5.34
N ASP A 87 -13.81 -2.35 5.66
CA ASP A 87 -13.51 -3.56 6.46
C ASP A 87 -12.62 -4.51 5.66
N CYS A 88 -11.37 -4.69 6.05
CA CYS A 88 -10.50 -5.63 5.27
C CYS A 88 -11.06 -7.06 5.37
N THR A 89 -12.09 -7.28 6.15
CA THR A 89 -12.65 -8.65 6.26
C THR A 89 -13.71 -8.84 5.16
N THR A 90 -13.89 -7.86 4.33
CA THR A 90 -14.90 -7.97 3.24
C THR A 90 -14.18 -7.89 1.90
N ALA A 91 -13.36 -6.90 1.71
CA ALA A 91 -12.62 -6.77 0.43
C ALA A 91 -11.18 -7.21 0.63
N ALA A 92 -10.39 -7.15 -0.41
CA ALA A 92 -8.96 -7.57 -0.29
C ALA A 92 -8.07 -6.32 -0.24
N CYS A 93 -7.39 -6.09 0.85
CA CYS A 93 -6.53 -4.86 0.95
C CYS A 93 -5.09 -5.22 0.60
N GLN A 94 -4.52 -4.58 -0.38
CA GLN A 94 -3.14 -4.90 -0.77
C GLN A 94 -2.16 -3.86 -0.25
N VAL A 95 -0.98 -4.30 0.03
CA VAL A 95 0.08 -3.38 0.49
C VAL A 95 1.03 -3.17 -0.68
N GLY A 96 1.07 -1.99 -1.23
CA GLY A 96 1.96 -1.80 -2.41
C GLY A 96 2.44 -0.36 -2.52
N LEU A 97 3.09 -0.05 -3.61
CA LEU A 97 3.63 1.32 -3.81
C LEU A 97 3.02 1.91 -5.07
N SER A 98 3.36 3.12 -5.38
CA SER A 98 2.81 3.78 -6.59
C SER A 98 3.33 5.21 -6.68
N ASP A 99 2.97 5.94 -7.70
CA ASP A 99 3.45 7.35 -7.82
C ASP A 99 2.24 8.28 -7.95
N ALA A 100 2.42 9.47 -8.48
CA ALA A 100 1.27 10.39 -8.64
C ALA A 100 1.04 10.66 -10.12
N ALA A 101 1.24 9.69 -10.95
CA ALA A 101 1.05 9.88 -12.41
C ALA A 101 -0.15 9.05 -12.90
N GLY A 102 -0.36 7.90 -12.31
CA GLY A 102 -1.51 7.05 -12.75
C GLY A 102 -1.31 5.66 -12.18
N ASN A 103 -0.08 5.22 -12.11
CA ASN A 103 0.17 3.88 -11.54
C ASN A 103 1.65 3.74 -11.20
N GLY A 104 2.02 2.59 -10.75
CA GLY A 104 3.43 2.33 -10.35
C GLY A 104 3.57 0.82 -10.05
N PRO A 105 4.62 0.41 -9.35
CA PRO A 105 4.78 -1.02 -9.03
C PRO A 105 3.45 -1.61 -8.53
N GLU A 106 3.39 -2.90 -8.33
CA GLU A 106 2.12 -3.53 -7.87
C GLU A 106 2.08 -3.61 -6.35
N GLY A 107 1.08 -4.25 -5.80
CA GLY A 107 0.97 -4.37 -4.32
C GLY A 107 0.87 -5.85 -3.93
N VAL A 108 0.88 -6.12 -2.65
CA VAL A 108 0.79 -7.50 -2.18
C VAL A 108 -0.57 -7.68 -1.50
N ALA A 109 -1.06 -8.88 -1.47
CA ALA A 109 -2.38 -9.12 -0.83
C ALA A 109 -2.18 -9.56 0.62
N ILE A 110 -2.74 -8.86 1.57
CA ILE A 110 -2.57 -9.26 2.99
C ILE A 110 -3.79 -10.06 3.43
N SER A 111 -3.71 -10.70 4.57
CA SER A 111 -4.86 -11.50 5.07
C SER A 111 -5.09 -11.21 6.55
N PHE A 112 -6.29 -11.43 7.04
CA PHE A 112 -6.56 -11.15 8.47
C PHE A 112 -7.29 -12.35 9.09
N ASN A 113 -6.57 -13.39 9.41
CA ASN A 113 -7.21 -14.58 10.01
C ASN A 113 -7.70 -14.24 11.43
C1 CHR B . -3.60 7.61 -4.15
C2 CHR B . -3.98 8.47 -3.07
C3 CHR B . -4.54 9.05 -2.20
C4 CHR B . -5.51 9.59 -1.22
O2 CHR B . -5.99 8.71 -0.16
C5 CHR B . -6.83 8.82 -1.35
C6 CHR B . -6.70 7.77 -2.38
C7 CHR B . -6.37 7.02 -3.25
C8 CHR B . -5.72 6.26 -4.30
C9 CHR B . -4.51 6.66 -4.77
C10 CHR B . -3.89 6.10 -6.02
O1 CHR B . -4.47 6.70 -7.18
C11 CHR B . -2.41 6.51 -5.87
O6 CHR B . -1.66 5.38 -5.46
C12 CHR B . -2.43 7.56 -4.78
C13 CHR B . -4.36 6.06 -8.44
O3 CHR B . -5.19 4.90 -8.43
C14 CHR B . -4.83 7.01 -9.53
N1 CHR B . -4.06 8.28 -9.44
C19 CHR B . -2.70 8.38 -10.04
C15 CHR B . -6.32 7.29 -9.37
O4 CHR B . -6.76 8.15 -10.41
C16 CHR B . -7.11 5.98 -9.44
O5 CHR B . -6.90 5.37 -10.70
C17 CHR B . -6.60 5.04 -8.34
C18 CHR B . -7.27 3.67 -8.51
C20 CHR B . -1.43 4.60 -6.50
O7 CHR B . -1.10 5.04 -7.58
C21 CHR B . -1.59 3.15 -6.26
C22 CHR B . -2.15 2.36 -7.27
O9 CHR B . -2.47 2.91 -8.50
C23 CHR B . -2.40 1.00 -7.04
C24 CHR B . -2.08 0.43 -5.79
C25 CHR B . -1.53 1.23 -4.78
C26 CHR B . -1.28 2.59 -5.01
C27 CHR B . -0.71 3.38 -4.00
C28 CHR B . -0.41 2.80 -2.75
O8 CHR B . 0.13 3.59 -1.75
C31 CHR B . -0.42 4.89 -1.60
C29 CHR B . -0.67 1.45 -2.52
C30 CHR B . -1.23 0.67 -3.53
C32 CHR B . -1.50 -0.81 -3.29
C33 CHR B . -5.55 11.09 -1.02
O10 CHR B . -6.59 11.42 -0.10
C34 CHR B . -7.42 12.20 -0.78
O11 CHR B . -8.42 12.66 -0.25
O12 CHR B . -7.13 12.47 -2.04
C35 CHR B . -5.92 11.79 -2.31
H5 CHR B . -7.76 9.36 -1.28
H8 CHR B . -6.19 5.39 -4.71
H10 CHR B . -4.00 5.02 -6.06
H11 CHR B . -2.03 6.91 -6.79
H12 CHR B . -1.59 8.17 -4.55
H13 CHR B . -3.34 5.77 -8.61
H14 CHR B . -4.65 6.56 -10.50
H191 CHR B . -2.77 8.84 -11.02
H192 CHR B . -2.28 7.39 -10.14
H193 CHR B . -2.07 8.99 -9.40
H15 CHR B . -6.49 7.77 -8.42
HO4 CHR B . -7.71 8.06 -10.50
H16 CHR B . -8.15 6.18 -9.29
HO5 CHR B . -6.01 5.05 -10.74
H17 CHR B . -6.86 5.44 -7.38
H181 CHR B . -6.57 2.89 -8.23
H182 CHR B . -8.14 3.61 -7.88
H183 CHR B . -7.55 3.53 -9.55
HO9 CHR B . -3.41 2.94 -8.61
H23 CHR B . -2.83 0.39 -7.81
H24 CHR B . -2.28 -0.61 -5.61
H27 CHR B . -0.47 4.41 -4.17
H311 CHR B . -1.49 4.85 -1.75
H312 CHR B . 0.02 5.54 -2.34
H313 CHR B . -0.20 5.27 -0.62
H29 CHR B . -0.45 1.02 -1.56
H321 CHR B . -2.56 -1.00 -3.41
H322 CHR B . -1.20 -1.07 -2.29
H323 CHR B . -0.95 -1.40 -4.00
H33 CHR B . -4.60 11.44 -0.65
H351 CHR B . -6.07 11.07 -3.10
H352 CHR B . -5.15 12.49 -2.59
N ALA A 1 16.70 -5.57 -15.66
CA ALA A 1 16.35 -5.49 -14.21
C ALA A 1 14.99 -4.80 -14.05
N ALA A 2 14.10 -5.37 -13.30
CA ALA A 2 12.76 -4.74 -13.11
C ALA A 2 12.52 -4.51 -11.62
N PRO A 3 11.61 -3.61 -11.33
CA PRO A 3 11.26 -3.26 -9.94
C PRO A 3 10.74 -4.49 -9.19
N THR A 4 10.83 -4.46 -7.90
CA THR A 4 10.37 -5.58 -7.07
C THR A 4 9.83 -5.02 -5.76
N ALA A 5 9.04 -5.78 -5.06
CA ALA A 5 8.49 -5.27 -3.78
C ALA A 5 8.28 -6.40 -2.81
N THR A 6 8.92 -6.29 -1.68
CA THR A 6 8.78 -7.35 -0.66
C THR A 6 8.10 -6.79 0.57
N VAL A 7 6.91 -7.22 0.75
CA VAL A 7 6.09 -6.78 1.92
C VAL A 7 5.79 -7.98 2.83
N THR A 8 5.92 -7.82 4.12
CA THR A 8 5.66 -8.95 5.05
C THR A 8 5.73 -8.43 6.50
N PRO A 9 4.98 -9.07 7.37
CA PRO A 9 4.11 -10.20 7.02
C PRO A 9 2.84 -9.66 6.34
N SER A 10 2.26 -10.43 5.49
CA SER A 10 1.03 -9.98 4.79
C SER A 10 -0.20 -10.49 5.55
N SER A 11 -0.05 -11.53 6.32
CA SER A 11 -1.22 -12.06 7.08
C SER A 11 -0.85 -12.26 8.55
N GLY A 12 -1.83 -12.24 9.42
CA GLY A 12 -1.56 -12.43 10.87
C GLY A 12 -1.10 -11.11 11.47
N LEU A 13 -1.64 -10.02 10.99
CA LEU A 13 -1.23 -8.69 11.47
C LEU A 13 -2.14 -8.24 12.58
N SER A 14 -3.36 -8.46 12.37
CA SER A 14 -4.39 -8.06 13.35
C SER A 14 -4.38 -6.54 13.50
N ASP A 15 -5.53 -5.97 13.70
CA ASP A 15 -5.62 -4.50 13.84
C ASP A 15 -4.66 -4.00 14.90
N GLY A 16 -3.68 -3.26 14.50
CA GLY A 16 -2.73 -2.71 15.49
C GLY A 16 -1.28 -3.11 15.22
N THR A 17 -0.98 -3.87 14.17
CA THR A 17 0.43 -4.22 13.98
C THR A 17 1.02 -3.45 12.82
N VAL A 18 2.23 -3.74 12.55
CA VAL A 18 2.97 -3.05 11.45
C VAL A 18 3.59 -4.06 10.49
N VAL A 19 3.52 -3.79 9.21
CA VAL A 19 4.12 -4.72 8.22
C VAL A 19 5.32 -4.02 7.56
N LYS A 20 6.22 -4.77 7.00
CA LYS A 20 7.39 -4.13 6.34
C LYS A 20 7.23 -4.25 4.82
N VAL A 21 6.96 -3.14 4.17
CA VAL A 21 6.79 -3.18 2.69
C VAL A 21 8.08 -2.67 2.05
N ALA A 22 8.53 -3.26 0.98
CA ALA A 22 9.78 -2.75 0.36
C ALA A 22 9.62 -2.72 -1.16
N GLY A 23 10.48 -1.97 -1.80
CA GLY A 23 10.43 -1.86 -3.27
C GLY A 23 11.87 -1.94 -3.79
N ALA A 24 12.12 -2.63 -4.86
CA ALA A 24 13.53 -2.68 -5.35
C ALA A 24 13.54 -2.64 -6.89
N GLY A 25 14.24 -1.73 -7.50
CA GLY A 25 14.23 -1.70 -8.99
C GLY A 25 13.09 -0.82 -9.48
N LEU A 26 12.70 0.15 -8.71
CA LEU A 26 11.60 1.04 -9.15
C LEU A 26 12.21 2.20 -9.94
N GLN A 27 11.39 2.98 -10.60
CA GLN A 27 11.95 4.11 -11.39
C GLN A 27 13.02 4.83 -10.59
N ALA A 28 14.25 4.50 -10.89
CA ALA A 28 15.41 5.11 -10.17
C ALA A 28 15.37 6.62 -10.30
N GLY A 29 14.53 7.26 -9.52
CA GLY A 29 14.44 8.75 -9.57
C GLY A 29 12.98 9.17 -9.58
N THR A 30 12.12 8.43 -8.91
CA THR A 30 10.69 8.80 -8.91
C THR A 30 10.06 8.56 -7.53
N ALA A 31 9.77 9.62 -6.85
CA ALA A 31 9.10 9.54 -5.51
C ALA A 31 7.84 8.66 -5.60
N TYR A 32 7.87 7.51 -4.98
CA TYR A 32 6.67 6.61 -5.03
C TYR A 32 5.97 6.66 -3.67
N ASP A 33 4.71 6.28 -3.61
CA ASP A 33 4.00 6.29 -2.30
C ASP A 33 3.98 4.87 -1.75
N VAL A 34 3.64 4.69 -0.52
CA VAL A 34 3.65 3.32 0.07
C VAL A 34 2.56 3.20 1.15
N GLY A 35 1.59 2.30 1.05
CA GLY A 35 0.56 2.24 2.12
C GLY A 35 -0.42 1.07 1.90
N GLN A 36 -1.40 0.98 2.76
CA GLN A 36 -2.42 -0.10 2.69
C GLN A 36 -3.67 0.46 2.00
N CYS A 37 -3.92 0.05 0.81
CA CYS A 37 -5.13 0.55 0.09
C CYS A 37 -5.91 -0.65 -0.48
N ALA A 38 -7.20 -0.53 -0.58
CA ALA A 38 -8.01 -1.67 -1.10
C ALA A 38 -8.87 -1.23 -2.30
N TRP A 39 -8.96 -2.05 -3.32
CA TRP A 39 -9.81 -1.68 -4.49
C TRP A 39 -11.17 -2.34 -4.29
N VAL A 40 -12.21 -1.57 -4.11
CA VAL A 40 -13.55 -2.16 -3.87
C VAL A 40 -14.41 -2.04 -5.14
N ASP A 41 -13.83 -1.75 -6.26
CA ASP A 41 -14.65 -1.63 -7.50
C ASP A 41 -13.77 -1.17 -8.66
N THR A 42 -14.35 -0.94 -9.80
CA THR A 42 -13.57 -0.48 -10.98
C THR A 42 -13.10 0.95 -10.78
N GLY A 43 -11.90 1.12 -10.33
CA GLY A 43 -11.36 2.49 -10.13
C GLY A 43 -11.76 3.06 -8.75
N VAL A 44 -11.98 2.23 -7.76
CA VAL A 44 -12.34 2.75 -6.43
C VAL A 44 -11.20 2.36 -5.46
N LEU A 45 -10.37 3.29 -5.04
CA LEU A 45 -9.24 2.91 -4.14
C LEU A 45 -9.41 3.59 -2.77
N ALA A 46 -9.81 2.85 -1.76
CA ALA A 46 -9.96 3.46 -0.41
C ALA A 46 -8.69 3.10 0.38
N CYS A 47 -7.84 4.07 0.65
CA CYS A 47 -6.59 3.76 1.39
C CYS A 47 -6.65 4.33 2.82
N ASN A 48 -5.76 3.89 3.67
CA ASN A 48 -5.76 4.38 5.08
C ASN A 48 -4.46 5.16 5.36
N PRO A 49 -4.59 6.31 5.98
CA PRO A 49 -3.42 7.16 6.31
C PRO A 49 -2.56 6.56 7.44
N ALA A 50 -2.62 5.28 7.68
CA ALA A 50 -1.78 4.70 8.77
C ALA A 50 -0.49 4.16 8.17
N ASP A 51 -0.41 4.11 6.88
CA ASP A 51 0.81 3.60 6.22
C ASP A 51 1.18 4.55 5.08
N PHE A 52 0.50 5.65 4.98
CA PHE A 52 0.80 6.61 3.89
C PHE A 52 2.25 7.09 3.97
N SER A 53 3.17 6.34 3.43
CA SER A 53 4.59 6.77 3.45
C SER A 53 5.01 7.11 2.02
N SER A 54 6.27 7.29 1.76
CA SER A 54 6.69 7.63 0.39
C SER A 54 8.20 7.83 0.30
N VAL A 55 8.81 7.26 -0.70
CA VAL A 55 10.28 7.44 -0.90
C VAL A 55 10.55 7.42 -2.41
N THR A 56 11.65 7.99 -2.84
CA THR A 56 11.92 7.98 -4.30
C THR A 56 12.88 6.86 -4.65
N ALA A 57 12.66 6.25 -5.77
CA ALA A 57 13.57 5.16 -6.20
C ALA A 57 14.97 5.74 -6.45
N ASP A 58 15.86 5.44 -5.58
CA ASP A 58 17.26 5.92 -5.69
C ASP A 58 17.93 5.40 -6.97
N ALA A 59 19.17 5.01 -6.89
CA ALA A 59 19.91 4.51 -8.09
C ALA A 59 19.10 3.45 -8.82
N ASN A 60 18.65 2.47 -8.10
CA ASN A 60 17.83 1.40 -8.72
C ASN A 60 16.39 1.67 -8.30
N GLY A 61 16.25 2.19 -7.12
CA GLY A 61 14.93 2.55 -6.58
C GLY A 61 14.51 1.57 -5.49
N SER A 62 15.21 1.57 -4.39
CA SER A 62 14.85 0.66 -3.27
C SER A 62 14.07 1.45 -2.22
N ALA A 63 12.95 0.94 -1.80
CA ALA A 63 12.16 1.68 -0.78
C ALA A 63 11.69 0.69 0.28
N SER A 64 12.23 0.79 1.47
CA SER A 64 11.81 -0.15 2.56
C SER A 64 11.33 0.65 3.77
N THR A 65 10.10 0.48 4.14
CA THR A 65 9.57 1.22 5.31
C THR A 65 8.49 0.36 5.99
N SER A 66 8.36 0.48 7.29
CA SER A 66 7.34 -0.32 8.01
C SER A 66 6.09 0.52 8.25
N LEU A 67 4.94 -0.04 8.02
CA LEU A 67 3.68 0.75 8.22
C LEU A 67 2.71 -0.04 9.09
N THR A 68 1.69 0.60 9.60
CA THR A 68 0.69 -0.12 10.45
C THR A 68 -0.58 -0.34 9.63
N VAL A 69 -1.06 -1.56 9.55
CA VAL A 69 -2.29 -1.79 8.74
C VAL A 69 -3.28 -2.69 9.49
N ARG A 70 -4.56 -2.41 9.42
CA ARG A 70 -5.53 -3.26 10.15
C ARG A 70 -6.61 -3.78 9.22
N ARG A 71 -7.63 -4.33 9.81
CA ARG A 71 -8.77 -4.86 9.00
C ARG A 71 -9.63 -3.69 8.56
N SER A 72 -10.42 -3.11 9.43
CA SER A 72 -11.22 -1.93 8.98
C SER A 72 -10.26 -0.77 8.86
N PHE A 73 -10.35 0.00 7.83
CA PHE A 73 -9.38 1.11 7.70
C PHE A 73 -9.95 2.22 6.83
N GLU A 74 -9.76 3.44 7.25
CA GLU A 74 -10.30 4.60 6.49
C GLU A 74 -10.18 4.34 4.98
N GLY A 75 -11.29 4.35 4.31
CA GLY A 75 -11.28 4.08 2.83
C GLY A 75 -11.09 5.39 2.04
N PHE A 76 -10.12 6.19 2.40
CA PHE A 76 -9.88 7.47 1.65
C PHE A 76 -10.10 7.26 0.14
N LEU A 77 -11.13 7.87 -0.42
CA LEU A 77 -11.41 7.70 -1.89
C LEU A 77 -10.56 8.71 -2.70
N PHE A 78 -9.80 8.27 -3.67
CA PHE A 78 -8.98 9.22 -4.49
C PHE A 78 -9.89 10.19 -5.26
N ASP A 79 -10.72 10.92 -4.57
CA ASP A 79 -11.62 11.88 -5.27
C ASP A 79 -12.13 12.94 -4.28
N GLY A 80 -11.45 13.11 -3.18
CA GLY A 80 -11.90 14.14 -2.19
C GLY A 80 -12.94 13.53 -1.24
N THR A 81 -13.67 12.55 -1.69
CA THR A 81 -14.71 11.94 -0.82
C THR A 81 -14.16 10.70 -0.12
N ARG A 82 -14.77 10.32 0.95
CA ARG A 82 -14.31 9.12 1.71
C ARG A 82 -15.30 7.96 1.43
N TRP A 83 -14.80 6.77 1.20
CA TRP A 83 -15.71 5.63 0.90
C TRP A 83 -16.29 5.05 2.21
N GLY A 84 -15.66 5.32 3.31
CA GLY A 84 -16.14 4.80 4.61
C GLY A 84 -15.11 3.82 5.17
N THR A 85 -15.30 3.33 6.35
CA THR A 85 -14.34 2.36 6.92
C THR A 85 -14.35 1.11 6.04
N VAL A 86 -13.32 0.89 5.29
CA VAL A 86 -13.28 -0.29 4.40
C VAL A 86 -12.86 -1.51 5.23
N ASP A 87 -13.79 -2.38 5.53
CA ASP A 87 -13.46 -3.58 6.35
C ASP A 87 -12.53 -4.51 5.56
N CYS A 88 -11.30 -4.64 5.97
CA CYS A 88 -10.39 -5.57 5.21
C CYS A 88 -10.90 -7.01 5.31
N THR A 89 -11.93 -7.26 6.08
CA THR A 89 -12.46 -8.64 6.19
C THR A 89 -13.48 -8.88 5.07
N THR A 90 -13.69 -7.90 4.23
CA THR A 90 -14.66 -8.05 3.12
C THR A 90 -13.92 -7.96 1.79
N ALA A 91 -13.13 -6.93 1.63
CA ALA A 91 -12.36 -6.77 0.36
C ALA A 91 -10.92 -7.19 0.59
N ALA A 92 -10.10 -7.09 -0.42
CA ALA A 92 -8.67 -7.49 -0.27
C ALA A 92 -7.80 -6.21 -0.21
N CYS A 93 -7.15 -5.95 0.90
CA CYS A 93 -6.31 -4.73 1.00
C CYS A 93 -4.86 -5.08 0.69
N GLN A 94 -4.28 -4.45 -0.30
CA GLN A 94 -2.90 -4.76 -0.65
C GLN A 94 -1.95 -3.70 -0.14
N VAL A 95 -0.79 -4.13 0.25
CA VAL A 95 0.24 -3.18 0.72
C VAL A 95 1.23 -3.00 -0.42
N GLY A 96 1.25 -1.86 -1.03
CA GLY A 96 2.18 -1.71 -2.18
C GLY A 96 2.69 -0.27 -2.32
N LEU A 97 3.36 -0.01 -3.40
CA LEU A 97 3.91 1.36 -3.63
C LEU A 97 3.15 2.01 -4.78
N SER A 98 3.51 3.20 -5.12
CA SER A 98 2.80 3.91 -6.23
C SER A 98 3.66 5.07 -6.72
N ASP A 99 3.24 5.73 -7.77
CA ASP A 99 4.03 6.88 -8.29
C ASP A 99 3.13 8.13 -8.33
N ALA A 100 3.48 9.14 -9.09
CA ALA A 100 2.61 10.36 -9.13
C ALA A 100 2.15 10.60 -10.57
N ALA A 101 1.93 9.56 -11.31
CA ALA A 101 1.49 9.72 -12.73
C ALA A 101 0.14 9.02 -12.96
N GLY A 102 -0.14 7.97 -12.22
CA GLY A 102 -1.43 7.26 -12.43
C GLY A 102 -1.34 5.94 -11.69
N ASN A 103 -0.18 5.33 -11.71
CA ASN A 103 -0.02 4.05 -11.00
C ASN A 103 1.46 3.80 -10.75
N GLY A 104 1.76 2.68 -10.17
CA GLY A 104 3.17 2.32 -9.86
C GLY A 104 3.25 0.80 -9.67
N PRO A 105 4.31 0.28 -9.08
CA PRO A 105 4.43 -1.17 -8.87
C PRO A 105 3.13 -1.71 -8.27
N GLU A 106 3.05 -3.00 -8.05
CA GLU A 106 1.80 -3.59 -7.49
C GLU A 106 1.86 -3.63 -5.96
N GLY A 107 0.85 -4.20 -5.34
CA GLY A 107 0.85 -4.28 -3.85
C GLY A 107 0.76 -5.74 -3.41
N VAL A 108 0.97 -6.00 -2.15
CA VAL A 108 0.92 -7.37 -1.64
C VAL A 108 -0.42 -7.59 -0.92
N ALA A 109 -1.07 -8.65 -1.25
CA ALA A 109 -2.39 -8.95 -0.61
C ALA A 109 -2.17 -9.45 0.81
N ILE A 110 -2.74 -8.78 1.78
CA ILE A 110 -2.56 -9.22 3.18
C ILE A 110 -3.79 -10.03 3.60
N SER A 111 -3.70 -10.72 4.71
CA SER A 111 -4.86 -11.54 5.18
C SER A 111 -5.07 -11.32 6.67
N PHE A 112 -6.26 -11.55 7.16
CA PHE A 112 -6.53 -11.36 8.61
C PHE A 112 -7.17 -12.62 9.19
N ASN A 113 -6.37 -13.56 9.64
CA ASN A 113 -6.94 -14.81 10.22
C ASN A 113 -6.98 -14.69 11.74
C1 CHR B . -3.61 7.81 -3.95
C2 CHR B . -4.05 8.68 -2.90
C3 CHR B . -4.65 9.29 -2.09
C4 CHR B . -5.66 9.85 -1.17
O2 CHR B . -6.18 9.01 -0.10
C5 CHR B . -6.97 9.06 -1.32
C6 CHR B . -6.79 7.98 -2.33
C7 CHR B . -6.41 7.20 -3.15
C8 CHR B . -5.70 6.41 -4.13
C9 CHR B . -4.49 6.81 -4.56
C10 CHR B . -3.82 6.23 -5.78
O1 CHR B . -4.37 6.76 -6.98
C11 CHR B . -2.36 6.67 -5.61
O6 CHR B . -1.59 5.57 -5.16
C12 CHR B . -2.42 7.75 -4.54
C13 CHR B . -4.16 6.11 -8.21
O3 CHR B . -4.99 4.96 -8.30
C14 CHR B . -4.50 7.06 -9.36
N1 CHR B . -3.72 8.32 -9.21
C19 CHR B . -2.32 8.40 -9.72
C15 CHR B . -5.99 7.37 -9.34
O4 CHR B . -6.32 8.24 -10.42
C16 CHR B . -6.79 6.07 -9.46
O5 CHR B . -6.50 5.46 -10.72
C17 CHR B . -6.40 5.12 -8.33
C18 CHR B . -7.06 3.75 -8.56
C20 CHR B . -1.30 4.79 -6.17
O7 CHR B . -0.93 5.24 -7.24
C21 CHR B . -1.45 3.35 -5.94
C22 CHR B . -1.91 2.53 -6.99
O9 CHR B . -2.14 3.08 -8.24
C23 CHR B . -2.12 1.17 -6.77
C24 CHR B . -1.88 0.61 -5.50
C25 CHR B . -1.43 1.43 -4.46
C26 CHR B . -1.21 2.79 -4.67
C27 CHR B . -0.74 3.60 -3.61
C28 CHR B . -0.51 3.02 -2.35
O8 CHR B . -0.04 3.82 -1.31
C31 CHR B . -0.49 5.17 -1.30
C29 CHR B . -0.73 1.66 -2.15
C30 CHR B . -1.19 0.86 -3.20
C32 CHR B . -1.45 -0.62 -2.97
C33 CHR B . -5.73 11.36 -1.01
O10 CHR B . -6.82 11.71 -0.17
C34 CHR B . -7.62 12.47 -0.92
O11 CHR B . -8.64 12.94 -0.47
O12 CHR B . -7.25 12.70 -2.17
C35 CHR B . -6.02 12.02 -2.35
H5 CHR B . -7.92 9.61 -1.32
H8 CHR B . -6.13 5.50 -4.51
H10 CHR B . -3.90 5.14 -5.78
H11 CHR B . -1.96 7.07 -6.53
H12 CHR B . -1.60 8.39 -4.30
H13 CHR B . -3.13 5.81 -8.29
H14 CHR B . -4.24 6.60 -10.30
H191 CHR B . -1.68 8.79 -8.94
H192 CHR B . -2.28 9.04 -10.59
H193 CHR B . -1.98 7.41 -9.99
H15 CHR B . -6.24 7.85 -8.41
HO4 CHR B . -5.73 8.04 -11.14
H16 CHR B . -7.85 6.29 -9.41
HO5 CHR B . -7.33 5.37 -11.20
H17 CHR B . -6.75 5.52 -7.39
H181 CHR B . -7.49 3.73 -9.55
H182 CHR B . -6.32 2.97 -8.48
H183 CHR B . -7.83 3.59 -7.82
HO9 CHR B . -1.63 3.88 -8.34
H23 CHR B . -2.48 0.54 -7.58
H24 CHR B . -2.06 -0.44 -5.34
H27 CHR B . -0.54 4.64 -3.77
H311 CHR B . -0.09 5.68 -2.17
H312 CHR B . -1.56 5.18 -1.32
H313 CHR B . -0.13 5.66 -0.40
H29 CHR B . -0.55 1.22 -1.18
H321 CHR B . -0.97 -1.19 -3.75
H322 CHR B . -1.05 -0.91 -2.01
H323 CHR B . -2.52 -0.80 -2.99
H33 CHR B . -4.80 11.73 -0.61
H351 CHR B . -5.24 12.72 -2.61
H352 CHR B . -6.12 11.27 -3.12
N ALA A 1 18.05 -4.07 -14.05
CA ALA A 1 17.23 -3.50 -12.94
C ALA A 1 15.82 -4.11 -12.98
N ALA A 2 15.45 -4.83 -11.96
CA ALA A 2 14.09 -5.45 -11.94
C ALA A 2 13.34 -4.97 -10.70
N PRO A 3 12.35 -4.13 -10.90
CA PRO A 3 11.53 -3.60 -9.80
C PRO A 3 10.86 -4.73 -9.02
N THR A 4 10.52 -4.46 -7.80
CA THR A 4 9.85 -5.50 -6.96
C THR A 4 9.50 -4.86 -5.61
N ALA A 5 9.10 -5.63 -4.65
CA ALA A 5 8.75 -5.03 -3.34
C ALA A 5 8.65 -6.10 -2.27
N THR A 6 9.26 -5.83 -1.17
CA THR A 6 9.22 -6.82 -0.06
C THR A 6 8.25 -6.37 1.00
N VAL A 7 7.13 -6.98 1.03
CA VAL A 7 6.11 -6.62 2.04
C VAL A 7 5.77 -7.82 2.91
N THR A 8 5.96 -7.67 4.20
CA THR A 8 5.68 -8.79 5.14
C THR A 8 5.68 -8.22 6.57
N PRO A 9 4.89 -8.83 7.43
CA PRO A 9 4.04 -9.97 7.09
C PRO A 9 2.78 -9.48 6.36
N SER A 10 2.26 -10.28 5.50
CA SER A 10 1.03 -9.89 4.75
C SER A 10 -0.19 -10.37 5.53
N SER A 11 -0.03 -11.38 6.33
CA SER A 11 -1.18 -11.90 7.13
C SER A 11 -0.77 -12.07 8.60
N GLY A 12 -1.72 -12.15 9.49
CA GLY A 12 -1.39 -12.30 10.93
C GLY A 12 -0.94 -10.94 11.47
N LEU A 13 -1.59 -9.91 11.02
CA LEU A 13 -1.23 -8.54 11.43
C LEU A 13 -2.04 -8.11 12.62
N SER A 14 -3.27 -8.41 12.53
CA SER A 14 -4.21 -8.06 13.61
C SER A 14 -4.36 -6.54 13.71
N ASP A 15 -5.54 -6.10 14.05
CA ASP A 15 -5.81 -4.66 14.16
C ASP A 15 -4.79 -3.94 15.04
N GLY A 16 -3.92 -3.18 14.43
CA GLY A 16 -2.94 -2.43 15.23
C GLY A 16 -1.49 -2.90 15.02
N THR A 17 -1.18 -3.68 14.02
CA THR A 17 0.23 -4.08 13.88
C THR A 17 0.89 -3.26 12.79
N VAL A 18 2.08 -3.63 12.48
CA VAL A 18 2.84 -2.90 11.43
C VAL A 18 3.46 -3.85 10.42
N VAL A 19 3.40 -3.52 9.16
CA VAL A 19 4.01 -4.41 8.12
C VAL A 19 5.17 -3.67 7.46
N LYS A 20 6.13 -4.38 6.94
CA LYS A 20 7.28 -3.72 6.28
C LYS A 20 7.19 -3.93 4.77
N VAL A 21 6.89 -2.89 4.04
CA VAL A 21 6.79 -3.01 2.56
C VAL A 21 7.99 -2.32 1.91
N ALA A 22 8.75 -3.03 1.12
CA ALA A 22 9.93 -2.38 0.47
C ALA A 22 9.70 -2.34 -1.03
N GLY A 23 10.46 -1.56 -1.72
CA GLY A 23 10.30 -1.47 -3.19
C GLY A 23 11.67 -1.37 -3.84
N ALA A 24 12.13 -2.40 -4.49
CA ALA A 24 13.49 -2.33 -5.11
C ALA A 24 13.39 -2.43 -6.63
N GLY A 25 14.21 -1.72 -7.35
CA GLY A 25 14.17 -1.80 -8.84
C GLY A 25 13.05 -0.91 -9.37
N LEU A 26 12.70 0.13 -8.66
CA LEU A 26 11.63 1.02 -9.14
C LEU A 26 12.25 2.14 -9.95
N GLN A 27 11.45 2.98 -10.56
CA GLN A 27 12.02 4.07 -11.38
C GLN A 27 13.14 4.76 -10.59
N ALA A 28 14.34 4.40 -10.90
CA ALA A 28 15.52 4.98 -10.21
C ALA A 28 15.51 6.50 -10.31
N GLY A 29 14.70 7.15 -9.53
CA GLY A 29 14.64 8.64 -9.56
C GLY A 29 13.18 9.10 -9.60
N THR A 30 12.30 8.38 -8.96
CA THR A 30 10.87 8.79 -8.97
C THR A 30 10.20 8.50 -7.63
N ALA A 31 9.87 9.55 -6.93
CA ALA A 31 9.17 9.44 -5.62
C ALA A 31 8.01 8.46 -5.73
N TYR A 32 7.99 7.46 -4.89
CA TYR A 32 6.88 6.46 -4.93
C TYR A 32 6.13 6.51 -3.59
N ASP A 33 4.85 6.20 -3.58
CA ASP A 33 4.11 6.21 -2.30
C ASP A 33 3.99 4.77 -1.82
N VAL A 34 3.82 4.55 -0.54
CA VAL A 34 3.74 3.15 -0.04
C VAL A 34 2.63 3.05 1.05
N GLY A 35 1.56 2.30 0.80
CA GLY A 35 0.50 2.23 1.85
C GLY A 35 -0.44 1.03 1.63
N GLN A 36 -1.43 0.92 2.48
CA GLN A 36 -2.42 -0.17 2.38
C GLN A 36 -3.71 0.37 1.76
N CYS A 37 -3.99 -0.03 0.56
CA CYS A 37 -5.23 0.47 -0.10
C CYS A 37 -6.03 -0.71 -0.67
N ALA A 38 -7.33 -0.58 -0.74
CA ALA A 38 -8.17 -1.70 -1.28
C ALA A 38 -9.05 -1.21 -2.44
N TRP A 39 -9.20 -2.01 -3.47
CA TRP A 39 -10.07 -1.61 -4.62
C TRP A 39 -11.45 -2.23 -4.38
N VAL A 40 -12.46 -1.42 -4.17
CA VAL A 40 -13.80 -1.97 -3.91
C VAL A 40 -14.71 -1.80 -5.14
N ASP A 41 -14.13 -1.51 -6.28
CA ASP A 41 -14.98 -1.34 -7.50
C ASP A 41 -14.11 -0.93 -8.68
N THR A 42 -14.73 -0.66 -9.80
CA THR A 42 -13.95 -0.26 -11.00
C THR A 42 -13.39 1.16 -10.81
N GLY A 43 -12.17 1.25 -10.38
CA GLY A 43 -11.55 2.59 -10.19
C GLY A 43 -11.90 3.18 -8.82
N VAL A 44 -12.16 2.38 -7.83
CA VAL A 44 -12.48 2.92 -6.50
C VAL A 44 -11.35 2.48 -5.53
N LEU A 45 -10.47 3.37 -5.13
CA LEU A 45 -9.35 2.95 -4.25
C LEU A 45 -9.48 3.63 -2.88
N ALA A 46 -9.90 2.91 -1.86
CA ALA A 46 -10.01 3.51 -0.50
C ALA A 46 -8.75 3.11 0.27
N CYS A 47 -7.87 4.04 0.54
CA CYS A 47 -6.62 3.67 1.26
C CYS A 47 -6.67 4.15 2.72
N ASN A 48 -5.72 3.73 3.51
CA ASN A 48 -5.70 4.14 4.95
C ASN A 48 -4.48 5.03 5.21
N PRO A 49 -4.69 6.21 5.77
CA PRO A 49 -3.59 7.14 6.09
C PRO A 49 -2.73 6.64 7.27
N ALA A 50 -2.73 5.37 7.57
CA ALA A 50 -1.89 4.87 8.70
C ALA A 50 -0.72 4.08 8.13
N ASP A 51 -0.62 4.02 6.83
CA ASP A 51 0.48 3.28 6.19
C ASP A 51 0.95 4.10 5.00
N PHE A 52 0.59 5.35 4.96
CA PHE A 52 0.98 6.21 3.82
C PHE A 52 2.42 6.71 3.98
N SER A 53 3.37 5.98 3.45
CA SER A 53 4.79 6.43 3.54
C SER A 53 5.21 6.89 2.15
N SER A 54 6.49 7.08 1.90
CA SER A 54 6.89 7.55 0.55
C SER A 54 8.41 7.75 0.47
N VAL A 55 8.98 7.32 -0.61
CA VAL A 55 10.45 7.50 -0.83
C VAL A 55 10.69 7.44 -2.34
N THR A 56 11.77 7.99 -2.82
CA THR A 56 12.01 7.96 -4.29
C THR A 56 12.96 6.83 -4.63
N ALA A 57 12.75 6.21 -5.76
CA ALA A 57 13.66 5.13 -6.17
C ALA A 57 15.06 5.69 -6.40
N ASP A 58 15.93 5.41 -5.49
CA ASP A 58 17.34 5.90 -5.58
C ASP A 58 18.01 5.41 -6.87
N ALA A 59 19.25 4.99 -6.77
CA ALA A 59 20.01 4.53 -7.99
C ALA A 59 19.22 3.46 -8.73
N ASN A 60 18.76 2.49 -8.04
CA ASN A 60 17.95 1.42 -8.68
C ASN A 60 16.51 1.69 -8.28
N GLY A 61 16.36 2.16 -7.07
CA GLY A 61 15.03 2.51 -6.54
C GLY A 61 14.61 1.54 -5.45
N SER A 62 15.33 1.54 -4.35
CA SER A 62 14.98 0.65 -3.22
C SER A 62 14.34 1.50 -2.12
N ALA A 63 13.16 1.15 -1.75
CA ALA A 63 12.46 1.94 -0.69
C ALA A 63 11.86 1.00 0.34
N SER A 64 12.41 0.98 1.52
CA SER A 64 11.87 0.08 2.59
C SER A 64 11.28 0.92 3.70
N THR A 65 10.00 0.81 3.92
CA THR A 65 9.36 1.61 5.00
C THR A 65 8.32 0.75 5.72
N SER A 66 8.26 0.87 7.02
CA SER A 66 7.27 0.07 7.79
C SER A 66 6.05 0.94 8.11
N LEU A 67 4.89 0.35 8.14
CA LEU A 67 3.66 1.14 8.42
C LEU A 67 2.66 0.29 9.20
N THR A 68 1.68 0.90 9.81
CA THR A 68 0.68 0.11 10.59
C THR A 68 -0.53 -0.18 9.69
N VAL A 69 -0.90 -1.44 9.53
CA VAL A 69 -2.07 -1.76 8.65
C VAL A 69 -2.98 -2.78 9.34
N ARG A 70 -4.29 -2.65 9.21
CA ARG A 70 -5.18 -3.63 9.87
C ARG A 70 -6.38 -3.97 8.99
N ARG A 71 -7.41 -4.55 9.55
CA ARG A 71 -8.60 -4.93 8.74
C ARG A 71 -9.43 -3.68 8.42
N SER A 72 -10.42 -3.34 9.22
CA SER A 72 -11.20 -2.12 8.90
C SER A 72 -10.26 -0.94 8.92
N PHE A 73 -10.32 -0.10 7.94
CA PHE A 73 -9.40 1.03 7.93
C PHE A 73 -9.99 2.19 7.14
N GLU A 74 -9.54 3.39 7.40
CA GLU A 74 -10.10 4.56 6.70
C GLU A 74 -10.16 4.29 5.19
N GLY A 75 -11.33 4.37 4.62
CA GLY A 75 -11.49 4.11 3.17
C GLY A 75 -11.25 5.39 2.34
N PHE A 76 -10.17 6.08 2.59
CA PHE A 76 -9.88 7.33 1.81
C PHE A 76 -9.97 7.07 0.28
N LEU A 77 -10.98 7.59 -0.39
CA LEU A 77 -11.08 7.38 -1.87
C LEU A 77 -10.10 8.34 -2.57
N PHE A 78 -9.60 7.99 -3.73
CA PHE A 78 -8.65 8.90 -4.46
C PHE A 78 -9.34 10.22 -4.84
N ASP A 79 -10.61 10.34 -4.61
CA ASP A 79 -11.31 11.61 -4.97
C ASP A 79 -11.47 12.48 -3.72
N GLY A 80 -10.87 12.09 -2.63
CA GLY A 80 -10.99 12.89 -1.38
C GLY A 80 -12.29 12.55 -0.67
N THR A 81 -13.15 11.81 -1.31
CA THR A 81 -14.45 11.45 -0.66
C THR A 81 -14.23 10.30 0.33
N ARG A 82 -14.78 10.43 1.50
CA ARG A 82 -14.63 9.36 2.51
C ARG A 82 -15.54 8.17 2.17
N TRP A 83 -14.98 7.04 1.85
CA TRP A 83 -15.83 5.87 1.51
C TRP A 83 -16.33 5.20 2.79
N GLY A 84 -15.66 5.45 3.90
CA GLY A 84 -16.08 4.84 5.18
C GLY A 84 -15.02 3.84 5.62
N THR A 85 -15.14 3.31 6.81
CA THR A 85 -14.12 2.32 7.27
C THR A 85 -14.20 1.12 6.33
N VAL A 86 -13.19 0.93 5.54
CA VAL A 86 -13.20 -0.20 4.59
C VAL A 86 -12.79 -1.48 5.33
N ASP A 87 -13.76 -2.29 5.67
CA ASP A 87 -13.46 -3.55 6.41
C ASP A 87 -12.57 -4.46 5.58
N CYS A 88 -11.32 -4.62 5.94
CA CYS A 88 -10.45 -5.52 5.11
C CYS A 88 -11.01 -6.96 5.11
N THR A 89 -12.06 -7.23 5.86
CA THR A 89 -12.63 -8.60 5.87
C THR A 89 -13.69 -8.73 4.77
N THR A 90 -13.92 -7.68 4.03
CA THR A 90 -14.94 -7.74 2.96
C THR A 90 -14.24 -7.69 1.60
N ALA A 91 -13.35 -6.76 1.44
CA ALA A 91 -12.61 -6.64 0.15
C ALA A 91 -11.18 -7.12 0.33
N ALA A 92 -10.40 -7.05 -0.71
CA ALA A 92 -8.97 -7.50 -0.61
C ALA A 92 -8.07 -6.27 -0.52
N CYS A 93 -7.42 -6.05 0.60
CA CYS A 93 -6.55 -4.85 0.74
C CYS A 93 -5.09 -5.24 0.46
N GLN A 94 -4.49 -4.59 -0.50
CA GLN A 94 -3.10 -4.92 -0.85
C GLN A 94 -2.14 -3.87 -0.32
N VAL A 95 -0.97 -4.31 0.00
CA VAL A 95 0.09 -3.38 0.48
C VAL A 95 1.05 -3.18 -0.67
N GLY A 96 1.06 -2.03 -1.25
CA GLY A 96 1.97 -1.84 -2.41
C GLY A 96 2.46 -0.40 -2.51
N LEU A 97 3.11 -0.09 -3.60
CA LEU A 97 3.66 1.27 -3.78
C LEU A 97 3.08 1.87 -5.07
N SER A 98 3.44 3.07 -5.38
CA SER A 98 2.92 3.73 -6.61
C SER A 98 3.48 5.14 -6.70
N ASP A 99 3.17 5.85 -7.75
CA ASP A 99 3.68 7.25 -7.88
C ASP A 99 2.49 8.21 -8.09
N ALA A 100 2.73 9.36 -8.67
CA ALA A 100 1.60 10.30 -8.89
C ALA A 100 1.42 10.53 -10.39
N ALA A 101 1.62 9.50 -11.18
CA ALA A 101 1.47 9.65 -12.65
C ALA A 101 0.27 8.85 -13.14
N GLY A 102 -0.03 7.75 -12.50
CA GLY A 102 -1.20 6.93 -12.95
C GLY A 102 -1.08 5.57 -12.29
N ASN A 103 0.11 5.06 -12.16
CA ASN A 103 0.30 3.76 -11.52
C ASN A 103 1.77 3.55 -11.20
N GLY A 104 2.07 2.40 -10.68
CA GLY A 104 3.48 2.07 -10.31
C GLY A 104 3.55 0.56 -9.97
N PRO A 105 4.58 0.11 -9.27
CA PRO A 105 4.68 -1.31 -8.93
C PRO A 105 3.33 -1.82 -8.39
N GLU A 106 3.19 -3.10 -8.18
CA GLU A 106 1.88 -3.65 -7.70
C GLU A 106 1.88 -3.74 -6.17
N GLY A 107 0.82 -4.26 -5.61
CA GLY A 107 0.74 -4.39 -4.13
C GLY A 107 0.63 -5.86 -3.74
N VAL A 108 0.82 -6.16 -2.49
CA VAL A 108 0.74 -7.55 -2.02
C VAL A 108 -0.56 -7.76 -1.24
N ALA A 109 -1.24 -8.81 -1.53
CA ALA A 109 -2.52 -9.09 -0.82
C ALA A 109 -2.24 -9.55 0.61
N ILE A 110 -2.83 -8.89 1.58
CA ILE A 110 -2.58 -9.31 2.99
C ILE A 110 -3.74 -10.21 3.45
N SER A 111 -3.63 -10.78 4.62
CA SER A 111 -4.72 -11.67 5.11
C SER A 111 -4.96 -11.40 6.60
N PHE A 112 -6.13 -11.74 7.09
CA PHE A 112 -6.42 -11.48 8.53
C PHE A 112 -7.11 -12.72 9.13
N ASN A 113 -6.35 -13.71 9.50
CA ASN A 113 -6.96 -14.93 10.10
C ASN A 113 -7.74 -14.54 11.36
C1 CHR B . -3.51 7.61 -4.32
C2 CHR B . -3.95 8.42 -3.21
C3 CHR B . -4.53 8.94 -2.32
C4 CHR B . -5.51 9.35 -1.30
O2 CHR B . -5.90 8.39 -0.28
C5 CHR B . -6.78 8.52 -1.44
C6 CHR B . -6.63 7.57 -2.56
C7 CHR B . -6.29 6.91 -3.50
C8 CHR B . -5.63 6.27 -4.62
C9 CHR B . -4.40 6.67 -4.99
C10 CHR B . -3.71 6.13 -6.23
O1 CHR B . -4.22 6.72 -7.41
C11 CHR B . -2.24 6.53 -5.99
O6 CHR B . -1.51 5.39 -5.56
C12 CHR B . -2.31 7.57 -4.89
C13 CHR B . -4.04 6.07 -8.66
O3 CHR B . -4.82 4.88 -8.69
C14 CHR B . -4.47 7.00 -9.79
N1 CHR B . -3.76 8.30 -9.68
C19 CHR B . -2.43 8.47 -10.33
C15 CHR B . -5.99 7.23 -9.69
O4 CHR B . -6.40 8.08 -10.76
C16 CHR B . -6.72 5.90 -9.79
O5 CHR B . -6.44 5.29 -11.05
C17 CHR B . -6.24 4.97 -8.67
C18 CHR B . -6.83 3.58 -8.87
C20 CHR B . -1.31 4.60 -6.58
O7 CHR B . -0.95 5.02 -7.67
C21 CHR B . -1.51 3.16 -6.34
C22 CHR B . -2.08 2.37 -7.34
O9 CHR B . -2.37 2.93 -8.58
C23 CHR B . -2.36 1.02 -7.10
C24 CHR B . -2.07 0.46 -5.85
C25 CHR B . -1.51 1.24 -4.85
C26 CHR B . -1.22 2.59 -5.08
C27 CHR B . -0.63 3.37 -4.06
C28 CHR B . -0.35 2.79 -2.82
O8 CHR B . 0.21 3.57 -1.81
C31 CHR B . -0.32 4.87 -1.66
C29 CHR B . -0.65 1.44 -2.59
C30 CHR B . -1.22 0.67 -3.60
C32 CHR B . -1.54 -0.79 -3.34
C33 CHR B . -5.62 10.83 -0.97
O10 CHR B . -6.50 11.04 0.11
C34 CHR B . -7.49 11.79 -0.36
O11 CHR B . -8.41 12.14 0.35
O12 CHR B . -7.44 12.15 -1.63
C35 CHR B . -6.24 11.58 -2.15
H5 CHR B . -7.74 9.02 -1.30
H8 CHR B . -6.11 5.46 -5.13
H10 CHR B . -3.80 5.05 -6.26
H11 CHR B . -1.81 6.95 -6.89
H12 CHR B . -1.49 8.19 -4.60
H13 CHR B . -2.99 5.81 -8.78
H14 CHR B . -4.24 6.54 -10.74
H191 CHR B . -1.74 8.94 -9.63
H192 CHR B . -2.05 7.50 -10.62
H193 CHR B . -2.53 9.09 -11.20
H15 CHR B . -6.22 7.70 -8.76
HO4 CHR B . -6.68 8.91 -10.39
H16 CHR B . -7.78 6.06 -9.70
HO5 CHR B . -6.95 5.75 -11.72
H17 CHR B . -6.56 5.36 -7.71
H181 CHR B . -6.08 2.83 -8.65
H182 CHR B . -7.67 3.45 -8.20
H183 CHR B . -7.17 3.47 -9.88
HO9 CHR B . -3.32 2.96 -8.71
H23 CHR B . -2.81 0.41 -7.88
H24 CHR B . -2.30 -0.58 -5.67
H27 CHR B . -0.37 4.39 -4.26
H311 CHR B . 0.28 5.42 -0.94
H312 CHR B . -0.30 5.38 -2.61
H313 CHR B . -1.34 4.81 -1.31
H29 CHR B . -0.44 1.01 -1.62
H321 CHR B . -1.31 -1.04 -2.32
H322 CHR B . -2.60 -0.97 -3.52
H323 CHR B . -0.96 -1.41 -4.01
H33 CHR B . -4.64 11.25 -0.74
H351 CHR B . -5.57 12.36 -2.50
H352 CHR B . -6.46 10.89 -2.95
N ALA A 1 16.93 -5.12 -15.41
CA ALA A 1 16.53 -5.14 -13.98
C ALA A 1 15.10 -4.61 -13.84
N ALA A 2 14.27 -5.30 -13.11
CA ALA A 2 12.87 -4.83 -12.94
C ALA A 2 12.59 -4.56 -11.45
N PRO A 3 11.67 -3.67 -11.19
CA PRO A 3 11.29 -3.30 -9.82
C PRO A 3 10.78 -4.52 -9.06
N THR A 4 10.84 -4.45 -7.78
CA THR A 4 10.39 -5.56 -6.92
C THR A 4 9.87 -4.98 -5.61
N ALA A 5 9.07 -5.73 -4.90
CA ALA A 5 8.53 -5.20 -3.62
C ALA A 5 8.33 -6.32 -2.63
N THR A 6 8.97 -6.19 -1.52
CA THR A 6 8.84 -7.25 -0.48
C THR A 6 8.15 -6.69 0.74
N VAL A 7 6.97 -7.12 0.92
CA VAL A 7 6.14 -6.67 2.08
C VAL A 7 5.84 -7.86 2.99
N THR A 8 6.00 -7.70 4.28
CA THR A 8 5.73 -8.83 5.22
C THR A 8 5.74 -8.29 6.66
N PRO A 9 4.98 -8.92 7.51
CA PRO A 9 4.13 -10.07 7.15
C PRO A 9 2.90 -9.59 6.39
N SER A 10 2.38 -10.42 5.55
CA SER A 10 1.17 -10.06 4.78
C SER A 10 -0.07 -10.53 5.53
N SER A 11 0.09 -11.51 6.38
CA SER A 11 -1.06 -12.04 7.16
C SER A 11 -0.65 -12.22 8.62
N GLY A 12 -1.59 -12.26 9.53
CA GLY A 12 -1.24 -12.44 10.96
C GLY A 12 -0.79 -11.10 11.53
N LEU A 13 -1.42 -10.04 11.08
CA LEU A 13 -1.06 -8.68 11.52
C LEU A 13 -1.88 -8.30 12.72
N SER A 14 -3.09 -8.62 12.62
CA SER A 14 -4.06 -8.31 13.69
C SER A 14 -4.31 -6.81 13.76
N ASP A 15 -5.53 -6.43 14.06
CA ASP A 15 -5.90 -5.00 14.13
C ASP A 15 -4.93 -4.22 15.00
N GLY A 16 -4.06 -3.45 14.38
CA GLY A 16 -3.14 -2.61 15.18
C GLY A 16 -1.66 -3.00 15.01
N THR A 17 -1.28 -3.79 14.03
CA THR A 17 0.17 -4.09 13.95
C THR A 17 0.78 -3.32 12.79
N VAL A 18 2.00 -3.62 12.55
CA VAL A 18 2.75 -2.92 11.46
C VAL A 18 3.42 -3.91 10.52
N VAL A 19 3.37 -3.66 9.24
CA VAL A 19 4.03 -4.59 8.27
C VAL A 19 5.18 -3.84 7.60
N LYS A 20 6.16 -4.56 7.12
CA LYS A 20 7.31 -3.88 6.46
C LYS A 20 7.19 -4.03 4.95
N VAL A 21 6.89 -2.98 4.26
CA VAL A 21 6.76 -3.06 2.78
C VAL A 21 8.04 -2.52 2.15
N ALA A 22 8.52 -3.12 1.10
CA ALA A 22 9.76 -2.60 0.48
C ALA A 22 9.63 -2.60 -1.04
N GLY A 23 10.47 -1.86 -1.69
CA GLY A 23 10.44 -1.78 -3.16
C GLY A 23 11.88 -1.86 -3.67
N ALA A 24 12.14 -2.56 -4.74
CA ALA A 24 13.54 -2.61 -5.23
C ALA A 24 13.54 -2.59 -6.77
N GLY A 25 14.24 -1.68 -7.40
CA GLY A 25 14.23 -1.67 -8.88
C GLY A 25 13.07 -0.81 -9.39
N LEU A 26 12.67 0.17 -8.64
CA LEU A 26 11.56 1.03 -9.10
C LEU A 26 12.14 2.17 -9.92
N GLN A 27 11.31 2.96 -10.56
CA GLN A 27 11.85 4.08 -11.37
C GLN A 27 12.93 4.81 -10.60
N ALA A 28 14.15 4.48 -10.92
CA ALA A 28 15.32 5.11 -10.24
C ALA A 28 15.25 6.63 -10.38
N GLY A 29 14.42 7.26 -9.60
CA GLY A 29 14.31 8.74 -9.66
C GLY A 29 12.83 9.14 -9.67
N THR A 30 12.00 8.40 -8.98
CA THR A 30 10.56 8.75 -8.97
C THR A 30 9.94 8.52 -7.59
N ALA A 31 9.65 9.59 -6.91
CA ALA A 31 9.00 9.53 -5.57
C ALA A 31 7.77 8.62 -5.64
N TYR A 32 7.82 7.46 -5.03
CA TYR A 32 6.65 6.53 -5.07
C TYR A 32 5.94 6.59 -3.71
N ASP A 33 4.68 6.22 -3.65
CA ASP A 33 3.97 6.24 -2.34
C ASP A 33 3.95 4.81 -1.80
N VAL A 34 3.62 4.64 -0.55
CA VAL A 34 3.62 3.27 0.03
C VAL A 34 2.53 3.16 1.12
N GLY A 35 1.56 2.26 0.99
CA GLY A 35 0.52 2.20 2.06
C GLY A 35 -0.45 1.02 1.84
N GLN A 36 -1.44 0.92 2.70
CA GLN A 36 -2.45 -0.16 2.61
C GLN A 36 -3.70 0.39 1.93
N CYS A 37 -3.94 -0.01 0.73
CA CYS A 37 -5.15 0.49 0.01
C CYS A 37 -5.93 -0.69 -0.58
N ALA A 38 -7.23 -0.57 -0.67
CA ALA A 38 -8.06 -1.69 -1.23
C ALA A 38 -8.91 -1.19 -2.40
N TRP A 39 -9.05 -1.98 -3.45
CA TRP A 39 -9.91 -1.56 -4.59
C TRP A 39 -11.28 -2.19 -4.38
N VAL A 40 -12.29 -1.39 -4.17
CA VAL A 40 -13.64 -1.97 -3.94
C VAL A 40 -14.53 -1.78 -5.18
N ASP A 41 -13.94 -1.48 -6.31
CA ASP A 41 -14.77 -1.30 -7.53
C ASP A 41 -13.90 -0.81 -8.68
N THR A 42 -14.50 -0.54 -9.81
CA THR A 42 -13.72 -0.06 -10.98
C THR A 42 -13.23 1.37 -10.74
N GLY A 43 -12.00 1.50 -10.31
CA GLY A 43 -11.45 2.87 -10.08
C GLY A 43 -11.82 3.39 -8.67
N VAL A 44 -12.03 2.52 -7.71
CA VAL A 44 -12.36 3.00 -6.36
C VAL A 44 -11.21 2.54 -5.42
N LEU A 45 -10.34 3.43 -4.98
CA LEU A 45 -9.21 2.99 -4.13
C LEU A 45 -9.33 3.65 -2.74
N ALA A 46 -9.75 2.90 -1.73
CA ALA A 46 -9.85 3.48 -0.38
C ALA A 46 -8.58 3.11 0.40
N CYS A 47 -7.72 4.05 0.68
CA CYS A 47 -6.47 3.71 1.41
C CYS A 47 -6.54 4.23 2.84
N ASN A 48 -5.67 3.77 3.70
CA ASN A 48 -5.71 4.23 5.13
C ASN A 48 -4.53 5.17 5.39
N PRO A 49 -4.79 6.27 6.09
CA PRO A 49 -3.76 7.27 6.42
C PRO A 49 -2.80 6.78 7.53
N ALA A 50 -2.67 5.49 7.73
CA ALA A 50 -1.75 5.01 8.81
C ALA A 50 -0.52 4.37 8.16
N ASP A 51 -0.53 4.26 6.86
CA ASP A 51 0.62 3.65 6.17
C ASP A 51 1.02 4.55 5.02
N PHE A 52 0.41 5.69 4.91
CA PHE A 52 0.73 6.60 3.79
C PHE A 52 2.18 7.09 3.89
N SER A 53 3.10 6.32 3.37
CA SER A 53 4.53 6.75 3.40
C SER A 53 4.96 7.06 1.96
N SER A 54 6.22 7.27 1.71
CA SER A 54 6.63 7.59 0.32
C SER A 54 8.14 7.85 0.24
N VAL A 55 8.76 7.29 -0.75
CA VAL A 55 10.23 7.50 -0.94
C VAL A 55 10.50 7.47 -2.44
N THR A 56 11.58 8.05 -2.90
CA THR A 56 11.85 8.03 -4.36
C THR A 56 12.82 6.92 -4.70
N ALA A 57 12.59 6.28 -5.81
CA ALA A 57 13.51 5.20 -6.23
C ALA A 57 14.90 5.80 -6.50
N ASP A 58 15.81 5.51 -5.64
CA ASP A 58 17.21 6.01 -5.78
C ASP A 58 17.86 5.49 -7.06
N ALA A 59 19.10 5.10 -6.99
CA ALA A 59 19.83 4.59 -8.20
C ALA A 59 19.03 3.48 -8.87
N ASN A 60 18.63 2.53 -8.11
CA ASN A 60 17.81 1.41 -8.67
C ASN A 60 16.38 1.69 -8.27
N GLY A 61 16.23 2.24 -7.10
CA GLY A 61 14.91 2.61 -6.57
C GLY A 61 14.49 1.66 -5.45
N SER A 62 15.18 1.70 -4.33
CA SER A 62 14.81 0.80 -3.20
C SER A 62 14.01 1.61 -2.20
N ALA A 63 12.90 1.09 -1.77
CA ALA A 63 12.07 1.84 -0.79
C ALA A 63 11.63 0.89 0.33
N SER A 64 12.17 1.06 1.51
CA SER A 64 11.79 0.17 2.62
C SER A 64 11.23 1.00 3.78
N THR A 65 9.99 0.78 4.11
CA THR A 65 9.36 1.55 5.22
C THR A 65 8.33 0.67 5.92
N SER A 66 8.14 0.88 7.20
CA SER A 66 7.14 0.06 7.94
C SER A 66 5.84 0.84 8.07
N LEU A 67 4.73 0.16 8.03
CA LEU A 67 3.42 0.86 8.12
C LEU A 67 2.46 0.06 9.01
N THR A 68 1.44 0.69 9.52
CA THR A 68 0.47 -0.03 10.38
C THR A 68 -0.77 -0.36 9.56
N VAL A 69 -1.16 -1.61 9.45
CA VAL A 69 -2.36 -1.93 8.62
C VAL A 69 -3.24 -2.96 9.32
N ARG A 70 -4.55 -2.85 9.19
CA ARG A 70 -5.43 -3.86 9.86
C ARG A 70 -6.70 -4.09 9.05
N ARG A 71 -7.59 -4.88 9.58
CA ARG A 71 -8.86 -5.20 8.87
C ARG A 71 -9.53 -3.89 8.46
N SER A 72 -10.55 -3.45 9.16
CA SER A 72 -11.21 -2.18 8.78
C SER A 72 -10.16 -1.08 8.77
N PHE A 73 -10.24 -0.20 7.82
CA PHE A 73 -9.21 0.85 7.75
C PHE A 73 -9.71 2.01 6.90
N GLU A 74 -9.47 3.21 7.35
CA GLU A 74 -9.96 4.41 6.60
C GLU A 74 -9.85 4.17 5.09
N GLY A 75 -10.94 4.27 4.40
CA GLY A 75 -10.93 4.03 2.92
C GLY A 75 -10.78 5.35 2.14
N PHE A 76 -9.79 6.15 2.45
CA PHE A 76 -9.62 7.45 1.70
C PHE A 76 -9.90 7.24 0.20
N LEU A 77 -10.95 7.85 -0.32
CA LEU A 77 -11.27 7.68 -1.77
C LEU A 77 -10.41 8.66 -2.60
N PHE A 78 -9.67 8.18 -3.59
CA PHE A 78 -8.83 9.10 -4.43
C PHE A 78 -9.73 10.08 -5.19
N ASP A 79 -10.52 10.86 -4.50
CA ASP A 79 -11.41 11.83 -5.19
C ASP A 79 -11.84 12.92 -4.21
N GLY A 80 -11.12 13.09 -3.13
CA GLY A 80 -11.50 14.14 -2.14
C GLY A 80 -12.52 13.58 -1.15
N THR A 81 -13.32 12.62 -1.56
CA THR A 81 -14.33 12.06 -0.64
C THR A 81 -13.79 10.78 0.02
N ARG A 82 -14.38 10.40 1.12
CA ARG A 82 -13.94 9.17 1.82
C ARG A 82 -14.97 8.06 1.59
N TRP A 83 -14.54 6.84 1.41
CA TRP A 83 -15.51 5.73 1.15
C TRP A 83 -16.06 5.16 2.46
N GLY A 84 -15.39 5.40 3.55
CA GLY A 84 -15.86 4.88 4.86
C GLY A 84 -14.83 3.87 5.37
N THR A 85 -15.03 3.34 6.54
CA THR A 85 -14.07 2.34 7.08
C THR A 85 -14.15 1.09 6.19
N VAL A 86 -13.17 0.88 5.37
CA VAL A 86 -13.19 -0.29 4.47
C VAL A 86 -12.81 -1.54 5.26
N ASP A 87 -13.77 -2.38 5.53
CA ASP A 87 -13.50 -3.63 6.31
C ASP A 87 -12.59 -4.55 5.50
N CYS A 88 -11.35 -4.76 5.91
CA CYS A 88 -10.49 -5.68 5.10
C CYS A 88 -11.05 -7.10 5.14
N THR A 89 -12.09 -7.34 5.91
CA THR A 89 -12.67 -8.71 5.96
C THR A 89 -13.69 -8.85 4.83
N THR A 90 -13.88 -7.82 4.05
CA THR A 90 -14.86 -7.89 2.93
C THR A 90 -14.10 -7.80 1.60
N ALA A 91 -13.25 -6.81 1.48
CA ALA A 91 -12.47 -6.64 0.22
C ALA A 91 -11.04 -7.12 0.46
N ALA A 92 -10.21 -7.01 -0.55
CA ALA A 92 -8.79 -7.45 -0.39
C ALA A 92 -7.89 -6.21 -0.31
N CYS A 93 -7.24 -5.98 0.82
CA CYS A 93 -6.38 -4.77 0.93
C CYS A 93 -4.93 -5.15 0.65
N GLN A 94 -4.34 -4.53 -0.34
CA GLN A 94 -2.94 -4.85 -0.68
C GLN A 94 -2.00 -3.79 -0.15
N VAL A 95 -0.84 -4.22 0.20
CA VAL A 95 0.20 -3.29 0.70
C VAL A 95 1.20 -3.12 -0.42
N GLY A 96 1.26 -1.96 -1.02
CA GLY A 96 2.22 -1.81 -2.15
C GLY A 96 2.68 -0.36 -2.31
N LEU A 97 3.35 -0.09 -3.41
CA LEU A 97 3.87 1.28 -3.65
C LEU A 97 3.15 1.86 -4.86
N SER A 98 3.47 3.08 -5.20
CA SER A 98 2.81 3.72 -6.37
C SER A 98 3.67 4.88 -6.86
N ASP A 99 3.38 5.42 -8.02
CA ASP A 99 4.18 6.56 -8.52
C ASP A 99 3.31 7.83 -8.49
N ALA A 100 3.67 8.85 -9.23
CA ALA A 100 2.84 10.08 -9.22
C ALA A 100 2.27 10.32 -10.61
N ALA A 101 1.90 9.27 -11.29
CA ALA A 101 1.34 9.42 -12.67
C ALA A 101 -0.05 8.78 -12.75
N GLY A 102 -0.28 7.67 -12.09
CA GLY A 102 -1.60 7.03 -12.16
C GLY A 102 -1.41 5.60 -11.69
N ASN A 103 -0.25 5.05 -11.91
CA ASN A 103 0.00 3.69 -11.48
C ASN A 103 1.47 3.54 -11.07
N GLY A 104 1.78 2.42 -10.50
CA GLY A 104 3.19 2.15 -10.04
C GLY A 104 3.33 0.64 -9.80
N PRO A 105 4.38 0.19 -9.12
CA PRO A 105 4.54 -1.25 -8.86
C PRO A 105 3.24 -1.85 -8.33
N GLU A 106 3.22 -3.13 -8.06
CA GLU A 106 1.96 -3.76 -7.55
C GLU A 106 1.94 -3.77 -6.02
N GLY A 107 0.92 -4.34 -5.44
CA GLY A 107 0.83 -4.40 -3.96
C GLY A 107 0.73 -5.85 -3.50
N VAL A 108 0.93 -6.10 -2.24
CA VAL A 108 0.88 -7.47 -1.70
C VAL A 108 -0.45 -7.68 -0.98
N ALA A 109 -1.12 -8.73 -1.30
CA ALA A 109 -2.43 -9.03 -0.65
C ALA A 109 -2.19 -9.52 0.78
N ILE A 110 -2.74 -8.84 1.75
CA ILE A 110 -2.53 -9.28 3.16
C ILE A 110 -3.73 -10.11 3.61
N SER A 111 -3.61 -10.79 4.71
CA SER A 111 -4.75 -11.61 5.21
C SER A 111 -4.92 -11.43 6.72
N PHE A 112 -6.11 -11.57 7.22
CA PHE A 112 -6.31 -11.40 8.69
C PHE A 112 -7.02 -12.63 9.25
N ASN A 113 -6.32 -13.43 10.01
CA ASN A 113 -6.93 -14.66 10.59
C ASN A 113 -8.19 -14.27 11.37
C1 CHR B . -3.62 7.74 -3.82
C2 CHR B . -4.02 8.67 -2.80
C3 CHR B . -4.58 9.34 -2.00
C4 CHR B . -5.57 9.98 -1.11
O2 CHR B . -6.11 9.20 0.01
C5 CHR B . -6.90 9.22 -1.21
C6 CHR B . -6.77 8.08 -2.16
C7 CHR B . -6.42 7.25 -2.94
C8 CHR B . -5.74 6.38 -3.87
C9 CHR B . -4.54 6.74 -4.36
C10 CHR B . -3.92 6.08 -5.57
O1 CHR B . -4.55 6.52 -6.77
C11 CHR B . -2.46 6.57 -5.51
O6 CHR B . -1.63 5.48 -5.14
C12 CHR B . -2.45 7.64 -4.45
C13 CHR B . -4.28 5.85 -7.99
O3 CHR B . -5.22 4.79 -8.14
C14 CHR B . -4.42 6.81 -9.16
N1 CHR B . -3.52 7.98 -8.94
C19 CHR B . -2.06 7.86 -9.24
C15 CHR B . -5.87 7.28 -9.25
O4 CHR B . -6.02 8.18 -10.34
C16 CHR B . -6.80 6.08 -9.45
O5 CHR B . -6.47 5.45 -10.68
C17 CHR B . -6.60 5.08 -8.30
C18 CHR B . -7.37 3.80 -8.61
C20 CHR B . -1.37 4.75 -6.20
O7 CHR B . -1.07 5.25 -7.26
C21 CHR B . -1.46 3.30 -6.02
C22 CHR B . -1.91 2.51 -7.09
O9 CHR B . -2.17 3.10 -8.32
C23 CHR B . -2.10 1.13 -6.91
C24 CHR B . -1.84 0.55 -5.68
C25 CHR B . -1.39 1.33 -4.61
C26 CHR B . -1.20 2.70 -4.77
C27 CHR B . -0.72 3.47 -3.69
C28 CHR B . -0.47 2.87 -2.45
O8 CHR B . -0.01 3.63 -1.39
C31 CHR B . -0.38 5.00 -1.38
C29 CHR B . -0.67 1.49 -2.30
C30 CHR B . -1.13 0.72 -3.37
C32 CHR B . -1.36 -0.76 -3.20
C33 CHR B . -5.59 11.48 -1.02
O10 CHR B . -6.56 11.91 -0.08
C34 CHR B . -7.42 12.66 -0.77
O11 CHR B . -8.38 13.16 -0.22
O12 CHR B . -7.20 12.82 -2.06
C35 CHR B . -6.02 12.09 -2.35
H5 CHR B . -7.83 9.79 -1.23
H8 CHR B . -6.18 5.46 -4.17
H10 CHR B . -3.97 5.02 -5.48
H11 CHR B . -2.15 6.98 -6.47
H12 CHR B . -1.60 8.25 -4.21
H13 CHR B . -3.29 5.44 -7.97
H14 CHR B . -4.15 6.31 -10.07
H191 CHR B . -1.79 8.59 -9.98
H192 CHR B . -1.50 8.04 -8.34
H193 CHR B . -1.86 6.87 -9.61
H15 CHR B . -6.14 7.79 -8.33
HO4 CHR B . -6.90 8.55 -10.32
H16 CHR B . -7.82 6.41 -9.48
HO5 CHR B . -7.29 5.24 -11.13
H17 CHR B . -6.98 5.52 -7.38
H181 CHR B . -6.67 3.00 -8.78
H182 CHR B . -7.97 3.95 -9.49
H183 CHR B . -8.02 3.55 -7.77
HO9 CHR B . -3.04 2.81 -8.64
H23 CHR B . -2.45 0.53 -7.74
H24 CHR B . -1.99 -0.52 -5.55
H27 CHR B . -0.54 4.52 -3.82
H311 CHR B . -1.46 5.08 -1.40
H312 CHR B . 0.00 5.47 -0.50
H313 CHR B . 0.01 5.49 -2.26
H29 CHR B . -0.48 1.03 -1.34
H321 CHR B . -2.39 -0.99 -3.44
H322 CHR B . -0.71 -1.31 -3.86
H323 CHR B . -1.17 -1.04 -2.17
H33 CHR B . -4.62 11.85 -0.74
H351 CHR B . -5.26 12.76 -2.72
H352 CHR B . -6.23 11.31 -3.07
N ALA A 1 19.39 -5.34 -12.11
CA ALA A 1 18.37 -5.40 -11.03
C ALA A 1 17.03 -4.88 -11.55
N ALA A 2 15.98 -5.63 -11.40
CA ALA A 2 14.65 -5.19 -11.89
C ALA A 2 13.78 -4.77 -10.70
N PRO A 3 12.73 -4.04 -11.00
CA PRO A 3 11.80 -3.55 -9.96
C PRO A 3 11.15 -4.73 -9.24
N THR A 4 10.71 -4.49 -8.04
CA THR A 4 10.05 -5.56 -7.25
C THR A 4 9.64 -4.97 -5.90
N ALA A 5 9.22 -5.77 -4.96
CA ALA A 5 8.80 -5.23 -3.65
C ALA A 5 8.66 -6.34 -2.63
N THR A 6 9.28 -6.14 -1.51
CA THR A 6 9.20 -7.16 -0.45
C THR A 6 8.39 -6.62 0.71
N VAL A 7 7.24 -7.14 0.84
CA VAL A 7 6.30 -6.71 1.92
C VAL A 7 5.97 -7.89 2.83
N THR A 8 5.97 -7.67 4.12
CA THR A 8 5.66 -8.78 5.07
C THR A 8 5.66 -8.22 6.51
N PRO A 9 4.87 -8.83 7.36
CA PRO A 9 4.02 -9.97 7.00
C PRO A 9 2.78 -9.48 6.28
N SER A 10 2.24 -10.27 5.41
CA SER A 10 1.02 -9.86 4.67
C SER A 10 -0.21 -10.28 5.48
N SER A 11 -0.08 -11.30 6.29
CA SER A 11 -1.23 -11.76 7.09
C SER A 11 -0.79 -11.97 8.55
N GLY A 12 -1.72 -12.04 9.47
CA GLY A 12 -1.35 -12.24 10.90
C GLY A 12 -0.87 -10.90 11.47
N LEU A 13 -1.51 -9.84 11.06
CA LEU A 13 -1.13 -8.49 11.50
C LEU A 13 -1.94 -8.09 12.70
N SER A 14 -3.16 -8.39 12.60
CA SER A 14 -4.12 -8.06 13.67
C SER A 14 -4.31 -6.55 13.76
N ASP A 15 -5.52 -6.14 14.05
CA ASP A 15 -5.82 -4.70 14.13
C ASP A 15 -4.83 -3.96 15.02
N GLY A 16 -3.96 -3.19 14.43
CA GLY A 16 -3.00 -2.40 15.24
C GLY A 16 -1.55 -2.84 15.07
N THR A 17 -1.20 -3.62 14.07
CA THR A 17 0.23 -3.98 13.97
C THR A 17 0.88 -3.19 12.85
N VAL A 18 2.07 -3.54 12.56
CA VAL A 18 2.84 -2.83 11.50
C VAL A 18 3.42 -3.81 10.49
N VAL A 19 3.30 -3.50 9.22
CA VAL A 19 3.87 -4.40 8.18
C VAL A 19 5.06 -3.70 7.54
N LYS A 20 5.98 -4.45 6.99
CA LYS A 20 7.15 -3.81 6.34
C LYS A 20 7.05 -4.00 4.83
N VAL A 21 6.80 -2.94 4.11
CA VAL A 21 6.69 -3.05 2.63
C VAL A 21 7.95 -2.46 2.02
N ALA A 22 8.47 -3.04 0.97
CA ALA A 22 9.68 -2.45 0.36
C ALA A 22 9.62 -2.53 -1.15
N GLY A 23 10.39 -1.73 -1.79
CA GLY A 23 10.42 -1.72 -3.27
C GLY A 23 11.87 -1.81 -3.72
N ALA A 24 12.13 -2.48 -4.80
CA ALA A 24 13.55 -2.57 -5.25
C ALA A 24 13.58 -2.61 -6.78
N GLY A 25 14.31 -1.73 -7.42
CA GLY A 25 14.33 -1.74 -8.91
C GLY A 25 13.21 -0.86 -9.46
N LEU A 26 12.81 0.15 -8.72
CA LEU A 26 11.72 1.02 -9.21
C LEU A 26 12.35 2.16 -10.02
N GLN A 27 11.57 3.00 -10.62
CA GLN A 27 12.15 4.11 -11.42
C GLN A 27 13.23 4.81 -10.61
N ALA A 28 14.44 4.46 -10.89
CA ALA A 28 15.60 5.07 -10.17
C ALA A 28 15.56 6.59 -10.30
N GLY A 29 14.73 7.23 -9.53
CA GLY A 29 14.64 8.71 -9.58
C GLY A 29 13.18 9.14 -9.64
N THR A 30 12.30 8.41 -8.99
CA THR A 30 10.87 8.79 -9.03
C THR A 30 10.20 8.53 -7.67
N ALA A 31 9.88 9.59 -6.99
CA ALA A 31 9.18 9.49 -5.68
C ALA A 31 8.04 8.47 -5.78
N TYR A 32 8.02 7.51 -4.91
CA TYR A 32 6.94 6.48 -4.94
C TYR A 32 6.14 6.56 -3.63
N ASP A 33 4.88 6.18 -3.64
CA ASP A 33 4.08 6.21 -2.37
C ASP A 33 3.98 4.78 -1.85
N VAL A 34 3.84 4.60 -0.57
CA VAL A 34 3.78 3.21 -0.02
C VAL A 34 2.65 3.12 1.05
N GLY A 35 1.63 2.31 0.84
CA GLY A 35 0.56 2.24 1.88
C GLY A 35 -0.39 1.05 1.65
N GLN A 36 -1.38 0.94 2.51
CA GLN A 36 -2.36 -0.16 2.43
C GLN A 36 -3.65 0.39 1.78
N CYS A 37 -3.93 -0.01 0.59
CA CYS A 37 -5.17 0.48 -0.08
C CYS A 37 -5.96 -0.70 -0.65
N ALA A 38 -7.27 -0.58 -0.69
CA ALA A 38 -8.10 -1.71 -1.22
C ALA A 38 -8.98 -1.21 -2.38
N TRP A 39 -9.11 -2.00 -3.42
CA TRP A 39 -9.98 -1.60 -4.56
C TRP A 39 -11.35 -2.26 -4.35
N VAL A 40 -12.37 -1.49 -4.13
CA VAL A 40 -13.71 -2.08 -3.88
C VAL A 40 -14.61 -1.92 -5.11
N ASP A 41 -14.05 -1.60 -6.24
CA ASP A 41 -14.90 -1.44 -7.45
C ASP A 41 -14.06 -0.95 -8.63
N THR A 42 -14.68 -0.67 -9.74
CA THR A 42 -13.92 -0.19 -10.93
C THR A 42 -13.45 1.24 -10.69
N GLY A 43 -12.21 1.38 -10.29
CA GLY A 43 -11.66 2.75 -10.07
C GLY A 43 -12.00 3.27 -8.66
N VAL A 44 -12.21 2.41 -7.71
CA VAL A 44 -12.52 2.89 -6.33
C VAL A 44 -11.36 2.46 -5.42
N LEU A 45 -10.49 3.36 -5.00
CA LEU A 45 -9.34 2.95 -4.15
C LEU A 45 -9.44 3.63 -2.78
N ALA A 46 -9.84 2.89 -1.76
CA ALA A 46 -9.91 3.50 -0.41
C ALA A 46 -8.64 3.11 0.35
N CYS A 47 -7.76 4.06 0.58
CA CYS A 47 -6.50 3.70 1.29
C CYS A 47 -6.56 4.16 2.75
N ASN A 48 -5.65 3.68 3.56
CA ASN A 48 -5.66 4.07 5.01
C ASN A 48 -4.50 5.04 5.29
N PRO A 49 -4.80 6.16 5.93
CA PRO A 49 -3.78 7.18 6.26
C PRO A 49 -2.86 6.70 7.41
N ALA A 50 -2.72 5.42 7.63
CA ALA A 50 -1.83 4.95 8.73
C ALA A 50 -0.66 4.16 8.13
N ASP A 51 -0.60 4.11 6.84
CA ASP A 51 0.52 3.38 6.17
C ASP A 51 0.96 4.21 4.99
N PHE A 52 0.60 5.46 4.98
CA PHE A 52 0.97 6.32 3.83
C PHE A 52 2.41 6.83 3.97
N SER A 53 3.35 6.11 3.43
CA SER A 53 4.77 6.56 3.51
C SER A 53 5.21 7.00 2.10
N SER A 54 6.47 7.19 1.87
CA SER A 54 6.89 7.63 0.51
C SER A 54 8.40 7.83 0.43
N VAL A 55 9.00 7.36 -0.63
CA VAL A 55 10.46 7.52 -0.85
C VAL A 55 10.70 7.48 -2.36
N THR A 56 11.77 8.05 -2.84
CA THR A 56 12.01 8.01 -4.31
C THR A 56 12.96 6.88 -4.66
N ALA A 57 12.74 6.26 -5.78
CA ALA A 57 13.66 5.18 -6.19
C ALA A 57 15.06 5.75 -6.42
N ASP A 58 15.92 5.43 -5.52
CA ASP A 58 17.34 5.92 -5.59
C ASP A 58 18.03 5.39 -6.87
N ALA A 59 19.27 4.99 -6.75
CA ALA A 59 20.04 4.50 -7.93
C ALA A 59 19.25 3.44 -8.68
N ASN A 60 18.77 2.47 -7.98
CA ASN A 60 17.96 1.40 -8.63
C ASN A 60 16.52 1.68 -8.26
N GLY A 61 16.35 2.20 -7.07
CA GLY A 61 15.00 2.57 -6.57
C GLY A 61 14.56 1.60 -5.49
N SER A 62 15.26 1.59 -4.38
CA SER A 62 14.86 0.68 -3.27
C SER A 62 14.17 1.51 -2.19
N ALA A 63 13.01 1.09 -1.81
CA ALA A 63 12.26 1.85 -0.78
C ALA A 63 11.64 0.89 0.23
N SER A 64 12.16 0.84 1.43
CA SER A 64 11.59 -0.08 2.45
C SER A 64 11.15 0.72 3.67
N THR A 65 9.90 0.64 4.02
CA THR A 65 9.39 1.39 5.19
C THR A 65 8.31 0.57 5.90
N SER A 66 8.27 0.66 7.20
CA SER A 66 7.24 -0.12 7.95
C SER A 66 6.06 0.81 8.30
N LEU A 67 4.87 0.30 8.21
CA LEU A 67 3.67 1.14 8.52
C LEU A 67 2.64 0.31 9.29
N THR A 68 1.65 0.93 9.87
CA THR A 68 0.62 0.16 10.63
C THR A 68 -0.58 -0.11 9.72
N VAL A 69 -0.97 -1.35 9.56
CA VAL A 69 -2.13 -1.65 8.67
C VAL A 69 -3.05 -2.68 9.34
N ARG A 70 -4.34 -2.57 9.21
CA ARG A 70 -5.23 -3.57 9.86
C ARG A 70 -6.46 -3.86 9.00
N ARG A 71 -7.42 -4.57 9.55
CA ARG A 71 -8.65 -4.92 8.78
C ARG A 71 -9.42 -3.66 8.41
N SER A 72 -10.47 -3.31 9.11
CA SER A 72 -11.22 -2.09 8.75
C SER A 72 -10.27 -0.91 8.84
N PHE A 73 -10.33 -0.03 7.88
CA PHE A 73 -9.41 1.10 7.91
C PHE A 73 -9.97 2.26 7.10
N GLU A 74 -9.57 3.46 7.42
CA GLU A 74 -10.10 4.64 6.67
C GLU A 74 -10.01 4.36 5.17
N GLY A 75 -11.12 4.39 4.48
CA GLY A 75 -11.13 4.11 3.01
C GLY A 75 -10.96 5.41 2.21
N PHE A 76 -9.97 6.21 2.52
CA PHE A 76 -9.76 7.49 1.74
C PHE A 76 -10.04 7.27 0.25
N LEU A 77 -11.08 7.88 -0.29
CA LEU A 77 -11.40 7.70 -1.76
C LEU A 77 -10.59 8.70 -2.60
N PHE A 78 -9.86 8.23 -3.59
CA PHE A 78 -9.06 9.18 -4.44
C PHE A 78 -10.01 10.12 -5.20
N ASP A 79 -10.81 10.88 -4.50
CA ASP A 79 -11.74 11.81 -5.20
C ASP A 79 -12.21 12.90 -4.22
N GLY A 80 -11.49 13.09 -3.14
CA GLY A 80 -11.90 14.12 -2.16
C GLY A 80 -12.92 13.55 -1.17
N THR A 81 -13.66 12.55 -1.57
CA THR A 81 -14.68 11.96 -0.65
C THR A 81 -14.09 10.74 0.06
N ARG A 82 -14.71 10.36 1.14
CA ARG A 82 -14.23 9.17 1.91
C ARG A 82 -15.21 8.01 1.68
N TRP A 83 -14.73 6.82 1.47
CA TRP A 83 -15.64 5.67 1.21
C TRP A 83 -16.16 5.09 2.53
N GLY A 84 -15.51 5.39 3.62
CA GLY A 84 -15.94 4.84 4.93
C GLY A 84 -14.89 3.85 5.42
N THR A 85 -15.03 3.35 6.62
CA THR A 85 -14.05 2.37 7.13
C THR A 85 -14.13 1.13 6.24
N VAL A 86 -13.14 0.92 5.42
CA VAL A 86 -13.15 -0.25 4.52
C VAL A 86 -12.74 -1.50 5.30
N ASP A 87 -13.69 -2.35 5.59
CA ASP A 87 -13.39 -3.60 6.36
C ASP A 87 -12.47 -4.52 5.54
N CYS A 88 -11.22 -4.66 5.91
CA CYS A 88 -10.35 -5.56 5.10
C CYS A 88 -10.88 -7.01 5.14
N THR A 89 -11.93 -7.27 5.90
CA THR A 89 -12.47 -8.66 5.94
C THR A 89 -13.54 -8.83 4.87
N THR A 90 -13.76 -7.81 4.07
CA THR A 90 -14.78 -7.91 3.01
C THR A 90 -14.09 -7.84 1.64
N ALA A 91 -13.23 -6.89 1.46
CA ALA A 91 -12.53 -6.75 0.16
C ALA A 91 -11.07 -7.20 0.32
N ALA A 92 -10.31 -7.12 -0.74
CA ALA A 92 -8.88 -7.54 -0.65
C ALA A 92 -7.99 -6.29 -0.57
N CYS A 93 -7.35 -6.05 0.55
CA CYS A 93 -6.50 -4.84 0.69
C CYS A 93 -5.04 -5.20 0.40
N GLN A 94 -4.44 -4.55 -0.55
CA GLN A 94 -3.03 -4.88 -0.89
C GLN A 94 -2.08 -3.84 -0.34
N VAL A 95 -0.92 -4.29 -0.01
CA VAL A 95 0.13 -3.37 0.49
C VAL A 95 1.11 -3.17 -0.65
N GLY A 96 1.16 -2.01 -1.22
CA GLY A 96 2.08 -1.84 -2.38
C GLY A 96 2.61 -0.41 -2.48
N LEU A 97 3.29 -0.13 -3.55
CA LEU A 97 3.86 1.23 -3.74
C LEU A 97 3.18 1.88 -4.95
N SER A 98 3.58 3.08 -5.27
CA SER A 98 2.95 3.79 -6.42
C SER A 98 3.76 5.05 -6.72
N ASP A 99 3.51 5.69 -7.83
CA ASP A 99 4.27 6.94 -8.15
C ASP A 99 3.38 8.16 -7.91
N ALA A 100 2.11 7.94 -7.69
CA ALA A 100 1.19 9.07 -7.44
C ALA A 100 0.93 9.82 -8.74
N ALA A 101 0.82 9.09 -9.82
CA ALA A 101 0.58 9.74 -11.14
C ALA A 101 -0.46 8.95 -11.95
N GLY A 102 -0.51 7.65 -11.81
CA GLY A 102 -1.50 6.85 -12.58
C GLY A 102 -1.30 5.39 -12.20
N ASN A 103 -0.07 4.96 -12.11
CA ASN A 103 0.19 3.57 -11.73
C ASN A 103 1.61 3.44 -11.16
N GLY A 104 1.97 2.26 -10.82
CA GLY A 104 3.33 2.01 -10.24
C GLY A 104 3.48 0.50 -9.99
N PRO A 105 4.50 0.08 -9.24
CA PRO A 105 4.67 -1.36 -8.96
C PRO A 105 3.35 -1.97 -8.48
N GLU A 106 3.34 -3.24 -8.19
CA GLU A 106 2.07 -3.89 -7.74
C GLU A 106 1.97 -3.89 -6.21
N GLY A 107 0.91 -4.43 -5.68
CA GLY A 107 0.74 -4.48 -4.20
C GLY A 107 0.65 -5.93 -3.74
N VAL A 108 0.86 -6.17 -2.48
CA VAL A 108 0.81 -7.54 -1.94
C VAL A 108 -0.52 -7.74 -1.20
N ALA A 109 -1.19 -8.80 -1.51
CA ALA A 109 -2.49 -9.09 -0.83
C ALA A 109 -2.23 -9.52 0.60
N ILE A 110 -2.78 -8.80 1.56
CA ILE A 110 -2.58 -9.17 2.97
C ILE A 110 -3.78 -9.98 3.47
N SER A 111 -3.69 -10.54 4.65
CA SER A 111 -4.84 -11.34 5.17
C SER A 111 -5.01 -11.09 6.67
N PHE A 112 -6.20 -11.31 7.19
CA PHE A 112 -6.42 -11.07 8.65
C PHE A 112 -7.19 -12.25 9.23
N ASN A 113 -6.49 -13.20 9.80
CA ASN A 113 -7.18 -14.38 10.40
C ASN A 113 -8.11 -13.91 11.52
C1 CHR B . -3.64 7.75 -4.06
C2 CHR B . -4.04 8.62 -3.00
C3 CHR B . -4.62 9.23 -2.16
C4 CHR B . -5.61 9.79 -1.23
O2 CHR B . -6.12 8.96 -0.14
C5 CHR B . -6.93 9.02 -1.35
C6 CHR B . -6.79 7.93 -2.35
C7 CHR B . -6.42 7.15 -3.18
C8 CHR B . -5.75 6.36 -4.20
C9 CHR B . -4.54 6.76 -4.66
C10 CHR B . -3.92 6.19 -5.90
O1 CHR B . -4.50 6.76 -7.07
C11 CHR B . -2.45 6.62 -5.76
O6 CHR B . -1.67 5.50 -5.36
C12 CHR B . -2.46 7.67 -4.68
C13 CHR B . -4.37 6.11 -8.33
O3 CHR B . -5.24 4.99 -8.36
C14 CHR B . -4.75 7.08 -9.45
N1 CHR B . -3.94 8.32 -9.34
C19 CHR B . -2.88 8.61 -10.35
C15 CHR B . -6.24 7.42 -9.34
O4 CHR B . -6.60 8.30 -10.38
C16 CHR B . -7.07 6.14 -9.44
O5 CHR B . -6.86 5.54 -10.70
C17 CHR B . -6.65 5.17 -8.33
C18 CHR B . -7.33 3.82 -8.55
C20 CHR B . -1.31 4.81 -6.42
O7 CHR B . -0.91 5.33 -7.44
C21 CHR B . -1.44 3.34 -6.29
C22 CHR B . -1.88 2.60 -7.39
O9 CHR B . -2.11 3.22 -8.61
C23 CHR B . -2.08 1.21 -7.27
C24 CHR B . -1.85 0.59 -6.04
C25 CHR B . -1.40 1.33 -4.95
C26 CHR B . -1.19 2.71 -5.06
C27 CHR B . -0.74 3.45 -3.96
C28 CHR B . -0.50 2.80 -2.73
O8 CHR B . -0.06 3.53 -1.64
C31 CHR B . -0.54 4.86 -1.53
C29 CHR B . -0.72 1.43 -2.62
C30 CHR B . -1.17 0.69 -3.72
C32 CHR B . -1.42 -0.80 -3.59
C33 CHR B . -5.66 11.30 -1.05
O10 CHR B . -6.71 11.67 -0.18
C34 CHR B . -7.53 12.43 -0.90
O11 CHR B . -8.54 12.91 -0.41
O12 CHR B . -7.21 12.67 -2.17
C35 CHR B . -5.99 11.96 -2.38
H5 CHR B . -7.87 9.57 -1.32
H8 CHR B . -6.21 5.48 -4.58
H10 CHR B . -4.01 5.12 -5.92
H11 CHR B . -2.07 7.03 -6.70
H12 CHR B . -1.63 8.29 -4.44
H13 CHR B . -3.35 5.79 -8.46
H14 CHR B . -4.57 6.61 -10.40
H191 CHR B . -2.34 9.49 -10.07
H192 CHR B . -3.34 8.75 -11.32
H193 CHR B . -2.20 7.78 -10.40
H15 CHR B . -6.42 7.90 -8.38
HO4 CHR B . -7.56 8.38 -10.39
H16 CHR B . -8.12 6.38 -9.33
HO5 CHR B . -6.00 5.09 -10.68
H17 CHR B . -6.93 5.56 -7.36
H181 CHR B . -7.80 3.80 -9.53
H182 CHR B . -6.61 3.02 -8.47
H183 CHR B . -8.09 3.68 -7.80
HO9 CHR B . -1.57 2.81 -9.30
H23 CHR B . -2.41 0.64 -8.13
H24 CHR B . -2.01 -0.48 -5.94
H27 CHR B . -0.53 4.49 -4.05
H311 CHR B . -1.62 4.86 -1.68
H312 CHR B . -0.31 5.25 -0.56
H313 CHR B . -0.08 5.47 -2.29
H29 CHR B . -0.55 0.93 -1.67
H321 CHR B . -1.34 -1.09 -2.56
H322 CHR B . -0.69 -1.34 -4.18
H323 CHR B . -2.41 -1.03 -3.95
H33 CHR B . -4.72 11.66 -0.68
H351 CHR B . -6.12 11.23 -3.16
H352 CHR B . -5.21 12.66 -2.66
N ALA A 1 18.31 -5.91 -13.36
CA ALA A 1 17.51 -5.95 -12.10
C ALA A 1 16.20 -5.21 -12.29
N ALA A 2 15.09 -5.90 -12.20
CA ALA A 2 13.77 -5.24 -12.38
C ALA A 2 13.19 -4.84 -11.02
N PRO A 3 12.11 -4.10 -11.04
CA PRO A 3 11.45 -3.64 -9.82
C PRO A 3 10.99 -4.84 -8.97
N THR A 4 10.80 -4.61 -7.70
CA THR A 4 10.38 -5.68 -6.79
C THR A 4 9.92 -5.05 -5.48
N ALA A 5 9.16 -5.76 -4.70
CA ALA A 5 8.69 -5.18 -3.42
C ALA A 5 8.55 -6.25 -2.37
N THR A 6 9.14 -6.01 -1.24
CA THR A 6 9.06 -7.00 -0.15
C THR A 6 8.13 -6.52 0.93
N VAL A 7 6.97 -7.10 0.96
CA VAL A 7 5.98 -6.71 1.99
C VAL A 7 5.64 -7.91 2.88
N THR A 8 5.91 -7.79 4.15
CA THR A 8 5.63 -8.90 5.10
C THR A 8 5.63 -8.33 6.52
N PRO A 9 4.85 -8.92 7.39
CA PRO A 9 3.97 -10.05 7.05
C PRO A 9 2.74 -9.55 6.31
N SER A 10 2.19 -10.36 5.46
CA SER A 10 0.98 -9.95 4.72
C SER A 10 -0.26 -10.41 5.47
N SER A 11 -0.12 -11.42 6.29
CA SER A 11 -1.29 -11.92 7.07
C SER A 11 -0.90 -12.10 8.53
N GLY A 12 -1.86 -12.19 9.42
CA GLY A 12 -1.54 -12.36 10.86
C GLY A 12 -1.08 -11.01 11.42
N LEU A 13 -1.70 -9.97 10.96
CA LEU A 13 -1.34 -8.61 11.38
C LEU A 13 -2.14 -8.18 12.58
N SER A 14 -3.36 -8.47 12.48
CA SER A 14 -4.31 -8.14 13.57
C SER A 14 -4.46 -6.61 13.68
N ASP A 15 -5.64 -6.18 14.02
CA ASP A 15 -5.91 -4.73 14.13
C ASP A 15 -4.88 -4.02 15.00
N GLY A 16 -4.00 -3.28 14.40
CA GLY A 16 -3.00 -2.51 15.19
C GLY A 16 -1.57 -3.01 15.00
N THR A 17 -1.25 -3.78 13.99
CA THR A 17 0.16 -4.20 13.87
C THR A 17 0.85 -3.38 12.79
N VAL A 18 2.04 -3.76 12.49
CA VAL A 18 2.84 -3.03 11.47
C VAL A 18 3.40 -3.99 10.42
N VAL A 19 3.38 -3.59 9.17
CA VAL A 19 3.95 -4.46 8.10
C VAL A 19 5.10 -3.72 7.44
N LYS A 20 6.02 -4.45 6.85
CA LYS A 20 7.17 -3.78 6.20
C LYS A 20 7.10 -4.00 4.69
N VAL A 21 6.79 -2.96 3.94
CA VAL A 21 6.71 -3.10 2.45
C VAL A 21 7.94 -2.47 1.82
N ALA A 22 8.69 -3.20 1.04
CA ALA A 22 9.89 -2.59 0.41
C ALA A 22 9.67 -2.52 -1.10
N GLY A 23 10.49 -1.77 -1.78
CA GLY A 23 10.33 -1.65 -3.25
C GLY A 23 11.72 -1.56 -3.89
N ALA A 24 12.18 -2.57 -4.56
CA ALA A 24 13.55 -2.48 -5.17
C ALA A 24 13.46 -2.54 -6.69
N GLY A 25 14.23 -1.75 -7.39
CA GLY A 25 14.16 -1.80 -8.88
C GLY A 25 13.02 -0.93 -9.39
N LEU A 26 12.67 0.10 -8.68
CA LEU A 26 11.57 0.97 -9.14
C LEU A 26 12.17 2.12 -9.97
N GLN A 27 11.34 2.95 -10.54
CA GLN A 27 11.87 4.06 -11.35
C GLN A 27 13.03 4.72 -10.62
N ALA A 28 14.22 4.33 -10.97
CA ALA A 28 15.43 4.87 -10.32
C ALA A 28 15.47 6.39 -10.44
N GLY A 29 14.70 7.07 -9.63
CA GLY A 29 14.69 8.55 -9.68
C GLY A 29 13.25 9.05 -9.72
N THR A 30 12.34 8.38 -9.05
CA THR A 30 10.94 8.84 -9.07
C THR A 30 10.24 8.54 -7.73
N ALA A 31 9.89 9.59 -7.05
CA ALA A 31 9.17 9.48 -5.75
C ALA A 31 8.00 8.50 -5.86
N TYR A 32 7.98 7.48 -5.04
CA TYR A 32 6.87 6.49 -5.08
C TYR A 32 6.14 6.54 -3.74
N ASP A 33 4.87 6.22 -3.69
CA ASP A 33 4.16 6.25 -2.38
C ASP A 33 4.08 4.82 -1.84
N VAL A 34 3.79 4.66 -0.58
CA VAL A 34 3.76 3.29 0.00
C VAL A 34 2.65 3.20 1.06
N GLY A 35 1.63 2.36 0.90
CA GLY A 35 0.57 2.31 1.94
C GLY A 35 -0.38 1.13 1.73
N GLN A 36 -1.36 1.02 2.60
CA GLN A 36 -2.35 -0.07 2.53
C GLN A 36 -3.63 0.47 1.90
N CYS A 37 -3.92 0.06 0.70
CA CYS A 37 -5.15 0.55 0.02
C CYS A 37 -5.94 -0.64 -0.53
N ALA A 38 -7.24 -0.54 -0.60
CA ALA A 38 -8.06 -1.67 -1.11
C ALA A 38 -8.91 -1.23 -2.30
N TRP A 39 -9.00 -2.05 -3.33
CA TRP A 39 -9.85 -1.69 -4.50
C TRP A 39 -11.21 -2.34 -4.31
N VAL A 40 -12.25 -1.57 -4.13
CA VAL A 40 -13.59 -2.18 -3.90
C VAL A 40 -14.45 -2.06 -5.16
N ASP A 41 -13.86 -1.76 -6.27
CA ASP A 41 -14.67 -1.65 -7.52
C ASP A 41 -13.79 -1.16 -8.67
N THR A 42 -14.38 -0.90 -9.81
CA THR A 42 -13.60 -0.43 -10.97
C THR A 42 -13.18 1.02 -10.75
N GLY A 43 -11.97 1.22 -10.32
CA GLY A 43 -11.48 2.62 -10.09
C GLY A 43 -11.87 3.14 -8.70
N VAL A 44 -12.04 2.28 -7.73
CA VAL A 44 -12.38 2.76 -6.37
C VAL A 44 -11.22 2.35 -5.44
N LEU A 45 -10.39 3.28 -5.01
CA LEU A 45 -9.25 2.89 -4.14
C LEU A 45 -9.36 3.57 -2.77
N ALA A 46 -9.76 2.85 -1.74
CA ALA A 46 -9.87 3.47 -0.40
C ALA A 46 -8.59 3.12 0.39
N CYS A 47 -7.74 4.08 0.63
CA CYS A 47 -6.48 3.76 1.37
C CYS A 47 -6.57 4.27 2.82
N ASN A 48 -5.67 3.83 3.66
CA ASN A 48 -5.72 4.28 5.09
C ASN A 48 -4.56 5.23 5.40
N PRO A 49 -4.84 6.28 6.14
CA PRO A 49 -3.81 7.29 6.50
C PRO A 49 -2.87 6.77 7.61
N ALA A 50 -2.69 5.48 7.74
CA ALA A 50 -1.77 4.96 8.80
C ALA A 50 -0.61 4.23 8.15
N ASP A 51 -0.58 4.19 6.85
CA ASP A 51 0.53 3.51 6.14
C ASP A 51 0.91 4.37 4.95
N PHE A 52 0.53 5.61 4.97
CA PHE A 52 0.85 6.51 3.83
C PHE A 52 2.30 7.01 3.93
N SER A 53 3.23 6.29 3.36
CA SER A 53 4.64 6.75 3.40
C SER A 53 5.08 7.09 1.97
N SER A 54 6.34 7.30 1.73
CA SER A 54 6.76 7.64 0.35
C SER A 54 8.27 7.88 0.27
N VAL A 55 8.90 7.34 -0.73
CA VAL A 55 10.36 7.53 -0.93
C VAL A 55 10.63 7.48 -2.43
N THR A 56 11.71 8.03 -2.89
CA THR A 56 11.98 7.99 -4.36
C THR A 56 12.93 6.84 -4.67
N ALA A 57 12.75 6.23 -5.81
CA ALA A 57 13.65 5.14 -6.21
C ALA A 57 15.04 5.70 -6.47
N ASP A 58 15.93 5.40 -5.58
CA ASP A 58 17.35 5.89 -5.70
C ASP A 58 17.99 5.37 -6.99
N ALA A 59 19.23 4.97 -6.92
CA ALA A 59 19.95 4.48 -8.14
C ALA A 59 19.14 3.40 -8.84
N ASN A 60 18.71 2.44 -8.12
CA ASN A 60 17.87 1.36 -8.72
C ASN A 60 16.44 1.64 -8.28
N GLY A 61 16.32 2.14 -7.10
CA GLY A 61 14.99 2.51 -6.55
C GLY A 61 14.58 1.54 -5.45
N SER A 62 15.28 1.57 -4.34
CA SER A 62 14.92 0.68 -3.21
C SER A 62 14.19 1.49 -2.14
N ALA A 63 13.04 1.05 -1.76
CA ALA A 63 12.27 1.81 -0.74
C ALA A 63 11.71 0.85 0.30
N SER A 64 12.24 0.86 1.49
CA SER A 64 11.74 -0.06 2.55
C SER A 64 11.17 0.76 3.71
N THR A 65 9.89 0.62 3.96
CA THR A 65 9.27 1.38 5.07
C THR A 65 8.24 0.51 5.79
N SER A 66 8.25 0.53 7.10
CA SER A 66 7.27 -0.29 7.87
C SER A 66 6.14 0.62 8.34
N LEU A 67 4.91 0.20 8.16
CA LEU A 67 3.77 1.06 8.58
C LEU A 67 2.73 0.21 9.34
N THR A 68 1.71 0.82 9.87
CA THR A 68 0.69 0.04 10.62
C THR A 68 -0.53 -0.21 9.72
N VAL A 69 -0.92 -1.44 9.55
CA VAL A 69 -2.09 -1.74 8.68
C VAL A 69 -3.00 -2.79 9.35
N ARG A 70 -4.30 -2.67 9.23
CA ARG A 70 -5.18 -3.68 9.89
C ARG A 70 -6.34 -4.04 8.95
N ARG A 71 -7.36 -4.68 9.48
CA ARG A 71 -8.51 -5.07 8.60
C ARG A 71 -9.33 -3.82 8.30
N SER A 72 -10.24 -3.41 9.17
CA SER A 72 -11.02 -2.18 8.86
C SER A 72 -10.03 -1.04 8.80
N PHE A 73 -10.19 -0.15 7.88
CA PHE A 73 -9.19 0.93 7.79
C PHE A 73 -9.71 2.07 6.92
N GLU A 74 -9.54 3.28 7.38
CA GLU A 74 -10.02 4.47 6.64
C GLU A 74 -9.97 4.23 5.13
N GLY A 75 -11.10 4.32 4.47
CA GLY A 75 -11.14 4.06 3.00
C GLY A 75 -10.98 5.37 2.20
N PHE A 76 -9.99 6.17 2.51
CA PHE A 76 -9.79 7.45 1.75
C PHE A 76 -10.06 7.22 0.25
N LEU A 77 -11.12 7.80 -0.30
CA LEU A 77 -11.43 7.60 -1.75
C LEU A 77 -10.61 8.60 -2.61
N PHE A 78 -9.88 8.14 -3.60
CA PHE A 78 -9.08 9.08 -4.46
C PHE A 78 -10.02 10.03 -5.22
N ASP A 79 -10.83 10.77 -4.52
CA ASP A 79 -11.76 11.71 -5.22
C ASP A 79 -12.25 12.78 -4.24
N GLY A 80 -11.54 12.98 -3.16
CA GLY A 80 -11.97 14.02 -2.17
C GLY A 80 -13.00 13.42 -1.20
N THR A 81 -13.73 12.43 -1.62
CA THR A 81 -14.76 11.83 -0.72
C THR A 81 -14.17 10.62 0.02
N ARG A 82 -14.76 10.29 1.15
CA ARG A 82 -14.27 9.14 1.94
C ARG A 82 -15.25 7.97 1.74
N TRP A 83 -14.74 6.77 1.53
CA TRP A 83 -15.65 5.61 1.30
C TRP A 83 -16.15 5.06 2.63
N GLY A 84 -15.50 5.38 3.71
CA GLY A 84 -15.91 4.87 5.04
C GLY A 84 -14.88 3.85 5.52
N THR A 85 -15.03 3.36 6.71
CA THR A 85 -14.06 2.35 7.21
C THR A 85 -14.17 1.13 6.31
N VAL A 86 -13.17 0.90 5.50
CA VAL A 86 -13.19 -0.25 4.58
C VAL A 86 -12.80 -1.51 5.34
N ASP A 87 -13.75 -2.35 5.66
CA ASP A 87 -13.44 -3.59 6.42
C ASP A 87 -12.58 -4.52 5.57
N CYS A 88 -11.34 -4.74 5.93
CA CYS A 88 -10.51 -5.67 5.10
C CYS A 88 -11.07 -7.09 5.20
N THR A 89 -12.07 -7.32 6.01
CA THR A 89 -12.64 -8.69 6.11
C THR A 89 -13.68 -8.88 4.99
N THR A 90 -13.86 -7.88 4.17
CA THR A 90 -14.85 -7.98 3.07
C THR A 90 -14.11 -7.91 1.73
N ALA A 91 -13.27 -6.92 1.58
CA ALA A 91 -12.51 -6.78 0.31
C ALA A 91 -11.05 -7.20 0.52
N ALA A 92 -10.25 -7.12 -0.50
CA ALA A 92 -8.82 -7.51 -0.36
C ALA A 92 -7.96 -6.24 -0.32
N CYS A 93 -7.28 -5.98 0.79
CA CYS A 93 -6.45 -4.76 0.87
C CYS A 93 -5.00 -5.12 0.56
N GLN A 94 -4.42 -4.49 -0.43
CA GLN A 94 -3.03 -4.81 -0.79
C GLN A 94 -2.07 -3.77 -0.25
N VAL A 95 -0.91 -4.22 0.11
CA VAL A 95 0.13 -3.30 0.59
C VAL A 95 1.11 -3.11 -0.55
N GLY A 96 1.13 -1.95 -1.14
CA GLY A 96 2.04 -1.78 -2.30
C GLY A 96 2.56 -0.35 -2.41
N LEU A 97 3.20 -0.04 -3.51
CA LEU A 97 3.77 1.30 -3.71
C LEU A 97 3.09 1.95 -4.91
N SER A 98 3.50 3.13 -5.26
CA SER A 98 2.86 3.83 -6.41
C SER A 98 3.63 5.12 -6.71
N ASP A 99 3.28 5.80 -7.77
CA ASP A 99 4.02 7.06 -8.09
C ASP A 99 2.99 8.22 -8.13
N ALA A 100 3.31 9.31 -8.78
CA ALA A 100 2.34 10.44 -8.83
C ALA A 100 1.93 10.69 -10.29
N ALA A 101 1.82 9.64 -11.06
CA ALA A 101 1.44 9.82 -12.49
C ALA A 101 0.12 9.10 -12.78
N GLY A 102 -0.14 7.99 -12.13
CA GLY A 102 -1.40 7.25 -12.39
C GLY A 102 -1.27 5.88 -11.76
N ASN A 103 -0.10 5.31 -11.82
CA ASN A 103 0.10 3.99 -11.21
C ASN A 103 1.59 3.77 -10.93
N GLY A 104 1.90 2.62 -10.44
CA GLY A 104 3.32 2.28 -10.11
C GLY A 104 3.40 0.77 -9.83
N PRO A 105 4.46 0.29 -9.18
CA PRO A 105 4.56 -1.15 -8.89
C PRO A 105 3.23 -1.66 -8.32
N GLU A 106 3.10 -2.96 -8.14
CA GLU A 106 1.82 -3.51 -7.63
C GLU A 106 1.85 -3.58 -6.10
N GLY A 107 0.86 -4.21 -5.52
CA GLY A 107 0.82 -4.33 -4.04
C GLY A 107 0.71 -5.80 -3.63
N VAL A 108 0.87 -6.08 -2.37
CA VAL A 108 0.80 -7.46 -1.87
C VAL A 108 -0.53 -7.67 -1.16
N ALA A 109 -1.18 -8.75 -1.45
CA ALA A 109 -2.49 -9.04 -0.81
C ALA A 109 -2.26 -9.49 0.64
N ILE A 110 -2.79 -8.78 1.59
CA ILE A 110 -2.60 -9.18 3.00
C ILE A 110 -3.85 -9.94 3.47
N SER A 111 -3.78 -10.57 4.61
CA SER A 111 -4.97 -11.34 5.10
C SER A 111 -5.12 -11.13 6.62
N PHE A 112 -6.30 -11.34 7.13
CA PHE A 112 -6.52 -11.15 8.60
C PHE A 112 -7.24 -12.36 9.17
N ASN A 113 -6.89 -12.77 10.37
CA ASN A 113 -7.55 -13.94 10.99
C ASN A 113 -9.05 -13.69 11.09
C1 CHR B . -3.66 7.77 -4.00
C2 CHR B . -4.10 8.66 -2.96
C3 CHR B . -4.70 9.28 -2.14
C4 CHR B . -5.71 9.84 -1.23
O2 CHR B . -6.19 9.02 -0.13
C5 CHR B . -7.00 9.03 -1.35
C6 CHR B . -6.83 7.93 -2.32
C7 CHR B . -6.44 7.14 -3.13
C8 CHR B . -5.75 6.35 -4.12
C9 CHR B . -4.55 6.76 -4.58
C10 CHR B . -3.89 6.17 -5.80
O1 CHR B . -4.47 6.68 -6.99
C11 CHR B . -2.42 6.63 -5.66
O6 CHR B . -1.62 5.54 -5.24
C12 CHR B . -2.48 7.70 -4.59
C13 CHR B . -4.24 6.03 -8.23
O3 CHR B . -5.08 4.89 -8.33
C14 CHR B . -4.56 6.99 -9.38
N1 CHR B . -3.77 8.24 -9.22
C19 CHR B . -2.35 8.28 -9.66
C15 CHR B . -6.06 7.32 -9.36
O4 CHR B . -6.35 8.18 -10.44
C16 CHR B . -6.86 6.02 -9.51
O5 CHR B . -6.56 5.42 -10.75
C17 CHR B . -6.48 5.05 -8.38
C18 CHR B . -7.14 3.70 -8.64
C20 CHR B . -1.32 4.80 -6.28
O7 CHR B . -0.96 5.29 -7.34
C21 CHR B . -1.43 3.35 -6.10
C22 CHR B . -1.89 2.56 -7.17
O9 CHR B . -2.16 3.14 -8.40
C23 CHR B . -2.09 1.19 -6.98
C24 CHR B . -1.83 0.60 -5.73
C25 CHR B . -1.36 1.39 -4.67
C26 CHR B . -1.15 2.76 -4.85
C27 CHR B . -0.68 3.54 -3.78
C28 CHR B . -0.41 2.94 -2.55
O8 CHR B . 0.06 3.71 -1.49
C31 CHR B . -0.30 5.09 -1.49
C29 CHR B . -0.63 1.58 -2.37
C30 CHR B . -1.09 0.79 -3.43
C32 CHR B . -1.35 -0.69 -3.24
C33 CHR B . -5.80 11.36 -1.10
O10 CHR B . -6.86 11.71 -0.22
C34 CHR B . -7.70 12.43 -0.95
O11 CHR B . -8.72 12.88 -0.47
O12 CHR B . -7.38 12.65 -2.22
C35 CHR B . -6.15 11.98 -2.44
H5 CHR B . -7.96 9.56 -1.32
H8 CHR B . -6.18 5.45 -4.49
H10 CHR B . -3.95 5.09 -5.78
H11 CHR B . -2.07 7.05 -6.60
H12 CHR B . -1.65 8.34 -4.34
H13 CHR B . -3.20 5.73 -8.29
H14 CHR B . -4.30 6.52 -10.32
H191 CHR B . -1.71 8.50 -8.82
H192 CHR B . -2.22 9.04 -10.42
H193 CHR B . -2.07 7.32 -10.08
H15 CHR B . -6.30 7.79 -8.43
HO4 CHR B . -5.81 7.93 -11.18
H16 CHR B . -7.92 6.24 -9.45
HO5 CHR B . -7.39 5.11 -11.14
H17 CHR B . -6.84 5.44 -7.43
H181 CHR B . -7.54 3.67 -9.63
H182 CHR B . -7.95 3.54 -7.93
H183 CHR B . -6.41 2.90 -8.52
HO9 CHR B . -3.10 3.11 -8.57
H23 CHR B . -2.45 0.58 -7.79
H24 CHR B . -1.99 -0.46 -5.60
H27 CHR B . -0.48 4.59 -3.93
H311 CHR B . -1.38 5.18 -1.47
H312 CHR B . 0.08 5.55 -2.40
H313 CHR B . 0.12 5.58 -0.64
H29 CHR B . -0.43 1.11 -1.41
H321 CHR B . -2.41 -0.89 -3.23
H322 CHR B . -0.88 -1.24 -4.05
H323 CHR B . -0.91 -1.01 -2.30
H33 CHR B . -4.86 11.75 -0.73
H351 CHR B . -6.26 11.22 -3.18
H352 CHR B . -5.39 12.69 -2.72
N ALA A 1 17.31 -2.53 -14.76
CA ALA A 1 16.99 -2.93 -13.36
C ALA A 1 15.68 -3.72 -13.34
N ALA A 2 15.40 -4.40 -12.26
CA ALA A 2 14.16 -5.20 -12.18
C ALA A 2 13.37 -4.77 -10.93
N PRO A 3 12.39 -3.93 -11.13
CA PRO A 3 11.54 -3.43 -10.03
C PRO A 3 10.86 -4.60 -9.32
N THR A 4 10.48 -4.39 -8.10
CA THR A 4 9.79 -5.45 -7.33
C THR A 4 9.40 -4.88 -5.96
N ALA A 5 8.97 -5.71 -5.06
CA ALA A 5 8.56 -5.19 -3.73
C ALA A 5 8.44 -6.32 -2.74
N THR A 6 9.06 -6.16 -1.62
CA THR A 6 8.96 -7.22 -0.59
C THR A 6 8.26 -6.67 0.64
N VAL A 7 7.08 -7.14 0.81
CA VAL A 7 6.25 -6.70 1.96
C VAL A 7 5.95 -7.89 2.88
N THR A 8 6.01 -7.70 4.17
CA THR A 8 5.74 -8.80 5.12
C THR A 8 5.76 -8.24 6.55
N PRO A 9 4.98 -8.85 7.42
CA PRO A 9 4.12 -10.00 7.07
C PRO A 9 2.87 -9.49 6.35
N SER A 10 2.33 -10.29 5.50
CA SER A 10 1.11 -9.89 4.76
C SER A 10 -0.12 -10.27 5.58
N SER A 11 0.00 -11.27 6.41
CA SER A 11 -1.14 -11.70 7.26
C SER A 11 -0.67 -11.87 8.70
N GLY A 12 -1.59 -12.03 9.60
CA GLY A 12 -1.21 -12.20 11.04
C GLY A 12 -0.75 -10.86 11.58
N LEU A 13 -1.42 -9.82 11.18
CA LEU A 13 -1.06 -8.46 11.59
C LEU A 13 -1.86 -8.03 12.79
N SER A 14 -3.07 -8.35 12.73
CA SER A 14 -4.03 -8.02 13.81
C SER A 14 -4.25 -6.51 13.84
N ASP A 15 -5.46 -6.13 14.14
CA ASP A 15 -5.81 -4.68 14.17
C ASP A 15 -4.82 -3.87 15.01
N GLY A 16 -3.97 -3.13 14.36
CA GLY A 16 -3.03 -2.27 15.12
C GLY A 16 -1.57 -2.71 14.98
N THR A 17 -1.19 -3.53 14.02
CA THR A 17 0.23 -3.87 13.95
C THR A 17 0.89 -3.11 12.81
N VAL A 18 2.09 -3.47 12.54
CA VAL A 18 2.85 -2.79 11.45
C VAL A 18 3.48 -3.81 10.50
N VAL A 19 3.44 -3.52 9.22
CA VAL A 19 4.05 -4.45 8.23
C VAL A 19 5.22 -3.73 7.54
N LYS A 20 6.17 -4.47 7.03
CA LYS A 20 7.32 -3.82 6.36
C LYS A 20 7.19 -4.01 4.84
N VAL A 21 6.92 -2.96 4.13
CA VAL A 21 6.77 -3.07 2.65
C VAL A 21 8.04 -2.51 1.99
N ALA A 22 8.52 -3.14 0.96
CA ALA A 22 9.74 -2.61 0.30
C ALA A 22 9.53 -2.56 -1.20
N GLY A 23 10.28 -1.75 -1.88
CA GLY A 23 10.14 -1.64 -3.35
C GLY A 23 11.54 -1.54 -3.96
N ALA A 24 12.01 -2.54 -4.63
CA ALA A 24 13.39 -2.47 -5.22
C ALA A 24 13.32 -2.47 -6.75
N GLY A 25 14.17 -1.71 -7.41
CA GLY A 25 14.17 -1.71 -8.89
C GLY A 25 13.05 -0.79 -9.42
N LEU A 26 12.68 0.20 -8.67
CA LEU A 26 11.61 1.10 -9.14
C LEU A 26 12.25 2.24 -9.94
N GLN A 27 11.46 3.08 -10.54
CA GLN A 27 12.04 4.19 -11.33
C GLN A 27 13.15 4.85 -10.54
N ALA A 28 14.36 4.49 -10.85
CA ALA A 28 15.54 5.05 -10.15
C ALA A 28 15.54 6.57 -10.23
N GLY A 29 14.72 7.22 -9.44
CA GLY A 29 14.68 8.70 -9.46
C GLY A 29 13.23 9.16 -9.49
N THR A 30 12.34 8.44 -8.84
CA THR A 30 10.92 8.86 -8.86
C THR A 30 10.25 8.56 -7.51
N ALA A 31 9.94 9.60 -6.79
CA ALA A 31 9.24 9.48 -5.48
C ALA A 31 8.08 8.49 -5.61
N TYR A 32 8.05 7.48 -4.78
CA TYR A 32 6.95 6.48 -4.83
C TYR A 32 6.15 6.54 -3.52
N ASP A 33 4.88 6.22 -3.54
CA ASP A 33 4.09 6.24 -2.29
C ASP A 33 3.94 4.79 -1.81
N VAL A 34 3.81 4.57 -0.54
CA VAL A 34 3.71 3.16 -0.04
C VAL A 34 2.59 3.07 1.02
N GLY A 35 1.54 2.30 0.81
CA GLY A 35 0.48 2.24 1.85
C GLY A 35 -0.47 1.06 1.63
N GLN A 36 -1.46 0.93 2.51
CA GLN A 36 -2.44 -0.15 2.43
C GLN A 36 -3.72 0.38 1.79
N CYS A 37 -4.01 -0.04 0.59
CA CYS A 37 -5.24 0.45 -0.08
C CYS A 37 -6.03 -0.74 -0.64
N ALA A 38 -7.34 -0.62 -0.71
CA ALA A 38 -8.17 -1.76 -1.22
C ALA A 38 -9.01 -1.31 -2.41
N TRP A 39 -9.11 -2.13 -3.43
CA TRP A 39 -9.96 -1.76 -4.61
C TRP A 39 -11.33 -2.40 -4.42
N VAL A 40 -12.36 -1.62 -4.24
CA VAL A 40 -13.71 -2.21 -4.01
C VAL A 40 -14.57 -2.07 -5.27
N ASP A 41 -13.98 -1.77 -6.39
CA ASP A 41 -14.80 -1.63 -7.63
C ASP A 41 -13.93 -1.12 -8.78
N THR A 42 -14.53 -0.88 -9.91
CA THR A 42 -13.76 -0.39 -11.09
C THR A 42 -13.29 1.03 -10.85
N GLY A 43 -12.07 1.19 -10.43
CA GLY A 43 -11.52 2.57 -10.20
C GLY A 43 -11.89 3.08 -8.80
N VAL A 44 -12.11 2.23 -7.84
CA VAL A 44 -12.44 2.71 -6.48
C VAL A 44 -11.30 2.28 -5.55
N LEU A 45 -10.45 3.20 -5.12
CA LEU A 45 -9.30 2.79 -4.26
C LEU A 45 -9.42 3.48 -2.89
N ALA A 46 -9.81 2.76 -1.85
CA ALA A 46 -9.91 3.38 -0.51
C ALA A 46 -8.63 3.03 0.27
N CYS A 47 -7.77 3.99 0.51
CA CYS A 47 -6.51 3.69 1.24
C CYS A 47 -6.57 4.25 2.67
N ASN A 48 -5.65 3.83 3.50
CA ASN A 48 -5.66 4.32 4.92
C ASN A 48 -4.40 5.17 5.18
N PRO A 49 -4.59 6.35 5.73
CA PRO A 49 -3.46 7.26 6.05
C PRO A 49 -2.61 6.73 7.23
N ALA A 50 -2.67 5.47 7.55
CA ALA A 50 -1.85 4.95 8.67
C ALA A 50 -0.70 4.13 8.11
N ASP A 51 -0.61 4.05 6.81
CA ASP A 51 0.49 3.28 6.16
C ASP A 51 0.98 4.11 4.98
N PHE A 52 0.62 5.37 4.95
CA PHE A 52 1.04 6.23 3.82
C PHE A 52 2.49 6.70 3.98
N SER A 53 3.43 5.90 3.55
CA SER A 53 4.85 6.32 3.64
C SER A 53 5.28 6.80 2.26
N SER A 54 6.56 6.98 2.02
CA SER A 54 6.97 7.46 0.67
C SER A 54 8.49 7.64 0.59
N VAL A 55 9.06 7.25 -0.51
CA VAL A 55 10.52 7.41 -0.72
C VAL A 55 10.76 7.38 -2.24
N THR A 56 11.84 7.95 -2.71
CA THR A 56 12.07 7.94 -4.19
C THR A 56 13.00 6.80 -4.55
N ALA A 57 12.78 6.21 -5.68
CA ALA A 57 13.68 5.12 -6.12
C ALA A 57 15.08 5.68 -6.36
N ASP A 58 15.96 5.36 -5.47
CA ASP A 58 17.37 5.83 -5.55
C ASP A 58 18.01 5.34 -6.87
N ALA A 59 19.25 4.91 -6.80
CA ALA A 59 19.96 4.44 -8.04
C ALA A 59 19.17 3.33 -8.71
N ASN A 60 18.77 2.37 -7.95
CA ASN A 60 17.96 1.25 -8.50
C ASN A 60 16.52 1.58 -8.17
N GLY A 61 16.33 2.08 -6.99
CA GLY A 61 15.00 2.49 -6.51
C GLY A 61 14.51 1.56 -5.42
N SER A 62 15.20 1.53 -4.31
CA SER A 62 14.78 0.66 -3.18
C SER A 62 14.03 1.51 -2.16
N ALA A 63 12.87 1.07 -1.78
CA ALA A 63 12.09 1.84 -0.78
C ALA A 63 11.49 0.88 0.23
N SER A 64 11.99 0.88 1.44
CA SER A 64 11.46 -0.06 2.46
C SER A 64 11.10 0.71 3.74
N THR A 65 9.87 0.63 4.14
CA THR A 65 9.43 1.35 5.37
C THR A 65 8.34 0.52 6.05
N SER A 66 8.26 0.57 7.34
CA SER A 66 7.21 -0.22 8.06
C SER A 66 6.03 0.69 8.39
N LEU A 67 4.85 0.25 8.08
CA LEU A 67 3.64 1.08 8.36
C LEU A 67 2.62 0.26 9.16
N THR A 68 1.66 0.89 9.75
CA THR A 68 0.64 0.13 10.54
C THR A 68 -0.59 -0.14 9.67
N VAL A 69 -0.98 -1.38 9.51
CA VAL A 69 -2.17 -1.68 8.65
C VAL A 69 -3.06 -2.73 9.33
N ARG A 70 -4.36 -2.64 9.21
CA ARG A 70 -5.23 -3.66 9.86
C ARG A 70 -6.42 -3.99 8.96
N ARG A 71 -7.41 -4.66 9.50
CA ARG A 71 -8.60 -5.03 8.67
C ARG A 71 -9.38 -3.76 8.35
N SER A 72 -10.32 -3.34 9.16
CA SER A 72 -11.05 -2.09 8.85
C SER A 72 -10.04 -0.97 8.79
N PHE A 73 -10.16 -0.11 7.83
CA PHE A 73 -9.14 0.96 7.73
C PHE A 73 -9.66 2.10 6.86
N GLU A 74 -9.35 3.31 7.24
CA GLU A 74 -9.82 4.50 6.49
C GLU A 74 -9.88 4.21 4.98
N GLY A 75 -11.05 4.33 4.41
CA GLY A 75 -11.21 4.06 2.95
C GLY A 75 -11.01 5.33 2.12
N PHE A 76 -10.00 6.12 2.43
CA PHE A 76 -9.76 7.38 1.65
C PHE A 76 -10.04 7.15 0.15
N LEU A 77 -11.07 7.78 -0.39
CA LEU A 77 -11.39 7.59 -1.85
C LEU A 77 -10.56 8.59 -2.69
N PHE A 78 -9.85 8.12 -3.70
CA PHE A 78 -9.03 9.06 -4.54
C PHE A 78 -9.96 10.03 -5.29
N ASP A 79 -10.75 10.79 -4.59
CA ASP A 79 -11.66 11.75 -5.27
C ASP A 79 -12.12 12.82 -4.28
N GLY A 80 -11.43 12.99 -3.19
CA GLY A 80 -11.83 14.01 -2.19
C GLY A 80 -12.87 13.43 -1.23
N THR A 81 -13.63 12.46 -1.67
CA THR A 81 -14.66 11.86 -0.78
C THR A 81 -14.09 10.67 -0.01
N ARG A 82 -14.66 10.38 1.11
CA ARG A 82 -14.19 9.24 1.94
C ARG A 82 -15.17 8.07 1.76
N TRP A 83 -14.68 6.88 1.49
CA TRP A 83 -15.60 5.73 1.28
C TRP A 83 -16.09 5.18 2.62
N GLY A 84 -15.40 5.49 3.68
CA GLY A 84 -15.79 4.99 5.02
C GLY A 84 -14.75 3.98 5.50
N THR A 85 -14.88 3.50 6.70
CA THR A 85 -13.91 2.50 7.19
C THR A 85 -14.07 1.26 6.31
N VAL A 86 -13.09 0.98 5.50
CA VAL A 86 -13.18 -0.17 4.59
C VAL A 86 -12.79 -1.44 5.37
N ASP A 87 -13.78 -2.24 5.72
CA ASP A 87 -13.50 -3.49 6.48
C ASP A 87 -12.65 -4.44 5.64
N CYS A 88 -11.41 -4.66 5.99
CA CYS A 88 -10.59 -5.61 5.16
C CYS A 88 -11.18 -7.02 5.24
N THR A 89 -12.18 -7.22 6.05
CA THR A 89 -12.79 -8.59 6.15
C THR A 89 -13.82 -8.74 5.04
N THR A 90 -14.01 -7.72 4.24
CA THR A 90 -15.00 -7.80 3.14
C THR A 90 -14.26 -7.76 1.80
N ALA A 91 -13.38 -6.81 1.64
CA ALA A 91 -12.62 -6.72 0.36
C ALA A 91 -11.17 -7.16 0.60
N ALA A 92 -10.36 -7.13 -0.42
CA ALA A 92 -8.94 -7.54 -0.27
C ALA A 92 -8.05 -6.29 -0.23
N CYS A 93 -7.37 -6.03 0.86
CA CYS A 93 -6.51 -4.82 0.93
C CYS A 93 -5.07 -5.19 0.61
N GLN A 94 -4.50 -4.58 -0.39
CA GLN A 94 -3.12 -4.91 -0.76
C GLN A 94 -2.14 -3.85 -0.28
N VAL A 95 -0.96 -4.29 0.00
CA VAL A 95 0.10 -3.34 0.43
C VAL A 95 0.99 -3.12 -0.78
N GLY A 96 0.97 -1.96 -1.34
CA GLY A 96 1.79 -1.75 -2.56
C GLY A 96 2.36 -0.33 -2.61
N LEU A 97 3.01 -0.02 -3.69
CA LEU A 97 3.63 1.33 -3.83
C LEU A 97 3.04 2.01 -5.07
N SER A 98 3.46 3.20 -5.34
CA SER A 98 2.93 3.94 -6.52
C SER A 98 3.73 5.23 -6.70
N ASP A 99 3.50 5.94 -7.78
CA ASP A 99 4.25 7.21 -7.99
C ASP A 99 3.32 8.41 -7.76
N ALA A 100 2.05 8.15 -7.62
CA ALA A 100 1.08 9.23 -7.39
C ALA A 100 0.88 10.00 -8.70
N ALA A 101 0.82 9.30 -9.79
CA ALA A 101 0.63 9.97 -11.11
C ALA A 101 -0.38 9.20 -11.96
N GLY A 102 -0.44 7.90 -11.86
CA GLY A 102 -1.40 7.13 -12.68
C GLY A 102 -1.19 5.65 -12.36
N ASN A 103 0.04 5.24 -12.23
CA ASN A 103 0.30 3.83 -11.90
C ASN A 103 1.69 3.70 -11.30
N GLY A 104 2.06 2.50 -11.00
CA GLY A 104 3.40 2.24 -10.39
C GLY A 104 3.56 0.73 -10.17
N PRO A 105 4.55 0.28 -9.41
CA PRO A 105 4.73 -1.16 -9.17
C PRO A 105 3.41 -1.79 -8.73
N GLU A 106 3.42 -3.05 -8.39
CA GLU A 106 2.16 -3.73 -7.98
C GLU A 106 2.04 -3.74 -6.45
N GLY A 107 1.05 -4.42 -5.94
CA GLY A 107 0.87 -4.46 -4.45
C GLY A 107 0.81 -5.91 -3.99
N VAL A 108 0.86 -6.13 -2.71
CA VAL A 108 0.82 -7.48 -2.15
C VAL A 108 -0.54 -7.67 -1.46
N ALA A 109 -0.99 -8.86 -1.36
CA ALA A 109 -2.31 -9.11 -0.70
C ALA A 109 -2.10 -9.51 0.76
N ILE A 110 -2.66 -8.79 1.69
CA ILE A 110 -2.48 -9.15 3.11
C ILE A 110 -3.70 -9.95 3.59
N SER A 111 -3.63 -10.55 4.76
CA SER A 111 -4.79 -11.33 5.25
C SER A 111 -4.94 -11.15 6.76
N PHE A 112 -6.12 -11.34 7.29
CA PHE A 112 -6.32 -11.16 8.74
C PHE A 112 -7.03 -12.39 9.32
N ASN A 113 -6.32 -13.47 9.48
CA ASN A 113 -6.95 -14.70 10.03
C ASN A 113 -7.39 -14.45 11.47
C1 CHR B . -3.65 7.65 -4.31
C2 CHR B . -4.03 8.52 -3.24
C3 CHR B . -4.60 9.13 -2.39
C4 CHR B . -5.56 9.67 -1.42
O2 CHR B . -6.00 8.82 -0.31
C5 CHR B . -6.86 8.86 -1.49
C6 CHR B . -6.73 7.77 -2.49
C7 CHR B . -6.39 7.00 -3.33
C8 CHR B . -5.72 6.22 -4.36
C9 CHR B . -4.54 6.64 -4.86
C10 CHR B . -3.93 6.05 -6.11
O1 CHR B . -4.53 6.60 -7.27
C11 CHR B . -2.45 6.50 -5.99
O6 CHR B . -1.66 5.41 -5.55
C12 CHR B . -2.48 7.59 -4.95
C13 CHR B . -4.33 5.98 -8.54
O3 CHR B . -5.08 4.78 -8.61
C14 CHR B . -4.78 6.93 -9.65
N1 CHR B . -4.09 8.25 -9.49
C19 CHR B . -2.93 8.59 -10.35
C15 CHR B . -6.29 7.13 -9.57
O4 CHR B . -6.71 7.99 -10.63
C16 CHR B . -6.98 5.77 -9.71
O5 CHR B . -6.68 5.21 -10.97
C17 CHR B . -6.50 4.84 -8.60
C18 CHR B . -7.06 3.44 -8.82
C20 CHR B . -1.31 4.66 -6.59
O7 CHR B . -0.93 5.15 -7.63
C21 CHR B . -1.41 3.21 -6.39
C22 CHR B . -1.81 2.40 -7.45
O9 CHR B . -2.04 2.96 -8.70
C23 CHR B . -1.99 1.02 -7.27
C24 CHR B . -1.76 0.45 -6.01
C25 CHR B . -1.35 1.26 -4.94
C26 CHR B . -1.16 2.63 -5.13
C27 CHR B . -0.74 3.44 -4.05
C28 CHR B . -0.52 2.86 -2.79
O8 CHR B . -0.11 3.65 -1.73
C31 CHR B . -0.65 4.96 -1.68
C29 CHR B . -0.71 1.48 -2.61
C30 CHR B . -1.12 0.68 -3.68
C32 CHR B . -1.34 -0.81 -3.48
C33 CHR B . -5.64 11.17 -1.24
O10 CHR B . -6.59 11.51 -0.24
C34 CHR B . -7.51 12.25 -0.85
O11 CHR B . -8.45 12.70 -0.23
O12 CHR B . -7.35 12.49 -2.14
C35 CHR B . -6.15 11.83 -2.52
H5 CHR B . -7.82 9.38 -1.42
H8 CHR B . -6.17 5.32 -4.73
H10 CHR B . -4.00 4.98 -6.11
H11 CHR B . -2.09 6.88 -6.94
H12 CHR B . -1.65 8.25 -4.75
H13 CHR B . -3.28 5.76 -8.66
H14 CHR B . -4.51 6.51 -10.61
H191 CHR B . -3.28 8.95 -11.31
H192 CHR B . -2.32 7.71 -10.52
H193 CHR B . -2.34 9.36 -9.88
H15 CHR B . -6.54 7.57 -8.62
HO4 CHR B . -7.66 7.89 -10.72
H16 CHR B . -8.06 5.91 -9.63
HO5 CHR B . -7.50 4.96 -11.39
H17 CHR B . -6.83 5.21 -7.64
H181 CHR B . -7.90 3.28 -8.16
H182 CHR B . -7.41 3.35 -9.85
H183 CHR B . -6.30 2.70 -8.64
HO9 CHR B . -2.95 2.79 -8.97
H23 CHR B . -2.31 0.40 -8.09
H24 CHR B . -1.90 -0.61 -5.86
H27 CHR B . -0.55 4.48 -4.19
H311 CHR B . -1.65 4.95 -2.07
H312 CHR B . -0.67 5.30 -0.65
H313 CHR B . -0.04 5.62 -2.27
H29 CHR B . -0.56 1.04 -1.63
H321 CHR B . -0.73 -1.36 -4.17
H322 CHR B . -2.38 -1.05 -3.66
H323 CHR B . -1.08 -1.08 -2.46
H33 CHR B . -4.67 11.57 -0.98
H351 CHR B . -6.36 11.08 -3.27
H352 CHR B . -5.43 12.54 -2.89
N ALA A 1 18.60 -5.13 -11.49
CA ALA A 1 17.49 -5.83 -10.80
C ALA A 1 16.16 -5.16 -11.16
N ALA A 2 15.24 -5.91 -11.70
CA ALA A 2 13.92 -5.31 -12.08
C ALA A 2 13.18 -4.87 -10.81
N PRO A 3 12.19 -4.04 -10.98
CA PRO A 3 11.39 -3.52 -9.86
C PRO A 3 10.72 -4.67 -9.12
N THR A 4 10.41 -4.45 -7.87
CA THR A 4 9.73 -5.48 -7.06
C THR A 4 9.41 -4.88 -5.69
N ALA A 5 8.99 -5.66 -4.74
CA ALA A 5 8.65 -5.09 -3.41
C ALA A 5 8.55 -6.17 -2.37
N THR A 6 9.17 -5.94 -1.26
CA THR A 6 9.12 -6.95 -0.17
C THR A 6 8.18 -6.49 0.92
N VAL A 7 7.05 -7.09 0.94
CA VAL A 7 6.05 -6.72 1.97
C VAL A 7 5.71 -7.93 2.85
N THR A 8 5.96 -7.81 4.13
CA THR A 8 5.68 -8.93 5.07
C THR A 8 5.70 -8.37 6.50
N PRO A 9 4.91 -8.96 7.36
CA PRO A 9 4.02 -10.07 7.02
C PRO A 9 2.80 -9.55 6.28
N SER A 10 2.24 -10.34 5.43
CA SER A 10 1.03 -9.90 4.68
C SER A 10 -0.22 -10.26 5.48
N SER A 11 -0.12 -11.27 6.30
CA SER A 11 -1.30 -11.68 7.12
C SER A 11 -0.85 -11.90 8.58
N GLY A 12 -1.79 -11.99 9.49
CA GLY A 12 -1.42 -12.19 10.91
C GLY A 12 -0.92 -10.86 11.48
N LEU A 13 -1.54 -9.80 11.06
CA LEU A 13 -1.14 -8.44 11.48
C LEU A 13 -1.90 -8.02 12.71
N SER A 14 -3.13 -8.30 12.64
CA SER A 14 -4.05 -7.94 13.74
C SER A 14 -4.26 -6.43 13.77
N ASP A 15 -5.45 -6.02 14.09
CA ASP A 15 -5.79 -4.58 14.13
C ASP A 15 -4.78 -3.79 14.96
N GLY A 16 -3.92 -3.08 14.32
CA GLY A 16 -2.95 -2.23 15.08
C GLY A 16 -1.49 -2.70 14.93
N THR A 17 -1.14 -3.52 13.96
CA THR A 17 0.28 -3.89 13.87
C THR A 17 0.94 -3.15 12.73
N VAL A 18 2.13 -3.53 12.45
CA VAL A 18 2.91 -2.86 11.37
C VAL A 18 3.52 -3.87 10.41
N VAL A 19 3.50 -3.58 9.14
CA VAL A 19 4.09 -4.52 8.14
C VAL A 19 5.25 -3.81 7.45
N LYS A 20 6.19 -4.56 6.93
CA LYS A 20 7.35 -3.91 6.26
C LYS A 20 7.21 -4.10 4.73
N VAL A 21 6.91 -3.04 4.03
CA VAL A 21 6.78 -3.14 2.54
C VAL A 21 7.99 -2.47 1.90
N ALA A 22 8.72 -3.17 1.08
CA ALA A 22 9.89 -2.54 0.43
C ALA A 22 9.65 -2.46 -1.06
N GLY A 23 10.42 -1.66 -1.75
CA GLY A 23 10.24 -1.53 -3.21
C GLY A 23 11.62 -1.45 -3.86
N ALA A 24 12.06 -2.47 -4.52
CA ALA A 24 13.42 -2.41 -5.16
C ALA A 24 13.31 -2.48 -6.68
N GLY A 25 14.14 -1.75 -7.39
CA GLY A 25 14.07 -1.80 -8.87
C GLY A 25 12.97 -0.88 -9.38
N LEU A 26 12.64 0.14 -8.64
CA LEU A 26 11.58 1.07 -9.09
C LEU A 26 12.21 2.18 -9.92
N GLN A 27 11.42 3.03 -10.51
CA GLN A 27 12.00 4.12 -11.33
C GLN A 27 13.14 4.77 -10.55
N ALA A 28 14.33 4.38 -10.89
CA ALA A 28 15.55 4.91 -10.21
C ALA A 28 15.58 6.44 -10.30
N GLY A 29 14.79 7.09 -9.49
CA GLY A 29 14.79 8.59 -9.51
C GLY A 29 13.35 9.09 -9.54
N THR A 30 12.44 8.40 -8.89
CA THR A 30 11.04 8.86 -8.90
C THR A 30 10.35 8.57 -7.56
N ALA A 31 10.04 9.62 -6.86
CA ALA A 31 9.32 9.50 -5.55
C ALA A 31 8.16 8.51 -5.68
N TYR A 32 8.13 7.52 -4.84
CA TYR A 32 7.03 6.52 -4.90
C TYR A 32 6.25 6.55 -3.58
N ASP A 33 4.97 6.26 -3.59
CA ASP A 33 4.21 6.26 -2.31
C ASP A 33 4.07 4.82 -1.83
N VAL A 34 3.84 4.61 -0.57
CA VAL A 34 3.75 3.21 -0.05
C VAL A 34 2.65 3.12 1.02
N GLY A 35 1.55 2.41 0.77
CA GLY A 35 0.49 2.34 1.82
C GLY A 35 -0.45 1.16 1.60
N GLN A 36 -1.44 1.04 2.48
CA GLN A 36 -2.42 -0.06 2.40
C GLN A 36 -3.71 0.48 1.78
N CYS A 37 -4.02 0.07 0.60
CA CYS A 37 -5.26 0.55 -0.05
C CYS A 37 -6.05 -0.64 -0.62
N ALA A 38 -7.35 -0.54 -0.66
CA ALA A 38 -8.17 -1.68 -1.18
C ALA A 38 -9.02 -1.24 -2.37
N TRP A 39 -9.10 -2.06 -3.40
CA TRP A 39 -9.95 -1.71 -4.58
C TRP A 39 -11.30 -2.38 -4.38
N VAL A 40 -12.35 -1.62 -4.21
CA VAL A 40 -13.69 -2.24 -4.00
C VAL A 40 -14.55 -2.12 -5.26
N ASP A 41 -13.95 -1.80 -6.37
CA ASP A 41 -14.76 -1.68 -7.62
C ASP A 41 -13.90 -1.15 -8.77
N THR A 42 -14.49 -0.90 -9.89
CA THR A 42 -13.73 -0.37 -11.05
C THR A 42 -13.33 1.07 -10.81
N GLY A 43 -12.12 1.29 -10.37
CA GLY A 43 -11.65 2.69 -10.13
C GLY A 43 -12.03 3.17 -8.72
N VAL A 44 -12.20 2.28 -7.77
CA VAL A 44 -12.53 2.73 -6.40
C VAL A 44 -11.37 2.32 -5.48
N LEU A 45 -10.54 3.25 -5.04
CA LEU A 45 -9.38 2.85 -4.18
C LEU A 45 -9.49 3.54 -2.81
N ALA A 46 -9.88 2.81 -1.77
CA ALA A 46 -9.98 3.43 -0.43
C ALA A 46 -8.70 3.10 0.34
N CYS A 47 -7.84 4.07 0.57
CA CYS A 47 -6.58 3.77 1.29
C CYS A 47 -6.64 4.30 2.73
N ASN A 48 -5.73 3.85 3.56
CA ASN A 48 -5.73 4.31 4.99
C ASN A 48 -4.47 5.16 5.27
N PRO A 49 -4.66 6.31 5.88
CA PRO A 49 -3.55 7.22 6.19
C PRO A 49 -2.67 6.69 7.35
N ALA A 50 -2.68 5.40 7.62
CA ALA A 50 -1.81 4.89 8.72
C ALA A 50 -0.67 4.09 8.12
N ASP A 51 -0.59 4.05 6.82
CA ASP A 51 0.51 3.31 6.15
C ASP A 51 0.98 4.16 4.97
N PHE A 52 0.59 5.41 4.95
CA PHE A 52 0.98 6.29 3.83
C PHE A 52 2.43 6.77 3.98
N SER A 53 3.35 6.04 3.42
CA SER A 53 4.78 6.47 3.49
C SER A 53 5.24 6.81 2.07
N SER A 54 6.49 7.08 1.86
CA SER A 54 6.93 7.43 0.48
C SER A 54 8.42 7.72 0.43
N VAL A 55 9.07 7.25 -0.60
CA VAL A 55 10.52 7.49 -0.79
C VAL A 55 10.79 7.45 -2.30
N THR A 56 11.88 8.00 -2.76
CA THR A 56 12.13 7.96 -4.23
C THR A 56 13.07 6.81 -4.57
N ALA A 57 12.85 6.21 -5.70
CA ALA A 57 13.74 5.10 -6.12
C ALA A 57 15.15 5.65 -6.36
N ASP A 58 16.02 5.33 -5.47
CA ASP A 58 17.44 5.80 -5.56
C ASP A 58 18.08 5.33 -6.88
N ALA A 59 19.31 4.88 -6.80
CA ALA A 59 20.03 4.42 -8.04
C ALA A 59 19.22 3.36 -8.76
N ASN A 60 18.79 2.39 -8.04
CA ASN A 60 17.96 1.31 -8.64
C ASN A 60 16.51 1.62 -8.25
N GLY A 61 16.36 2.07 -7.04
CA GLY A 61 15.05 2.46 -6.52
C GLY A 61 14.61 1.48 -5.42
N SER A 62 15.32 1.46 -4.32
CA SER A 62 14.94 0.57 -3.19
C SER A 62 14.31 1.39 -2.09
N ALA A 63 13.13 1.04 -1.71
CA ALA A 63 12.42 1.81 -0.64
C ALA A 63 11.82 0.84 0.37
N SER A 64 12.38 0.78 1.56
CA SER A 64 11.85 -0.15 2.59
C SER A 64 11.32 0.66 3.76
N THR A 65 10.06 0.55 4.03
CA THR A 65 9.46 1.32 5.17
C THR A 65 8.39 0.48 5.85
N SER A 66 8.32 0.54 7.16
CA SER A 66 7.30 -0.25 7.90
C SER A 66 6.12 0.65 8.26
N LEU A 67 4.93 0.21 7.97
CA LEU A 67 3.73 1.06 8.28
C LEU A 67 2.73 0.23 9.08
N THR A 68 1.76 0.87 9.69
CA THR A 68 0.76 0.11 10.48
C THR A 68 -0.49 -0.14 9.61
N VAL A 69 -0.88 -1.39 9.44
CA VAL A 69 -2.07 -1.67 8.59
C VAL A 69 -2.96 -2.72 9.27
N ARG A 70 -4.26 -2.60 9.19
CA ARG A 70 -5.14 -3.60 9.85
C ARG A 70 -6.30 -3.98 8.94
N ARG A 71 -7.30 -4.63 9.46
CA ARG A 71 -8.45 -5.03 8.60
C ARG A 71 -9.29 -3.79 8.30
N SER A 72 -10.19 -3.38 9.17
CA SER A 72 -10.96 -2.15 8.86
C SER A 72 -9.97 -1.00 8.79
N PHE A 73 -10.14 -0.12 7.85
CA PHE A 73 -9.15 0.95 7.74
C PHE A 73 -9.69 2.08 6.87
N GLU A 74 -9.47 3.30 7.30
CA GLU A 74 -9.97 4.48 6.55
C GLU A 74 -9.95 4.22 5.05
N GLY A 75 -11.08 4.30 4.41
CA GLY A 75 -11.13 4.03 2.94
C GLY A 75 -10.99 5.33 2.12
N PHE A 76 -10.00 6.14 2.40
CA PHE A 76 -9.83 7.42 1.64
C PHE A 76 -10.12 7.19 0.14
N LEU A 77 -11.18 7.77 -0.39
CA LEU A 77 -11.51 7.57 -1.83
C LEU A 77 -10.71 8.57 -2.70
N PHE A 78 -9.99 8.10 -3.70
CA PHE A 78 -9.20 9.03 -4.57
C PHE A 78 -10.13 9.98 -5.31
N ASP A 79 -10.92 10.74 -4.61
CA ASP A 79 -11.85 11.70 -5.29
C ASP A 79 -12.32 12.76 -4.30
N GLY A 80 -11.60 12.96 -3.22
CA GLY A 80 -12.00 13.99 -2.22
C GLY A 80 -13.02 13.40 -1.24
N THR A 81 -13.77 12.41 -1.66
CA THR A 81 -14.79 11.81 -0.75
C THR A 81 -14.19 10.61 -0.01
N ARG A 82 -14.75 10.30 1.12
CA ARG A 82 -14.26 9.15 1.92
C ARG A 82 -15.25 7.98 1.75
N TRP A 83 -14.76 6.79 1.51
CA TRP A 83 -15.68 5.63 1.31
C TRP A 83 -16.17 5.10 2.66
N GLY A 84 -15.48 5.42 3.71
CA GLY A 84 -15.87 4.92 5.06
C GLY A 84 -14.85 3.90 5.52
N THR A 85 -14.99 3.42 6.73
CA THR A 85 -14.02 2.40 7.22
C THR A 85 -14.15 1.17 6.32
N VAL A 86 -13.17 0.92 5.52
CA VAL A 86 -13.22 -0.24 4.60
C VAL A 86 -12.81 -1.50 5.37
N ASP A 87 -13.75 -2.34 5.71
CA ASP A 87 -13.43 -3.57 6.47
C ASP A 87 -12.57 -4.51 5.61
N CYS A 88 -11.32 -4.71 5.97
CA CYS A 88 -10.49 -5.65 5.13
C CYS A 88 -11.06 -7.07 5.20
N THR A 89 -12.06 -7.29 6.02
CA THR A 89 -12.65 -8.66 6.10
C THR A 89 -13.70 -8.83 5.00
N THR A 90 -13.91 -7.81 4.21
CA THR A 90 -14.91 -7.89 3.12
C THR A 90 -14.19 -7.83 1.77
N ALA A 91 -13.32 -6.88 1.60
CA ALA A 91 -12.58 -6.76 0.32
C ALA A 91 -11.13 -7.18 0.53
N ALA A 92 -10.33 -7.14 -0.50
CA ALA A 92 -8.90 -7.53 -0.38
C ALA A 92 -8.03 -6.26 -0.34
N CYS A 93 -7.36 -5.99 0.76
CA CYS A 93 -6.52 -4.77 0.83
C CYS A 93 -5.07 -5.12 0.51
N GLN A 94 -4.49 -4.48 -0.46
CA GLN A 94 -3.10 -4.79 -0.85
C GLN A 94 -2.15 -3.74 -0.34
N VAL A 95 -0.97 -4.17 -0.05
CA VAL A 95 0.09 -3.24 0.41
C VAL A 95 1.00 -3.02 -0.79
N GLY A 96 0.98 -1.86 -1.36
CA GLY A 96 1.82 -1.65 -2.57
C GLY A 96 2.39 -0.24 -2.61
N LEU A 97 3.06 0.06 -3.68
CA LEU A 97 3.68 1.40 -3.83
C LEU A 97 3.05 2.11 -5.02
N SER A 98 3.50 3.28 -5.33
CA SER A 98 2.93 4.04 -6.48
C SER A 98 3.75 5.31 -6.72
N ASP A 99 3.53 5.99 -7.80
CA ASP A 99 4.30 7.24 -8.06
C ASP A 99 3.41 8.46 -7.85
N ALA A 100 2.13 8.23 -7.69
CA ALA A 100 1.20 9.36 -7.47
C ALA A 100 0.96 10.07 -8.80
N ALA A 101 0.89 9.32 -9.87
CA ALA A 101 0.67 9.93 -11.20
C ALA A 101 -0.37 9.14 -12.01
N GLY A 102 -0.41 7.83 -11.86
CA GLY A 102 -1.39 7.03 -12.62
C GLY A 102 -1.20 5.57 -12.24
N ASN A 103 0.03 5.14 -12.13
CA ASN A 103 0.29 3.75 -11.75
C ASN A 103 1.70 3.62 -11.18
N GLY A 104 2.05 2.43 -10.83
CA GLY A 104 3.41 2.17 -10.25
C GLY A 104 3.54 0.66 -9.99
N PRO A 105 4.55 0.23 -9.24
CA PRO A 105 4.69 -1.22 -8.96
C PRO A 105 3.36 -1.81 -8.52
N GLU A 106 3.32 -3.09 -8.24
CA GLU A 106 2.03 -3.73 -7.82
C GLU A 106 1.89 -3.72 -6.30
N GLY A 107 0.85 -4.34 -5.80
CA GLY A 107 0.65 -4.37 -4.32
C GLY A 107 0.58 -5.82 -3.84
N VAL A 108 0.77 -6.04 -2.57
CA VAL A 108 0.75 -7.40 -2.02
C VAL A 108 -0.58 -7.62 -1.28
N ALA A 109 -1.22 -8.72 -1.52
CA ALA A 109 -2.51 -9.01 -0.84
C ALA A 109 -2.23 -9.46 0.60
N ILE A 110 -2.80 -8.76 1.56
CA ILE A 110 -2.56 -9.15 2.98
C ILE A 110 -3.75 -9.99 3.47
N SER A 111 -3.67 -10.52 4.66
CA SER A 111 -4.80 -11.34 5.18
C SER A 111 -5.02 -11.04 6.66
N PHE A 112 -6.19 -11.32 7.18
CA PHE A 112 -6.46 -11.05 8.61
C PHE A 112 -7.18 -12.25 9.24
N ASN A 113 -6.71 -12.70 10.36
CA ASN A 113 -7.36 -13.87 11.02
C ASN A 113 -8.88 -13.69 10.99
C1 CHR B . -3.77 7.79 -4.26
C2 CHR B . -4.20 8.68 -3.22
C3 CHR B . -4.79 9.30 -2.39
C4 CHR B . -5.78 9.83 -1.44
O2 CHR B . -6.21 9.00 -0.34
C5 CHR B . -7.05 9.00 -1.52
C6 CHR B . -6.89 7.91 -2.50
C7 CHR B . -6.52 7.12 -3.33
C8 CHR B . -5.84 6.35 -4.35
C9 CHR B . -4.64 6.77 -4.82
C10 CHR B . -4.00 6.17 -6.05
O1 CHR B . -4.61 6.68 -7.23
C11 CHR B . -2.54 6.66 -5.94
O6 CHR B . -1.73 5.58 -5.49
C12 CHR B . -2.59 7.74 -4.88
C13 CHR B . -4.38 6.04 -8.48
O3 CHR B . -5.16 4.86 -8.55
C14 CHR B . -4.77 6.97 -9.62
N1 CHR B . -4.07 8.27 -9.48
C19 CHR B . -2.86 8.55 -10.30
C15 CHR B . -6.29 7.21 -9.58
O4 CHR B . -6.66 8.07 -10.65
C16 CHR B . -7.01 5.87 -9.71
O5 CHR B . -6.70 5.28 -10.96
C17 CHR B . -6.58 4.94 -8.58
C18 CHR B . -7.17 3.55 -8.81
C20 CHR B . -1.34 4.86 -6.53
O7 CHR B . -0.95 5.37 -7.56
C21 CHR B . -1.41 3.40 -6.36
C22 CHR B . -1.81 2.60 -7.44
O9 CHR B . -2.04 3.18 -8.68
C23 CHR B . -1.99 1.23 -7.27
C24 CHR B . -1.75 0.64 -6.03
C25 CHR B . -1.35 1.42 -4.94
C26 CHR B . -1.17 2.81 -5.11
C27 CHR B . -0.77 3.59 -4.02
C28 CHR B . -0.53 3.00 -2.77
O8 CHR B . -0.12 3.77 -1.69
C31 CHR B . -0.55 5.13 -1.69
C29 CHR B . -0.71 1.62 -2.61
C30 CHR B . -1.13 0.83 -3.69
C32 CHR B . -1.34 -0.66 -3.51
C33 CHR B . -5.89 11.34 -1.31
O10 CHR B . -7.02 11.68 -0.52
C34 CHR B . -7.81 12.40 -1.31
O11 CHR B . -8.87 12.84 -0.90
O12 CHR B . -7.40 12.63 -2.55
C35 CHR B . -6.15 11.98 -2.67
H5 CHR B . -8.02 9.50 -1.47
H8 CHR B . -6.27 5.45 -4.72
H10 CHR B . -4.05 5.09 -6.03
H11 CHR B . -2.18 7.05 -6.87
H12 CHR B . -1.78 8.40 -4.66
H13 CHR B . -3.33 5.78 -8.57
H14 CHR B . -4.51 6.53 -10.56
H191 CHR B . -3.16 8.98 -11.25
H192 CHR B . -2.22 9.26 -9.78
H193 CHR B . -2.31 7.64 -10.48
H15 CHR B . -6.55 7.67 -8.64
HO4 CHR B . -7.54 7.80 -10.95
H16 CHR B . -8.08 6.03 -9.65
HO5 CHR B . -7.06 5.84 -11.65
H17 CHR B . -6.94 5.33 -7.63
H181 CHR B . -7.49 3.46 -9.84
H182 CHR B . -6.41 2.80 -8.60
H183 CHR B . -8.01 3.40 -8.16
HO9 CHR B . -1.36 2.91 -9.30
H23 CHR B . -2.29 0.61 -8.12
H24 CHR B . -1.89 -0.42 -5.90
H27 CHR B . -0.59 4.65 -4.14
H311 CHR B . -0.09 5.66 -2.51
H312 CHR B . -0.27 5.59 -0.75
H313 CHR B . -1.62 5.16 -1.79
H29 CHR B . -0.55 1.16 -1.65
H321 CHR B . -2.37 -0.90 -3.70
H322 CHR B . -0.71 -1.19 -4.22
H323 CHR B . -1.07 -0.94 -2.51
H33 CHR B . -5.00 11.75 -0.87
H351 CHR B . -6.20 11.22 -3.43
H352 CHR B . -5.38 12.70 -2.90
N ALA A 1 18.22 -6.32 -13.34
CA ALA A 1 17.56 -5.94 -12.06
C ALA A 1 16.17 -5.34 -12.35
N ALA A 2 15.13 -5.99 -11.91
CA ALA A 2 13.76 -5.46 -12.17
C ALA A 2 13.13 -5.01 -10.85
N PRO A 3 12.16 -4.13 -10.95
CA PRO A 3 11.45 -3.61 -9.77
C PRO A 3 10.76 -4.75 -9.01
N THR A 4 10.48 -4.51 -7.77
CA THR A 4 9.80 -5.54 -6.94
C THR A 4 9.48 -4.93 -5.58
N ALA A 5 9.06 -5.70 -4.62
CA ALA A 5 8.73 -5.12 -3.30
C ALA A 5 8.64 -6.19 -2.25
N THR A 6 9.25 -5.95 -1.13
CA THR A 6 9.21 -6.95 -0.05
C THR A 6 8.27 -6.49 1.04
N VAL A 7 7.14 -7.09 1.07
CA VAL A 7 6.13 -6.73 2.10
C VAL A 7 5.81 -7.94 2.99
N THR A 8 5.93 -7.77 4.28
CA THR A 8 5.66 -8.89 5.23
C THR A 8 5.65 -8.31 6.65
N PRO A 9 4.86 -8.90 7.51
CA PRO A 9 4.01 -10.04 7.19
C PRO A 9 2.81 -9.58 6.37
N SER A 10 2.28 -10.44 5.57
CA SER A 10 1.09 -10.08 4.74
C SER A 10 -0.18 -10.53 5.47
N SER A 11 -0.06 -11.48 6.36
CA SER A 11 -1.25 -11.96 7.10
C SER A 11 -0.91 -12.12 8.59
N GLY A 12 -1.90 -12.20 9.44
CA GLY A 12 -1.61 -12.34 10.90
C GLY A 12 -1.18 -10.98 11.44
N LEU A 13 -1.80 -9.94 10.95
CA LEU A 13 -1.45 -8.58 11.36
C LEU A 13 -2.29 -8.14 12.52
N SER A 14 -3.51 -8.43 12.40
CA SER A 14 -4.49 -8.07 13.45
C SER A 14 -4.57 -6.55 13.60
N ASP A 15 -5.74 -6.07 13.93
CA ASP A 15 -5.95 -4.60 14.07
C ASP A 15 -4.90 -3.97 14.99
N GLY A 16 -4.01 -3.21 14.42
CA GLY A 16 -3.00 -2.51 15.27
C GLY A 16 -1.57 -3.02 15.02
N THR A 17 -1.29 -3.78 14.00
CA THR A 17 0.11 -4.22 13.84
C THR A 17 0.79 -3.37 12.79
N VAL A 18 1.98 -3.74 12.49
CA VAL A 18 2.79 -2.99 11.48
C VAL A 18 3.41 -3.95 10.47
N VAL A 19 3.40 -3.57 9.21
CA VAL A 19 4.01 -4.45 8.18
C VAL A 19 5.17 -3.72 7.52
N LYS A 20 6.13 -4.44 6.99
CA LYS A 20 7.29 -3.79 6.34
C LYS A 20 7.20 -4.01 4.82
N VAL A 21 6.91 -2.98 4.08
CA VAL A 21 6.82 -3.12 2.59
C VAL A 21 8.04 -2.46 1.95
N ALA A 22 8.79 -3.17 1.15
CA ALA A 22 9.96 -2.53 0.50
C ALA A 22 9.72 -2.46 -0.99
N GLY A 23 10.49 -1.68 -1.68
CA GLY A 23 10.32 -1.56 -3.14
C GLY A 23 11.70 -1.50 -3.80
N ALA A 24 12.14 -2.53 -4.45
CA ALA A 24 13.50 -2.48 -5.07
C ALA A 24 13.41 -2.57 -6.58
N GLY A 25 14.23 -1.82 -7.29
CA GLY A 25 14.18 -1.90 -8.78
C GLY A 25 13.07 -1.01 -9.32
N LEU A 26 12.71 0.02 -8.61
CA LEU A 26 11.64 0.90 -9.10
C LEU A 26 12.26 2.02 -9.92
N GLN A 27 11.47 2.82 -10.58
CA GLN A 27 12.04 3.91 -11.41
C GLN A 27 13.14 4.62 -10.62
N ALA A 28 14.35 4.26 -10.93
CA ALA A 28 15.52 4.86 -10.23
C ALA A 28 15.50 6.38 -10.38
N GLY A 29 14.67 7.04 -9.63
CA GLY A 29 14.61 8.52 -9.70
C GLY A 29 13.14 8.97 -9.73
N THR A 30 12.27 8.26 -9.06
CA THR A 30 10.85 8.65 -9.07
C THR A 30 10.21 8.45 -7.69
N ALA A 31 9.91 9.54 -7.04
CA ALA A 31 9.25 9.51 -5.70
C ALA A 31 8.00 8.61 -5.77
N TYR A 32 8.05 7.48 -5.13
CA TYR A 32 6.86 6.56 -5.13
C TYR A 32 6.16 6.66 -3.77
N ASP A 33 4.89 6.37 -3.71
CA ASP A 33 4.18 6.42 -2.40
C ASP A 33 4.10 5.00 -1.86
N VAL A 34 3.79 4.84 -0.61
CA VAL A 34 3.74 3.46 -0.03
C VAL A 34 2.59 3.38 1.00
N GLY A 35 1.61 2.50 0.82
CA GLY A 35 0.52 2.46 1.84
C GLY A 35 -0.38 1.23 1.64
N GLN A 36 -1.37 1.11 2.50
CA GLN A 36 -2.32 -0.02 2.44
C GLN A 36 -3.61 0.47 1.80
N CYS A 37 -3.88 0.03 0.61
CA CYS A 37 -5.13 0.48 -0.07
C CYS A 37 -5.91 -0.72 -0.59
N ALA A 38 -7.20 -0.57 -0.70
CA ALA A 38 -8.04 -1.69 -1.19
C ALA A 38 -8.92 -1.21 -2.36
N TRP A 39 -9.02 -1.99 -3.42
CA TRP A 39 -9.90 -1.59 -4.56
C TRP A 39 -11.26 -2.24 -4.34
N VAL A 40 -12.29 -1.46 -4.12
CA VAL A 40 -13.63 -2.06 -3.88
C VAL A 40 -14.54 -1.86 -5.09
N ASP A 41 -13.98 -1.52 -6.23
CA ASP A 41 -14.85 -1.34 -7.43
C ASP A 41 -14.02 -0.80 -8.59
N THR A 42 -14.65 -0.51 -9.69
CA THR A 42 -13.92 0.00 -10.89
C THR A 42 -13.40 1.42 -10.61
N GLY A 43 -12.16 1.52 -10.22
CA GLY A 43 -11.57 2.86 -9.95
C GLY A 43 -11.91 3.36 -8.55
N VAL A 44 -12.11 2.48 -7.59
CA VAL A 44 -12.41 2.94 -6.22
C VAL A 44 -11.23 2.49 -5.32
N LEU A 45 -10.37 3.39 -4.89
CA LEU A 45 -9.21 2.98 -4.07
C LEU A 45 -9.30 3.61 -2.67
N ALA A 46 -9.63 2.84 -1.65
CA ALA A 46 -9.71 3.41 -0.28
C ALA A 46 -8.38 3.15 0.43
N CYS A 47 -7.61 4.19 0.66
CA CYS A 47 -6.27 4.01 1.30
C CYS A 47 -6.34 4.31 2.81
N ASN A 48 -5.59 3.59 3.61
CA ASN A 48 -5.60 3.85 5.07
C ASN A 48 -4.58 4.97 5.40
N PRO A 49 -5.02 5.96 6.17
CA PRO A 49 -4.14 7.09 6.55
C PRO A 49 -3.13 6.68 7.63
N ALA A 50 -2.69 5.45 7.66
CA ALA A 50 -1.72 5.04 8.72
C ALA A 50 -0.44 4.51 8.09
N ASP A 51 -0.38 4.45 6.79
CA ASP A 51 0.84 3.93 6.14
C ASP A 51 1.18 4.81 4.95
N PHE A 52 0.52 5.92 4.83
CA PHE A 52 0.80 6.80 3.67
C PHE A 52 2.24 7.32 3.73
N SER A 53 3.19 6.55 3.25
CA SER A 53 4.61 7.01 3.27
C SER A 53 5.05 7.27 1.82
N SER A 54 6.32 7.47 1.59
CA SER A 54 6.76 7.75 0.19
C SER A 54 8.28 7.99 0.13
N VAL A 55 8.92 7.39 -0.83
CA VAL A 55 10.39 7.59 -1.02
C VAL A 55 10.67 7.51 -2.53
N THR A 56 11.76 8.04 -2.99
CA THR A 56 12.05 7.96 -4.45
C THR A 56 12.99 6.82 -4.74
N ALA A 57 12.78 6.16 -5.84
CA ALA A 57 13.67 5.06 -6.23
C ALA A 57 15.08 5.61 -6.49
N ASP A 58 15.96 5.35 -5.60
CA ASP A 58 17.37 5.82 -5.72
C ASP A 58 18.03 5.26 -6.99
N ALA A 59 19.27 4.85 -6.90
CA ALA A 59 20.02 4.32 -8.09
C ALA A 59 19.20 3.23 -8.79
N ASN A 60 18.75 2.29 -8.05
CA ASN A 60 17.91 1.21 -8.64
C ASN A 60 16.48 1.50 -8.22
N GLY A 61 16.35 2.04 -7.05
CA GLY A 61 15.03 2.43 -6.52
C GLY A 61 14.61 1.48 -5.40
N SER A 62 15.30 1.54 -4.28
CA SER A 62 14.93 0.66 -3.14
C SER A 62 14.23 1.51 -2.09
N ALA A 63 13.06 1.11 -1.71
CA ALA A 63 12.30 1.89 -0.69
C ALA A 63 11.75 0.93 0.37
N SER A 64 12.28 0.96 1.56
CA SER A 64 11.79 0.04 2.62
C SER A 64 11.23 0.85 3.77
N THR A 65 9.97 0.69 4.06
CA THR A 65 9.36 1.46 5.18
C THR A 65 8.31 0.58 5.88
N SER A 66 8.25 0.65 7.17
CA SER A 66 7.25 -0.16 7.92
C SER A 66 6.04 0.71 8.27
N LEU A 67 4.86 0.21 8.09
CA LEU A 67 3.64 1.02 8.37
C LEU A 67 2.65 0.20 9.20
N THR A 68 1.58 0.80 9.65
CA THR A 68 0.58 0.03 10.44
C THR A 68 -0.60 -0.36 9.53
N VAL A 69 -0.93 -1.63 9.45
CA VAL A 69 -2.05 -2.03 8.56
C VAL A 69 -3.01 -2.96 9.30
N ARG A 70 -4.29 -2.86 9.09
CA ARG A 70 -5.22 -3.76 9.80
C ARG A 70 -6.46 -4.07 8.95
N ARG A 71 -7.44 -4.71 9.55
CA ARG A 71 -8.68 -5.07 8.80
C ARG A 71 -9.45 -3.80 8.42
N SER A 72 -10.50 -3.47 9.11
CA SER A 72 -11.26 -2.24 8.74
C SER A 72 -10.30 -1.07 8.83
N PHE A 73 -10.33 -0.22 7.85
CA PHE A 73 -9.39 0.92 7.87
C PHE A 73 -9.95 2.09 7.08
N GLU A 74 -9.50 3.29 7.38
CA GLU A 74 -10.04 4.48 6.66
C GLU A 74 -9.91 4.25 5.15
N GLY A 75 -11.02 4.27 4.46
CA GLY A 75 -11.00 4.04 2.99
C GLY A 75 -10.84 5.36 2.22
N PHE A 76 -9.84 6.15 2.52
CA PHE A 76 -9.67 7.44 1.78
C PHE A 76 -9.96 7.24 0.27
N LEU A 77 -10.99 7.90 -0.25
CA LEU A 77 -11.32 7.72 -1.71
C LEU A 77 -10.52 8.75 -2.54
N PHE A 78 -9.79 8.31 -3.55
CA PHE A 78 -9.00 9.28 -4.38
C PHE A 78 -9.95 10.24 -5.11
N ASP A 79 -10.75 10.96 -4.40
CA ASP A 79 -11.68 11.92 -5.06
C ASP A 79 -12.16 12.97 -4.05
N GLY A 80 -11.44 13.15 -2.98
CA GLY A 80 -11.85 14.16 -1.96
C GLY A 80 -12.85 13.55 -0.98
N THR A 81 -13.61 12.57 -1.42
CA THR A 81 -14.61 11.96 -0.50
C THR A 81 -14.02 10.71 0.17
N ARG A 82 -14.64 10.29 1.24
CA ARG A 82 -14.15 9.10 1.97
C ARG A 82 -15.14 7.94 1.73
N TRP A 83 -14.64 6.74 1.50
CA TRP A 83 -15.57 5.60 1.23
C TRP A 83 -16.08 5.00 2.54
N GLY A 84 -15.42 5.27 3.63
CA GLY A 84 -15.86 4.72 4.94
C GLY A 84 -14.82 3.71 5.42
N THR A 85 -14.98 3.19 6.60
CA THR A 85 -14.01 2.18 7.10
C THR A 85 -14.10 0.95 6.20
N VAL A 86 -13.12 0.76 5.37
CA VAL A 86 -13.13 -0.39 4.45
C VAL A 86 -12.73 -1.65 5.21
N ASP A 87 -13.68 -2.48 5.52
CA ASP A 87 -13.39 -3.74 6.29
C ASP A 87 -12.46 -4.65 5.48
N CYS A 88 -11.21 -4.78 5.87
CA CYS A 88 -10.32 -5.69 5.08
C CYS A 88 -10.85 -7.14 5.11
N THR A 89 -11.91 -7.40 5.85
CA THR A 89 -12.44 -8.79 5.89
C THR A 89 -13.49 -8.97 4.80
N THR A 90 -13.66 -7.99 3.96
CA THR A 90 -14.68 -8.10 2.88
C THR A 90 -13.98 -7.99 1.52
N ALA A 91 -13.12 -7.03 1.37
CA ALA A 91 -12.39 -6.86 0.08
C ALA A 91 -10.94 -7.30 0.25
N ALA A 92 -10.16 -7.19 -0.79
CA ALA A 92 -8.73 -7.59 -0.70
C ALA A 92 -7.87 -6.33 -0.58
N CYS A 93 -7.25 -6.11 0.56
CA CYS A 93 -6.41 -4.88 0.74
C CYS A 93 -4.94 -5.22 0.48
N GLN A 94 -4.34 -4.57 -0.48
CA GLN A 94 -2.93 -4.87 -0.80
C GLN A 94 -2.00 -3.81 -0.24
N VAL A 95 -0.84 -4.25 0.13
CA VAL A 95 0.19 -3.31 0.64
C VAL A 95 1.18 -3.12 -0.49
N GLY A 96 1.19 -1.96 -1.08
CA GLY A 96 2.12 -1.78 -2.23
C GLY A 96 2.56 -0.33 -2.38
N LEU A 97 3.20 -0.04 -3.48
CA LEU A 97 3.70 1.35 -3.71
C LEU A 97 3.06 1.88 -5.00
N SER A 98 3.34 3.10 -5.31
CA SER A 98 2.78 3.71 -6.54
C SER A 98 3.21 5.18 -6.62
N ASP A 99 3.17 5.78 -7.78
CA ASP A 99 3.59 7.20 -7.89
C ASP A 99 2.34 8.09 -8.01
N ALA A 100 2.46 9.29 -8.53
CA ALA A 100 1.28 10.17 -8.65
C ALA A 100 1.01 10.46 -10.13
N ALA A 101 1.24 9.49 -10.97
CA ALA A 101 1.01 9.70 -12.43
C ALA A 101 -0.18 8.86 -12.89
N GLY A 102 -0.38 7.71 -12.31
CA GLY A 102 -1.52 6.85 -12.72
C GLY A 102 -1.35 5.49 -12.08
N ASN A 103 -0.13 5.02 -11.99
CA ASN A 103 0.11 3.71 -11.36
C ASN A 103 1.59 3.53 -11.08
N GLY A 104 1.94 2.39 -10.58
CA GLY A 104 3.36 2.10 -10.24
C GLY A 104 3.47 0.60 -9.90
N PRO A 105 4.52 0.17 -9.22
CA PRO A 105 4.64 -1.25 -8.85
C PRO A 105 3.31 -1.77 -8.30
N GLU A 106 3.20 -3.05 -8.07
CA GLU A 106 1.91 -3.61 -7.56
C GLU A 106 1.94 -3.67 -6.02
N GLY A 107 0.91 -4.24 -5.44
CA GLY A 107 0.85 -4.35 -3.95
C GLY A 107 0.75 -5.81 -3.54
N VAL A 108 0.96 -6.10 -2.29
CA VAL A 108 0.90 -7.48 -1.80
C VAL A 108 -0.43 -7.69 -1.09
N ALA A 109 -1.10 -8.74 -1.42
CA ALA A 109 -2.42 -9.05 -0.78
C ALA A 109 -2.18 -9.54 0.65
N ILE A 110 -2.77 -8.90 1.61
CA ILE A 110 -2.58 -9.34 3.02
C ILE A 110 -3.77 -10.21 3.44
N SER A 111 -3.69 -10.83 4.60
CA SER A 111 -4.81 -11.69 5.05
C SER A 111 -5.07 -11.45 6.54
N PHE A 112 -6.25 -11.77 7.01
CA PHE A 112 -6.57 -11.56 8.45
C PHE A 112 -7.17 -12.85 9.03
N ASN A 113 -6.37 -13.64 9.69
CA ASN A 113 -6.90 -14.90 10.29
C ASN A 113 -7.53 -14.60 11.65
C1 CHR B . -3.53 7.82 -4.02
C2 CHR B . -3.94 8.67 -2.94
C3 CHR B . -4.52 9.26 -2.09
C4 CHR B . -5.52 9.81 -1.16
O2 CHR B . -6.04 8.95 -0.11
C5 CHR B . -6.83 9.05 -1.32
C6 CHR B . -6.69 7.99 -2.35
C7 CHR B . -6.32 7.22 -3.20
C8 CHR B . -5.64 6.46 -4.21
C9 CHR B . -4.42 6.86 -4.64
C10 CHR B . -3.79 6.31 -5.90
O1 CHR B . -4.36 6.90 -7.06
C11 CHR B . -2.32 6.73 -5.74
O6 CHR B . -1.55 5.60 -5.35
C12 CHR B . -2.34 7.77 -4.63
C13 CHR B . -4.29 6.23 -8.31
O3 CHR B . -5.15 5.11 -8.29
C14 CHR B . -4.71 7.18 -9.43
N1 CHR B . -3.89 8.43 -9.37
C19 CHR B . -2.70 8.57 -10.26
C15 CHR B . -6.19 7.53 -9.27
O4 CHR B . -6.60 8.39 -10.32
C16 CHR B . -7.02 6.25 -9.31
O5 CHR B . -6.85 5.62 -10.57
C17 CHR B . -6.55 5.30 -8.20
C18 CHR B . -7.26 3.95 -8.35
C20 CHR B . -1.36 4.84 -6.40
O7 CHR B . -1.05 5.29 -7.48
C21 CHR B . -1.53 3.38 -6.18
C22 CHR B . -2.12 2.61 -7.19
O9 CHR B . -2.45 3.20 -8.41
C23 CHR B . -2.38 1.26 -6.98
C24 CHR B . -2.04 0.67 -5.75
C25 CHR B . -1.45 1.44 -4.74
C26 CHR B . -1.19 2.79 -4.95
C27 CHR B . -0.59 3.55 -3.93
C28 CHR B . -0.27 2.95 -2.71
O8 CHR B . 0.32 3.71 -1.69
C31 CHR B . -0.28 4.97 -1.44
C29 CHR B . -0.54 1.59 -2.50
C30 CHR B . -1.13 0.84 -3.52
C32 CHR B . -1.43 -0.63 -3.29
C33 CHR B . -5.56 11.31 -0.95
O10 CHR B . -6.60 11.66 -0.05
C34 CHR B . -7.42 12.45 -0.73
O11 CHR B . -8.43 12.91 -0.23
O12 CHR B . -7.11 12.71 -1.99
C35 CHR B . -5.90 12.03 -2.25
H5 CHR B . -7.77 9.60 -1.28
H8 CHR B . -6.08 5.56 -4.60
H10 CHR B . -3.88 5.23 -5.94
H11 CHR B . -1.93 7.16 -6.65
H12 CHR B . -1.52 8.38 -4.37
H13 CHR B . -3.27 5.90 -8.49
H14 CHR B . -4.56 6.69 -10.39
H191 CHR B . -2.32 7.61 -10.51
H192 CHR B . -2.99 9.09 -11.16
H193 CHR B . -1.95 9.14 -9.75
H15 CHR B . -6.34 8.02 -8.32
HO4 CHR B . -6.04 9.18 -10.29
H16 CHR B . -8.07 6.48 -9.17
HO5 CHR B . -7.63 5.81 -11.11
H17 CHR B . -6.81 5.73 -7.24
H181 CHR B . -7.14 3.37 -7.45
H182 CHR B . -6.84 3.41 -9.20
H183 CHR B . -8.32 4.12 -8.53
HO9 CHR B . -3.32 3.60 -8.34
H23 CHR B . -2.82 0.66 -7.75
H24 CHR B . -2.24 -0.39 -5.59
H27 CHR B . -0.35 4.59 -4.10
H311 CHR B . -0.56 5.03 -0.40
H312 CHR B . 0.42 5.76 -1.67
H313 CHR B . -1.17 5.08 -2.05
H29 CHR B . -0.30 1.14 -1.55
H321 CHR B . -1.31 -0.87 -2.24
H322 CHR B . -2.44 -0.84 -3.60
H323 CHR B . -0.75 -1.23 -3.87
H33 CHR B . -4.61 11.67 -0.56
H351 CHR B . -6.03 11.30 -3.04
H352 CHR B . -5.11 12.72 -2.50
N ALA A 1 17.43 -4.90 -14.85
CA ALA A 1 16.67 -5.43 -13.69
C ALA A 1 15.33 -4.70 -13.57
N ALA A 2 14.29 -5.40 -13.18
CA ALA A 2 12.96 -4.74 -13.04
C ALA A 2 12.66 -4.49 -11.57
N PRO A 3 11.73 -3.60 -11.33
CA PRO A 3 11.33 -3.24 -9.95
C PRO A 3 10.79 -4.47 -9.22
N THR A 4 10.84 -4.42 -7.92
CA THR A 4 10.36 -5.55 -7.10
C THR A 4 9.83 -4.99 -5.78
N ALA A 5 9.04 -5.74 -5.08
CA ALA A 5 8.49 -5.22 -3.80
C ALA A 5 8.27 -6.36 -2.83
N THR A 6 8.91 -6.24 -1.70
CA THR A 6 8.75 -7.31 -0.68
C THR A 6 8.08 -6.74 0.55
N VAL A 7 6.88 -7.15 0.73
CA VAL A 7 6.07 -6.70 1.89
C VAL A 7 5.79 -7.89 2.82
N THR A 8 5.92 -7.70 4.11
CA THR A 8 5.67 -8.82 5.06
C THR A 8 5.70 -8.27 6.49
N PRO A 9 4.95 -8.90 7.36
CA PRO A 9 4.10 -10.06 7.01
C PRO A 9 2.83 -9.55 6.33
N SER A 10 2.28 -10.34 5.47
CA SER A 10 1.04 -9.93 4.77
C SER A 10 -0.18 -10.45 5.54
N SER A 11 0.01 -11.48 6.33
CA SER A 11 -1.14 -12.04 7.10
C SER A 11 -0.72 -12.21 8.57
N GLY A 12 -1.68 -12.30 9.46
CA GLY A 12 -1.34 -12.46 10.91
C GLY A 12 -0.92 -11.10 11.46
N LEU A 13 -1.56 -10.06 11.00
CA LEU A 13 -1.22 -8.70 11.43
C LEU A 13 -2.04 -8.30 12.63
N SER A 14 -3.26 -8.61 12.54
CA SER A 14 -4.22 -8.30 13.61
C SER A 14 -4.37 -6.78 13.73
N ASP A 15 -5.57 -6.36 14.04
CA ASP A 15 -5.84 -4.90 14.14
C ASP A 15 -4.85 -4.20 15.05
N GLY A 16 -3.97 -3.41 14.48
CA GLY A 16 -3.01 -2.67 15.33
C GLY A 16 -1.56 -3.09 15.10
N THR A 17 -1.23 -3.88 14.09
CA THR A 17 0.18 -4.24 13.95
C THR A 17 0.82 -3.41 12.84
N VAL A 18 2.00 -3.76 12.51
CA VAL A 18 2.76 -3.03 11.45
C VAL A 18 3.36 -4.00 10.44
N VAL A 19 3.37 -3.63 9.18
CA VAL A 19 3.96 -4.54 8.15
C VAL A 19 5.13 -3.82 7.49
N LYS A 20 6.06 -4.56 6.95
CA LYS A 20 7.22 -3.92 6.30
C LYS A 20 7.10 -4.06 4.78
N VAL A 21 6.83 -2.99 4.10
CA VAL A 21 6.71 -3.07 2.61
C VAL A 21 7.99 -2.55 1.98
N ALA A 22 8.48 -3.18 0.95
CA ALA A 22 9.73 -2.67 0.33
C ALA A 22 9.59 -2.66 -1.18
N GLY A 23 10.44 -1.91 -1.83
CA GLY A 23 10.40 -1.82 -3.31
C GLY A 23 11.84 -1.90 -3.80
N ALA A 24 12.11 -2.57 -4.88
CA ALA A 24 13.52 -2.63 -5.36
C ALA A 24 13.53 -2.59 -6.90
N GLY A 25 14.24 -1.68 -7.51
CA GLY A 25 14.25 -1.65 -9.00
C GLY A 25 13.10 -0.77 -9.50
N LEU A 26 12.70 0.21 -8.73
CA LEU A 26 11.60 1.08 -9.18
C LEU A 26 12.21 2.24 -9.99
N GLN A 27 11.40 3.03 -10.62
CA GLN A 27 11.96 4.16 -11.42
C GLN A 27 13.04 4.87 -10.63
N ALA A 28 14.26 4.55 -10.93
CA ALA A 28 15.42 5.15 -10.23
C ALA A 28 15.37 6.68 -10.36
N GLY A 29 14.53 7.30 -9.60
CA GLY A 29 14.43 8.79 -9.66
C GLY A 29 12.95 9.19 -9.67
N THR A 30 12.11 8.45 -8.97
CA THR A 30 10.67 8.79 -8.96
C THR A 30 10.06 8.56 -7.58
N ALA A 31 9.78 9.64 -6.90
CA ALA A 31 9.13 9.56 -5.56
C ALA A 31 7.90 8.63 -5.62
N TYR A 32 7.98 7.48 -5.01
CA TYR A 32 6.84 6.53 -5.03
C TYR A 32 6.09 6.62 -3.70
N ASP A 33 4.83 6.26 -3.67
CA ASP A 33 4.08 6.30 -2.38
C ASP A 33 4.04 4.88 -1.82
N VAL A 34 3.73 4.71 -0.57
CA VAL A 34 3.73 3.35 0.01
C VAL A 34 2.65 3.24 1.11
N GLY A 35 1.63 2.38 0.96
CA GLY A 35 0.61 2.31 2.04
C GLY A 35 -0.36 1.14 1.82
N GLN A 36 -1.35 1.05 2.69
CA GLN A 36 -2.36 -0.03 2.61
C GLN A 36 -3.63 0.53 1.96
N CYS A 37 -3.89 0.12 0.76
CA CYS A 37 -5.12 0.60 0.07
C CYS A 37 -5.89 -0.58 -0.51
N ALA A 38 -7.19 -0.48 -0.57
CA ALA A 38 -8.00 -1.62 -1.09
C ALA A 38 -8.84 -1.18 -2.31
N TRP A 39 -8.90 -2.01 -3.34
CA TRP A 39 -9.73 -1.65 -4.52
C TRP A 39 -11.10 -2.32 -4.36
N VAL A 40 -12.14 -1.56 -4.20
CA VAL A 40 -13.48 -2.17 -4.01
C VAL A 40 -14.32 -2.06 -5.28
N ASP A 41 -13.70 -1.74 -6.39
CA ASP A 41 -14.49 -1.63 -7.66
C ASP A 41 -13.61 -1.12 -8.78
N THR A 42 -14.18 -0.87 -9.92
CA THR A 42 -13.38 -0.37 -11.08
C THR A 42 -12.97 1.08 -10.84
N GLY A 43 -11.76 1.27 -10.39
CA GLY A 43 -11.28 2.67 -10.15
C GLY A 43 -11.68 3.17 -8.76
N VAL A 44 -11.89 2.30 -7.80
CA VAL A 44 -12.26 2.78 -6.46
C VAL A 44 -11.13 2.36 -5.50
N LEU A 45 -10.30 3.29 -5.05
CA LEU A 45 -9.18 2.90 -4.16
C LEU A 45 -9.32 3.57 -2.78
N ALA A 46 -9.75 2.83 -1.77
CA ALA A 46 -9.88 3.44 -0.42
C ALA A 46 -8.62 3.11 0.38
N CYS A 47 -7.79 4.08 0.64
CA CYS A 47 -6.53 3.79 1.40
C CYS A 47 -6.63 4.34 2.82
N ASN A 48 -5.77 3.89 3.70
CA ASN A 48 -5.82 4.38 5.13
C ASN A 48 -4.57 5.24 5.42
N PRO A 49 -4.78 6.35 6.10
CA PRO A 49 -3.69 7.28 6.45
C PRO A 49 -2.79 6.73 7.58
N ALA A 50 -2.71 5.44 7.76
CA ALA A 50 -1.82 4.91 8.83
C ALA A 50 -0.65 4.15 8.21
N ASP A 51 -0.57 4.16 6.92
CA ASP A 51 0.55 3.47 6.24
C ASP A 51 0.96 4.33 5.06
N PHE A 52 0.60 5.58 5.08
CA PHE A 52 0.94 6.48 3.95
C PHE A 52 2.39 6.97 4.07
N SER A 53 3.31 6.26 3.46
CA SER A 53 4.73 6.70 3.49
C SER A 53 5.15 7.07 2.06
N SER A 54 6.41 7.27 1.80
CA SER A 54 6.81 7.64 0.43
C SER A 54 8.33 7.86 0.34
N VAL A 55 8.93 7.33 -0.68
CA VAL A 55 10.39 7.51 -0.90
C VAL A 55 10.65 7.49 -2.41
N THR A 56 11.72 8.06 -2.87
CA THR A 56 11.97 8.04 -4.34
C THR A 56 12.93 6.92 -4.69
N ALA A 57 12.69 6.30 -5.80
CA ALA A 57 13.60 5.22 -6.24
C ALA A 57 14.98 5.78 -6.54
N ASP A 58 15.90 5.50 -5.68
CA ASP A 58 17.30 5.99 -5.85
C ASP A 58 17.94 5.40 -7.13
N ALA A 59 19.18 5.01 -7.04
CA ALA A 59 19.90 4.45 -8.24
C ALA A 59 19.08 3.34 -8.90
N ASN A 60 18.67 2.40 -8.12
CA ASN A 60 17.82 1.30 -8.67
C ASN A 60 16.40 1.62 -8.27
N GLY A 61 16.26 2.19 -7.12
CA GLY A 61 14.94 2.60 -6.60
C GLY A 61 14.48 1.65 -5.51
N SER A 62 15.17 1.63 -4.39
CA SER A 62 14.77 0.73 -3.28
C SER A 62 13.98 1.53 -2.26
N ALA A 63 12.87 1.01 -1.85
CA ALA A 63 12.04 1.75 -0.86
C ALA A 63 11.50 0.77 0.18
N SER A 64 12.00 0.83 1.39
CA SER A 64 11.51 -0.10 2.44
C SER A 64 11.08 0.69 3.67
N THR A 65 9.84 0.58 4.05
CA THR A 65 9.36 1.32 5.25
C THR A 65 8.30 0.48 5.96
N SER A 66 8.29 0.52 7.26
CA SER A 66 7.28 -0.28 8.02
C SER A 66 6.13 0.64 8.44
N LEU A 67 4.91 0.21 8.21
CA LEU A 67 3.75 1.06 8.57
C LEU A 67 2.68 0.20 9.26
N THR A 68 1.68 0.81 9.83
CA THR A 68 0.62 0.02 10.52
C THR A 68 -0.56 -0.21 9.59
N VAL A 69 -1.10 -1.41 9.60
CA VAL A 69 -2.26 -1.72 8.71
C VAL A 69 -3.16 -2.76 9.39
N ARG A 70 -4.47 -2.67 9.23
CA ARG A 70 -5.34 -3.67 9.89
C ARG A 70 -6.62 -3.90 9.08
N ARG A 71 -7.51 -4.69 9.63
CA ARG A 71 -8.79 -4.99 8.93
C ARG A 71 -9.46 -3.69 8.51
N SER A 72 -10.46 -3.24 9.22
CA SER A 72 -11.14 -1.98 8.83
C SER A 72 -10.09 -0.88 8.78
N PHE A 73 -10.21 0.01 7.84
CA PHE A 73 -9.20 1.07 7.73
C PHE A 73 -9.74 2.19 6.85
N GLU A 74 -9.51 3.42 7.26
CA GLU A 74 -10.03 4.60 6.50
C GLU A 74 -10.02 4.31 5.00
N GLY A 75 -11.17 4.42 4.38
CA GLY A 75 -11.27 4.14 2.92
C GLY A 75 -11.07 5.43 2.10
N PHE A 76 -10.06 6.21 2.41
CA PHE A 76 -9.81 7.48 1.63
C PHE A 76 -10.08 7.23 0.14
N LEU A 77 -11.11 7.82 -0.42
CA LEU A 77 -11.42 7.61 -1.88
C LEU A 77 -10.60 8.61 -2.71
N PHE A 78 -9.84 8.14 -3.69
CA PHE A 78 -9.02 9.07 -4.53
C PHE A 78 -9.95 10.02 -5.32
N ASP A 79 -10.77 10.76 -4.65
CA ASP A 79 -11.70 11.68 -5.37
C ASP A 79 -12.20 12.77 -4.41
N GLY A 80 -11.51 12.98 -3.32
CA GLY A 80 -11.95 14.03 -2.35
C GLY A 80 -12.99 13.45 -1.39
N THR A 81 -13.72 12.45 -1.80
CA THR A 81 -14.75 11.87 -0.91
C THR A 81 -14.18 10.68 -0.14
N ARG A 82 -14.80 10.35 0.96
CA ARG A 82 -14.34 9.20 1.78
C ARG A 82 -15.31 8.02 1.57
N TRP A 83 -14.79 6.84 1.34
CA TRP A 83 -15.69 5.67 1.10
C TRP A 83 -16.19 5.11 2.43
N GLY A 84 -15.54 5.42 3.52
CA GLY A 84 -15.97 4.91 4.84
C GLY A 84 -14.91 3.93 5.35
N THR A 85 -15.07 3.45 6.55
CA THR A 85 -14.09 2.48 7.10
C THR A 85 -14.15 1.22 6.24
N VAL A 86 -13.18 1.02 5.41
CA VAL A 86 -13.18 -0.17 4.52
C VAL A 86 -12.78 -1.41 5.33
N ASP A 87 -13.73 -2.25 5.63
CA ASP A 87 -13.44 -3.48 6.43
C ASP A 87 -12.54 -4.42 5.62
N CYS A 88 -11.31 -4.61 6.01
CA CYS A 88 -10.43 -5.55 5.21
C CYS A 88 -11.02 -6.96 5.26
N THR A 89 -12.05 -7.19 6.04
CA THR A 89 -12.64 -8.56 6.10
C THR A 89 -13.66 -8.72 4.97
N THR A 90 -13.87 -7.68 4.21
CA THR A 90 -14.84 -7.76 3.09
C THR A 90 -14.10 -7.71 1.76
N ALA A 91 -13.22 -6.75 1.60
CA ALA A 91 -12.45 -6.64 0.34
C ALA A 91 -11.00 -7.07 0.59
N ALA A 92 -10.19 -7.05 -0.43
CA ALA A 92 -8.77 -7.45 -0.26
C ALA A 92 -7.89 -6.19 -0.21
N CYS A 93 -7.23 -5.95 0.91
CA CYS A 93 -6.38 -4.72 1.01
C CYS A 93 -4.92 -5.08 0.69
N GLN A 94 -4.34 -4.42 -0.26
CA GLN A 94 -2.94 -4.73 -0.62
C GLN A 94 -1.99 -3.67 -0.10
N VAL A 95 -0.82 -4.11 0.22
CA VAL A 95 0.23 -3.18 0.68
C VAL A 95 1.20 -3.01 -0.48
N GLY A 96 1.24 -1.86 -1.07
CA GLY A 96 2.14 -1.70 -2.24
C GLY A 96 2.67 -0.27 -2.36
N LEU A 97 3.34 0.00 -3.46
CA LEU A 97 3.92 1.34 -3.67
C LEU A 97 3.25 1.98 -4.89
N SER A 98 3.65 3.17 -5.23
CA SER A 98 3.02 3.85 -6.41
C SER A 98 3.98 4.89 -6.97
N ASP A 99 3.61 5.54 -8.05
CA ASP A 99 4.50 6.57 -8.64
C ASP A 99 3.93 7.96 -8.36
N ALA A 100 2.68 8.01 -7.98
CA ALA A 100 2.04 9.31 -7.69
C ALA A 100 1.70 10.02 -9.00
N ALA A 101 1.31 9.26 -9.99
CA ALA A 101 0.98 9.86 -11.32
C ALA A 101 -0.20 9.11 -11.97
N GLY A 102 -0.32 7.83 -11.78
CA GLY A 102 -1.44 7.08 -12.39
C GLY A 102 -1.31 5.63 -11.97
N ASN A 103 -0.10 5.11 -11.98
CA ASN A 103 0.10 3.72 -11.56
C ASN A 103 1.52 3.55 -11.05
N GLY A 104 1.85 2.36 -10.65
CA GLY A 104 3.21 2.09 -10.12
C GLY A 104 3.36 0.57 -9.90
N PRO A 105 4.39 0.13 -9.18
CA PRO A 105 4.56 -1.32 -8.95
C PRO A 105 3.25 -1.94 -8.43
N GLU A 106 3.26 -3.19 -8.09
CA GLU A 106 2.00 -3.84 -7.60
C GLU A 106 1.93 -3.80 -6.07
N GLY A 107 0.89 -4.35 -5.52
CA GLY A 107 0.75 -4.36 -4.03
C GLY A 107 0.68 -5.80 -3.53
N VAL A 108 0.91 -6.00 -2.26
CA VAL A 108 0.87 -7.35 -1.69
C VAL A 108 -0.46 -7.57 -0.97
N ALA A 109 -1.12 -8.63 -1.29
CA ALA A 109 -2.43 -8.93 -0.65
C ALA A 109 -2.20 -9.45 0.76
N ILE A 110 -2.79 -8.81 1.74
CA ILE A 110 -2.58 -9.28 3.14
C ILE A 110 -3.77 -10.16 3.56
N SER A 111 -3.65 -10.84 4.66
CA SER A 111 -4.77 -11.72 5.11
C SER A 111 -4.96 -11.55 6.63
N PHE A 112 -6.14 -11.84 7.12
CA PHE A 112 -6.38 -11.70 8.57
C PHE A 112 -6.83 -13.04 9.15
N ASN A 113 -6.17 -13.51 10.18
CA ASN A 113 -6.55 -14.81 10.80
C ASN A 113 -8.07 -14.84 11.00
C1 CHR B . -3.63 7.83 -3.96
C2 CHR B . -4.08 8.73 -2.92
C3 CHR B . -4.69 9.36 -2.12
C4 CHR B . -5.70 9.92 -1.22
O2 CHR B . -6.21 9.11 -0.13
C5 CHR B . -6.99 9.12 -1.35
C6 CHR B . -6.81 8.02 -2.32
C7 CHR B . -6.43 7.22 -3.12
C8 CHR B . -5.71 6.41 -4.09
C9 CHR B . -4.50 6.82 -4.53
C10 CHR B . -3.85 6.23 -5.77
O1 CHR B . -4.43 6.74 -6.95
C11 CHR B . -2.38 6.69 -5.61
O6 CHR B . -1.59 5.61 -5.18
C12 CHR B . -2.44 7.77 -4.55
C13 CHR B . -4.20 6.08 -8.18
O3 CHR B . -5.02 4.92 -8.26
C14 CHR B . -4.56 7.02 -9.34
N1 CHR B . -3.82 8.31 -9.18
C19 CHR B . -2.60 8.58 -10.00
C15 CHR B . -6.06 7.29 -9.33
O4 CHR B . -6.40 8.16 -10.41
C16 CHR B . -6.81 5.98 -9.48
O5 CHR B . -6.48 5.37 -10.71
C17 CHR B . -6.43 5.04 -8.32
C18 CHR B . -7.05 3.66 -8.55
C20 CHR B . -1.22 4.89 -6.22
O7 CHR B . -0.83 5.41 -7.25
C21 CHR B . -1.29 3.43 -6.07
C22 CHR B . -1.70 2.65 -7.16
O9 CHR B . -1.93 3.25 -8.39
C23 CHR B . -1.87 1.27 -7.00
C24 CHR B . -1.64 0.67 -5.75
C25 CHR B . -1.23 1.45 -4.66
C26 CHR B . -1.06 2.83 -4.82
C27 CHR B . -0.63 3.61 -3.72
C28 CHR B . -0.41 2.99 -2.48
O8 CHR B . 0.02 3.75 -1.39
C31 CHR B . -0.42 5.10 -1.37
C29 CHR B . -0.59 1.61 -2.33
C30 CHR B . -1.00 0.84 -3.43
C32 CHR B . -1.21 -0.65 -3.27
C33 CHR B . -5.79 11.45 -1.10
O10 CHR B . -6.88 11.81 -0.28
C34 CHR B . -7.68 12.54 -1.06
O11 CHR B . -8.71 13.01 -0.62
O12 CHR B . -7.31 12.74 -2.31
C35 CHR B . -6.07 12.06 -2.47
H5 CHR B . -7.95 9.65 -1.36
H8 CHR B . -6.14 5.49 -4.44
H10 CHR B . -3.90 5.15 -5.74
H11 CHR B . -2.02 7.10 -6.55
H12 CHR B . -1.62 8.42 -4.31
H13 CHR B . -3.17 5.80 -8.26
H14 CHR B . -4.28 6.57 -10.28
H191 CHR B . -1.95 9.26 -9.46
H192 CHR B . -2.08 7.65 -10.19
H193 CHR B . -2.90 9.04 -10.93
H15 CHR B . -6.34 7.77 -8.41
HO4 CHR B . -5.62 8.68 -10.62
H16 CHR B . -7.88 6.16 -9.45
HO5 CHR B . -7.09 5.67 -11.37
H17 CHR B . -6.80 5.45 -7.39
H181 CHR B . -6.28 2.91 -8.51
H182 CHR B . -7.53 3.63 -9.52
H183 CHR B . -7.78 3.47 -7.79
HO9 CHR B . -1.28 2.94 -9.02
H23 CHR B . -2.18 0.67 -7.84
H24 CHR B . -1.77 -0.39 -5.64
H27 CHR B . -0.47 4.66 -3.83
H311 CHR B . -1.47 5.14 -1.58
H312 CHR B . 0.13 5.67 -2.11
H313 CHR B . -0.23 5.52 -0.39
H29 CHR B . -0.42 1.14 -1.37
H321 CHR B . -0.96 -0.94 -2.26
H322 CHR B . -2.24 -0.89 -3.47
H323 CHR B . -0.57 -1.19 -3.97
H33 CHR B . -4.86 11.84 -0.70
H351 CHR B . -6.16 11.30 -3.22
H352 CHR B . -5.29 12.76 -2.73
#